data_4F5X
#
_entry.id   4F5X
#
_cell.length_a   740.750
_cell.length_b   1198.070
_cell.length_c   1345.410
_cell.angle_alpha   90.00
_cell.angle_beta   90.00
_cell.angle_gamma   90.00
#
_symmetry.space_group_name_H-M   'P 21 21 21'
#
loop_
_entity.id
_entity.type
_entity.pdbx_description
1 polymer 'VP2 protein'
2 polymer 'Intermediate capsid protein VP6'
3 polymer 'RNA-directed RNA polymerase'
4 non-polymer 'ZINC ION'
#
loop_
_entity_poly.entity_id
_entity_poly.type
_entity_poly.pdbx_seq_one_letter_code
_entity_poly.pdbx_strand_id
1 'polypeptide(L)'
;MAYRKRGARREANINNNDRMQEKDDEKQDQNNRMQLSDKVLSKKEEVVTDSQEEIKIADEVKKSTKEESKQLLEVLKTKE
EHQKEIQYEILQKTIPTFEPKESILKKLEDIKPEQAKKQTKLFRIFEPRQLPIYRANGEKELRNRWYWKLKKDTLPDGDY
DVREYFLNLYDQVLTEMPDYLLLKDMAVENKNSRDAGKVVDSETASICDAIFQDEETEGAVRRFIAEMRQRVQADRNVVN
YPSILHPIDYAFNEYFLQHQLVEPLNNDIIFNYIPERIRNDVNYILNMDRNLPSTARYIRPNLLQDRLNLHDNFESLWDT
ITTSNYILARSVVPDLKELVSTEAQIQKMSQDLQLEALTIQSETQFLTGINSQAANDCFKTLIAAMLSQRTMSLDFVTTN
YMSLISGMWLLTVVPNDMFIRESLVACQLAIVNTIIYPAFGMQRMHYRNGDPQTPFQIAEQQIQNFQVANWLHFVNNNQF
RQVVIDGVLNQVLNDNIRNGHVINQLMEALMQLSRQQFPTMPVDYKRSIQRGILLLSNRLGQLVDLTRLLAYNYETLMAC
VTMNMQHVQTLTTEKLQLTSVTSLCMLIGNATVIPSPQTLFHYYNVNVNFHSNYNERINDAVAIITAANRLNLYQKKMKA
IVEDFLKRLHIFDVARVPDDQMYRLRDRLRLLPVEVRRLDIFNLILMNMDQIERASDKIAQGVIIAYRDMQLERDEMYGY
VNIARNLDGFQQINLEELMRTGDYAQITNMLLNNQPVALVGALPFVTDSSVISLIAKLDATVFAQIVKLRKVDTLKPILY
KINSDSNDFYLVANYDWVPTSTTKVYKQVPQQFDFRNSMHMLTSNLTFTVYSDLLAFVSADTVEPINAVAFDNMRIMNEL
;
A,B
2 'polypeptide(L)'
;MDVLYSLSKTLKDARDKIVEGTLYSNVSDLIQQFNQMIITMNGNEFQTGGIGNLPIRNWNFDFGLLGTTLLNLDANYVET
ARNTIDYFVDFVDNVCMDEMVRESQRNGIAPQSDSLRKLSGLKFKRINFDNSSEYIENWNLQNRRQRTGFTFHKPNIFPY
SASFTLNRSQPAHDNLMGTMWLNAGSEIQVAGFDYSCAINAPANTQQFEHIVQLRRVLTTATITLLPDAERFSFPRVINS
ADGATTWYFNPVILRPNNVEVEFLLNGQIINTYQARFGTIIARNFDTIRLSFQLMRPPNMTPAVAALFPNAQPFEHHATV
GLTLRIESAVCESVLADASETMLANVTSVRQEYAIPVGPVFPPGMNWTDLITNYSPSREDNLQRVFTVASIRSMLVK
;
C,D,E,F,G,H,I,J,K,L,M,N,O
3 'polypeptide(L)'
;MGKYNLILSEYLSFIYNSQSAVQIPIYYSSNSELENRCIEFHSKCLENSKNGLSLRKLFVEYNDVIENATLLSILSYSYD
KYNAVERKLVKYAKGKPLEADLTVNELDYENNKMTSELFPTAEEYTDSLMDPAILTSLSSNLNAVMFWLEKHENDVAEKL
KVYKRRLDLFTIVASTINKYGVPRHNAKYRYEYDVMKDKPYYLVTWANSSIEMLMSVFSHDDYLIAKELIVLSYSNRSTL
AKLVSSPMSILVALVDINGTFITNEELELEFSNKYVRAIVPDQTFDELNQMLDNMRKAGLVDIPKMIQDWLVDRSIEKFP
LMAKIYSWSFHVGFRKQKMLDAALDQLKTEYTENVDDEMYREYTMLIRDEVVKMLEEPVKHDDHLLRDSELAGLLSMSSA
SNGESRQLKFGRKTIFSTKKNMHVMDDMANERYTPGIIPPVNVDKPIPLGRRDVPGRRTRIIFILPYEYFIAQHAVVEKM
LIYAKHTREYAEFYSQSNQLLSYGDVTRFLSNNTMVLYTDVSQWDSSQHNTQPFRKGIIMGLDILANMTNDAKVLQTLNL
YKQTQINLMDSYVQIPDGNVIKKIQYGAVASGEKQTKAANSIANLALIKTVLSRISNKHSFATKIIRVDGDDNYAVLQFN
TEVTKQMIQDVSNDVRETYARMNAKVKALVSTVGIEIAKRYIAGGKIFFRAGINLLNNEKRGQSTQWDQAAILYSNYIVN
RLRGFETDREFILTKIMQMTSVAITGSLRLFPSERVLTTNSTFKVFDSEDFIIEYGTTVDEVYIQRAFMSLSSQKSGIAD
EIAASSTFKNYVTRLSEQLLFSKNNIVSRGIALTEKAKLNSYAPISLEKRRAQISALLTMLQKPVTFKSSKITINDILRD
IKPFFTVSDAHLPIQYQKFMPTLPDNVQYIIQCIGSRTYQIEDDGSKSAISRLISKYSVYKPSIEELYKVISLHENEIQL
YLISLGIPKIDADTYVGSKIYSRDKYRILESYVYNLLSINYGCYQLFDFNSPDLEKLIRIPFKGKIPAVTFILHLYAKLE
VINYAIKNGSWISLFCNYPKSEMIKLWKKMWNITSLRSPYTNANFFQEP
;
W
#
# COMPACT_ATOMS: atom_id res chain seq x y z
N PRO A 100 -10.15 -1.77 69.06
CA PRO A 100 -9.24 -0.65 69.37
C PRO A 100 -8.29 -0.91 70.56
N LYS A 101 -7.03 -0.58 70.21
CA LYS A 101 -5.73 -0.65 70.93
C LYS A 101 -5.46 -1.95 71.69
N GLU A 102 -6.12 -2.16 72.83
CA GLU A 102 -5.93 -3.41 73.55
C GLU A 102 -6.75 -4.52 72.83
N SER A 103 -7.08 -4.30 71.56
CA SER A 103 -7.87 -5.22 70.70
C SER A 103 -7.00 -6.06 69.75
N ILE A 104 -5.73 -5.66 69.61
CA ILE A 104 -4.75 -6.35 68.75
C ILE A 104 -3.69 -7.00 69.66
N LEU A 105 -3.70 -6.62 70.93
CA LEU A 105 -2.77 -7.12 71.94
C LEU A 105 -3.31 -8.45 72.53
N LYS A 106 -4.61 -8.48 72.83
CA LYS A 106 -5.22 -9.70 73.37
C LYS A 106 -5.24 -10.77 72.29
N LYS A 107 -5.22 -10.34 71.03
CA LYS A 107 -5.20 -11.28 69.92
C LYS A 107 -3.76 -11.77 69.75
N LEU A 108 -2.81 -10.95 70.23
CA LEU A 108 -1.39 -11.27 70.12
C LEU A 108 -0.83 -12.07 71.30
N GLU A 109 -1.11 -11.61 72.52
CA GLU A 109 -0.67 -12.31 73.73
C GLU A 109 -1.31 -13.71 73.74
N ASP A 110 -2.53 -13.79 73.21
CA ASP A 110 -3.31 -15.03 73.18
C ASP A 110 -2.97 -15.93 72.00
N ILE A 111 -1.69 -16.12 71.73
CA ILE A 111 -1.29 -16.97 70.62
C ILE A 111 -0.42 -18.11 71.15
N LYS A 112 -0.95 -19.32 71.12
CA LYS A 112 -0.23 -20.49 71.61
C LYS A 112 -0.14 -21.58 70.55
N PRO A 113 0.77 -21.43 69.58
CA PRO A 113 0.97 -22.40 68.50
C PRO A 113 1.73 -23.60 69.01
N GLU A 114 2.25 -23.46 70.23
CA GLU A 114 3.02 -24.51 70.86
C GLU A 114 2.12 -25.65 71.35
N GLN A 115 1.63 -26.40 70.38
CA GLN A 115 0.78 -27.56 70.62
C GLN A 115 1.81 -28.69 70.57
N ALA A 116 1.63 -29.73 71.38
CA ALA A 116 2.59 -30.83 71.34
C ALA A 116 1.95 -32.03 70.66
N LYS A 117 1.99 -32.05 69.32
CA LYS A 117 1.41 -33.14 68.52
C LYS A 117 2.03 -34.51 68.87
N LYS A 118 1.20 -35.54 69.00
CA LYS A 118 1.66 -36.91 69.30
C LYS A 118 0.61 -37.91 68.81
N GLN A 119 0.95 -39.21 68.86
CA GLN A 119 0.00 -40.22 68.40
C GLN A 119 -0.07 -41.49 69.24
N THR A 120 -1.10 -42.27 68.94
CA THR A 120 -1.37 -43.53 69.59
C THR A 120 -1.34 -44.61 68.51
N LYS A 121 -2.51 -44.89 67.94
CA LYS A 121 -2.67 -45.88 66.88
C LYS A 121 -1.59 -45.83 65.79
N LEU A 122 -1.07 -47.00 65.43
CA LEU A 122 -0.06 -47.07 64.37
C LEU A 122 -0.88 -46.84 63.12
N PHE A 123 -0.50 -45.87 62.32
CA PHE A 123 -1.30 -45.60 61.14
C PHE A 123 -1.20 -46.59 60.00
N ARG A 124 -2.23 -47.41 59.85
CA ARG A 124 -2.28 -48.38 58.77
C ARG A 124 -3.51 -48.09 57.92
N ILE A 125 -3.67 -48.82 56.84
CA ILE A 125 -4.79 -48.58 55.97
C ILE A 125 -5.49 -49.87 55.61
N PHE A 126 -4.72 -50.97 55.59
CA PHE A 126 -5.30 -52.25 55.27
C PHE A 126 -5.13 -53.35 56.31
N GLU A 127 -6.27 -53.93 56.65
CA GLU A 127 -6.40 -55.00 57.59
C GLU A 127 -6.55 -56.24 56.72
N PRO A 128 -5.90 -57.35 57.09
CA PRO A 128 -6.07 -58.53 56.24
C PRO A 128 -7.48 -59.09 56.43
N ARG A 129 -7.95 -59.91 55.49
CA ARG A 129 -9.29 -60.48 55.62
C ARG A 129 -9.34 -61.92 55.11
N GLN A 130 -10.49 -62.55 55.26
CA GLN A 130 -10.69 -63.93 54.84
C GLN A 130 -10.77 -64.17 53.33
N LEU A 131 -11.93 -64.70 52.91
CA LEU A 131 -12.24 -65.03 51.52
C LEU A 131 -11.85 -66.46 51.15
N PRO A 132 -12.77 -67.21 50.52
CA PRO A 132 -12.50 -68.58 50.11
C PRO A 132 -11.50 -68.68 48.96
N ILE A 133 -10.84 -69.82 48.87
CA ILE A 133 -9.84 -70.10 47.83
C ILE A 133 -10.45 -70.84 46.65
N TYR A 134 -10.05 -70.45 45.44
CA TYR A 134 -10.59 -71.09 44.25
C TYR A 134 -9.48 -71.70 43.39
N ARG A 135 -9.20 -72.98 43.61
CA ARG A 135 -8.18 -73.68 42.84
C ARG A 135 -8.64 -73.75 41.39
N ALA A 136 -7.72 -73.56 40.46
CA ALA A 136 -8.06 -73.62 39.04
C ALA A 136 -9.06 -74.74 38.96
N ASN A 137 -10.09 -74.57 38.14
CA ASN A 137 -11.16 -75.56 37.99
C ASN A 137 -12.38 -75.06 38.75
N GLY A 138 -12.19 -74.05 39.60
CA GLY A 138 -13.31 -73.45 40.31
C GLY A 138 -14.00 -74.15 41.48
N GLU A 139 -13.24 -74.80 42.34
CA GLU A 139 -13.82 -75.46 43.50
C GLU A 139 -13.24 -74.79 44.74
N LYS A 140 -13.99 -74.80 45.82
CA LYS A 140 -13.52 -74.21 47.08
C LYS A 140 -12.78 -75.36 47.76
N GLU A 141 -11.51 -75.18 48.09
CA GLU A 141 -10.82 -76.30 48.72
C GLU A 141 -10.80 -76.21 50.24
N LEU A 142 -11.57 -75.27 50.78
CA LEU A 142 -11.66 -75.10 52.22
C LEU A 142 -10.48 -74.31 52.78
N ARG A 143 -10.16 -74.54 54.07
CA ARG A 143 -9.06 -73.87 54.77
C ARG A 143 -9.11 -72.34 54.68
N ASN A 144 -9.26 -71.82 53.46
CA ASN A 144 -9.34 -70.38 53.17
C ASN A 144 -8.04 -69.62 53.40
N ARG A 145 -7.68 -68.74 52.46
CA ARG A 145 -6.43 -67.97 52.55
C ARG A 145 -6.66 -66.51 52.96
N TRP A 146 -5.58 -65.81 53.33
CA TRP A 146 -5.66 -64.41 53.78
C TRP A 146 -5.03 -63.36 52.86
N TYR A 147 -5.86 -62.39 52.43
CA TYR A 147 -5.39 -61.32 51.55
C TYR A 147 -5.54 -59.94 52.17
N TRP A 148 -5.21 -58.91 51.38
CA TRP A 148 -5.27 -57.53 51.83
C TRP A 148 -6.28 -56.63 51.15
N LYS A 149 -7.19 -56.04 51.94
CA LYS A 149 -8.16 -55.10 51.40
C LYS A 149 -8.12 -53.89 52.32
N LEU A 150 -8.64 -52.77 51.84
CA LEU A 150 -8.57 -51.55 52.62
C LEU A 150 -9.72 -51.24 53.56
N LYS A 151 -9.39 -50.59 54.67
CA LYS A 151 -10.40 -50.17 55.61
C LYS A 151 -10.86 -48.91 54.92
N LYS A 152 -12.12 -48.90 54.47
CA LYS A 152 -12.69 -47.73 53.81
C LYS A 152 -12.34 -47.64 52.32
N ASP A 153 -13.26 -48.15 51.48
CA ASP A 153 -13.12 -48.15 50.02
C ASP A 153 -13.66 -46.87 49.41
N THR A 154 -13.65 -45.79 50.19
CA THR A 154 -14.17 -44.50 49.77
C THR A 154 -14.06 -44.14 48.29
N LEU A 155 -12.91 -44.46 47.67
CA LEU A 155 -12.65 -44.18 46.26
C LEU A 155 -13.84 -43.77 45.39
N PRO A 156 -13.72 -42.63 44.70
CA PRO A 156 -14.67 -41.96 43.79
C PRO A 156 -15.04 -42.56 42.44
N ASP A 157 -15.81 -41.76 41.71
CA ASP A 157 -16.32 -42.06 40.39
C ASP A 157 -15.88 -40.91 39.50
N GLY A 158 -14.73 -41.09 38.86
CA GLY A 158 -14.17 -40.07 37.99
C GLY A 158 -12.76 -39.73 38.44
N ASP A 159 -11.78 -40.01 37.58
CA ASP A 159 -10.38 -39.75 37.91
C ASP A 159 -10.18 -38.48 38.72
N TYR A 160 -10.81 -37.39 38.28
CA TYR A 160 -10.66 -36.13 38.97
C TYR A 160 -11.02 -36.24 40.45
N ASP A 161 -12.26 -36.62 40.75
CA ASP A 161 -12.68 -36.73 42.13
C ASP A 161 -11.70 -37.58 42.94
N VAL A 162 -11.07 -38.54 42.26
CA VAL A 162 -10.09 -39.42 42.87
C VAL A 162 -8.91 -38.63 43.42
N ARG A 163 -8.22 -37.97 42.50
CA ARG A 163 -7.08 -37.18 42.88
C ARG A 163 -7.38 -36.26 44.06
N GLU A 164 -8.50 -35.55 44.00
CA GLU A 164 -8.89 -34.64 45.07
C GLU A 164 -8.94 -35.44 46.38
N TYR A 165 -9.57 -36.60 46.35
CA TYR A 165 -9.69 -37.44 47.54
C TYR A 165 -8.37 -37.63 48.27
N PHE A 166 -7.38 -38.14 47.56
CA PHE A 166 -6.06 -38.36 48.11
C PHE A 166 -5.59 -37.10 48.81
N LEU A 167 -5.73 -36.00 48.09
CA LEU A 167 -5.35 -34.71 48.59
C LEU A 167 -5.77 -34.54 50.05
N ASN A 168 -7.03 -34.81 50.36
CA ASN A 168 -7.51 -34.66 51.73
C ASN A 168 -6.68 -35.50 52.68
N LEU A 169 -6.21 -36.64 52.19
CA LEU A 169 -5.38 -37.52 52.99
C LEU A 169 -4.16 -36.76 53.44
N TYR A 170 -3.59 -36.02 52.51
CA TYR A 170 -2.42 -35.23 52.84
C TYR A 170 -2.76 -34.29 54.00
N ASP A 171 -3.88 -33.57 53.91
CA ASP A 171 -4.26 -32.62 54.97
C ASP A 171 -4.47 -33.37 56.28
N GLN A 172 -5.11 -34.54 56.22
CA GLN A 172 -5.33 -35.31 57.45
C GLN A 172 -3.99 -35.78 57.99
N VAL A 173 -3.11 -36.24 57.10
CA VAL A 173 -1.82 -36.70 57.53
C VAL A 173 -1.06 -35.64 58.35
N LEU A 174 -1.05 -34.41 57.85
CA LEU A 174 -0.36 -33.29 58.51
C LEU A 174 -0.96 -32.88 59.86
N THR A 175 -2.29 -32.82 59.92
CA THR A 175 -2.95 -32.45 61.16
C THR A 175 -2.71 -33.53 62.23
N GLU A 176 -2.47 -34.77 61.79
CA GLU A 176 -2.20 -35.89 62.70
C GLU A 176 -0.70 -36.17 62.75
N MET A 177 0.03 -35.46 61.89
CA MET A 177 1.47 -35.56 61.79
C MET A 177 2.07 -35.67 63.19
N PRO A 178 2.51 -36.88 63.56
CA PRO A 178 3.12 -37.17 64.87
C PRO A 178 4.39 -36.37 65.13
N ASP A 179 4.31 -35.35 65.98
CA ASP A 179 5.48 -34.52 66.29
C ASP A 179 6.64 -35.37 66.84
N TYR A 180 6.33 -36.28 67.74
CA TYR A 180 7.34 -37.15 68.33
C TYR A 180 6.65 -38.48 68.60
N LEU A 181 7.39 -39.46 69.13
CA LEU A 181 6.77 -40.75 69.40
C LEU A 181 7.40 -41.55 70.52
N LEU A 182 6.59 -42.36 71.19
CA LEU A 182 7.04 -43.19 72.29
C LEU A 182 6.19 -44.45 72.35
N LEU A 183 6.80 -45.58 72.69
CA LEU A 183 6.08 -46.84 72.73
C LEU A 183 5.67 -47.41 74.08
N LYS A 184 6.29 -46.96 75.17
CA LYS A 184 5.88 -47.46 76.50
C LYS A 184 4.36 -47.25 76.53
N ASP A 185 3.90 -46.18 75.86
CA ASP A 185 2.49 -45.78 75.76
C ASP A 185 1.76 -46.56 74.67
N MET A 186 2.41 -47.57 74.12
CA MET A 186 1.79 -48.34 73.04
C MET A 186 1.66 -49.82 73.40
N ALA A 187 2.08 -50.17 74.61
CA ALA A 187 2.03 -51.55 75.09
C ALA A 187 0.72 -52.26 74.72
N VAL A 188 0.75 -53.58 74.71
CA VAL A 188 -0.39 -54.45 74.41
C VAL A 188 0.12 -55.84 74.79
N GLU A 189 -0.74 -56.84 74.87
CA GLU A 189 -0.27 -58.16 75.25
C GLU A 189 -0.53 -59.27 74.23
N ASN A 190 0.40 -60.22 74.18
CA ASN A 190 0.33 -61.36 73.28
C ASN A 190 -0.30 -62.53 74.04
N LYS A 191 -1.34 -63.12 73.48
CA LYS A 191 -2.00 -64.25 74.14
C LYS A 191 -1.06 -65.44 74.28
N ASN A 192 -0.15 -65.58 73.33
CA ASN A 192 0.80 -66.69 73.30
C ASN A 192 2.23 -66.15 73.48
N SER A 193 3.23 -67.00 73.20
CA SER A 193 4.66 -66.63 73.30
C SER A 193 5.44 -67.23 74.46
N ARG A 194 6.77 -67.07 74.41
CA ARG A 194 7.62 -67.57 75.48
C ARG A 194 7.14 -66.94 76.78
N ASP A 195 6.42 -65.83 76.68
CA ASP A 195 5.90 -65.14 77.87
C ASP A 195 5.05 -63.90 77.60
N ALA A 196 5.07 -62.96 78.55
CA ALA A 196 4.34 -61.70 78.50
C ALA A 196 4.03 -61.25 77.07
N GLY A 197 5.06 -61.21 76.24
CA GLY A 197 4.89 -60.83 74.85
C GLY A 197 4.80 -59.35 74.54
N LYS A 198 4.11 -58.59 75.39
CA LYS A 198 3.93 -57.14 75.19
C LYS A 198 4.35 -56.74 73.75
N VAL A 199 3.36 -56.61 72.85
CA VAL A 199 3.61 -56.25 71.45
C VAL A 199 3.05 -54.86 71.07
N VAL A 200 2.84 -54.58 69.79
CA VAL A 200 2.35 -53.24 69.41
C VAL A 200 1.09 -53.03 68.59
N ASP A 201 0.07 -52.47 69.24
CA ASP A 201 -1.23 -52.12 68.64
C ASP A 201 -2.26 -53.23 68.52
N SER A 202 -3.33 -53.11 69.29
CA SER A 202 -4.46 -54.02 69.30
C SER A 202 -4.60 -54.92 68.07
N GLU A 203 -4.64 -54.29 66.89
CA GLU A 203 -4.77 -55.00 65.61
C GLU A 203 -3.77 -56.13 65.56
N THR A 204 -2.53 -55.80 65.86
CA THR A 204 -1.45 -56.76 65.86
C THR A 204 -1.95 -57.97 66.64
N ALA A 205 -2.37 -57.72 67.88
CA ALA A 205 -2.88 -58.77 68.76
C ALA A 205 -3.94 -59.63 68.09
N SER A 206 -5.09 -59.00 67.86
CA SER A 206 -6.21 -59.67 67.22
C SER A 206 -5.70 -60.72 66.23
N ILE A 207 -5.22 -60.21 65.12
CA ILE A 207 -4.68 -61.01 64.03
C ILE A 207 -4.06 -62.33 64.49
N CYS A 208 -3.10 -62.24 65.39
CA CYS A 208 -2.44 -63.42 65.89
C CYS A 208 -3.43 -64.46 66.39
N ASP A 209 -4.11 -64.11 67.46
CA ASP A 209 -5.10 -64.98 68.08
C ASP A 209 -6.00 -65.56 66.99
N ALA A 210 -6.35 -64.73 66.01
CA ALA A 210 -7.21 -65.15 64.93
C ALA A 210 -6.60 -66.29 64.11
N ILE A 211 -5.54 -65.98 63.38
CA ILE A 211 -4.89 -66.99 62.54
C ILE A 211 -4.55 -68.19 63.38
N PHE A 212 -4.23 -67.93 64.64
CA PHE A 212 -3.84 -68.96 65.56
C PHE A 212 -4.99 -69.92 65.92
N GLN A 213 -6.05 -69.89 65.11
CA GLN A 213 -7.20 -70.76 65.34
C GLN A 213 -7.75 -71.38 64.05
N ASP A 214 -7.90 -70.55 63.01
CA ASP A 214 -8.39 -71.03 61.73
C ASP A 214 -7.28 -71.80 61.02
N GLU A 215 -7.19 -73.10 61.32
CA GLU A 215 -6.19 -73.99 60.73
C GLU A 215 -5.59 -73.41 59.44
N GLU A 216 -4.40 -72.82 59.60
CA GLU A 216 -3.62 -72.16 58.54
C GLU A 216 -2.44 -73.01 58.01
N THR A 217 -1.36 -72.36 57.53
CA THR A 217 -0.19 -73.09 56.98
C THR A 217 0.48 -73.97 58.05
N GLU A 218 -0.09 -73.94 59.26
CA GLU A 218 0.37 -74.74 60.39
C GLU A 218 1.62 -74.25 61.12
N GLY A 219 2.39 -75.20 61.65
CA GLY A 219 3.60 -74.91 62.39
C GLY A 219 4.19 -73.53 62.25
N ALA A 220 5.18 -73.42 61.36
CA ALA A 220 5.91 -72.18 61.07
C ALA A 220 5.19 -70.89 61.47
N VAL A 221 3.87 -70.91 61.41
CA VAL A 221 3.12 -69.73 61.80
C VAL A 221 2.96 -69.71 63.32
N ARG A 222 2.29 -70.72 63.86
CA ARG A 222 2.06 -70.83 65.29
C ARG A 222 3.41 -70.59 65.98
N ARG A 223 4.42 -71.32 65.52
CA ARG A 223 5.78 -71.23 66.03
C ARG A 223 6.26 -69.81 66.18
N PHE A 224 6.31 -69.13 65.04
CA PHE A 224 6.75 -67.76 64.96
C PHE A 224 5.99 -66.91 65.96
N ILE A 225 4.67 -66.88 65.79
CA ILE A 225 3.84 -66.12 66.70
C ILE A 225 4.33 -66.37 68.12
N ALA A 226 4.80 -67.58 68.39
CA ALA A 226 5.28 -67.92 69.73
C ALA A 226 6.50 -67.13 70.20
N GLU A 227 7.69 -67.65 69.90
CA GLU A 227 8.93 -67.00 70.31
C GLU A 227 9.05 -65.62 69.64
N MET A 228 7.96 -64.84 69.70
CA MET A 228 7.84 -63.48 69.14
C MET A 228 7.60 -62.49 70.28
N ARG A 229 8.66 -61.89 70.79
CA ARG A 229 8.56 -60.98 71.92
C ARG A 229 9.29 -59.63 71.84
N GLN A 230 9.34 -58.97 73.00
CA GLN A 230 9.98 -57.68 73.17
C GLN A 230 11.17 -57.82 74.11
N ARG A 231 12.03 -56.82 74.15
CA ARG A 231 13.20 -56.81 75.06
C ARG A 231 13.83 -55.42 75.02
N VAL A 232 14.34 -54.99 76.18
CA VAL A 232 14.94 -53.67 76.29
C VAL A 232 16.45 -53.64 76.47
N GLN A 233 17.09 -52.72 75.76
CA GLN A 233 18.53 -52.54 75.84
C GLN A 233 18.78 -51.30 76.71
N ALA A 234 18.13 -51.29 77.88
CA ALA A 234 18.20 -50.21 78.87
C ALA A 234 19.29 -49.16 78.71
N ASP A 235 20.54 -49.62 78.68
CA ASP A 235 21.72 -48.76 78.56
C ASP A 235 21.65 -47.61 77.57
N ARG A 236 21.23 -47.86 76.34
CA ARG A 236 21.14 -46.79 75.35
C ARG A 236 19.74 -46.16 75.35
N ASN A 237 18.90 -46.56 76.29
CA ASN A 237 17.53 -46.04 76.39
C ASN A 237 16.74 -46.45 75.15
N VAL A 238 17.13 -47.59 74.58
CA VAL A 238 16.49 -48.14 73.39
C VAL A 238 15.36 -49.10 73.72
N VAL A 239 14.47 -49.31 72.75
CA VAL A 239 13.32 -50.20 72.94
C VAL A 239 13.03 -51.08 71.73
N ASN A 240 12.88 -52.38 71.97
CA ASN A 240 12.58 -53.29 70.88
C ASN A 240 11.19 -53.92 71.02
N TYR A 241 10.28 -53.47 70.16
CA TYR A 241 8.89 -53.93 70.13
C TYR A 241 8.54 -54.56 68.77
N PRO A 242 7.93 -55.77 68.76
CA PRO A 242 7.56 -56.43 67.50
C PRO A 242 6.25 -55.85 66.98
N SER A 243 5.96 -56.03 65.70
CA SER A 243 4.71 -55.50 65.14
C SER A 243 4.50 -55.93 63.70
N ILE A 244 3.24 -56.16 63.33
CA ILE A 244 2.93 -56.58 61.96
C ILE A 244 2.20 -55.45 61.28
N LEU A 245 2.48 -55.27 59.99
CA LEU A 245 1.85 -54.17 59.27
C LEU A 245 1.50 -54.44 57.81
N HIS A 246 2.48 -54.18 56.94
CA HIS A 246 2.30 -54.34 55.52
C HIS A 246 3.35 -53.41 54.93
N PRO A 247 4.16 -53.91 53.99
CA PRO A 247 5.20 -53.13 53.34
C PRO A 247 4.91 -51.62 53.34
N ILE A 248 3.69 -51.25 52.97
CA ILE A 248 3.32 -49.83 52.92
C ILE A 248 3.17 -49.21 54.30
N ASP A 249 2.82 -50.03 55.26
CA ASP A 249 2.67 -49.51 56.60
C ASP A 249 4.05 -49.29 57.22
N TYR A 250 4.90 -50.32 57.23
CA TYR A 250 6.25 -50.19 57.77
C TYR A 250 6.79 -48.90 57.18
N ALA A 251 6.56 -48.74 55.88
CA ALA A 251 7.01 -47.56 55.16
C ALA A 251 6.74 -46.31 55.98
N PHE A 252 5.47 -46.12 56.30
CA PHE A 252 5.06 -44.96 57.07
C PHE A 252 5.80 -44.85 58.39
N ASN A 253 5.13 -45.40 59.39
CA ASN A 253 5.59 -45.44 60.75
C ASN A 253 7.12 -45.38 60.84
N GLU A 254 7.80 -46.04 59.90
CA GLU A 254 9.26 -46.04 59.89
C GLU A 254 9.72 -44.59 59.95
N TYR A 255 9.64 -43.89 58.82
CA TYR A 255 10.09 -42.52 58.78
C TYR A 255 9.70 -41.66 59.97
N PHE A 256 8.56 -41.99 60.56
CA PHE A 256 8.08 -41.29 61.73
C PHE A 256 9.08 -41.44 62.85
N LEU A 257 9.79 -42.55 62.84
CA LEU A 257 10.79 -42.81 63.84
C LEU A 257 12.10 -42.13 63.50
N GLN A 258 12.50 -42.22 62.23
CA GLN A 258 13.77 -41.67 61.76
C GLN A 258 13.72 -40.16 61.57
N HIS A 259 12.61 -39.56 61.98
CA HIS A 259 12.47 -38.14 61.82
C HIS A 259 12.29 -37.39 63.15
N GLN A 260 11.39 -37.86 64.01
CA GLN A 260 11.11 -37.22 65.32
C GLN A 260 11.78 -35.88 65.59
N LEU A 261 11.09 -34.78 65.34
CA LEU A 261 11.66 -33.45 65.55
C LEU A 261 11.76 -33.08 67.03
N VAL A 262 12.58 -33.80 67.77
CA VAL A 262 12.75 -33.52 69.19
C VAL A 262 14.19 -33.65 69.63
N GLU A 263 14.93 -32.56 69.53
CA GLU A 263 16.32 -32.54 69.91
C GLU A 263 16.47 -32.71 71.44
N PRO A 264 17.71 -32.93 71.93
CA PRO A 264 18.03 -33.11 73.35
C PRO A 264 17.62 -31.95 74.22
N LEU A 265 18.29 -31.81 75.36
CA LEU A 265 18.02 -30.72 76.29
C LEU A 265 18.88 -30.74 77.55
N ASN A 266 19.95 -29.95 77.53
CA ASN A 266 20.86 -29.85 78.66
C ASN A 266 20.87 -28.43 79.18
N ASN A 267 21.45 -28.24 80.35
CA ASN A 267 21.51 -26.92 80.95
C ASN A 267 22.02 -25.98 79.87
N ASP A 268 23.17 -26.37 79.32
CA ASP A 268 23.83 -25.60 78.27
C ASP A 268 22.92 -25.07 77.17
N ILE A 269 22.00 -25.89 76.66
CA ILE A 269 21.14 -25.40 75.59
C ILE A 269 20.17 -24.33 76.06
N ILE A 270 19.65 -24.48 77.27
CA ILE A 270 18.74 -23.49 77.85
C ILE A 270 19.47 -22.16 77.89
N PHE A 271 20.67 -22.20 78.46
CA PHE A 271 21.56 -21.06 78.60
C PHE A 271 21.70 -20.42 77.21
N ASN A 272 21.96 -21.26 76.21
CA ASN A 272 22.15 -20.81 74.83
C ASN A 272 20.92 -20.21 74.16
N TYR A 273 19.68 -20.61 74.51
CA TYR A 273 18.65 -19.88 73.82
C TYR A 273 18.25 -18.55 74.37
N ILE A 274 19.06 -18.06 75.30
CA ILE A 274 18.87 -16.75 75.91
C ILE A 274 19.87 -15.84 75.19
N PRO A 275 19.41 -15.10 74.16
CA PRO A 275 20.17 -14.18 73.30
C PRO A 275 21.62 -13.89 73.73
N GLU A 276 22.54 -14.24 72.84
CA GLU A 276 24.00 -14.08 73.02
C GLU A 276 24.44 -12.63 73.13
N ARG A 277 23.60 -11.80 73.73
CA ARG A 277 23.89 -10.38 73.91
C ARG A 277 23.26 -9.87 75.20
N ILE A 278 22.60 -10.77 75.91
CA ILE A 278 21.97 -10.41 77.16
C ILE A 278 22.67 -11.14 78.29
N ARG A 279 22.98 -12.41 78.07
CA ARG A 279 23.71 -13.17 79.08
C ARG A 279 24.98 -12.34 79.24
N ASN A 280 25.45 -11.83 78.10
CA ASN A 280 26.65 -11.02 77.99
C ASN A 280 26.45 -9.66 78.66
N ASP A 281 25.27 -9.07 78.48
CA ASP A 281 25.02 -7.78 79.12
C ASP A 281 25.23 -7.93 80.63
N VAL A 282 26.06 -7.05 81.16
CA VAL A 282 26.40 -7.06 82.56
C VAL A 282 25.24 -6.85 83.51
N ASN A 283 24.73 -5.62 83.52
CA ASN A 283 23.63 -5.20 84.37
C ASN A 283 22.59 -6.23 84.76
N TYR A 284 22.53 -7.36 84.05
CA TYR A 284 21.56 -8.37 84.43
C TYR A 284 22.16 -9.69 84.87
N ILE A 285 21.38 -10.41 85.67
CA ILE A 285 21.81 -11.68 86.21
C ILE A 285 20.84 -12.85 86.10
N LEU A 286 21.38 -13.95 85.62
CA LEU A 286 20.69 -15.20 85.41
C LEU A 286 20.71 -16.03 86.70
N ASN A 287 20.12 -17.21 86.69
CA ASN A 287 20.09 -18.13 87.85
C ASN A 287 18.97 -19.18 87.79
N MET A 288 19.30 -20.46 87.92
CA MET A 288 18.29 -21.52 87.89
C MET A 288 18.16 -22.42 89.13
N ASP A 289 16.97 -23.00 89.28
CA ASP A 289 16.65 -23.83 90.44
C ASP A 289 16.71 -25.34 90.25
N ARG A 290 17.16 -25.84 89.10
CA ARG A 290 17.20 -27.29 88.91
C ARG A 290 18.25 -27.80 87.91
N ASN A 291 18.50 -29.11 87.93
CA ASN A 291 19.46 -29.73 87.02
C ASN A 291 18.77 -30.75 86.11
N LEU A 292 18.70 -30.46 84.81
CA LEU A 292 18.04 -31.33 83.82
C LEU A 292 18.56 -32.75 83.72
N PRO A 293 17.64 -33.73 83.57
CA PRO A 293 18.03 -35.14 83.45
C PRO A 293 18.45 -35.47 82.03
N SER A 294 19.19 -36.56 81.89
CA SER A 294 19.63 -37.01 80.60
C SER A 294 18.41 -37.37 79.78
N THR A 295 17.27 -37.41 80.45
CA THR A 295 16.01 -37.79 79.82
C THR A 295 15.27 -36.66 79.07
N ALA A 296 15.78 -35.43 79.14
CA ALA A 296 15.14 -34.26 78.50
C ALA A 296 15.13 -34.14 76.97
N ARG A 297 14.18 -33.35 76.44
CA ARG A 297 14.00 -33.11 74.98
C ARG A 297 13.32 -31.76 74.76
N TYR A 298 13.28 -31.19 73.55
CA TYR A 298 12.65 -29.86 73.44
C TYR A 298 11.90 -29.18 72.28
N ILE A 299 11.70 -29.79 71.11
CA ILE A 299 10.98 -29.05 70.04
C ILE A 299 11.75 -27.79 69.62
N ARG A 300 12.31 -27.74 68.42
CA ARG A 300 13.01 -26.52 68.04
C ARG A 300 12.08 -25.59 67.30
N PRO A 301 11.62 -24.52 67.96
CA PRO A 301 10.73 -23.60 67.26
C PRO A 301 11.55 -22.98 66.15
N ASN A 302 11.36 -23.43 64.91
CA ASN A 302 12.14 -22.89 63.81
C ASN A 302 11.70 -21.48 63.48
N LEU A 303 12.67 -20.65 63.11
CA LEU A 303 12.41 -19.25 62.81
C LEU A 303 13.27 -18.72 61.67
N LEU A 304 13.02 -19.18 60.46
CA LEU A 304 13.75 -18.74 59.29
C LEU A 304 13.20 -17.37 58.91
N GLN A 305 13.93 -16.63 58.08
CA GLN A 305 13.53 -15.28 57.67
C GLN A 305 12.25 -15.15 56.84
N ASP A 306 11.82 -13.90 56.63
CA ASP A 306 10.60 -13.58 55.86
C ASP A 306 10.67 -14.15 54.47
N ARG A 307 10.67 -15.46 54.38
CA ARG A 307 10.73 -16.15 53.11
C ARG A 307 9.73 -15.57 52.12
N LEU A 308 9.02 -14.52 52.55
CA LEU A 308 8.03 -13.91 51.68
C LEU A 308 8.18 -12.44 51.32
N ASN A 309 9.32 -11.84 51.65
CA ASN A 309 9.56 -10.43 51.31
C ASN A 309 8.20 -9.72 51.23
N LEU A 310 7.58 -9.65 52.39
CA LEU A 310 6.25 -9.09 52.58
C LEU A 310 6.21 -7.56 52.65
N HIS A 311 7.27 -6.92 52.16
CA HIS A 311 7.40 -5.46 52.17
C HIS A 311 7.51 -4.89 50.77
N ASP A 312 7.72 -5.79 49.81
CA ASP A 312 7.87 -5.42 48.43
C ASP A 312 6.50 -5.40 47.76
N ASN A 313 5.91 -4.22 47.63
CA ASN A 313 4.61 -4.04 47.00
C ASN A 313 3.42 -4.26 47.94
N PHE A 314 3.58 -5.13 48.93
CA PHE A 314 2.48 -5.43 49.84
C PHE A 314 2.20 -4.42 50.94
N GLU A 315 2.93 -3.31 50.95
CA GLU A 315 2.78 -2.26 51.94
C GLU A 315 1.58 -2.45 52.87
N SER A 316 0.40 -2.53 52.28
CA SER A 316 -0.85 -2.74 53.00
C SER A 316 -0.69 -3.59 54.25
N LEU A 317 -0.03 -4.72 54.09
CA LEU A 317 0.16 -5.64 55.19
C LEU A 317 1.30 -5.27 56.14
N TRP A 318 2.37 -4.68 55.60
CA TRP A 318 3.47 -4.29 56.47
C TRP A 318 2.91 -3.34 57.51
N ASP A 319 2.14 -2.36 57.02
CA ASP A 319 1.52 -1.39 57.90
C ASP A 319 0.84 -2.12 59.06
N THR A 320 0.08 -3.16 58.75
CA THR A 320 -0.63 -3.93 59.78
C THR A 320 0.33 -4.63 60.75
N ILE A 321 1.48 -5.04 60.23
CA ILE A 321 2.50 -5.71 61.03
C ILE A 321 3.10 -4.68 61.97
N THR A 322 3.72 -3.67 61.38
CA THR A 322 4.36 -2.60 62.13
C THR A 322 3.42 -2.27 63.28
N THR A 323 2.22 -1.83 62.93
CA THR A 323 1.21 -1.51 63.92
C THR A 323 1.34 -2.52 65.04
N SER A 324 1.01 -3.77 64.72
CA SER A 324 1.10 -4.84 65.68
C SER A 324 2.41 -4.79 66.48
N ASN A 325 3.53 -5.11 65.84
CA ASN A 325 4.82 -5.10 66.52
C ASN A 325 4.95 -3.86 67.40
N TYR A 326 4.37 -2.75 66.97
CA TYR A 326 4.43 -1.50 67.74
C TYR A 326 3.67 -1.58 69.07
N ILE A 327 2.38 -1.92 69.02
CA ILE A 327 1.62 -2.02 70.27
C ILE A 327 2.35 -2.96 71.21
N LEU A 328 2.79 -4.08 70.63
CA LEU A 328 3.55 -5.08 71.34
C LEU A 328 4.60 -4.38 72.18
N ALA A 329 5.38 -3.53 71.51
CA ALA A 329 6.45 -2.78 72.14
C ALA A 329 5.99 -1.95 73.32
N ARG A 330 5.01 -1.08 73.11
CA ARG A 330 4.52 -0.27 74.19
C ARG A 330 4.20 -1.14 75.41
N SER A 331 3.56 -2.28 75.17
CA SER A 331 3.23 -3.19 76.26
C SER A 331 4.47 -3.44 77.13
N VAL A 332 5.65 -3.16 76.60
CA VAL A 332 6.89 -3.36 77.35
C VAL A 332 7.41 -2.04 77.90
N VAL A 333 8.03 -1.29 77.01
CA VAL A 333 8.62 0.01 77.28
C VAL A 333 8.33 0.50 78.69
N PRO A 334 9.18 0.13 79.64
CA PRO A 334 9.09 0.49 81.06
C PRO A 334 8.42 1.83 81.36
N ASP A 335 7.46 1.82 82.27
CA ASP A 335 6.77 3.04 82.68
C ASP A 335 7.82 3.79 83.51
N LEU A 336 8.08 5.05 83.15
CA LEU A 336 9.08 5.89 83.83
C LEU A 336 8.98 6.01 85.35
N LYS A 337 9.90 6.76 85.97
CA LYS A 337 9.91 6.94 87.42
C LYS A 337 10.33 8.33 87.94
N GLU A 338 9.65 8.76 89.00
CA GLU A 338 9.88 10.05 89.68
C GLU A 338 10.60 11.13 88.89
N LEU A 339 9.88 12.21 88.56
CA LEU A 339 10.46 13.32 87.81
C LEU A 339 9.79 14.65 88.11
N VAL A 340 10.57 15.57 88.67
CA VAL A 340 10.10 16.92 89.02
C VAL A 340 8.59 17.10 88.97
N SER A 341 7.95 17.19 90.14
CA SER A 341 6.51 17.37 90.20
C SER A 341 6.07 18.39 89.18
N THR A 342 5.11 17.99 88.36
CA THR A 342 4.57 18.81 87.31
C THR A 342 4.56 20.29 87.70
N GLU A 343 3.71 20.67 88.66
CA GLU A 343 3.58 22.06 89.10
C GLU A 343 4.91 22.80 89.34
N ALA A 344 5.74 22.31 90.26
CA ALA A 344 7.02 22.97 90.54
C ALA A 344 7.76 23.51 89.30
N GLN A 345 8.12 22.62 88.40
CA GLN A 345 8.86 23.00 87.21
C GLN A 345 8.15 24.07 86.39
N ILE A 346 6.94 23.78 85.93
CA ILE A 346 6.22 24.74 85.12
C ILE A 346 6.15 26.10 85.80
N GLN A 347 6.22 26.13 87.14
CA GLN A 347 6.15 27.43 87.82
C GLN A 347 7.45 28.22 87.68
N LYS A 348 8.59 27.55 87.87
CA LYS A 348 9.86 28.25 87.71
C LYS A 348 9.94 28.65 86.24
N MET A 349 9.23 27.87 85.43
CA MET A 349 9.15 28.06 83.99
C MET A 349 8.65 29.46 83.64
N SER A 350 7.54 29.87 84.24
CA SER A 350 6.92 31.18 83.99
C SER A 350 7.88 32.29 84.43
N GLN A 351 8.58 32.01 85.52
CA GLN A 351 9.57 32.91 86.11
C GLN A 351 10.69 33.26 85.16
N ASP A 352 11.59 32.29 85.02
CA ASP A 352 12.77 32.42 84.20
C ASP A 352 12.55 33.28 82.95
N LEU A 353 11.33 33.30 82.43
CA LEU A 353 11.02 34.08 81.22
C LEU A 353 10.51 35.51 81.41
N GLN A 354 9.85 35.76 82.53
CA GLN A 354 9.30 37.09 82.83
C GLN A 354 8.08 37.38 81.94
N LEU A 355 6.86 37.12 82.45
CA LEU A 355 5.64 37.36 81.68
C LEU A 355 4.82 38.62 82.06
N GLU A 356 3.50 38.65 81.86
CA GLU A 356 2.77 39.89 82.19
C GLU A 356 1.25 40.03 82.00
N ALA A 357 0.89 41.08 81.26
CA ALA A 357 -0.48 41.50 80.92
C ALA A 357 -0.59 41.80 79.40
N LEU A 358 -1.46 41.07 78.67
CA LEU A 358 -1.69 41.13 77.17
C LEU A 358 -0.39 41.41 76.39
N THR A 359 0.73 41.04 77.02
CA THR A 359 2.11 41.16 76.48
C THR A 359 2.64 39.74 76.37
N ILE A 360 2.19 39.04 75.34
CA ILE A 360 2.56 37.65 75.14
C ILE A 360 3.83 37.52 74.30
N GLN A 361 4.56 36.44 74.55
CA GLN A 361 5.78 36.17 73.80
C GLN A 361 6.03 34.67 73.76
N SER A 362 6.36 34.10 74.92
CA SER A 362 6.64 32.68 75.04
C SER A 362 5.48 31.93 75.66
N GLU A 363 4.44 32.66 76.06
CA GLU A 363 3.28 32.07 76.71
C GLU A 363 2.62 30.84 76.11
N THR A 364 2.84 30.54 74.83
CA THR A 364 2.19 29.37 74.23
C THR A 364 3.01 28.07 74.36
N GLN A 365 4.05 28.12 75.19
CA GLN A 365 4.96 26.97 75.39
C GLN A 365 4.65 26.11 76.61
N PHE A 366 3.41 26.10 77.06
CA PHE A 366 3.15 25.29 78.24
C PHE A 366 1.79 24.67 78.34
N LEU A 367 1.21 24.40 77.17
CA LEU A 367 -0.02 23.66 77.07
C LEU A 367 0.76 22.35 76.86
N THR A 368 2.02 22.40 77.35
CA THR A 368 3.03 21.32 77.28
C THR A 368 3.34 20.62 78.60
N GLY A 369 2.83 21.16 79.70
CA GLY A 369 3.07 20.53 80.97
C GLY A 369 2.70 19.06 80.89
N ILE A 370 1.43 18.75 81.15
CA ILE A 370 0.90 17.37 81.14
C ILE A 370 1.91 16.37 80.58
N ASN A 371 2.77 15.88 81.47
CA ASN A 371 3.80 14.91 81.10
C ASN A 371 3.68 13.69 81.97
N SER A 372 3.02 13.85 83.12
CA SER A 372 2.78 12.75 84.03
C SER A 372 2.01 11.75 83.18
N GLN A 373 1.89 12.12 81.92
CA GLN A 373 1.21 11.37 80.90
C GLN A 373 2.05 11.45 79.62
N ALA A 374 2.40 12.68 79.23
CA ALA A 374 3.15 12.93 78.00
C ALA A 374 4.53 12.31 77.91
N ALA A 375 5.32 12.45 78.96
CA ALA A 375 6.66 11.90 78.95
C ALA A 375 6.62 10.39 78.80
N ASN A 376 5.73 9.74 79.55
CA ASN A 376 5.63 8.29 79.46
C ASN A 376 5.21 7.90 78.05
N ASP A 377 4.24 8.62 77.48
CA ASP A 377 3.76 8.33 76.13
C ASP A 377 4.90 8.58 75.14
N CYS A 378 5.44 9.80 75.16
CA CYS A 378 6.53 10.17 74.28
C CYS A 378 7.68 9.18 74.34
N PHE A 379 7.97 8.73 75.55
CA PHE A 379 9.03 7.77 75.75
C PHE A 379 8.69 6.46 75.06
N LYS A 380 7.66 5.76 75.57
CA LYS A 380 7.22 4.50 74.99
C LYS A 380 7.19 4.69 73.48
N THR A 381 6.21 5.46 73.04
CA THR A 381 6.00 5.76 71.64
C THR A 381 7.30 5.78 70.84
N LEU A 382 8.28 6.53 71.31
CA LEU A 382 9.53 6.60 70.58
C LEU A 382 10.20 5.26 70.36
N ILE A 383 10.35 4.48 71.41
CA ILE A 383 11.02 3.20 71.26
C ILE A 383 10.30 2.32 70.24
N ALA A 384 9.12 1.85 70.61
CA ALA A 384 8.33 1.00 69.74
C ALA A 384 8.53 1.44 68.29
N ALA A 385 8.27 2.72 68.04
CA ALA A 385 8.44 3.28 66.72
C ALA A 385 9.66 2.62 66.10
N MET A 386 10.80 2.83 66.76
CA MET A 386 12.06 2.26 66.31
C MET A 386 11.98 0.77 66.09
N LEU A 387 11.68 0.05 67.16
CA LEU A 387 11.58 -1.40 67.13
C LEU A 387 10.72 -1.86 65.96
N SER A 388 9.41 -1.70 66.10
CA SER A 388 8.48 -2.11 65.04
C SER A 388 9.02 -1.49 63.77
N GLN A 389 9.64 -0.33 63.94
CA GLN A 389 10.19 0.42 62.83
C GLN A 389 8.97 0.93 62.06
N ARG A 390 8.18 1.72 62.78
CA ARG A 390 6.96 2.34 62.28
C ARG A 390 7.29 3.79 61.98
N THR A 391 6.49 4.44 61.14
CA THR A 391 6.74 5.84 60.78
C THR A 391 5.65 6.77 61.33
N MET A 392 6.08 7.79 62.07
CA MET A 392 5.14 8.73 62.69
C MET A 392 4.99 10.11 62.03
N SER A 393 3.95 10.82 62.46
CA SER A 393 3.63 12.17 61.95
C SER A 393 4.02 13.22 63.00
N LEU A 394 3.63 14.49 62.78
CA LEU A 394 3.99 15.55 63.74
C LEU A 394 3.00 16.72 63.88
N ASP A 395 2.37 16.79 65.07
CA ASP A 395 1.39 17.84 65.39
C ASP A 395 1.97 18.94 66.28
N PHE A 396 2.23 20.08 65.68
CA PHE A 396 2.78 21.21 66.41
C PHE A 396 2.01 22.49 66.14
N VAL A 397 2.64 23.61 66.43
CA VAL A 397 2.06 24.93 66.21
C VAL A 397 3.27 25.69 65.64
N THR A 398 3.10 26.95 65.26
CA THR A 398 4.25 27.70 64.75
C THR A 398 4.58 28.80 65.77
N THR A 399 3.70 28.95 66.76
CA THR A 399 3.85 29.94 67.84
C THR A 399 4.37 29.29 69.12
N ASN A 400 4.74 28.02 69.03
CA ASN A 400 5.23 27.25 70.18
C ASN A 400 6.73 26.95 70.03
N TYR A 401 7.50 28.00 69.75
CA TYR A 401 8.93 27.88 69.52
C TYR A 401 9.62 26.82 70.38
N MET A 402 9.36 26.88 71.68
CA MET A 402 9.94 25.93 72.62
C MET A 402 9.80 24.56 72.02
N SER A 403 8.54 24.15 71.85
CA SER A 403 8.20 22.87 71.27
C SER A 403 9.15 22.54 70.11
N LEU A 404 9.65 23.58 69.44
CA LEU A 404 10.57 23.36 68.31
C LEU A 404 11.95 23.03 68.83
N ILE A 405 12.46 23.87 69.72
CA ILE A 405 13.76 23.63 70.30
C ILE A 405 13.89 22.13 70.54
N SER A 406 13.05 21.61 71.43
CA SER A 406 13.08 20.19 71.76
C SER A 406 13.13 19.33 70.49
N GLY A 407 12.48 19.79 69.44
CA GLY A 407 12.52 19.03 68.20
C GLY A 407 13.95 18.71 67.88
N MET A 408 14.79 19.73 67.95
CA MET A 408 16.21 19.58 67.70
C MET A 408 16.76 18.45 68.54
N TRP A 409 16.20 18.28 69.73
CA TRP A 409 16.63 17.20 70.59
C TRP A 409 16.34 15.95 69.76
N LEU A 410 15.06 15.73 69.50
CA LEU A 410 14.57 14.60 68.72
C LEU A 410 15.42 14.29 67.50
N LEU A 411 15.36 15.22 66.57
CA LEU A 411 16.06 15.16 65.31
C LEU A 411 17.49 14.68 65.37
N THR A 412 18.21 15.24 66.33
CA THR A 412 19.60 14.87 66.52
C THR A 412 19.62 13.36 66.65
N VAL A 413 18.59 12.85 67.30
CA VAL A 413 18.45 11.43 67.54
C VAL A 413 18.01 10.62 66.32
N VAL A 414 16.74 10.22 66.31
CA VAL A 414 16.19 9.42 65.23
C VAL A 414 16.66 9.89 63.85
N PRO A 415 17.34 9.01 63.11
CA PRO A 415 17.90 9.24 61.77
C PRO A 415 16.99 9.88 60.71
N ASN A 416 15.99 10.63 61.16
CA ASN A 416 15.08 11.33 60.25
C ASN A 416 14.29 10.43 59.31
N ASP A 417 14.95 9.53 58.61
CA ASP A 417 14.26 8.62 57.69
C ASP A 417 13.16 7.89 58.46
N MET A 418 13.19 8.02 59.77
CA MET A 418 12.19 7.37 60.64
C MET A 418 10.88 8.13 60.68
N PHE A 419 10.89 9.36 60.16
CA PHE A 419 9.67 10.15 60.13
C PHE A 419 9.24 10.24 58.68
N ILE A 420 7.98 10.56 58.46
CA ILE A 420 7.46 10.68 57.10
C ILE A 420 8.21 11.81 56.43
N ARG A 421 8.01 11.98 55.13
CA ARG A 421 8.68 13.04 54.41
C ARG A 421 7.98 14.36 54.70
N GLU A 422 6.69 14.41 54.43
CA GLU A 422 5.92 15.62 54.65
C GLU A 422 6.00 16.14 56.08
N SER A 423 6.73 15.44 56.93
CA SER A 423 6.80 15.93 58.29
C SER A 423 8.16 16.53 58.60
N LEU A 424 9.23 15.89 58.14
CA LEU A 424 10.56 16.44 58.38
C LEU A 424 10.63 17.76 57.63
N VAL A 425 10.00 17.78 56.46
CA VAL A 425 9.99 18.99 55.64
C VAL A 425 9.49 20.15 56.50
N ALA A 426 8.23 20.05 56.90
CA ALA A 426 7.62 21.08 57.72
C ALA A 426 8.57 21.48 58.84
N CYS A 427 8.72 20.59 59.79
CA CYS A 427 9.58 20.84 60.91
C CYS A 427 10.82 21.68 60.63
N GLN A 428 11.76 21.10 59.89
CA GLN A 428 13.01 21.80 59.60
C GLN A 428 12.80 23.23 59.08
N LEU A 429 12.10 23.39 57.96
CA LEU A 429 11.87 24.73 57.42
C LEU A 429 11.31 25.67 58.49
N ALA A 430 10.43 25.15 59.34
CA ALA A 430 9.83 25.93 60.42
C ALA A 430 10.95 26.43 61.34
N ILE A 431 11.94 25.56 61.56
CA ILE A 431 13.09 25.91 62.39
C ILE A 431 13.87 26.95 61.61
N VAL A 432 14.44 26.50 60.50
CA VAL A 432 15.24 27.35 59.63
C VAL A 432 14.71 28.77 59.44
N ASN A 433 13.40 28.91 59.19
CA ASN A 433 12.73 30.21 58.93
C ASN A 433 12.30 31.09 60.11
N THR A 434 11.88 30.50 61.24
CA THR A 434 11.41 31.29 62.40
C THR A 434 12.28 31.13 63.65
N ILE A 435 13.30 30.29 63.55
CA ILE A 435 14.16 30.01 64.68
C ILE A 435 15.62 30.42 64.59
N ILE A 436 16.23 30.19 63.43
CA ILE A 436 17.66 30.46 63.31
C ILE A 436 18.10 31.69 62.53
N TYR A 437 17.29 32.14 61.60
CA TYR A 437 17.64 33.34 60.86
C TYR A 437 17.25 34.59 61.68
N PRO A 438 15.95 34.73 62.06
CA PRO A 438 15.27 35.81 62.82
C PRO A 438 15.83 36.32 64.17
N ALA A 439 17.07 35.95 64.49
CA ALA A 439 17.74 36.39 65.72
C ALA A 439 19.24 36.20 65.51
N PHE A 440 19.57 35.74 64.31
CA PHE A 440 20.96 35.54 63.91
C PHE A 440 21.22 36.44 62.72
N GLY A 441 20.68 37.66 62.79
CA GLY A 441 20.84 38.65 61.74
C GLY A 441 21.10 38.06 60.37
N MET A 442 20.44 36.94 60.09
CA MET A 442 20.60 36.24 58.83
C MET A 442 19.36 36.29 57.94
N GLN A 443 18.28 36.91 58.43
CA GLN A 443 17.02 36.99 57.68
C GLN A 443 17.22 37.34 56.20
N ARG A 444 17.02 38.62 55.85
CA ARG A 444 17.14 39.10 54.48
C ARG A 444 16.09 38.38 53.64
N MET A 445 16.25 37.06 53.54
CA MET A 445 15.31 36.22 52.82
C MET A 445 14.85 35.16 53.81
N HIS A 446 13.64 35.38 54.35
CA HIS A 446 13.03 34.47 55.32
C HIS A 446 13.02 33.06 54.77
N TYR A 447 13.86 32.82 53.77
CA TYR A 447 13.99 31.51 53.17
C TYR A 447 12.80 31.12 52.32
N ARG A 448 12.96 31.14 51.00
CA ARG A 448 11.87 30.74 50.13
C ARG A 448 12.16 29.29 49.75
N ASN A 449 11.12 28.44 49.80
CA ASN A 449 11.23 27.01 49.47
C ASN A 449 10.16 26.51 48.50
N GLY A 450 10.46 25.41 47.81
CA GLY A 450 9.50 24.88 46.85
C GLY A 450 9.29 23.36 46.84
N ASP A 451 9.51 22.68 47.96
CA ASP A 451 9.31 21.23 48.03
C ASP A 451 10.56 20.50 47.47
N PRO A 452 10.48 19.18 47.16
CA PRO A 452 11.54 18.31 46.61
C PRO A 452 12.99 18.79 46.67
N GLN A 453 13.85 17.91 47.20
CA GLN A 453 15.29 18.12 47.45
C GLN A 453 15.24 18.06 48.98
N THR A 454 16.28 18.48 49.70
CA THR A 454 16.20 18.43 51.19
C THR A 454 16.27 19.80 51.86
N PRO A 455 15.12 20.46 52.10
CA PRO A 455 15.06 21.79 52.73
C PRO A 455 15.84 21.97 54.05
N PHE A 456 16.23 20.88 54.69
CA PHE A 456 17.01 21.03 55.92
C PHE A 456 18.42 21.14 55.37
N GLN A 457 18.82 20.05 54.73
CA GLN A 457 20.11 19.92 54.10
C GLN A 457 20.62 21.26 53.62
N ILE A 458 20.03 21.76 52.54
CA ILE A 458 20.39 23.03 51.92
C ILE A 458 20.88 24.09 52.91
N ALA A 459 20.41 24.03 54.15
CA ALA A 459 20.83 24.99 55.16
C ALA A 459 22.33 24.78 55.47
N GLU A 460 22.80 23.55 55.27
CA GLU A 460 24.19 23.15 55.49
C GLU A 460 25.13 23.97 54.60
N GLN A 461 25.00 23.80 53.28
CA GLN A 461 25.82 24.54 52.33
C GLN A 461 25.43 26.02 52.32
N GLN A 462 24.65 26.42 53.32
CA GLN A 462 24.19 27.79 53.45
C GLN A 462 25.14 28.68 54.23
N ILE A 463 24.71 29.10 55.42
CA ILE A 463 25.51 29.98 56.27
C ILE A 463 26.72 29.29 56.87
N GLN A 464 27.63 30.10 57.42
CA GLN A 464 28.84 29.60 58.04
C GLN A 464 28.92 29.91 59.53
N ASN A 465 29.51 28.98 60.26
CA ASN A 465 29.66 29.05 61.70
C ASN A 465 29.98 27.59 61.99
N PHE A 466 31.04 27.29 62.73
CA PHE A 466 31.34 25.89 62.95
C PHE A 466 30.39 25.13 63.85
N GLN A 467 30.23 25.59 65.08
CA GLN A 467 29.30 24.92 65.98
C GLN A 467 28.03 24.61 65.17
N VAL A 468 27.36 25.64 64.66
CA VAL A 468 26.15 25.46 63.84
C VAL A 468 26.37 24.42 62.73
N ALA A 469 27.49 24.57 62.03
CA ALA A 469 27.85 23.71 60.92
C ALA A 469 28.00 22.20 61.17
N ASN A 470 28.47 21.79 62.34
CA ASN A 470 28.61 20.35 62.57
C ASN A 470 27.25 19.71 62.74
N TRP A 471 26.37 20.40 63.45
CA TRP A 471 25.03 19.92 63.70
C TRP A 471 24.44 19.46 62.39
N LEU A 472 24.43 20.37 61.45
CA LEU A 472 23.89 20.10 60.16
C LEU A 472 24.36 18.82 59.50
N HIS A 473 25.68 18.62 59.39
CA HIS A 473 26.15 17.40 58.76
C HIS A 473 25.81 16.17 59.56
N PHE A 474 25.99 16.24 60.88
CA PHE A 474 25.69 15.10 61.72
C PHE A 474 24.22 14.72 61.68
N VAL A 475 23.35 15.72 61.66
CA VAL A 475 21.92 15.43 61.65
C VAL A 475 21.45 15.02 60.28
N ASN A 476 21.83 15.83 59.29
CA ASN A 476 21.42 15.59 57.93
C ASN A 476 21.78 14.20 57.44
N ASN A 477 23.07 13.96 57.23
CA ASN A 477 23.53 12.67 56.74
C ASN A 477 23.52 11.56 57.79
N ASN A 478 22.84 11.78 58.91
CA ASN A 478 22.75 10.76 59.95
C ASN A 478 21.67 9.75 59.62
N GLN A 479 22.07 8.49 59.52
CA GLN A 479 21.12 7.43 59.22
C GLN A 479 21.25 6.29 60.18
N PHE A 480 20.67 5.17 59.77
CA PHE A 480 20.70 3.96 60.53
C PHE A 480 21.86 3.12 60.01
N ARG A 481 22.42 2.31 60.89
CA ARG A 481 23.51 1.44 60.51
C ARG A 481 22.85 0.08 60.28
N GLN A 482 22.84 -0.38 59.03
CA GLN A 482 22.24 -1.66 58.67
C GLN A 482 23.13 -2.80 59.17
N VAL A 483 22.73 -3.45 60.26
CA VAL A 483 23.51 -4.54 60.82
C VAL A 483 22.87 -5.92 60.81
N VAL A 484 23.66 -6.89 60.35
CA VAL A 484 23.23 -8.28 60.23
C VAL A 484 23.28 -9.02 61.57
N ILE A 485 23.83 -10.24 61.51
CA ILE A 485 24.00 -11.16 62.65
C ILE A 485 24.02 -10.47 64.01
N ASP A 486 23.52 -11.18 65.02
CA ASP A 486 23.49 -10.70 66.40
C ASP A 486 23.38 -11.92 67.31
N GLY A 487 24.16 -12.95 67.00
CA GLY A 487 24.10 -14.17 67.76
C GLY A 487 22.97 -15.00 67.16
N VAL A 488 22.84 -14.89 65.84
CA VAL A 488 21.84 -15.55 64.96
C VAL A 488 21.19 -14.44 64.11
N LEU A 489 20.99 -14.71 62.81
CA LEU A 489 20.40 -13.75 61.85
C LEU A 489 19.28 -12.87 62.44
N ASN A 490 19.67 -11.78 63.09
CA ASN A 490 18.72 -10.86 63.68
C ASN A 490 18.27 -9.81 62.68
N GLN A 491 19.18 -9.37 61.81
CA GLN A 491 18.82 -8.38 60.80
C GLN A 491 18.25 -7.15 61.50
N VAL A 492 19.03 -6.65 62.45
CA VAL A 492 18.65 -5.50 63.24
C VAL A 492 19.10 -4.16 62.64
N LEU A 493 18.37 -3.10 62.95
CA LEU A 493 18.71 -1.76 62.49
C LEU A 493 19.23 -1.03 63.72
N ASN A 494 20.47 -0.58 63.70
CA ASN A 494 20.98 0.13 64.87
C ASN A 494 21.23 1.59 64.65
N ASP A 495 21.26 2.29 65.78
CA ASP A 495 21.51 3.71 65.82
C ASP A 495 23.02 3.97 65.95
N ASN A 496 23.53 4.83 65.08
CA ASN A 496 24.94 5.23 65.01
C ASN A 496 25.70 5.13 66.34
N ILE A 497 26.56 4.11 66.48
CA ILE A 497 27.35 3.89 67.70
C ILE A 497 27.56 5.23 68.42
N ARG A 498 27.98 6.23 67.64
CA ARG A 498 28.22 7.57 68.14
C ARG A 498 27.19 7.99 69.17
N ASN A 499 25.94 8.08 68.73
CA ASN A 499 24.83 8.50 69.57
C ASN A 499 24.61 7.71 70.85
N GLY A 500 24.68 6.39 70.77
CA GLY A 500 24.46 5.60 71.96
C GLY A 500 25.30 6.18 73.09
N HIS A 501 24.66 6.88 74.03
CA HIS A 501 25.29 7.50 75.20
C HIS A 501 26.57 8.34 74.98
N VAL A 502 27.40 7.97 74.00
CA VAL A 502 28.60 8.77 73.74
C VAL A 502 27.99 9.98 73.04
N ILE A 503 27.07 10.61 73.77
CA ILE A 503 26.28 11.75 73.34
C ILE A 503 26.99 13.08 73.19
N ASN A 504 28.24 13.08 72.74
CA ASN A 504 28.96 14.34 72.55
C ASN A 504 28.13 15.16 71.55
N GLN A 505 27.02 14.55 71.10
CA GLN A 505 26.13 15.18 70.15
C GLN A 505 25.26 16.17 70.92
N LEU A 506 24.72 15.72 72.03
CA LEU A 506 23.90 16.56 72.88
C LEU A 506 24.71 17.77 73.31
N MET A 507 25.90 17.51 73.85
CA MET A 507 26.80 18.57 74.32
C MET A 507 27.12 19.52 73.19
N GLU A 508 27.22 18.98 71.99
CA GLU A 508 27.49 19.81 70.86
C GLU A 508 26.20 20.52 70.43
N ALA A 509 25.07 19.81 70.50
CA ALA A 509 23.78 20.39 70.14
C ALA A 509 23.54 21.61 71.01
N LEU A 510 24.08 21.57 72.22
CA LEU A 510 23.91 22.69 73.11
C LEU A 510 24.94 23.78 72.84
N MET A 511 26.22 23.40 72.75
CA MET A 511 27.24 24.42 72.53
C MET A 511 26.89 25.28 71.31
N GLN A 512 26.27 24.68 70.32
CA GLN A 512 25.88 25.40 69.12
C GLN A 512 24.77 26.38 69.41
N LEU A 513 23.96 26.03 70.41
CA LEU A 513 22.84 26.86 70.85
C LEU A 513 23.36 28.01 71.72
N SER A 514 24.42 27.74 72.47
CA SER A 514 25.02 28.73 73.36
C SER A 514 25.73 29.83 72.59
N ARG A 515 26.11 29.51 71.36
CA ARG A 515 26.88 30.45 70.54
C ARG A 515 26.16 31.31 69.50
N GLN A 516 24.98 30.91 69.06
CA GLN A 516 24.30 31.74 68.08
C GLN A 516 23.45 32.79 68.79
N GLN A 517 23.23 32.62 70.10
CA GLN A 517 22.44 33.59 70.85
C GLN A 517 23.26 34.87 71.04
N PHE A 518 23.91 35.30 69.96
CA PHE A 518 24.75 36.49 69.96
C PHE A 518 24.14 37.69 69.16
N PRO A 519 24.08 37.62 67.82
CA PRO A 519 23.52 38.73 67.01
C PRO A 519 21.98 38.84 66.99
N THR A 520 21.42 39.69 66.12
CA THR A 520 19.95 39.87 66.01
C THR A 520 19.37 40.79 64.92
N MET A 521 18.04 40.99 64.97
CA MET A 521 17.32 41.83 64.00
C MET A 521 16.03 42.55 64.43
N PRO A 522 14.97 41.81 64.83
CA PRO A 522 13.75 42.52 65.25
C PRO A 522 13.64 42.86 66.75
N VAL A 523 14.67 43.53 67.29
CA VAL A 523 14.75 43.96 68.72
C VAL A 523 14.34 42.99 69.82
N ASP A 524 13.04 42.80 69.99
CA ASP A 524 12.52 41.89 71.00
C ASP A 524 12.62 40.51 70.35
N TYR A 525 11.53 39.73 70.39
CA TYR A 525 11.55 38.41 69.78
C TYR A 525 12.72 37.60 70.31
N LYS A 526 13.93 38.15 70.24
CA LYS A 526 15.09 37.44 70.73
C LYS A 526 14.88 37.11 72.20
N ARG A 527 14.31 38.05 72.94
CA ARG A 527 14.03 37.85 74.35
C ARG A 527 13.38 36.50 74.58
N SER A 528 12.17 36.35 74.07
CA SER A 528 11.39 35.12 74.24
C SER A 528 12.10 33.89 73.68
N ILE A 529 12.76 34.06 72.54
CA ILE A 529 13.46 32.98 71.87
C ILE A 529 14.64 32.43 72.65
N GLN A 530 15.62 33.27 72.91
CA GLN A 530 16.79 32.75 73.62
C GLN A 530 16.47 32.28 75.03
N ARG A 531 15.51 32.91 75.68
CA ARG A 531 15.14 32.51 77.05
C ARG A 531 14.72 31.04 77.03
N GLY A 532 13.98 30.64 76.01
CA GLY A 532 13.55 29.27 75.92
C GLY A 532 14.76 28.38 75.71
N ILE A 533 15.65 28.82 74.82
CA ILE A 533 16.86 28.07 74.50
C ILE A 533 17.65 27.73 75.75
N LEU A 534 17.75 28.69 76.65
CA LEU A 534 18.52 28.45 77.85
C LEU A 534 17.91 27.34 78.69
N LEU A 535 16.59 27.22 78.69
CA LEU A 535 15.97 26.18 79.48
C LEU A 535 16.38 24.80 79.04
N LEU A 536 16.98 24.71 77.85
CA LEU A 536 17.47 23.45 77.30
C LEU A 536 18.87 23.24 77.81
N SER A 537 19.61 24.35 77.86
CA SER A 537 20.99 24.37 78.32
C SER A 537 21.16 23.90 79.76
N ASN A 538 20.52 24.59 80.71
CA ASN A 538 20.60 24.22 82.13
C ASN A 538 20.27 22.74 82.28
N ARG A 539 19.15 22.38 81.67
CA ARG A 539 18.64 21.02 81.66
C ARG A 539 19.59 20.06 80.93
N LEU A 540 20.45 20.61 80.06
CA LEU A 540 21.40 19.80 79.29
C LEU A 540 22.10 18.76 80.14
N GLY A 541 22.39 19.13 81.37
CA GLY A 541 23.05 18.18 82.24
C GLY A 541 22.16 16.95 82.25
N GLN A 542 20.85 17.18 82.33
CA GLN A 542 19.87 16.11 82.36
C GLN A 542 19.55 15.57 80.97
N LEU A 543 19.40 16.45 80.00
CA LEU A 543 19.10 16.02 78.65
C LEU A 543 20.09 14.94 78.26
N VAL A 544 21.35 15.12 78.66
CA VAL A 544 22.40 14.15 78.37
C VAL A 544 21.83 12.78 78.68
N ASP A 545 21.09 12.72 79.78
CA ASP A 545 20.48 11.49 80.25
C ASP A 545 19.45 10.88 79.28
N LEU A 546 18.31 11.53 79.08
CA LEU A 546 17.28 11.02 78.16
C LEU A 546 17.86 10.17 77.06
N THR A 547 18.88 10.72 76.41
CA THR A 547 19.56 10.03 75.33
C THR A 547 19.98 8.66 75.80
N ARG A 548 20.70 8.66 76.92
CA ARG A 548 21.18 7.44 77.54
C ARG A 548 20.03 6.46 77.61
N LEU A 549 18.97 6.88 78.29
CA LEU A 549 17.81 6.04 78.46
C LEU A 549 17.46 5.31 77.18
N LEU A 550 16.86 6.03 76.24
CA LEU A 550 16.48 5.42 74.97
C LEU A 550 17.61 4.57 74.46
N ALA A 551 18.76 5.20 74.29
CA ALA A 551 19.95 4.51 73.80
C ALA A 551 19.88 3.07 74.28
N TYR A 552 19.93 2.91 75.60
CA TYR A 552 19.88 1.59 76.20
C TYR A 552 18.63 0.84 75.78
N ASN A 553 17.51 1.19 76.40
CA ASN A 553 16.24 0.54 76.11
C ASN A 553 16.10 0.00 74.69
N TYR A 554 16.05 0.87 73.70
CA TYR A 554 15.95 0.39 72.33
C TYR A 554 17.03 -0.66 72.14
N GLU A 555 18.28 -0.23 72.30
CA GLU A 555 19.44 -1.11 72.17
C GLU A 555 19.32 -2.40 72.97
N THR A 556 18.42 -2.42 73.94
CA THR A 556 18.20 -3.63 74.74
C THR A 556 17.07 -4.41 74.10
N LEU A 557 15.85 -4.01 74.40
CA LEU A 557 14.68 -4.67 73.84
C LEU A 557 15.08 -5.35 72.54
N MET A 558 15.65 -4.57 71.64
CA MET A 558 16.12 -5.06 70.34
C MET A 558 16.24 -6.58 70.22
N ALA A 559 17.38 -7.11 70.66
CA ALA A 559 17.70 -8.55 70.61
C ALA A 559 16.51 -9.48 70.61
N CYS A 560 15.53 -9.17 71.44
CA CYS A 560 14.33 -9.98 71.59
C CYS A 560 13.51 -10.18 70.31
N VAL A 561 13.82 -9.44 69.26
CA VAL A 561 13.06 -9.56 68.02
C VAL A 561 13.73 -10.54 67.08
N THR A 562 12.97 -11.51 66.59
CA THR A 562 13.50 -12.46 65.64
C THR A 562 12.87 -12.07 64.32
N MET A 563 11.94 -11.13 64.39
CA MET A 563 11.23 -10.63 63.22
C MET A 563 12.02 -9.60 62.45
N ASN A 564 13.10 -10.08 61.86
CA ASN A 564 14.01 -9.28 61.06
C ASN A 564 13.36 -8.01 60.54
N MET A 565 13.29 -6.98 61.38
CA MET A 565 12.68 -5.71 60.99
C MET A 565 13.56 -4.98 59.97
N GLN A 566 12.94 -4.20 59.08
CA GLN A 566 13.70 -3.47 58.06
C GLN A 566 13.57 -1.95 58.10
N HIS A 567 13.37 -1.31 56.95
CA HIS A 567 13.28 0.15 56.92
C HIS A 567 12.39 0.67 55.77
N VAL A 568 11.08 0.62 55.94
CA VAL A 568 10.16 1.11 54.90
C VAL A 568 9.20 2.16 55.42
N GLN A 569 8.48 2.81 54.52
CA GLN A 569 7.51 3.83 54.90
C GLN A 569 6.20 3.14 55.26
N THR A 570 5.73 3.38 56.49
CA THR A 570 4.48 2.78 56.97
C THR A 570 3.31 3.27 56.10
N LEU A 571 2.23 3.68 56.75
CA LEU A 571 1.08 4.19 56.04
C LEU A 571 -0.01 4.64 57.00
N THR A 572 -0.15 3.98 58.14
CA THR A 572 -1.17 4.40 59.11
C THR A 572 -0.61 5.52 59.98
N THR A 573 0.71 5.69 59.94
CA THR A 573 1.42 6.76 60.66
C THR A 573 0.94 7.12 62.06
N GLU A 574 1.64 6.63 63.08
CA GLU A 574 1.27 6.96 64.45
C GLU A 574 1.57 8.44 64.68
N LYS A 575 0.66 9.12 65.40
CA LYS A 575 0.82 10.55 65.67
C LYS A 575 1.54 10.91 66.95
N LEU A 576 2.46 11.86 66.82
CA LEU A 576 3.27 12.36 67.93
C LEU A 576 3.35 13.89 67.95
N GLN A 577 2.93 14.49 69.06
CA GLN A 577 2.93 15.94 69.22
C GLN A 577 4.23 16.44 69.82
N LEU A 578 4.69 17.61 69.36
CA LEU A 578 5.90 18.21 69.86
C LEU A 578 5.60 18.61 71.30
N THR A 579 4.31 18.63 71.60
CA THR A 579 3.82 18.95 72.93
C THR A 579 4.59 18.02 73.89
N SER A 580 4.17 16.76 73.93
CA SER A 580 4.80 15.74 74.78
C SER A 580 6.34 15.78 74.70
N VAL A 581 6.86 15.75 73.47
CA VAL A 581 8.31 15.80 73.25
C VAL A 581 8.89 16.78 74.26
N THR A 582 8.59 18.06 74.00
CA THR A 582 9.03 19.17 74.83
C THR A 582 8.95 18.87 76.33
N SER A 583 7.87 18.23 76.75
CA SER A 583 7.70 17.91 78.18
C SER A 583 8.83 17.00 78.63
N LEU A 584 8.83 15.81 78.07
CA LEU A 584 9.82 14.80 78.36
C LEU A 584 11.16 15.52 78.53
N CYS A 585 11.53 16.28 77.51
CA CYS A 585 12.78 17.02 77.51
C CYS A 585 13.11 17.70 78.83
N MET A 586 12.74 18.96 78.99
CA MET A 586 13.10 19.63 80.22
C MET A 586 12.60 18.99 81.51
N LEU A 587 11.78 17.96 81.46
CA LEU A 587 11.28 17.39 82.70
C LEU A 587 11.89 16.06 83.21
N ILE A 588 13.21 15.92 83.29
CA ILE A 588 13.82 14.66 83.75
C ILE A 588 15.18 14.74 84.45
N GLY A 589 15.71 13.57 84.83
CA GLY A 589 17.01 13.49 85.48
C GLY A 589 17.06 12.70 86.77
N ASN A 590 18.26 12.55 87.33
CA ASN A 590 18.44 11.85 88.61
C ASN A 590 17.82 10.44 88.59
N ALA A 591 16.92 10.20 87.65
CA ALA A 591 16.24 8.93 87.57
C ALA A 591 16.89 7.97 86.60
N THR A 592 16.73 6.67 86.88
CA THR A 592 17.26 5.62 86.04
C THR A 592 16.23 4.50 86.05
N VAL A 593 15.75 4.15 84.86
CA VAL A 593 14.74 3.11 84.74
C VAL A 593 15.19 2.05 83.74
N ILE A 594 14.69 0.83 83.93
CA ILE A 594 15.08 -0.25 83.06
C ILE A 594 14.13 -1.44 82.98
N PRO A 595 14.13 -2.10 81.81
CA PRO A 595 13.33 -3.27 81.43
C PRO A 595 13.27 -4.36 82.49
N SER A 596 12.08 -4.65 82.98
CA SER A 596 11.96 -5.70 83.96
C SER A 596 12.35 -7.00 83.29
N PRO A 597 12.90 -7.94 84.06
CA PRO A 597 13.29 -9.23 83.49
C PRO A 597 12.09 -9.86 82.82
N GLN A 598 11.21 -10.42 83.66
CA GLN A 598 9.98 -11.05 83.23
C GLN A 598 9.42 -10.39 81.98
N THR A 599 9.46 -9.06 81.97
CA THR A 599 8.96 -8.32 80.84
C THR A 599 9.69 -8.81 79.59
N LEU A 600 11.01 -8.62 79.56
CA LEU A 600 11.81 -9.02 78.42
C LEU A 600 11.45 -10.37 77.82
N PHE A 601 11.50 -11.43 78.62
CA PHE A 601 11.17 -12.77 78.13
C PHE A 601 9.89 -12.73 77.35
N HIS A 602 8.83 -12.38 78.07
CA HIS A 602 7.52 -12.31 77.48
C HIS A 602 7.62 -11.82 76.04
N TYR A 603 8.44 -10.80 75.84
CA TYR A 603 8.64 -10.21 74.51
C TYR A 603 9.23 -11.23 73.56
N TYR A 604 10.35 -11.83 73.97
CA TYR A 604 11.00 -12.85 73.15
C TYR A 604 9.88 -13.81 72.79
N ASN A 605 9.42 -14.55 73.80
CA ASN A 605 8.37 -15.53 73.63
C ASN A 605 7.39 -15.21 72.51
N VAL A 606 6.76 -14.05 72.59
CA VAL A 606 5.79 -13.73 71.55
C VAL A 606 6.38 -13.79 70.15
N ASN A 607 7.23 -12.82 69.79
CA ASN A 607 7.82 -12.84 68.46
C ASN A 607 8.11 -14.28 68.09
N VAL A 608 8.72 -15.02 69.02
CA VAL A 608 9.04 -16.43 68.83
C VAL A 608 7.86 -17.15 68.20
N ASN A 609 6.86 -17.43 69.03
CA ASN A 609 5.65 -18.12 68.61
C ASN A 609 5.32 -17.65 67.20
N PHE A 610 4.88 -16.41 67.15
CA PHE A 610 4.51 -15.77 65.93
C PHE A 610 5.34 -16.25 64.74
N HIS A 611 6.65 -16.08 64.86
CA HIS A 611 7.64 -16.51 63.88
C HIS A 611 7.26 -17.95 63.53
N SER A 612 7.49 -18.83 64.50
CA SER A 612 7.20 -20.24 64.37
C SER A 612 5.92 -20.47 63.57
N ASN A 613 4.88 -19.71 63.89
CA ASN A 613 3.63 -19.85 63.17
C ASN A 613 3.81 -19.48 61.70
N TYR A 614 4.32 -18.28 61.47
CA TYR A 614 4.55 -17.84 60.10
C TYR A 614 5.31 -18.94 59.37
N ASN A 615 6.55 -19.20 59.79
CA ASN A 615 7.37 -20.25 59.18
C ASN A 615 6.57 -21.52 58.96
N GLU A 616 5.99 -22.04 60.03
CA GLU A 616 5.23 -23.28 59.96
C GLU A 616 4.13 -23.22 58.92
N ARG A 617 3.15 -22.33 59.07
CA ARG A 617 2.06 -22.25 58.10
C ARG A 617 2.63 -22.19 56.69
N ILE A 618 3.73 -21.45 56.53
CA ILE A 618 4.42 -21.33 55.26
C ILE A 618 4.62 -22.74 54.70
N ASN A 619 5.29 -23.57 55.48
CA ASN A 619 5.53 -24.96 55.08
C ASN A 619 4.20 -25.63 54.80
N ASP A 620 3.26 -25.54 55.75
CA ASP A 620 1.92 -26.12 55.57
C ASP A 620 1.38 -25.66 54.23
N ALA A 621 1.50 -24.37 53.98
CA ALA A 621 1.03 -23.79 52.74
C ALA A 621 1.71 -24.42 51.53
N VAL A 622 2.99 -24.13 51.37
CA VAL A 622 3.78 -24.67 50.26
C VAL A 622 3.39 -26.11 49.96
N ALA A 623 3.72 -27.00 50.91
CA ALA A 623 3.45 -28.42 50.77
C ALA A 623 2.18 -28.68 49.98
N ILE A 624 1.10 -28.03 50.42
CA ILE A 624 -0.18 -28.18 49.76
C ILE A 624 -0.08 -27.80 48.30
N ILE A 625 0.09 -26.51 48.03
CA ILE A 625 0.16 -26.03 46.66
C ILE A 625 0.95 -26.92 45.71
N THR A 626 2.18 -27.27 46.07
CA THR A 626 3.00 -28.11 45.21
C THR A 626 2.25 -29.41 44.90
N ALA A 627 1.72 -30.03 45.95
CA ALA A 627 0.98 -31.27 45.78
C ALA A 627 -0.14 -30.95 44.80
N ALA A 628 -0.82 -29.85 45.08
CA ALA A 628 -1.91 -29.38 44.25
C ALA A 628 -1.59 -29.40 42.76
N ASN A 629 -0.34 -29.17 42.41
CA ASN A 629 -0.01 -29.16 40.99
C ASN A 629 0.26 -30.55 40.42
N ARG A 630 1.25 -31.24 40.95
CA ARG A 630 1.51 -32.58 40.45
C ARG A 630 0.28 -33.43 40.75
N LEU A 631 -0.88 -32.89 40.39
CA LEU A 631 -2.17 -33.53 40.57
C LEU A 631 -3.11 -33.09 39.46
N ASN A 632 -2.71 -32.06 38.72
CA ASN A 632 -3.52 -31.56 37.63
C ASN A 632 -4.92 -31.15 38.04
N LEU A 633 -5.06 -30.60 39.23
CA LEU A 633 -6.38 -30.16 39.68
C LEU A 633 -6.67 -28.76 39.18
N TYR A 634 -6.81 -28.66 37.86
CA TYR A 634 -7.11 -27.39 37.23
C TYR A 634 -8.48 -26.91 37.67
N GLN A 635 -9.06 -27.58 38.66
CA GLN A 635 -10.40 -27.21 39.14
C GLN A 635 -10.57 -26.92 40.63
N LYS A 636 -9.49 -26.82 41.39
CA LYS A 636 -9.62 -26.48 42.81
C LYS A 636 -9.04 -25.07 42.94
N LYS A 637 -9.67 -24.16 42.22
CA LYS A 637 -9.31 -22.77 42.20
C LYS A 637 -8.63 -22.38 43.50
N MET A 638 -7.39 -21.95 43.40
CA MET A 638 -6.66 -21.54 44.58
C MET A 638 -6.90 -20.06 44.84
N LYS A 639 -7.74 -19.82 45.85
CA LYS A 639 -8.16 -18.51 46.40
C LYS A 639 -8.53 -19.11 47.74
N ALA A 640 -8.29 -20.40 47.77
CA ALA A 640 -8.59 -21.29 48.85
C ALA A 640 -7.53 -21.32 49.93
N ILE A 641 -6.38 -21.83 49.55
CA ILE A 641 -5.27 -21.98 50.46
C ILE A 641 -4.87 -20.67 51.12
N VAL A 642 -4.62 -19.65 50.30
CA VAL A 642 -4.20 -18.34 50.77
C VAL A 642 -5.08 -17.92 51.93
N GLU A 643 -6.39 -17.98 51.71
CA GLU A 643 -7.33 -17.58 52.74
C GLU A 643 -6.98 -18.19 54.09
N ASP A 644 -7.08 -19.52 54.18
CA ASP A 644 -6.75 -20.22 55.42
C ASP A 644 -5.44 -19.71 56.02
N PHE A 645 -4.42 -19.73 55.18
CA PHE A 645 -3.09 -19.30 55.59
C PHE A 645 -3.13 -18.06 56.46
N LEU A 646 -3.48 -16.94 55.85
CA LEU A 646 -3.53 -15.65 56.53
C LEU A 646 -4.32 -15.72 57.82
N LYS A 647 -5.51 -16.32 57.74
CA LYS A 647 -6.36 -16.49 58.91
C LYS A 647 -5.58 -17.01 60.11
N ARG A 648 -5.00 -18.20 59.97
CA ARG A 648 -4.24 -18.83 61.05
C ARG A 648 -3.22 -17.91 61.68
N LEU A 649 -3.11 -16.72 61.10
CA LEU A 649 -2.23 -15.67 61.58
C LEU A 649 -3.17 -14.54 61.94
N HIS A 650 -3.81 -14.70 63.09
CA HIS A 650 -4.76 -13.75 63.62
C HIS A 650 -4.30 -12.32 63.32
N ILE A 651 -5.18 -11.36 63.61
CA ILE A 651 -4.91 -9.93 63.39
C ILE A 651 -5.57 -9.49 62.09
N PHE A 652 -5.41 -10.33 61.08
CA PHE A 652 -5.92 -9.99 59.77
C PHE A 652 -7.39 -10.25 59.48
N ASP A 653 -8.02 -9.18 59.01
CA ASP A 653 -9.42 -9.16 58.64
C ASP A 653 -9.54 -9.80 57.26
N VAL A 654 -9.32 -11.12 57.22
CA VAL A 654 -9.37 -11.87 55.97
C VAL A 654 -10.39 -11.35 54.97
N ALA A 655 -11.66 -11.53 55.28
CA ALA A 655 -12.73 -11.07 54.39
C ALA A 655 -12.42 -9.66 53.93
N ARG A 656 -11.92 -8.83 54.86
CA ARG A 656 -11.61 -7.44 54.56
C ARG A 656 -10.27 -7.21 53.86
N VAL A 657 -9.96 -8.08 52.90
CA VAL A 657 -8.76 -7.96 52.07
C VAL A 657 -9.04 -8.73 50.78
N PRO A 658 -8.94 -8.03 49.65
CA PRO A 658 -9.15 -8.36 48.24
C PRO A 658 -8.57 -9.69 47.79
N ASP A 659 -8.99 -10.09 46.59
CA ASP A 659 -8.51 -11.33 46.00
C ASP A 659 -7.11 -11.07 45.43
N ASP A 660 -6.84 -9.83 45.03
CA ASP A 660 -5.54 -9.48 44.46
C ASP A 660 -4.37 -9.98 45.27
N GLN A 661 -3.64 -9.05 45.90
CA GLN A 661 -2.51 -9.38 46.77
C GLN A 661 -2.48 -10.90 46.98
N MET A 662 -3.63 -11.47 47.35
CA MET A 662 -3.74 -12.91 47.57
C MET A 662 -3.05 -13.74 46.48
N TYR A 663 -3.46 -13.56 45.24
CA TYR A 663 -2.84 -14.32 44.16
C TYR A 663 -1.33 -14.07 44.14
N ARG A 664 -0.93 -12.80 44.05
CA ARG A 664 0.49 -12.46 44.03
C ARG A 664 1.19 -13.24 45.14
N LEU A 665 0.44 -13.50 46.21
CA LEU A 665 0.95 -14.25 47.34
C LEU A 665 1.30 -15.67 46.93
N ARG A 666 0.43 -16.26 46.13
CA ARG A 666 0.66 -17.61 45.64
C ARG A 666 1.91 -17.55 44.77
N ASP A 667 1.89 -16.66 43.78
CA ASP A 667 2.99 -16.51 42.85
C ASP A 667 4.35 -16.62 43.55
N ARG A 668 4.48 -16.05 44.74
CA ARG A 668 5.74 -16.12 45.48
C ARG A 668 5.92 -17.47 46.19
N LEU A 669 4.85 -17.97 46.78
CA LEU A 669 4.90 -19.24 47.48
C LEU A 669 5.33 -20.38 46.58
N ARG A 670 4.74 -20.43 45.38
CA ARG A 670 5.03 -21.46 44.38
C ARG A 670 6.52 -21.69 44.16
N LEU A 671 7.33 -20.63 44.30
CA LEU A 671 8.77 -20.72 44.11
C LEU A 671 9.55 -21.11 45.36
N LEU A 672 8.86 -21.70 46.34
CA LEU A 672 9.55 -22.09 47.56
C LEU A 672 9.69 -23.59 47.76
N PRO A 673 10.74 -23.99 48.46
CA PRO A 673 10.95 -25.42 48.71
C PRO A 673 9.90 -25.92 49.69
N VAL A 674 10.06 -27.15 50.14
CA VAL A 674 9.13 -27.74 51.09
C VAL A 674 9.96 -28.22 52.27
N GLU A 675 9.40 -28.31 53.47
CA GLU A 675 10.22 -28.81 54.57
C GLU A 675 10.32 -30.31 54.44
N VAL A 676 11.56 -30.80 54.41
CA VAL A 676 11.83 -32.21 54.28
C VAL A 676 10.68 -33.04 54.84
N ARG A 677 10.31 -32.77 56.09
CA ARG A 677 9.21 -33.46 56.74
C ARG A 677 8.05 -33.54 55.76
N ARG A 678 7.40 -32.39 55.54
CA ARG A 678 6.26 -32.27 54.64
C ARG A 678 6.54 -33.07 53.37
N LEU A 679 7.46 -32.56 52.56
CA LEU A 679 7.84 -33.19 51.30
C LEU A 679 8.00 -34.71 51.43
N ASP A 680 8.98 -35.13 52.22
CA ASP A 680 9.27 -36.56 52.39
C ASP A 680 8.06 -37.45 52.52
N ILE A 681 6.92 -36.89 52.89
CA ILE A 681 5.76 -37.71 53.06
C ILE A 681 4.96 -37.87 51.77
N PHE A 682 4.79 -36.76 51.05
CA PHE A 682 4.06 -36.74 49.79
C PHE A 682 4.66 -37.73 48.78
N ASN A 683 5.98 -37.78 48.76
CA ASN A 683 6.70 -38.68 47.86
C ASN A 683 6.22 -40.08 48.14
N LEU A 684 6.01 -40.34 49.43
CA LEU A 684 5.57 -41.63 49.91
C LEU A 684 4.19 -41.98 49.40
N ILE A 685 3.27 -41.04 49.57
CA ILE A 685 1.90 -41.24 49.16
C ILE A 685 1.76 -41.52 47.67
N LEU A 686 2.43 -40.71 46.86
CA LEU A 686 2.37 -40.88 45.43
C LEU A 686 2.91 -42.23 44.99
N MET A 687 4.21 -42.38 45.24
CA MET A 687 4.98 -43.56 44.89
C MET A 687 4.19 -44.85 44.84
N ASN A 688 3.27 -45.03 45.78
CA ASN A 688 2.46 -46.24 45.84
C ASN A 688 1.04 -46.03 45.33
N MET A 689 0.55 -44.80 45.50
CA MET A 689 -0.78 -44.39 45.06
C MET A 689 -1.48 -45.43 44.20
N ASP A 690 -0.87 -45.73 43.06
CA ASP A 690 -1.39 -46.73 42.13
C ASP A 690 -1.85 -47.95 42.90
N GLN A 691 -0.89 -48.62 43.53
CA GLN A 691 -1.15 -49.83 44.29
C GLN A 691 -2.43 -49.78 45.13
N ILE A 692 -2.67 -48.67 45.79
CA ILE A 692 -3.85 -48.53 46.63
C ILE A 692 -5.10 -48.66 45.79
N GLU A 693 -5.25 -47.66 44.94
CA GLU A 693 -6.36 -47.54 44.04
C GLU A 693 -6.75 -48.86 43.39
N ARG A 694 -5.83 -49.39 42.57
CA ARG A 694 -6.03 -50.64 41.82
C ARG A 694 -6.57 -51.75 42.71
N ALA A 695 -6.01 -51.90 43.90
CA ALA A 695 -6.48 -52.92 44.83
C ALA A 695 -7.78 -52.35 45.36
N SER A 696 -8.37 -52.97 46.39
CA SER A 696 -9.63 -52.46 46.93
C SER A 696 -10.77 -52.52 45.93
N ASP A 697 -11.93 -52.94 46.41
CA ASP A 697 -13.12 -53.04 45.56
C ASP A 697 -13.74 -51.68 45.33
N LYS A 698 -15.05 -51.69 45.06
CA LYS A 698 -15.84 -50.49 44.81
C LYS A 698 -15.42 -49.78 43.53
N ILE A 699 -14.33 -50.24 42.92
CA ILE A 699 -13.84 -49.59 41.71
C ILE A 699 -13.12 -50.57 40.79
N ALA A 700 -12.34 -50.04 39.85
CA ALA A 700 -11.60 -50.88 38.92
C ALA A 700 -10.43 -50.16 38.27
N GLN A 701 -10.70 -49.49 37.14
CA GLN A 701 -9.66 -48.76 36.41
C GLN A 701 -10.13 -48.45 34.99
N GLY A 702 -10.56 -49.50 34.29
CA GLY A 702 -11.04 -49.36 32.93
C GLY A 702 -11.50 -50.67 32.30
N VAL A 703 -12.18 -50.60 31.15
CA VAL A 703 -12.67 -51.79 30.45
C VAL A 703 -12.34 -51.83 28.96
N ILE A 704 -12.07 -53.04 28.46
CA ILE A 704 -11.73 -53.25 27.06
C ILE A 704 -12.87 -53.92 26.32
N ILE A 705 -13.08 -53.53 25.07
CA ILE A 705 -14.16 -54.11 24.27
C ILE A 705 -13.68 -54.80 22.99
N ALA A 706 -13.10 -55.99 23.13
CA ALA A 706 -12.63 -56.72 21.96
C ALA A 706 -13.78 -57.57 21.47
N TYR A 707 -14.29 -57.25 20.29
CA TYR A 707 -15.38 -58.01 19.76
C TYR A 707 -14.81 -59.36 19.32
N ARG A 708 -14.09 -60.01 20.22
CA ARG A 708 -13.52 -61.32 19.93
C ARG A 708 -13.47 -62.20 21.17
N ASP A 709 -14.19 -63.33 21.11
CA ASP A 709 -14.26 -64.31 22.19
C ASP A 709 -12.89 -64.47 22.82
N MET A 710 -12.83 -64.78 24.11
CA MET A 710 -11.54 -64.98 24.76
C MET A 710 -11.52 -65.47 26.20
N GLN A 711 -10.38 -66.07 26.55
CA GLN A 711 -10.13 -66.65 27.86
C GLN A 711 -10.13 -65.68 29.03
N LEU A 712 -10.10 -66.25 30.21
CA LEU A 712 -10.11 -65.49 31.45
C LEU A 712 -9.06 -66.05 32.42
N GLU A 713 -8.32 -65.16 33.08
CA GLU A 713 -7.30 -65.58 34.04
C GLU A 713 -7.98 -66.46 35.09
N ARG A 714 -7.21 -67.34 35.74
CA ARG A 714 -7.75 -68.27 36.74
C ARG A 714 -7.40 -67.94 38.19
N ASP A 715 -6.87 -66.74 38.44
CA ASP A 715 -6.48 -66.30 39.78
C ASP A 715 -7.20 -67.01 40.93
N GLU A 716 -6.47 -67.28 42.01
CA GLU A 716 -7.01 -67.99 43.17
C GLU A 716 -8.12 -67.25 43.93
N MET A 717 -7.95 -65.94 44.11
CA MET A 717 -8.94 -65.16 44.84
C MET A 717 -10.34 -65.38 44.30
N TYR A 718 -10.56 -64.98 43.06
CA TYR A 718 -11.86 -65.16 42.43
C TYR A 718 -11.74 -66.45 41.62
N GLY A 719 -12.84 -66.91 41.03
CA GLY A 719 -12.77 -68.10 40.19
C GLY A 719 -12.25 -67.50 38.90
N TYR A 720 -12.24 -68.18 37.76
CA TYR A 720 -11.72 -67.47 36.59
C TYR A 720 -12.69 -66.48 35.97
N VAL A 721 -12.28 -65.20 35.97
CA VAL A 721 -13.09 -64.09 35.50
C VAL A 721 -12.48 -63.17 34.43
N ASN A 722 -13.17 -62.05 34.19
CA ASN A 722 -12.80 -61.02 33.21
C ASN A 722 -11.76 -60.01 33.67
N ILE A 723 -10.48 -60.34 33.58
CA ILE A 723 -9.45 -59.39 34.00
C ILE A 723 -8.20 -59.38 33.12
N ALA A 724 -7.48 -58.26 33.16
CA ALA A 724 -6.24 -58.09 32.40
C ALA A 724 -5.47 -56.97 33.07
N ARG A 725 -4.42 -57.32 33.78
CA ARG A 725 -3.66 -56.32 34.47
C ARG A 725 -2.74 -55.56 33.50
N ASN A 726 -2.78 -55.90 32.21
CA ASN A 726 -1.89 -55.24 31.25
C ASN A 726 -2.45 -54.49 30.04
N LEU A 727 -3.66 -54.80 29.61
CA LEU A 727 -4.22 -54.09 28.45
C LEU A 727 -3.21 -53.91 27.32
N ASP A 728 -2.43 -54.95 27.05
CA ASP A 728 -1.44 -54.87 25.99
C ASP A 728 -2.08 -54.69 24.63
N GLY A 729 -1.82 -53.54 24.01
CA GLY A 729 -2.38 -53.26 22.71
C GLY A 729 -3.64 -52.42 22.77
N PHE A 730 -4.36 -52.40 21.66
CA PHE A 730 -5.60 -51.63 21.52
C PHE A 730 -5.34 -50.16 21.81
N GLN A 731 -6.28 -49.31 21.42
CA GLN A 731 -6.13 -47.88 21.68
C GLN A 731 -6.78 -47.56 23.02
N GLN A 732 -6.67 -46.31 23.45
CA GLN A 732 -7.25 -45.90 24.73
C GLN A 732 -7.91 -44.53 24.60
N ILE A 733 -8.59 -44.10 25.66
CA ILE A 733 -9.26 -42.79 25.70
C ILE A 733 -9.57 -42.37 27.13
N ASN A 734 -8.82 -41.39 27.63
CA ASN A 734 -9.01 -40.91 28.98
C ASN A 734 -10.42 -40.38 29.11
N LEU A 735 -11.11 -40.85 30.13
CA LEU A 735 -12.47 -40.42 30.37
C LEU A 735 -12.40 -39.03 30.97
N GLU A 736 -11.46 -38.83 31.87
CA GLU A 736 -11.32 -37.53 32.49
C GLU A 736 -11.22 -36.49 31.38
N GLU A 737 -10.38 -36.76 30.37
CA GLU A 737 -10.24 -35.82 29.28
C GLU A 737 -11.40 -35.94 28.31
N LEU A 738 -12.40 -36.74 28.66
CA LEU A 738 -13.55 -36.88 27.79
C LEU A 738 -14.67 -35.96 28.29
N MET A 739 -15.32 -36.33 29.39
CA MET A 739 -16.39 -35.52 29.94
C MET A 739 -15.95 -34.07 30.13
N ARG A 740 -14.70 -33.81 29.78
CA ARG A 740 -14.12 -32.48 29.86
C ARG A 740 -14.18 -31.90 28.44
N THR A 741 -13.64 -32.66 27.48
CA THR A 741 -13.58 -32.26 26.06
C THR A 741 -14.93 -32.19 25.37
N GLY A 742 -15.96 -32.71 26.01
CA GLY A 742 -17.29 -32.70 25.41
C GLY A 742 -17.48 -33.81 24.41
N ASP A 743 -16.71 -34.89 24.55
CA ASP A 743 -16.79 -36.04 23.67
C ASP A 743 -16.86 -35.65 22.21
N TYR A 744 -15.82 -35.96 21.45
CA TYR A 744 -15.84 -35.61 20.05
C TYR A 744 -16.43 -36.67 19.14
N ALA A 745 -17.57 -37.23 19.53
CA ALA A 745 -18.25 -38.26 18.75
C ALA A 745 -17.23 -39.28 18.23
N GLN A 746 -16.02 -39.21 18.75
CA GLN A 746 -14.97 -40.12 18.36
C GLN A 746 -15.43 -41.46 18.87
N ILE A 747 -15.71 -41.47 20.17
CA ILE A 747 -16.20 -42.65 20.85
C ILE A 747 -17.51 -43.07 20.20
N THR A 748 -18.39 -42.10 20.01
CA THR A 748 -19.70 -42.32 19.41
C THR A 748 -19.58 -43.13 18.14
N ASN A 749 -18.59 -42.80 17.33
CA ASN A 749 -18.37 -43.48 16.06
C ASN A 749 -17.85 -44.90 16.26
N MET A 750 -16.77 -45.02 17.02
CA MET A 750 -16.19 -46.33 17.27
C MET A 750 -17.19 -47.31 17.86
N LEU A 751 -18.01 -46.83 18.77
CA LEU A 751 -19.00 -47.70 19.37
C LEU A 751 -19.99 -48.12 18.28
N LEU A 752 -20.45 -47.14 17.51
CA LEU A 752 -21.43 -47.38 16.44
C LEU A 752 -20.92 -48.41 15.44
N ASN A 753 -19.66 -48.22 14.99
CA ASN A 753 -18.99 -49.06 14.00
C ASN A 753 -18.36 -50.34 14.53
N ASN A 754 -18.37 -50.52 15.83
CA ASN A 754 -17.81 -51.73 16.43
C ASN A 754 -16.36 -51.95 16.04
N GLN A 755 -15.48 -51.34 16.82
CA GLN A 755 -14.03 -51.47 16.62
C GLN A 755 -13.40 -51.71 17.97
N PRO A 756 -12.47 -52.67 18.06
CA PRO A 756 -11.77 -53.03 19.29
C PRO A 756 -11.07 -51.83 19.95
N VAL A 757 -11.51 -51.51 21.16
CA VAL A 757 -10.96 -50.37 21.93
C VAL A 757 -11.10 -50.48 23.46
N ALA A 758 -10.45 -49.56 24.18
CA ALA A 758 -10.46 -49.52 25.66
C ALA A 758 -10.73 -48.14 26.26
N LEU A 759 -10.93 -48.09 27.58
CA LEU A 759 -11.23 -46.85 28.31
C LEU A 759 -10.43 -46.78 29.60
N VAL A 760 -10.22 -45.58 30.15
CA VAL A 760 -9.41 -45.47 31.37
C VAL A 760 -9.91 -44.55 32.47
N GLY A 761 -9.63 -44.90 33.72
CA GLY A 761 -10.03 -44.05 34.83
C GLY A 761 -10.79 -44.68 35.97
N ALA A 762 -11.51 -43.83 36.71
CA ALA A 762 -12.31 -44.26 37.85
C ALA A 762 -13.55 -44.99 37.35
N LEU A 763 -13.80 -46.19 37.87
CA LEU A 763 -14.95 -46.96 37.42
C LEU A 763 -15.69 -47.88 38.39
N PRO A 764 -17.00 -48.01 38.18
CA PRO A 764 -17.93 -48.83 38.96
C PRO A 764 -18.03 -50.24 38.42
N PHE A 765 -17.50 -51.21 39.16
CA PHE A 765 -17.56 -52.59 38.71
C PHE A 765 -18.93 -53.17 39.08
N VAL A 766 -19.30 -54.30 38.49
CA VAL A 766 -20.57 -54.95 38.79
C VAL A 766 -20.42 -56.46 38.65
N THR A 767 -20.53 -57.14 39.79
CA THR A 767 -20.39 -58.59 39.87
C THR A 767 -21.66 -59.38 39.54
N ASP A 768 -21.54 -60.39 38.69
CA ASP A 768 -22.68 -61.25 38.30
C ASP A 768 -22.25 -62.71 38.47
N SER A 769 -23.23 -63.61 38.61
CA SER A 769 -22.94 -65.02 38.82
C SER A 769 -23.50 -65.96 37.74
N SER A 770 -24.76 -66.37 37.93
CA SER A 770 -25.45 -67.27 37.01
C SER A 770 -24.83 -67.29 35.63
N VAL A 771 -23.80 -68.11 35.50
CA VAL A 771 -23.10 -68.28 34.23
C VAL A 771 -23.87 -67.64 33.10
N ILE A 772 -25.01 -68.25 32.80
CA ILE A 772 -25.93 -67.82 31.77
C ILE A 772 -25.51 -66.48 31.20
N SER A 773 -25.75 -65.46 32.02
CA SER A 773 -25.43 -64.09 31.69
C SER A 773 -24.28 -64.01 30.70
N LEU A 774 -23.24 -64.79 30.96
CA LEU A 774 -22.07 -64.83 30.11
C LEU A 774 -22.33 -65.32 28.68
N ILE A 775 -22.94 -66.49 28.56
CA ILE A 775 -23.22 -67.08 27.26
C ILE A 775 -24.06 -66.15 26.39
N ALA A 776 -25.06 -65.54 27.04
CA ALA A 776 -25.94 -64.60 26.37
C ALA A 776 -25.08 -63.41 25.98
N LYS A 777 -23.83 -63.45 26.42
CA LYS A 777 -22.85 -62.41 26.11
C LYS A 777 -23.37 -61.05 26.62
N LEU A 778 -24.12 -61.06 27.72
CA LEU A 778 -24.68 -59.83 28.29
C LEU A 778 -23.82 -58.57 28.25
N ASP A 779 -22.55 -58.70 28.63
CA ASP A 779 -21.67 -57.54 28.67
C ASP A 779 -21.58 -56.66 27.43
N ALA A 780 -22.10 -57.12 26.30
CA ALA A 780 -22.04 -56.32 25.08
C ALA A 780 -23.12 -55.25 25.11
N THR A 781 -24.00 -55.34 26.11
CA THR A 781 -25.08 -54.39 26.26
C THR A 781 -24.49 -53.07 26.74
N VAL A 782 -24.83 -52.71 27.98
CA VAL A 782 -24.36 -51.48 28.63
C VAL A 782 -23.86 -50.40 27.70
N PHE A 783 -22.75 -50.71 27.05
CA PHE A 783 -22.11 -49.81 26.11
C PHE A 783 -23.11 -49.05 25.23
N ALA A 784 -24.22 -49.66 24.91
CA ALA A 784 -25.23 -48.99 24.09
C ALA A 784 -25.49 -47.58 24.67
N GLN A 785 -26.11 -47.53 25.85
CA GLN A 785 -26.43 -46.28 26.54
C GLN A 785 -25.75 -45.11 25.84
N ILE A 786 -24.55 -44.84 26.32
CA ILE A 786 -23.67 -43.81 25.81
C ILE A 786 -24.20 -43.05 24.62
N VAL A 787 -24.31 -43.75 23.51
CA VAL A 787 -24.80 -43.17 22.28
C VAL A 787 -25.88 -42.12 22.48
N LYS A 788 -26.79 -42.38 23.42
CA LYS A 788 -27.88 -41.45 23.71
C LYS A 788 -27.41 -40.33 24.64
N LEU A 789 -26.40 -40.62 25.47
CA LEU A 789 -25.86 -39.62 26.40
C LEU A 789 -24.36 -39.37 26.25
N ARG A 790 -24.03 -38.27 25.58
CA ARG A 790 -22.65 -37.87 25.32
C ARG A 790 -21.69 -38.19 26.47
N LYS A 791 -22.15 -37.88 27.68
CA LYS A 791 -21.37 -38.10 28.90
C LYS A 791 -21.73 -39.44 29.53
N VAL A 792 -20.79 -40.00 30.29
CA VAL A 792 -21.02 -41.30 30.89
C VAL A 792 -20.51 -41.54 32.29
N ASP A 793 -21.38 -42.12 33.09
CA ASP A 793 -21.11 -42.46 34.46
C ASP A 793 -22.15 -43.54 34.62
N THR A 794 -23.16 -43.44 33.77
CA THR A 794 -24.27 -44.39 33.73
C THR A 794 -23.67 -45.69 33.26
N LEU A 795 -22.35 -45.69 33.14
CA LEU A 795 -21.67 -46.87 32.68
C LEU A 795 -21.17 -47.73 33.83
N LYS A 796 -21.93 -48.79 34.09
CA LYS A 796 -21.62 -49.75 35.13
C LYS A 796 -21.16 -50.99 34.37
N PRO A 797 -19.84 -51.14 34.17
CA PRO A 797 -19.18 -52.24 33.46
C PRO A 797 -19.45 -53.61 34.08
N ILE A 798 -19.28 -54.66 33.31
CA ILE A 798 -19.56 -56.00 33.82
C ILE A 798 -18.40 -56.89 34.18
N LEU A 799 -18.59 -57.63 35.27
CA LEU A 799 -17.59 -58.56 35.76
C LEU A 799 -18.27 -59.89 36.02
N TYR A 800 -17.51 -60.98 35.98
CA TYR A 800 -18.12 -62.29 36.20
C TYR A 800 -17.47 -63.21 37.23
N LYS A 801 -17.61 -62.93 38.53
CA LYS A 801 -17.03 -63.81 39.55
C LYS A 801 -17.63 -65.18 39.25
N ILE A 802 -16.81 -66.11 38.76
CA ILE A 802 -17.37 -67.40 38.43
C ILE A 802 -16.57 -68.60 38.92
N ASN A 803 -17.27 -69.43 39.68
CA ASN A 803 -16.79 -70.66 40.27
C ASN A 803 -18.07 -71.46 40.47
N SER A 804 -18.32 -72.44 39.59
CA SER A 804 -19.55 -73.24 39.68
C SER A 804 -19.78 -73.78 41.08
N ASP A 805 -18.85 -73.47 41.97
CA ASP A 805 -18.95 -73.88 43.37
C ASP A 805 -20.08 -73.05 44.00
N SER A 806 -19.92 -71.73 43.97
CA SER A 806 -20.91 -70.83 44.54
C SER A 806 -21.96 -70.39 43.52
N ASN A 807 -21.68 -70.55 42.22
CA ASN A 807 -22.65 -70.17 41.18
C ASN A 807 -23.60 -71.32 40.87
N ASP A 808 -24.72 -71.36 41.57
CA ASP A 808 -25.74 -72.41 41.43
C ASP A 808 -25.87 -73.01 40.03
N PHE A 809 -25.34 -72.33 39.02
CA PHE A 809 -25.37 -72.86 37.67
C PHE A 809 -24.00 -73.38 37.25
N TYR A 810 -23.70 -74.57 37.76
CA TYR A 810 -22.47 -75.33 37.57
C TYR A 810 -22.58 -76.18 36.33
N LEU A 811 -23.82 -76.51 36.01
CA LEU A 811 -24.21 -77.34 34.88
C LEU A 811 -23.18 -77.31 33.77
N VAL A 812 -22.52 -76.16 33.61
CA VAL A 812 -21.53 -76.00 32.56
C VAL A 812 -20.08 -76.33 32.90
N ALA A 813 -19.66 -76.04 34.13
CA ALA A 813 -18.29 -76.36 34.49
C ALA A 813 -18.15 -77.86 34.20
N ASN A 814 -19.30 -78.54 34.29
CA ASN A 814 -19.47 -79.98 34.06
C ASN A 814 -18.71 -80.51 32.82
N TYR A 815 -19.41 -80.66 31.69
CA TYR A 815 -18.82 -81.15 30.43
C TYR A 815 -17.32 -81.08 30.45
N ASP A 816 -16.87 -79.85 30.25
CA ASP A 816 -15.48 -79.49 30.20
C ASP A 816 -15.58 -78.09 29.65
N TRP A 817 -14.73 -77.18 30.11
CA TRP A 817 -14.83 -75.86 29.55
C TRP A 817 -13.73 -74.84 29.76
N VAL A 818 -13.95 -73.69 29.13
CA VAL A 818 -13.06 -72.54 29.15
C VAL A 818 -13.91 -71.29 28.86
N PRO A 819 -14.01 -70.35 29.82
CA PRO A 819 -14.75 -69.07 29.81
C PRO A 819 -14.54 -68.09 28.65
N THR A 820 -15.48 -68.09 27.70
CA THR A 820 -15.43 -67.22 26.51
C THR A 820 -16.13 -65.89 26.72
N SER A 821 -15.37 -64.86 27.02
CA SER A 821 -15.95 -63.57 27.22
C SER A 821 -15.55 -62.60 26.13
N THR A 822 -16.24 -61.48 26.12
CA THR A 822 -15.97 -60.41 25.19
C THR A 822 -15.90 -59.21 26.09
N THR A 823 -14.69 -58.72 26.37
CA THR A 823 -14.46 -57.53 27.22
C THR A 823 -14.17 -57.75 28.70
N LYS A 824 -12.89 -57.85 29.06
CA LYS A 824 -12.53 -58.04 30.46
C LYS A 824 -12.25 -56.71 31.16
N VAL A 825 -11.63 -56.75 32.34
CA VAL A 825 -11.39 -55.52 33.11
C VAL A 825 -10.02 -55.21 33.72
N TYR A 826 -9.62 -53.95 33.60
CA TYR A 826 -8.35 -53.47 34.14
C TYR A 826 -8.54 -53.27 35.62
N LYS A 827 -7.80 -54.04 36.39
CA LYS A 827 -7.86 -53.98 37.84
C LYS A 827 -6.85 -55.02 38.29
N GLN A 828 -5.79 -54.57 38.95
CA GLN A 828 -4.78 -55.48 39.44
C GLN A 828 -5.46 -56.48 40.37
N VAL A 829 -4.70 -57.02 41.30
CA VAL A 829 -5.29 -57.96 42.21
C VAL A 829 -4.67 -57.88 43.60
N PRO A 830 -5.52 -57.93 44.63
CA PRO A 830 -5.09 -57.86 46.04
C PRO A 830 -4.01 -58.88 46.36
N GLN A 831 -2.78 -58.42 46.56
CA GLN A 831 -1.69 -59.34 46.88
C GLN A 831 -2.17 -60.29 47.96
N GLN A 832 -1.50 -61.43 48.09
CA GLN A 832 -1.89 -62.37 49.13
C GLN A 832 -1.21 -62.00 50.44
N PHE A 833 -1.14 -62.92 51.39
CA PHE A 833 -0.54 -62.60 52.68
C PHE A 833 0.46 -63.60 53.30
N ASP A 834 1.74 -63.29 53.11
CA ASP A 834 2.89 -64.07 53.60
C ASP A 834 3.23 -63.49 54.97
N PHE A 835 2.51 -63.91 55.99
CA PHE A 835 2.70 -63.43 57.36
C PHE A 835 4.15 -63.27 57.83
N ARG A 836 4.87 -64.39 57.85
CA ARG A 836 6.27 -64.43 58.27
C ARG A 836 7.01 -63.17 57.84
N ASN A 837 7.10 -62.95 56.53
CA ASN A 837 7.76 -61.79 55.98
C ASN A 837 6.85 -60.55 55.98
N SER A 838 5.57 -60.76 56.27
CA SER A 838 4.63 -59.65 56.26
C SER A 838 4.76 -58.83 57.54
N MET A 839 5.62 -59.27 58.44
CA MET A 839 5.84 -58.57 59.69
C MET A 839 7.11 -57.71 59.61
N HIS A 840 7.26 -56.81 60.57
CA HIS A 840 8.43 -55.92 60.65
C HIS A 840 8.81 -55.66 62.11
N MET A 841 9.98 -55.11 62.33
CA MET A 841 10.40 -54.85 63.71
C MET A 841 10.58 -53.36 63.99
N LEU A 842 10.40 -52.97 65.24
CA LEU A 842 10.50 -51.57 65.61
C LEU A 842 11.39 -51.13 66.75
N THR A 843 11.85 -49.91 66.60
CA THR A 843 12.72 -49.29 67.55
C THR A 843 12.12 -47.93 67.90
N SER A 844 12.46 -47.41 69.07
CA SER A 844 11.99 -46.11 69.53
C SER A 844 12.71 -45.88 70.86
N ASN A 845 12.21 -44.97 71.69
CA ASN A 845 12.88 -44.72 72.96
C ASN A 845 12.04 -45.07 74.19
N LEU A 846 12.61 -44.86 75.37
CA LEU A 846 11.91 -45.13 76.62
C LEU A 846 11.87 -43.96 77.58
N THR A 847 10.72 -43.79 78.23
CA THR A 847 10.53 -42.71 79.18
C THR A 847 11.25 -41.43 78.73
N PHE A 848 10.53 -40.65 77.94
CA PHE A 848 10.99 -39.38 77.41
C PHE A 848 10.61 -38.32 78.44
N THR A 849 10.54 -37.08 77.99
CA THR A 849 10.16 -35.96 78.84
C THR A 849 10.19 -34.71 77.97
N VAL A 850 9.02 -34.33 77.49
CA VAL A 850 8.85 -33.17 76.63
C VAL A 850 8.61 -31.92 77.45
N TYR A 851 9.16 -30.80 77.02
CA TYR A 851 8.95 -29.56 77.76
C TYR A 851 8.57 -28.40 76.85
N SER A 852 7.52 -27.68 77.22
CA SER A 852 7.04 -26.55 76.43
C SER A 852 7.47 -25.23 77.09
N ASP A 853 7.65 -24.19 76.27
CA ASP A 853 8.05 -22.87 76.74
C ASP A 853 9.53 -22.75 77.08
N LEU A 854 9.90 -23.24 78.26
CA LEU A 854 11.27 -23.22 78.77
C LEU A 854 11.51 -22.02 79.69
N LEU A 855 12.45 -21.16 79.30
CA LEU A 855 12.80 -19.96 80.04
C LEU A 855 12.50 -20.09 81.53
N ALA A 856 11.26 -19.76 81.90
CA ALA A 856 10.77 -19.81 83.27
C ALA A 856 11.82 -20.13 84.32
N PHE A 857 12.59 -21.18 84.08
CA PHE A 857 13.66 -21.63 84.97
C PHE A 857 14.70 -20.60 85.39
N VAL A 858 14.31 -19.34 85.58
CA VAL A 858 15.29 -18.34 86.00
C VAL A 858 14.76 -17.20 86.87
N SER A 859 15.46 -16.93 87.97
CA SER A 859 15.07 -15.84 88.86
C SER A 859 15.91 -14.66 88.38
N ALA A 860 15.45 -14.06 87.28
CA ALA A 860 16.14 -12.92 86.70
C ALA A 860 16.06 -11.74 87.64
N ASP A 861 17.22 -11.30 88.13
CA ASP A 861 17.28 -10.18 89.05
C ASP A 861 18.01 -9.02 88.38
N THR A 862 17.91 -7.85 88.99
CA THR A 862 18.53 -6.67 88.42
C THR A 862 19.38 -5.90 89.41
N VAL A 863 20.38 -5.20 88.91
CA VAL A 863 21.27 -4.40 89.74
C VAL A 863 20.46 -3.22 90.28
N GLU A 864 21.08 -2.38 91.09
CA GLU A 864 20.38 -1.20 91.59
C GLU A 864 20.46 -0.21 90.44
N PRO A 865 19.33 0.40 90.04
CA PRO A 865 19.27 1.36 88.93
C PRO A 865 20.37 2.40 88.90
N ILE A 866 20.52 3.12 90.01
CA ILE A 866 21.49 4.19 90.14
C ILE A 866 22.88 3.97 89.53
N ASN A 867 23.19 2.73 89.15
CA ASN A 867 24.47 2.49 88.52
C ASN A 867 24.38 1.37 87.47
N ALA A 868 23.80 1.72 86.32
CA ALA A 868 23.64 0.80 85.20
C ALA A 868 24.70 1.12 84.14
N VAL A 869 24.81 0.28 83.12
CA VAL A 869 25.83 0.52 82.10
C VAL A 869 25.37 0.25 80.66
N ALA A 870 25.96 0.95 79.70
CA ALA A 870 25.62 0.79 78.27
C ALA A 870 26.79 0.22 77.46
N PHE A 871 26.73 0.26 76.13
CA PHE A 871 27.86 -0.28 75.38
C PHE A 871 29.10 0.60 75.46
N ASP A 872 29.30 1.22 76.62
CA ASP A 872 30.46 2.07 76.83
C ASP A 872 31.00 1.90 78.25
N ASN A 873 30.43 0.96 79.00
CA ASN A 873 30.85 0.68 80.37
C ASN A 873 30.89 1.92 81.27
N MET A 874 29.90 2.79 81.10
CA MET A 874 29.76 4.03 81.87
C MET A 874 28.41 4.14 82.60
N ARG A 875 28.47 4.78 83.75
CA ARG A 875 27.29 4.98 84.59
C ARG A 875 26.23 5.76 83.82
N ILE A 876 25.15 5.07 83.45
CA ILE A 876 24.05 5.71 82.76
C ILE A 876 23.32 6.50 83.84
N MET A 877 23.23 7.82 83.68
CA MET A 877 22.57 8.70 84.65
C MET A 877 23.53 9.06 85.79
N ASN A 878 24.44 10.01 85.56
CA ASN A 878 25.38 10.39 86.62
C ASN A 878 25.25 11.84 87.05
N GLU A 879 24.62 12.67 86.23
CA GLU A 879 24.41 14.07 86.57
C GLU A 879 23.29 14.13 87.60
N LEU A 880 23.56 14.79 88.73
CA LEU A 880 22.61 14.87 89.83
C LEU A 880 21.57 15.98 89.72
N GLN B 71 -21.71 30.03 43.96
CA GLN B 71 -23.17 30.03 44.01
C GLN B 71 -23.63 30.11 42.59
N LEU B 72 -22.89 30.93 41.90
CA LEU B 72 -23.04 31.19 40.49
C LEU B 72 -22.80 29.85 39.70
N LEU B 73 -21.71 29.11 40.00
CA LEU B 73 -21.33 27.82 39.33
C LEU B 73 -22.35 26.64 39.48
N GLU B 74 -23.61 26.95 39.83
CA GLU B 74 -24.72 25.98 40.01
C GLU B 74 -26.13 26.54 39.61
N VAL B 75 -26.22 27.86 39.30
CA VAL B 75 -27.45 28.57 38.82
C VAL B 75 -27.16 28.65 37.29
N LEU B 76 -25.98 28.11 36.93
CA LEU B 76 -25.39 28.03 35.57
C LEU B 76 -24.93 26.61 35.17
N LYS B 77 -25.70 25.61 35.57
CA LYS B 77 -25.48 24.19 35.26
C LYS B 77 -26.94 23.73 35.15
N THR B 78 -27.84 24.74 35.20
CA THR B 78 -29.33 24.66 35.11
C THR B 78 -29.84 25.62 33.99
N LYS B 79 -29.13 26.72 33.77
CA LYS B 79 -29.49 27.69 32.71
C LYS B 79 -28.64 27.27 31.50
N GLU B 80 -27.85 26.21 31.72
CA GLU B 80 -26.95 25.61 30.71
C GLU B 80 -27.18 24.08 30.64
N GLU B 81 -28.47 23.71 30.75
CA GLU B 81 -29.00 22.33 30.68
C GLU B 81 -30.47 22.57 30.30
N HIS B 82 -30.62 23.61 29.48
CA HIS B 82 -31.86 24.10 28.88
C HIS B 82 -31.28 24.43 27.50
N GLN B 83 -30.29 25.31 27.49
CA GLN B 83 -29.64 25.69 26.26
C GLN B 83 -29.08 24.39 25.68
N LYS B 84 -28.28 23.70 26.48
CA LYS B 84 -27.67 22.43 26.10
C LYS B 84 -28.77 21.46 25.69
N GLU B 85 -29.85 21.42 26.46
CA GLU B 85 -30.97 20.53 26.16
C GLU B 85 -31.60 20.84 24.82
N ILE B 86 -32.47 21.86 24.79
CA ILE B 86 -33.16 22.24 23.56
C ILE B 86 -32.37 21.92 22.30
N GLN B 87 -31.09 22.28 22.29
CA GLN B 87 -30.27 22.02 21.13
C GLN B 87 -29.92 20.54 20.96
N TYR B 88 -29.39 19.90 22.01
CA TYR B 88 -29.03 18.47 21.94
C TYR B 88 -30.25 17.71 21.40
N GLU B 89 -31.41 18.36 21.46
CA GLU B 89 -32.65 17.77 20.98
C GLU B 89 -32.96 18.24 19.56
N ILE B 90 -32.76 19.53 19.27
CA ILE B 90 -33.04 20.04 17.93
C ILE B 90 -32.32 19.15 16.93
N LEU B 91 -31.40 18.35 17.47
CA LEU B 91 -30.64 17.42 16.67
C LEU B 91 -31.39 16.10 16.62
N GLN B 92 -31.83 15.64 17.79
CA GLN B 92 -32.56 14.37 17.92
C GLN B 92 -33.79 14.33 17.02
N LYS B 93 -34.16 15.48 16.45
CA LYS B 93 -35.31 15.54 15.54
C LYS B 93 -34.81 15.27 14.14
N THR B 94 -33.50 15.06 14.01
CA THR B 94 -32.88 14.77 12.72
C THR B 94 -32.41 13.31 12.80
N ILE B 95 -32.89 12.60 13.83
CA ILE B 95 -32.52 11.21 14.04
C ILE B 95 -33.72 10.30 14.26
N PRO B 96 -34.18 9.62 13.20
CA PRO B 96 -35.32 8.71 13.29
C PRO B 96 -35.08 7.52 14.21
N THR B 97 -34.83 7.81 15.48
CA THR B 97 -34.58 6.78 16.47
C THR B 97 -35.77 6.76 17.41
N PHE B 98 -36.47 5.63 17.52
CA PHE B 98 -37.60 5.57 18.43
C PHE B 98 -37.07 6.09 19.77
N GLU B 99 -37.86 6.91 20.47
CA GLU B 99 -37.40 7.52 21.72
C GLU B 99 -36.81 6.64 22.82
N PRO B 100 -37.63 5.83 23.51
CA PRO B 100 -37.06 4.99 24.57
C PRO B 100 -35.94 4.05 24.07
N LYS B 101 -34.95 3.78 24.90
CA LYS B 101 -33.89 2.87 24.48
C LYS B 101 -34.56 1.52 24.21
N GLU B 102 -34.79 0.80 25.30
CA GLU B 102 -35.42 -0.53 25.30
C GLU B 102 -36.51 -0.77 24.26
N SER B 103 -37.45 0.17 24.17
CA SER B 103 -38.55 0.08 23.22
C SER B 103 -38.12 -0.58 21.93
N ILE B 104 -36.89 -0.30 21.52
CA ILE B 104 -36.33 -0.81 20.29
C ILE B 104 -36.16 -2.33 20.24
N LEU B 105 -35.47 -2.88 21.23
CA LEU B 105 -35.23 -4.33 21.27
C LEU B 105 -36.41 -5.14 20.76
N LYS B 106 -37.56 -5.00 21.41
CA LYS B 106 -38.77 -5.74 21.02
C LYS B 106 -38.97 -5.72 19.51
N LYS B 107 -38.93 -4.52 18.93
CA LYS B 107 -39.12 -4.35 17.49
C LYS B 107 -38.33 -5.33 16.64
N LEU B 108 -37.25 -5.89 17.19
CA LEU B 108 -36.43 -6.83 16.44
C LEU B 108 -36.80 -8.28 16.72
N GLU B 109 -36.70 -8.69 17.98
CA GLU B 109 -37.03 -10.04 18.38
C GLU B 109 -38.42 -10.32 17.82
N ASP B 110 -39.15 -9.24 17.56
CA ASP B 110 -40.51 -9.27 17.06
C ASP B 110 -40.69 -9.53 15.56
N ILE B 111 -39.67 -9.24 14.76
CA ILE B 111 -39.79 -9.47 13.33
C ILE B 111 -39.68 -10.94 12.97
N LYS B 112 -40.70 -11.43 12.28
CA LYS B 112 -40.78 -12.84 11.88
C LYS B 112 -40.82 -12.95 10.36
N PRO B 113 -40.01 -12.15 9.67
CA PRO B 113 -39.93 -12.12 8.20
C PRO B 113 -40.26 -13.44 7.53
N GLU B 114 -39.62 -14.50 8.03
CA GLU B 114 -39.82 -15.83 7.49
C GLU B 114 -41.30 -16.22 7.62
N GLN B 115 -41.91 -16.59 6.49
CA GLN B 115 -43.32 -16.97 6.47
C GLN B 115 -43.51 -18.06 5.42
N ALA B 116 -44.36 -19.04 5.71
CA ALA B 116 -44.62 -20.11 4.75
C ALA B 116 -45.68 -19.54 3.79
N LYS B 117 -45.60 -19.88 2.50
CA LYS B 117 -46.56 -19.36 1.50
C LYS B 117 -47.05 -20.37 0.47
N LYS B 118 -48.36 -20.58 0.43
CA LYS B 118 -48.98 -21.53 -0.52
C LYS B 118 -50.23 -20.89 -1.11
N GLN B 119 -51.05 -21.68 -1.81
CA GLN B 119 -52.29 -21.16 -2.39
C GLN B 119 -53.27 -22.24 -2.84
N THR B 120 -54.54 -21.86 -2.95
CA THR B 120 -55.60 -22.76 -3.37
C THR B 120 -55.97 -22.54 -4.83
N LYS B 121 -56.93 -21.64 -5.08
CA LYS B 121 -57.41 -21.37 -6.45
C LYS B 121 -56.35 -21.30 -7.55
N LEU B 122 -56.66 -21.88 -8.70
CA LEU B 122 -55.76 -21.88 -9.83
C LEU B 122 -55.39 -20.45 -10.13
N PHE B 123 -56.40 -19.59 -10.07
CA PHE B 123 -56.25 -18.17 -10.30
C PHE B 123 -56.15 -17.78 -11.75
N ARG B 124 -57.19 -17.13 -12.23
CA ARG B 124 -57.22 -16.66 -13.58
C ARG B 124 -57.90 -15.30 -13.53
N ILE B 125 -58.28 -14.81 -14.70
CA ILE B 125 -58.92 -13.52 -14.78
C ILE B 125 -60.28 -13.67 -15.41
N PHE B 126 -60.31 -14.46 -16.46
CA PHE B 126 -61.54 -14.67 -17.19
C PHE B 126 -62.00 -16.10 -17.38
N GLU B 127 -63.25 -16.28 -16.98
CA GLU B 127 -63.93 -17.55 -17.11
C GLU B 127 -64.66 -17.32 -18.42
N PRO B 128 -65.13 -18.38 -19.05
CA PRO B 128 -65.84 -18.11 -20.31
C PRO B 128 -67.35 -18.27 -20.13
N ARG B 129 -68.12 -17.32 -20.64
CA ARG B 129 -69.58 -17.37 -20.52
C ARG B 129 -70.25 -17.55 -21.88
N GLN B 130 -71.52 -17.93 -21.85
CA GLN B 130 -72.25 -18.10 -23.09
C GLN B 130 -72.64 -16.69 -23.50
N LEU B 131 -73.11 -16.55 -24.74
CA LEU B 131 -73.55 -15.27 -25.25
C LEU B 131 -74.43 -15.43 -26.47
N PRO B 132 -75.40 -14.52 -26.64
CA PRO B 132 -76.28 -14.61 -27.81
C PRO B 132 -75.56 -14.10 -29.05
N ILE B 133 -75.65 -14.86 -30.15
CA ILE B 133 -75.00 -14.49 -31.41
C ILE B 133 -76.02 -14.38 -32.54
N TYR B 134 -76.05 -13.24 -33.22
CA TYR B 134 -76.98 -13.08 -34.33
C TYR B 134 -76.25 -12.99 -35.67
N ARG B 135 -76.57 -13.91 -36.58
CA ARG B 135 -75.96 -13.94 -37.91
C ARG B 135 -76.24 -12.60 -38.60
N ALA B 136 -75.53 -12.30 -39.68
CA ALA B 136 -75.75 -11.03 -40.37
C ALA B 136 -77.25 -10.85 -40.63
N ASN B 137 -77.80 -9.72 -40.20
CA ASN B 137 -79.23 -9.46 -40.36
C ASN B 137 -79.93 -10.58 -39.62
N GLY B 138 -79.32 -11.02 -38.53
CA GLY B 138 -79.87 -12.11 -37.77
C GLY B 138 -80.46 -11.88 -36.41
N GLU B 139 -81.15 -12.93 -35.96
CA GLU B 139 -81.84 -12.99 -34.68
C GLU B 139 -80.95 -13.84 -33.76
N LYS B 140 -81.41 -14.16 -32.56
CA LYS B 140 -80.61 -15.02 -31.68
C LYS B 140 -80.55 -16.29 -32.51
N GLU B 141 -79.51 -16.47 -33.32
CA GLU B 141 -79.39 -17.66 -34.18
C GLU B 141 -79.82 -18.93 -33.44
N LEU B 142 -79.96 -18.80 -32.12
CA LEU B 142 -80.37 -19.86 -31.20
C LEU B 142 -79.13 -20.44 -30.54
N ARG B 143 -78.07 -20.55 -31.31
CA ARG B 143 -76.79 -21.06 -30.84
C ARG B 143 -76.26 -19.98 -29.90
N ASN B 144 -75.50 -20.39 -28.90
CA ASN B 144 -74.91 -19.42 -27.98
C ASN B 144 -73.45 -19.78 -27.80
N ARG B 145 -72.63 -19.36 -28.77
CA ARG B 145 -71.19 -19.62 -28.75
C ARG B 145 -70.51 -19.12 -27.49
N TRP B 146 -69.35 -19.70 -27.22
CA TRP B 146 -68.60 -19.35 -26.03
C TRP B 146 -67.49 -18.35 -26.29
N TYR B 147 -67.56 -17.23 -25.57
CA TYR B 147 -66.56 -16.18 -25.69
C TYR B 147 -65.92 -15.96 -24.31
N TRP B 148 -64.78 -15.31 -24.28
CA TRP B 148 -64.10 -15.06 -23.01
C TRP B 148 -64.51 -13.71 -22.44
N LYS B 149 -64.70 -13.64 -21.12
CA LYS B 149 -65.05 -12.39 -20.46
C LYS B 149 -64.38 -12.27 -19.09
N LEU B 150 -64.19 -11.02 -18.66
CA LEU B 150 -63.51 -10.73 -17.41
C LEU B 150 -64.30 -10.77 -16.11
N LYS B 151 -63.85 -11.60 -15.16
CA LYS B 151 -64.49 -11.65 -13.86
C LYS B 151 -63.92 -10.38 -13.24
N LYS B 152 -64.70 -9.67 -12.43
CA LYS B 152 -64.21 -8.43 -11.80
C LYS B 152 -63.69 -7.45 -12.87
N ASP B 153 -64.57 -6.94 -13.73
CA ASP B 153 -64.17 -6.02 -14.80
C ASP B 153 -64.33 -4.53 -14.45
N THR B 154 -63.41 -4.03 -13.64
CA THR B 154 -63.42 -2.64 -13.20
C THR B 154 -62.31 -1.83 -13.86
N LEU B 155 -62.68 -0.93 -14.77
CA LEU B 155 -61.68 -0.13 -15.45
C LEU B 155 -62.03 1.36 -15.43
N PRO B 156 -61.02 2.21 -15.18
CA PRO B 156 -61.21 3.67 -15.13
C PRO B 156 -61.40 4.33 -16.50
N ASP B 157 -61.78 5.60 -16.51
CA ASP B 157 -61.97 6.33 -17.76
C ASP B 157 -60.74 7.22 -18.04
N GLY B 158 -59.98 6.89 -19.08
CA GLY B 158 -58.80 7.68 -19.44
C GLY B 158 -57.48 6.92 -19.38
N ASP B 159 -56.76 6.84 -20.49
CA ASP B 159 -55.50 6.10 -20.54
C ASP B 159 -54.73 6.11 -19.22
N TYR B 160 -54.59 7.29 -18.62
CA TYR B 160 -53.86 7.39 -17.38
C TYR B 160 -54.39 6.47 -16.27
N ASP B 161 -55.66 6.64 -15.93
CA ASP B 161 -56.24 5.81 -14.89
C ASP B 161 -56.04 4.32 -15.18
N VAL B 162 -55.98 3.98 -16.46
CA VAL B 162 -55.76 2.62 -16.92
C VAL B 162 -54.42 2.11 -16.40
N ARG B 163 -53.36 2.80 -16.80
CA ARG B 163 -52.03 2.42 -16.40
C ARG B 163 -51.92 2.24 -14.90
N GLU B 164 -52.50 3.18 -14.14
CA GLU B 164 -52.46 3.07 -12.68
C GLU B 164 -53.11 1.76 -12.24
N TYR B 165 -54.27 1.48 -12.81
CA TYR B 165 -55.00 0.25 -12.48
C TYR B 165 -54.12 -1.00 -12.50
N PHE B 166 -53.50 -1.25 -13.64
CA PHE B 166 -52.63 -2.40 -13.83
C PHE B 166 -51.63 -2.45 -12.68
N LEU B 167 -51.04 -1.30 -12.42
CA LEU B 167 -50.06 -1.15 -11.36
C LEU B 167 -50.49 -1.87 -10.09
N ASN B 168 -51.72 -1.64 -9.68
CA ASN B 168 -52.20 -2.28 -8.47
C ASN B 168 -52.13 -3.78 -8.59
N LEU B 169 -52.31 -4.26 -9.82
CA LEU B 169 -52.23 -5.68 -10.06
C LEU B 169 -50.86 -6.16 -9.64
N TYR B 170 -49.85 -5.39 -10.01
CA TYR B 170 -48.49 -5.76 -9.66
C TYR B 170 -48.39 -5.91 -8.14
N ASP B 171 -48.90 -4.94 -7.41
CA ASP B 171 -48.83 -5.01 -5.96
C ASP B 171 -49.60 -6.23 -5.46
N GLN B 172 -50.79 -6.49 -6.04
CA GLN B 172 -51.55 -7.65 -5.58
C GLN B 172 -50.77 -8.91 -5.94
N VAL B 173 -50.18 -8.94 -7.12
CA VAL B 173 -49.43 -10.11 -7.53
C VAL B 173 -48.33 -10.47 -6.53
N LEU B 174 -47.59 -9.45 -6.08
CA LEU B 174 -46.51 -9.67 -5.13
C LEU B 174 -46.96 -10.11 -3.75
N THR B 175 -48.02 -9.51 -3.25
CA THR B 175 -48.53 -9.86 -1.94
C THR B 175 -49.09 -11.30 -1.97
N GLU B 176 -49.51 -11.77 -3.13
CA GLU B 176 -50.03 -13.15 -3.26
C GLU B 176 -48.95 -14.07 -3.80
N MET B 177 -47.75 -13.53 -3.98
CA MET B 177 -46.63 -14.32 -4.50
C MET B 177 -46.52 -15.68 -3.82
N PRO B 178 -47.02 -16.73 -4.48
CA PRO B 178 -46.99 -18.10 -3.97
C PRO B 178 -45.56 -18.62 -3.98
N ASP B 179 -44.88 -18.51 -2.85
CA ASP B 179 -43.51 -18.96 -2.78
C ASP B 179 -43.32 -20.36 -3.37
N TYR B 180 -44.37 -21.19 -3.30
CA TYR B 180 -44.32 -22.57 -3.84
C TYR B 180 -45.73 -23.07 -4.14
N LEU B 181 -45.85 -24.28 -4.67
CA LEU B 181 -47.17 -24.87 -4.94
C LEU B 181 -47.17 -26.38 -5.16
N LEU B 182 -48.31 -26.99 -4.86
CA LEU B 182 -48.49 -28.44 -5.01
C LEU B 182 -49.88 -28.68 -5.60
N LEU B 183 -50.14 -29.86 -6.14
CA LEU B 183 -51.45 -30.13 -6.74
C LEU B 183 -52.50 -31.01 -6.07
N LYS B 184 -52.11 -32.10 -5.44
CA LYS B 184 -53.11 -32.94 -4.78
C LYS B 184 -54.03 -32.02 -3.98
N ASP B 185 -53.45 -30.97 -3.41
CA ASP B 185 -54.22 -30.01 -2.61
C ASP B 185 -55.27 -29.29 -3.43
N MET B 186 -55.52 -29.79 -4.63
CA MET B 186 -56.52 -29.15 -5.48
C MET B 186 -57.26 -30.18 -6.31
N ALA B 187 -56.89 -31.44 -6.12
CA ALA B 187 -57.52 -32.54 -6.84
C ALA B 187 -59.04 -32.39 -6.90
N VAL B 188 -59.65 -32.88 -7.97
CA VAL B 188 -61.11 -32.83 -8.17
C VAL B 188 -61.57 -33.93 -9.14
N GLU B 189 -62.73 -34.51 -8.86
CA GLU B 189 -63.25 -35.56 -9.71
C GLU B 189 -63.76 -35.07 -11.05
N ASN B 190 -63.35 -35.73 -12.12
CA ASN B 190 -63.81 -35.40 -13.46
C ASN B 190 -65.12 -36.15 -13.61
N LYS B 191 -66.17 -35.62 -13.00
CA LYS B 191 -67.49 -36.23 -13.00
C LYS B 191 -67.83 -37.21 -14.13
N ASN B 192 -67.28 -36.97 -15.32
CA ASN B 192 -67.56 -37.86 -16.44
C ASN B 192 -66.34 -38.72 -16.73
N SER B 193 -66.32 -39.33 -17.90
CA SER B 193 -65.18 -40.15 -18.31
C SER B 193 -64.94 -41.46 -17.57
N ARG B 194 -64.54 -42.47 -18.36
CA ARG B 194 -64.23 -43.78 -17.84
C ARG B 194 -63.10 -43.70 -16.81
N ASP B 195 -61.93 -44.19 -17.20
CA ASP B 195 -60.71 -44.21 -16.38
C ASP B 195 -60.68 -43.22 -15.20
N ALA B 196 -61.63 -43.37 -14.27
CA ALA B 196 -61.76 -42.52 -13.07
C ALA B 196 -60.94 -41.24 -13.12
N GLY B 197 -61.06 -40.54 -14.23
CA GLY B 197 -60.31 -39.31 -14.42
C GLY B 197 -60.42 -38.34 -13.26
N LYS B 198 -59.29 -37.74 -12.91
CA LYS B 198 -59.24 -36.75 -11.85
C LYS B 198 -58.63 -35.53 -12.53
N VAL B 199 -59.14 -34.34 -12.21
CA VAL B 199 -58.67 -33.10 -12.84
C VAL B 199 -58.20 -31.97 -11.94
N VAL B 200 -57.55 -30.98 -12.55
CA VAL B 200 -56.98 -29.80 -11.88
C VAL B 200 -57.66 -29.09 -10.72
N ASP B 201 -58.67 -28.26 -11.00
CA ASP B 201 -59.36 -27.54 -9.92
C ASP B 201 -60.84 -27.34 -10.21
N SER B 202 -61.51 -26.54 -9.39
CA SER B 202 -62.94 -26.33 -9.56
C SER B 202 -63.36 -25.85 -10.96
N GLU B 203 -62.86 -24.68 -11.37
CA GLU B 203 -63.19 -24.11 -12.67
C GLU B 203 -62.98 -25.16 -13.75
N THR B 204 -61.80 -25.78 -13.73
CA THR B 204 -61.44 -26.81 -14.67
C THR B 204 -62.63 -27.75 -14.75
N ALA B 205 -63.02 -28.28 -13.59
CA ALA B 205 -64.14 -29.21 -13.49
C ALA B 205 -65.40 -28.68 -14.16
N SER B 206 -65.96 -27.63 -13.58
CA SER B 206 -67.17 -27.01 -14.10
C SER B 206 -67.20 -27.10 -15.62
N ILE B 207 -66.38 -26.28 -16.23
CA ILE B 207 -66.24 -26.20 -17.67
C ILE B 207 -66.53 -27.53 -18.38
N CYS B 208 -65.81 -28.57 -18.01
CA CYS B 208 -65.98 -29.88 -18.62
C CYS B 208 -67.44 -30.31 -18.60
N ASP B 209 -67.96 -30.55 -17.41
CA ASP B 209 -69.33 -30.98 -17.23
C ASP B 209 -70.23 -30.08 -18.07
N ALA B 210 -69.90 -28.80 -18.13
CA ALA B 210 -70.68 -27.83 -18.90
C ALA B 210 -70.70 -28.15 -20.38
N ILE B 211 -69.56 -28.01 -21.05
CA ILE B 211 -69.48 -28.27 -22.47
C ILE B 211 -69.94 -29.66 -22.85
N PHE B 212 -69.47 -30.63 -22.08
CA PHE B 212 -69.81 -32.02 -22.28
C PHE B 212 -71.20 -32.09 -22.90
N GLN B 213 -72.09 -31.19 -22.44
CA GLN B 213 -73.47 -31.17 -22.92
C GLN B 213 -73.93 -30.17 -23.98
N ASP B 214 -73.14 -29.17 -24.32
CA ASP B 214 -73.63 -28.26 -25.37
C ASP B 214 -73.51 -28.99 -26.69
N GLU B 215 -74.46 -29.89 -26.94
CA GLU B 215 -74.52 -30.73 -28.13
C GLU B 215 -73.65 -30.40 -29.34
N GLU B 216 -73.57 -29.13 -29.69
CA GLU B 216 -72.77 -28.74 -30.84
C GLU B 216 -71.30 -28.48 -30.54
N THR B 217 -70.59 -29.53 -30.13
CA THR B 217 -69.18 -29.43 -29.86
C THR B 217 -68.49 -30.76 -30.14
N GLU B 218 -68.04 -30.88 -31.39
CA GLU B 218 -67.33 -32.04 -31.92
C GLU B 218 -67.18 -33.28 -31.04
N GLY B 219 -67.63 -34.42 -31.55
CA GLY B 219 -67.54 -35.66 -30.80
C GLY B 219 -66.16 -35.93 -30.23
N ALA B 220 -65.18 -35.16 -30.70
CA ALA B 220 -63.80 -35.28 -30.28
C ALA B 220 -63.61 -34.77 -28.86
N VAL B 221 -64.32 -33.70 -28.57
CA VAL B 221 -64.32 -33.04 -27.27
C VAL B 221 -64.65 -34.02 -26.15
N ARG B 222 -65.83 -34.64 -26.22
CA ARG B 222 -66.28 -35.58 -25.20
C ARG B 222 -65.15 -36.61 -24.98
N ARG B 223 -64.66 -37.14 -26.08
CA ARG B 223 -63.57 -38.11 -26.11
C ARG B 223 -62.40 -37.67 -25.25
N PHE B 224 -61.83 -36.55 -25.64
CA PHE B 224 -60.69 -35.99 -24.94
C PHE B 224 -61.01 -35.87 -23.47
N ILE B 225 -62.03 -35.08 -23.14
CA ILE B 225 -62.44 -34.90 -21.76
C ILE B 225 -62.50 -36.26 -21.11
N ALA B 226 -63.14 -37.17 -21.84
CA ALA B 226 -63.33 -38.55 -21.40
C ALA B 226 -62.01 -39.20 -21.00
N GLU B 227 -61.62 -40.21 -21.76
CA GLU B 227 -60.40 -40.97 -21.52
C GLU B 227 -59.15 -40.28 -20.94
N MET B 228 -59.07 -38.96 -20.99
CA MET B 228 -57.89 -38.24 -20.46
C MET B 228 -57.76 -38.27 -18.94
N ARG B 229 -56.77 -39.01 -18.44
CA ARG B 229 -56.58 -39.09 -16.99
C ARG B 229 -55.33 -38.39 -16.47
N GLN B 230 -55.32 -38.21 -15.17
CA GLN B 230 -54.22 -37.57 -14.48
C GLN B 230 -52.94 -38.36 -14.72
N ARG B 231 -51.89 -37.98 -13.97
CA ARG B 231 -50.60 -38.64 -14.07
C ARG B 231 -50.05 -38.74 -12.65
N VAL B 232 -50.01 -39.96 -12.12
CA VAL B 232 -49.55 -40.16 -10.75
C VAL B 232 -48.37 -41.10 -10.58
N GLN B 233 -47.17 -40.54 -10.49
CA GLN B 233 -45.97 -41.35 -10.29
C GLN B 233 -45.55 -41.16 -8.82
N ALA B 234 -45.73 -42.20 -8.02
CA ALA B 234 -45.36 -42.16 -6.61
C ALA B 234 -43.88 -41.79 -6.49
N ASP B 235 -43.04 -42.74 -6.85
CA ASP B 235 -41.60 -42.53 -6.85
C ASP B 235 -41.38 -41.22 -7.59
N ARG B 236 -40.30 -40.51 -7.27
CA ARG B 236 -39.98 -39.25 -7.95
C ARG B 236 -40.74 -38.00 -7.48
N ASN B 237 -42.05 -38.13 -7.26
CA ASN B 237 -42.92 -37.01 -6.81
C ASN B 237 -43.56 -36.27 -7.98
N VAL B 238 -43.75 -36.97 -9.08
CA VAL B 238 -44.35 -36.40 -10.29
C VAL B 238 -45.87 -36.42 -10.27
N VAL B 239 -46.44 -35.32 -10.73
CA VAL B 239 -47.88 -35.21 -10.83
C VAL B 239 -48.23 -34.26 -11.97
N ASN B 240 -48.68 -34.86 -13.05
CA ASN B 240 -49.07 -34.13 -14.23
C ASN B 240 -50.59 -34.24 -14.30
N TYR B 241 -51.26 -33.18 -13.87
CA TYR B 241 -52.72 -33.16 -13.87
C TYR B 241 -53.28 -32.47 -15.09
N PRO B 242 -54.37 -33.01 -15.65
CA PRO B 242 -54.99 -32.40 -16.83
C PRO B 242 -55.64 -31.08 -16.40
N SER B 243 -55.39 -30.00 -17.14
CA SER B 243 -55.95 -28.69 -16.79
C SER B 243 -56.51 -27.85 -17.92
N ILE B 244 -57.00 -26.68 -17.56
CA ILE B 244 -57.54 -25.74 -18.52
C ILE B 244 -57.59 -24.35 -17.90
N LEU B 245 -57.03 -23.37 -18.59
CA LEU B 245 -57.00 -22.01 -18.07
C LEU B 245 -57.34 -21.00 -19.14
N HIS B 246 -56.30 -20.59 -19.84
CA HIS B 246 -56.40 -19.60 -20.89
C HIS B 246 -54.97 -19.19 -21.16
N PRO B 247 -54.70 -18.69 -22.36
CA PRO B 247 -53.32 -18.29 -22.67
C PRO B 247 -52.69 -17.39 -21.62
N ILE B 248 -53.39 -16.32 -21.26
CA ILE B 248 -52.84 -15.39 -20.28
C ILE B 248 -52.83 -15.99 -18.88
N ASP B 249 -53.72 -16.93 -18.62
CA ASP B 249 -53.74 -17.53 -17.30
C ASP B 249 -52.61 -18.54 -17.19
N TYR B 250 -52.53 -19.47 -18.12
CA TYR B 250 -51.46 -20.46 -18.11
C TYR B 250 -50.19 -19.67 -17.87
N ALA B 251 -50.07 -18.57 -18.61
CA ALA B 251 -48.92 -17.70 -18.51
C ALA B 251 -48.53 -17.50 -17.06
N PHE B 252 -49.46 -16.99 -16.27
CA PHE B 252 -49.22 -16.76 -14.86
C PHE B 252 -48.77 -18.01 -14.15
N ASN B 253 -49.78 -18.66 -13.59
CA ASN B 253 -49.65 -19.88 -12.83
C ASN B 253 -48.41 -20.66 -13.25
N GLU B 254 -48.12 -20.67 -14.54
CA GLU B 254 -46.94 -21.37 -15.02
C GLU B 254 -45.72 -20.93 -14.22
N TYR B 255 -45.20 -19.75 -14.55
CA TYR B 255 -44.01 -19.27 -13.89
C TYR B 255 -44.02 -19.47 -12.39
N PHE B 256 -45.20 -19.45 -11.79
CA PHE B 256 -45.34 -19.67 -10.36
C PHE B 256 -44.81 -21.04 -10.00
N LEU B 257 -44.89 -21.94 -10.97
CA LEU B 257 -44.41 -23.30 -10.78
C LEU B 257 -42.92 -23.38 -11.04
N GLN B 258 -42.48 -22.72 -12.11
CA GLN B 258 -41.08 -22.75 -12.49
C GLN B 258 -40.20 -21.85 -11.63
N HIS B 259 -40.79 -21.27 -10.59
CA HIS B 259 -40.03 -20.43 -9.70
C HIS B 259 -40.40 -20.74 -8.25
N GLN B 260 -40.59 -22.01 -7.96
CA GLN B 260 -40.93 -22.42 -6.61
C GLN B 260 -39.65 -22.26 -5.80
N LEU B 261 -39.43 -21.05 -5.29
CA LEU B 261 -38.24 -20.75 -4.50
C LEU B 261 -38.13 -21.66 -3.29
N VAL B 262 -37.80 -22.92 -3.54
CA VAL B 262 -37.69 -23.91 -2.49
C VAL B 262 -36.59 -24.93 -2.75
N GLU B 263 -35.43 -24.69 -2.16
CA GLU B 263 -34.29 -25.58 -2.31
C GLU B 263 -34.48 -26.77 -1.36
N PRO B 264 -33.72 -27.85 -1.56
CA PRO B 264 -33.75 -29.08 -0.76
C PRO B 264 -33.34 -28.89 0.71
N LEU B 265 -32.63 -29.87 1.28
CA LEU B 265 -32.18 -29.80 2.66
C LEU B 265 -31.55 -31.05 3.28
N ASN B 266 -30.23 -31.00 3.54
CA ASN B 266 -29.47 -32.12 4.13
C ASN B 266 -28.92 -31.75 5.50
N ASN B 267 -28.77 -32.74 6.38
CA ASN B 267 -28.17 -32.49 7.69
C ASN B 267 -27.06 -31.47 7.39
N ASP B 268 -26.26 -31.81 6.37
CA ASP B 268 -25.13 -30.99 5.93
C ASP B 268 -25.41 -29.50 5.77
N ILE B 269 -26.55 -29.15 5.20
CA ILE B 269 -26.83 -27.73 5.03
C ILE B 269 -27.09 -27.03 6.36
N ILE B 270 -27.80 -27.71 7.25
CA ILE B 270 -28.07 -27.17 8.59
C ILE B 270 -26.71 -26.86 9.21
N PHE B 271 -25.85 -27.86 9.19
CA PHE B 271 -24.50 -27.78 9.73
C PHE B 271 -23.83 -26.55 9.12
N ASN B 272 -23.99 -26.39 7.82
CA ASN B 272 -23.38 -25.27 7.10
C ASN B 272 -23.91 -23.86 7.34
N TYR B 273 -25.20 -23.69 7.64
CA TYR B 273 -25.77 -22.33 7.88
C TYR B 273 -25.03 -21.81 9.11
N ILE B 274 -23.95 -22.48 9.48
CA ILE B 274 -23.18 -22.12 10.63
C ILE B 274 -21.82 -21.53 10.33
N PRO B 275 -21.50 -20.42 10.98
CA PRO B 275 -20.22 -19.73 10.81
C PRO B 275 -19.05 -20.70 10.75
N GLU B 276 -18.21 -20.54 9.73
CA GLU B 276 -17.04 -21.42 9.55
C GLU B 276 -16.36 -21.61 10.91
N ARG B 277 -16.45 -20.59 11.77
CA ARG B 277 -15.85 -20.65 13.10
C ARG B 277 -16.75 -21.50 13.98
N ILE B 278 -16.75 -21.20 15.28
CA ILE B 278 -17.56 -21.92 16.25
C ILE B 278 -17.46 -23.44 16.17
N ARG B 279 -17.71 -23.99 14.98
CA ARG B 279 -17.59 -25.42 14.81
C ARG B 279 -16.16 -25.76 15.19
N ASN B 280 -15.22 -24.88 14.79
CA ASN B 280 -13.79 -25.04 15.06
C ASN B 280 -13.34 -24.37 16.34
N ASP B 281 -14.27 -24.29 17.28
CA ASP B 281 -14.01 -23.70 18.57
C ASP B 281 -14.39 -24.75 19.59
N VAL B 282 -13.50 -25.71 19.79
CA VAL B 282 -13.70 -26.81 20.72
C VAL B 282 -14.69 -26.55 21.84
N ASN B 283 -14.50 -25.45 22.56
CA ASN B 283 -15.37 -25.08 23.67
C ASN B 283 -16.85 -25.38 23.42
N TYR B 284 -17.26 -25.46 22.15
CA TYR B 284 -18.65 -25.73 21.83
C TYR B 284 -18.95 -27.06 21.17
N ILE B 285 -19.95 -27.77 21.72
CA ILE B 285 -20.39 -29.09 21.26
C ILE B 285 -21.51 -29.10 20.22
N LEU B 286 -21.31 -29.86 19.16
CA LEU B 286 -22.29 -29.97 18.10
C LEU B 286 -22.65 -31.43 17.94
N ASN B 287 -23.87 -31.69 17.49
CA ASN B 287 -24.33 -33.06 17.28
C ASN B 287 -25.68 -33.07 16.59
N MET B 288 -25.99 -34.16 15.91
CA MET B 288 -27.25 -34.32 15.21
C MET B 288 -28.14 -35.33 15.92
N ASP B 289 -29.45 -35.21 15.75
CA ASP B 289 -30.35 -36.15 16.40
C ASP B 289 -31.59 -36.47 15.60
N ARG B 290 -32.08 -35.49 14.87
CA ARG B 290 -33.26 -35.74 14.07
C ARG B 290 -32.78 -36.11 12.67
N ASN B 291 -33.57 -36.92 11.99
CA ASN B 291 -33.24 -37.37 10.64
C ASN B 291 -33.80 -36.41 9.61
N LEU B 292 -33.51 -36.66 8.35
CA LEU B 292 -34.03 -35.79 7.30
C LEU B 292 -34.66 -36.52 6.14
N PRO B 293 -35.96 -36.31 5.93
CA PRO B 293 -36.67 -36.95 4.83
C PRO B 293 -36.24 -36.30 3.52
N SER B 294 -36.20 -37.07 2.44
CA SER B 294 -35.83 -36.49 1.16
C SER B 294 -36.98 -35.58 0.74
N THR B 295 -37.72 -35.12 1.74
CA THR B 295 -38.87 -34.25 1.58
C THR B 295 -38.50 -32.83 2.00
N ALA B 296 -37.39 -32.72 2.71
CA ALA B 296 -36.88 -31.44 3.22
C ALA B 296 -36.88 -30.27 2.23
N ARG B 297 -37.35 -29.11 2.69
CA ARG B 297 -37.41 -27.91 1.86
C ARG B 297 -37.41 -26.61 2.68
N TYR B 298 -36.55 -25.67 2.31
CA TYR B 298 -36.44 -24.39 3.02
C TYR B 298 -36.56 -23.20 2.07
N ILE B 299 -36.44 -21.98 2.60
CA ILE B 299 -36.50 -20.78 1.78
C ILE B 299 -35.24 -19.94 1.94
N ARG B 300 -34.51 -19.77 0.83
CA ARG B 300 -33.26 -19.02 0.86
C ARG B 300 -33.43 -17.72 1.63
N PRO B 301 -32.48 -17.42 2.51
CA PRO B 301 -32.47 -16.23 3.36
C PRO B 301 -32.21 -14.92 2.63
N ASN B 302 -31.60 -14.98 1.45
CA ASN B 302 -31.32 -13.78 0.67
C ASN B 302 -30.55 -12.77 1.52
N LEU B 303 -29.22 -12.86 1.48
CA LEU B 303 -28.39 -11.98 2.27
C LEU B 303 -27.38 -11.17 1.48
N LEU B 304 -27.82 -10.65 0.33
CA LEU B 304 -26.96 -9.84 -0.51
C LEU B 304 -26.53 -8.66 0.36
N GLN B 305 -25.24 -8.32 0.33
CA GLN B 305 -24.74 -7.23 1.17
C GLN B 305 -25.29 -5.82 0.93
N ASP B 306 -24.82 -4.88 1.75
CA ASP B 306 -25.23 -3.48 1.73
C ASP B 306 -26.06 -2.93 0.59
N ARG B 307 -25.72 -3.29 -0.64
CA ARG B 307 -26.43 -2.82 -1.85
C ARG B 307 -26.58 -1.30 -1.86
N LEU B 308 -26.93 -0.76 -0.70
CA LEU B 308 -27.09 0.66 -0.53
C LEU B 308 -26.05 1.13 0.44
N ASN B 309 -25.29 2.11 -0.03
CA ASN B 309 -24.23 2.70 0.73
C ASN B 309 -24.75 3.95 1.42
N LEU B 310 -25.23 3.75 2.64
CA LEU B 310 -25.81 4.80 3.48
C LEU B 310 -24.70 5.33 4.40
N HIS B 311 -23.69 4.49 4.57
CA HIS B 311 -22.53 4.76 5.39
C HIS B 311 -21.64 5.81 4.75
N ASP B 312 -22.25 6.81 4.13
CA ASP B 312 -21.46 7.87 3.50
C ASP B 312 -22.32 9.08 3.17
N ASN B 313 -23.33 9.32 4.00
CA ASN B 313 -24.22 10.46 3.86
C ASN B 313 -25.44 10.40 4.78
N PHE B 314 -26.07 9.23 4.87
CA PHE B 314 -27.26 9.10 5.70
C PHE B 314 -26.96 8.91 7.18
N GLU B 315 -26.19 9.86 7.72
CA GLU B 315 -25.79 9.84 9.11
C GLU B 315 -27.00 9.64 9.99
N SER B 316 -27.92 10.58 9.89
CA SER B 316 -29.14 10.56 10.65
C SER B 316 -29.64 9.14 10.91
N LEU B 317 -29.65 8.31 9.87
CA LEU B 317 -30.16 6.96 9.98
C LEU B 317 -29.18 5.95 10.54
N TRP B 318 -27.90 6.17 10.26
CA TRP B 318 -26.89 5.27 10.78
C TRP B 318 -26.96 5.31 12.29
N ASP B 319 -26.98 6.52 12.82
CA ASP B 319 -27.07 6.72 14.24
C ASP B 319 -28.21 5.85 14.78
N THR B 320 -29.36 5.87 14.12
CA THR B 320 -30.53 5.09 14.55
C THR B 320 -30.27 3.58 14.47
N ILE B 321 -29.45 3.18 13.52
CA ILE B 321 -29.09 1.78 13.35
C ILE B 321 -28.16 1.36 14.46
N THR B 322 -27.02 2.03 14.51
CA THR B 322 -26.03 1.76 15.52
C THR B 322 -26.80 1.60 16.83
N THR B 323 -27.47 2.66 17.26
CA THR B 323 -28.25 2.63 18.47
C THR B 323 -28.87 1.23 18.56
N SER B 324 -29.77 0.94 17.63
CA SER B 324 -30.43 -0.33 17.57
C SER B 324 -29.45 -1.48 17.77
N ASN B 325 -28.63 -1.74 16.75
CA ASN B 325 -27.65 -2.83 16.83
C ASN B 325 -27.00 -2.87 18.22
N TYR B 326 -26.80 -1.70 18.81
CA TYR B 326 -26.16 -1.59 20.12
C TYR B 326 -27.04 -2.23 21.23
N ILE B 327 -28.26 -1.73 21.42
CA ILE B 327 -29.12 -2.30 22.46
C ILE B 327 -29.16 -3.80 22.26
N LEU B 328 -29.35 -4.19 21.03
CA LEU B 328 -29.38 -5.58 20.63
C LEU B 328 -28.25 -6.31 21.34
N ALA B 329 -27.05 -5.76 21.15
CA ALA B 329 -25.84 -6.30 21.74
C ALA B 329 -25.95 -6.49 23.25
N ARG B 330 -26.22 -5.40 23.97
CA ARG B 330 -26.33 -5.51 25.42
C ARG B 330 -27.23 -6.67 25.81
N SER B 331 -28.35 -6.83 25.10
CA SER B 331 -29.29 -7.91 25.39
C SER B 331 -28.59 -9.28 25.40
N VAL B 332 -27.48 -9.38 24.69
CA VAL B 332 -26.75 -10.63 24.59
C VAL B 332 -25.55 -10.78 25.51
N VAL B 333 -24.67 -9.78 25.49
CA VAL B 333 -23.47 -9.79 26.31
C VAL B 333 -23.75 -10.39 27.68
N PRO B 334 -23.36 -11.66 27.88
CA PRO B 334 -23.58 -12.36 29.13
C PRO B 334 -23.18 -11.56 30.38
N ASP B 335 -23.96 -11.71 31.44
CA ASP B 335 -23.68 -11.03 32.70
C ASP B 335 -22.45 -11.70 33.29
N LEU B 336 -21.74 -11.02 34.18
CA LEU B 336 -20.54 -11.60 34.80
C LEU B 336 -20.89 -12.32 36.08
N LYS B 337 -19.89 -12.92 36.72
CA LYS B 337 -20.10 -13.65 37.97
C LYS B 337 -18.85 -13.63 38.85
N GLU B 338 -18.97 -14.23 40.03
CA GLU B 338 -17.88 -14.29 41.01
C GLU B 338 -17.00 -13.05 40.98
N LEU B 339 -17.41 -12.03 41.74
CA LEU B 339 -16.65 -10.80 41.82
C LEU B 339 -16.02 -10.70 43.19
N VAL B 340 -15.39 -9.56 43.44
CA VAL B 340 -14.77 -9.35 44.72
C VAL B 340 -15.67 -8.44 45.54
N SER B 341 -16.14 -8.95 46.67
CA SER B 341 -17.02 -8.18 47.52
C SER B 341 -16.69 -6.70 47.49
N THR B 342 -17.61 -5.93 46.93
CA THR B 342 -17.48 -4.49 46.82
C THR B 342 -16.72 -3.96 48.04
N GLU B 343 -17.34 -4.07 49.21
CA GLU B 343 -16.76 -3.57 50.46
C GLU B 343 -15.30 -3.97 50.67
N ALA B 344 -15.01 -5.26 50.72
CA ALA B 344 -13.64 -5.72 50.93
C ALA B 344 -12.60 -4.92 50.17
N GLN B 345 -12.69 -4.90 48.85
CA GLN B 345 -11.71 -4.20 48.04
C GLN B 345 -11.57 -2.71 48.36
N ILE B 346 -12.66 -1.98 48.28
CA ILE B 346 -12.58 -0.57 48.57
C ILE B 346 -11.97 -0.25 49.93
N GLN B 347 -12.09 -1.19 50.87
CA GLN B 347 -11.53 -0.97 52.20
C GLN B 347 -10.01 -1.06 52.18
N LYS B 348 -9.47 -2.09 51.52
CA LYS B 348 -8.00 -2.24 51.43
C LYS B 348 -7.53 -1.04 50.60
N MET B 349 -8.48 -0.52 49.82
CA MET B 349 -8.27 0.63 48.94
C MET B 349 -7.88 1.88 49.73
N SER B 350 -8.65 2.17 50.77
CA SER B 350 -8.40 3.32 51.62
C SER B 350 -7.04 3.16 52.33
N GLN B 351 -6.74 1.93 52.76
CA GLN B 351 -5.48 1.56 53.43
C GLN B 351 -4.33 2.01 52.49
N ASP B 352 -4.44 1.61 51.21
CA ASP B 352 -3.49 1.91 50.12
C ASP B 352 -3.59 3.38 49.70
N LEU B 353 -4.80 3.79 49.35
CA LEU B 353 -5.09 5.13 48.85
C LEU B 353 -4.72 6.38 49.61
N GLN B 354 -4.73 6.33 50.93
CA GLN B 354 -4.40 7.53 51.70
C GLN B 354 -5.42 8.58 51.28
N LEU B 355 -6.69 8.26 51.51
CA LEU B 355 -7.81 9.13 51.19
C LEU B 355 -7.58 10.61 51.50
N GLU B 356 -7.94 11.01 52.72
CA GLU B 356 -7.86 12.39 53.17
C GLU B 356 -6.47 12.89 53.56
N ALA B 357 -5.73 13.38 52.57
CA ALA B 357 -4.40 13.89 52.80
C ALA B 357 -4.28 15.29 52.20
N LEU B 358 -4.76 16.29 52.93
CA LEU B 358 -4.73 17.72 52.55
C LEU B 358 -5.67 18.14 51.41
N THR B 359 -5.52 17.52 50.23
CA THR B 359 -6.32 17.82 49.04
C THR B 359 -7.75 18.31 49.30
N ILE B 360 -8.20 19.29 48.53
CA ILE B 360 -9.55 19.82 48.70
C ILE B 360 -10.43 19.47 47.50
N GLN B 361 -11.01 18.27 47.54
CA GLN B 361 -11.88 17.77 46.48
C GLN B 361 -12.11 16.28 46.77
N SER B 362 -12.23 15.96 48.05
CA SER B 362 -12.42 14.57 48.48
C SER B 362 -13.80 14.02 48.16
N GLU B 363 -13.87 12.69 48.13
CA GLU B 363 -15.10 11.96 47.86
C GLU B 363 -15.70 12.13 46.45
N THR B 364 -14.87 12.56 45.50
CA THR B 364 -15.31 12.70 44.12
C THR B 364 -14.50 11.66 43.31
N GLN B 365 -13.78 10.82 44.06
CA GLN B 365 -12.96 9.74 43.49
C GLN B 365 -13.62 8.41 43.87
N PHE B 366 -14.39 8.43 44.95
CA PHE B 366 -15.07 7.24 45.42
C PHE B 366 -16.50 7.06 44.91
N LEU B 367 -16.96 7.95 44.03
CA LEU B 367 -18.30 7.81 43.46
C LEU B 367 -18.21 6.52 42.64
N THR B 368 -17.09 5.83 42.86
CA THR B 368 -16.69 4.56 42.24
C THR B 368 -17.74 3.48 42.42
N GLY B 369 -18.36 3.49 43.59
CA GLY B 369 -19.36 2.51 43.98
C GLY B 369 -20.31 1.92 42.94
N ILE B 370 -21.35 1.25 43.44
CA ILE B 370 -22.36 0.59 42.61
C ILE B 370 -21.61 -0.24 41.54
N ASN B 371 -20.35 -0.54 41.85
CA ASN B 371 -19.48 -1.29 40.95
C ASN B 371 -20.02 -2.67 40.64
N SER B 372 -20.56 -3.35 41.65
CA SER B 372 -21.13 -4.67 41.44
C SER B 372 -21.97 -4.57 40.17
N GLN B 373 -22.31 -3.34 39.82
CA GLN B 373 -23.08 -3.02 38.63
C GLN B 373 -22.15 -2.38 37.60
N ALA B 374 -21.61 -1.21 37.92
CA ALA B 374 -20.72 -0.49 37.02
C ALA B 374 -19.90 -1.39 36.09
N ALA B 375 -19.31 -2.45 36.65
CA ALA B 375 -18.50 -3.37 35.87
C ALA B 375 -19.35 -4.04 34.81
N ASN B 376 -20.52 -4.52 35.21
CA ASN B 376 -21.39 -5.17 34.25
C ASN B 376 -21.76 -4.18 33.15
N ASP B 377 -22.10 -2.94 33.51
CA ASP B 377 -22.47 -1.92 32.52
C ASP B 377 -21.25 -1.64 31.63
N CYS B 378 -20.14 -1.27 32.25
CA CYS B 378 -18.90 -0.98 31.53
C CYS B 378 -18.54 -2.09 30.58
N PHE B 379 -18.72 -3.31 31.04
CA PHE B 379 -18.41 -4.47 30.23
C PHE B 379 -19.32 -4.51 29.00
N LYS B 380 -20.60 -4.77 29.25
CA LYS B 380 -21.58 -4.82 28.17
C LYS B 380 -21.29 -3.65 27.26
N THR B 381 -21.63 -2.46 27.76
CA THR B 381 -21.44 -1.22 27.03
C THR B 381 -20.24 -1.28 26.09
N LEU B 382 -19.09 -1.69 26.58
CA LEU B 382 -17.92 -1.75 25.73
C LEU B 382 -18.07 -2.62 24.49
N ILE B 383 -18.52 -3.85 24.67
CA ILE B 383 -18.67 -4.73 23.53
C ILE B 383 -19.59 -4.14 22.46
N ALA B 384 -20.88 -4.07 22.80
CA ALA B 384 -21.89 -3.55 21.88
C ALA B 384 -21.29 -2.38 21.08
N ALA B 385 -20.76 -1.41 21.81
CA ALA B 385 -20.13 -0.26 21.18
C ALA B 385 -19.41 -0.77 19.94
N MET B 386 -18.47 -1.68 20.18
CA MET B 386 -17.67 -2.29 19.13
C MET B 386 -18.51 -2.88 18.03
N LEU B 387 -19.18 -3.97 18.37
CA LEU B 387 -20.04 -4.65 17.41
C LEU B 387 -20.87 -3.60 16.69
N SER B 388 -21.88 -3.11 17.40
CA SER B 388 -22.78 -2.11 16.87
C SER B 388 -22.09 -1.14 15.91
N GLN B 389 -20.80 -0.92 16.13
CA GLN B 389 -19.99 -0.01 15.33
C GLN B 389 -20.35 1.41 15.72
N ARG B 390 -20.49 1.60 17.02
CA ARG B 390 -20.85 2.87 17.62
C ARG B 390 -19.57 3.65 17.97
N THR B 391 -19.74 4.85 18.50
CA THR B 391 -18.60 5.68 18.91
C THR B 391 -19.02 6.41 20.19
N MET B 392 -18.13 6.54 21.16
CA MET B 392 -18.53 7.20 22.40
C MET B 392 -17.62 8.28 22.98
N SER B 393 -17.99 8.72 24.18
CA SER B 393 -17.27 9.76 24.92
C SER B 393 -17.17 9.30 26.37
N LEU B 394 -16.75 10.20 27.27
CA LEU B 394 -16.58 9.85 28.69
C LEU B 394 -16.95 10.86 29.79
N ASP B 395 -17.80 10.41 30.72
CA ASP B 395 -18.23 11.22 31.87
C ASP B 395 -17.02 11.10 32.77
N PHE B 396 -15.88 11.34 32.16
CA PHE B 396 -14.60 11.28 32.83
C PHE B 396 -14.56 12.49 33.76
N VAL B 397 -14.12 12.27 35.01
CA VAL B 397 -13.99 13.30 36.04
C VAL B 397 -12.52 13.66 36.29
N THR B 398 -12.09 14.86 35.85
CA THR B 398 -10.68 15.32 35.94
C THR B 398 -9.84 15.17 37.19
N THR B 399 -10.37 15.64 38.31
CA THR B 399 -9.63 15.55 39.55
C THR B 399 -9.18 14.10 39.63
N ASN B 400 -10.12 13.21 39.93
CA ASN B 400 -9.89 11.76 40.08
C ASN B 400 -8.85 11.11 39.16
N TYR B 401 -7.58 11.17 39.57
CA TYR B 401 -6.44 10.62 38.82
C TYR B 401 -6.58 9.13 38.51
N MET B 402 -6.93 8.37 39.53
CA MET B 402 -7.12 6.94 39.39
C MET B 402 -7.94 6.68 38.13
N SER B 403 -9.18 7.18 38.16
CA SER B 403 -10.09 7.05 37.02
C SER B 403 -9.34 7.25 35.71
N LEU B 404 -8.26 8.04 35.74
CA LEU B 404 -7.48 8.27 34.53
C LEU B 404 -6.62 7.06 34.26
N ILE B 405 -5.85 6.63 35.25
CA ILE B 405 -4.99 5.46 35.11
C ILE B 405 -5.72 4.42 34.28
N SER B 406 -6.82 3.93 34.83
CA SER B 406 -7.63 2.96 34.14
C SER B 406 -7.86 3.39 32.70
N GLY B 407 -8.04 4.69 32.46
CA GLY B 407 -8.26 5.13 31.10
C GLY B 407 -7.20 4.49 30.21
N MET B 408 -5.95 4.56 30.68
CA MET B 408 -4.83 3.98 29.95
C MET B 408 -5.13 2.53 29.64
N TRP B 409 -5.84 1.89 30.54
CA TRP B 409 -6.20 0.52 30.28
C TRP B 409 -7.03 0.58 29.00
N LEU B 410 -8.17 1.26 29.07
CA LEU B 410 -9.06 1.42 27.94
C LEU B 410 -8.34 1.61 26.61
N LEU B 411 -7.51 2.64 26.51
CA LEU B 411 -6.78 2.86 25.27
C LEU B 411 -5.81 1.72 24.91
N THR B 412 -5.29 1.05 25.94
CA THR B 412 -4.36 -0.06 25.75
C THR B 412 -5.05 -1.11 24.89
N VAL B 413 -6.37 -1.17 25.03
CA VAL B 413 -7.18 -2.12 24.30
C VAL B 413 -8.00 -1.49 23.19
N VAL B 414 -9.27 -1.27 23.51
CA VAL B 414 -10.22 -0.71 22.58
C VAL B 414 -9.56 0.25 21.60
N PRO B 415 -9.53 -0.16 20.33
CA PRO B 415 -8.92 0.64 19.26
C PRO B 415 -9.45 2.06 19.25
N ASN B 416 -8.63 2.97 19.76
CA ASN B 416 -8.95 4.39 19.81
C ASN B 416 -9.84 4.72 18.61
N ASP B 417 -9.47 4.17 17.46
CA ASP B 417 -10.16 4.37 16.20
C ASP B 417 -11.65 4.66 16.34
N MET B 418 -12.28 4.15 17.40
CA MET B 418 -13.69 4.40 17.57
C MET B 418 -14.11 5.16 18.82
N PHE B 419 -13.64 6.40 18.92
CA PHE B 419 -13.97 7.31 20.00
C PHE B 419 -13.94 8.66 19.30
N ILE B 420 -14.99 9.45 19.42
CA ILE B 420 -14.97 10.74 18.77
C ILE B 420 -13.62 11.36 19.16
N ARG B 421 -12.83 11.73 18.17
CA ARG B 421 -11.50 12.30 18.40
C ARG B 421 -11.41 13.04 19.73
N GLU B 422 -12.46 13.79 20.05
CA GLU B 422 -12.49 14.59 21.26
C GLU B 422 -12.45 13.92 22.64
N SER B 423 -13.40 13.05 23.01
CA SER B 423 -13.32 12.42 24.33
C SER B 423 -11.91 11.84 24.55
N LEU B 424 -11.28 11.41 23.46
CA LEU B 424 -9.92 10.88 23.56
C LEU B 424 -9.00 12.05 23.91
N VAL B 425 -9.31 13.19 23.33
CA VAL B 425 -8.55 14.41 23.57
C VAL B 425 -8.43 14.60 25.08
N ALA B 426 -9.57 14.88 25.71
CA ALA B 426 -9.62 15.10 27.15
C ALA B 426 -8.77 14.04 27.84
N CYS B 427 -9.29 12.82 27.84
CA CYS B 427 -8.63 11.72 28.49
C CYS B 427 -7.11 11.76 28.42
N GLN B 428 -6.56 11.59 27.23
CA GLN B 428 -5.12 11.57 27.08
C GLN B 428 -4.40 12.76 27.74
N LEU B 429 -4.73 13.98 27.32
CA LEU B 429 -4.10 15.16 27.90
C LEU B 429 -4.16 15.11 29.42
N ALA B 430 -5.29 14.67 29.97
CA ALA B 430 -5.47 14.57 31.42
C ALA B 430 -4.41 13.64 32.00
N ILE B 431 -4.12 12.59 31.26
CA ILE B 431 -3.12 11.62 31.66
C ILE B 431 -1.80 12.34 31.55
N VAL B 432 -1.45 12.61 30.30
CA VAL B 432 -0.22 13.27 29.97
C VAL B 432 0.20 14.38 30.92
N ASN B 433 -0.69 15.32 31.20
CA ASN B 433 -0.36 16.43 32.08
C ASN B 433 -0.35 16.14 33.57
N THR B 434 -1.47 15.72 34.11
CA THR B 434 -1.52 15.44 35.53
C THR B 434 -0.90 14.08 35.79
N ILE B 435 0.03 13.68 34.93
CA ILE B 435 0.72 12.41 35.11
C ILE B 435 1.97 12.37 34.29
N ILE B 436 2.68 11.26 34.39
CA ILE B 436 3.90 11.05 33.63
C ILE B 436 4.82 12.26 33.61
N TYR B 437 4.73 13.05 32.55
CA TYR B 437 5.57 14.24 32.39
C TYR B 437 6.12 14.79 33.72
N PRO B 438 5.28 14.86 34.76
CA PRO B 438 5.81 15.36 36.03
C PRO B 438 6.37 14.32 37.02
N ALA B 439 5.54 13.40 37.54
CA ALA B 439 6.04 12.40 38.49
C ALA B 439 7.21 11.64 37.88
N PHE B 440 7.31 11.69 36.55
CA PHE B 440 8.37 11.04 35.76
C PHE B 440 9.52 12.02 35.57
N GLY B 441 9.20 13.31 35.70
CA GLY B 441 10.21 14.34 35.56
C GLY B 441 10.43 14.95 34.19
N MET B 442 9.90 14.32 33.14
CA MET B 442 10.09 14.86 31.80
C MET B 442 9.42 16.22 31.63
N GLN B 443 9.32 16.69 30.38
CA GLN B 443 8.75 18.00 30.08
C GLN B 443 7.88 18.57 31.21
N ARG B 444 8.53 19.35 32.07
CA ARG B 444 7.88 19.98 33.21
C ARG B 444 7.09 21.16 32.65
N MET B 445 7.08 21.26 31.32
CA MET B 445 6.35 22.29 30.58
C MET B 445 4.95 21.73 30.31
N HIS B 446 4.56 20.78 31.16
CA HIS B 446 3.27 20.08 31.14
C HIS B 446 2.67 19.72 29.75
N TYR B 447 2.83 20.57 28.73
CA TYR B 447 2.31 20.33 27.36
C TYR B 447 1.62 21.56 26.78
N ARG B 448 1.25 21.50 25.50
CA ARG B 448 0.57 22.63 24.86
C ARG B 448 -0.07 22.20 23.53
N ASN B 449 -1.32 21.78 23.58
CA ASN B 449 -2.00 21.34 22.37
C ASN B 449 -3.00 22.33 21.79
N GLY B 450 -2.87 22.60 20.49
CA GLY B 450 -3.80 23.48 19.80
C GLY B 450 -4.73 22.59 18.99
N ASP B 451 -4.12 21.78 18.12
CA ASP B 451 -4.84 20.80 17.29
C ASP B 451 -4.01 20.11 16.19
N PRO B 452 -2.74 19.74 16.48
CA PRO B 452 -1.91 19.06 15.46
C PRO B 452 -2.48 17.69 15.14
N GLN B 453 -1.57 16.74 14.94
CA GLN B 453 -1.98 15.39 14.62
C GLN B 453 -1.63 14.42 15.74
N THR B 454 -2.66 13.67 16.12
CA THR B 454 -2.64 12.66 17.17
C THR B 454 -1.91 13.08 18.46
N PRO B 455 -2.43 14.13 19.13
CA PRO B 455 -1.90 14.70 20.37
C PRO B 455 -1.46 13.65 21.39
N PHE B 456 -1.96 12.43 21.26
CA PHE B 456 -1.55 11.44 22.23
C PHE B 456 -0.16 10.94 21.89
N GLN B 457 0.06 10.68 20.61
CA GLN B 457 1.36 10.22 20.15
C GLN B 457 2.33 11.36 20.43
N ILE B 458 3.00 11.78 19.36
CA ILE B 458 4.01 12.84 19.37
C ILE B 458 4.96 12.69 20.54
N ALA B 459 4.44 12.17 21.64
CA ALA B 459 5.20 11.96 22.84
C ALA B 459 6.34 11.01 22.54
N GLU B 460 6.12 10.01 21.66
CA GLU B 460 7.19 9.04 21.34
C GLU B 460 8.50 9.68 20.87
N GLN B 461 8.42 10.61 19.93
CA GLN B 461 9.61 11.27 19.42
C GLN B 461 10.41 11.93 20.54
N GLN B 462 9.75 12.25 21.64
CA GLN B 462 10.39 12.91 22.77
C GLN B 462 10.20 12.32 24.18
N ILE B 463 10.51 11.04 24.35
CA ILE B 463 10.40 10.38 25.66
C ILE B 463 11.51 9.38 25.81
N GLN B 464 12.24 9.49 26.91
CA GLN B 464 13.38 8.62 27.09
C GLN B 464 13.24 7.53 28.15
N ASN B 465 12.58 6.45 27.75
CA ASN B 465 12.37 5.27 28.58
C ASN B 465 11.56 4.29 27.76
N PHE B 466 12.27 3.61 26.87
CA PHE B 466 11.66 2.64 25.98
C PHE B 466 10.35 2.05 26.43
N GLN B 467 10.31 1.46 27.62
CA GLN B 467 9.05 0.91 28.08
C GLN B 467 7.96 1.92 27.74
N VAL B 468 8.06 3.11 28.31
CA VAL B 468 7.10 4.17 28.04
C VAL B 468 6.85 4.33 26.54
N ALA B 469 7.96 4.40 25.80
CA ALA B 469 7.92 4.58 24.36
C ALA B 469 7.18 3.56 23.51
N ASN B 470 7.13 2.30 23.90
CA ASN B 470 6.41 1.35 23.06
C ASN B 470 4.91 1.51 23.21
N TRP B 471 4.49 1.75 24.43
CA TRP B 471 3.09 1.95 24.72
C TRP B 471 2.54 2.91 23.68
N LEU B 472 3.16 4.09 23.65
CA LEU B 472 2.75 5.13 22.75
C LEU B 472 2.52 4.73 21.30
N HIS B 473 3.50 4.10 20.66
CA HIS B 473 3.29 3.70 19.28
C HIS B 473 2.22 2.63 19.16
N PHE B 474 2.24 1.67 20.06
CA PHE B 474 1.24 0.63 19.99
C PHE B 474 -0.17 1.17 20.19
N VAL B 475 -0.33 2.08 21.14
CA VAL B 475 -1.65 2.62 21.40
C VAL B 475 -2.04 3.58 20.29
N ASN B 476 -1.08 4.36 19.84
CA ASN B 476 -1.32 5.32 18.78
C ASN B 476 -1.51 4.58 17.44
N ASN B 477 -1.58 3.25 17.51
CA ASN B 477 -1.81 2.44 16.33
C ASN B 477 -3.00 1.54 16.59
N ASN B 478 -2.78 0.23 16.65
CA ASN B 478 -3.88 -0.72 16.88
C ASN B 478 -5.18 -0.10 16.36
N GLN B 479 -5.09 0.47 15.16
CA GLN B 479 -6.22 1.15 14.53
C GLN B 479 -7.50 0.33 14.36
N PHE B 480 -7.61 -0.76 15.11
CA PHE B 480 -8.78 -1.63 15.00
C PHE B 480 -8.65 -2.33 13.65
N ARG B 481 -7.40 -2.57 13.27
CA ARG B 481 -7.04 -3.22 12.02
C ARG B 481 -8.24 -3.61 11.18
N GLN B 482 -8.82 -2.58 10.55
CA GLN B 482 -10.00 -2.67 9.71
C GLN B 482 -9.77 -3.39 8.39
N VAL B 483 -9.68 -4.71 8.44
CA VAL B 483 -9.49 -5.54 7.23
C VAL B 483 -9.89 -6.99 7.49
N VAL B 484 -11.13 -7.35 7.15
CA VAL B 484 -11.62 -8.72 7.37
C VAL B 484 -12.63 -9.18 6.32
N ILE B 485 -12.44 -10.39 5.79
CA ILE B 485 -13.36 -10.93 4.79
C ILE B 485 -13.51 -12.41 5.08
N ASP B 486 -14.31 -12.78 6.08
CA ASP B 486 -14.45 -14.18 6.48
C ASP B 486 -15.70 -14.98 6.11
N GLY B 487 -15.62 -16.28 6.41
CA GLY B 487 -16.69 -17.25 6.18
C GLY B 487 -17.68 -16.93 5.08
N VAL B 488 -17.20 -16.28 4.02
CA VAL B 488 -17.99 -15.86 2.87
C VAL B 488 -18.51 -14.42 3.08
N LEU B 489 -17.62 -13.45 2.82
CA LEU B 489 -17.87 -12.00 2.95
C LEU B 489 -18.37 -11.56 4.31
N ASN B 490 -17.56 -10.74 4.99
CA ASN B 490 -17.93 -10.23 6.30
C ASN B 490 -16.97 -9.16 6.79
N GLN B 491 -17.23 -7.93 6.37
CA GLN B 491 -16.40 -6.80 6.76
C GLN B 491 -16.56 -6.56 8.27
N VAL B 492 -15.89 -7.36 9.10
CA VAL B 492 -16.02 -7.21 10.55
C VAL B 492 -14.75 -6.81 11.28
N LEU B 493 -14.23 -5.65 10.92
CA LEU B 493 -13.03 -5.11 11.53
C LEU B 493 -12.61 -5.93 12.75
N ASN B 494 -11.43 -6.54 12.64
CA ASN B 494 -10.86 -7.39 13.69
C ASN B 494 -9.87 -6.60 14.52
N ASP B 495 -8.93 -7.28 15.18
CA ASP B 495 -7.91 -6.63 16.02
C ASP B 495 -6.82 -7.62 16.47
N ASN B 496 -5.60 -7.11 16.61
CA ASN B 496 -4.43 -7.88 17.03
C ASN B 496 -4.64 -9.25 17.65
N ILE B 497 -3.95 -10.26 17.11
CA ILE B 497 -4.03 -11.57 17.72
C ILE B 497 -3.38 -11.17 19.03
N ARG B 498 -2.42 -10.25 18.89
CA ARG B 498 -1.65 -9.69 19.99
C ARG B 498 -2.60 -9.46 21.14
N ASN B 499 -3.51 -8.51 20.91
CA ASN B 499 -4.49 -8.22 21.91
C ASN B 499 -5.10 -9.58 22.22
N GLY B 500 -5.85 -10.12 21.25
CA GLY B 500 -6.47 -11.42 21.40
C GLY B 500 -6.12 -12.01 22.75
N HIS B 501 -5.28 -13.03 22.77
CA HIS B 501 -4.89 -13.64 24.04
C HIS B 501 -3.39 -13.49 24.25
N VAL B 502 -2.65 -13.19 23.18
CA VAL B 502 -1.21 -13.04 23.36
C VAL B 502 -1.01 -11.96 24.43
N ILE B 503 -2.11 -11.29 24.79
CA ILE B 503 -2.17 -10.29 25.87
C ILE B 503 -1.00 -9.35 26.19
N ASN B 504 0.19 -9.93 26.37
CA ASN B 504 1.39 -9.17 26.70
C ASN B 504 1.26 -7.65 26.71
N GLN B 505 0.65 -7.07 25.68
CA GLN B 505 0.46 -5.61 25.64
C GLN B 505 0.19 -5.20 27.08
N LEU B 506 -0.65 -6.00 27.74
CA LEU B 506 -0.99 -5.77 29.13
C LEU B 506 0.29 -5.83 29.96
N MET B 507 1.02 -6.93 29.81
CA MET B 507 2.28 -7.14 30.53
C MET B 507 3.24 -5.99 30.28
N GLU B 508 3.20 -5.45 29.07
CA GLU B 508 4.07 -4.33 28.73
C GLU B 508 3.47 -3.06 29.32
N ALA B 509 2.14 -2.95 29.30
CA ALA B 509 1.43 -1.77 29.83
C ALA B 509 1.79 -1.66 31.29
N LEU B 510 2.05 -2.81 31.88
CA LEU B 510 2.41 -2.81 33.28
C LEU B 510 3.90 -2.53 33.45
N MET B 511 4.74 -3.33 32.80
CA MET B 511 6.18 -3.12 32.97
C MET B 511 6.56 -1.66 32.82
N GLN B 512 5.87 -0.94 31.94
CA GLN B 512 6.14 0.47 31.71
C GLN B 512 5.73 1.29 32.93
N LEU B 513 4.70 0.79 33.60
CA LEU B 513 4.20 1.43 34.81
C LEU B 513 5.15 1.14 35.98
N SER B 514 5.72 -0.07 36.00
CA SER B 514 6.62 -0.47 37.07
C SER B 514 7.86 0.40 37.20
N ARG B 515 8.07 1.35 36.28
CA ARG B 515 9.22 2.21 36.46
C ARG B 515 8.84 3.68 36.38
N GLN B 516 7.74 4.02 37.05
CA GLN B 516 7.28 5.40 37.14
C GLN B 516 7.04 5.60 38.61
N GLN B 517 8.09 6.07 39.28
CA GLN B 517 8.08 6.34 40.70
C GLN B 517 9.16 7.38 40.99
N PHE B 518 8.85 8.67 40.78
CA PHE B 518 9.80 9.77 41.02
C PHE B 518 9.24 11.16 41.40
N PRO B 519 10.14 12.08 41.81
CA PRO B 519 9.97 13.48 42.25
C PRO B 519 9.32 14.49 41.30
N THR B 520 9.32 15.76 41.75
CA THR B 520 8.80 16.98 41.07
C THR B 520 7.97 18.02 41.89
N MET B 521 6.95 17.57 42.62
CA MET B 521 6.06 18.44 43.41
C MET B 521 5.81 17.93 44.84
N PRO B 522 4.74 18.43 45.54
CA PRO B 522 4.48 17.96 46.91
C PRO B 522 4.39 16.43 47.07
N VAL B 523 4.69 15.94 48.26
CA VAL B 523 4.69 14.51 48.57
C VAL B 523 3.35 13.77 48.58
N ASP B 524 2.32 14.44 49.06
CA ASP B 524 1.01 13.83 49.10
C ASP B 524 0.70 13.44 47.65
N TYR B 525 1.68 13.58 46.78
CA TYR B 525 1.38 13.28 45.40
C TYR B 525 1.86 11.93 44.89
N LYS B 526 3.17 11.77 44.76
CA LYS B 526 3.71 10.52 44.26
C LYS B 526 3.16 9.38 45.10
N ARG B 527 3.16 9.59 46.41
CA ARG B 527 2.63 8.63 47.34
C ARG B 527 1.31 8.07 46.82
N SER B 528 0.30 8.94 46.78
CA SER B 528 -1.05 8.58 46.35
C SER B 528 -1.12 7.99 44.95
N ILE B 529 -0.38 8.61 44.05
CA ILE B 529 -0.32 8.20 42.67
C ILE B 529 0.21 6.79 42.45
N GLN B 530 1.48 6.58 42.77
CA GLN B 530 2.07 5.28 42.54
C GLN B 530 1.36 4.16 43.29
N ARG B 531 0.89 4.44 44.50
CA ARG B 531 0.18 3.42 45.28
C ARG B 531 -0.98 2.88 44.44
N GLY B 532 -1.66 3.77 43.73
CA GLY B 532 -2.79 3.36 42.92
C GLY B 532 -2.30 2.49 41.79
N ILE B 533 -1.25 2.96 41.14
CA ILE B 533 -0.65 2.25 40.04
C ILE B 533 -0.39 0.80 40.42
N LEU B 534 0.18 0.59 41.60
CA LEU B 534 0.51 -0.77 42.02
C LEU B 534 -0.71 -1.66 42.06
N LEU B 535 -1.85 -1.09 42.43
CA LEU B 535 -3.05 -1.89 42.48
C LEU B 535 -3.42 -2.44 41.12
N LEU B 536 -2.83 -1.86 40.08
CA LEU B 536 -3.05 -2.32 38.71
C LEU B 536 -2.10 -3.46 38.46
N SER B 537 -0.89 -3.28 38.96
CA SER B 537 0.20 -4.23 38.82
C SER B 537 -0.11 -5.59 39.41
N ASN B 538 -0.33 -5.62 40.73
CA ASN B 538 -0.64 -6.88 41.42
C ASN B 538 -1.75 -7.57 40.65
N ARG B 539 -2.83 -6.83 40.45
CA ARG B 539 -4.01 -7.28 39.73
C ARG B 539 -3.68 -7.71 38.30
N LEU B 540 -2.57 -7.18 37.77
CA LEU B 540 -2.13 -7.50 36.41
C LEU B 540 -2.25 -8.97 36.09
N GLY B 541 -1.90 -9.80 37.06
CA GLY B 541 -1.99 -11.22 36.83
C GLY B 541 -3.39 -11.47 36.32
N GLN B 542 -4.36 -10.81 36.94
CA GLN B 542 -5.77 -10.95 36.58
C GLN B 542 -6.16 -10.07 35.40
N LEU B 543 -5.70 -8.82 35.41
CA LEU B 543 -6.04 -7.94 34.32
C LEU B 543 -5.82 -8.69 33.02
N VAL B 544 -4.82 -9.56 33.04
CA VAL B 544 -4.55 -10.38 31.89
C VAL B 544 -5.91 -10.96 31.51
N ASP B 545 -6.41 -11.85 32.36
CA ASP B 545 -7.71 -12.50 32.14
C ASP B 545 -8.72 -11.63 31.38
N LEU B 546 -8.82 -10.36 31.75
CA LEU B 546 -9.76 -9.46 31.10
C LEU B 546 -9.60 -9.46 29.61
N THR B 547 -8.38 -9.17 29.18
CA THR B 547 -8.08 -9.13 27.77
C THR B 547 -8.60 -10.39 27.11
N ARG B 548 -8.21 -11.54 27.65
CA ARG B 548 -8.63 -12.84 27.13
C ARG B 548 -10.13 -12.80 26.94
N LEU B 549 -10.81 -12.50 28.02
CA LEU B 549 -12.26 -12.47 28.01
C LEU B 549 -12.77 -11.76 26.77
N LEU B 550 -12.70 -10.45 26.77
CA LEU B 550 -13.17 -9.69 25.63
C LEU B 550 -12.71 -10.34 24.34
N ALA B 551 -11.40 -10.48 24.22
CA ALA B 551 -10.78 -11.07 23.04
C ALA B 551 -11.74 -12.11 22.49
N TYR B 552 -12.01 -13.13 23.30
CA TYR B 552 -12.90 -14.19 22.90
C TYR B 552 -14.27 -13.63 22.55
N ASN B 553 -15.04 -13.32 23.59
CA ASN B 553 -16.39 -12.79 23.42
C ASN B 553 -16.60 -12.01 22.13
N TYR B 554 -16.00 -10.84 22.01
CA TYR B 554 -16.17 -10.09 20.77
C TYR B 554 -15.89 -11.04 19.61
N GLU B 555 -14.67 -11.58 19.57
CA GLU B 555 -14.23 -12.52 18.54
C GLU B 555 -15.21 -13.66 18.29
N THR B 556 -16.08 -13.92 19.26
CA THR B 556 -17.07 -14.97 19.12
C THR B 556 -18.33 -14.33 18.55
N LEU B 557 -19.13 -13.74 19.44
CA LEU B 557 -20.36 -13.08 19.04
C LEU B 557 -20.28 -12.67 17.58
N MET B 558 -19.34 -11.77 17.33
CA MET B 558 -19.08 -11.22 16.02
C MET B 558 -19.52 -12.16 14.90
N ALA B 559 -18.90 -13.34 14.85
CA ALA B 559 -19.19 -14.34 13.83
C ALA B 559 -20.59 -14.27 13.23
N CYS B 560 -21.59 -14.44 14.09
CA CYS B 560 -23.00 -14.44 13.68
C CYS B 560 -23.63 -13.11 13.29
N VAL B 561 -22.92 -12.34 12.47
CA VAL B 561 -23.43 -11.05 12.03
C VAL B 561 -23.39 -10.99 10.51
N THR B 562 -24.56 -10.91 9.89
CA THR B 562 -24.66 -10.83 8.44
C THR B 562 -24.44 -9.38 8.04
N MET B 563 -25.17 -8.50 8.73
CA MET B 563 -25.08 -7.07 8.49
C MET B 563 -23.63 -6.65 8.46
N ASN B 564 -23.11 -6.39 7.27
CA ASN B 564 -21.73 -5.93 7.15
C ASN B 564 -21.57 -4.77 8.13
N MET B 565 -20.34 -4.31 8.36
CA MET B 565 -20.15 -3.21 9.30
C MET B 565 -18.92 -2.31 9.07
N GLN B 566 -19.10 -1.27 8.27
CA GLN B 566 -18.01 -0.34 8.01
C GLN B 566 -17.90 0.56 9.22
N HIS B 567 -16.70 1.07 9.48
CA HIS B 567 -16.52 1.95 10.62
C HIS B 567 -16.96 3.37 10.28
N VAL B 568 -17.89 3.91 11.05
CA VAL B 568 -18.37 5.26 10.78
C VAL B 568 -18.39 6.10 12.05
N GLN B 569 -18.37 7.42 11.86
CA GLN B 569 -18.42 8.35 12.97
C GLN B 569 -19.88 8.67 13.27
N THR B 570 -20.47 7.91 14.19
CA THR B 570 -21.86 8.13 14.55
C THR B 570 -22.06 9.58 14.91
N LEU B 571 -23.32 9.97 15.06
CA LEU B 571 -23.64 11.33 15.41
C LEU B 571 -23.91 11.39 16.90
N THR B 572 -24.14 10.23 17.49
CA THR B 572 -24.41 10.14 18.92
C THR B 572 -23.34 9.36 19.67
N THR B 573 -23.03 9.81 20.88
CA THR B 573 -22.03 9.17 21.71
C THR B 573 -22.67 8.00 22.45
N GLU B 574 -22.28 7.85 23.71
CA GLU B 574 -22.75 6.82 24.62
C GLU B 574 -21.79 6.99 25.78
N LYS B 575 -22.22 7.75 26.79
CA LYS B 575 -21.40 8.01 27.96
C LYS B 575 -20.89 6.76 28.69
N LEU B 576 -19.63 6.83 29.09
CA LEU B 576 -18.93 5.76 29.79
C LEU B 576 -18.10 6.28 30.98
N GLN B 577 -18.69 6.18 32.17
CA GLN B 577 -18.06 6.64 33.41
C GLN B 577 -16.83 5.81 33.81
N LEU B 578 -15.65 6.42 33.76
CA LEU B 578 -14.40 5.75 34.12
C LEU B 578 -14.60 5.06 35.46
N THR B 579 -15.68 5.47 36.11
CA THR B 579 -16.07 4.89 37.37
C THR B 579 -16.08 3.38 37.15
N SER B 580 -17.12 2.90 36.50
CA SER B 580 -17.27 1.48 36.20
C SER B 580 -15.99 0.84 35.67
N VAL B 581 -15.43 1.45 34.64
CA VAL B 581 -14.19 0.95 34.05
C VAL B 581 -13.33 0.46 35.19
N THR B 582 -12.81 1.43 35.93
CA THR B 582 -11.95 1.19 37.07
C THR B 582 -12.39 -0.01 37.91
N SER B 583 -13.70 -0.14 38.13
CA SER B 583 -14.20 -1.24 38.94
C SER B 583 -13.83 -2.56 38.28
N LEU B 584 -14.43 -2.77 37.12
CA LEU B 584 -14.23 -3.96 36.35
C LEU B 584 -12.77 -4.36 36.52
N CYS B 585 -11.89 -3.43 36.20
CA CYS B 585 -10.46 -3.63 36.30
C CYS B 585 -10.02 -4.41 37.53
N MET B 586 -9.60 -3.72 38.58
CA MET B 586 -9.12 -4.42 39.75
C MET B 586 -10.12 -5.34 40.43
N LEU B 587 -11.38 -5.33 39.98
CA LEU B 587 -12.45 -6.14 40.59
C LEU B 587 -12.86 -7.51 40.00
N ILE B 588 -12.06 -8.07 39.10
CA ILE B 588 -12.40 -9.38 38.53
C ILE B 588 -11.45 -10.50 38.92
N GLY B 589 -12.01 -11.63 39.34
CA GLY B 589 -11.17 -12.74 39.73
C GLY B 589 -11.23 -13.89 38.74
N ASN B 590 -11.07 -15.10 39.25
CA ASN B 590 -11.12 -16.29 38.43
C ASN B 590 -12.52 -16.54 37.84
N ALA B 591 -13.21 -15.47 37.49
CA ALA B 591 -14.54 -15.59 36.90
C ALA B 591 -14.31 -16.00 35.45
N THR B 592 -15.31 -16.60 34.83
CA THR B 592 -15.17 -17.02 33.44
C THR B 592 -16.55 -17.29 32.85
N VAL B 593 -17.07 -16.35 32.06
CA VAL B 593 -18.40 -16.54 31.48
C VAL B 593 -18.37 -16.41 29.96
N ILE B 594 -19.40 -16.94 29.30
CA ILE B 594 -19.49 -16.87 27.86
C ILE B 594 -20.94 -16.86 27.40
N PRO B 595 -21.15 -16.86 26.08
CA PRO B 595 -22.47 -16.84 25.46
C PRO B 595 -23.18 -18.19 25.48
N SER B 596 -24.33 -18.25 26.13
CA SER B 596 -25.09 -19.49 26.19
C SER B 596 -25.38 -19.88 24.74
N PRO B 597 -25.27 -21.16 24.40
CA PRO B 597 -25.54 -21.60 23.04
C PRO B 597 -26.79 -20.87 22.54
N GLN B 598 -27.92 -21.35 23.04
CA GLN B 598 -29.23 -20.79 22.72
C GLN B 598 -29.15 -19.30 22.49
N THR B 599 -28.38 -18.62 23.34
CA THR B 599 -28.20 -17.19 23.22
C THR B 599 -27.70 -16.87 21.81
N LEU B 600 -26.51 -17.38 21.47
CA LEU B 600 -25.92 -17.14 20.17
C LEU B 600 -26.89 -17.23 19.00
N PHE B 601 -27.54 -18.38 18.84
CA PHE B 601 -28.49 -18.55 17.74
C PHE B 601 -29.42 -17.38 17.67
N HIS B 602 -30.19 -17.22 18.73
CA HIS B 602 -31.14 -16.15 18.82
C HIS B 602 -30.58 -14.91 18.13
N TYR B 603 -29.30 -14.62 18.37
CA TYR B 603 -28.62 -13.46 17.79
C TYR B 603 -28.57 -13.56 16.27
N TYR B 604 -28.05 -14.67 15.79
CA TYR B 604 -27.97 -14.90 14.36
C TYR B 604 -29.38 -14.60 13.86
N ASN B 605 -30.30 -15.50 14.21
CA ASN B 605 -31.70 -15.40 13.81
C ASN B 605 -32.16 -13.98 13.59
N VAL B 606 -32.04 -13.15 14.61
CA VAL B 606 -32.51 -11.78 14.43
C VAL B 606 -31.83 -11.10 13.25
N ASN B 607 -30.55 -10.75 13.36
CA ASN B 607 -29.89 -10.08 12.23
C ASN B 607 -30.41 -10.66 10.93
N VAL B 608 -30.46 -11.99 10.88
CA VAL B 608 -30.97 -12.70 9.72
C VAL B 608 -32.26 -12.07 9.22
N ASN B 609 -33.35 -12.37 9.93
CA ASN B 609 -34.67 -11.84 9.61
C ASN B 609 -34.49 -10.44 9.06
N PHE B 610 -34.12 -9.55 9.97
CA PHE B 610 -33.89 -8.16 9.67
C PHE B 610 -33.33 -7.94 8.27
N HIS B 611 -32.18 -8.55 8.04
CA HIS B 611 -31.49 -8.52 6.77
C HIS B 611 -32.55 -8.83 5.71
N SER B 612 -32.99 -10.08 5.73
CA SER B 612 -34.00 -10.58 4.81
C SER B 612 -35.06 -9.51 4.54
N ASN B 613 -35.53 -8.87 5.59
CA ASN B 613 -36.55 -7.84 5.44
C ASN B 613 -35.99 -6.69 4.63
N TYR B 614 -34.86 -6.16 5.08
CA TYR B 614 -34.22 -5.07 4.37
C TYR B 614 -34.13 -5.46 2.90
N ASN B 615 -33.32 -6.47 2.61
CA ASN B 615 -33.17 -6.94 1.24
C ASN B 615 -34.50 -7.05 0.51
N GLU B 616 -35.41 -7.83 1.09
CA GLU B 616 -36.71 -8.05 0.47
C GLU B 616 -37.45 -6.75 0.17
N ARG B 617 -37.76 -5.96 1.19
CA ARG B 617 -38.47 -4.71 0.94
C ARG B 617 -37.76 -3.93 -0.18
N ILE B 618 -36.43 -3.95 -0.16
CA ILE B 618 -35.63 -3.29 -1.18
C ILE B 618 -36.19 -3.68 -2.54
N ASN B 619 -36.21 -4.99 -2.79
CA ASN B 619 -36.73 -5.51 -4.05
C ASN B 619 -38.16 -5.04 -4.24
N ASP B 620 -38.99 -5.25 -3.21
CA ASP B 620 -40.38 -4.81 -3.27
C ASP B 620 -40.38 -3.35 -3.69
N ALA B 621 -39.52 -2.56 -3.08
CA ALA B 621 -39.42 -1.14 -3.37
C ALA B 621 -39.07 -0.92 -4.83
N VAL B 622 -37.82 -1.26 -5.17
CA VAL B 622 -37.34 -1.09 -6.53
C VAL B 622 -38.42 -1.43 -7.55
N ALA B 623 -38.79 -2.70 -7.59
CA ALA B 623 -39.79 -3.20 -8.51
C ALA B 623 -40.86 -2.16 -8.79
N ILE B 624 -41.45 -1.66 -7.72
CA ILE B 624 -42.49 -0.67 -7.85
C ILE B 624 -41.98 0.52 -8.63
N ILE B 625 -41.08 1.30 -8.03
CA ILE B 625 -40.56 2.50 -8.68
C ILE B 625 -40.27 2.37 -10.16
N THR B 626 -39.55 1.33 -10.55
CA THR B 626 -39.23 1.15 -11.97
C THR B 626 -40.52 1.06 -12.77
N ALA B 627 -41.45 0.23 -12.29
CA ALA B 627 -42.72 0.08 -12.96
C ALA B 627 -43.32 1.48 -13.06
N ALA B 628 -43.31 2.17 -11.92
CA ALA B 628 -43.84 3.51 -11.81
C ALA B 628 -43.39 4.42 -12.94
N ASN B 629 -42.18 4.20 -13.43
CA ASN B 629 -41.72 5.06 -14.50
C ASN B 629 -42.28 4.62 -15.85
N ARG B 630 -42.12 3.36 -16.24
CA ARG B 630 -42.73 3.01 -17.51
C ARG B 630 -44.18 2.65 -17.25
N LEU B 631 -44.97 3.70 -17.06
CA LEU B 631 -46.38 3.63 -16.79
C LEU B 631 -46.74 5.10 -16.76
N ASN B 632 -45.70 5.90 -16.89
CA ASN B 632 -45.83 7.34 -16.90
C ASN B 632 -46.60 7.84 -15.70
N LEU B 633 -46.73 7.03 -14.65
CA LEU B 633 -47.49 7.50 -13.49
C LEU B 633 -46.77 8.65 -12.78
N TYR B 634 -46.39 9.65 -13.56
CA TYR B 634 -45.72 10.84 -13.04
C TYR B 634 -46.52 11.44 -11.89
N GLN B 635 -46.34 10.93 -10.67
CA GLN B 635 -47.05 11.45 -9.49
C GLN B 635 -46.33 11.08 -8.19
N LYS B 636 -46.86 10.07 -7.50
CA LYS B 636 -46.19 9.60 -6.30
C LYS B 636 -44.98 9.05 -7.05
N LYS B 637 -43.91 8.68 -6.35
CA LYS B 637 -42.67 8.16 -6.98
C LYS B 637 -41.71 8.66 -5.96
N MET B 638 -42.06 9.85 -5.50
CA MET B 638 -41.33 10.53 -4.49
C MET B 638 -41.65 9.72 -3.23
N LYS B 639 -41.92 10.44 -2.16
CA LYS B 639 -42.23 9.89 -0.86
C LYS B 639 -43.02 8.57 -0.91
N ALA B 640 -44.31 8.67 -1.24
CA ALA B 640 -45.22 7.52 -1.23
C ALA B 640 -44.58 6.20 -0.90
N ILE B 641 -43.81 5.67 -1.84
CA ILE B 641 -43.16 4.39 -1.68
C ILE B 641 -42.17 4.34 -0.52
N VAL B 642 -41.32 5.35 -0.48
CA VAL B 642 -40.34 5.46 0.56
C VAL B 642 -40.98 5.27 1.94
N GLU B 643 -42.03 6.05 2.20
CA GLU B 643 -42.72 5.97 3.48
C GLU B 643 -42.99 4.53 3.89
N ASP B 644 -43.82 3.82 3.11
CA ASP B 644 -44.16 2.42 3.38
C ASP B 644 -42.89 1.62 3.65
N PHE B 645 -41.93 1.80 2.76
CA PHE B 645 -40.67 1.12 2.86
C PHE B 645 -40.12 1.10 4.28
N LEU B 646 -39.68 2.27 4.73
CA LEU B 646 -39.11 2.44 6.06
C LEU B 646 -39.99 1.86 7.15
N LYS B 647 -41.28 2.16 7.11
CA LYS B 647 -42.23 1.64 8.09
C LYS B 647 -42.05 0.14 8.30
N ARG B 648 -42.15 -0.62 7.22
CA ARG B 648 -42.03 -2.09 7.28
C ARG B 648 -40.71 -2.56 7.85
N LEU B 649 -39.69 -1.69 7.77
CA LEU B 649 -38.35 -1.97 8.30
C LEU B 649 -38.36 -1.83 9.81
N HIS B 650 -39.47 -1.30 10.32
CA HIS B 650 -39.64 -1.06 11.74
C HIS B 650 -38.62 -0.01 12.18
N ILE B 651 -37.56 -0.46 12.84
CA ILE B 651 -36.50 0.39 13.37
C ILE B 651 -36.68 1.91 13.51
N PHE B 652 -36.98 2.65 12.43
CA PHE B 652 -37.15 4.11 12.58
C PHE B 652 -38.52 4.72 12.30
N ASP B 653 -38.79 5.80 13.03
CA ASP B 653 -40.06 6.52 12.93
C ASP B 653 -40.09 7.63 11.89
N VAL B 654 -39.76 7.28 10.65
CA VAL B 654 -39.81 8.23 9.55
C VAL B 654 -39.74 9.69 10.01
N ALA B 655 -40.83 10.42 9.80
CA ALA B 655 -40.98 11.83 10.17
C ALA B 655 -39.69 12.61 10.28
N ARG B 656 -38.96 12.35 11.37
CA ARG B 656 -37.69 13.02 11.67
C ARG B 656 -36.59 12.69 10.66
N VAL B 657 -37.01 12.47 9.42
CA VAL B 657 -36.08 12.15 8.35
C VAL B 657 -35.92 13.41 7.52
N PRO B 658 -34.74 14.05 7.57
CA PRO B 658 -34.55 15.25 6.77
C PRO B 658 -35.06 15.02 5.35
N ASP B 659 -35.81 15.96 4.79
CA ASP B 659 -36.34 15.79 3.43
C ASP B 659 -35.23 15.49 2.42
N ASP B 660 -34.00 15.93 2.71
CA ASP B 660 -32.86 15.68 1.81
C ASP B 660 -32.55 14.20 1.85
N GLN B 661 -33.04 13.55 2.90
CA GLN B 661 -32.70 12.17 3.03
C GLN B 661 -33.65 11.29 2.25
N MET B 662 -34.94 11.37 2.54
CA MET B 662 -35.92 10.56 1.83
C MET B 662 -35.69 10.60 0.32
N TYR B 663 -35.67 11.79 -0.29
CA TYR B 663 -35.47 11.85 -1.74
C TYR B 663 -34.14 11.22 -2.14
N ARG B 664 -33.07 11.63 -1.47
CA ARG B 664 -31.75 11.07 -1.77
C ARG B 664 -31.81 9.54 -1.75
N LEU B 665 -32.68 9.02 -0.90
CA LEU B 665 -32.90 7.59 -0.77
C LEU B 665 -33.39 7.02 -2.10
N ARG B 666 -34.29 7.75 -2.75
CA ARG B 666 -34.85 7.32 -4.02
C ARG B 666 -33.71 7.32 -5.02
N ASP B 667 -33.07 8.47 -5.13
CA ASP B 667 -31.98 8.64 -6.06
C ASP B 667 -31.10 7.40 -6.10
N ARG B 668 -30.83 6.79 -4.94
CA ARG B 668 -29.98 5.61 -4.91
C ARG B 668 -30.74 4.34 -5.34
N LEU B 669 -31.97 4.21 -4.89
CA LEU B 669 -32.77 3.03 -5.22
C LEU B 669 -32.99 2.86 -6.72
N ARG B 670 -33.33 3.96 -7.39
CA ARG B 670 -33.61 3.97 -8.82
C ARG B 670 -32.40 3.66 -9.68
N LEU B 671 -31.49 2.85 -9.17
CA LEU B 671 -30.28 2.53 -9.93
C LEU B 671 -29.86 1.09 -9.71
N LEU B 672 -30.81 0.22 -9.48
CA LEU B 672 -30.46 -1.17 -9.26
C LEU B 672 -31.26 -2.11 -10.12
N PRO B 673 -30.79 -3.36 -10.23
CA PRO B 673 -31.50 -4.35 -11.04
C PRO B 673 -32.88 -4.57 -10.45
N VAL B 674 -33.23 -5.84 -10.25
CA VAL B 674 -34.51 -6.20 -9.68
C VAL B 674 -34.68 -7.71 -9.62
N GLU B 675 -34.91 -8.21 -8.42
CA GLU B 675 -35.10 -9.62 -8.19
C GLU B 675 -35.80 -10.24 -9.40
N VAL B 676 -35.02 -10.91 -10.25
CA VAL B 676 -35.54 -11.60 -11.42
C VAL B 676 -37.03 -11.88 -11.20
N ARG B 677 -37.35 -12.48 -10.06
CA ARG B 677 -38.73 -12.80 -9.70
C ARG B 677 -39.59 -11.58 -10.02
N ARG B 678 -39.44 -10.55 -9.20
CA ARG B 678 -40.17 -9.29 -9.34
C ARG B 678 -40.21 -8.93 -10.82
N LEU B 679 -39.07 -8.51 -11.33
CA LEU B 679 -38.94 -8.10 -12.73
C LEU B 679 -39.68 -9.04 -13.69
N ASP B 680 -39.25 -10.29 -13.75
CA ASP B 680 -39.85 -11.27 -14.66
C ASP B 680 -41.36 -11.22 -14.77
N ILE B 681 -42.02 -10.73 -13.75
CA ILE B 681 -43.46 -10.69 -13.79
C ILE B 681 -44.03 -9.46 -14.51
N PHE B 682 -43.44 -8.30 -14.23
CA PHE B 682 -43.83 -7.02 -14.83
C PHE B 682 -43.75 -7.11 -16.34
N ASN B 683 -42.70 -7.74 -16.83
CA ASN B 683 -42.48 -7.89 -18.26
C ASN B 683 -43.71 -8.59 -18.82
N LEU B 684 -44.22 -9.52 -18.03
CA LEU B 684 -45.37 -10.32 -18.41
C LEU B 684 -46.65 -9.49 -18.52
N ILE B 685 -46.89 -8.72 -17.48
CA ILE B 685 -48.07 -7.90 -17.45
C ILE B 685 -48.12 -6.90 -18.59
N LEU B 686 -47.00 -6.23 -18.83
CA LEU B 686 -46.95 -5.25 -19.91
C LEU B 686 -47.31 -5.89 -21.24
N MET B 687 -46.72 -7.03 -21.57
CA MET B 687 -47.03 -7.65 -22.85
C MET B 687 -48.52 -7.89 -23.09
N ASN B 688 -49.24 -8.25 -22.05
CA ASN B 688 -50.67 -8.50 -22.21
C ASN B 688 -51.54 -7.27 -21.99
N MET B 689 -51.02 -6.32 -21.23
CA MET B 689 -51.71 -5.08 -20.90
C MET B 689 -52.75 -4.66 -21.94
N ASP B 690 -52.29 -4.30 -23.13
CA ASP B 690 -53.16 -3.89 -24.22
C ASP B 690 -54.37 -4.80 -24.30
N GLN B 691 -54.11 -6.07 -24.58
CA GLN B 691 -55.14 -7.08 -24.72
C GLN B 691 -56.26 -7.04 -23.67
N ILE B 692 -55.92 -6.82 -22.41
CA ILE B 692 -56.92 -6.76 -21.36
C ILE B 692 -57.86 -5.59 -21.59
N GLU B 693 -57.27 -4.40 -21.51
CA GLU B 693 -57.95 -3.12 -21.71
C GLU B 693 -59.05 -3.16 -22.78
N ARG B 694 -58.73 -3.45 -24.03
CA ARG B 694 -59.78 -3.48 -25.05
C ARG B 694 -60.73 -4.67 -24.84
N ALA B 695 -60.20 -5.75 -24.26
CA ALA B 695 -60.97 -6.96 -24.03
C ALA B 695 -62.03 -6.81 -22.95
N SER B 696 -62.18 -5.62 -22.39
CA SER B 696 -63.20 -5.44 -21.35
C SER B 696 -64.58 -5.16 -21.90
N ASP B 697 -65.60 -5.35 -21.08
CA ASP B 697 -66.98 -5.12 -21.47
C ASP B 697 -67.39 -3.66 -21.41
N LYS B 698 -67.04 -2.98 -20.32
CA LYS B 698 -67.36 -1.57 -20.19
C LYS B 698 -66.11 -0.76 -20.39
N ILE B 699 -66.06 -0.07 -21.52
CA ILE B 699 -64.96 0.80 -21.93
C ILE B 699 -64.22 0.33 -23.17
N ALA B 700 -63.95 1.30 -24.05
CA ALA B 700 -63.27 1.05 -25.31
C ALA B 700 -62.40 2.25 -25.60
N GLN B 701 -61.50 2.13 -26.57
CA GLN B 701 -60.62 3.24 -26.92
C GLN B 701 -61.29 4.12 -27.95
N GLY B 702 -61.23 5.42 -27.69
CA GLY B 702 -61.79 6.48 -28.54
C GLY B 702 -62.79 6.25 -29.66
N VAL B 703 -63.31 7.36 -30.18
CA VAL B 703 -64.27 7.34 -31.29
C VAL B 703 -63.82 8.26 -32.42
N ILE B 704 -64.36 8.02 -33.62
CA ILE B 704 -64.02 8.80 -34.80
C ILE B 704 -65.22 9.55 -35.36
N ILE B 705 -64.96 10.69 -35.99
CA ILE B 705 -66.02 11.51 -36.57
C ILE B 705 -65.80 11.76 -38.05
N ALA B 706 -66.77 11.39 -38.87
CA ALA B 706 -66.63 11.55 -40.31
C ALA B 706 -67.55 12.54 -40.99
N TYR B 707 -68.66 12.87 -40.34
CA TYR B 707 -69.63 13.78 -40.95
C TYR B 707 -69.87 13.31 -42.39
N ARG B 708 -69.68 12.01 -42.60
CA ARG B 708 -69.86 11.37 -43.90
C ARG B 708 -70.80 10.20 -43.69
N ASP B 709 -72.06 10.38 -44.09
CA ASP B 709 -73.03 9.30 -43.96
C ASP B 709 -72.19 8.06 -44.17
N MET B 710 -71.95 7.32 -43.10
CA MET B 710 -71.11 6.16 -43.20
C MET B 710 -71.86 4.84 -43.00
N GLN B 711 -71.38 3.81 -43.69
CA GLN B 711 -71.99 2.49 -43.65
C GLN B 711 -71.69 1.68 -42.40
N LEU B 712 -72.75 1.31 -41.69
CA LEU B 712 -72.62 0.53 -40.48
C LEU B 712 -72.15 -0.88 -40.83
N GLU B 713 -71.30 -1.47 -40.00
CA GLU B 713 -70.79 -2.83 -40.25
C GLU B 713 -71.59 -3.89 -39.50
N ARG B 714 -71.32 -5.16 -39.80
CA ARG B 714 -72.04 -6.26 -39.16
C ARG B 714 -71.08 -7.32 -38.60
N ASP B 715 -71.26 -7.65 -37.33
CA ASP B 715 -70.42 -8.63 -36.66
C ASP B 715 -71.24 -9.56 -35.78
N GLU B 716 -71.19 -10.85 -36.10
CA GLU B 716 -71.94 -11.88 -35.39
C GLU B 716 -72.25 -11.63 -33.91
N MET B 717 -71.25 -11.29 -33.12
CA MET B 717 -71.45 -11.10 -31.68
C MET B 717 -72.28 -9.90 -31.24
N TYR B 718 -72.29 -8.84 -32.04
CA TYR B 718 -73.06 -7.67 -31.68
C TYR B 718 -74.25 -7.42 -32.60
N GLY B 719 -74.22 -8.02 -33.79
CA GLY B 719 -75.31 -7.84 -34.73
C GLY B 719 -74.98 -6.73 -35.71
N TYR B 720 -75.87 -5.76 -35.86
CA TYR B 720 -75.66 -4.61 -36.75
C TYR B 720 -75.10 -3.49 -35.87
N VAL B 721 -73.79 -3.30 -35.90
CA VAL B 721 -73.12 -2.31 -35.06
C VAL B 721 -72.10 -1.43 -35.79
N ASN B 722 -71.60 -0.40 -35.10
CA ASN B 722 -70.61 0.51 -35.67
C ASN B 722 -69.25 0.49 -34.95
N ILE B 723 -68.46 -0.56 -35.20
CA ILE B 723 -67.13 -0.68 -34.58
C ILE B 723 -66.10 -0.25 -35.63
N ALA B 724 -64.90 -0.80 -35.54
CA ALA B 724 -63.80 -0.52 -36.46
C ALA B 724 -62.49 -0.71 -35.71
N ARG B 725 -61.94 -1.91 -35.77
CA ARG B 725 -60.70 -2.21 -35.06
C ARG B 725 -59.48 -1.47 -35.61
N ASN B 726 -59.68 -0.49 -36.50
CA ASN B 726 -58.55 0.23 -37.08
C ASN B 726 -58.65 1.70 -37.45
N LEU B 727 -58.04 2.52 -36.62
CA LEU B 727 -58.02 3.94 -36.84
C LEU B 727 -56.72 4.29 -37.57
N ASP B 728 -56.87 4.63 -38.84
CA ASP B 728 -55.73 5.00 -39.65
C ASP B 728 -56.27 5.90 -40.74
N GLY B 729 -55.73 7.10 -40.82
CA GLY B 729 -56.19 8.04 -41.84
C GLY B 729 -56.84 9.28 -41.25
N PHE B 730 -56.74 9.42 -39.93
CA PHE B 730 -57.33 10.55 -39.25
C PHE B 730 -56.44 10.83 -38.05
N GLN B 731 -56.11 12.11 -37.86
CA GLN B 731 -55.24 12.50 -36.77
C GLN B 731 -55.60 11.81 -35.47
N GLN B 732 -54.64 11.78 -34.57
CA GLN B 732 -54.84 11.17 -33.28
C GLN B 732 -54.55 12.22 -32.23
N ILE B 733 -55.46 12.34 -31.27
CA ILE B 733 -55.31 13.31 -30.19
C ILE B 733 -55.38 12.62 -28.82
N ASN B 734 -54.21 12.36 -28.26
CA ASN B 734 -54.12 11.70 -26.96
C ASN B 734 -54.97 12.46 -25.95
N LEU B 735 -56.13 11.92 -25.64
CA LEU B 735 -57.04 12.54 -24.69
C LEU B 735 -56.24 12.87 -23.44
N GLU B 736 -55.59 11.84 -22.91
CA GLU B 736 -54.78 12.01 -21.73
C GLU B 736 -53.91 13.25 -21.99
N GLU B 737 -53.19 13.25 -23.11
CA GLU B 737 -52.30 14.37 -23.48
C GLU B 737 -53.03 15.70 -23.61
N LEU B 738 -54.35 15.67 -23.56
CA LEU B 738 -55.07 16.91 -23.67
C LEU B 738 -55.42 17.37 -22.25
N MET B 739 -56.38 16.70 -21.64
CA MET B 739 -56.81 17.01 -20.29
C MET B 739 -55.67 17.37 -19.33
N ARG B 740 -54.66 16.50 -19.28
CA ARG B 740 -53.51 16.72 -18.40
C ARG B 740 -52.68 17.92 -18.87
N THR B 741 -53.24 18.70 -19.79
CA THR B 741 -52.53 19.86 -20.33
C THR B 741 -53.41 21.00 -20.86
N GLY B 742 -54.73 20.92 -20.64
CA GLY B 742 -55.60 21.99 -21.12
C GLY B 742 -55.68 22.05 -22.64
N ASP B 743 -56.78 22.57 -23.18
CA ASP B 743 -56.92 22.64 -24.63
C ASP B 743 -56.59 24.00 -25.21
N TYR B 744 -56.26 23.99 -26.50
CA TYR B 744 -55.85 25.17 -27.22
C TYR B 744 -56.90 25.32 -28.29
N ALA B 745 -57.85 24.39 -28.27
CA ALA B 745 -58.95 24.39 -29.20
C ALA B 745 -58.60 23.81 -30.55
N GLN B 746 -57.35 23.41 -30.72
CA GLN B 746 -56.94 22.81 -31.98
C GLN B 746 -58.15 21.98 -32.37
N ILE B 747 -58.58 21.19 -31.42
CA ILE B 747 -59.74 20.35 -31.59
C ILE B 747 -60.99 21.18 -31.86
N THR B 748 -61.13 22.25 -31.09
CA THR B 748 -62.26 23.17 -31.22
C THR B 748 -62.46 23.64 -32.65
N ASN B 749 -61.36 23.94 -33.31
CA ASN B 749 -61.38 24.42 -34.68
C ASN B 749 -61.75 23.28 -35.63
N MET B 750 -61.03 22.17 -35.52
CA MET B 750 -61.29 21.04 -36.40
C MET B 750 -62.74 20.59 -36.31
N LEU B 751 -63.27 20.63 -35.10
CA LEU B 751 -64.64 20.22 -34.92
C LEU B 751 -65.56 21.25 -35.55
N LEU B 752 -65.24 22.50 -35.32
CA LEU B 752 -66.01 23.61 -35.84
C LEU B 752 -66.12 23.66 -37.36
N ASN B 753 -65.01 23.67 -38.07
CA ASN B 753 -65.13 23.67 -39.51
C ASN B 753 -65.46 22.22 -39.87
N ASN B 754 -66.06 21.52 -38.90
CA ASN B 754 -66.46 20.11 -38.99
C ASN B 754 -65.49 19.27 -39.83
N GLN B 755 -64.33 18.94 -39.25
CA GLN B 755 -63.28 18.16 -39.93
C GLN B 755 -63.05 16.77 -39.33
N PRO B 756 -62.71 15.78 -40.17
CA PRO B 756 -62.46 14.40 -39.75
C PRO B 756 -61.35 14.29 -38.71
N VAL B 757 -61.69 13.77 -37.53
CA VAL B 757 -60.71 13.62 -36.45
C VAL B 757 -61.00 12.48 -35.47
N ALA B 758 -59.94 11.99 -34.81
CA ALA B 758 -60.02 10.88 -33.85
C ALA B 758 -59.50 11.17 -32.44
N LEU B 759 -59.94 10.35 -31.48
CA LEU B 759 -59.57 10.51 -30.07
C LEU B 759 -59.10 9.17 -29.51
N VAL B 760 -57.88 9.13 -28.96
CA VAL B 760 -57.35 7.87 -28.46
C VAL B 760 -57.37 7.64 -26.94
N GLY B 761 -57.58 6.39 -26.54
CA GLY B 761 -57.57 6.06 -25.13
C GLY B 761 -58.85 5.48 -24.61
N ALA B 762 -58.85 5.19 -23.32
CA ALA B 762 -60.02 4.62 -22.66
C ALA B 762 -61.12 5.66 -22.59
N LEU B 763 -62.35 5.20 -22.44
CA LEU B 763 -63.50 6.09 -22.35
C LEU B 763 -64.76 5.38 -21.90
N PRO B 764 -65.79 6.15 -21.50
CA PRO B 764 -67.06 5.56 -21.06
C PRO B 764 -67.57 4.58 -22.09
N PHE B 765 -68.70 4.89 -22.74
CA PHE B 765 -69.28 4.01 -23.74
C PHE B 765 -70.74 3.79 -23.40
N VAL B 766 -71.61 4.02 -24.38
CA VAL B 766 -73.04 3.85 -24.17
C VAL B 766 -73.79 3.14 -25.28
N THR B 767 -74.36 1.99 -24.91
CA THR B 767 -75.13 1.16 -25.83
C THR B 767 -76.52 1.76 -26.04
N ASP B 768 -77.11 1.51 -27.21
CA ASP B 768 -78.44 2.02 -27.52
C ASP B 768 -79.09 1.16 -28.61
N SER B 769 -80.35 0.82 -28.42
CA SER B 769 -81.07 -0.03 -29.36
C SER B 769 -82.09 0.70 -30.23
N SER B 770 -82.25 2.00 -30.01
CA SER B 770 -83.21 2.81 -30.75
C SER B 770 -82.92 2.95 -32.24
N VAL B 771 -83.61 2.15 -33.05
CA VAL B 771 -83.42 2.22 -34.47
C VAL B 771 -83.49 3.70 -34.81
N ILE B 772 -84.55 4.32 -34.33
CA ILE B 772 -84.79 5.73 -34.56
C ILE B 772 -83.55 6.56 -34.27
N SER B 773 -82.97 6.36 -33.09
CA SER B 773 -81.80 7.10 -32.68
C SER B 773 -80.90 7.40 -33.88
N LEU B 774 -80.33 6.35 -34.45
CA LEU B 774 -79.45 6.49 -35.59
C LEU B 774 -79.99 7.56 -36.53
N ILE B 775 -81.29 7.49 -36.79
CA ILE B 775 -81.96 8.42 -37.69
C ILE B 775 -81.82 9.89 -37.29
N ALA B 776 -81.75 10.14 -35.99
CA ALA B 776 -81.58 11.48 -35.49
C ALA B 776 -80.10 11.67 -35.17
N LYS B 777 -79.24 11.10 -36.02
CA LYS B 777 -77.78 11.14 -35.88
C LYS B 777 -77.31 11.57 -34.49
N LEU B 778 -77.81 10.88 -33.46
CA LEU B 778 -77.43 11.21 -32.09
C LEU B 778 -75.93 11.19 -31.87
N ASP B 779 -75.28 10.16 -32.39
CA ASP B 779 -73.84 10.03 -32.22
C ASP B 779 -73.07 11.26 -32.65
N ALA B 780 -73.73 12.21 -33.31
CA ALA B 780 -73.08 13.45 -33.76
C ALA B 780 -73.29 14.56 -32.74
N THR B 781 -74.01 14.23 -31.67
CA THR B 781 -74.30 15.20 -30.61
C THR B 781 -73.16 15.27 -29.62
N VAL B 782 -73.42 14.68 -28.45
CA VAL B 782 -72.51 14.58 -27.30
C VAL B 782 -71.26 15.45 -27.31
N PHE B 783 -70.55 15.41 -28.42
CA PHE B 783 -69.30 16.13 -28.61
C PHE B 783 -69.34 17.63 -28.34
N ALA B 784 -70.38 18.31 -28.81
CA ALA B 784 -70.48 19.74 -28.57
C ALA B 784 -69.99 20.06 -27.15
N GLN B 785 -70.39 19.22 -26.20
CA GLN B 785 -70.03 19.34 -24.78
C GLN B 785 -68.69 20.03 -24.56
N ILE B 786 -67.76 19.26 -24.01
CA ILE B 786 -66.40 19.70 -23.73
C ILE B 786 -66.23 21.21 -23.81
N VAL B 787 -66.13 21.68 -25.04
CA VAL B 787 -65.96 23.07 -25.36
C VAL B 787 -66.56 23.98 -24.30
N LYS B 788 -67.69 23.56 -23.74
CA LYS B 788 -68.33 24.35 -22.68
C LYS B 788 -67.18 24.91 -21.86
N LEU B 789 -66.34 24.01 -21.35
CA LEU B 789 -65.17 24.37 -20.58
C LEU B 789 -64.36 23.09 -20.56
N ARG B 790 -63.05 23.21 -20.77
CA ARG B 790 -62.15 22.05 -20.76
C ARG B 790 -62.79 20.70 -20.41
N LYS B 791 -62.38 20.12 -19.27
CA LYS B 791 -62.88 18.83 -18.74
C LYS B 791 -62.64 17.58 -19.62
N VAL B 792 -63.71 17.01 -20.17
CA VAL B 792 -63.73 15.82 -21.04
C VAL B 792 -64.04 14.46 -20.40
N ASP B 793 -64.34 14.45 -19.11
CA ASP B 793 -64.66 13.20 -18.42
C ASP B 793 -66.00 12.76 -18.96
N THR B 794 -66.94 13.69 -18.88
CA THR B 794 -68.32 13.52 -19.29
C THR B 794 -68.51 13.31 -20.78
N LEU B 795 -67.65 12.51 -21.39
CA LEU B 795 -67.82 12.31 -22.80
C LEU B 795 -68.29 10.92 -23.17
N LYS B 796 -69.45 10.54 -22.64
CA LYS B 796 -70.03 9.24 -22.94
C LYS B 796 -70.37 9.30 -24.43
N PRO B 797 -69.75 8.44 -25.25
CA PRO B 797 -69.94 8.34 -26.70
C PRO B 797 -71.01 7.31 -27.01
N ILE B 798 -71.50 7.31 -28.24
CA ILE B 798 -72.54 6.35 -28.57
C ILE B 798 -72.20 5.23 -29.53
N LEU B 799 -72.71 4.06 -29.17
CA LEU B 799 -72.53 2.84 -29.91
C LEU B 799 -73.94 2.24 -30.04
N TYR B 800 -74.26 1.72 -31.22
CA TYR B 800 -75.60 1.16 -31.48
C TYR B 800 -75.76 -0.37 -31.52
N LYS B 801 -76.04 -1.02 -30.37
CA LYS B 801 -76.24 -2.49 -30.34
C LYS B 801 -77.58 -2.82 -30.98
N ILE B 802 -77.58 -2.92 -32.31
CA ILE B 802 -78.81 -3.24 -33.00
C ILE B 802 -78.84 -4.63 -33.60
N ASN B 803 -79.70 -5.46 -33.02
CA ASN B 803 -79.89 -6.83 -33.43
C ASN B 803 -81.34 -7.07 -33.82
N SER B 804 -81.53 -8.01 -34.73
CA SER B 804 -82.86 -8.35 -35.19
C SER B 804 -83.64 -9.05 -34.08
N ASP B 805 -83.94 -8.32 -33.02
CA ASP B 805 -84.67 -8.91 -31.91
C ASP B 805 -84.88 -7.88 -30.82
N SER B 806 -83.94 -7.88 -29.86
CA SER B 806 -83.96 -6.96 -28.72
C SER B 806 -84.23 -5.51 -29.10
N ASN B 807 -84.60 -5.29 -30.36
CA ASN B 807 -84.88 -3.94 -30.85
C ASN B 807 -86.31 -3.82 -31.37
N ASP B 808 -87.23 -3.53 -30.46
CA ASP B 808 -88.64 -3.36 -30.81
C ASP B 808 -88.73 -2.46 -32.04
N PHE B 809 -87.66 -1.72 -32.25
CA PHE B 809 -87.52 -0.79 -33.37
C PHE B 809 -87.20 -1.50 -34.68
N TYR B 810 -87.91 -2.56 -35.02
CA TYR B 810 -87.55 -3.21 -36.27
C TYR B 810 -88.29 -2.86 -37.53
N LEU B 811 -88.64 -1.58 -37.63
CA LEU B 811 -89.28 -1.08 -38.81
C LEU B 811 -88.01 -0.75 -39.57
N VAL B 812 -87.29 -1.81 -39.95
CA VAL B 812 -86.00 -1.68 -40.65
C VAL B 812 -85.79 -2.62 -41.81
N ALA B 813 -85.73 -3.90 -41.51
CA ALA B 813 -85.52 -4.91 -42.53
C ALA B 813 -86.82 -5.13 -43.30
N ASN B 814 -87.76 -4.21 -43.11
CA ASN B 814 -89.05 -4.27 -43.80
C ASN B 814 -88.96 -3.32 -44.98
N TYR B 815 -87.91 -2.50 -44.96
CA TYR B 815 -87.64 -1.52 -46.01
C TYR B 815 -86.23 -1.64 -46.56
N ASP B 816 -86.14 -1.65 -47.88
CA ASP B 816 -84.84 -1.71 -48.56
C ASP B 816 -84.07 -0.52 -48.03
N TRP B 817 -82.96 -0.75 -47.35
CA TRP B 817 -82.21 0.37 -46.80
C TRP B 817 -80.95 -0.03 -46.05
N VAL B 818 -80.05 0.94 -45.88
CA VAL B 818 -78.78 0.72 -45.20
C VAL B 818 -78.50 1.76 -44.11
N PRO B 819 -77.86 1.33 -43.00
CA PRO B 819 -77.47 2.09 -41.79
C PRO B 819 -76.53 3.27 -42.03
N THR B 820 -77.01 4.47 -41.73
CA THR B 820 -76.24 5.70 -41.92
C THR B 820 -75.61 6.23 -40.62
N SER B 821 -74.61 5.54 -40.12
CA SER B 821 -73.94 5.95 -38.89
C SER B 821 -72.83 6.97 -39.13
N THR B 822 -73.04 8.19 -38.66
CA THR B 822 -72.07 9.25 -38.84
C THR B 822 -70.84 8.98 -37.97
N THR B 823 -70.89 7.93 -37.17
CA THR B 823 -69.78 7.62 -36.28
C THR B 823 -69.70 6.21 -35.71
N LYS B 824 -68.48 5.79 -35.36
CA LYS B 824 -68.26 4.48 -34.77
C LYS B 824 -67.09 4.40 -33.78
N VAL B 825 -66.85 3.22 -33.21
CA VAL B 825 -65.82 3.02 -32.17
C VAL B 825 -64.71 1.97 -32.33
N TYR B 826 -63.72 2.06 -31.43
CA TYR B 826 -62.56 1.18 -31.44
C TYR B 826 -62.59 -0.09 -30.59
N LYS B 827 -63.39 -0.18 -29.53
CA LYS B 827 -63.37 -1.41 -28.74
C LYS B 827 -63.28 -2.65 -29.63
N GLN B 828 -62.09 -3.25 -29.66
CA GLN B 828 -61.87 -4.45 -30.46
C GLN B 828 -62.81 -5.53 -29.99
N VAL B 829 -63.09 -6.51 -30.86
CA VAL B 829 -64.00 -7.58 -30.51
C VAL B 829 -63.40 -8.60 -29.55
N PRO B 830 -64.18 -8.98 -28.52
CA PRO B 830 -63.78 -9.95 -27.49
C PRO B 830 -63.33 -11.25 -28.13
N GLN B 831 -62.31 -11.87 -27.54
CA GLN B 831 -61.78 -13.10 -28.10
C GLN B 831 -62.76 -14.27 -28.12
N GLN B 832 -62.71 -15.01 -29.23
CA GLN B 832 -63.55 -16.18 -29.40
C GLN B 832 -62.94 -17.25 -28.52
N PHE B 833 -63.66 -18.36 -28.34
CA PHE B 833 -63.10 -19.41 -27.54
C PHE B 833 -62.83 -20.70 -28.29
N ASP B 834 -61.56 -21.10 -28.30
CA ASP B 834 -61.14 -22.35 -28.92
C ASP B 834 -60.59 -23.18 -27.78
N PHE B 835 -61.18 -24.35 -27.61
CA PHE B 835 -60.79 -25.22 -26.54
C PHE B 835 -59.33 -25.67 -26.53
N ARG B 836 -58.98 -26.60 -27.43
CA ARG B 836 -57.62 -27.12 -27.48
C ARG B 836 -56.50 -26.12 -27.26
N ASN B 837 -56.72 -24.86 -27.64
CA ASN B 837 -55.69 -23.85 -27.47
C ASN B 837 -55.66 -23.30 -26.05
N SER B 838 -56.68 -23.67 -25.27
CA SER B 838 -56.75 -23.21 -23.90
C SER B 838 -56.34 -24.30 -22.94
N MET B 839 -56.56 -25.55 -23.32
CA MET B 839 -56.21 -26.67 -22.47
C MET B 839 -54.70 -26.91 -22.41
N HIS B 840 -54.15 -26.86 -21.20
CA HIS B 840 -52.72 -27.07 -20.99
C HIS B 840 -52.48 -28.23 -20.04
N MET B 841 -51.26 -28.74 -19.99
CA MET B 841 -50.94 -29.85 -19.09
C MET B 841 -50.11 -29.31 -17.93
N LEU B 842 -50.24 -29.89 -16.75
CA LEU B 842 -49.52 -29.38 -15.59
C LEU B 842 -48.41 -30.13 -14.86
N THR B 843 -47.26 -29.48 -14.84
CA THR B 843 -46.06 -29.99 -14.20
C THR B 843 -46.02 -29.45 -12.78
N SER B 844 -46.55 -30.22 -11.85
CA SER B 844 -46.54 -29.82 -10.45
C SER B 844 -45.84 -30.90 -9.64
N ASN B 845 -45.08 -30.49 -8.64
CA ASN B 845 -44.36 -31.44 -7.81
C ASN B 845 -45.35 -32.18 -6.92
N LEU B 846 -44.85 -32.95 -5.95
CA LEU B 846 -45.74 -33.67 -5.06
C LEU B 846 -45.32 -33.97 -3.62
N THR B 847 -46.09 -33.39 -2.70
CA THR B 847 -45.96 -33.50 -1.24
C THR B 847 -44.65 -33.15 -0.53
N PHE B 848 -44.42 -31.87 -0.33
CA PHE B 848 -43.22 -31.40 0.36
C PHE B 848 -43.54 -31.43 1.85
N THR B 849 -42.92 -30.47 2.54
CA THR B 849 -43.06 -30.23 3.96
C THR B 849 -42.08 -29.06 4.14
N VAL B 850 -42.64 -27.87 4.37
CA VAL B 850 -41.85 -26.64 4.53
C VAL B 850 -41.35 -26.42 5.95
N TYR B 851 -40.08 -26.09 6.10
CA TYR B 851 -39.55 -25.85 7.44
C TYR B 851 -39.00 -24.43 7.61
N SER B 852 -39.29 -23.82 8.75
CA SER B 852 -38.83 -22.47 9.06
C SER B 852 -38.05 -22.49 10.37
N ASP B 853 -37.52 -21.34 10.76
CA ASP B 853 -36.72 -21.20 11.98
C ASP B 853 -35.43 -21.94 11.70
N LEU B 854 -35.55 -23.25 11.57
CA LEU B 854 -34.43 -24.13 11.30
C LEU B 854 -33.68 -24.42 12.59
N LEU B 855 -32.39 -24.09 12.60
CA LEU B 855 -31.55 -24.31 13.76
C LEU B 855 -32.03 -25.46 14.63
N ALA B 856 -32.89 -25.15 15.60
CA ALA B 856 -33.48 -26.11 16.53
C ALA B 856 -32.89 -27.52 16.48
N PHE B 857 -32.89 -28.12 15.30
CA PHE B 857 -32.35 -29.46 15.09
C PHE B 857 -30.90 -29.56 15.57
N VAL B 858 -30.37 -28.44 16.03
CA VAL B 858 -29.00 -28.38 16.50
C VAL B 858 -28.88 -28.75 17.98
N SER B 859 -28.43 -29.97 18.24
CA SER B 859 -28.24 -30.41 19.60
C SER B 859 -26.86 -29.89 20.00
N ALA B 860 -26.81 -29.11 21.07
CA ALA B 860 -25.55 -28.56 21.50
C ALA B 860 -25.46 -28.20 22.97
N ASP B 861 -24.42 -28.74 23.60
CA ASP B 861 -24.12 -28.51 25.01
C ASP B 861 -22.93 -27.57 25.08
N THR B 862 -22.28 -27.52 26.23
CA THR B 862 -21.15 -26.65 26.40
C THR B 862 -20.27 -27.10 27.55
N VAL B 863 -18.97 -26.99 27.32
CA VAL B 863 -17.99 -27.36 28.32
C VAL B 863 -18.27 -26.55 29.57
N GLU B 864 -17.53 -26.83 30.64
CA GLU B 864 -17.72 -26.07 31.86
C GLU B 864 -16.78 -24.88 31.75
N PRO B 865 -17.33 -23.67 31.94
CA PRO B 865 -16.68 -22.35 31.89
C PRO B 865 -15.22 -22.29 32.31
N ILE B 866 -14.90 -23.06 33.35
CA ILE B 866 -13.54 -23.07 33.87
C ILE B 866 -12.54 -23.59 32.84
N ASN B 867 -13.06 -24.15 31.74
CA ASN B 867 -12.21 -24.68 30.67
C ASN B 867 -12.41 -23.97 29.33
N ALA B 868 -12.06 -22.70 29.29
CA ALA B 868 -12.18 -21.90 28.08
C ALA B 868 -10.85 -21.86 27.35
N VAL B 869 -10.90 -21.59 26.06
CA VAL B 869 -9.69 -21.50 25.26
C VAL B 869 -9.95 -20.61 24.07
N ALA B 870 -9.00 -19.73 23.75
CA ALA B 870 -9.13 -18.81 22.60
C ALA B 870 -8.43 -19.40 21.39
N PHE B 871 -8.40 -18.66 20.28
CA PHE B 871 -7.72 -19.18 19.10
C PHE B 871 -6.37 -19.68 19.62
N ASP B 872 -5.97 -19.10 20.74
CA ASP B 872 -4.74 -19.41 21.44
C ASP B 872 -4.53 -20.90 21.69
N ASN B 873 -5.54 -21.54 22.29
CA ASN B 873 -5.52 -22.97 22.60
C ASN B 873 -4.86 -23.34 23.93
N MET B 874 -4.13 -22.40 24.52
CA MET B 874 -3.50 -22.66 25.81
C MET B 874 -4.58 -22.61 26.87
N ARG B 875 -5.50 -21.65 26.74
CA ARG B 875 -6.61 -21.47 27.70
C ARG B 875 -6.91 -19.98 27.92
N ILE B 876 -8.19 -19.62 27.98
CA ILE B 876 -8.55 -18.24 28.27
C ILE B 876 -8.86 -18.32 29.74
N MET B 877 -8.57 -17.25 30.47
CA MET B 877 -8.86 -17.28 31.88
C MET B 877 -8.07 -18.46 32.44
N ASN B 878 -6.77 -18.25 32.66
CA ASN B 878 -5.87 -19.29 33.17
C ASN B 878 -5.20 -18.87 34.48
N GLU B 879 -5.68 -17.80 35.11
CA GLU B 879 -5.08 -17.40 36.37
C GLU B 879 -5.92 -18.03 37.49
N LEU B 880 -5.70 -19.34 37.66
CA LEU B 880 -6.36 -20.20 38.64
C LEU B 880 -6.89 -19.47 39.87
N MET C 1 -19.41 23.50 -30.42
CA MET C 1 -19.38 24.42 -31.60
C MET C 1 -20.62 25.29 -31.75
N ASP C 2 -21.79 24.71 -32.02
CA ASP C 2 -23.01 25.51 -32.16
C ASP C 2 -23.00 26.47 -30.98
N VAL C 3 -22.44 25.98 -29.88
CA VAL C 3 -22.31 26.75 -28.65
C VAL C 3 -21.75 28.08 -29.11
N LEU C 4 -20.47 28.02 -29.47
CA LEU C 4 -19.75 29.18 -29.93
C LEU C 4 -20.64 30.19 -30.63
N TYR C 5 -21.34 29.75 -31.67
CA TYR C 5 -22.20 30.66 -32.40
C TYR C 5 -22.94 31.60 -31.45
N SER C 6 -23.90 31.05 -30.73
CA SER C 6 -24.70 31.83 -29.79
C SER C 6 -23.92 32.95 -29.10
N LEU C 7 -22.83 32.57 -28.45
CA LEU C 7 -21.98 33.50 -27.73
C LEU C 7 -21.85 34.83 -28.44
N SER C 8 -22.00 34.79 -29.75
CA SER C 8 -21.90 35.99 -30.54
C SER C 8 -23.23 36.70 -30.78
N LYS C 9 -24.13 36.11 -31.59
CA LYS C 9 -25.43 36.75 -31.87
C LYS C 9 -25.98 37.23 -30.55
N THR C 10 -25.43 36.66 -29.49
CA THR C 10 -25.77 37.03 -28.14
C THR C 10 -25.27 38.47 -27.99
N LEU C 11 -23.96 38.62 -28.13
CA LEU C 11 -23.35 39.93 -28.01
C LEU C 11 -23.80 40.95 -29.07
N LYS C 12 -23.81 40.58 -30.35
CA LYS C 12 -24.22 41.53 -31.40
C LYS C 12 -25.64 42.00 -31.14
N ASP C 13 -26.59 41.07 -31.19
CA ASP C 13 -27.99 41.38 -30.92
C ASP C 13 -28.04 42.00 -29.52
N ALA C 14 -26.87 42.18 -28.89
CA ALA C 14 -26.76 42.78 -27.57
C ALA C 14 -26.15 44.19 -27.66
N ARG C 15 -24.86 44.25 -27.97
CA ARG C 15 -24.17 45.53 -28.11
C ARG C 15 -24.91 46.41 -29.10
N ASP C 16 -25.95 45.85 -29.71
CA ASP C 16 -26.76 46.58 -30.68
C ASP C 16 -28.13 47.01 -30.17
N LYS C 17 -28.86 46.09 -29.55
CA LYS C 17 -30.21 46.39 -29.04
C LYS C 17 -30.28 46.94 -27.61
N ILE C 18 -29.15 47.43 -27.08
CA ILE C 18 -29.12 47.94 -25.71
C ILE C 18 -28.51 49.31 -25.51
N VAL C 19 -29.29 50.38 -25.64
CA VAL C 19 -28.70 51.70 -25.45
C VAL C 19 -29.57 52.76 -24.77
N GLU C 20 -28.90 53.77 -24.24
CA GLU C 20 -29.52 54.90 -23.54
C GLU C 20 -30.89 55.22 -24.16
N GLY C 21 -31.95 54.62 -23.60
CA GLY C 21 -33.30 54.88 -24.11
C GLY C 21 -34.30 53.73 -24.04
N THR C 22 -34.61 53.19 -25.22
CA THR C 22 -35.54 52.08 -25.43
C THR C 22 -36.27 51.46 -24.24
N LEU C 23 -37.46 50.92 -24.51
CA LEU C 23 -38.25 50.28 -23.48
C LEU C 23 -37.76 48.87 -23.20
N TYR C 24 -37.94 48.43 -21.96
CA TYR C 24 -37.51 47.11 -21.55
C TYR C 24 -38.10 46.05 -22.48
N SER C 25 -39.43 45.98 -22.51
CA SER C 25 -40.20 45.02 -23.31
C SER C 25 -39.70 44.58 -24.69
N ASN C 26 -38.87 45.40 -25.34
CA ASN C 26 -38.35 45.06 -26.66
C ASN C 26 -37.09 44.23 -26.54
N VAL C 27 -36.72 43.91 -25.30
CA VAL C 27 -35.53 43.14 -25.04
C VAL C 27 -35.77 42.06 -23.99
N SER C 28 -36.95 42.09 -23.38
CA SER C 28 -37.31 41.12 -22.34
C SER C 28 -36.89 39.72 -22.79
N ASP C 29 -37.32 39.35 -24.00
CA ASP C 29 -37.00 38.05 -24.56
C ASP C 29 -35.49 37.92 -24.72
N LEU C 30 -34.81 39.06 -24.71
CA LEU C 30 -33.38 39.07 -24.87
C LEU C 30 -32.62 38.99 -23.55
N ILE C 31 -32.86 39.95 -22.68
CA ILE C 31 -32.20 39.98 -21.39
C ILE C 31 -32.09 38.55 -20.89
N GLN C 32 -33.25 37.93 -20.68
CA GLN C 32 -33.32 36.56 -20.20
C GLN C 32 -32.20 35.71 -20.80
N GLN C 33 -32.34 35.34 -22.07
CA GLN C 33 -31.33 34.53 -22.76
C GLN C 33 -29.94 34.85 -22.24
N PHE C 34 -29.63 36.14 -22.23
CA PHE C 34 -28.33 36.58 -21.77
C PHE C 34 -27.94 35.99 -20.43
N ASN C 35 -28.61 36.45 -19.38
CA ASN C 35 -28.34 35.97 -18.03
C ASN C 35 -28.04 34.48 -18.04
N GLN C 36 -29.03 33.70 -18.48
CA GLN C 36 -28.90 32.24 -18.56
C GLN C 36 -27.43 31.86 -18.77
N MET C 37 -26.80 32.57 -19.70
CA MET C 37 -25.40 32.32 -20.00
C MET C 37 -24.52 32.49 -18.78
N ILE C 38 -24.37 33.74 -18.37
CA ILE C 38 -23.57 34.12 -17.22
C ILE C 38 -23.51 32.99 -16.19
N ILE C 39 -24.68 32.51 -15.81
CA ILE C 39 -24.79 31.43 -14.83
C ILE C 39 -23.91 30.25 -15.20
N THR C 40 -24.30 29.58 -16.28
CA THR C 40 -23.59 28.41 -16.78
C THR C 40 -22.07 28.61 -16.71
N MET C 41 -21.62 29.82 -17.01
CA MET C 41 -20.19 30.15 -17.01
C MET C 41 -19.54 30.21 -15.63
N ASN C 42 -19.80 31.30 -14.92
CA ASN C 42 -19.26 31.54 -13.58
C ASN C 42 -18.79 30.27 -12.89
N GLY C 43 -17.54 30.29 -12.44
CA GLY C 43 -16.98 29.14 -11.76
C GLY C 43 -16.05 28.38 -12.68
N ASN C 44 -16.52 28.15 -13.90
CA ASN C 44 -15.72 27.42 -14.87
C ASN C 44 -14.49 28.22 -15.28
N GLU C 45 -13.40 27.50 -15.51
CA GLU C 45 -12.10 28.08 -15.83
C GLU C 45 -11.63 27.78 -17.26
N PHE C 46 -10.93 28.72 -17.87
CA PHE C 46 -10.44 28.55 -19.24
C PHE C 46 -8.98 28.84 -19.54
N GLN C 47 -8.54 28.34 -20.70
CA GLN C 47 -7.17 28.52 -21.17
C GLN C 47 -7.13 28.59 -22.69
N THR C 48 -6.39 29.57 -23.21
CA THR C 48 -6.26 29.77 -24.64
C THR C 48 -4.84 30.12 -25.04
N GLY C 49 -4.46 29.69 -26.24
CA GLY C 49 -3.14 29.99 -26.74
C GLY C 49 -2.14 28.88 -26.46
N GLY C 50 -0.86 29.23 -26.54
CA GLY C 50 0.21 28.29 -26.28
C GLY C 50 0.72 27.61 -27.54
N ILE C 51 0.73 28.34 -28.65
CA ILE C 51 1.16 27.79 -29.91
C ILE C 51 1.74 28.91 -30.77
N GLY C 52 3.06 28.85 -31.00
CA GLY C 52 3.71 29.88 -31.78
C GLY C 52 3.70 31.20 -31.04
N ASN C 53 3.70 32.29 -31.77
CA ASN C 53 3.67 33.61 -31.15
C ASN C 53 2.26 33.97 -30.66
N LEU C 54 1.59 33.01 -30.04
CA LEU C 54 0.26 33.27 -29.54
C LEU C 54 0.22 33.32 -28.02
N PRO C 55 -0.17 34.47 -27.48
CA PRO C 55 -0.25 34.67 -26.03
C PRO C 55 -1.17 33.65 -25.36
N ILE C 56 -0.74 33.18 -24.19
CA ILE C 56 -1.51 32.22 -23.42
C ILE C 56 -2.28 33.04 -22.39
N ARG C 57 -3.60 32.96 -22.41
CA ARG C 57 -4.36 33.72 -21.43
C ARG C 57 -5.39 32.89 -20.69
N ASN C 58 -5.47 33.09 -19.38
CA ASN C 58 -6.41 32.38 -18.54
C ASN C 58 -7.55 33.32 -18.15
N TRP C 59 -8.76 32.79 -18.07
CA TRP C 59 -9.93 33.59 -17.72
C TRP C 59 -10.85 32.90 -16.73
N ASN C 60 -11.43 33.69 -15.83
CA ASN C 60 -12.37 33.16 -14.85
C ASN C 60 -13.65 33.96 -14.93
N PHE C 61 -14.68 33.49 -14.24
CA PHE C 61 -15.96 34.17 -14.27
C PHE C 61 -16.59 34.34 -12.88
N ASP C 62 -17.28 35.45 -12.69
CA ASP C 62 -17.93 35.79 -11.43
C ASP C 62 -18.61 37.14 -11.64
N PHE C 63 -19.76 37.14 -12.32
CA PHE C 63 -20.47 38.39 -12.63
C PHE C 63 -21.91 38.51 -12.17
N GLY C 64 -22.35 39.75 -12.01
CA GLY C 64 -23.71 40.03 -11.58
C GLY C 64 -24.67 39.77 -12.73
N LEU C 65 -25.97 39.85 -12.45
CA LEU C 65 -26.99 39.61 -13.46
C LEU C 65 -27.44 40.93 -14.09
N LEU C 66 -28.75 41.08 -14.26
CA LEU C 66 -29.28 42.30 -14.84
C LEU C 66 -30.59 42.77 -14.24
N GLY C 67 -30.70 44.07 -14.03
CA GLY C 67 -31.92 44.61 -13.47
C GLY C 67 -33.09 44.37 -14.40
N THR C 68 -33.79 43.25 -14.20
CA THR C 68 -34.95 42.95 -15.01
C THR C 68 -36.06 43.89 -14.53
N THR C 69 -35.67 44.83 -13.66
CA THR C 69 -36.58 45.79 -13.06
C THR C 69 -37.07 46.93 -13.97
N LEU C 70 -36.34 48.05 -13.97
CA LEU C 70 -36.68 49.24 -14.74
C LEU C 70 -37.51 49.12 -16.01
N LEU C 71 -38.26 50.19 -16.27
CA LEU C 71 -39.14 50.33 -17.43
C LEU C 71 -38.26 50.75 -18.62
N ASN C 72 -37.62 51.91 -18.49
CA ASN C 72 -36.72 52.43 -19.51
C ASN C 72 -35.28 52.08 -19.16
N LEU C 73 -34.35 52.47 -20.02
CA LEU C 73 -32.94 52.19 -19.79
C LEU C 73 -32.15 53.46 -19.57
N ASP C 74 -31.62 53.65 -18.37
CA ASP C 74 -30.86 54.85 -18.05
C ASP C 74 -29.38 54.61 -18.37
N ALA C 75 -28.72 55.65 -18.89
CA ALA C 75 -27.32 55.57 -19.25
C ALA C 75 -26.53 54.68 -18.29
N ASN C 76 -26.64 54.97 -17.00
CA ASN C 76 -25.95 54.20 -15.98
C ASN C 76 -26.09 52.70 -16.18
N TYR C 77 -27.23 52.26 -16.72
CA TYR C 77 -27.47 50.84 -16.95
C TYR C 77 -26.54 50.29 -18.01
N VAL C 78 -26.40 51.05 -19.08
CA VAL C 78 -25.54 50.65 -20.18
C VAL C 78 -24.12 50.39 -19.68
N GLU C 79 -23.41 51.46 -19.34
CA GLU C 79 -22.02 51.38 -18.88
C GLU C 79 -21.69 50.20 -17.95
N THR C 80 -22.57 49.92 -17.00
CA THR C 80 -22.35 48.81 -16.08
C THR C 80 -22.49 47.49 -16.81
N ALA C 81 -22.92 47.57 -18.06
CA ALA C 81 -23.12 46.41 -18.89
C ALA C 81 -21.99 46.28 -19.91
N ARG C 82 -21.76 47.36 -20.65
CA ARG C 82 -20.70 47.38 -21.65
C ARG C 82 -19.39 46.89 -21.02
N ASN C 83 -19.16 47.28 -19.77
CA ASN C 83 -17.95 46.88 -19.07
C ASN C 83 -17.89 45.37 -18.87
N THR C 84 -19.05 44.72 -18.88
CA THR C 84 -19.09 43.28 -18.70
C THR C 84 -19.03 42.59 -20.04
N ILE C 85 -19.42 43.29 -21.10
CA ILE C 85 -19.38 42.70 -22.42
C ILE C 85 -17.96 42.70 -22.94
N ASP C 86 -17.27 43.82 -22.73
CA ASP C 86 -15.90 43.97 -23.19
C ASP C 86 -14.93 42.93 -22.66
N TYR C 87 -15.39 42.02 -21.80
CA TYR C 87 -14.52 40.96 -21.29
C TYR C 87 -14.82 39.75 -22.15
N PHE C 88 -16.06 39.68 -22.62
CA PHE C 88 -16.48 38.57 -23.46
C PHE C 88 -15.99 38.80 -24.88
N VAL C 89 -15.98 40.05 -25.29
CA VAL C 89 -15.48 40.39 -26.60
C VAL C 89 -14.03 39.92 -26.59
N ASP C 90 -13.15 40.69 -25.93
CA ASP C 90 -11.71 40.38 -25.83
C ASP C 90 -11.45 38.92 -25.50
N PHE C 91 -12.51 38.22 -25.10
CA PHE C 91 -12.39 36.81 -24.79
C PHE C 91 -12.56 36.02 -26.08
N VAL C 92 -13.79 35.99 -26.56
CA VAL C 92 -14.12 35.28 -27.78
C VAL C 92 -13.03 35.40 -28.84
N ASP C 93 -12.51 36.61 -29.03
CA ASP C 93 -11.44 36.85 -30.01
C ASP C 93 -10.36 35.80 -29.74
N ASN C 94 -9.80 35.85 -28.52
CA ASN C 94 -8.77 34.91 -28.08
C ASN C 94 -9.22 33.46 -28.16
N VAL C 95 -10.53 33.23 -28.31
CA VAL C 95 -11.05 31.87 -28.39
C VAL C 95 -11.08 31.42 -29.83
N CYS C 96 -11.69 32.23 -30.68
CA CYS C 96 -11.76 31.91 -32.09
C CYS C 96 -10.35 31.61 -32.58
N MET C 97 -9.50 32.63 -32.48
CA MET C 97 -8.13 32.54 -32.92
C MET C 97 -7.45 31.23 -32.51
N ASP C 98 -7.65 30.80 -31.26
CA ASP C 98 -7.02 29.56 -30.76
C ASP C 98 -7.41 28.30 -31.53
N GLU C 99 -8.68 28.18 -31.92
CA GLU C 99 -9.14 27.01 -32.67
C GLU C 99 -9.14 27.28 -34.17
N MET C 100 -8.62 28.44 -34.54
CA MET C 100 -8.54 28.81 -35.94
C MET C 100 -7.13 28.58 -36.45
N VAL C 101 -6.43 27.62 -35.88
CA VAL C 101 -5.07 27.36 -36.32
C VAL C 101 -4.75 25.90 -36.28
N ARG C 102 -5.32 25.19 -35.32
CA ARG C 102 -5.07 23.77 -35.16
C ARG C 102 -5.76 22.97 -36.28
N GLU C 103 -5.00 22.03 -36.84
CA GLU C 103 -5.45 21.16 -37.92
C GLU C 103 -5.28 19.71 -37.43
N SER C 104 -5.98 18.76 -38.05
CA SER C 104 -5.86 17.36 -37.64
C SER C 104 -6.31 16.43 -38.77
N GLN C 105 -5.50 15.43 -39.10
CA GLN C 105 -5.82 14.50 -40.20
C GLN C 105 -7.07 13.62 -39.99
N ARG C 106 -7.02 12.74 -38.99
CA ARG C 106 -8.15 11.84 -38.69
C ARG C 106 -9.47 12.61 -38.63
N ASN C 107 -9.72 13.24 -37.49
CA ASN C 107 -10.94 14.02 -37.28
C ASN C 107 -10.60 15.48 -37.50
N GLY C 108 -10.44 15.88 -38.76
CA GLY C 108 -10.11 17.26 -39.06
C GLY C 108 -11.36 18.11 -38.95
N ILE C 109 -12.49 17.43 -38.78
CA ILE C 109 -13.78 18.09 -38.67
C ILE C 109 -14.04 18.66 -37.27
N ALA C 110 -14.06 17.79 -36.26
CA ALA C 110 -14.33 18.18 -34.88
C ALA C 110 -13.38 19.21 -34.26
N PRO C 111 -13.68 19.65 -33.03
CA PRO C 111 -12.91 20.64 -32.26
C PRO C 111 -11.51 20.14 -31.89
N GLN C 112 -10.61 21.09 -31.62
CA GLN C 112 -9.23 20.75 -31.27
C GLN C 112 -8.73 21.31 -29.93
N SER C 113 -8.82 22.64 -29.78
CA SER C 113 -8.36 23.39 -28.61
C SER C 113 -8.89 23.01 -27.23
N ASP C 114 -8.06 23.23 -26.21
CA ASP C 114 -8.42 22.94 -24.83
C ASP C 114 -9.53 23.90 -24.42
N SER C 115 -9.77 24.89 -25.27
CA SER C 115 -10.81 25.87 -25.02
C SER C 115 -12.14 25.33 -25.51
N LEU C 116 -12.17 24.91 -26.77
CA LEU C 116 -13.40 24.38 -27.34
C LEU C 116 -13.76 22.96 -26.93
N ARG C 117 -12.78 22.05 -26.86
CA ARG C 117 -13.07 20.66 -26.46
C ARG C 117 -13.93 20.69 -25.19
N LYS C 118 -13.84 21.77 -24.41
CA LYS C 118 -14.60 21.91 -23.17
C LYS C 118 -15.97 22.54 -23.41
N LEU C 119 -16.12 23.21 -24.54
CA LEU C 119 -17.37 23.87 -24.89
C LEU C 119 -18.41 22.89 -25.40
N SER C 120 -17.99 21.93 -26.20
CA SER C 120 -18.91 20.95 -26.73
C SER C 120 -19.48 20.17 -25.55
N GLY C 121 -18.91 20.36 -24.37
CA GLY C 121 -19.38 19.68 -23.18
C GLY C 121 -20.89 19.82 -23.10
N LEU C 122 -21.55 18.93 -22.37
CA LEU C 122 -23.01 18.99 -22.28
C LEU C 122 -23.59 20.12 -21.43
N LYS C 123 -22.99 20.33 -20.26
CA LYS C 123 -23.45 21.37 -19.35
C LYS C 123 -23.49 22.79 -19.93
N PHE C 124 -22.92 22.98 -21.11
CA PHE C 124 -22.88 24.31 -21.75
C PHE C 124 -23.96 24.46 -22.82
N LYS C 125 -24.45 23.34 -23.32
CA LYS C 125 -25.46 23.36 -24.37
C LYS C 125 -26.65 24.25 -24.04
N ARG C 126 -26.82 24.57 -22.76
CA ARG C 126 -27.92 25.42 -22.32
C ARG C 126 -27.78 26.84 -22.88
N ILE C 127 -27.39 27.01 -24.14
CA ILE C 127 -27.20 28.37 -24.64
C ILE C 127 -27.52 28.73 -26.11
N ASN C 128 -27.68 27.75 -26.99
CA ASN C 128 -27.95 28.02 -28.41
C ASN C 128 -29.02 29.12 -28.63
N PHE C 129 -28.99 29.79 -29.78
CA PHE C 129 -29.94 30.88 -30.07
C PHE C 129 -29.78 31.55 -31.45
N ASP C 130 -30.92 31.96 -32.05
CA ASP C 130 -31.00 32.62 -33.39
C ASP C 130 -29.88 32.27 -34.35
N ASN C 131 -30.11 31.23 -35.16
CA ASN C 131 -29.10 30.78 -36.12
C ASN C 131 -29.39 31.20 -37.55
N SER C 132 -29.74 32.47 -37.77
CA SER C 132 -30.01 32.88 -39.15
C SER C 132 -28.71 33.30 -39.87
N SER C 133 -27.55 33.10 -39.24
CA SER C 133 -26.28 33.49 -39.89
C SER C 133 -25.88 32.43 -40.92
N GLU C 134 -26.21 32.74 -42.16
CA GLU C 134 -25.95 31.89 -43.32
C GLU C 134 -25.00 30.72 -43.07
N TYR C 135 -23.89 30.96 -42.39
CA TYR C 135 -22.92 29.89 -42.14
C TYR C 135 -23.28 28.82 -41.14
N ILE C 136 -23.85 29.23 -40.02
CA ILE C 136 -24.23 28.25 -39.04
C ILE C 136 -25.39 27.48 -39.64
N GLU C 137 -26.32 28.22 -40.27
CA GLU C 137 -27.50 27.62 -40.90
C GLU C 137 -27.02 26.40 -41.68
N ASN C 138 -25.87 26.55 -42.33
CA ASN C 138 -25.32 25.46 -43.11
C ASN C 138 -24.49 24.49 -42.29
N TRP C 139 -23.89 24.93 -41.21
CA TRP C 139 -23.12 23.98 -40.42
C TRP C 139 -24.06 22.88 -39.94
N ASN C 140 -25.14 23.28 -39.26
CA ASN C 140 -26.10 22.30 -38.74
C ASN C 140 -26.55 21.29 -39.78
N LEU C 141 -27.23 21.77 -40.81
CA LEU C 141 -27.75 20.91 -41.88
C LEU C 141 -26.74 19.87 -42.36
N GLN C 142 -25.46 20.16 -42.15
CA GLN C 142 -24.40 19.26 -42.58
C GLN C 142 -24.23 18.13 -41.57
N ASN C 143 -24.54 18.39 -40.31
CA ASN C 143 -24.45 17.36 -39.30
C ASN C 143 -25.60 16.37 -39.49
N ARG C 144 -26.79 16.91 -39.72
CA ARG C 144 -27.98 16.10 -39.94
C ARG C 144 -27.89 15.45 -41.32
N ARG C 145 -26.87 15.84 -42.06
CA ARG C 145 -26.65 15.31 -43.40
C ARG C 145 -27.82 15.62 -44.32
N GLN C 146 -27.69 16.71 -45.06
CA GLN C 146 -28.70 17.14 -46.02
C GLN C 146 -28.12 18.19 -46.96
N ARG C 147 -28.86 18.48 -48.02
CA ARG C 147 -28.41 19.45 -49.02
C ARG C 147 -28.23 20.86 -48.48
N THR C 148 -26.97 21.19 -48.24
CA THR C 148 -26.52 22.48 -47.71
C THR C 148 -26.55 23.60 -48.77
N GLY C 149 -25.47 24.37 -48.87
CA GLY C 149 -25.38 25.45 -49.88
C GLY C 149 -24.96 26.87 -49.49
N PHE C 150 -24.14 27.52 -50.35
CA PHE C 150 -23.68 28.90 -50.10
C PHE C 150 -23.80 29.81 -51.32
N THR C 151 -23.65 31.11 -51.10
CA THR C 151 -23.76 32.12 -52.18
C THR C 151 -22.44 32.84 -52.45
N PHE C 152 -21.96 32.79 -53.70
CA PHE C 152 -20.69 33.43 -54.08
C PHE C 152 -20.66 34.28 -55.36
N HIS C 153 -20.01 35.44 -55.25
CA HIS C 153 -19.83 36.35 -56.37
C HIS C 153 -18.42 36.05 -56.85
N LYS C 154 -18.19 36.07 -58.17
CA LYS C 154 -16.89 35.75 -58.75
C LYS C 154 -16.11 34.80 -57.82
N PRO C 155 -16.60 33.53 -57.67
CA PRO C 155 -16.08 32.41 -56.85
C PRO C 155 -14.63 32.05 -57.17
N ASN C 156 -13.99 31.16 -56.40
CA ASN C 156 -12.58 30.90 -56.75
C ASN C 156 -12.40 29.39 -56.91
N ILE C 157 -12.88 28.89 -58.05
CA ILE C 157 -12.88 27.47 -58.33
C ILE C 157 -11.72 26.96 -59.17
N PHE C 158 -11.11 27.84 -59.97
CA PHE C 158 -10.00 27.43 -60.82
C PHE C 158 -8.62 27.69 -60.25
N PRO C 159 -7.84 26.63 -59.99
CA PRO C 159 -6.50 26.90 -59.47
C PRO C 159 -5.77 27.62 -60.59
N TYR C 160 -4.86 28.51 -60.24
CA TYR C 160 -4.13 29.25 -61.25
C TYR C 160 -3.43 28.27 -62.19
N SER C 161 -3.60 28.48 -63.49
CA SER C 161 -2.96 27.64 -64.49
C SER C 161 -2.81 28.50 -65.70
N ALA C 162 -1.58 28.72 -66.13
CA ALA C 162 -1.34 29.53 -67.32
C ALA C 162 -0.34 28.73 -68.15
N SER C 163 -0.77 28.18 -69.28
CA SER C 163 0.14 27.38 -70.09
C SER C 163 -0.30 27.29 -71.55
N PHE C 164 0.32 26.38 -72.32
CA PHE C 164 -0.02 26.19 -73.73
C PHE C 164 0.23 24.74 -74.11
N THR C 165 -0.28 24.35 -75.27
CA THR C 165 -0.08 23.00 -75.78
C THR C 165 0.10 23.17 -77.25
N LEU C 166 1.27 22.78 -77.75
CA LEU C 166 1.56 22.87 -79.17
C LEU C 166 1.19 21.56 -79.85
N ASN C 167 0.13 21.58 -80.65
CA ASN C 167 -0.31 20.39 -81.35
C ASN C 167 0.51 20.13 -82.62
N ARG C 168 1.12 21.17 -83.16
CA ARG C 168 2.01 21.08 -84.31
C ARG C 168 3.11 22.06 -84.01
N SER C 169 4.35 21.59 -84.01
CA SER C 169 5.48 22.47 -83.75
C SER C 169 6.68 21.86 -84.40
N GLN C 170 7.73 22.66 -84.47
CA GLN C 170 8.98 22.23 -85.06
C GLN C 170 10.03 23.10 -84.37
N PRO C 171 11.29 22.68 -84.39
CA PRO C 171 12.39 23.41 -83.76
C PRO C 171 12.38 24.94 -83.94
N ALA C 172 12.19 25.42 -85.17
CA ALA C 172 12.19 26.85 -85.43
C ALA C 172 10.96 27.58 -84.84
N HIS C 173 9.91 26.83 -84.51
CA HIS C 173 8.67 27.39 -83.98
C HIS C 173 8.18 28.50 -84.89
N ASP C 174 8.15 28.22 -86.18
CA ASP C 174 7.73 29.17 -87.18
C ASP C 174 6.39 28.78 -87.84
N ASN C 175 5.85 27.64 -87.45
CA ASN C 175 4.56 27.18 -87.97
C ASN C 175 3.88 26.28 -86.93
N LEU C 176 3.42 26.91 -85.84
CA LEU C 176 2.79 26.23 -84.73
C LEU C 176 1.28 26.21 -84.82
N MET C 177 0.68 25.30 -84.08
CA MET C 177 -0.76 25.17 -83.98
C MET C 177 -1.02 24.60 -82.59
N GLY C 178 -1.92 25.23 -81.85
CA GLY C 178 -2.22 24.74 -80.51
C GLY C 178 -3.07 25.71 -79.74
N THR C 179 -3.06 25.60 -78.42
CA THR C 179 -3.85 26.49 -77.59
C THR C 179 -3.02 26.98 -76.41
N MET C 180 -3.41 28.13 -75.89
CA MET C 180 -2.78 28.71 -74.70
C MET C 180 -3.94 29.23 -73.86
N TRP C 181 -3.79 29.21 -72.55
CA TRP C 181 -4.88 29.62 -71.68
C TRP C 181 -4.44 30.16 -70.35
N LEU C 182 -5.42 30.68 -69.62
CA LEU C 182 -5.27 31.15 -68.25
C LEU C 182 -6.58 30.78 -67.54
N ASN C 183 -6.47 29.87 -66.61
CA ASN C 183 -7.59 29.49 -65.74
C ASN C 183 -7.23 30.05 -64.37
N ALA C 184 -8.06 30.91 -63.82
CA ALA C 184 -7.76 31.48 -62.51
C ALA C 184 -9.01 32.05 -61.88
N GLY C 185 -9.28 31.62 -60.64
CA GLY C 185 -10.44 32.12 -59.94
C GLY C 185 -11.72 31.65 -60.56
N SER C 186 -12.48 32.59 -61.08
CA SER C 186 -13.75 32.30 -61.71
C SER C 186 -13.67 32.51 -63.22
N GLU C 187 -12.46 32.73 -63.74
CA GLU C 187 -12.32 33.00 -65.16
C GLU C 187 -11.43 32.09 -65.97
N ILE C 188 -11.80 31.94 -67.23
CA ILE C 188 -11.06 31.13 -68.17
C ILE C 188 -10.91 31.96 -69.45
N GLN C 189 -9.71 32.01 -69.99
CA GLN C 189 -9.49 32.65 -71.30
C GLN C 189 -8.68 31.61 -72.04
N VAL C 190 -9.07 31.30 -73.26
CA VAL C 190 -8.34 30.32 -74.04
C VAL C 190 -8.31 30.76 -75.49
N ALA C 191 -7.14 30.60 -76.12
CA ALA C 191 -6.97 30.95 -77.51
C ALA C 191 -6.43 29.75 -78.27
N GLY C 192 -6.89 29.61 -79.51
CA GLY C 192 -6.42 28.56 -80.39
C GLY C 192 -5.73 29.33 -81.50
N PHE C 193 -4.50 28.93 -81.84
CA PHE C 193 -3.73 29.57 -82.89
C PHE C 193 -3.26 28.55 -83.94
N ASP C 194 -3.16 29.01 -85.19
CA ASP C 194 -2.72 28.17 -86.31
C ASP C 194 -1.92 29.11 -87.20
N TYR C 195 -0.60 29.03 -87.12
CA TYR C 195 0.26 29.90 -87.94
C TYR C 195 -0.03 29.80 -89.43
N SER C 196 -0.47 28.64 -89.90
CA SER C 196 -0.78 28.43 -91.31
C SER C 196 -2.17 28.91 -91.75
N CYS C 197 -2.98 29.40 -90.82
CA CYS C 197 -4.34 29.86 -91.10
C CYS C 197 -5.15 28.79 -91.84
N ALA C 198 -4.99 27.55 -91.38
CA ALA C 198 -5.69 26.40 -91.93
C ALA C 198 -5.56 26.23 -93.46
N ILE C 199 -4.42 26.67 -94.01
CA ILE C 199 -4.15 26.60 -95.46
C ILE C 199 -4.24 25.16 -96.04
N ASN C 200 -3.78 24.18 -95.28
CA ASN C 200 -3.80 22.77 -95.67
C ASN C 200 -4.76 21.95 -94.82
N ALA C 201 -5.62 22.61 -94.06
CA ALA C 201 -6.55 21.89 -93.20
C ALA C 201 -7.86 21.53 -93.93
N PRO C 202 -8.45 20.37 -93.58
CA PRO C 202 -9.70 19.91 -94.18
C PRO C 202 -10.78 20.98 -93.98
N ALA C 203 -11.40 21.40 -95.08
CA ALA C 203 -12.43 22.42 -95.05
C ALA C 203 -11.84 23.77 -94.60
N ASN C 204 -10.51 23.88 -94.64
CA ASN C 204 -9.80 25.09 -94.22
C ASN C 204 -10.24 25.53 -92.83
N THR C 205 -10.46 24.54 -91.97
CA THR C 205 -10.92 24.77 -90.61
C THR C 205 -10.06 23.97 -89.62
N GLN C 206 -9.58 24.65 -88.57
CA GLN C 206 -8.79 23.98 -87.56
C GLN C 206 -9.65 23.95 -86.29
N GLN C 207 -9.83 22.78 -85.72
CA GLN C 207 -10.64 22.64 -84.52
C GLN C 207 -9.79 22.83 -83.27
N PHE C 208 -10.39 23.45 -82.25
CA PHE C 208 -9.72 23.66 -80.95
C PHE C 208 -10.66 23.20 -79.85
N GLU C 209 -10.10 22.96 -78.69
CA GLU C 209 -10.91 22.51 -77.59
C GLU C 209 -10.16 22.82 -76.29
N HIS C 210 -10.89 23.20 -75.25
CA HIS C 210 -10.29 23.48 -73.96
C HIS C 210 -11.23 22.88 -72.92
N ILE C 211 -10.69 21.98 -72.10
CA ILE C 211 -11.48 21.34 -71.05
C ILE C 211 -10.97 21.72 -69.68
N VAL C 212 -11.87 22.08 -68.79
CA VAL C 212 -11.51 22.46 -67.43
C VAL C 212 -12.36 21.65 -66.46
N GLN C 213 -11.68 20.91 -65.59
CA GLN C 213 -12.36 20.08 -64.61
C GLN C 213 -12.39 20.72 -63.25
N LEU C 214 -13.58 21.04 -62.75
CA LEU C 214 -13.70 21.68 -61.45
C LEU C 214 -13.45 20.66 -60.37
N ARG C 215 -12.90 21.09 -59.25
CA ARG C 215 -12.64 20.20 -58.12
C ARG C 215 -13.91 19.98 -57.31
N ARG C 216 -14.89 20.85 -57.52
CA ARG C 216 -16.18 20.73 -56.84
C ARG C 216 -17.24 21.15 -57.86
N VAL C 217 -18.43 20.58 -57.72
CA VAL C 217 -19.53 20.90 -58.60
C VAL C 217 -20.06 22.29 -58.25
N LEU C 218 -20.41 23.04 -59.29
CA LEU C 218 -21.01 24.33 -59.07
C LEU C 218 -22.41 24.18 -59.62
N THR C 219 -23.38 24.74 -58.90
CA THR C 219 -24.76 24.72 -59.35
C THR C 219 -25.24 26.18 -59.47
N THR C 220 -26.34 26.38 -60.19
CA THR C 220 -26.95 27.70 -60.34
C THR C 220 -25.95 28.83 -60.69
N ALA C 221 -25.02 28.54 -61.60
CA ALA C 221 -24.02 29.49 -62.06
C ALA C 221 -24.53 30.44 -63.16
N THR C 222 -24.31 31.72 -62.93
CA THR C 222 -24.58 32.77 -63.92
C THR C 222 -23.25 33.10 -64.55
N ILE C 223 -23.17 32.89 -65.85
CA ILE C 223 -21.90 33.00 -66.54
C ILE C 223 -21.89 33.96 -67.75
N THR C 224 -20.79 34.69 -67.91
CA THR C 224 -20.61 35.60 -69.04
C THR C 224 -19.66 34.87 -70.00
N LEU C 225 -20.05 34.75 -71.26
CA LEU C 225 -19.23 34.09 -72.26
C LEU C 225 -19.08 35.10 -73.36
N LEU C 226 -17.85 35.39 -73.74
CA LEU C 226 -17.60 36.38 -74.78
C LEU C 226 -16.58 35.83 -75.77
N PRO C 227 -16.69 36.24 -77.04
CA PRO C 227 -15.72 35.74 -78.02
C PRO C 227 -14.44 36.53 -77.79
N ASP C 228 -13.31 35.94 -78.19
CA ASP C 228 -11.97 36.55 -78.08
C ASP C 228 -11.33 36.38 -76.73
N ALA C 229 -10.01 36.23 -76.73
CA ALA C 229 -9.22 36.11 -75.51
C ALA C 229 -8.23 37.26 -75.59
N GLU C 230 -8.58 38.41 -75.03
CA GLU C 230 -7.73 39.59 -75.06
C GLU C 230 -6.33 39.33 -74.52
N ARG C 231 -6.25 38.50 -73.50
CA ARG C 231 -4.99 38.14 -72.90
C ARG C 231 -4.01 37.49 -73.90
N PHE C 232 -4.53 36.87 -74.95
CA PHE C 232 -3.69 36.20 -75.93
C PHE C 232 -3.86 36.83 -77.31
N SER C 233 -4.07 38.14 -77.33
CA SER C 233 -4.27 38.84 -78.57
C SER C 233 -3.11 39.75 -78.91
N PHE C 234 -2.06 39.69 -78.11
CA PHE C 234 -0.91 40.53 -78.37
C PHE C 234 0.38 39.73 -78.60
N PRO C 235 1.40 40.34 -79.23
CA PRO C 235 2.69 39.70 -79.51
C PRO C 235 3.40 39.24 -78.27
N ARG C 236 3.92 38.04 -78.32
CA ARG C 236 4.60 37.47 -77.19
C ARG C 236 5.82 36.68 -77.64
N VAL C 237 6.76 36.64 -76.73
CA VAL C 237 7.95 35.80 -76.84
C VAL C 237 7.79 34.85 -75.67
N ILE C 238 7.66 33.58 -76.00
CA ILE C 238 7.35 32.57 -75.00
C ILE C 238 8.43 31.49 -74.90
N ASN C 239 8.56 30.87 -73.73
CA ASN C 239 9.54 29.81 -73.57
C ASN C 239 8.98 28.57 -74.23
N SER C 240 9.87 27.77 -74.82
CA SER C 240 9.48 26.54 -75.49
C SER C 240 9.05 25.53 -74.41
N ALA C 241 8.34 24.48 -74.81
CA ALA C 241 7.89 23.48 -73.86
C ALA C 241 9.02 22.90 -73.00
N ASP C 242 10.19 22.67 -73.60
CA ASP C 242 11.34 22.11 -72.88
C ASP C 242 12.24 23.14 -72.18
N GLY C 243 11.85 24.41 -72.30
CA GLY C 243 12.59 25.49 -71.68
C GLY C 243 13.93 25.81 -72.34
N ALA C 244 14.25 25.12 -73.42
CA ALA C 244 15.52 25.33 -74.12
C ALA C 244 15.63 26.58 -75.00
N THR C 245 14.52 27.15 -75.43
CA THR C 245 14.54 28.34 -76.28
C THR C 245 13.23 29.14 -76.16
N THR C 246 13.08 30.16 -77.00
CA THR C 246 11.89 31.00 -77.00
C THR C 246 11.32 31.14 -78.41
N TRP C 247 9.99 31.13 -78.50
CA TRP C 247 9.27 31.29 -79.76
C TRP C 247 8.51 32.61 -79.81
N TYR C 248 8.15 33.02 -81.02
CA TYR C 248 7.44 34.27 -81.23
C TYR C 248 5.98 34.04 -81.62
N PHE C 249 5.07 34.73 -80.93
CA PHE C 249 3.65 34.64 -81.20
C PHE C 249 3.24 36.05 -81.62
N ASN C 250 2.72 36.16 -82.83
CA ASN C 250 2.31 37.43 -83.39
C ASN C 250 0.86 37.29 -83.87
N PRO C 251 -0.12 37.29 -82.95
CA PRO C 251 -1.52 37.05 -83.31
C PRO C 251 -2.21 38.15 -84.08
N VAL C 252 -3.15 37.67 -84.88
CA VAL C 252 -4.16 38.45 -85.63
C VAL C 252 -5.45 37.68 -85.33
N ILE C 253 -6.46 38.39 -84.86
CA ILE C 253 -7.67 37.72 -84.36
C ILE C 253 -8.83 37.62 -85.33
N LEU C 254 -9.44 36.46 -85.38
CA LEU C 254 -10.61 36.18 -86.23
C LEU C 254 -11.71 35.70 -85.29
N ARG C 255 -12.97 35.79 -85.72
CA ARG C 255 -14.04 35.35 -84.84
C ARG C 255 -14.03 33.87 -84.67
N PRO C 256 -14.24 33.39 -83.44
CA PRO C 256 -14.25 31.95 -83.26
C PRO C 256 -15.49 31.39 -83.98
N ASN C 257 -15.25 30.34 -84.74
CA ASN C 257 -16.27 29.66 -85.55
C ASN C 257 -16.82 28.40 -84.85
N ASN C 258 -18.13 28.17 -84.95
CA ASN C 258 -18.78 27.00 -84.34
C ASN C 258 -18.50 26.81 -82.87
N VAL C 259 -18.65 27.89 -82.11
CA VAL C 259 -18.42 27.87 -80.69
C VAL C 259 -19.46 26.99 -80.01
N GLU C 260 -19.01 26.08 -79.17
CA GLU C 260 -19.90 25.23 -78.41
C GLU C 260 -19.36 25.06 -77.00
N VAL C 261 -20.16 25.47 -76.01
CA VAL C 261 -19.76 25.35 -74.62
C VAL C 261 -20.61 24.27 -74.00
N GLU C 262 -19.97 23.31 -73.36
CA GLU C 262 -20.72 22.28 -72.69
C GLU C 262 -20.35 22.26 -71.22
N PHE C 263 -21.38 22.21 -70.38
CA PHE C 263 -21.21 22.13 -68.94
C PHE C 263 -21.64 20.72 -68.65
N LEU C 264 -20.68 19.89 -68.27
CA LEU C 264 -20.96 18.49 -68.03
C LEU C 264 -20.92 18.15 -66.57
N LEU C 265 -21.63 17.08 -66.22
CA LEU C 265 -21.66 16.58 -64.86
C LEU C 265 -21.44 15.09 -64.99
N ASN C 266 -20.35 14.58 -64.45
CA ASN C 266 -20.04 13.16 -64.53
C ASN C 266 -20.08 12.63 -65.98
N GLY C 267 -19.55 13.43 -66.90
CA GLY C 267 -19.50 13.01 -68.29
C GLY C 267 -20.74 13.30 -69.10
N GLN C 268 -21.82 13.68 -68.43
CA GLN C 268 -23.06 13.98 -69.13
C GLN C 268 -23.21 15.47 -69.41
N ILE C 269 -23.71 15.81 -70.59
CA ILE C 269 -23.96 17.21 -70.93
C ILE C 269 -25.21 17.65 -70.16
N ILE C 270 -25.06 18.66 -69.32
CA ILE C 270 -26.19 19.18 -68.57
C ILE C 270 -26.66 20.43 -69.31
N ASN C 271 -25.72 21.26 -69.75
CA ASN C 271 -26.08 22.46 -70.52
C ASN C 271 -25.15 22.56 -71.70
N THR C 272 -25.69 22.99 -72.82
CA THR C 272 -24.90 23.19 -74.01
C THR C 272 -25.39 24.45 -74.70
N TYR C 273 -24.43 25.27 -75.15
CA TYR C 273 -24.72 26.53 -75.82
C TYR C 273 -23.88 26.63 -77.08
N GLN C 274 -24.55 26.91 -78.19
CA GLN C 274 -23.88 27.01 -79.48
C GLN C 274 -23.79 28.45 -79.86
N ALA C 275 -22.57 28.97 -79.85
CA ALA C 275 -22.31 30.34 -80.26
C ALA C 275 -23.16 31.39 -79.57
N ARG C 276 -23.47 31.17 -78.29
CA ARG C 276 -24.26 32.14 -77.58
C ARG C 276 -23.40 32.96 -76.64
N PHE C 277 -23.16 34.22 -76.98
CA PHE C 277 -22.32 35.09 -76.18
C PHE C 277 -23.21 35.99 -75.31
N GLY C 278 -22.72 36.38 -74.15
CA GLY C 278 -23.52 37.20 -73.25
C GLY C 278 -23.71 36.40 -71.98
N THR C 279 -24.90 36.45 -71.40
CA THR C 279 -25.17 35.75 -70.16
C THR C 279 -25.89 34.43 -70.37
N ILE C 280 -25.30 33.35 -69.85
CA ILE C 280 -25.86 32.00 -69.95
C ILE C 280 -25.86 31.36 -68.55
N ILE C 281 -26.78 30.43 -68.34
CA ILE C 281 -26.91 29.72 -67.06
C ILE C 281 -26.42 28.25 -67.16
N ALA C 282 -25.59 27.82 -66.22
CA ALA C 282 -25.09 26.46 -66.17
C ALA C 282 -25.62 25.98 -64.81
N ARG C 283 -26.60 25.11 -64.81
CA ARG C 283 -27.29 24.79 -63.55
C ARG C 283 -26.62 23.73 -62.64
N ASN C 284 -25.71 22.94 -63.15
CA ASN C 284 -25.08 21.87 -62.33
C ASN C 284 -23.99 21.22 -63.16
N PHE C 285 -22.74 21.44 -62.80
CA PHE C 285 -21.65 20.89 -63.61
C PHE C 285 -20.35 20.78 -62.83
N ASP C 286 -19.48 19.86 -63.26
CA ASP C 286 -18.17 19.66 -62.64
C ASP C 286 -17.11 19.80 -63.72
N THR C 287 -17.53 20.09 -64.94
CA THR C 287 -16.61 20.23 -66.06
C THR C 287 -17.13 21.21 -67.08
N ILE C 288 -16.22 21.98 -67.67
CA ILE C 288 -16.58 22.90 -68.73
C ILE C 288 -15.73 22.50 -69.93
N ARG C 289 -16.37 22.42 -71.09
CA ARG C 289 -15.65 22.09 -72.30
C ARG C 289 -15.96 23.16 -73.34
N LEU C 290 -14.93 23.86 -73.80
CA LEU C 290 -15.09 24.89 -74.81
C LEU C 290 -14.49 24.39 -76.12
N SER C 291 -15.32 24.32 -77.16
CA SER C 291 -14.86 23.88 -78.48
C SER C 291 -15.11 25.04 -79.41
N PHE C 292 -14.13 25.33 -80.23
CA PHE C 292 -14.21 26.46 -81.17
C PHE C 292 -13.24 26.18 -82.32
N GLN C 293 -13.46 26.84 -83.43
CA GLN C 293 -12.65 26.63 -84.63
C GLN C 293 -12.13 27.90 -85.24
N LEU C 294 -11.08 27.74 -86.03
CA LEU C 294 -10.50 28.83 -86.80
C LEU C 294 -10.86 28.42 -88.22
N MET C 295 -11.58 29.26 -88.93
CA MET C 295 -11.90 28.91 -90.30
C MET C 295 -11.20 29.93 -91.18
N ARG C 296 -10.38 29.45 -92.10
CA ARG C 296 -9.69 30.37 -93.01
C ARG C 296 -10.76 31.16 -93.77
N PRO C 297 -10.66 32.50 -93.78
CA PRO C 297 -11.65 33.32 -94.50
C PRO C 297 -11.71 32.92 -95.97
N PRO C 298 -12.90 32.53 -96.45
CA PRO C 298 -13.01 32.14 -97.86
C PRO C 298 -12.82 33.31 -98.83
N ASN C 299 -13.12 34.53 -98.37
CA ASN C 299 -12.98 35.73 -99.18
C ASN C 299 -12.16 36.73 -98.42
N MET C 300 -11.11 37.22 -99.05
CA MET C 300 -10.20 38.16 -98.39
C MET C 300 -9.87 39.39 -99.20
N THR C 301 -9.94 40.56 -98.59
CA THR C 301 -9.54 41.78 -99.30
C THR C 301 -8.01 41.67 -99.40
N PRO C 302 -7.37 42.45 -100.28
CA PRO C 302 -5.92 42.39 -100.45
C PRO C 302 -5.13 42.45 -99.13
N ALA C 303 -5.49 43.41 -98.27
CA ALA C 303 -4.83 43.59 -96.98
C ALA C 303 -4.88 42.32 -96.15
N VAL C 304 -5.99 41.60 -96.21
CA VAL C 304 -6.14 40.36 -95.45
C VAL C 304 -5.36 39.25 -96.14
N ALA C 305 -5.54 39.12 -97.45
CA ALA C 305 -4.87 38.10 -98.25
C ALA C 305 -3.35 38.12 -98.00
N ALA C 306 -2.81 39.33 -97.86
CA ALA C 306 -1.39 39.55 -97.62
C ALA C 306 -0.86 38.97 -96.31
N LEU C 307 -1.75 38.76 -95.34
CA LEU C 307 -1.34 38.23 -94.05
C LEU C 307 -1.20 36.74 -94.09
N PHE C 308 -1.95 36.12 -95.00
CA PHE C 308 -2.01 34.65 -95.12
C PHE C 308 -1.56 34.06 -96.46
N PRO C 309 -0.24 33.95 -96.69
CA PRO C 309 0.35 33.42 -97.91
C PRO C 309 0.18 31.91 -98.03
N ASN C 310 0.42 31.38 -99.23
CA ASN C 310 0.29 29.94 -99.44
C ASN C 310 1.49 29.19 -98.93
N ALA C 311 2.60 29.90 -98.74
CA ALA C 311 3.83 29.30 -98.27
C ALA C 311 4.46 30.11 -97.15
N GLN C 312 5.25 29.45 -96.32
CA GLN C 312 5.97 30.11 -95.23
C GLN C 312 6.92 31.09 -95.86
N PRO C 313 7.44 32.05 -95.09
CA PRO C 313 7.18 32.30 -93.65
C PRO C 313 5.78 32.80 -93.31
N PHE C 314 5.24 32.28 -92.21
CA PHE C 314 3.93 32.69 -91.73
C PHE C 314 4.23 33.76 -90.68
N GLU C 315 3.96 35.00 -91.01
CA GLU C 315 4.28 36.11 -90.13
C GLU C 315 3.15 36.67 -89.28
N HIS C 316 1.92 36.38 -89.65
CA HIS C 316 0.75 36.83 -88.91
C HIS C 316 0.08 35.54 -88.53
N HIS C 317 -0.09 35.34 -87.23
CA HIS C 317 -0.65 34.09 -86.73
C HIS C 317 -2.13 34.13 -86.34
N ALA C 318 -2.96 33.50 -87.19
CA ALA C 318 -4.40 33.43 -87.00
C ALA C 318 -4.74 32.85 -85.64
N THR C 319 -5.55 33.60 -84.90
CA THR C 319 -5.95 33.24 -83.55
C THR C 319 -7.42 33.49 -83.30
N VAL C 320 -8.07 32.53 -82.64
CA VAL C 320 -9.48 32.63 -82.26
C VAL C 320 -9.52 32.33 -80.77
N GLY C 321 -10.44 32.95 -80.03
CA GLY C 321 -10.49 32.70 -78.60
C GLY C 321 -11.84 32.88 -77.95
N LEU C 322 -11.90 32.58 -76.65
CA LEU C 322 -13.12 32.69 -75.86
C LEU C 322 -12.75 33.14 -74.45
N THR C 323 -13.69 33.82 -73.80
CA THR C 323 -13.52 34.27 -72.42
C THR C 323 -14.78 33.86 -71.70
N LEU C 324 -14.63 33.18 -70.56
CA LEU C 324 -15.77 32.72 -69.78
C LEU C 324 -15.57 33.14 -68.34
N ARG C 325 -16.57 33.80 -67.73
CA ARG C 325 -16.47 34.22 -66.34
C ARG C 325 -17.69 33.79 -65.53
N ILE C 326 -17.45 33.12 -64.41
CA ILE C 326 -18.55 32.69 -63.56
C ILE C 326 -18.80 33.84 -62.58
N GLU C 327 -19.87 34.59 -62.82
CA GLU C 327 -20.20 35.73 -61.97
C GLU C 327 -20.65 35.28 -60.57
N SER C 328 -21.54 34.29 -60.52
CA SER C 328 -22.04 33.80 -59.26
C SER C 328 -22.38 32.34 -59.43
N ALA C 329 -22.40 31.62 -58.32
CA ALA C 329 -22.74 30.21 -58.31
C ALA C 329 -22.94 29.73 -56.89
N VAL C 330 -23.49 28.54 -56.76
CA VAL C 330 -23.68 27.94 -55.45
C VAL C 330 -22.80 26.71 -55.40
N CYS C 331 -22.18 26.44 -54.25
CA CYS C 331 -21.37 25.24 -54.12
C CYS C 331 -21.72 24.60 -52.80
N GLU C 332 -21.73 23.27 -52.79
CA GLU C 332 -22.03 22.55 -51.56
C GLU C 332 -20.81 22.58 -50.62
N SER C 333 -19.63 22.92 -51.14
CA SER C 333 -18.40 23.01 -50.35
C SER C 333 -17.97 24.46 -50.19
N VAL C 334 -17.34 24.82 -49.07
CA VAL C 334 -16.88 26.18 -48.91
C VAL C 334 -15.78 26.44 -49.94
N LEU C 335 -15.71 27.68 -50.43
CA LEU C 335 -14.70 28.08 -51.40
C LEU C 335 -14.40 29.53 -51.11
N ALA C 336 -13.27 30.00 -51.62
CA ALA C 336 -12.95 31.41 -51.52
C ALA C 336 -13.72 32.05 -52.71
N ASP C 337 -14.07 33.32 -52.61
CA ASP C 337 -14.73 34.02 -53.72
C ASP C 337 -14.25 35.48 -53.68
N ALA C 338 -14.86 36.37 -54.48
CA ALA C 338 -14.40 37.76 -54.52
C ALA C 338 -15.02 38.70 -53.51
N SER C 339 -15.90 38.19 -52.64
CA SER C 339 -16.56 39.04 -51.66
C SER C 339 -16.37 38.68 -50.20
N GLU C 340 -16.35 37.38 -49.89
CA GLU C 340 -16.20 36.92 -48.53
C GLU C 340 -14.78 37.05 -48.02
N THR C 341 -14.64 37.38 -46.75
CA THR C 341 -13.34 37.57 -46.13
C THR C 341 -12.83 36.37 -45.35
N MET C 342 -13.56 35.26 -45.37
CA MET C 342 -13.17 34.06 -44.63
C MET C 342 -11.76 33.57 -44.86
N LEU C 343 -11.40 33.29 -46.10
CA LEU C 343 -10.06 32.83 -46.39
C LEU C 343 -9.05 33.84 -45.87
N ALA C 344 -9.27 35.12 -46.16
CA ALA C 344 -8.37 36.18 -45.71
C ALA C 344 -8.27 36.26 -44.19
N ASN C 345 -9.39 36.04 -43.48
CA ASN C 345 -9.38 36.09 -42.02
C ASN C 345 -8.53 34.98 -41.43
N VAL C 346 -8.77 33.76 -41.90
CA VAL C 346 -8.03 32.59 -41.43
C VAL C 346 -6.56 32.73 -41.76
N THR C 347 -6.26 33.10 -43.00
CA THR C 347 -4.89 33.27 -43.44
C THR C 347 -4.22 34.38 -42.64
N SER C 348 -4.94 35.48 -42.40
CA SER C 348 -4.39 36.60 -41.65
C SER C 348 -4.10 36.29 -40.20
N VAL C 349 -5.00 35.59 -39.52
CA VAL C 349 -4.75 35.28 -38.12
C VAL C 349 -3.52 34.38 -38.01
N ARG C 350 -3.42 33.38 -38.88
CA ARG C 350 -2.28 32.47 -38.87
C ARG C 350 -0.95 33.20 -39.13
N GLN C 351 -0.95 34.13 -40.10
CA GLN C 351 0.24 34.90 -40.44
C GLN C 351 0.66 35.83 -39.29
N GLU C 352 -0.30 36.55 -38.74
CA GLU C 352 -0.01 37.48 -37.66
C GLU C 352 0.62 36.79 -36.44
N TYR C 353 0.12 35.61 -36.08
CA TYR C 353 0.66 34.90 -34.94
C TYR C 353 1.73 33.88 -35.24
N ALA C 354 2.32 34.00 -36.42
CA ALA C 354 3.40 33.10 -36.82
C ALA C 354 3.09 31.62 -36.56
N ILE C 355 1.88 31.19 -36.91
CA ILE C 355 1.46 29.82 -36.72
C ILE C 355 2.26 28.90 -37.65
N PRO C 356 2.91 27.86 -37.11
CA PRO C 356 3.71 26.91 -37.91
C PRO C 356 2.84 26.15 -38.93
N VAL C 357 3.44 25.74 -40.05
CA VAL C 357 2.72 24.96 -41.06
C VAL C 357 2.27 23.70 -40.35
N GLY C 358 1.04 23.27 -40.62
CA GLY C 358 0.52 22.07 -40.00
C GLY C 358 0.46 20.90 -40.96
N PRO C 359 -0.20 19.82 -40.58
CA PRO C 359 -0.32 18.64 -41.45
C PRO C 359 -1.43 18.68 -42.51
N VAL C 360 -2.37 19.61 -42.39
CA VAL C 360 -3.49 19.65 -43.33
C VAL C 360 -3.37 20.68 -44.45
N PHE C 361 -3.26 21.95 -44.06
CA PHE C 361 -3.21 23.05 -45.04
C PHE C 361 -1.86 23.33 -45.69
N PRO C 362 -1.85 23.75 -46.99
CA PRO C 362 -0.59 24.05 -47.65
C PRO C 362 0.03 25.27 -46.99
N PRO C 363 1.35 25.43 -47.12
CA PRO C 363 2.00 26.60 -46.53
C PRO C 363 1.29 27.90 -46.98
N GLY C 364 1.04 28.78 -46.01
CA GLY C 364 0.39 30.05 -46.25
C GLY C 364 -1.06 29.98 -46.63
N MET C 365 -1.70 28.83 -46.42
CA MET C 365 -3.10 28.63 -46.81
C MET C 365 -3.22 28.95 -48.29
N ASN C 366 -2.15 28.67 -49.08
CA ASN C 366 -2.16 28.98 -50.51
C ASN C 366 -3.40 28.46 -51.23
N TRP C 367 -4.20 29.36 -51.81
CA TRP C 367 -5.43 28.93 -52.43
C TRP C 367 -5.23 27.98 -53.59
N THR C 368 -4.35 28.31 -54.52
CA THR C 368 -4.15 27.41 -55.63
C THR C 368 -3.80 25.99 -55.15
N ASP C 369 -2.86 25.86 -54.22
CA ASP C 369 -2.48 24.54 -53.72
C ASP C 369 -3.66 23.88 -53.03
N LEU C 370 -4.42 24.63 -52.27
CA LEU C 370 -5.55 24.08 -51.56
C LEU C 370 -6.61 23.52 -52.50
N ILE C 371 -7.08 24.32 -53.46
CA ILE C 371 -8.10 23.89 -54.39
C ILE C 371 -7.59 22.80 -55.36
N THR C 372 -6.29 22.78 -55.66
CA THR C 372 -5.75 21.76 -56.55
C THR C 372 -5.87 20.37 -55.92
N ASN C 373 -5.62 20.28 -54.63
CA ASN C 373 -5.73 19.01 -53.92
C ASN C 373 -6.66 19.22 -52.77
N TYR C 374 -7.92 19.44 -53.11
CA TYR C 374 -8.97 19.72 -52.15
C TYR C 374 -9.51 18.43 -51.55
N SER C 375 -8.70 17.81 -50.69
CA SER C 375 -9.09 16.57 -50.06
C SER C 375 -10.23 16.73 -49.07
N PRO C 376 -10.87 15.61 -48.67
CA PRO C 376 -11.96 15.71 -47.71
C PRO C 376 -11.47 16.36 -46.42
N SER C 377 -10.27 15.99 -45.98
CA SER C 377 -9.71 16.56 -44.75
C SER C 377 -9.53 18.08 -44.87
N ARG C 378 -8.97 18.53 -45.98
CA ARG C 378 -8.80 19.97 -46.15
C ARG C 378 -10.16 20.68 -46.14
N GLU C 379 -11.18 20.08 -46.78
CA GLU C 379 -12.50 20.69 -46.82
C GLU C 379 -13.17 20.75 -45.45
N ASP C 380 -13.06 19.67 -44.68
CA ASP C 380 -13.68 19.66 -43.35
C ASP C 380 -13.00 20.69 -42.46
N ASN C 381 -11.67 20.73 -42.52
CA ASN C 381 -10.92 21.72 -41.73
C ASN C 381 -11.24 23.15 -42.22
N LEU C 382 -11.30 23.33 -43.54
CA LEU C 382 -11.60 24.63 -44.12
C LEU C 382 -12.98 25.09 -43.67
N GLN C 383 -13.96 24.19 -43.69
CA GLN C 383 -15.30 24.58 -43.29
C GLN C 383 -15.34 24.94 -41.83
N ARG C 384 -14.65 24.18 -41.00
CA ARG C 384 -14.66 24.47 -39.57
C ARG C 384 -14.07 25.85 -39.31
N VAL C 385 -12.96 26.03 -39.96
CA VAL C 385 -12.15 27.23 -39.83
C VAL C 385 -12.89 28.46 -40.45
N PHE C 386 -13.60 28.26 -41.56
CA PHE C 386 -14.38 29.36 -42.21
C PHE C 386 -15.60 29.72 -41.34
N THR C 387 -16.25 28.71 -40.79
CA THR C 387 -17.40 28.96 -39.93
C THR C 387 -16.97 29.76 -38.70
N VAL C 388 -15.81 29.44 -38.12
CA VAL C 388 -15.31 30.18 -36.96
C VAL C 388 -14.97 31.62 -37.35
N ALA C 389 -14.37 31.81 -38.52
CA ALA C 389 -14.03 33.13 -39.00
C ALA C 389 -15.31 33.97 -39.12
N SER C 390 -16.38 33.34 -39.60
CA SER C 390 -17.65 34.05 -39.76
C SER C 390 -18.26 34.40 -38.41
N ILE C 391 -18.02 33.56 -37.40
CA ILE C 391 -18.59 33.82 -36.06
C ILE C 391 -17.84 35.00 -35.49
N ARG C 392 -16.54 35.00 -35.69
CA ARG C 392 -15.69 36.09 -35.22
C ARG C 392 -16.02 37.44 -35.86
N SER C 393 -16.27 37.46 -37.16
CA SER C 393 -16.60 38.69 -37.88
C SER C 393 -17.92 39.37 -37.49
N MET C 394 -18.69 38.71 -36.61
CA MET C 394 -19.97 39.27 -36.18
C MET C 394 -19.66 40.30 -35.12
N LEU C 395 -18.47 40.18 -34.52
CA LEU C 395 -18.07 41.07 -33.44
C LEU C 395 -16.79 41.84 -33.69
N VAL C 396 -15.85 41.18 -34.35
CA VAL C 396 -14.52 41.74 -34.60
C VAL C 396 -14.22 41.74 -36.09
N LYS C 397 -14.03 42.91 -36.65
CA LYS C 397 -13.70 43.00 -38.07
C LYS C 397 -12.39 43.72 -38.16
N MET D 1 -50.40 35.43 -52.27
CA MET D 1 -48.92 35.50 -52.42
C MET D 1 -48.17 35.81 -51.12
N ASP D 2 -48.38 37.02 -50.57
CA ASP D 2 -47.71 37.40 -49.33
C ASP D 2 -47.74 36.20 -48.40
N VAL D 3 -48.81 35.44 -48.53
CA VAL D 3 -49.02 34.22 -47.75
C VAL D 3 -47.69 33.49 -47.85
N LEU D 4 -47.46 32.96 -49.04
CA LEU D 4 -46.27 32.22 -49.35
C LEU D 4 -45.06 32.68 -48.54
N TYR D 5 -44.75 33.97 -48.63
CA TYR D 5 -43.61 34.49 -47.91
C TYR D 5 -43.53 33.90 -46.51
N SER D 6 -44.45 34.31 -45.66
CA SER D 6 -44.49 33.86 -44.27
C SER D 6 -44.05 32.40 -44.11
N LEU D 7 -44.75 31.52 -44.82
CA LEU D 7 -44.48 30.09 -44.78
C LEU D 7 -43.00 29.79 -44.65
N SER D 8 -42.18 30.71 -45.15
CA SER D 8 -40.75 30.52 -45.09
C SER D 8 -40.09 31.14 -43.85
N LYS D 9 -40.05 32.47 -43.75
CA LYS D 9 -39.41 33.12 -42.60
C LYS D 9 -39.91 32.40 -41.36
N THR D 10 -41.02 31.70 -41.55
CA THR D 10 -41.63 30.90 -40.52
C THR D 10 -40.62 29.79 -40.24
N LEU D 11 -40.38 28.98 -41.27
CA LEU D 11 -39.45 27.89 -41.15
C LEU D 11 -38.00 28.30 -40.85
N LYS D 12 -37.45 29.28 -41.58
CA LYS D 12 -36.05 29.70 -41.33
C LYS D 12 -35.92 30.18 -39.90
N ASP D 13 -36.62 31.25 -39.56
CA ASP D 13 -36.59 31.79 -38.22
C ASP D 13 -37.04 30.66 -37.27
N ALA D 14 -37.27 29.47 -37.85
CA ALA D 14 -37.67 28.30 -37.08
C ALA D 14 -36.53 27.28 -37.02
N ARG D 15 -36.24 26.65 -38.15
CA ARG D 15 -35.16 25.66 -38.21
C ARG D 15 -33.86 26.27 -37.70
N ASP D 16 -33.91 27.57 -37.41
CA ASP D 16 -32.75 28.31 -36.90
C ASP D 16 -32.82 28.63 -35.41
N LYS D 17 -33.92 29.23 -34.95
CA LYS D 17 -34.10 29.60 -33.53
C LYS D 17 -34.48 28.43 -32.62
N ILE D 18 -34.72 27.26 -33.20
CA ILE D 18 -35.11 26.07 -32.46
C ILE D 18 -33.99 25.05 -32.37
N VAL D 19 -33.20 25.12 -31.30
CA VAL D 19 -32.10 24.19 -31.14
C VAL D 19 -32.03 23.58 -29.76
N GLU D 20 -31.35 22.45 -29.66
CA GLU D 20 -31.18 21.74 -28.41
C GLU D 20 -30.43 22.65 -27.42
N GLY D 21 -31.16 23.54 -26.74
CA GLY D 21 -30.50 24.42 -25.78
C GLY D 21 -31.14 25.73 -25.33
N THR D 22 -31.66 26.52 -26.27
CA THR D 22 -32.27 27.83 -25.95
C THR D 22 -33.45 27.74 -24.98
N LEU D 23 -33.65 28.80 -24.19
CA LEU D 23 -34.75 28.86 -23.23
C LEU D 23 -36.04 29.06 -24.02
N TYR D 24 -37.15 28.53 -23.49
CA TYR D 24 -38.42 28.69 -24.17
C TYR D 24 -38.65 30.15 -24.55
N SER D 25 -38.83 31.00 -23.54
CA SER D 25 -39.09 32.43 -23.71
C SER D 25 -38.40 33.21 -24.83
N ASN D 26 -37.37 32.62 -25.45
CA ASN D 26 -36.67 33.28 -26.54
C ASN D 26 -37.38 32.95 -27.84
N VAL D 27 -38.49 32.22 -27.70
CA VAL D 27 -39.27 31.80 -28.84
C VAL D 27 -40.78 31.83 -28.59
N SER D 28 -41.19 32.34 -27.44
CA SER D 28 -42.62 32.42 -27.09
C SER D 28 -43.39 33.13 -28.18
N ASP D 29 -42.91 34.32 -28.56
CA ASP D 29 -43.54 35.11 -29.61
C ASP D 29 -43.48 34.34 -30.92
N LEU D 30 -42.59 33.36 -30.98
CA LEU D 30 -42.44 32.57 -32.19
C LEU D 30 -43.32 31.34 -32.23
N ILE D 31 -43.18 30.48 -31.24
CA ILE D 31 -43.99 29.26 -31.16
C ILE D 31 -45.40 29.61 -31.61
N GLN D 32 -46.02 30.51 -30.86
CA GLN D 32 -47.37 30.96 -31.16
C GLN D 32 -47.58 31.04 -32.67
N GLN D 33 -47.06 32.10 -33.29
CA GLN D 33 -47.20 32.31 -34.73
C GLN D 33 -47.24 30.97 -35.45
N PHE D 34 -46.27 30.13 -35.15
CA PHE D 34 -46.20 28.83 -35.79
C PHE D 34 -47.51 28.06 -35.74
N ASN D 35 -47.87 27.61 -34.54
CA ASN D 35 -49.08 26.86 -34.35
C ASN D 35 -50.21 27.41 -35.21
N GLN D 36 -50.55 28.69 -34.96
CA GLN D 36 -51.60 29.37 -35.71
C GLN D 36 -51.71 28.80 -37.11
N MET D 37 -50.56 28.61 -37.74
CA MET D 37 -50.51 28.07 -39.08
C MET D 37 -51.14 26.69 -39.13
N ILE D 38 -50.45 25.73 -38.54
CA ILE D 38 -50.89 24.34 -38.49
C ILE D 38 -52.42 24.24 -38.54
N ILE D 39 -53.06 24.97 -37.65
CA ILE D 39 -54.51 24.98 -37.58
C ILE D 39 -55.14 25.25 -38.93
N THR D 40 -54.97 26.48 -39.39
CA THR D 40 -55.50 26.93 -40.67
C THR D 40 -55.37 25.87 -41.76
N MET D 41 -54.25 25.14 -41.72
CA MET D 41 -53.96 24.11 -42.71
C MET D 41 -54.74 22.81 -42.63
N ASN D 42 -54.24 21.88 -41.83
CA ASN D 42 -54.83 20.57 -41.64
C ASN D 42 -56.24 20.48 -42.22
N GLY D 43 -56.43 19.52 -43.13
CA GLY D 43 -57.72 19.34 -43.75
C GLY D 43 -57.66 19.60 -45.24
N ASN D 44 -57.59 20.87 -45.60
CA ASN D 44 -57.52 21.26 -47.01
C ASN D 44 -56.39 20.48 -47.69
N GLU D 45 -56.66 19.97 -48.90
CA GLU D 45 -55.66 19.18 -49.64
C GLU D 45 -55.08 19.89 -50.86
N PHE D 46 -53.85 19.53 -51.25
CA PHE D 46 -53.19 20.18 -52.38
C PHE D 46 -52.55 19.33 -53.49
N GLN D 47 -52.58 19.88 -54.69
CA GLN D 47 -52.01 19.27 -55.89
C GLN D 47 -50.88 20.13 -56.43
N THR D 48 -49.80 19.46 -56.80
CA THR D 48 -48.64 20.15 -57.34
C THR D 48 -48.15 19.33 -58.52
N GLY D 49 -47.51 20.01 -59.46
CA GLY D 49 -47.00 19.32 -60.63
C GLY D 49 -48.03 19.32 -61.75
N GLY D 50 -47.83 18.44 -62.72
CA GLY D 50 -48.74 18.35 -63.84
C GLY D 50 -48.21 19.15 -65.01
N ILE D 51 -46.96 18.89 -65.37
CA ILE D 51 -46.33 19.61 -66.47
C ILE D 51 -44.94 19.04 -66.71
N GLY D 52 -44.57 18.94 -67.98
CA GLY D 52 -43.27 18.40 -68.34
C GLY D 52 -42.87 17.26 -67.43
N ASN D 53 -41.60 17.20 -67.07
CA ASN D 53 -41.12 16.15 -66.19
C ASN D 53 -41.30 16.56 -64.74
N LEU D 54 -42.40 17.22 -64.43
CA LEU D 54 -42.63 17.63 -63.07
C LEU D 54 -43.60 16.70 -62.37
N PRO D 55 -43.10 15.93 -61.38
CA PRO D 55 -43.90 14.99 -60.61
C PRO D 55 -45.14 15.64 -60.00
N ILE D 56 -46.21 14.87 -59.91
CA ILE D 56 -47.45 15.35 -59.35
C ILE D 56 -47.65 14.64 -58.02
N ARG D 57 -47.15 15.25 -56.95
CA ARG D 57 -47.28 14.65 -55.63
C ARG D 57 -48.46 15.32 -54.90
N ASN D 58 -49.25 14.49 -54.21
CA ASN D 58 -50.41 14.99 -53.47
C ASN D 58 -50.07 15.15 -52.00
N TRP D 59 -50.30 16.36 -51.48
CA TRP D 59 -49.99 16.65 -50.09
C TRP D 59 -51.24 16.81 -49.24
N ASN D 60 -51.26 16.08 -48.13
CA ASN D 60 -52.38 16.11 -47.19
C ASN D 60 -51.82 16.43 -45.81
N PHE D 61 -52.64 17.01 -44.93
CA PHE D 61 -52.17 17.38 -43.59
C PHE D 61 -52.86 16.71 -42.41
N ASP D 62 -52.11 16.59 -41.32
CA ASP D 62 -52.59 15.96 -40.08
C ASP D 62 -51.55 16.07 -38.97
N PHE D 63 -51.36 17.26 -38.38
CA PHE D 63 -50.35 17.39 -37.33
C PHE D 63 -50.74 18.00 -35.98
N GLY D 64 -50.12 17.48 -34.93
CA GLY D 64 -50.35 17.97 -33.58
C GLY D 64 -49.51 19.20 -33.34
N LEU D 65 -49.97 20.08 -32.47
CA LEU D 65 -49.28 21.34 -32.19
C LEU D 65 -47.95 21.20 -31.48
N LEU D 66 -47.56 22.23 -30.75
CA LEU D 66 -46.28 22.23 -30.06
C LEU D 66 -46.23 22.45 -28.56
N GLY D 67 -45.61 21.48 -27.88
CA GLY D 67 -45.47 21.51 -26.44
C GLY D 67 -44.86 22.79 -25.92
N THR D 68 -44.18 22.69 -24.79
CA THR D 68 -43.58 23.88 -24.21
C THR D 68 -42.58 23.57 -23.10
N THR D 69 -42.57 22.32 -22.65
CA THR D 69 -41.67 21.86 -21.60
C THR D 69 -40.60 22.92 -21.27
N LEU D 70 -40.94 23.79 -20.32
CA LEU D 70 -40.10 24.92 -19.86
C LEU D 70 -38.61 24.70 -19.67
N LEU D 71 -37.92 25.82 -19.45
CA LEU D 71 -36.49 25.83 -19.16
C LEU D 71 -35.62 25.20 -20.24
N ASN D 72 -35.47 25.89 -21.36
CA ASN D 72 -34.67 25.40 -22.49
C ASN D 72 -35.22 24.08 -22.99
N LEU D 73 -35.12 23.87 -24.30
CA LEU D 73 -35.65 22.67 -24.93
C LEU D 73 -34.80 21.41 -24.76
N ASP D 74 -35.48 20.26 -24.61
CA ASP D 74 -34.78 19.00 -24.49
C ASP D 74 -34.72 18.40 -25.89
N ALA D 75 -33.59 17.81 -26.23
CA ALA D 75 -33.39 17.21 -27.54
C ALA D 75 -34.68 16.58 -28.08
N ASN D 76 -35.28 15.70 -27.29
CA ASN D 76 -36.51 15.02 -27.69
C ASN D 76 -37.51 15.99 -28.29
N TYR D 77 -37.52 17.23 -27.82
CA TYR D 77 -38.46 18.24 -28.33
C TYR D 77 -38.15 18.59 -29.78
N VAL D 78 -36.87 18.76 -30.06
CA VAL D 78 -36.45 19.09 -31.40
C VAL D 78 -36.93 18.05 -32.40
N GLU D 79 -36.32 16.87 -32.37
CA GLU D 79 -36.66 15.77 -33.29
C GLU D 79 -38.14 15.58 -33.63
N THR D 80 -39.00 15.67 -32.63
CA THR D 80 -40.43 15.50 -32.85
C THR D 80 -40.96 16.72 -33.61
N ALA D 81 -40.09 17.71 -33.79
CA ALA D 81 -40.46 18.93 -34.50
C ALA D 81 -39.85 18.92 -35.89
N ARG D 82 -38.55 18.68 -35.96
CA ARG D 82 -37.86 18.64 -37.24
C ARG D 82 -38.59 17.69 -38.19
N ASN D 83 -39.12 16.60 -37.64
CA ASN D 83 -39.84 15.62 -38.43
C ASN D 83 -41.11 16.23 -39.02
N THR D 84 -41.63 17.27 -38.38
CA THR D 84 -42.83 17.92 -38.87
C THR D 84 -42.49 19.06 -39.82
N ILE D 85 -41.29 19.59 -39.71
CA ILE D 85 -40.89 20.66 -40.58
C ILE D 85 -40.49 20.09 -41.94
N ASP D 86 -39.76 18.98 -41.91
CA ASP D 86 -39.30 18.35 -43.14
C ASP D 86 -40.43 17.94 -44.10
N TYR D 87 -41.68 18.15 -43.72
CA TYR D 87 -42.79 17.82 -44.62
C TYR D 87 -43.15 19.14 -45.28
N PHE D 88 -42.94 20.23 -44.55
CA PHE D 88 -43.25 21.55 -45.06
C PHE D 88 -42.14 22.00 -45.99
N VAL D 89 -40.92 21.62 -45.66
CA VAL D 89 -39.80 21.95 -46.50
C VAL D 89 -40.13 21.28 -47.84
N ASP D 90 -39.94 19.96 -47.92
CA ASP D 90 -40.20 19.15 -49.13
C ASP D 90 -41.51 19.53 -49.81
N PHE D 91 -42.34 20.29 -49.09
CA PHE D 91 -43.60 20.73 -49.63
C PHE D 91 -43.37 22.00 -50.41
N VAL D 92 -43.12 23.08 -49.67
CA VAL D 92 -42.88 24.38 -50.26
C VAL D 92 -42.06 24.29 -51.55
N ASP D 93 -41.01 23.48 -51.55
CA ASP D 93 -40.14 23.29 -52.72
C ASP D 93 -41.10 22.98 -53.86
N ASN D 94 -41.83 21.88 -53.73
CA ASN D 94 -42.79 21.44 -54.74
C ASN D 94 -43.88 22.50 -55.01
N VAL D 95 -43.96 23.51 -54.15
CA VAL D 95 -44.96 24.56 -54.35
C VAL D 95 -44.36 25.69 -55.18
N CYS D 96 -43.20 26.17 -54.75
CA CYS D 96 -42.54 27.24 -55.47
C CYS D 96 -42.41 26.82 -56.93
N MET D 97 -41.69 25.73 -57.13
CA MET D 97 -41.44 25.20 -58.45
C MET D 97 -42.69 25.18 -59.35
N ASP D 98 -43.84 24.76 -58.81
CA ASP D 98 -45.08 24.69 -59.59
C ASP D 98 -45.56 26.03 -60.16
N GLU D 99 -45.43 27.11 -59.39
CA GLU D 99 -45.86 28.42 -59.85
C GLU D 99 -44.66 29.19 -60.43
N MET D 100 -43.53 28.51 -60.51
CA MET D 100 -42.32 29.12 -61.06
C MET D 100 -42.11 28.67 -62.49
N VAL D 101 -43.20 28.31 -63.17
CA VAL D 101 -43.09 27.85 -64.54
C VAL D 101 -44.23 28.38 -65.38
N ARG D 102 -45.42 28.41 -64.80
CA ARG D 102 -46.60 28.87 -65.52
C ARG D 102 -46.46 30.38 -65.83
N GLU D 103 -46.88 30.75 -67.03
CA GLU D 103 -46.82 32.14 -67.50
C GLU D 103 -48.18 32.51 -68.13
N SER D 104 -48.46 33.80 -68.26
CA SER D 104 -49.73 34.20 -68.85
C SER D 104 -49.64 35.63 -69.38
N GLN D 105 -49.97 35.80 -70.66
CA GLN D 105 -49.93 37.12 -71.30
C GLN D 105 -50.84 38.14 -70.61
N ARG D 106 -52.16 37.94 -70.76
CA ARG D 106 -53.17 38.84 -70.17
C ARG D 106 -52.82 39.22 -68.73
N ASN D 107 -53.12 38.33 -67.80
CA ASN D 107 -52.86 38.59 -66.40
C ASN D 107 -51.84 37.57 -65.91
N GLY D 108 -50.58 37.77 -66.29
CA GLY D 108 -49.52 36.87 -65.89
C GLY D 108 -48.68 37.48 -64.79
N ILE D 109 -49.30 38.40 -64.04
CA ILE D 109 -48.66 39.10 -62.95
C ILE D 109 -49.22 38.55 -61.62
N ALA D 110 -50.24 37.70 -61.75
CA ALA D 110 -50.89 37.10 -60.60
C ALA D 110 -50.65 35.59 -60.50
N PRO D 111 -51.28 34.93 -59.50
CA PRO D 111 -51.14 33.48 -59.29
C PRO D 111 -51.74 32.66 -60.42
N GLN D 112 -51.09 31.55 -60.74
CA GLN D 112 -51.56 30.68 -61.83
C GLN D 112 -51.96 29.27 -61.38
N SER D 113 -51.06 28.65 -60.62
CA SER D 113 -51.20 27.28 -60.13
C SER D 113 -52.39 26.95 -59.24
N ASP D 114 -52.88 25.72 -59.36
CA ASP D 114 -54.00 25.24 -58.56
C ASP D 114 -53.58 25.20 -57.11
N SER D 115 -52.27 25.37 -56.90
CA SER D 115 -51.72 25.36 -55.55
C SER D 115 -51.85 26.75 -54.96
N LEU D 116 -51.37 27.75 -55.68
CA LEU D 116 -51.42 29.12 -55.18
C LEU D 116 -52.78 29.79 -55.31
N ARG D 117 -53.49 29.61 -56.42
CA ARG D 117 -54.81 30.23 -56.59
C ARG D 117 -55.64 29.98 -55.33
N LYS D 118 -55.31 28.91 -54.60
CA LYS D 118 -56.04 28.55 -53.37
C LYS D 118 -55.44 29.22 -52.14
N LEU D 119 -54.20 29.68 -52.26
CA LEU D 119 -53.50 30.34 -51.16
C LEU D 119 -53.94 31.77 -50.96
N SER D 120 -54.15 32.48 -52.06
CA SER D 120 -54.58 33.86 -51.98
C SER D 120 -55.96 33.91 -51.33
N GLY D 121 -56.57 32.73 -51.18
CA GLY D 121 -57.88 32.64 -50.55
C GLY D 121 -57.86 33.44 -49.27
N LEU D 122 -59.03 33.84 -48.78
CA LEU D 122 -59.09 34.65 -47.57
C LEU D 122 -58.80 33.91 -46.26
N LYS D 123 -59.39 32.74 -46.11
CA LYS D 123 -59.20 31.96 -44.89
C LYS D 123 -57.74 31.67 -44.51
N PHE D 124 -56.80 32.12 -45.34
CA PHE D 124 -55.37 31.89 -45.10
C PHE D 124 -54.59 33.12 -44.65
N LYS D 125 -55.01 34.28 -45.12
CA LYS D 125 -54.33 35.53 -44.81
C LYS D 125 -53.88 35.63 -43.34
N ARG D 126 -54.53 34.88 -42.46
CA ARG D 126 -54.22 34.88 -41.02
C ARG D 126 -52.78 34.53 -40.66
N ILE D 127 -51.83 34.72 -41.56
CA ILE D 127 -50.47 34.32 -41.25
C ILE D 127 -49.36 35.36 -41.39
N ASN D 128 -49.32 36.03 -42.53
CA ASN D 128 -48.33 37.07 -42.86
C ASN D 128 -47.55 37.67 -41.67
N PHE D 129 -46.23 37.89 -41.84
CA PHE D 129 -45.39 38.49 -40.80
C PHE D 129 -43.90 38.68 -41.18
N ASP D 130 -43.14 39.41 -40.35
CA ASP D 130 -41.71 39.73 -40.55
C ASP D 130 -41.30 39.83 -42.02
N ASN D 131 -41.79 40.88 -42.69
CA ASN D 131 -41.50 41.13 -44.11
C ASN D 131 -40.24 41.97 -44.31
N SER D 132 -39.10 41.50 -43.81
CA SER D 132 -37.87 42.25 -43.97
C SER D 132 -37.01 41.74 -45.13
N SER D 133 -37.46 40.68 -45.81
CA SER D 133 -36.70 40.13 -46.93
C SER D 133 -36.82 41.05 -48.14
N GLU D 134 -35.78 41.86 -48.32
CA GLU D 134 -35.67 42.82 -49.39
C GLU D 134 -36.70 42.68 -50.52
N TYR D 135 -36.93 41.46 -51.00
CA TYR D 135 -37.88 41.25 -52.10
C TYR D 135 -39.35 41.40 -51.82
N ILE D 136 -39.78 40.86 -50.69
CA ILE D 136 -41.17 40.97 -50.34
C ILE D 136 -41.39 42.44 -50.02
N GLU D 137 -40.45 43.02 -49.27
CA GLU D 137 -40.51 44.44 -48.87
C GLU D 137 -40.93 45.24 -50.10
N ASN D 138 -40.38 44.84 -51.25
CA ASN D 138 -40.67 45.52 -52.50
C ASN D 138 -41.92 45.00 -53.19
N TRP D 139 -42.28 43.74 -52.98
CA TRP D 139 -43.49 43.27 -53.62
C TRP D 139 -44.66 44.10 -53.12
N ASN D 140 -44.84 44.15 -51.80
CA ASN D 140 -45.95 44.91 -51.21
C ASN D 140 -46.06 46.33 -51.75
N LEU D 141 -45.04 47.14 -51.48
CA LEU D 141 -45.02 48.55 -51.91
C LEU D 141 -45.46 48.75 -53.36
N GLN D 142 -45.34 47.68 -54.15
CA GLN D 142 -45.73 47.75 -55.55
C GLN D 142 -47.23 47.55 -55.71
N ASN D 143 -47.86 46.80 -54.81
CA ASN D 143 -49.30 46.57 -54.89
C ASN D 143 -50.12 47.79 -54.52
N ARG D 144 -49.50 48.73 -53.80
CA ARG D 144 -50.16 49.97 -53.38
C ARG D 144 -49.75 51.09 -54.33
N ARG D 145 -48.56 50.92 -54.90
CA ARG D 145 -47.96 51.88 -55.82
C ARG D 145 -47.10 52.91 -55.12
N GLN D 146 -45.79 52.81 -55.32
CA GLN D 146 -44.83 53.74 -54.73
C GLN D 146 -43.40 53.42 -55.13
N ARG D 147 -42.49 54.36 -54.82
CA ARG D 147 -41.09 54.22 -55.15
C ARG D 147 -40.44 52.95 -54.59
N THR D 148 -40.50 51.89 -55.40
CA THR D 148 -39.94 50.57 -55.07
C THR D 148 -38.42 50.65 -54.94
N GLY D 149 -37.69 49.73 -55.60
CA GLY D 149 -36.23 49.77 -55.55
C GLY D 149 -35.42 48.52 -55.19
N PHE D 150 -34.37 48.23 -55.97
CA PHE D 150 -33.49 47.07 -55.71
C PHE D 150 -32.00 47.42 -55.80
N THR D 151 -31.16 46.54 -55.27
CA THR D 151 -29.71 46.76 -55.25
C THR D 151 -28.93 45.68 -56.03
N PHE D 152 -28.15 46.12 -57.02
CA PHE D 152 -27.36 45.20 -57.88
C PHE D 152 -25.88 45.55 -58.09
N HIS D 153 -25.03 44.52 -58.04
CA HIS D 153 -23.59 44.70 -58.29
C HIS D 153 -23.40 44.27 -59.75
N LYS D 154 -22.62 45.02 -60.52
CA LYS D 154 -22.41 44.73 -61.95
C LYS D 154 -23.72 44.22 -62.57
N PRO D 155 -24.79 45.07 -62.62
CA PRO D 155 -26.13 44.80 -63.17
C PRO D 155 -26.11 44.28 -64.60
N ASN D 156 -27.21 43.69 -65.09
CA ASN D 156 -27.12 43.16 -66.45
C ASN D 156 -28.16 43.89 -67.31
N ILE D 157 -27.83 45.12 -67.67
CA ILE D 157 -28.72 46.00 -68.40
C ILE D 157 -28.53 46.03 -69.90
N PHE D 158 -27.32 45.71 -70.37
CA PHE D 158 -27.05 45.74 -71.80
C PHE D 158 -27.16 44.40 -72.50
N PRO D 159 -28.11 44.28 -73.45
CA PRO D 159 -28.20 42.99 -74.15
C PRO D 159 -26.90 42.87 -74.93
N TYR D 160 -26.42 41.64 -75.09
CA TYR D 160 -25.17 41.45 -75.82
C TYR D 160 -25.29 42.06 -77.20
N SER D 161 -24.30 42.85 -77.57
CA SER D 161 -24.26 43.48 -78.88
C SER D 161 -22.80 43.71 -79.19
N ALA D 162 -22.31 43.09 -80.25
CA ALA D 162 -20.93 43.27 -80.65
C ALA D 162 -20.96 43.55 -82.15
N SER D 163 -20.66 44.77 -82.56
CA SER D 163 -20.71 45.10 -83.99
C SER D 163 -19.85 46.31 -84.34
N PHE D 164 -20.01 46.83 -85.56
CA PHE D 164 -19.27 47.99 -86.02
C PHE D 164 -20.11 48.79 -87.01
N THR D 165 -19.67 50.00 -87.31
CA THR D 165 -20.36 50.84 -88.26
C THR D 165 -19.27 51.54 -89.00
N LEU D 166 -19.21 51.32 -90.32
CA LEU D 166 -18.20 51.96 -91.15
C LEU D 166 -18.77 53.25 -91.72
N ASN D 167 -18.27 54.38 -91.25
CA ASN D 167 -18.74 55.67 -91.73
C ASN D 167 -18.09 56.06 -93.07
N ARG D 168 -16.93 55.50 -93.34
CA ARG D 168 -16.21 55.70 -94.62
C ARG D 168 -15.63 54.33 -94.91
N SER D 169 -15.94 53.80 -96.07
CA SER D 169 -15.41 52.51 -96.47
C SER D 169 -15.40 52.46 -97.97
N GLN D 170 -14.71 51.45 -98.48
CA GLN D 170 -14.62 51.24 -99.91
C GLN D 170 -14.35 49.75 -100.04
N PRO D 171 -14.63 49.18 -101.22
CA PRO D 171 -14.43 47.75 -101.47
C PRO D 171 -13.15 47.11 -100.91
N ALA D 172 -12.01 47.75 -101.11
CA ALA D 172 -10.75 47.20 -100.62
C ALA D 172 -10.61 47.24 -99.08
N HIS D 173 -11.43 48.07 -98.43
CA HIS D 173 -11.41 48.24 -96.97
C HIS D 173 -9.98 48.57 -96.53
N ASP D 174 -9.36 49.50 -97.23
CA ASP D 174 -8.00 49.91 -96.94
C ASP D 174 -7.92 51.33 -96.36
N ASN D 175 -9.05 51.99 -96.26
CA ASN D 175 -9.12 53.34 -95.68
C ASN D 175 -10.50 53.57 -95.05
N LEU D 176 -10.73 52.88 -93.93
CA LEU D 176 -12.00 52.93 -93.21
C LEU D 176 -12.00 53.93 -92.08
N MET D 177 -13.20 54.30 -91.67
CA MET D 177 -13.41 55.21 -90.55
C MET D 177 -14.77 54.80 -89.95
N GLY D 178 -14.79 54.60 -88.65
CA GLY D 178 -16.05 54.20 -88.01
C GLY D 178 -15.83 53.79 -86.58
N THR D 179 -16.78 53.03 -86.03
CA THR D 179 -16.66 52.58 -84.65
C THR D 179 -17.02 51.11 -84.56
N MET D 180 -16.51 50.47 -83.53
CA MET D 180 -16.81 49.08 -83.24
C MET D 180 -17.01 49.03 -81.72
N TRP D 181 -17.86 48.14 -81.25
CA TRP D 181 -18.15 48.09 -79.83
C TRP D 181 -18.59 46.74 -79.34
N LEU D 182 -18.70 46.65 -78.02
CA LEU D 182 -19.22 45.48 -77.31
C LEU D 182 -20.00 46.05 -76.12
N ASN D 183 -21.31 45.86 -76.17
CA ASN D 183 -22.19 46.21 -75.05
C ASN D 183 -22.65 44.89 -74.47
N ALA D 184 -22.38 44.65 -73.21
CA ALA D 184 -22.77 43.37 -72.61
C ALA D 184 -22.81 43.49 -71.09
N GLY D 185 -23.93 43.11 -70.51
CA GLY D 185 -24.06 43.17 -69.07
C GLY D 185 -24.06 44.59 -68.54
N SER D 186 -23.03 44.90 -67.79
CA SER D 186 -22.90 46.22 -67.21
C SER D 186 -21.75 46.98 -67.88
N GLU D 187 -21.20 46.44 -68.95
CA GLU D 187 -20.07 47.08 -69.60
C GLU D 187 -20.20 47.47 -71.05
N ILE D 188 -19.52 48.55 -71.40
CA ILE D 188 -19.49 49.06 -72.76
C ILE D 188 -18.04 49.34 -73.10
N GLN D 189 -17.59 48.89 -74.27
CA GLN D 189 -16.25 49.23 -74.76
C GLN D 189 -16.54 49.69 -76.18
N VAL D 190 -15.99 50.83 -76.55
CA VAL D 190 -16.21 51.34 -77.90
C VAL D 190 -14.94 51.98 -78.40
N ALA D 191 -14.61 51.72 -79.66
CA ALA D 191 -13.43 52.30 -80.29
C ALA D 191 -13.83 53.00 -81.57
N GLY D 192 -13.15 54.11 -81.82
CA GLY D 192 -13.36 54.87 -83.03
C GLY D 192 -12.03 54.75 -83.77
N PHE D 193 -12.08 54.39 -85.05
CA PHE D 193 -10.88 54.23 -85.86
C PHE D 193 -10.95 55.08 -87.13
N ASP D 194 -9.80 55.54 -87.60
CA ASP D 194 -9.70 56.36 -88.81
C ASP D 194 -8.37 55.96 -89.44
N TYR D 195 -8.44 55.12 -90.47
CA TYR D 195 -7.21 54.65 -91.14
C TYR D 195 -6.32 55.80 -91.64
N SER D 196 -6.93 56.92 -91.99
CA SER D 196 -6.18 58.08 -92.49
C SER D 196 -5.58 58.97 -91.40
N CYS D 197 -5.85 58.68 -90.14
CA CYS D 197 -5.36 59.46 -89.00
C CYS D 197 -5.72 60.95 -89.17
N ALA D 198 -6.95 61.18 -89.61
CA ALA D 198 -7.50 62.51 -89.80
C ALA D 198 -6.62 63.44 -90.67
N ILE D 199 -5.89 62.86 -91.63
CA ILE D 199 -5.00 63.61 -92.54
C ILE D 199 -5.72 64.73 -93.33
N ASN D 200 -6.94 64.45 -93.76
CA ASN D 200 -7.76 65.40 -94.53
C ASN D 200 -8.97 65.87 -93.75
N ALA D 201 -8.99 65.62 -92.43
CA ALA D 201 -10.12 66.04 -91.62
C ALA D 201 -9.97 67.47 -91.08
N PRO D 202 -11.11 68.20 -90.96
CA PRO D 202 -11.10 69.57 -90.45
C PRO D 202 -10.47 69.59 -89.06
N ALA D 203 -9.46 70.44 -88.90
CA ALA D 203 -8.73 70.57 -87.65
C ALA D 203 -7.98 69.27 -87.33
N ASN D 204 -7.82 68.40 -88.33
CA ASN D 204 -7.16 67.11 -88.19
C ASN D 204 -7.74 66.32 -87.02
N THR D 205 -9.06 66.42 -86.88
CA THR D 205 -9.78 65.76 -85.80
C THR D 205 -10.99 65.02 -86.36
N GLN D 206 -11.14 63.76 -85.98
CA GLN D 206 -12.28 62.96 -86.41
C GLN D 206 -13.15 62.74 -85.17
N GLN D 207 -14.43 63.10 -85.26
CA GLN D 207 -15.34 62.93 -84.16
C GLN D 207 -15.97 61.54 -84.16
N PHE D 208 -16.19 60.98 -82.96
CA PHE D 208 -16.85 59.68 -82.81
C PHE D 208 -17.93 59.81 -81.77
N GLU D 209 -18.86 58.88 -81.78
CA GLU D 209 -19.93 58.93 -80.84
C GLU D 209 -20.52 57.53 -80.70
N HIS D 210 -20.93 57.16 -79.48
CA HIS D 210 -21.53 55.86 -79.25
C HIS D 210 -22.69 56.11 -78.30
N ILE D 211 -23.89 55.71 -78.72
CA ILE D 211 -25.09 55.88 -77.89
C ILE D 211 -25.67 54.54 -77.51
N VAL D 212 -26.01 54.38 -76.24
CA VAL D 212 -26.58 53.13 -75.75
C VAL D 212 -27.86 53.47 -74.99
N GLN D 213 -28.96 52.89 -75.43
CA GLN D 213 -30.25 53.13 -74.82
C GLN D 213 -30.65 51.99 -73.89
N LEU D 214 -30.77 52.28 -72.60
CA LEU D 214 -31.13 51.24 -71.64
C LEU D 214 -32.60 50.93 -71.77
N ARG D 215 -32.99 49.69 -71.51
CA ARG D 215 -34.38 49.28 -71.59
C ARG D 215 -35.11 49.68 -70.31
N ARG D 216 -34.36 50.00 -69.27
CA ARG D 216 -34.93 50.44 -68.00
C ARG D 216 -33.99 51.52 -67.46
N VAL D 217 -34.55 52.45 -66.72
CA VAL D 217 -33.77 53.52 -66.11
C VAL D 217 -32.97 52.96 -64.94
N LEU D 218 -31.74 53.43 -64.84
CA LEU D 218 -30.92 53.05 -63.72
C LEU D 218 -30.72 54.33 -62.93
N THR D 219 -30.80 54.21 -61.61
CA THR D 219 -30.56 55.35 -60.74
C THR D 219 -29.40 55.01 -59.80
N THR D 220 -28.82 56.03 -59.19
CA THR D 220 -27.74 55.86 -58.22
C THR D 220 -26.61 54.89 -58.67
N ALA D 221 -26.22 55.02 -59.93
CA ALA D 221 -25.15 54.21 -60.52
C ALA D 221 -23.74 54.73 -60.23
N THR D 222 -22.90 53.81 -59.75
CA THR D 222 -21.47 54.07 -59.54
C THR D 222 -20.77 53.47 -60.74
N ILE D 223 -20.08 54.31 -61.48
CA ILE D 223 -19.51 53.90 -62.75
C ILE D 223 -18.00 54.15 -62.89
N THR D 224 -17.30 53.21 -63.52
CA THR D 224 -15.87 53.33 -63.79
C THR D 224 -15.76 53.69 -65.26
N LEU D 225 -15.05 54.76 -65.59
CA LEU D 225 -14.87 55.18 -66.98
C LEU D 225 -13.39 55.25 -67.15
N LEU D 226 -12.88 54.58 -68.17
CA LEU D 226 -11.45 54.56 -68.43
C LEU D 226 -11.20 54.82 -69.90
N PRO D 227 -10.06 55.45 -70.23
CA PRO D 227 -9.77 55.69 -71.63
C PRO D 227 -9.27 54.37 -72.20
N ASP D 228 -9.41 54.20 -73.52
CA ASP D 228 -8.98 53.00 -74.26
C ASP D 228 -9.97 51.85 -74.21
N ALA D 229 -10.03 51.11 -75.31
CA ALA D 229 -10.89 49.93 -75.42
C ALA D 229 -9.92 48.80 -75.75
N GLU D 230 -9.44 48.11 -74.72
CA GLU D 230 -8.48 47.02 -74.90
C GLU D 230 -8.98 45.96 -75.87
N ARG D 231 -10.27 45.69 -75.82
CA ARG D 231 -10.89 44.71 -76.68
C ARG D 231 -10.69 45.03 -78.17
N PHE D 232 -10.51 46.30 -78.51
CA PHE D 232 -10.35 46.69 -79.90
C PHE D 232 -8.98 47.34 -80.13
N SER D 233 -7.99 46.83 -79.42
CA SER D 233 -6.65 47.38 -79.53
C SER D 233 -5.70 46.41 -80.20
N PHE D 234 -6.23 45.31 -80.68
CA PHE D 234 -5.37 44.33 -81.35
C PHE D 234 -5.80 44.06 -82.81
N PRO D 235 -4.89 43.51 -83.62
CA PRO D 235 -5.14 43.20 -85.03
C PRO D 235 -6.27 42.22 -85.22
N ARG D 236 -7.14 42.53 -86.16
CA ARG D 236 -8.28 41.69 -86.43
C ARG D 236 -8.55 41.59 -87.92
N VAL D 237 -9.13 40.47 -88.25
CA VAL D 237 -9.65 40.21 -89.58
C VAL D 237 -11.15 40.06 -89.34
N ILE D 238 -11.90 40.97 -89.92
CA ILE D 238 -13.33 41.06 -89.65
C ILE D 238 -14.19 40.84 -90.90
N ASN D 239 -15.41 40.36 -90.74
CA ASN D 239 -16.28 40.17 -91.87
C ASN D 239 -16.82 41.53 -92.28
N SER D 240 -17.00 41.72 -93.59
CA SER D 240 -17.52 42.98 -94.10
C SER D 240 -18.99 43.08 -93.71
N ALA D 241 -19.56 44.28 -93.78
CA ALA D 241 -20.96 44.48 -93.41
C ALA D 241 -21.92 43.54 -94.15
N ASP D 242 -21.67 43.28 -95.43
CA ASP D 242 -22.52 42.41 -96.25
C ASP D 242 -22.16 40.93 -96.19
N GLY D 243 -21.13 40.61 -95.40
CA GLY D 243 -20.68 39.24 -95.25
C GLY D 243 -19.97 38.65 -96.46
N ALA D 244 -19.77 39.45 -97.50
CA ALA D 244 -19.12 38.98 -98.72
C ALA D 244 -17.60 38.83 -98.67
N THR D 245 -16.93 39.51 -97.75
CA THR D 245 -15.46 39.43 -97.65
C THR D 245 -14.97 39.77 -96.24
N THR D 246 -13.66 39.88 -96.08
CA THR D 246 -13.07 40.22 -94.78
C THR D 246 -12.07 41.36 -94.92
N TRP D 247 -12.07 42.25 -93.91
CA TRP D 247 -11.15 43.39 -93.87
C TRP D 247 -10.14 43.24 -92.74
N TYR D 248 -9.06 44.00 -92.84
CA TYR D 248 -8.00 43.96 -91.85
C TYR D 248 -7.96 45.21 -90.97
N PHE D 249 -7.92 45.01 -89.67
CA PHE D 249 -7.85 46.11 -88.70
C PHE D 249 -6.53 45.93 -87.97
N ASN D 250 -5.68 46.94 -88.08
CA ASN D 250 -4.37 46.91 -87.47
C ASN D 250 -4.21 48.17 -86.61
N PRO D 251 -4.85 48.23 -85.44
CA PRO D 251 -4.85 49.43 -84.59
C PRO D 251 -3.53 49.79 -83.95
N VAL D 252 -3.41 51.10 -83.78
CA VAL D 252 -2.37 51.80 -82.99
C VAL D 252 -3.18 52.80 -82.19
N ILE D 253 -3.00 52.80 -80.89
CA ILE D 253 -3.87 53.57 -79.98
C ILE D 253 -3.35 54.94 -79.57
N LEU D 254 -4.23 55.92 -79.61
CA LEU D 254 -3.93 57.30 -79.20
C LEU D 254 -4.94 57.64 -78.11
N ARG D 255 -4.64 58.64 -77.28
CA ARG D 255 -5.58 58.99 -76.24
C ARG D 255 -6.81 59.62 -76.79
N PRO D 256 -7.98 59.23 -76.28
CA PRO D 256 -9.20 59.83 -76.79
C PRO D 256 -9.19 61.31 -76.39
N ASN D 257 -9.50 62.15 -77.36
CA ASN D 257 -9.52 63.61 -77.22
C ASN D 257 -10.96 64.14 -77.02
N ASN D 258 -11.11 65.14 -76.14
CA ASN D 258 -12.42 65.74 -75.84
C ASN D 258 -13.51 64.76 -75.47
N VAL D 259 -13.18 63.87 -74.55
CA VAL D 259 -14.11 62.87 -74.10
C VAL D 259 -15.26 63.54 -73.35
N GLU D 260 -16.48 63.18 -73.70
CA GLU D 260 -17.65 63.69 -73.03
C GLU D 260 -18.67 62.59 -72.86
N VAL D 261 -19.03 62.28 -71.63
CA VAL D 261 -20.01 61.25 -71.36
C VAL D 261 -21.27 61.92 -70.86
N GLU D 262 -22.39 61.61 -71.48
CA GLU D 262 -23.64 62.17 -71.02
C GLU D 262 -24.58 61.05 -70.64
N PHE D 263 -25.21 61.21 -69.49
CA PHE D 263 -26.19 60.26 -68.98
C PHE D 263 -27.47 61.05 -69.12
N LEU D 264 -28.31 60.63 -70.04
CA LEU D 264 -29.55 61.32 -70.32
C LEU D 264 -30.76 60.59 -69.83
N LEU D 265 -31.81 61.34 -69.57
CA LEU D 265 -33.08 60.78 -69.14
C LEU D 265 -34.11 61.46 -70.00
N ASN D 266 -34.81 60.69 -70.82
CA ASN D 266 -35.84 61.25 -71.71
C ASN D 266 -35.30 62.41 -72.56
N GLY D 267 -34.08 62.26 -73.06
CA GLY D 267 -33.49 63.27 -73.91
C GLY D 267 -32.79 64.40 -73.19
N GLN D 268 -32.97 64.48 -71.88
CA GLN D 268 -32.33 65.53 -71.10
C GLN D 268 -31.03 65.06 -70.47
N ILE D 269 -30.02 65.92 -70.48
CA ILE D 269 -28.75 65.60 -69.85
C ILE D 269 -28.95 65.69 -68.33
N ILE D 270 -28.71 64.59 -67.63
CA ILE D 270 -28.85 64.58 -66.18
C ILE D 270 -27.44 64.72 -65.63
N ASN D 271 -26.49 64.00 -66.20
CA ASN D 271 -25.10 64.08 -65.76
C ASN D 271 -24.22 64.18 -66.99
N THR D 272 -23.17 65.00 -66.90
CA THR D 272 -22.23 65.12 -67.97
C THR D 272 -20.84 65.23 -67.37
N TYR D 273 -19.90 64.51 -67.97
CA TYR D 273 -18.52 64.47 -67.52
C TYR D 273 -17.59 64.68 -68.71
N GLN D 274 -16.67 65.63 -68.57
CA GLN D 274 -15.74 65.94 -69.63
C GLN D 274 -14.39 65.41 -69.28
N ALA D 275 -13.96 64.40 -70.00
CA ALA D 275 -12.65 63.82 -69.81
C ALA D 275 -12.33 63.41 -68.37
N ARG D 276 -13.33 62.93 -67.64
CA ARG D 276 -13.10 62.52 -66.29
C ARG D 276 -13.05 61.00 -66.20
N PHE D 277 -11.86 60.44 -66.00
CA PHE D 277 -11.69 58.99 -65.91
C PHE D 277 -11.60 58.59 -64.44
N GLY D 278 -12.04 57.38 -64.13
CA GLY D 278 -12.03 56.93 -62.76
C GLY D 278 -13.46 56.65 -62.36
N THR D 279 -13.83 57.02 -61.14
CA THR D 279 -15.19 56.78 -60.67
C THR D 279 -16.09 58.01 -60.75
N ILE D 280 -17.22 57.85 -61.44
CA ILE D 280 -18.20 58.91 -61.63
C ILE D 280 -19.59 58.38 -61.26
N ILE D 281 -20.47 59.28 -60.83
CA ILE D 281 -21.85 58.94 -60.45
C ILE D 281 -22.88 59.41 -61.50
N ALA D 282 -23.78 58.53 -61.91
CA ALA D 282 -24.84 58.87 -62.86
C ALA D 282 -26.10 58.60 -62.03
N ARG D 283 -26.80 59.64 -61.63
CA ARG D 283 -27.89 59.46 -60.65
C ARG D 283 -29.25 59.00 -61.21
N ASN D 284 -29.50 59.14 -62.49
CA ASN D 284 -30.82 58.78 -63.05
C ASN D 284 -30.73 58.92 -64.57
N PHE D 285 -30.76 57.81 -65.29
CA PHE D 285 -30.60 57.89 -66.74
C PHE D 285 -31.16 56.66 -67.45
N ASP D 286 -31.55 56.84 -68.71
CA ASP D 286 -32.04 55.75 -69.54
C ASP D 286 -31.22 55.67 -70.80
N THR D 287 -30.22 56.54 -70.91
CA THR D 287 -29.35 56.56 -72.08
C THR D 287 -27.96 57.04 -71.73
N ILE D 288 -26.97 56.46 -72.37
CA ILE D 288 -25.59 56.87 -72.19
C ILE D 288 -25.08 57.28 -73.57
N ARG D 289 -24.41 58.41 -73.64
CA ARG D 289 -23.85 58.87 -74.89
C ARG D 289 -22.38 59.16 -74.66
N LEU D 290 -21.51 58.47 -75.39
CA LEU D 290 -20.07 58.66 -75.28
C LEU D 290 -19.59 59.34 -76.55
N SER D 291 -18.99 60.52 -76.42
CA SER D 291 -18.45 61.26 -77.57
C SER D 291 -16.98 61.40 -77.30
N PHE D 292 -16.18 61.16 -78.33
CA PHE D 292 -14.73 61.24 -78.21
C PHE D 292 -14.16 61.46 -79.61
N GLN D 293 -12.93 61.96 -79.66
CA GLN D 293 -12.31 62.28 -80.93
C GLN D 293 -10.91 61.71 -81.08
N LEU D 294 -10.49 61.61 -82.32
CA LEU D 294 -9.14 61.20 -82.66
C LEU D 294 -8.55 62.47 -83.20
N MET D 295 -7.48 62.95 -82.61
CA MET D 295 -6.87 64.14 -83.13
C MET D 295 -5.50 63.76 -83.64
N ARG D 296 -5.23 64.04 -84.91
CA ARG D 296 -3.92 63.71 -85.47
C ARG D 296 -2.86 64.45 -84.65
N PRO D 297 -1.84 63.74 -84.17
CA PRO D 297 -0.79 64.38 -83.37
C PRO D 297 -0.13 65.52 -84.16
N PRO D 298 -0.16 66.75 -83.62
CA PRO D 298 0.45 67.86 -84.34
C PRO D 298 1.99 67.75 -84.43
N ASN D 299 2.59 67.07 -83.47
CA ASN D 299 4.04 66.89 -83.44
C ASN D 299 4.34 65.42 -83.31
N MET D 300 5.16 64.91 -84.21
CA MET D 300 5.47 63.49 -84.22
C MET D 300 6.95 63.16 -84.33
N THR D 301 7.44 62.26 -83.48
CA THR D 301 8.84 61.84 -83.61
C THR D 301 8.87 61.01 -84.91
N PRO D 302 10.07 60.77 -85.47
CA PRO D 302 10.18 59.99 -86.71
C PRO D 302 9.40 58.66 -86.69
N ALA D 303 9.56 57.91 -85.62
CA ALA D 303 8.88 56.61 -85.47
C ALA D 303 7.37 56.76 -85.59
N VAL D 304 6.83 57.84 -85.04
CA VAL D 304 5.39 58.08 -85.12
C VAL D 304 5.01 58.56 -86.52
N ALA D 305 5.77 59.54 -87.03
CA ALA D 305 5.52 60.10 -88.35
C ALA D 305 5.43 59.00 -89.43
N ALA D 306 6.28 57.98 -89.25
CA ALA D 306 6.34 56.84 -90.17
C ALA D 306 5.07 56.00 -90.23
N LEU D 307 4.25 56.07 -89.18
CA LEU D 307 3.03 55.29 -89.13
C LEU D 307 1.92 55.95 -89.90
N PHE D 308 2.01 57.28 -90.00
CA PHE D 308 0.98 58.11 -90.62
C PHE D 308 1.41 58.93 -91.84
N PRO D 309 1.52 58.31 -93.02
CA PRO D 309 1.92 58.96 -94.27
C PRO D 309 0.86 59.87 -94.83
N ASN D 310 1.23 60.71 -95.79
CA ASN D 310 0.28 61.62 -96.40
C ASN D 310 -0.59 60.94 -97.42
N ALA D 311 -0.12 59.78 -97.90
CA ALA D 311 -0.85 59.02 -98.90
C ALA D 311 -0.92 57.55 -98.54
N GLN D 312 -1.95 56.88 -99.06
CA GLN D 312 -2.14 55.44 -98.83
C GLN D 312 -0.94 54.75 -99.46
N PRO D 313 -0.69 53.48 -99.10
CA PRO D 313 -1.44 52.66 -98.14
C PRO D 313 -1.33 53.07 -96.68
N PHE D 314 -2.45 52.99 -95.98
CA PHE D 314 -2.51 53.32 -94.55
C PHE D 314 -2.37 51.96 -93.87
N GLU D 315 -1.21 51.73 -93.27
CA GLU D 315 -0.94 50.44 -92.64
C GLU D 315 -1.10 50.35 -91.13
N HIS D 316 -1.12 51.49 -90.46
CA HIS D 316 -1.30 51.54 -89.02
C HIS D 316 -2.54 52.36 -88.87
N HIS D 317 -3.55 51.78 -88.23
CA HIS D 317 -4.85 52.42 -88.09
C HIS D 317 -5.12 53.10 -86.74
N ALA D 318 -5.07 54.43 -86.75
CA ALA D 318 -5.31 55.26 -85.56
C ALA D 318 -6.64 54.91 -84.92
N THR D 319 -6.57 54.60 -83.63
CA THR D 319 -7.74 54.20 -82.87
C THR D 319 -7.76 54.84 -81.50
N VAL D 320 -8.94 55.33 -81.09
CA VAL D 320 -9.17 55.93 -79.78
C VAL D 320 -10.35 55.18 -79.19
N GLY D 321 -10.41 55.00 -77.87
CA GLY D 321 -11.52 54.27 -77.29
C GLY D 321 -11.85 54.63 -75.85
N LEU D 322 -12.93 54.03 -75.35
CA LEU D 322 -13.40 54.26 -73.99
C LEU D 322 -13.95 52.95 -73.43
N THR D 323 -13.89 52.80 -72.12
CA THR D 323 -14.44 51.64 -71.44
C THR D 323 -15.27 52.18 -70.29
N LEU D 324 -16.50 51.72 -70.18
CA LEU D 324 -17.41 52.19 -69.13
C LEU D 324 -18.02 50.97 -68.44
N ARG D 325 -17.94 50.91 -67.12
CA ARG D 325 -18.53 49.79 -66.37
C ARG D 325 -19.41 50.27 -65.24
N ILE D 326 -20.65 49.77 -65.18
CA ILE D 326 -21.57 50.13 -64.13
C ILE D 326 -21.33 49.14 -63.01
N GLU D 327 -20.64 49.58 -61.96
CA GLU D 327 -20.34 48.71 -60.82
C GLU D 327 -21.60 48.36 -60.02
N SER D 328 -22.42 49.36 -59.73
CA SER D 328 -23.63 49.15 -58.97
C SER D 328 -24.64 50.18 -59.41
N ALA D 329 -25.91 49.87 -59.18
CA ALA D 329 -27.00 50.77 -59.51
C ALA D 329 -28.29 50.26 -58.91
N VAL D 330 -29.30 51.11 -58.93
CA VAL D 330 -30.60 50.72 -58.44
C VAL D 330 -31.55 50.75 -59.63
N CYS D 331 -32.48 49.80 -59.71
CA CYS D 331 -33.45 49.80 -60.79
C CYS D 331 -34.81 49.53 -60.17
N GLU D 332 -35.83 50.18 -60.73
CA GLU D 332 -37.17 49.98 -60.25
C GLU D 332 -37.73 48.63 -60.75
N SER D 333 -37.09 48.04 -61.77
CA SER D 333 -37.49 46.75 -62.34
C SER D 333 -36.46 45.67 -61.98
N VAL D 334 -36.91 44.43 -61.81
CA VAL D 334 -35.95 43.38 -61.52
C VAL D 334 -35.05 43.19 -62.74
N LEU D 335 -33.79 42.83 -62.49
CA LEU D 335 -32.81 42.59 -63.55
C LEU D 335 -31.90 41.52 -63.04
N ALA D 336 -31.17 40.90 -63.96
CA ALA D 336 -30.14 39.95 -63.56
C ALA D 336 -28.92 40.84 -63.24
N ASP D 337 -28.02 40.37 -62.37
CA ASP D 337 -26.80 41.11 -62.07
C ASP D 337 -25.69 40.07 -61.80
N ALA D 338 -24.53 40.50 -61.32
CA ALA D 338 -23.42 39.56 -61.10
C ALA D 338 -23.39 38.86 -59.75
N SER D 339 -24.37 39.13 -58.89
CA SER D 339 -24.38 38.54 -57.56
C SER D 339 -25.60 37.70 -57.21
N GLU D 340 -26.79 38.14 -57.62
CA GLU D 340 -28.01 37.44 -57.32
C GLU D 340 -28.20 36.19 -58.14
N THR D 341 -28.76 35.16 -57.52
CA THR D 341 -28.97 33.88 -58.18
C THR D 341 -30.37 33.68 -58.74
N MET D 342 -31.23 34.69 -58.64
CA MET D 342 -32.61 34.58 -59.12
C MET D 342 -32.78 34.07 -60.53
N LEU D 343 -32.17 34.75 -61.50
CA LEU D 343 -32.29 34.33 -62.88
C LEU D 343 -31.83 32.87 -62.99
N ALA D 344 -30.67 32.57 -62.41
CA ALA D 344 -30.13 31.21 -62.47
C ALA D 344 -31.04 30.19 -61.81
N ASN D 345 -31.71 30.55 -60.71
CA ASN D 345 -32.63 29.63 -60.03
C ASN D 345 -33.82 29.29 -60.89
N VAL D 346 -34.46 30.33 -61.44
CA VAL D 346 -35.63 30.16 -62.30
C VAL D 346 -35.25 29.36 -63.55
N THR D 347 -34.16 29.76 -64.19
CA THR D 347 -33.69 29.09 -65.39
C THR D 347 -33.34 27.64 -65.07
N SER D 348 -32.70 27.41 -63.94
CA SER D 348 -32.30 26.05 -63.55
C SER D 348 -33.47 25.14 -63.25
N VAL D 349 -34.48 25.63 -62.53
CA VAL D 349 -35.62 24.77 -62.22
C VAL D 349 -36.33 24.39 -63.51
N ARG D 350 -36.52 25.35 -64.40
CA ARG D 350 -37.16 25.07 -65.68
C ARG D 350 -36.40 24.05 -66.53
N GLN D 351 -35.07 24.18 -66.58
CA GLN D 351 -34.22 23.26 -67.34
C GLN D 351 -34.24 21.85 -66.75
N GLU D 352 -34.08 21.76 -65.44
CA GLU D 352 -34.07 20.46 -64.77
C GLU D 352 -35.37 19.67 -65.00
N TYR D 353 -36.51 20.34 -64.95
CA TYR D 353 -37.78 19.66 -65.16
C TYR D 353 -38.30 19.68 -66.56
N ALA D 354 -37.44 19.97 -67.52
CA ALA D 354 -37.82 19.98 -68.92
C ALA D 354 -39.13 20.74 -69.19
N ILE D 355 -39.26 21.92 -68.58
CA ILE D 355 -40.46 22.74 -68.75
C ILE D 355 -40.52 23.26 -70.19
N PRO D 356 -41.64 23.04 -70.89
CA PRO D 356 -41.81 23.48 -72.28
C PRO D 356 -41.76 25.03 -72.40
N VAL D 357 -41.32 25.53 -73.55
CA VAL D 357 -41.29 26.98 -73.78
C VAL D 357 -42.72 27.46 -73.65
N GLY D 358 -42.92 28.60 -72.98
CA GLY D 358 -44.25 29.12 -72.81
C GLY D 358 -44.52 30.33 -73.70
N PRO D 359 -45.61 31.04 -73.47
CA PRO D 359 -45.94 32.22 -74.27
C PRO D 359 -45.27 33.53 -73.87
N VAL D 360 -44.68 33.60 -72.67
CA VAL D 360 -44.07 34.85 -72.22
C VAL D 360 -42.56 34.95 -72.38
N PHE D 361 -41.84 34.02 -71.77
CA PHE D 361 -40.37 34.04 -71.77
C PHE D 361 -39.68 33.46 -73.00
N PRO D 362 -38.52 34.04 -73.42
CA PRO D 362 -37.83 33.50 -74.59
C PRO D 362 -37.29 32.12 -74.26
N PRO D 363 -37.05 31.29 -75.28
CA PRO D 363 -36.52 29.96 -75.02
C PRO D 363 -35.26 30.03 -74.11
N GLY D 364 -35.24 29.17 -73.10
CA GLY D 364 -34.14 29.10 -72.16
C GLY D 364 -33.99 30.26 -71.22
N MET D 365 -35.02 31.11 -71.12
CA MET D 365 -34.97 32.31 -70.29
C MET D 365 -33.77 33.13 -70.74
N ASN D 366 -33.44 33.08 -72.05
CA ASN D 366 -32.26 33.81 -72.57
C ASN D 366 -32.24 35.28 -72.15
N TRP D 367 -31.22 35.68 -71.40
CA TRP D 367 -31.17 37.04 -70.92
C TRP D 367 -31.15 38.09 -71.99
N THR D 368 -30.26 37.94 -72.96
CA THR D 368 -30.21 38.93 -74.02
C THR D 368 -31.60 39.13 -74.67
N ASP D 369 -32.26 38.04 -75.04
CA ASP D 369 -33.57 38.14 -75.66
C ASP D 369 -34.57 38.79 -74.72
N LEU D 370 -34.51 38.42 -73.45
CA LEU D 370 -35.44 38.96 -72.48
C LEU D 370 -35.29 40.48 -72.32
N ILE D 371 -34.09 40.95 -72.05
CA ILE D 371 -33.84 42.37 -71.86
C ILE D 371 -34.02 43.18 -73.16
N THR D 372 -33.80 42.56 -74.32
CA THR D 372 -33.97 43.28 -75.58
C THR D 372 -35.44 43.65 -75.80
N ASN D 373 -36.35 42.74 -75.44
CA ASN D 373 -37.77 43.00 -75.58
C ASN D 373 -38.38 42.79 -74.23
N TYR D 374 -38.03 43.66 -73.31
CA TYR D 374 -38.49 43.60 -71.92
C TYR D 374 -39.88 44.20 -71.78
N SER D 375 -40.88 43.48 -72.28
CA SER D 375 -42.25 43.94 -72.23
C SER D 375 -42.81 43.96 -70.80
N PRO D 376 -43.94 44.67 -70.60
CA PRO D 376 -44.52 44.73 -69.27
C PRO D 376 -44.84 43.31 -68.79
N SER D 377 -45.38 42.47 -69.68
CA SER D 377 -45.72 41.10 -69.31
C SER D 377 -44.49 40.31 -68.87
N ARG D 378 -43.39 40.41 -69.61
CA ARG D 378 -42.18 39.70 -69.22
C ARG D 378 -41.70 40.20 -67.84
N GLU D 379 -41.78 41.52 -67.60
CA GLU D 379 -41.33 42.06 -66.32
C GLU D 379 -42.20 41.62 -65.15
N ASP D 380 -43.51 41.62 -65.35
CA ASP D 380 -44.40 41.19 -64.26
C ASP D 380 -44.17 39.72 -63.95
N ASN D 381 -44.06 38.90 -64.99
CA ASN D 381 -43.80 37.47 -64.81
C ASN D 381 -42.40 37.28 -64.17
N LEU D 382 -41.40 38.03 -64.65
CA LEU D 382 -40.05 37.93 -64.11
C LEU D 382 -40.05 38.29 -62.64
N GLN D 383 -40.76 39.35 -62.26
CA GLN D 383 -40.76 39.75 -60.87
C GLN D 383 -41.42 38.71 -60.01
N ARG D 384 -42.53 38.14 -60.49
CA ARG D 384 -43.23 37.13 -59.72
C ARG D 384 -42.34 35.94 -59.48
N VAL D 385 -41.73 35.55 -60.57
CA VAL D 385 -40.87 34.37 -60.64
C VAL D 385 -39.57 34.61 -59.81
N PHE D 386 -39.03 35.83 -59.84
CA PHE D 386 -37.79 36.17 -59.07
C PHE D 386 -38.12 36.22 -57.57
N THR D 387 -39.28 36.79 -57.23
CA THR D 387 -39.68 36.85 -55.84
C THR D 387 -39.86 35.45 -55.27
N VAL D 388 -40.43 34.52 -56.05
CA VAL D 388 -40.61 33.14 -55.60
C VAL D 388 -39.25 32.46 -55.43
N ALA D 389 -38.33 32.72 -56.36
CA ALA D 389 -36.99 32.14 -56.27
C ALA D 389 -36.32 32.60 -54.98
N SER D 390 -36.53 33.86 -54.62
CA SER D 390 -35.93 34.41 -53.40
C SER D 390 -36.58 33.80 -52.15
N ILE D 391 -37.84 33.44 -52.23
CA ILE D 391 -38.55 32.85 -51.09
C ILE D 391 -37.98 31.45 -50.90
N ARG D 392 -37.81 30.76 -52.01
CA ARG D 392 -37.26 29.42 -52.00
C ARG D 392 -35.83 29.35 -51.45
N SER D 393 -34.98 30.30 -51.84
CA SER D 393 -33.58 30.33 -51.39
C SER D 393 -33.38 30.59 -49.89
N MET D 394 -34.46 30.85 -49.17
CA MET D 394 -34.37 31.11 -47.73
C MET D 394 -34.26 29.76 -47.07
N LEU D 395 -34.69 28.71 -47.76
CA LEU D 395 -34.72 27.36 -47.21
C LEU D 395 -33.92 26.34 -48.00
N VAL D 396 -33.96 26.49 -49.32
CA VAL D 396 -33.32 25.55 -50.22
C VAL D 396 -32.35 26.26 -51.14
N LYS D 397 -31.08 25.91 -51.05
CA LYS D 397 -30.09 26.53 -51.91
C LYS D 397 -29.43 25.40 -52.67
N MET E 1 -28.31 61.81 -33.20
CA MET E 1 -27.91 60.88 -34.30
C MET E 1 -28.44 59.46 -34.14
N ASP E 2 -27.89 58.71 -33.18
CA ASP E 2 -28.37 57.33 -32.97
C ASP E 2 -29.89 57.39 -33.02
N VAL E 3 -30.41 58.53 -32.56
CA VAL E 3 -31.84 58.79 -32.57
C VAL E 3 -32.30 58.39 -33.96
N LEU E 4 -31.92 59.24 -34.90
CA LEU E 4 -32.26 59.06 -36.30
C LEU E 4 -32.41 57.59 -36.68
N TYR E 5 -31.37 56.81 -36.44
CA TYR E 5 -31.41 55.40 -36.79
C TYR E 5 -32.77 54.79 -36.45
N SER E 6 -33.03 54.64 -35.17
CA SER E 6 -34.28 54.06 -34.70
C SER E 6 -35.47 54.44 -35.57
N LEU E 7 -35.68 55.73 -35.74
CA LEU E 7 -36.79 56.26 -36.52
C LEU E 7 -37.06 55.42 -37.75
N SER E 8 -36.02 54.75 -38.23
CA SER E 8 -36.16 53.91 -39.40
C SER E 8 -36.49 52.46 -39.10
N LYS E 9 -35.54 51.69 -38.53
CA LYS E 9 -35.78 50.27 -38.24
C LYS E 9 -37.15 50.19 -37.57
N THR E 10 -37.59 51.34 -37.09
CA THR E 10 -38.88 51.48 -36.48
C THR E 10 -39.87 51.25 -37.61
N LEU E 11 -39.81 52.13 -38.61
CA LEU E 11 -40.70 52.03 -39.74
C LEU E 11 -40.55 50.74 -40.59
N LYS E 12 -39.32 50.36 -40.93
CA LYS E 12 -39.11 49.14 -41.74
C LYS E 12 -39.68 47.94 -41.00
N ASP E 13 -39.10 47.63 -39.85
CA ASP E 13 -39.57 46.52 -39.04
C ASP E 13 -41.05 46.79 -38.73
N ALA E 14 -41.59 47.87 -39.30
CA ALA E 14 -42.99 48.25 -39.13
C ALA E 14 -43.77 48.01 -40.42
N ARG E 15 -43.52 48.84 -41.43
CA ARG E 15 -44.19 48.72 -42.72
C ARG E 15 -44.02 47.30 -43.26
N ASP E 16 -43.23 46.50 -42.53
CA ASP E 16 -42.98 45.11 -42.91
C ASP E 16 -43.75 44.10 -42.06
N LYS E 17 -43.79 44.29 -40.74
CA LYS E 17 -44.49 43.34 -39.86
C LYS E 17 -45.99 43.62 -39.60
N ILE E 18 -46.55 44.62 -40.27
CA ILE E 18 -47.97 44.95 -40.07
C ILE E 18 -48.77 44.75 -41.34
N VAL E 19 -49.35 43.57 -41.50
CA VAL E 19 -50.13 43.29 -42.69
C VAL E 19 -51.43 42.58 -42.38
N GLU E 20 -52.44 42.84 -43.20
CA GLU E 20 -53.75 42.24 -43.04
C GLU E 20 -53.55 40.77 -42.70
N GLY E 21 -53.77 40.41 -41.43
CA GLY E 21 -53.62 39.02 -41.03
C GLY E 21 -52.91 38.70 -39.72
N THR E 22 -51.58 38.66 -39.78
CA THR E 22 -50.71 38.35 -38.65
C THR E 22 -51.32 38.39 -37.26
N LEU E 23 -50.82 37.50 -36.40
CA LEU E 23 -51.28 37.44 -35.01
C LEU E 23 -50.64 38.62 -34.27
N TYR E 24 -51.37 39.21 -33.33
CA TYR E 24 -50.86 40.33 -32.57
C TYR E 24 -49.55 40.05 -31.85
N SER E 25 -49.55 39.05 -30.96
CA SER E 25 -48.36 38.72 -30.17
C SER E 25 -47.03 38.49 -30.89
N ASN E 26 -46.94 38.88 -32.17
CA ASN E 26 -45.68 38.76 -32.93
C ASN E 26 -45.17 40.19 -33.03
N VAL E 27 -46.02 41.10 -32.58
CA VAL E 27 -45.73 42.52 -32.64
C VAL E 27 -45.91 43.27 -31.32
N SER E 28 -46.32 42.56 -30.27
CA SER E 28 -46.52 43.18 -28.96
C SER E 28 -45.28 43.96 -28.56
N ASP E 29 -44.13 43.29 -28.61
CA ASP E 29 -42.86 43.92 -28.26
C ASP E 29 -42.58 45.06 -29.22
N LEU E 30 -43.27 45.05 -30.36
CA LEU E 30 -43.08 46.08 -31.37
C LEU E 30 -44.00 47.27 -31.20
N ILE E 31 -45.30 47.01 -31.24
CA ILE E 31 -46.29 48.07 -31.08
C ILE E 31 -45.76 49.04 -30.04
N GLN E 32 -45.60 48.53 -28.82
CA GLN E 32 -45.10 49.32 -27.71
C GLN E 32 -44.05 50.32 -28.19
N GLN E 33 -42.83 49.84 -28.43
CA GLN E 33 -41.73 50.70 -28.90
C GLN E 33 -42.28 51.83 -29.74
N PHE E 34 -43.11 51.46 -30.72
CA PHE E 34 -43.68 52.45 -31.61
C PHE E 34 -44.33 53.61 -30.88
N ASN E 35 -45.46 53.34 -30.25
CA ASN E 35 -46.18 54.36 -29.53
C ASN E 35 -45.22 55.30 -28.79
N GLN E 36 -44.42 54.74 -27.88
CA GLN E 36 -43.46 55.50 -27.09
C GLN E 36 -42.98 56.72 -27.87
N MET E 37 -42.67 56.49 -29.14
CA MET E 37 -42.20 57.53 -30.03
C MET E 37 -43.23 58.64 -30.13
N ILE E 38 -44.33 58.33 -30.81
CA ILE E 38 -45.42 59.27 -31.03
C ILE E 38 -45.49 60.27 -29.90
N ILE E 39 -45.54 59.75 -28.67
CA ILE E 39 -45.64 60.60 -27.50
C ILE E 39 -44.55 61.67 -27.51
N THR E 40 -43.31 61.22 -27.35
CA THR E 40 -42.16 62.11 -27.33
C THR E 40 -42.25 63.22 -28.37
N MET E 41 -42.79 62.87 -29.54
CA MET E 41 -42.93 63.82 -30.64
C MET E 41 -44.01 64.87 -30.45
N ASN E 42 -45.26 64.44 -30.60
CA ASN E 42 -46.41 65.31 -30.45
C ASN E 42 -46.11 66.46 -29.50
N GLY E 43 -46.03 67.66 -30.05
CA GLY E 43 -45.74 68.83 -29.24
C GLY E 43 -44.41 69.40 -29.63
N ASN E 44 -44.01 69.18 -30.89
CA ASN E 44 -42.75 69.69 -31.38
C ASN E 44 -42.88 70.17 -32.82
N GLU E 45 -42.12 71.22 -33.16
CA GLU E 45 -42.15 71.80 -34.50
C GLU E 45 -40.81 71.66 -35.21
N PHE E 46 -40.86 71.30 -36.49
CA PHE E 46 -39.66 71.09 -37.27
C PHE E 46 -39.57 71.81 -38.61
N GLN E 47 -38.34 72.06 -39.03
CA GLN E 47 -38.07 72.76 -40.27
C GLN E 47 -36.90 72.15 -41.05
N THR E 48 -37.14 71.92 -42.33
CA THR E 48 -36.14 71.34 -43.21
C THR E 48 -35.98 72.20 -44.44
N GLY E 49 -34.79 72.16 -45.03
CA GLY E 49 -34.56 72.92 -46.24
C GLY E 49 -33.93 74.29 -46.03
N GLY E 50 -34.02 75.11 -47.06
CA GLY E 50 -33.46 76.46 -47.01
C GLY E 50 -32.05 76.43 -47.56
N ILE E 51 -31.89 75.87 -48.75
CA ILE E 51 -30.58 75.78 -49.37
C ILE E 51 -30.74 75.31 -50.82
N GLY E 52 -30.12 76.03 -51.74
CA GLY E 52 -30.21 75.68 -53.14
C GLY E 52 -31.64 75.36 -53.50
N ASN E 53 -31.82 74.40 -54.41
CA ASN E 53 -33.17 74.02 -54.83
C ASN E 53 -33.76 72.97 -53.91
N LEU E 54 -33.75 73.23 -52.61
CA LEU E 54 -34.32 72.30 -51.66
C LEU E 54 -35.53 72.91 -50.99
N PRO E 55 -36.71 72.30 -51.18
CA PRO E 55 -37.95 72.80 -50.58
C PRO E 55 -37.76 73.11 -49.11
N ILE E 56 -38.78 73.70 -48.50
CA ILE E 56 -38.70 74.05 -47.09
C ILE E 56 -39.94 73.58 -46.34
N ARG E 57 -40.44 72.42 -46.73
CA ARG E 57 -41.64 71.86 -46.10
C ARG E 57 -41.51 71.91 -44.56
N ASN E 58 -42.59 72.28 -43.89
CA ASN E 58 -42.64 72.38 -42.42
C ASN E 58 -43.54 71.31 -41.82
N TRP E 59 -43.24 70.87 -40.60
CA TRP E 59 -44.05 69.82 -39.98
C TRP E 59 -44.45 70.00 -38.52
N ASN E 60 -45.66 69.54 -38.20
CA ASN E 60 -46.22 69.60 -36.86
C ASN E 60 -46.66 68.21 -36.42
N PHE E 61 -46.84 68.01 -35.12
CA PHE E 61 -47.25 66.71 -34.59
C PHE E 61 -48.44 66.74 -33.64
N ASP E 62 -49.32 65.74 -33.78
CA ASP E 62 -50.52 65.62 -32.96
C ASP E 62 -51.27 64.39 -33.46
N PHE E 63 -50.88 63.20 -32.97
CA PHE E 63 -51.50 61.95 -33.43
C PHE E 63 -52.10 61.03 -32.37
N GLY E 64 -52.94 60.11 -32.84
CA GLY E 64 -53.59 59.15 -31.97
C GLY E 64 -52.60 58.04 -31.65
N LEU E 65 -53.11 56.84 -31.37
CA LEU E 65 -52.25 55.70 -31.04
C LEU E 65 -52.76 54.39 -31.63
N LEU E 66 -52.65 53.30 -30.88
CA LEU E 66 -53.09 52.00 -31.37
C LEU E 66 -53.68 50.99 -30.38
N GLY E 67 -54.69 50.26 -30.84
CA GLY E 67 -55.33 49.26 -30.01
C GLY E 67 -54.30 48.26 -29.53
N THR E 68 -54.75 47.36 -28.68
CA THR E 68 -53.84 46.36 -28.15
C THR E 68 -54.72 45.13 -28.00
N THR E 69 -55.84 45.20 -28.71
CA THR E 69 -56.80 44.12 -28.70
C THR E 69 -56.56 43.33 -29.96
N LEU E 70 -57.58 42.61 -30.41
CA LEU E 70 -57.51 41.82 -31.63
C LEU E 70 -56.47 40.71 -31.61
N LEU E 71 -56.92 39.47 -31.75
CA LEU E 71 -55.99 38.35 -31.78
C LEU E 71 -55.27 38.57 -33.11
N ASN E 72 -56.04 38.61 -34.20
CA ASN E 72 -55.46 38.83 -35.53
C ASN E 72 -55.74 40.27 -35.96
N LEU E 73 -55.10 40.72 -37.04
CA LEU E 73 -55.24 42.09 -37.55
C LEU E 73 -56.26 42.27 -38.67
N ASP E 74 -57.15 43.26 -38.53
CA ASP E 74 -58.15 43.47 -39.58
C ASP E 74 -57.69 44.59 -40.50
N ALA E 75 -57.90 44.38 -41.79
CA ALA E 75 -57.49 45.35 -42.80
C ALA E 75 -57.64 46.78 -42.29
N ASN E 76 -58.84 47.11 -41.82
CA ASN E 76 -59.12 48.45 -41.32
C ASN E 76 -58.03 48.97 -40.40
N TYR E 77 -57.38 48.06 -39.67
CA TYR E 77 -56.33 48.45 -38.73
C TYR E 77 -55.12 48.98 -39.49
N VAL E 78 -54.76 48.27 -40.54
CA VAL E 78 -53.62 48.65 -41.35
C VAL E 78 -53.77 50.07 -41.87
N GLU E 79 -54.67 50.27 -42.84
CA GLU E 79 -54.89 51.60 -43.44
C GLU E 79 -54.87 52.79 -42.50
N THR E 80 -55.47 52.67 -41.32
CA THR E 80 -55.48 53.76 -40.36
C THR E 80 -54.10 53.95 -39.77
N ALA E 81 -53.20 53.03 -40.12
CA ALA E 81 -51.83 53.07 -39.67
C ALA E 81 -50.92 53.55 -40.79
N ARG E 82 -51.03 52.91 -41.95
CA ARG E 82 -50.21 53.30 -43.09
C ARG E 82 -50.32 54.80 -43.34
N ASN E 83 -51.52 55.33 -43.15
CA ASN E 83 -51.75 56.76 -43.35
C ASN E 83 -50.95 57.61 -42.37
N THR E 84 -50.59 57.02 -41.22
CA THR E 84 -49.82 57.74 -40.22
C THR E 84 -48.33 57.53 -40.44
N ILE E 85 -47.97 56.45 -41.12
CA ILE E 85 -46.58 56.20 -41.38
C ILE E 85 -46.13 57.06 -42.55
N ASP E 86 -46.95 57.15 -43.58
CA ASP E 86 -46.63 57.93 -44.76
C ASP E 86 -46.33 59.40 -44.49
N TYR E 87 -46.46 59.85 -43.25
CA TYR E 87 -46.15 61.24 -42.92
C TYR E 87 -44.73 61.20 -42.38
N PHE E 88 -44.37 60.08 -41.75
CA PHE E 88 -43.04 59.91 -41.19
C PHE E 88 -42.07 59.58 -42.29
N VAL E 89 -42.54 58.83 -43.27
CA VAL E 89 -41.72 58.48 -44.39
C VAL E 89 -41.37 59.83 -45.03
N ASP E 90 -42.32 60.42 -45.76
CA ASP E 90 -42.14 61.72 -46.44
C ASP E 90 -41.45 62.76 -45.56
N PHE E 91 -41.35 62.44 -44.26
CA PHE E 91 -40.70 63.33 -43.33
C PHE E 91 -39.22 63.02 -43.32
N VAL E 92 -38.87 61.88 -42.73
CA VAL E 92 -37.49 61.45 -42.65
C VAL E 92 -36.69 61.77 -43.91
N ASP E 93 -37.28 61.53 -45.08
CA ASP E 93 -36.63 61.79 -46.37
C ASP E 93 -36.14 63.23 -46.29
N ASN E 94 -37.08 64.16 -46.11
CA ASN E 94 -36.79 65.58 -45.99
C ASN E 94 -35.84 65.87 -44.83
N VAL E 95 -35.65 64.91 -43.94
CA VAL E 95 -34.76 65.12 -42.80
C VAL E 95 -33.36 64.69 -43.17
N CYS E 96 -33.24 63.48 -43.69
CA CYS E 96 -31.95 62.96 -44.09
C CYS E 96 -31.31 63.98 -45.03
N MET E 97 -31.99 64.20 -46.15
CA MET E 97 -31.52 65.11 -47.16
C MET E 97 -30.99 66.43 -46.59
N ASP E 98 -31.69 67.02 -45.62
CA ASP E 98 -31.26 68.30 -45.03
C ASP E 98 -29.88 68.27 -44.36
N GLU E 99 -29.56 67.19 -43.66
CA GLU E 99 -28.27 67.08 -42.98
C GLU E 99 -27.28 66.29 -43.85
N MET E 100 -27.69 65.99 -45.07
CA MET E 100 -26.84 65.27 -46.01
C MET E 100 -26.22 66.23 -47.00
N VAL E 101 -26.01 67.47 -46.60
CA VAL E 101 -25.42 68.45 -47.51
C VAL E 101 -24.53 69.44 -46.77
N ARG E 102 -25.02 69.89 -45.62
CA ARG E 102 -24.26 70.85 -44.81
C ARG E 102 -22.96 70.21 -44.35
N GLU E 103 -21.85 70.88 -44.63
CA GLU E 103 -20.51 70.42 -44.26
C GLU E 103 -19.93 71.47 -43.31
N SER E 104 -19.00 71.08 -42.44
CA SER E 104 -18.40 72.06 -41.54
C SER E 104 -16.92 71.77 -41.31
N GLN E 105 -16.08 72.74 -41.62
CA GLN E 105 -14.64 72.59 -41.46
C GLN E 105 -14.34 72.04 -40.07
N ARG E 106 -14.83 72.80 -39.08
CA ARG E 106 -14.66 72.51 -37.67
C ARG E 106 -15.02 71.09 -37.26
N ASN E 107 -16.23 70.99 -36.71
CA ASN E 107 -16.77 69.74 -36.24
C ASN E 107 -17.67 69.17 -37.32
N GLY E 108 -17.08 68.84 -38.46
CA GLY E 108 -17.85 68.29 -39.56
C GLY E 108 -18.29 66.88 -39.23
N ILE E 109 -17.86 66.41 -38.07
CA ILE E 109 -18.17 65.08 -37.58
C ILE E 109 -19.45 65.06 -36.72
N ALA E 110 -19.97 66.24 -36.42
CA ALA E 110 -21.17 66.35 -35.59
C ALA E 110 -22.41 66.81 -36.36
N PRO E 111 -23.55 66.93 -35.67
CA PRO E 111 -24.82 67.36 -36.27
C PRO E 111 -24.74 68.80 -36.76
N GLN E 112 -25.48 69.12 -37.83
CA GLN E 112 -25.46 70.45 -38.40
C GLN E 112 -26.81 71.17 -38.43
N SER E 113 -27.76 70.58 -39.16
CA SER E 113 -29.10 71.10 -39.38
C SER E 113 -29.96 71.47 -38.18
N ASP E 114 -30.84 72.46 -38.37
CA ASP E 114 -31.76 72.91 -37.33
C ASP E 114 -32.73 71.79 -37.01
N SER E 115 -32.70 70.75 -37.85
CA SER E 115 -33.56 69.61 -37.68
C SER E 115 -32.91 68.63 -36.73
N LEU E 116 -31.66 68.26 -37.02
CA LEU E 116 -30.94 67.32 -36.19
C LEU E 116 -30.39 67.88 -34.88
N ARG E 117 -29.82 69.09 -34.91
CA ARG E 117 -29.26 69.69 -33.68
C ARG E 117 -30.31 69.57 -32.57
N LYS E 118 -31.58 69.47 -32.94
CA LYS E 118 -32.67 69.36 -31.98
C LYS E 118 -32.95 67.90 -31.61
N LEU E 119 -32.49 66.99 -32.45
CA LEU E 119 -32.71 65.57 -32.22
C LEU E 119 -31.75 64.99 -31.18
N SER E 120 -30.51 65.43 -31.22
CA SER E 120 -29.52 64.96 -30.28
C SER E 120 -29.95 65.40 -28.88
N GLY E 121 -30.97 66.26 -28.83
CA GLY E 121 -31.48 66.72 -27.54
C GLY E 121 -31.71 65.53 -26.64
N LEU E 122 -31.75 65.75 -25.33
CA LEU E 122 -31.93 64.64 -24.39
C LEU E 122 -33.34 64.04 -24.33
N LYS E 123 -34.35 64.91 -24.27
CA LYS E 123 -35.74 64.47 -24.19
C LYS E 123 -36.17 63.51 -25.30
N PHE E 124 -35.31 63.32 -26.29
CA PHE E 124 -35.62 62.44 -27.42
C PHE E 124 -34.97 61.08 -27.26
N LYS E 125 -33.87 61.04 -26.52
CA LYS E 125 -33.15 59.80 -26.30
C LYS E 125 -34.04 58.61 -25.96
N ARG E 126 -35.21 58.85 -25.36
CA ARG E 126 -36.14 57.78 -24.98
C ARG E 126 -36.64 56.94 -26.15
N ILE E 127 -35.90 56.91 -27.25
CA ILE E 127 -36.38 56.18 -28.43
C ILE E 127 -35.48 55.12 -29.08
N ASN E 128 -34.18 55.18 -28.85
CA ASN E 128 -33.24 54.23 -29.44
C ASN E 128 -33.79 52.81 -29.50
N PHE E 129 -33.24 51.98 -30.40
CA PHE E 129 -33.69 50.59 -30.56
C PHE E 129 -33.04 49.84 -31.71
N ASP E 130 -32.87 48.51 -31.55
CA ASP E 130 -32.26 47.59 -32.54
C ASP E 130 -31.23 48.16 -33.51
N ASN E 131 -29.98 48.27 -33.06
CA ASN E 131 -28.89 48.79 -33.89
C ASN E 131 -28.06 47.67 -34.49
N SER E 132 -28.62 46.93 -35.45
CA SER E 132 -27.85 45.85 -36.06
C SER E 132 -27.45 46.14 -37.50
N SER E 133 -27.90 47.30 -38.01
CA SER E 133 -27.57 47.72 -39.38
C SER E 133 -26.10 48.07 -39.47
N GLU E 134 -25.33 47.13 -40.03
CA GLU E 134 -23.89 47.24 -40.21
C GLU E 134 -23.29 48.62 -39.97
N TYR E 135 -23.91 49.67 -40.50
CA TYR E 135 -23.37 51.02 -40.34
C TYR E 135 -23.50 51.70 -39.00
N ILE E 136 -24.65 51.55 -38.37
CA ILE E 136 -24.82 52.14 -37.07
C ILE E 136 -23.92 51.35 -36.13
N GLU E 137 -23.94 50.02 -36.28
CA GLU E 137 -23.13 49.11 -35.45
C GLU E 137 -21.75 49.72 -35.36
N ASN E 138 -21.28 50.27 -36.47
CA ASN E 138 -19.96 50.87 -36.54
C ASN E 138 -19.94 52.32 -36.09
N TRP E 139 -21.05 53.04 -36.25
CA TRP E 139 -21.02 54.41 -35.78
C TRP E 139 -20.74 54.42 -34.29
N ASN E 140 -21.57 53.71 -33.52
CA ASN E 140 -21.41 53.65 -32.08
C ASN E 140 -19.99 53.34 -31.64
N LEU E 141 -19.52 52.14 -31.97
CA LEU E 141 -18.17 51.69 -31.60
C LEU E 141 -17.10 52.75 -31.83
N GLN E 142 -17.38 53.69 -32.72
CA GLN E 142 -16.44 54.75 -33.04
C GLN E 142 -16.57 55.92 -32.06
N ASN E 143 -17.81 56.28 -31.74
CA ASN E 143 -18.07 57.38 -30.83
C ASN E 143 -17.48 57.05 -29.46
N ARG E 144 -17.51 55.77 -29.12
CA ARG E 144 -16.97 55.29 -27.84
C ARG E 144 -15.45 55.21 -27.97
N ARG E 145 -14.93 55.69 -29.09
CA ARG E 145 -13.50 55.64 -29.33
C ARG E 145 -13.03 54.19 -29.20
N GLN E 146 -13.23 53.41 -30.27
CA GLN E 146 -12.83 51.99 -30.33
C GLN E 146 -12.56 51.51 -31.77
N ARG E 147 -12.04 50.29 -31.91
CA ARG E 147 -11.69 49.71 -33.21
C ARG E 147 -12.89 49.37 -34.11
N THR E 148 -13.04 50.17 -35.17
CA THR E 148 -14.13 50.06 -36.16
C THR E 148 -14.07 48.87 -37.14
N GLY E 149 -14.44 49.10 -38.41
CA GLY E 149 -14.39 48.04 -39.43
C GLY E 149 -15.54 47.91 -40.45
N PHE E 150 -15.22 47.68 -41.73
CA PHE E 150 -16.23 47.53 -42.80
C PHE E 150 -15.92 46.46 -43.85
N THR E 151 -16.90 46.20 -44.74
CA THR E 151 -16.77 45.17 -45.79
C THR E 151 -16.92 45.73 -47.21
N PHE E 152 -15.97 45.40 -48.12
CA PHE E 152 -16.02 45.91 -49.50
C PHE E 152 -15.53 44.98 -50.61
N HIS E 153 -16.38 44.69 -51.59
CA HIS E 153 -16.02 43.86 -52.75
C HIS E 153 -15.53 44.82 -53.83
N LYS E 154 -14.25 44.75 -54.17
CA LYS E 154 -13.62 45.62 -55.16
C LYS E 154 -13.76 47.06 -54.62
N PRO E 155 -13.01 47.39 -53.54
CA PRO E 155 -12.99 48.71 -52.88
C PRO E 155 -12.50 49.80 -53.82
N ASN E 156 -12.50 51.06 -53.38
CA ASN E 156 -12.04 52.10 -54.29
C ASN E 156 -10.96 52.90 -53.57
N ILE E 157 -9.78 52.32 -53.47
CA ILE E 157 -8.67 52.88 -52.73
C ILE E 157 -7.66 53.67 -53.55
N PHE E 158 -7.55 53.35 -54.85
CA PHE E 158 -6.59 54.04 -55.71
C PHE E 158 -7.16 55.21 -56.50
N PRO E 159 -6.67 56.43 -56.25
CA PRO E 159 -7.20 57.54 -57.04
C PRO E 159 -6.75 57.27 -58.46
N TYR E 160 -7.55 57.66 -59.44
CA TYR E 160 -7.19 57.43 -60.81
C TYR E 160 -5.82 58.04 -61.11
N SER E 161 -4.94 57.27 -61.71
CA SER E 161 -3.61 57.74 -62.07
C SER E 161 -3.19 56.90 -63.25
N ALA E 162 -2.95 57.55 -64.38
CA ALA E 162 -2.51 56.84 -65.57
C ALA E 162 -1.33 57.64 -66.12
N SER E 163 -0.12 57.10 -66.02
CA SER E 163 1.04 57.83 -66.49
C SER E 163 2.23 56.92 -66.80
N PHE E 164 3.41 57.51 -67.01
CA PHE E 164 4.61 56.76 -67.31
C PHE E 164 5.83 57.50 -66.76
N THR E 165 6.96 56.81 -66.73
CA THR E 165 8.19 57.40 -66.27
C THR E 165 9.24 56.83 -67.17
N LEU E 166 9.92 57.70 -67.91
CA LEU E 166 11.00 57.27 -68.79
C LEU E 166 12.33 57.34 -68.06
N ASN E 167 12.90 56.19 -67.76
CA ASN E 167 14.17 56.14 -67.07
C ASN E 167 15.36 56.36 -68.02
N ARG E 168 15.16 56.08 -69.30
CA ARG E 168 16.15 56.31 -70.35
C ARG E 168 15.33 56.79 -71.52
N SER E 169 15.67 57.97 -72.03
CA SER E 169 14.96 58.51 -73.18
C SER E 169 15.89 59.44 -73.89
N GLN E 170 15.48 59.81 -75.09
CA GLN E 170 16.25 60.73 -75.90
C GLN E 170 15.21 61.38 -76.81
N PRO E 171 15.53 62.56 -77.37
CA PRO E 171 14.62 63.29 -78.25
C PRO E 171 13.81 62.46 -79.26
N ALA E 172 14.48 61.56 -79.98
CA ALA E 172 13.78 60.74 -80.97
C ALA E 172 12.82 59.70 -80.36
N HIS E 173 12.99 59.40 -79.06
CA HIS E 173 12.18 58.41 -78.35
C HIS E 173 12.19 57.10 -79.12
N ASP E 174 13.38 56.68 -79.54
CA ASP E 174 13.55 55.46 -80.29
C ASP E 174 14.25 54.35 -79.49
N ASN E 175 14.66 54.68 -78.27
CA ASN E 175 15.29 53.69 -77.38
C ASN E 175 15.02 54.07 -75.92
N LEU E 176 13.76 53.87 -75.51
CA LEU E 176 13.29 54.19 -74.17
C LEU E 176 13.31 53.02 -73.23
N MET E 177 13.29 53.33 -71.94
CA MET E 177 13.24 52.33 -70.90
C MET E 177 12.50 53.01 -69.74
N GLY E 178 11.50 52.33 -69.19
CA GLY E 178 10.73 52.91 -68.09
C GLY E 178 9.51 52.11 -67.79
N THR E 179 8.54 52.73 -67.11
CA THR E 179 7.31 52.06 -66.78
C THR E 179 6.12 52.94 -67.07
N MET E 180 4.98 52.30 -67.28
CA MET E 180 3.72 53.01 -67.50
C MET E 180 2.69 52.22 -66.68
N TRP E 181 1.68 52.90 -66.18
CA TRP E 181 0.71 52.24 -65.31
C TRP E 181 -0.65 52.89 -65.32
N LEU E 182 -1.58 52.19 -64.67
CA LEU E 182 -2.94 52.65 -64.43
C LEU E 182 -3.31 52.14 -63.04
N ASN E 183 -3.47 53.07 -62.13
CA ASN E 183 -3.95 52.78 -60.78
C ASN E 183 -5.36 53.36 -60.72
N ALA E 184 -6.34 52.53 -60.46
CA ALA E 184 -7.71 53.04 -60.41
C ALA E 184 -8.61 52.08 -59.65
N GLY E 185 -9.32 52.60 -58.66
CA GLY E 185 -10.22 51.78 -57.88
C GLY E 185 -9.48 50.76 -57.04
N SER E 186 -9.69 49.50 -57.37
CA SER E 186 -9.06 48.42 -56.65
C SER E 186 -8.01 47.74 -57.52
N GLU E 187 -7.71 48.33 -58.67
CA GLU E 187 -6.76 47.70 -59.58
C GLU E 187 -5.52 48.47 -59.97
N ILE E 188 -4.45 47.73 -60.21
CA ILE E 188 -3.18 48.30 -60.64
C ILE E 188 -2.69 47.45 -61.81
N GLN E 189 -2.27 48.12 -62.88
CA GLN E 189 -1.64 47.41 -64.01
C GLN E 189 -0.38 48.22 -64.24
N VAL E 190 0.75 47.56 -64.35
CA VAL E 190 2.00 48.27 -64.58
C VAL E 190 2.86 47.45 -65.52
N ALA E 191 3.49 48.15 -66.47
CA ALA E 191 4.37 47.52 -67.44
C ALA E 191 5.72 48.20 -67.40
N GLY E 192 6.77 47.39 -67.58
CA GLY E 192 8.12 47.89 -67.64
C GLY E 192 8.54 47.57 -69.07
N PHE E 193 9.09 48.55 -69.77
CA PHE E 193 9.54 48.38 -71.15
C PHE E 193 11.01 48.79 -71.31
N ASP E 194 11.71 48.11 -72.22
CA ASP E 194 13.12 48.39 -72.51
C ASP E 194 13.26 48.16 -74.00
N TYR E 195 13.30 49.22 -74.78
CA TYR E 195 13.43 49.11 -76.24
C TYR E 195 14.64 48.30 -76.67
N SER E 196 15.72 48.34 -75.89
CA SER E 196 16.94 47.60 -76.20
C SER E 196 16.94 46.12 -75.81
N CYS E 197 15.88 45.67 -75.14
CA CYS E 197 15.76 44.28 -74.67
C CYS E 197 16.98 43.88 -73.83
N ALA E 198 17.40 44.80 -72.97
CA ALA E 198 18.52 44.61 -72.07
C ALA E 198 19.82 44.14 -72.75
N ILE E 199 20.03 44.55 -74.02
CA ILE E 199 21.22 44.17 -74.79
C ILE E 199 22.55 44.56 -74.13
N ASN E 200 22.58 45.72 -73.48
CA ASN E 200 23.77 46.23 -72.78
C ASN E 200 23.58 46.27 -71.28
N ALA E 201 22.54 45.61 -70.78
CA ALA E 201 22.29 45.62 -69.34
C ALA E 201 23.03 44.50 -68.61
N PRO E 202 23.46 44.76 -67.36
CA PRO E 202 24.17 43.78 -66.54
C PRO E 202 23.31 42.52 -66.40
N ALA E 203 23.90 41.38 -66.76
CA ALA E 203 23.21 40.10 -66.70
C ALA E 203 22.03 40.09 -67.69
N ASN E 204 22.03 41.02 -68.64
CA ASN E 204 20.97 41.15 -69.65
C ASN E 204 19.60 41.19 -68.99
N THR E 205 19.54 41.87 -67.85
CA THR E 205 18.32 41.99 -67.08
C THR E 205 18.07 43.45 -66.71
N GLN E 206 16.85 43.93 -66.94
CA GLN E 206 16.49 45.29 -66.59
C GLN E 206 15.49 45.19 -65.44
N GLN E 207 15.78 45.86 -64.34
CA GLN E 207 14.90 45.84 -63.18
C GLN E 207 13.82 46.92 -63.28
N PHE E 208 12.61 46.60 -62.81
CA PHE E 208 11.51 47.55 -62.77
C PHE E 208 10.89 47.53 -61.39
N GLU E 209 10.15 48.58 -61.08
CA GLU E 209 9.54 48.64 -59.78
C GLU E 209 8.36 49.61 -59.85
N HIS E 210 7.28 49.31 -59.14
CA HIS E 210 6.13 50.18 -59.12
C HIS E 210 5.66 50.20 -57.66
N ILE E 211 5.59 51.40 -57.08
CA ILE E 211 5.14 51.56 -55.70
C ILE E 211 3.85 52.35 -55.64
N VAL E 212 2.89 51.85 -54.86
CA VAL E 212 1.61 52.53 -54.72
C VAL E 212 1.33 52.70 -53.23
N GLN E 213 1.14 53.94 -52.82
CA GLN E 213 0.87 54.26 -51.43
C GLN E 213 -0.61 54.49 -51.18
N LEU E 214 -1.24 53.64 -50.38
CA LEU E 214 -2.66 53.79 -50.10
C LEU E 214 -2.86 54.94 -49.14
N ARG E 215 -3.99 55.62 -49.24
CA ARG E 215 -4.29 56.74 -48.36
C ARG E 215 -4.84 56.22 -47.04
N ARG E 216 -5.25 54.96 -47.02
CA ARG E 216 -5.76 54.33 -45.80
C ARG E 216 -5.26 52.88 -45.84
N VAL E 217 -5.05 52.32 -44.65
CA VAL E 217 -4.59 50.94 -44.54
C VAL E 217 -5.75 50.01 -44.87
N LEU E 218 -5.43 48.94 -45.58
CA LEU E 218 -6.41 47.94 -45.88
C LEU E 218 -5.95 46.70 -45.13
N THR E 219 -6.89 46.00 -44.51
CA THR E 219 -6.58 44.77 -43.82
C THR E 219 -7.42 43.64 -44.45
N THR E 220 -7.01 42.41 -44.18
CA THR E 220 -7.73 41.23 -44.66
C THR E 220 -8.13 41.28 -46.17
N ALA E 221 -7.21 41.74 -47.00
CA ALA E 221 -7.40 41.83 -48.44
C ALA E 221 -7.14 40.53 -49.19
N THR E 222 -8.13 40.17 -50.01
CA THR E 222 -8.01 39.01 -50.92
C THR E 222 -7.67 39.60 -52.27
N ILE E 223 -6.53 39.20 -52.78
CA ILE E 223 -6.00 39.83 -54.00
C ILE E 223 -5.66 38.85 -55.14
N THR E 224 -5.94 39.26 -56.38
CA THR E 224 -5.62 38.47 -57.55
C THR E 224 -4.40 39.14 -58.17
N LEU E 225 -3.34 38.36 -58.41
CA LEU E 225 -2.11 38.89 -59.00
C LEU E 225 -1.89 38.04 -60.22
N LEU E 226 -1.73 38.67 -61.36
CA LEU E 226 -1.52 37.94 -62.61
C LEU E 226 -0.37 38.56 -63.38
N PRO E 227 0.36 37.74 -64.14
CA PRO E 227 1.47 38.30 -64.90
C PRO E 227 0.85 38.99 -66.11
N ASP E 228 1.57 39.96 -66.68
CA ASP E 228 1.15 40.73 -67.86
C ASP E 228 0.23 41.88 -67.56
N ALA E 229 0.36 42.95 -68.33
CA ALA E 229 -0.50 44.12 -68.20
C ALA E 229 -1.11 44.29 -69.59
N GLU E 230 -2.28 43.69 -69.80
CA GLU E 230 -2.96 43.75 -71.09
C GLU E 230 -3.16 45.17 -71.59
N ARG E 231 -3.44 46.06 -70.67
CA ARG E 231 -3.65 47.45 -71.00
C ARG E 231 -2.42 48.09 -71.69
N PHE E 232 -1.24 47.55 -71.46
CA PHE E 232 -0.03 48.11 -72.04
C PHE E 232 0.65 47.09 -72.95
N SER E 233 -0.16 46.28 -73.61
CA SER E 233 0.38 45.25 -74.48
C SER E 233 0.11 45.54 -75.93
N PHE E 234 -0.43 46.71 -76.21
CA PHE E 234 -0.71 47.06 -77.59
C PHE E 234 0.01 48.35 -78.05
N PRO E 235 0.15 48.54 -79.36
CA PRO E 235 0.82 49.72 -79.95
C PRO E 235 0.16 51.01 -79.56
N ARG E 236 0.97 51.98 -79.18
CA ARG E 236 0.46 53.26 -78.77
C ARG E 236 1.35 54.39 -79.28
N VAL E 237 0.70 55.50 -79.45
CA VAL E 237 1.34 56.77 -79.75
C VAL E 237 1.02 57.62 -78.54
N ILE E 238 2.05 58.00 -77.84
CA ILE E 238 1.90 58.68 -76.55
C ILE E 238 2.52 60.09 -76.56
N ASN E 239 2.01 60.98 -75.73
CA ASN E 239 2.57 62.31 -75.65
C ASN E 239 3.85 62.22 -74.83
N SER E 240 4.83 63.03 -75.19
CA SER E 240 6.11 63.06 -74.49
C SER E 240 5.88 63.68 -73.11
N ALA E 241 6.81 63.49 -72.20
CA ALA E 241 6.68 64.04 -70.86
C ALA E 241 6.40 65.56 -70.84
N ASP E 242 7.06 66.30 -71.73
CA ASP E 242 6.89 67.76 -71.81
C ASP E 242 5.73 68.23 -72.69
N GLY E 243 5.02 67.26 -73.27
CA GLY E 243 3.90 67.56 -74.14
C GLY E 243 4.26 68.14 -75.49
N ALA E 244 5.54 68.26 -75.78
CA ALA E 244 6.00 68.83 -77.05
C ALA E 244 5.91 67.93 -78.29
N THR E 245 5.85 66.62 -78.10
CA THR E 245 5.77 65.69 -79.23
C THR E 245 5.14 64.35 -78.82
N THR E 246 5.16 63.37 -79.73
CA THR E 246 4.60 62.06 -79.46
C THR E 246 5.59 60.96 -79.81
N TRP E 247 5.61 59.91 -78.98
CA TRP E 247 6.48 58.75 -79.19
C TRP E 247 5.68 57.51 -79.53
N TYR E 248 6.35 56.52 -80.10
CA TYR E 248 5.72 55.28 -80.50
C TYR E 248 6.11 54.11 -79.59
N PHE E 249 5.11 53.38 -79.11
CA PHE E 249 5.32 52.22 -78.25
C PHE E 249 4.76 51.03 -79.03
N ASN E 250 5.62 50.07 -79.32
CA ASN E 250 5.25 48.90 -80.09
C ASN E 250 5.66 47.65 -79.28
N PRO E 251 4.92 47.31 -78.21
CA PRO E 251 5.29 46.21 -77.33
C PRO E 251 5.19 44.81 -77.91
N VAL E 252 6.08 43.99 -77.37
CA VAL E 252 6.14 42.53 -77.52
C VAL E 252 6.35 42.04 -76.09
N ILE E 253 5.50 41.14 -75.65
CA ILE E 253 5.48 40.76 -74.22
C ILE E 253 6.26 39.51 -73.87
N LEU E 254 7.02 39.59 -72.77
CA LEU E 254 7.81 38.48 -72.24
C LEU E 254 7.32 38.27 -70.81
N ARG E 255 7.56 37.09 -70.23
CA ARG E 255 7.11 36.88 -68.88
C ARG E 255 7.91 37.68 -67.90
N PRO E 256 7.24 38.27 -66.92
CA PRO E 256 7.98 39.06 -65.93
C PRO E 256 8.84 38.07 -65.13
N ASN E 257 10.11 38.45 -64.98
CA ASN E 257 11.12 37.66 -64.28
C ASN E 257 11.35 38.17 -62.84
N ASN E 258 11.52 37.24 -61.90
CA ASN E 258 11.74 37.57 -60.48
C ASN E 258 10.73 38.52 -59.88
N VAL E 259 9.46 38.18 -60.09
CA VAL E 259 8.37 38.98 -59.58
C VAL E 259 8.36 38.90 -58.06
N GLU E 260 8.27 40.06 -57.41
CA GLU E 260 8.18 40.12 -55.97
C GLU E 260 7.20 41.20 -55.57
N VAL E 261 6.15 40.82 -54.86
CA VAL E 261 5.15 41.78 -54.41
C VAL E 261 5.31 41.92 -52.92
N GLU E 262 5.43 43.15 -52.45
CA GLU E 262 5.52 43.38 -51.03
C GLU E 262 4.39 44.28 -50.60
N PHE E 263 3.74 43.89 -49.52
CA PHE E 263 2.65 44.66 -48.91
C PHE E 263 3.29 45.15 -47.64
N LEU E 264 3.55 46.45 -47.58
CA LEU E 264 4.22 47.03 -46.45
C LEU E 264 3.30 47.85 -45.59
N LEU E 265 3.66 47.98 -44.32
CA LEU E 265 2.91 48.79 -43.38
C LEU E 265 3.94 49.62 -42.67
N ASN E 266 3.86 50.93 -42.83
CA ASN E 266 4.83 51.84 -42.19
C ASN E 266 6.29 51.46 -42.51
N GLY E 267 6.54 51.07 -43.76
CA GLY E 267 7.89 50.72 -44.17
C GLY E 267 8.30 49.29 -43.91
N GLN E 268 7.50 48.57 -43.14
CA GLN E 268 7.82 47.18 -42.84
C GLN E 268 7.10 46.22 -43.76
N ILE E 269 7.79 45.18 -44.20
CA ILE E 269 7.19 44.16 -45.04
C ILE E 269 6.26 43.31 -44.15
N ILE E 270 4.98 43.27 -44.47
CA ILE E 270 4.03 42.49 -43.72
C ILE E 270 3.82 41.20 -44.51
N ASN E 271 3.68 41.32 -45.83
CA ASN E 271 3.51 40.14 -46.68
C ASN E 271 4.41 40.29 -47.88
N THR E 272 5.00 39.18 -48.31
CA THR E 272 5.83 39.19 -49.49
C THR E 272 5.57 37.90 -50.25
N TYR E 273 5.44 38.04 -51.56
CA TYR E 273 5.17 36.93 -52.46
C TYR E 273 6.13 36.97 -53.65
N GLN E 274 6.79 35.84 -53.89
CA GLN E 274 7.76 35.76 -54.96
C GLN E 274 7.18 34.97 -56.07
N ALA E 275 6.89 35.64 -57.18
CA ALA E 275 6.37 34.98 -58.36
C ALA E 275 5.14 34.12 -58.13
N ARG E 276 4.27 34.53 -57.22
CA ARG E 276 3.07 33.76 -56.97
C ARG E 276 1.86 34.42 -57.60
N PHE E 277 1.36 33.83 -58.68
CA PHE E 277 0.21 34.37 -59.39
C PHE E 277 -1.06 33.63 -58.96
N GLY E 278 -2.19 34.31 -58.99
CA GLY E 278 -3.43 33.69 -58.57
C GLY E 278 -3.94 34.48 -57.37
N THR E 279 -4.47 33.78 -56.38
CA THR E 279 -5.00 34.45 -55.20
C THR E 279 -4.04 34.46 -54.02
N ILE E 280 -3.75 35.67 -53.51
CA ILE E 280 -2.86 35.87 -52.37
C ILE E 280 -3.55 36.77 -51.34
N ILE E 281 -3.17 36.61 -50.08
CA ILE E 281 -3.73 37.41 -48.97
C ILE E 281 -2.73 38.46 -48.45
N ALA E 282 -3.17 39.70 -48.31
CA ALA E 282 -2.33 40.76 -47.77
C ALA E 282 -3.12 41.18 -46.51
N ARG E 283 -2.61 40.86 -45.35
CA ARG E 283 -3.42 41.04 -44.13
C ARG E 283 -3.46 42.45 -43.51
N ASN E 284 -2.53 43.31 -43.85
CA ASN E 284 -2.48 44.66 -43.22
C ASN E 284 -1.40 45.45 -43.92
N PHE E 285 -1.77 46.46 -44.70
CA PHE E 285 -0.76 47.20 -45.44
C PHE E 285 -1.25 48.59 -45.86
N ASP E 286 -0.31 49.51 -46.05
CA ASP E 286 -0.62 50.87 -46.50
C ASP E 286 0.16 51.15 -47.77
N THR E 287 0.93 50.17 -48.23
CA THR E 287 1.75 50.33 -49.43
C THR E 287 1.93 49.02 -50.15
N ILE E 288 1.94 49.08 -51.47
CA ILE E 288 2.17 47.90 -52.29
C ILE E 288 3.39 48.23 -53.14
N ARG E 289 4.33 47.30 -53.21
CA ARG E 289 5.50 47.49 -54.04
C ARG E 289 5.63 46.29 -54.94
N LEU E 290 5.60 46.54 -56.26
CA LEU E 290 5.74 45.48 -57.24
C LEU E 290 7.09 45.62 -57.92
N SER E 291 7.92 44.58 -57.82
CA SER E 291 9.24 44.59 -58.45
C SER E 291 9.24 43.44 -59.42
N PHE E 292 9.75 43.68 -60.61
CA PHE E 292 9.78 42.68 -61.66
C PHE E 292 10.88 43.06 -62.65
N GLN E 293 11.33 42.08 -63.42
CA GLN E 293 12.42 42.30 -64.36
C GLN E 293 12.14 41.81 -65.75
N LEU E 294 12.88 42.36 -66.70
CA LEU E 294 12.82 41.92 -68.08
C LEU E 294 14.17 41.25 -68.25
N MET E 295 14.19 39.99 -68.62
CA MET E 295 15.46 39.35 -68.83
C MET E 295 15.54 39.00 -70.29
N ARG E 296 16.58 39.46 -70.96
CA ARG E 296 16.74 39.15 -72.38
C ARG E 296 16.81 37.63 -72.52
N PRO E 297 16.00 37.04 -73.40
CA PRO E 297 16.01 35.59 -73.59
C PRO E 297 17.40 35.10 -73.98
N PRO E 298 17.99 34.20 -73.20
CA PRO E 298 19.33 33.71 -73.51
C PRO E 298 19.35 32.85 -74.80
N ASN E 299 18.23 32.23 -75.13
CA ASN E 299 18.12 31.40 -76.33
C ASN E 299 16.93 31.86 -77.12
N MET E 300 17.15 32.14 -78.40
CA MET E 300 16.10 32.65 -79.25
C MET E 300 15.96 31.96 -80.58
N THR E 301 14.76 31.58 -80.97
CA THR E 301 14.56 30.99 -82.30
C THR E 301 14.78 32.16 -83.27
N PRO E 302 15.00 31.89 -84.57
CA PRO E 302 15.21 32.96 -85.55
C PRO E 302 14.17 34.09 -85.50
N ALA E 303 12.90 33.70 -85.45
CA ALA E 303 11.80 34.67 -85.41
C ALA E 303 11.93 35.61 -84.22
N VAL E 304 12.38 35.08 -83.08
CA VAL E 304 12.57 35.91 -81.89
C VAL E 304 13.82 36.76 -82.03
N ALA E 305 14.92 36.12 -82.43
CA ALA E 305 16.21 36.80 -82.61
C ALA E 305 16.06 38.05 -83.50
N ALA E 306 15.20 37.93 -84.51
CA ALA E 306 14.93 39.00 -85.47
C ALA E 306 14.28 40.24 -84.85
N LEU E 307 13.63 40.08 -83.71
CA LEU E 307 12.96 41.20 -83.07
C LEU E 307 13.92 42.03 -82.27
N PHE E 308 15.00 41.38 -81.81
CA PHE E 308 16.00 41.99 -80.95
C PHE E 308 17.43 42.06 -81.49
N PRO E 309 17.72 43.02 -82.37
CA PRO E 309 19.04 43.21 -82.98
C PRO E 309 20.07 43.77 -82.01
N ASN E 310 21.33 43.69 -82.39
CA ASN E 310 22.39 44.22 -81.53
C ASN E 310 22.50 45.72 -81.61
N ALA E 311 21.96 46.29 -82.69
CA ALA E 311 22.00 47.73 -82.90
C ALA E 311 20.64 48.28 -83.30
N GLN E 312 20.43 49.56 -83.02
CA GLN E 312 19.19 50.24 -83.38
C GLN E 312 19.11 50.23 -84.90
N PRO E 313 17.92 50.47 -85.47
CA PRO E 313 16.65 50.76 -84.80
C PRO E 313 16.01 49.58 -84.04
N PHE E 314 15.46 49.91 -82.87
CA PHE E 314 14.78 48.92 -82.05
C PHE E 314 13.31 49.07 -82.41
N GLU E 315 12.78 48.11 -83.15
CA GLU E 315 11.41 48.19 -83.63
C GLU E 315 10.36 47.40 -82.86
N HIS E 316 10.79 46.46 -82.04
CA HIS E 316 9.89 45.67 -81.23
C HIS E 316 10.37 45.94 -79.83
N HIS E 317 9.48 46.46 -79.00
CA HIS E 317 9.83 46.86 -77.65
C HIS E 317 9.46 45.88 -76.53
N ALA E 318 10.48 45.21 -76.01
CA ALA E 318 10.33 44.22 -74.94
C ALA E 318 9.61 44.83 -73.74
N THR E 319 8.54 44.16 -73.34
CA THR E 319 7.70 44.61 -72.26
C THR E 319 7.30 43.47 -71.33
N VAL E 320 7.36 43.73 -70.02
CA VAL E 320 6.95 42.77 -68.99
C VAL E 320 5.96 43.53 -68.11
N GLY E 321 4.97 42.84 -67.55
CA GLY E 321 4.00 43.53 -66.71
C GLY E 321 3.33 42.68 -65.65
N LEU E 322 2.51 43.34 -64.84
CA LEU E 322 1.77 42.69 -63.75
C LEU E 322 0.41 43.35 -63.63
N THR E 323 -0.56 42.59 -63.13
CA THR E 323 -1.91 43.08 -62.88
C THR E 323 -2.26 42.62 -61.48
N LEU E 324 -2.72 43.55 -60.66
CA LEU E 324 -3.08 43.24 -59.27
C LEU E 324 -4.48 43.80 -59.00
N ARG E 325 -5.38 42.98 -58.49
CA ARG E 325 -6.73 43.44 -58.16
C ARG E 325 -7.14 43.07 -56.75
N ILE E 326 -7.60 44.05 -55.97
CA ILE E 326 -8.03 43.80 -54.61
C ILE E 326 -9.51 43.46 -54.71
N GLU E 327 -9.84 42.17 -54.58
CA GLU E 327 -11.23 41.72 -54.67
C GLU E 327 -12.04 42.18 -53.48
N SER E 328 -11.51 42.03 -52.27
CA SER E 328 -12.20 42.42 -51.07
C SER E 328 -11.18 42.81 -50.04
N ALA E 329 -11.60 43.61 -49.07
CA ALA E 329 -10.73 44.06 -47.99
C ALA E 329 -11.56 44.74 -46.93
N VAL E 330 -10.94 44.97 -45.78
CA VAL E 330 -11.60 45.66 -44.71
C VAL E 330 -10.83 46.97 -44.50
N CYS E 331 -11.54 48.05 -44.21
CA CYS E 331 -10.87 49.32 -43.94
C CYS E 331 -11.52 49.93 -42.72
N GLU E 332 -10.71 50.57 -41.90
CA GLU E 332 -11.22 51.23 -40.72
C GLU E 332 -11.93 52.54 -41.08
N SER E 333 -11.69 53.05 -42.30
CA SER E 333 -12.33 54.28 -42.79
C SER E 333 -13.34 53.96 -43.89
N VAL E 334 -14.41 54.73 -43.99
CA VAL E 334 -15.37 54.48 -45.06
C VAL E 334 -14.69 54.76 -46.40
N LEU E 335 -15.07 53.99 -47.41
CA LEU E 335 -14.53 54.16 -48.77
C LEU E 335 -15.66 53.79 -49.71
N ALA E 336 -15.51 54.20 -50.95
CA ALA E 336 -16.45 53.80 -51.98
C ALA E 336 -15.94 52.40 -52.41
N ASP E 337 -16.82 51.54 -52.92
CA ASP E 337 -16.41 50.24 -53.42
C ASP E 337 -17.34 49.88 -54.60
N ALA E 338 -17.29 48.66 -55.11
CA ALA E 338 -18.10 48.30 -56.28
C ALA E 338 -19.51 47.80 -55.99
N SER E 339 -19.90 47.75 -54.71
CA SER E 339 -21.21 47.24 -54.35
C SER E 339 -22.12 48.19 -53.59
N GLU E 340 -21.56 48.96 -52.67
CA GLU E 340 -22.33 49.89 -51.87
C GLU E 340 -22.75 51.12 -52.63
N THR E 341 -23.96 51.60 -52.34
CA THR E 341 -24.52 52.76 -53.02
C THR E 341 -24.36 54.07 -52.27
N MET E 342 -23.68 54.05 -51.12
CA MET E 342 -23.49 55.26 -50.31
C MET E 342 -22.97 56.48 -51.03
N LEU E 343 -21.81 56.35 -51.66
CA LEU E 343 -21.25 57.48 -52.38
C LEU E 343 -22.26 57.97 -53.42
N ALA E 344 -22.82 57.05 -54.19
CA ALA E 344 -23.80 57.40 -55.21
C ALA E 344 -25.03 58.08 -54.63
N ASN E 345 -25.50 57.65 -53.45
CA ASN E 345 -26.67 58.25 -52.80
C ASN E 345 -26.41 59.69 -52.42
N VAL E 346 -25.29 59.91 -51.73
CA VAL E 346 -24.89 61.24 -51.28
C VAL E 346 -24.69 62.15 -52.48
N THR E 347 -23.93 61.66 -53.46
CA THR E 347 -23.64 62.44 -54.66
C THR E 347 -24.94 62.75 -55.40
N SER E 348 -25.83 61.76 -55.49
CA SER E 348 -27.09 61.95 -56.20
C SER E 348 -28.02 62.94 -55.54
N VAL E 349 -28.15 62.89 -54.21
CA VAL E 349 -29.04 63.83 -53.54
C VAL E 349 -28.52 65.25 -53.75
N ARG E 350 -27.22 65.45 -53.59
CA ARG E 350 -26.63 66.77 -53.78
C ARG E 350 -26.82 67.31 -55.21
N GLN E 351 -26.65 66.45 -56.20
CA GLN E 351 -26.82 66.82 -57.61
C GLN E 351 -28.29 67.18 -57.93
N GLU E 352 -29.21 66.32 -57.49
CA GLU E 352 -30.62 66.54 -57.75
C GLU E 352 -31.12 67.89 -57.18
N TYR E 353 -30.68 68.24 -55.97
CA TYR E 353 -31.12 69.48 -55.36
C TYR E 353 -30.19 70.66 -55.59
N ALA E 354 -29.33 70.56 -56.57
CA ALA E 354 -28.42 71.65 -56.90
C ALA E 354 -27.72 72.25 -55.68
N ILE E 355 -27.21 71.38 -54.80
CA ILE E 355 -26.52 71.82 -53.61
C ILE E 355 -25.20 72.49 -53.99
N PRO E 356 -24.96 73.73 -53.53
CA PRO E 356 -23.71 74.45 -53.83
C PRO E 356 -22.47 73.74 -53.28
N VAL E 357 -21.32 73.91 -53.92
CA VAL E 357 -20.07 73.32 -53.45
C VAL E 357 -19.84 73.91 -52.05
N GLY E 358 -19.41 73.06 -51.12
CA GLY E 358 -19.17 73.53 -49.76
C GLY E 358 -17.69 73.64 -49.46
N PRO E 359 -17.34 73.83 -48.19
CA PRO E 359 -15.93 73.95 -47.80
C PRO E 359 -15.17 72.63 -47.57
N VAL E 360 -15.87 71.51 -47.48
CA VAL E 360 -15.20 70.25 -47.21
C VAL E 360 -14.96 69.36 -48.43
N PHE E 361 -16.05 68.98 -49.10
CA PHE E 361 -15.97 68.07 -50.25
C PHE E 361 -15.60 68.68 -51.59
N PRO E 362 -14.83 67.92 -52.43
CA PRO E 362 -14.47 68.45 -53.75
C PRO E 362 -15.71 68.60 -54.59
N PRO E 363 -15.67 69.48 -55.61
CA PRO E 363 -16.84 69.64 -56.48
C PRO E 363 -17.32 68.27 -57.01
N GLY E 364 -18.63 68.07 -56.93
CA GLY E 364 -19.26 66.85 -57.39
C GLY E 364 -18.97 65.62 -56.58
N MET E 365 -18.43 65.78 -55.38
CA MET E 365 -18.06 64.65 -54.52
C MET E 365 -17.10 63.78 -55.32
N ASN E 366 -16.28 64.38 -56.19
CA ASN E 366 -15.35 63.62 -57.04
C ASN E 366 -14.49 62.63 -56.24
N TRP E 367 -14.65 61.33 -56.53
CA TRP E 367 -13.93 60.34 -55.77
C TRP E 367 -12.43 60.47 -55.84
N THR E 368 -11.88 60.58 -57.03
CA THR E 368 -10.44 60.71 -57.13
C THR E 368 -9.93 61.87 -56.26
N ASP E 369 -10.53 63.05 -56.37
CA ASP E 369 -10.09 64.19 -55.59
C ASP E 369 -10.25 63.92 -54.10
N LEU E 370 -11.35 63.29 -53.72
CA LEU E 370 -11.60 63.01 -52.33
C LEU E 370 -10.54 62.07 -51.73
N ILE E 371 -10.31 60.93 -52.35
CA ILE E 371 -9.36 59.96 -51.84
C ILE E 371 -7.90 60.47 -51.96
N THR E 372 -7.61 61.34 -52.91
CA THR E 372 -6.26 61.86 -53.06
C THR E 372 -5.88 62.73 -51.85
N ASN E 373 -6.83 63.52 -51.37
CA ASN E 373 -6.60 64.36 -50.20
C ASN E 373 -7.66 64.03 -49.19
N TYR E 374 -7.58 62.81 -48.68
CA TYR E 374 -8.54 62.29 -47.72
C TYR E 374 -8.22 62.79 -46.32
N SER E 375 -8.48 64.05 -46.07
CA SER E 375 -8.22 64.64 -44.77
C SER E 375 -9.14 64.11 -43.68
N PRO E 376 -8.76 64.35 -42.41
CA PRO E 376 -9.62 63.88 -41.31
C PRO E 376 -11.02 64.48 -41.44
N SER E 377 -11.10 65.77 -41.79
CA SER E 377 -12.39 66.43 -41.94
C SER E 377 -13.23 65.78 -43.04
N ARG E 378 -12.63 65.50 -44.19
CA ARG E 378 -13.40 64.86 -45.25
C ARG E 378 -13.88 63.48 -44.80
N GLU E 379 -13.04 62.73 -44.07
CA GLU E 379 -13.44 61.40 -43.59
C GLU E 379 -14.56 61.45 -42.57
N ASP E 380 -14.49 62.38 -41.63
CA ASP E 380 -15.55 62.48 -40.63
C ASP E 380 -16.86 62.87 -41.28
N ASN E 381 -16.80 63.85 -42.19
CA ASN E 381 -18.00 64.27 -42.92
C ASN E 381 -18.51 63.11 -43.81
N LEU E 382 -17.60 62.40 -44.49
CA LEU E 382 -17.98 61.29 -45.35
C LEU E 382 -18.65 60.22 -44.52
N GLN E 383 -18.11 59.90 -43.35
CA GLN E 383 -18.72 58.86 -42.54
C GLN E 383 -20.09 59.26 -42.07
N ARG E 384 -20.23 60.52 -41.67
CA ARG E 384 -21.54 60.98 -41.19
C ARG E 384 -22.57 60.87 -42.30
N VAL E 385 -22.14 61.35 -43.43
CA VAL E 385 -22.96 61.43 -44.63
C VAL E 385 -23.27 60.00 -45.18
N PHE E 386 -22.30 59.08 -45.09
CA PHE E 386 -22.50 57.67 -45.56
C PHE E 386 -23.46 56.94 -44.59
N THR E 387 -23.27 57.17 -43.30
CA THR E 387 -24.14 56.55 -42.31
C THR E 387 -25.59 57.00 -42.52
N VAL E 388 -25.80 58.28 -42.81
CA VAL E 388 -27.15 58.80 -43.07
C VAL E 388 -27.73 58.18 -44.33
N ALA E 389 -26.91 58.04 -45.37
CA ALA E 389 -27.36 57.45 -46.62
C ALA E 389 -27.82 56.01 -46.36
N SER E 390 -27.10 55.31 -45.49
CA SER E 390 -27.46 53.92 -45.18
C SER E 390 -28.75 53.86 -44.37
N ILE E 391 -29.02 54.88 -43.56
CA ILE E 391 -30.23 54.91 -42.74
C ILE E 391 -31.39 55.13 -43.69
N ARG E 392 -31.19 56.04 -44.62
CA ARG E 392 -32.20 56.34 -45.62
C ARG E 392 -32.57 55.16 -46.52
N SER E 393 -31.56 54.40 -46.96
CA SER E 393 -31.78 53.23 -47.83
C SER E 393 -32.54 52.07 -47.20
N MET E 394 -32.85 52.18 -45.91
CA MET E 394 -33.58 51.13 -45.22
C MET E 394 -35.04 51.31 -45.57
N LEU E 395 -35.40 52.51 -45.99
CA LEU E 395 -36.78 52.84 -46.29
C LEU E 395 -37.01 53.34 -47.71
N VAL E 396 -36.06 54.10 -48.22
CA VAL E 396 -36.17 54.71 -49.53
C VAL E 396 -35.00 54.32 -50.41
N LYS E 397 -35.28 53.64 -51.50
CA LYS E 397 -34.22 53.25 -52.41
C LYS E 397 -34.54 53.86 -53.74
N MET F 1 52.71 22.58 53.01
CA MET F 1 52.98 22.22 51.59
C MET F 1 51.73 21.82 50.81
N ASP F 2 51.13 20.69 51.18
CA ASP F 2 49.93 20.22 50.49
C ASP F 2 48.93 21.36 50.44
N VAL F 3 48.96 22.19 51.49
CA VAL F 3 48.09 23.35 51.60
C VAL F 3 48.19 24.05 50.26
N LEU F 4 49.35 24.66 50.07
CA LEU F 4 49.65 25.38 48.85
C LEU F 4 48.94 24.81 47.64
N TYR F 5 49.13 23.53 47.38
CA TYR F 5 48.50 22.91 46.22
C TYR F 5 47.06 23.38 46.05
N SER F 6 46.19 22.93 46.95
CA SER F 6 44.79 23.30 46.91
C SER F 6 44.55 24.72 46.43
N LEU F 7 45.17 25.68 47.11
CA LEU F 7 45.04 27.10 46.79
C LEU F 7 44.96 27.34 45.29
N SER F 8 45.55 26.43 44.53
CA SER F 8 45.55 26.55 43.09
C SER F 8 44.41 25.82 42.40
N LYS F 9 44.40 24.48 42.40
CA LYS F 9 43.32 23.72 41.73
C LYS F 9 42.01 24.37 42.16
N THR F 10 42.11 25.13 43.25
CA THR F 10 40.98 25.87 43.77
C THR F 10 40.68 26.92 42.72
N LEU F 11 41.65 27.80 42.48
CA LEU F 11 41.50 28.85 41.50
C LEU F 11 41.31 28.37 40.05
N LYS F 12 42.13 27.42 39.56
CA LYS F 12 41.98 26.92 38.18
C LYS F 12 40.59 26.34 37.99
N ASP F 13 40.30 25.26 38.73
CA ASP F 13 38.99 24.63 38.64
C ASP F 13 37.96 25.70 39.01
N ALA F 14 38.42 26.92 39.22
CA ALA F 14 37.56 28.06 39.55
C ALA F 14 37.48 29.03 38.37
N ARG F 15 38.58 29.73 38.10
CA ARG F 15 38.65 30.69 36.99
C ARG F 15 38.24 30.00 35.70
N ASP F 16 38.02 28.68 35.79
CA ASP F 16 37.63 27.87 34.65
C ASP F 16 36.17 27.44 34.65
N LYS F 17 35.69 26.87 35.76
CA LYS F 17 34.30 26.39 35.86
C LYS F 17 33.29 27.48 36.24
N ILE F 18 33.72 28.74 36.30
CA ILE F 18 32.84 29.84 36.69
C ILE F 18 32.68 30.92 35.64
N VAL F 19 31.88 30.67 34.61
CA VAL F 19 31.66 31.67 33.56
C VAL F 19 30.20 32.01 33.30
N GLU F 20 29.99 33.17 32.68
CA GLU F 20 28.66 33.68 32.35
C GLU F 20 27.80 32.59 31.69
N GLY F 21 26.88 32.00 32.46
CA GLY F 21 26.00 30.97 31.90
C GLY F 21 25.63 29.77 32.75
N THR F 22 26.57 28.82 32.86
CA THR F 22 26.40 27.58 33.61
C THR F 22 25.40 27.63 34.76
N LEU F 23 24.77 26.49 35.02
CA LEU F 23 23.81 26.38 36.10
C LEU F 23 24.55 26.19 37.42
N TYR F 24 23.86 26.43 38.51
CA TYR F 24 24.49 26.31 39.82
C TYR F 24 24.94 24.89 40.12
N SER F 25 24.09 23.92 39.83
CA SER F 25 24.39 22.51 40.10
C SER F 25 25.60 21.93 39.35
N ASN F 26 26.49 22.80 38.88
CA ASN F 26 27.69 22.38 38.16
C ASN F 26 28.89 22.66 39.05
N VAL F 27 28.63 23.45 40.08
CA VAL F 27 29.67 23.87 41.00
C VAL F 27 29.29 23.88 42.48
N SER F 28 28.09 23.42 42.81
CA SER F 28 27.67 23.40 44.21
C SER F 28 28.78 22.80 45.05
N ASP F 29 29.26 21.63 44.63
CA ASP F 29 30.33 20.93 45.33
C ASP F 29 31.59 21.79 45.32
N LEU F 30 31.63 22.74 44.39
CA LEU F 30 32.78 23.62 44.25
C LEU F 30 32.68 24.88 45.10
N ILE F 31 31.64 25.67 44.87
CA ILE F 31 31.44 26.89 45.61
C ILE F 31 31.85 26.64 47.05
N GLN F 32 31.14 25.71 47.69
CA GLN F 32 31.40 25.34 49.07
C GLN F 32 32.90 25.37 49.35
N GLN F 33 33.62 24.34 48.89
CA GLN F 33 35.07 24.24 49.09
C GLN F 33 35.69 25.63 49.13
N PHE F 34 35.38 26.42 48.11
CA PHE F 34 35.92 27.75 48.02
C PHE F 34 35.74 28.56 49.30
N ASN F 35 34.50 28.94 49.58
CA ASN F 35 34.20 29.73 50.76
C ASN F 35 35.04 29.27 51.95
N GLN F 36 34.88 27.99 52.33
CA GLN F 36 35.63 27.40 53.45
C GLN F 36 36.97 28.09 53.60
N MET F 37 37.65 28.26 52.47
CA MET F 37 38.95 28.91 52.45
C MET F 37 38.86 30.31 53.03
N ILE F 38 38.24 31.21 52.27
CA ILE F 38 38.07 32.61 52.66
C ILE F 38 38.04 32.77 54.17
N ILE F 39 37.16 31.99 54.81
CA ILE F 39 37.02 32.03 56.27
C ILE F 39 38.36 31.88 56.96
N THR F 40 38.92 30.67 56.86
CA THR F 40 40.20 30.35 57.47
C THR F 40 41.22 31.48 57.33
N MET F 41 41.19 32.17 56.19
CA MET F 41 42.11 33.26 55.90
C MET F 41 41.87 34.57 56.66
N ASN F 42 40.94 35.37 56.15
CA ASN F 42 40.59 36.66 56.72
C ASN F 42 41.00 36.82 58.19
N GLY F 43 41.89 37.78 58.45
CA GLY F 43 42.33 38.01 59.81
C GLY F 43 43.81 37.75 59.98
N ASN F 44 44.35 36.81 59.21
CA ASN F 44 45.77 36.45 59.28
C ASN F 44 46.60 37.32 58.34
N GLU F 45 47.66 37.94 58.88
CA GLU F 45 48.54 38.81 58.10
C GLU F 45 49.77 38.07 57.58
N PHE F 46 50.11 38.32 56.31
CA PHE F 46 51.26 37.68 55.69
C PHE F 46 52.29 38.65 55.15
N GLN F 47 53.47 38.11 54.85
CA GLN F 47 54.58 38.90 54.33
C GLN F 47 55.45 38.05 53.42
N THR F 48 55.89 38.64 52.32
CA THR F 48 56.72 37.91 51.35
C THR F 48 57.85 38.75 50.77
N GLY F 49 58.85 38.04 50.25
CA GLY F 49 60.00 38.68 49.64
C GLY F 49 61.10 39.10 50.58
N GLY F 50 62.02 39.92 50.07
CA GLY F 50 63.11 40.40 50.89
C GLY F 50 64.51 40.09 50.40
N ILE F 51 64.67 39.01 49.64
CA ILE F 51 66.00 38.63 49.16
C ILE F 51 66.27 38.99 47.70
N GLY F 52 67.37 39.72 47.48
CA GLY F 52 67.74 40.13 46.12
C GLY F 52 66.95 41.32 45.59
N ASN F 53 66.54 41.23 44.33
CA ASN F 53 65.74 42.27 43.70
C ASN F 53 64.30 41.79 43.66
N LEU F 54 63.81 41.44 44.84
CA LEU F 54 62.46 40.93 45.04
C LEU F 54 61.70 41.79 46.03
N PRO F 55 60.68 42.54 45.55
CA PRO F 55 59.87 43.42 46.41
C PRO F 55 59.41 42.75 47.72
N ILE F 56 58.86 43.57 48.62
CA ILE F 56 58.38 43.08 49.92
C ILE F 56 56.97 43.61 50.13
N ARG F 57 55.95 42.84 49.76
CA ARG F 57 54.56 43.28 49.89
C ARG F 57 53.80 42.65 51.05
N ASN F 58 52.90 43.43 51.64
CA ASN F 58 52.07 42.98 52.78
C ASN F 58 50.65 42.65 52.31
N TRP F 59 50.05 41.65 52.95
CA TRP F 59 48.69 41.23 52.59
C TRP F 59 47.72 41.13 53.77
N ASN F 60 46.52 41.67 53.57
CA ASN F 60 45.47 41.66 54.60
C ASN F 60 44.18 41.14 53.98
N PHE F 61 43.31 40.55 54.81
CA PHE F 61 42.04 40.00 54.31
C PHE F 61 40.81 40.31 55.18
N ASP F 62 39.66 40.39 54.52
CA ASP F 62 38.35 40.61 55.14
C ASP F 62 37.31 40.64 54.01
N PHE F 63 37.57 39.79 53.01
CA PHE F 63 36.72 39.66 51.82
C PHE F 63 35.39 38.97 52.04
N GLY F 64 34.36 39.45 51.36
CA GLY F 64 33.04 38.87 51.48
C GLY F 64 32.97 37.46 50.93
N LEU F 65 31.83 36.79 51.13
CA LEU F 65 31.62 35.42 50.65
C LEU F 65 30.98 35.39 49.26
N LEU F 66 30.19 34.35 49.00
CA LEU F 66 29.52 34.21 47.71
C LEU F 66 28.10 33.68 47.79
N GLY F 67 27.17 34.42 47.20
CA GLY F 67 25.77 34.01 47.21
C GLY F 67 25.59 32.59 46.70
N THR F 68 24.83 31.79 47.45
CA THR F 68 24.56 30.41 47.08
C THR F 68 23.07 30.30 46.75
N THR F 69 22.58 31.31 46.04
CA THR F 69 21.18 31.36 45.65
C THR F 69 20.98 31.19 44.15
N LEU F 70 21.04 32.31 43.42
CA LEU F 70 20.86 32.34 41.97
C LEU F 70 21.01 30.99 41.28
N LEU F 71 20.08 30.69 40.39
CA LEU F 71 20.09 29.42 39.66
C LEU F 71 21.08 29.51 38.50
N ASN F 72 20.92 30.53 37.65
CA ASN F 72 21.82 30.73 36.53
C ASN F 72 22.80 31.84 36.87
N LEU F 73 24.05 31.70 36.45
CA LEU F 73 25.07 32.70 36.72
C LEU F 73 24.94 33.94 35.87
N ASP F 74 24.64 35.08 36.48
CA ASP F 74 24.50 36.32 35.72
C ASP F 74 25.87 37.02 35.70
N ALA F 75 26.19 37.61 34.55
CA ALA F 75 27.47 38.29 34.38
C ALA F 75 27.91 38.99 35.66
N ASN F 76 27.03 39.82 36.22
CA ASN F 76 27.33 40.55 37.44
C ASN F 76 27.95 39.69 38.53
N TYR F 77 27.58 38.40 38.56
CA TYR F 77 28.10 37.49 39.56
C TYR F 77 29.59 37.23 39.33
N VAL F 78 29.95 37.01 38.08
CA VAL F 78 31.33 36.75 37.73
C VAL F 78 32.25 37.87 38.20
N GLU F 79 32.16 39.02 37.53
CA GLU F 79 32.98 40.19 37.87
C GLU F 79 33.21 40.45 39.36
N THR F 80 32.17 40.33 40.18
CA THR F 80 32.30 40.56 41.62
C THR F 80 33.13 39.44 42.24
N ALA F 81 33.43 38.44 41.42
CA ALA F 81 34.21 37.29 41.85
C ALA F 81 35.63 37.39 41.30
N ARG F 82 35.75 37.59 39.99
CA ARG F 82 37.05 37.70 39.36
C ARG F 82 37.90 38.74 40.11
N ASN F 83 37.26 39.81 40.56
CA ASN F 83 37.95 40.88 41.28
C ASN F 83 38.53 40.37 42.60
N THR F 84 37.93 39.31 43.14
CA THR F 84 38.39 38.74 44.40
C THR F 84 39.42 37.65 44.14
N ILE F 85 39.40 37.08 42.95
CA ILE F 85 40.37 36.05 42.63
C ILE F 85 41.70 36.70 42.27
N ASP F 86 41.63 37.79 41.49
CA ASP F 86 42.83 38.50 41.07
C ASP F 86 43.71 39.02 42.20
N TYR F 87 43.29 38.83 43.45
CA TYR F 87 44.11 39.25 44.59
C TYR F 87 44.84 37.99 45.04
N PHE F 88 44.20 36.85 44.84
CA PHE F 88 44.79 35.57 45.22
C PHE F 88 45.81 35.15 44.17
N VAL F 89 45.51 35.46 42.92
CA VAL F 89 46.43 35.15 41.85
C VAL F 89 47.70 35.93 42.20
N ASP F 90 47.68 37.25 41.97
CA ASP F 90 48.82 38.14 42.26
C ASP F 90 49.45 37.86 43.62
N PHE F 91 48.75 37.09 44.44
CA PHE F 91 49.25 36.73 45.75
C PHE F 91 50.13 35.50 45.60
N VAL F 92 49.48 34.37 45.35
CA VAL F 92 50.17 33.11 45.19
C VAL F 92 51.49 33.26 44.43
N ASP F 93 51.48 34.05 43.35
CA ASP F 93 52.68 34.28 42.54
C ASP F 93 53.77 34.70 43.53
N ASN F 94 53.52 35.82 44.21
CA ASN F 94 54.44 36.37 45.20
C ASN F 94 54.74 35.37 46.33
N VAL F 95 53.95 34.31 46.42
CA VAL F 95 54.16 33.31 47.47
C VAL F 95 55.10 32.23 46.95
N CYS F 96 54.76 31.67 45.80
CA CYS F 96 55.59 30.63 45.22
C CYS F 96 57.01 31.15 45.12
N MET F 97 57.17 32.23 44.37
CA MET F 97 58.46 32.84 44.16
C MET F 97 59.29 32.97 45.45
N ASP F 98 58.68 33.40 46.55
CA ASP F 98 59.39 33.57 47.82
C ASP F 98 60.04 32.30 48.39
N GLU F 99 59.35 31.16 48.27
CA GLU F 99 59.88 29.89 48.77
C GLU F 99 60.57 29.12 47.64
N MET F 100 60.67 29.75 46.48
CA MET F 100 61.32 29.14 45.34
C MET F 100 62.72 29.71 45.20
N VAL F 101 63.30 30.14 46.32
CA VAL F 101 64.65 30.71 46.34
C VAL F 101 65.52 30.27 47.51
N ARG F 102 64.94 30.25 48.72
CA ARG F 102 65.67 29.83 49.91
C ARG F 102 66.12 28.37 49.80
N GLU F 103 67.26 28.07 50.39
CA GLU F 103 67.84 26.73 50.35
C GLU F 103 68.42 26.42 51.73
N SER F 104 68.42 25.17 52.16
CA SER F 104 68.99 24.84 53.47
C SER F 104 70.27 24.02 53.36
N GLN F 105 70.16 22.71 53.52
CA GLN F 105 71.30 21.79 53.43
C GLN F 105 70.82 20.48 54.03
N ARG F 106 70.69 20.45 55.35
CA ARG F 106 70.17 19.28 56.04
C ARG F 106 68.78 19.77 56.44
N ASN F 107 67.76 18.97 56.18
CA ASN F 107 66.39 19.38 56.46
C ASN F 107 66.15 20.61 55.60
N GLY F 108 66.63 20.52 54.35
CA GLY F 108 66.47 21.60 53.39
C GLY F 108 65.40 21.18 52.42
N ILE F 109 64.75 20.06 52.74
CA ILE F 109 63.68 19.47 51.94
C ILE F 109 62.34 20.03 52.38
N ALA F 110 62.35 20.80 53.47
CA ALA F 110 61.14 21.37 54.04
C ALA F 110 60.94 22.87 53.76
N PRO F 111 59.88 23.45 54.33
CA PRO F 111 59.56 24.88 54.17
C PRO F 111 60.65 25.80 54.72
N GLN F 112 60.74 27.01 54.18
CA GLN F 112 61.76 27.97 54.61
C GLN F 112 61.23 29.38 54.90
N SER F 113 60.40 29.89 53.99
CA SER F 113 59.82 31.24 54.07
C SER F 113 58.86 31.55 55.21
N ASP F 114 58.85 32.81 55.64
CA ASP F 114 57.97 33.27 56.71
C ASP F 114 56.53 33.21 56.21
N SER F 115 56.40 32.96 54.92
CA SER F 115 55.09 32.85 54.29
C SER F 115 54.59 31.43 54.44
N LEU F 116 55.40 30.46 54.04
CA LEU F 116 55.00 29.05 54.13
C LEU F 116 55.10 28.42 55.51
N ARG F 117 56.16 28.73 56.28
CA ARG F 117 56.31 28.16 57.63
C ARG F 117 55.00 28.34 58.39
N LYS F 118 54.21 29.36 58.01
CA LYS F 118 52.93 29.66 58.67
C LYS F 118 51.77 28.89 58.03
N LEU F 119 51.99 28.40 56.81
CA LEU F 119 50.98 27.64 56.09
C LEU F 119 50.86 26.21 56.57
N SER F 120 52.00 25.60 56.85
CA SER F 120 52.00 24.22 57.33
C SER F 120 51.29 24.18 58.67
N GLY F 121 51.01 25.37 59.22
CA GLY F 121 50.32 25.47 60.49
C GLY F 121 49.09 24.57 60.43
N LEU F 122 48.57 24.17 61.58
CA LEU F 122 47.41 23.28 61.62
C LEU F 122 46.08 23.91 61.25
N LYS F 123 45.81 25.11 61.80
CA LYS F 123 44.56 25.81 61.54
C LYS F 123 44.26 26.08 60.07
N PHE F 124 45.24 25.85 59.20
CA PHE F 124 45.07 26.09 57.76
C PHE F 124 44.76 24.82 56.96
N LYS F 125 45.11 23.67 57.52
CA LYS F 125 44.91 22.38 56.84
C LYS F 125 43.50 22.18 56.28
N ARG F 126 42.53 22.96 56.75
CA ARG F 126 41.14 22.84 56.30
C ARG F 126 40.92 23.25 54.84
N ILE F 127 41.82 22.84 53.93
CA ILE F 127 41.64 23.23 52.54
C ILE F 127 41.91 22.19 51.47
N ASN F 128 42.82 21.25 51.73
CA ASN F 128 43.16 20.20 50.77
C ASN F 128 42.01 19.76 49.87
N PHE F 129 42.31 19.37 48.64
CA PHE F 129 41.29 18.93 47.68
C PHE F 129 41.85 18.53 46.30
N ASP F 130 41.11 17.69 45.57
CA ASP F 130 41.49 17.18 44.22
C ASP F 130 43.00 17.19 43.93
N ASN F 131 43.72 16.21 44.46
CA ASN F 131 45.16 16.09 44.25
C ASN F 131 45.48 15.25 43.01
N SER F 132 44.96 15.62 41.85
CA SER F 132 45.23 14.85 40.64
C SER F 132 46.35 15.41 39.75
N SER F 133 47.14 16.34 40.27
CA SER F 133 48.25 16.94 39.52
C SER F 133 49.53 16.11 39.73
N GLU F 134 49.81 15.29 38.73
CA GLU F 134 50.96 14.39 38.70
C GLU F 134 52.02 14.65 39.77
N TYR F 135 52.40 15.91 39.98
CA TYR F 135 53.43 16.22 40.96
C TYR F 135 53.08 16.12 42.44
N ILE F 136 51.90 16.60 42.79
CA ILE F 136 51.50 16.51 44.18
C ILE F 136 51.27 15.03 44.44
N GLU F 137 50.62 14.36 43.48
CA GLU F 137 50.32 12.92 43.59
C GLU F 137 51.59 12.24 44.09
N ASN F 138 52.73 12.69 43.57
CA ASN F 138 54.00 12.12 43.95
C ASN F 138 54.60 12.73 45.20
N TRP F 139 54.29 13.98 45.50
CA TRP F 139 54.83 14.55 46.72
C TRP F 139 54.34 13.73 47.91
N ASN F 140 53.02 13.59 48.04
CA ASN F 140 52.42 12.83 49.14
C ASN F 140 53.05 11.45 49.33
N LEU F 141 52.90 10.59 48.33
CA LEU F 141 53.43 9.22 48.37
C LEU F 141 54.86 9.15 48.90
N GLN F 142 55.58 10.26 48.78
CA GLN F 142 56.96 10.33 49.23
C GLN F 142 57.05 10.68 50.70
N ASN F 143 56.24 11.64 51.12
CA ASN F 143 56.20 12.11 52.51
C ASN F 143 55.98 10.90 53.42
N ARG F 144 54.96 10.12 53.10
CA ARG F 144 54.63 8.93 53.88
C ARG F 144 55.79 7.95 53.80
N ARG F 145 56.15 7.62 52.55
CA ARG F 145 57.23 6.70 52.20
C ARG F 145 56.69 5.61 51.27
N GLN F 146 56.95 5.77 49.97
CA GLN F 146 56.49 4.78 48.99
C GLN F 146 57.32 4.85 47.71
N ARG F 147 56.89 4.11 46.68
CA ARG F 147 57.57 4.09 45.40
C ARG F 147 57.01 5.17 44.50
N THR F 148 57.65 6.33 44.52
CA THR F 148 57.26 7.50 43.73
C THR F 148 57.29 7.25 42.21
N GLY F 149 57.73 8.24 41.44
CA GLY F 149 57.80 8.08 39.98
C GLY F 149 57.23 9.18 39.08
N PHE F 150 57.96 9.52 38.02
CA PHE F 150 57.53 10.55 37.06
C PHE F 150 57.73 10.08 35.62
N THR F 151 57.09 10.76 34.67
CA THR F 151 57.20 10.42 33.25
C THR F 151 57.97 11.49 32.48
N PHE F 152 59.03 11.07 31.79
CA PHE F 152 59.88 11.98 31.02
C PHE F 152 60.11 11.59 29.56
N HIS F 153 60.18 12.60 28.69
CA HIS F 153 60.44 12.43 27.27
C HIS F 153 61.83 13.01 27.06
N LYS F 154 62.71 12.25 26.39
CA LYS F 154 64.11 12.66 26.17
C LYS F 154 64.60 13.32 27.48
N PRO F 155 64.67 12.54 28.59
CA PRO F 155 65.11 12.97 29.93
C PRO F 155 66.48 13.61 29.92
N ASN F 156 66.94 14.17 31.04
CA ASN F 156 68.26 14.79 30.99
C ASN F 156 69.12 14.17 32.09
N ILE F 157 69.59 12.96 31.82
CA ILE F 157 70.34 12.18 32.78
C ILE F 157 71.85 12.25 32.64
N PHE F 158 72.33 12.54 31.43
CA PHE F 158 73.78 12.61 31.21
C PHE F 158 74.38 14.00 31.29
N PRO F 159 75.28 14.23 32.27
CA PRO F 159 75.87 15.55 32.32
C PRO F 159 76.70 15.68 31.05
N TYR F 160 76.80 16.89 30.51
CA TYR F 160 77.55 17.08 29.29
C TYR F 160 78.98 16.57 29.48
N SER F 161 79.44 15.76 28.55
CA SER F 161 80.79 15.23 28.58
C SER F 161 81.17 14.96 27.15
N ALA F 162 82.20 15.63 26.67
CA ALA F 162 82.67 15.42 25.31
C ALA F 162 84.17 15.25 25.41
N SER F 163 84.68 14.05 25.17
CA SER F 163 86.12 13.83 25.30
C SER F 163 86.60 12.61 24.50
N PHE F 164 87.84 12.19 24.74
CA PHE F 164 88.41 11.02 24.06
C PHE F 164 89.42 10.34 24.98
N THR F 165 89.81 9.14 24.61
CA THR F 165 90.80 8.40 25.37
C THR F 165 91.63 7.70 24.34
N LEU F 166 92.92 8.03 24.31
CA LEU F 166 93.84 7.39 23.38
C LEU F 166 94.49 6.17 24.02
N ASN F 167 94.11 4.99 23.55
CA ASN F 167 94.66 3.77 24.10
C ASN F 167 96.05 3.44 23.52
N ARG F 168 96.33 3.97 22.34
CA ARG F 168 97.63 3.83 21.68
C ARG F 168 97.86 5.17 21.04
N SER F 169 98.97 5.81 21.37
CA SER F 169 99.29 7.11 20.79
C SER F 169 100.78 7.27 20.84
N GLN F 170 101.26 8.27 20.12
CA GLN F 170 102.66 8.57 20.07
C GLN F 170 102.70 10.06 19.75
N PRO F 171 103.82 10.73 20.03
CA PRO F 171 103.99 12.17 19.78
C PRO F 171 103.42 12.70 18.45
N ALA F 172 103.72 12.04 17.35
CA ALA F 172 103.24 12.48 16.04
C ALA F 172 101.71 12.32 15.85
N HIS F 173 101.09 11.49 16.69
CA HIS F 173 99.65 11.21 16.62
C HIS F 173 99.29 10.80 15.20
N ASP F 174 100.07 9.89 14.65
CA ASP F 174 99.87 9.40 13.30
C ASP F 174 99.40 7.94 13.25
N ASN F 175 99.29 7.32 14.43
CA ASN F 175 98.80 5.94 14.52
C ASN F 175 98.14 5.73 15.90
N LEU F 176 96.96 6.34 16.06
CA LEU F 176 96.20 6.29 17.30
C LEU F 176 95.15 5.23 17.31
N MET F 177 94.71 4.88 18.51
CA MET F 177 93.65 3.91 18.71
C MET F 177 92.98 4.33 20.02
N GLY F 178 91.66 4.43 20.01
CA GLY F 178 90.95 4.83 21.21
C GLY F 178 89.50 5.13 20.92
N THR F 179 88.87 5.89 21.82
CA THR F 179 87.48 6.24 21.63
C THR F 179 87.25 7.71 21.92
N MET F 180 86.20 8.26 21.34
CA MET F 180 85.81 9.64 21.57
C MET F 180 84.28 9.59 21.70
N TRP F 181 83.72 10.48 22.50
CA TRP F 181 82.29 10.44 22.74
C TRP F 181 81.69 11.77 23.10
N LEU F 182 80.36 11.77 23.15
CA LEU F 182 79.55 12.90 23.59
C LEU F 182 78.37 12.28 24.36
N ASN F 183 78.36 12.53 25.65
CA ASN F 183 77.23 12.15 26.51
C ASN F 183 76.55 13.45 26.89
N ALA F 184 75.29 13.58 26.56
CA ALA F 184 74.58 14.83 26.87
C ALA F 184 73.08 14.61 26.86
N GLY F 185 72.42 14.99 27.95
CA GLY F 185 70.99 14.84 28.02
C GLY F 185 70.56 13.39 28.07
N SER F 186 69.87 12.97 27.02
CA SER F 186 69.39 11.61 26.93
C SER F 186 70.15 10.84 25.85
N GLU F 187 71.22 11.45 25.31
CA GLU F 187 71.94 10.80 24.24
C GLU F 187 73.42 10.51 24.44
N ILE F 188 73.87 9.44 23.82
CA ILE F 188 75.26 9.03 23.86
C ILE F 188 75.67 8.71 22.44
N GLN F 189 76.82 9.22 22.02
CA GLN F 189 77.39 8.85 20.71
C GLN F 189 78.83 8.51 21.07
N VAL F 190 79.30 7.38 20.59
CA VAL F 190 80.67 6.98 20.88
C VAL F 190 81.26 6.32 19.66
N ALA F 191 82.51 6.65 19.35
CA ALA F 191 83.22 6.08 18.23
C ALA F 191 84.53 5.48 18.72
N GLY F 192 84.89 4.36 18.10
CA GLY F 192 86.14 3.70 18.39
C GLY F 192 86.92 3.81 17.08
N PHE F 193 88.16 4.27 17.16
CA PHE F 193 89.01 4.43 15.97
C PHE F 193 90.34 3.68 16.15
N ASP F 194 90.87 3.19 15.02
CA ASP F 194 92.15 2.46 15.00
C ASP F 194 92.80 2.85 13.69
N TYR F 195 93.76 3.77 13.74
CA TYR F 195 94.45 4.23 12.54
C TYR F 195 95.05 3.08 11.71
N SER F 196 95.47 2.01 12.38
CA SER F 196 96.08 0.85 11.71
C SER F 196 95.08 -0.14 11.10
N CYS F 197 93.78 0.08 11.32
CA CYS F 197 92.72 -0.81 10.83
C CYS F 197 92.98 -2.26 11.26
N ALA F 198 93.38 -2.40 12.52
CA ALA F 198 93.65 -3.70 13.14
C ALA F 198 94.62 -4.60 12.34
N ILE F 199 95.56 -3.98 11.61
CA ILE F 199 96.54 -4.71 10.78
C ILE F 199 97.39 -5.73 11.59
N ASN F 200 97.76 -5.37 12.82
CA ASN F 200 98.56 -6.22 13.71
C ASN F 200 97.76 -6.70 14.90
N ALA F 201 96.43 -6.54 14.87
CA ALA F 201 95.60 -6.96 16.00
C ALA F 201 95.18 -8.43 15.89
N PRO F 202 95.06 -9.11 17.04
CA PRO F 202 94.65 -10.51 17.09
C PRO F 202 93.28 -10.67 16.40
N ALA F 203 93.23 -11.57 15.43
CA ALA F 203 92.01 -11.81 14.66
C ALA F 203 91.64 -10.58 13.84
N ASN F 204 92.58 -9.65 13.68
CA ASN F 204 92.38 -8.40 12.95
C ASN F 204 91.13 -7.67 13.45
N THR F 205 90.94 -7.73 14.76
CA THR F 205 89.80 -7.12 15.42
C THR F 205 90.26 -6.28 16.61
N GLN F 206 89.78 -5.04 16.69
CA GLN F 206 90.11 -4.17 17.80
C GLN F 206 88.83 -4.00 18.62
N GLN F 207 88.90 -4.29 19.91
CA GLN F 207 87.74 -4.16 20.77
C GLN F 207 87.62 -2.75 21.34
N PHE F 208 86.39 -2.27 21.49
CA PHE F 208 86.12 -0.96 22.08
C PHE F 208 85.04 -1.11 23.13
N GLU F 209 84.95 -0.14 24.01
CA GLU F 209 83.97 -0.21 25.06
C GLU F 209 83.71 1.21 25.57
N HIS F 210 82.46 1.50 25.92
CA HIS F 210 82.12 2.80 26.45
C HIS F 210 81.14 2.54 27.59
N ILE F 211 81.49 3.02 28.78
CA ILE F 211 80.64 2.84 29.95
C ILE F 211 80.13 4.18 30.46
N VAL F 212 78.84 4.26 30.75
CA VAL F 212 78.24 5.49 31.25
C VAL F 212 77.47 5.16 32.50
N GLN F 213 77.82 5.82 33.60
CA GLN F 213 77.17 5.60 34.87
C GLN F 213 76.15 6.68 35.18
N LEU F 214 74.88 6.31 35.27
CA LEU F 214 73.84 7.29 35.55
C LEU F 214 73.89 7.67 37.00
N ARG F 215 73.53 8.91 37.32
CA ARG F 215 73.51 9.38 38.70
C ARG F 215 72.25 8.92 39.40
N ARG F 216 71.26 8.49 38.62
CA ARG F 216 70.01 7.99 39.18
C ARG F 216 69.58 6.84 38.26
N VAL F 217 68.88 5.88 38.84
CA VAL F 217 68.39 4.73 38.10
C VAL F 217 67.22 5.18 37.22
N LEU F 218 67.18 4.65 36.01
CA LEU F 218 66.08 4.92 35.14
C LEU F 218 65.38 3.57 34.98
N THR F 219 64.06 3.59 35.00
CA THR F 219 63.29 2.39 34.78
C THR F 219 62.37 2.61 33.58
N THR F 220 61.85 1.52 33.02
CA THR F 220 60.91 1.58 31.89
C THR F 220 61.34 2.52 30.74
N ALA F 221 62.63 2.47 30.40
CA ALA F 221 63.20 3.27 29.32
C ALA F 221 63.00 2.67 27.92
N THR F 222 62.50 3.51 27.03
CA THR F 222 62.35 3.17 25.61
C THR F 222 63.53 3.83 24.93
N ILE F 223 64.35 3.01 24.30
CA ILE F 223 65.61 3.49 23.75
C ILE F 223 65.84 3.18 22.26
N THR F 224 66.43 4.13 21.54
CA THR F 224 66.76 3.96 20.13
C THR F 224 68.26 3.71 20.10
N LEU F 225 68.68 2.64 19.45
CA LEU F 225 70.10 2.31 19.34
C LEU F 225 70.35 2.18 17.86
N LEU F 226 71.32 2.91 17.37
CA LEU F 226 71.64 2.87 15.94
C LEU F 226 73.13 2.71 15.74
N PRO F 227 73.54 2.07 14.66
CA PRO F 227 74.98 1.91 14.44
C PRO F 227 75.47 3.25 13.89
N ASP F 228 76.77 3.51 14.07
CA ASP F 228 77.44 4.73 13.61
C ASP F 228 77.27 5.92 14.55
N ALA F 229 78.31 6.75 14.61
CA ALA F 229 78.30 7.96 15.41
C ALA F 229 78.58 9.07 14.41
N GLU F 230 77.53 9.67 13.85
CA GLU F 230 77.68 10.72 12.85
C GLU F 230 78.55 11.87 13.34
N ARG F 231 78.42 12.19 14.61
CA ARG F 231 79.19 13.26 15.21
C ARG F 231 80.72 13.04 15.08
N PHE F 232 81.14 11.79 14.98
CA PHE F 232 82.56 11.48 14.88
C PHE F 232 82.89 10.80 13.56
N SER F 233 82.18 11.21 12.51
CA SER F 233 82.39 10.61 11.21
C SER F 233 83.03 11.58 10.24
N PHE F 234 83.41 12.74 10.73
CA PHE F 234 84.04 13.72 9.86
C PHE F 234 85.45 14.12 10.33
N PRO F 235 86.27 14.68 9.41
CA PRO F 235 87.64 15.10 9.70
C PRO F 235 87.71 16.15 10.78
N ARG F 236 88.64 15.94 11.71
CA ARG F 236 88.79 16.86 12.81
C ARG F 236 90.27 17.07 13.13
N VAL F 237 90.50 18.23 13.67
CA VAL F 237 91.79 18.62 14.23
C VAL F 237 91.48 18.81 15.71
N ILE F 238 92.09 17.98 16.51
CA ILE F 238 91.77 17.94 17.95
C ILE F 238 92.98 18.28 18.83
N ASN F 239 92.73 18.80 20.02
CA ASN F 239 93.82 19.11 20.92
C ASN F 239 94.29 17.81 21.54
N SER F 240 95.59 17.71 21.77
CA SER F 240 96.18 16.53 22.38
C SER F 240 95.73 16.46 23.84
N ALA F 241 95.87 15.29 24.46
CA ALA F 241 95.47 15.13 25.85
C ALA F 241 96.10 16.17 26.79
N ASP F 242 97.37 16.50 26.57
CA ASP F 242 98.08 17.47 27.41
C ASP F 242 97.93 18.93 26.98
N GLY F 243 97.17 19.13 25.92
CA GLY F 243 96.94 20.47 25.39
C GLY F 243 98.13 21.12 24.69
N ALA F 244 99.23 20.37 24.58
CA ALA F 244 100.44 20.91 23.95
C ALA F 244 100.45 20.99 22.42
N THR F 245 99.59 20.21 21.75
CA THR F 245 99.55 20.22 20.28
C THR F 245 98.18 19.75 19.76
N THR F 246 98.08 19.58 18.45
CA THR F 246 96.84 19.13 17.83
C THR F 246 97.09 17.95 16.88
N TRP F 247 96.16 17.00 16.89
CA TRP F 247 96.23 15.82 16.03
C TRP F 247 95.12 15.84 14.97
N TYR F 248 95.32 15.04 13.92
CA TYR F 248 94.37 14.97 12.84
C TYR F 248 93.59 13.65 12.82
N PHE F 249 92.26 13.76 12.73
CA PHE F 249 91.39 12.59 12.69
C PHE F 249 90.70 12.65 11.32
N ASN F 250 90.92 11.63 10.52
CA ASN F 250 90.35 11.55 9.19
C ASN F 250 89.59 10.23 9.07
N PRO F 251 88.40 10.11 9.66
CA PRO F 251 87.65 8.85 9.68
C PRO F 251 87.07 8.39 8.36
N VAL F 252 87.01 7.07 8.30
CA VAL F 252 86.32 6.27 7.27
C VAL F 252 85.54 5.24 8.10
N ILE F 253 84.25 5.15 7.86
CA ILE F 253 83.39 4.35 8.74
C ILE F 253 83.08 2.94 8.27
N LEU F 254 83.16 2.00 9.19
CA LEU F 254 82.86 0.59 8.94
C LEU F 254 81.75 0.21 9.93
N ARG F 255 81.02 -0.86 9.65
CA ARG F 255 79.95 -1.24 10.57
C ARG F 255 80.50 -1.77 11.86
N PRO F 256 79.92 -1.37 12.98
CA PRO F 256 80.43 -1.87 14.24
C PRO F 256 80.13 -3.38 14.29
N ASN F 257 81.15 -4.13 14.67
CA ASN F 257 81.11 -5.59 14.75
C ASN F 257 80.88 -6.08 16.21
N ASN F 258 80.07 -7.12 16.38
CA ASN F 258 79.76 -7.69 17.70
C ASN F 258 79.29 -6.69 18.73
N VAL F 259 78.32 -5.89 18.33
CA VAL F 259 77.76 -4.87 19.20
C VAL F 259 77.01 -5.55 20.34
N GLU F 260 77.30 -5.11 21.55
CA GLU F 260 76.62 -5.62 22.73
C GLU F 260 76.34 -4.48 23.69
N VAL F 261 75.05 -4.25 23.99
CA VAL F 261 74.68 -3.20 24.91
C VAL F 261 74.19 -3.85 26.17
N GLU F 262 74.74 -3.44 27.30
CA GLU F 262 74.27 -3.98 28.56
C GLU F 262 73.78 -2.85 29.43
N PHE F 263 72.62 -3.06 30.03
CA PHE F 263 72.01 -2.10 30.94
C PHE F 263 72.16 -2.82 32.26
N LEU F 264 73.01 -2.30 33.11
CA LEU F 264 73.29 -2.93 34.39
C LEU F 264 72.70 -2.18 35.54
N LEU F 265 72.45 -2.89 36.63
CA LEU F 265 71.93 -2.31 37.84
C LEU F 265 72.81 -2.88 38.94
N ASN F 266 73.54 -2.02 39.63
CA ASN F 266 74.42 -2.47 40.72
C ASN F 266 75.38 -3.59 40.26
N GLY F 267 75.91 -3.46 39.05
CA GLY F 267 76.84 -4.44 38.54
C GLY F 267 76.23 -5.64 37.88
N GLN F 268 74.92 -5.81 38.01
CA GLN F 268 74.24 -6.94 37.40
C GLN F 268 73.64 -6.57 36.05
N ILE F 269 73.75 -7.48 35.08
CA ILE F 269 73.15 -7.26 33.77
C ILE F 269 71.63 -7.45 33.93
N ILE F 270 70.86 -6.41 33.62
CA ILE F 270 69.41 -6.50 33.71
C ILE F 270 68.93 -6.73 32.28
N ASN F 271 69.49 -6.01 31.31
CA ASN F 271 69.11 -6.19 29.92
C ASN F 271 70.37 -6.25 29.08
N THR F 272 70.38 -7.11 28.08
CA THR F 272 71.50 -7.20 27.18
C THR F 272 70.96 -7.41 25.78
N TYR F 273 71.54 -6.69 24.83
CA TYR F 273 71.14 -6.75 23.43
C TYR F 273 72.39 -6.91 22.55
N GLN F 274 72.34 -7.90 21.68
CA GLN F 274 73.47 -8.19 20.80
C GLN F 274 73.12 -7.75 19.42
N ALA F 275 73.80 -6.70 18.97
CA ALA F 275 73.60 -6.19 17.62
C ALA F 275 72.17 -5.90 17.23
N ARG F 276 71.37 -5.43 18.19
CA ARG F 276 69.99 -5.12 17.88
C ARG F 276 69.80 -3.62 17.76
N PHE F 277 69.61 -3.14 16.53
CA PHE F 277 69.43 -1.71 16.29
C PHE F 277 67.94 -1.41 16.14
N GLY F 278 67.53 -0.21 16.51
CA GLY F 278 66.13 0.14 16.42
C GLY F 278 65.65 0.44 17.84
N THR F 279 64.45 0.01 18.17
CA THR F 279 63.91 0.28 19.50
C THR F 279 64.05 -0.90 20.46
N ILE F 280 64.68 -0.64 21.60
CA ILE F 280 64.89 -1.65 22.65
C ILE F 280 64.44 -1.08 24.00
N ILE F 281 64.04 -1.97 24.90
CA ILE F 281 63.59 -1.59 26.24
C ILE F 281 64.62 -1.95 27.33
N ALA F 282 64.93 -0.99 28.21
CA ALA F 282 65.86 -1.22 29.31
C ALA F 282 64.97 -0.95 30.52
N ARG F 283 64.61 -1.99 31.26
CA ARG F 283 63.59 -1.83 32.30
C ARG F 283 64.06 -1.27 33.67
N ASN F 284 65.33 -1.31 33.96
CA ASN F 284 65.82 -0.84 35.28
C ASN F 284 67.34 -0.88 35.25
N PHE F 285 67.98 0.27 35.26
CA PHE F 285 69.44 0.29 35.16
C PHE F 285 70.04 1.59 35.68
N ASP F 286 71.30 1.52 36.12
CA ASP F 286 72.02 2.69 36.60
C ASP F 286 73.31 2.82 35.81
N THR F 287 73.52 1.92 34.85
CA THR F 287 74.72 1.93 34.04
C THR F 287 74.46 1.37 32.65
N ILE F 288 75.09 1.95 31.66
CA ILE F 288 75.00 1.47 30.29
C ILE F 288 76.41 1.15 29.85
N ARG F 289 76.59 -0.01 29.24
CA ARG F 289 77.89 -0.40 28.75
C ARG F 289 77.74 -0.77 27.28
N LEU F 290 78.46 -0.07 26.42
CA LEU F 290 78.41 -0.34 24.99
C LEU F 290 79.75 -0.94 24.57
N SER F 291 79.72 -2.16 24.03
CA SER F 291 80.94 -2.84 23.57
C SER F 291 80.74 -3.06 22.11
N PHE F 292 81.77 -2.78 21.33
CA PHE F 292 81.72 -2.93 19.88
C PHE F 292 83.15 -3.08 19.37
N GLN F 293 83.29 -3.62 18.17
CA GLN F 293 84.60 -3.88 17.60
C GLN F 293 84.76 -3.37 16.20
N LEU F 294 86.02 -3.19 15.81
CA LEU F 294 86.37 -2.82 14.46
C LEU F 294 87.03 -4.08 13.94
N MET F 295 86.51 -4.64 12.88
CA MET F 295 87.15 -5.82 12.34
C MET F 295 87.67 -5.46 10.98
N ARG F 296 88.97 -5.66 10.76
CA ARG F 296 89.56 -5.36 9.46
C ARG F 296 88.83 -6.20 8.41
N PRO F 297 88.34 -5.57 7.33
CA PRO F 297 87.63 -6.32 6.28
C PRO F 297 88.53 -7.42 5.72
N PRO F 298 88.07 -8.67 5.78
CA PRO F 298 88.89 -9.77 5.25
C PRO F 298 89.03 -9.72 3.73
N ASN F 299 88.05 -9.13 3.05
CA ASN F 299 88.06 -9.01 1.59
C ASN F 299 87.84 -7.58 1.22
N MET F 300 88.73 -7.04 0.41
CA MET F 300 88.66 -5.63 0.02
C MET F 300 88.80 -5.37 -1.45
N THR F 301 87.92 -4.56 -2.02
CA THR F 301 88.06 -4.20 -3.44
C THR F 301 89.30 -3.28 -3.46
N PRO F 302 89.90 -3.04 -4.64
CA PRO F 302 91.09 -2.17 -4.74
C PRO F 302 90.94 -0.83 -4.02
N ALA F 303 89.82 -0.15 -4.26
CA ALA F 303 89.57 1.16 -3.65
C ALA F 303 89.63 1.08 -2.13
N VAL F 304 89.14 -0.02 -1.56
CA VAL F 304 89.17 -0.19 -0.11
C VAL F 304 90.59 -0.54 0.35
N ALA F 305 91.19 -1.52 -0.34
CA ALA F 305 92.54 -1.97 -0.02
C ALA F 305 93.52 -0.79 0.04
N ALA F 306 93.32 0.17 -0.84
CA ALA F 306 94.16 1.37 -0.94
C ALA F 306 94.11 2.27 0.30
N LEU F 307 93.04 2.16 1.08
CA LEU F 307 92.89 3.00 2.26
C LEU F 307 93.66 2.43 3.42
N PHE F 308 93.85 1.11 3.40
CA PHE F 308 94.49 0.37 4.49
C PHE F 308 95.78 -0.38 4.14
N PRO F 309 96.92 0.33 4.05
CA PRO F 309 98.22 -0.25 3.72
C PRO F 309 98.81 -1.08 4.85
N ASN F 310 99.83 -1.86 4.54
CA ASN F 310 100.46 -2.69 5.56
C ASN F 310 101.40 -1.88 6.43
N ALA F 311 101.82 -0.73 5.93
CA ALA F 311 102.74 0.14 6.65
C ALA F 311 102.26 1.59 6.65
N GLN F 312 102.70 2.34 7.66
CA GLN F 312 102.36 3.76 7.77
C GLN F 312 102.99 4.44 6.57
N PRO F 313 102.55 5.67 6.24
CA PRO F 313 101.51 6.45 6.92
C PRO F 313 100.07 5.93 6.77
N PHE F 314 99.34 6.01 7.88
CA PHE F 314 97.94 5.59 7.89
C PHE F 314 97.16 6.89 7.67
N GLU F 315 96.60 7.02 6.48
CA GLU F 315 95.89 8.25 6.12
C GLU F 315 94.38 8.24 6.22
N HIS F 316 93.79 7.06 6.27
CA HIS F 316 92.35 6.91 6.40
C HIS F 316 92.20 6.13 7.67
N HIS F 317 91.49 6.71 8.63
CA HIS F 317 91.34 6.12 9.94
C HIS F 317 90.04 5.37 10.21
N ALA F 318 90.14 4.03 10.23
CA ALA F 318 89.00 3.14 10.45
C ALA F 318 88.29 3.49 11.74
N THR F 319 86.99 3.70 11.62
CA THR F 319 86.15 4.10 12.73
C THR F 319 84.83 3.36 12.74
N VAL F 320 84.41 2.91 13.92
CA VAL F 320 83.13 2.23 14.13
C VAL F 320 82.45 2.99 15.27
N GLY F 321 81.13 3.07 15.25
CA GLY F 321 80.44 3.80 16.31
C GLY F 321 79.03 3.35 16.61
N LEU F 322 78.44 3.96 17.64
CA LEU F 322 77.08 3.66 18.07
C LEU F 322 76.42 4.95 18.54
N THR F 323 75.10 5.01 18.43
CA THR F 323 74.31 6.14 18.90
C THR F 323 73.17 5.55 19.71
N LEU F 324 72.99 6.05 20.92
CA LEU F 324 71.94 5.56 21.81
C LEU F 324 71.14 6.75 22.33
N ARG F 325 69.82 6.71 22.20
CA ARG F 325 68.98 7.80 22.71
C ARG F 325 67.84 7.28 23.58
N ILE F 326 67.72 7.83 24.78
CA ILE F 326 66.65 7.43 25.68
C ILE F 326 65.47 8.33 25.36
N GLU F 327 64.48 7.79 24.66
CA GLU F 327 63.29 8.56 24.28
C GLU F 327 62.42 8.90 25.48
N SER F 328 62.18 7.92 26.34
CA SER F 328 61.36 8.14 27.51
C SER F 328 61.83 7.18 28.58
N ALA F 329 61.52 7.54 29.83
CA ALA F 329 61.88 6.71 30.97
C ALA F 329 61.20 7.24 32.20
N VAL F 330 61.23 6.44 33.26
CA VAL F 330 60.66 6.84 34.53
C VAL F 330 61.82 6.94 35.52
N CYS F 331 61.79 7.93 36.40
CA CYS F 331 62.83 8.04 37.41
C CYS F 331 62.15 8.34 38.73
N GLU F 332 62.70 7.78 39.79
CA GLU F 332 62.16 8.01 41.12
C GLU F 332 62.55 9.41 41.62
N SER F 333 63.54 10.04 40.98
CA SER F 333 64.00 11.39 41.36
C SER F 333 63.62 12.39 40.27
N VAL F 334 63.34 13.63 40.64
CA VAL F 334 63.01 14.62 39.63
C VAL F 334 64.25 14.85 38.76
N LEU F 335 64.03 15.12 37.48
CA LEU F 335 65.11 15.40 36.53
C LEU F 335 64.56 16.39 35.55
N ALA F 336 65.45 17.05 34.82
CA ALA F 336 65.03 17.93 33.75
C ALA F 336 64.82 16.96 32.55
N ASP F 337 63.96 17.32 31.61
CA ASP F 337 63.76 16.50 30.41
C ASP F 337 63.46 17.48 29.24
N ALA F 338 63.05 16.96 28.08
CA ALA F 338 62.82 17.83 26.92
C ALA F 338 61.42 18.43 26.80
N SER F 339 60.54 18.13 27.77
CA SER F 339 59.18 18.64 27.71
C SER F 339 58.72 19.50 28.88
N GLU F 340 59.12 19.15 30.09
CA GLU F 340 58.72 19.87 31.28
C GLU F 340 59.45 21.19 31.43
N THR F 341 58.74 22.20 31.93
CA THR F 341 59.29 23.54 32.10
C THR F 341 59.78 23.84 33.51
N MET F 342 59.72 22.85 34.41
CA MET F 342 60.14 23.06 35.80
C MET F 342 61.50 23.67 36.00
N LEU F 343 62.54 23.04 35.45
CA LEU F 343 63.88 23.58 35.60
C LEU F 343 63.92 25.00 35.07
N ALA F 344 63.36 25.21 33.89
CA ALA F 344 63.34 26.54 33.27
C ALA F 344 62.58 27.56 34.11
N ASN F 345 61.48 27.14 34.77
CA ASN F 345 60.69 28.06 35.61
C ASN F 345 61.50 28.51 36.82
N VAL F 346 62.08 27.54 37.52
CA VAL F 346 62.89 27.82 38.71
C VAL F 346 64.07 28.68 38.34
N THR F 347 64.79 28.30 37.28
CA THR F 347 65.96 29.02 36.84
C THR F 347 65.56 30.43 36.41
N SER F 348 64.43 30.56 35.71
CA SER F 348 63.97 31.85 35.24
C SER F 348 63.56 32.81 36.36
N VAL F 349 62.84 32.31 37.36
CA VAL F 349 62.43 33.19 38.44
C VAL F 349 63.66 33.69 39.17
N ARG F 350 64.61 32.81 39.45
CA ARG F 350 65.84 33.21 40.13
C ARG F 350 66.65 34.25 39.35
N GLN F 351 66.75 34.07 38.03
CA GLN F 351 67.48 35.00 37.16
C GLN F 351 66.79 36.36 37.09
N GLU F 352 65.48 36.35 36.89
CA GLU F 352 64.73 37.61 36.79
C GLU F 352 64.85 38.47 38.05
N TYR F 353 64.81 37.84 39.23
CA TYR F 353 64.91 38.59 40.47
C TYR F 353 66.29 38.69 41.05
N ALA F 354 67.31 38.44 40.23
CA ALA F 354 68.68 38.54 40.67
C ALA F 354 68.96 37.86 42.01
N ILE F 355 68.42 36.64 42.18
CA ILE F 355 68.61 35.90 43.42
C ILE F 355 70.08 35.48 43.55
N PRO F 356 70.72 35.81 44.69
CA PRO F 356 72.13 35.46 44.93
C PRO F 356 72.36 33.94 44.95
N VAL F 357 73.55 33.49 44.58
CA VAL F 357 73.89 32.06 44.62
C VAL F 357 73.73 31.64 46.08
N GLY F 358 73.15 30.47 46.30
CA GLY F 358 72.95 29.99 47.66
C GLY F 358 73.91 28.87 48.00
N PRO F 359 73.68 28.18 49.12
CA PRO F 359 74.55 27.09 49.54
C PRO F 359 74.27 25.72 48.91
N VAL F 360 73.12 25.54 48.27
CA VAL F 360 72.77 24.24 47.71
C VAL F 360 73.00 24.09 46.22
N PHE F 361 72.34 24.94 45.43
CA PHE F 361 72.41 24.84 43.97
C PHE F 361 73.62 25.50 43.30
N PRO F 362 74.13 24.88 42.19
CA PRO F 362 75.28 25.46 41.49
C PRO F 362 74.88 26.80 40.89
N PRO F 363 75.85 27.68 40.65
CA PRO F 363 75.51 28.98 40.05
C PRO F 363 74.67 28.77 38.77
N GLY F 364 73.61 29.56 38.66
CA GLY F 364 72.71 29.53 37.52
C GLY F 364 71.85 28.29 37.40
N MET F 365 71.77 27.49 38.47
CA MET F 365 71.02 26.23 38.44
C MET F 365 71.59 25.39 37.31
N ASN F 366 72.89 25.51 37.01
CA ASN F 366 73.51 24.77 35.89
C ASN F 366 73.19 23.28 35.92
N TRP F 367 72.51 22.79 34.89
CA TRP F 367 72.12 21.39 34.90
C TRP F 367 73.27 20.43 34.96
N THR F 368 74.26 20.60 34.10
CA THR F 368 75.39 19.68 34.14
C THR F 368 75.99 19.60 35.55
N ASP F 369 76.26 20.75 36.17
CA ASP F 369 76.84 20.73 37.51
C ASP F 369 75.90 20.07 38.51
N LEU F 370 74.62 20.35 38.38
CA LEU F 370 73.65 19.77 39.29
C LEU F 370 73.60 18.25 39.22
N ILE F 371 73.42 17.70 38.03
CA ILE F 371 73.33 16.26 37.84
C ILE F 371 74.68 15.56 38.10
N THR F 372 75.80 16.24 37.90
CA THR F 372 77.11 15.64 38.14
C THR F 372 77.28 15.34 39.64
N ASN F 373 76.83 16.26 40.48
CA ASN F 373 76.93 16.08 41.92
C ASN F 373 75.55 16.22 42.49
N TYR F 374 74.69 15.26 42.14
CA TYR F 374 73.30 15.25 42.54
C TYR F 374 73.15 14.71 43.96
N SER F 375 73.56 15.51 44.93
CA SER F 375 73.48 15.10 46.33
C SER F 375 72.04 14.99 46.83
N PRO F 376 71.85 14.33 47.98
CA PRO F 376 70.50 14.21 48.52
C PRO F 376 69.90 15.60 48.76
N SER F 377 70.72 16.52 49.28
CA SER F 377 70.24 17.87 49.55
C SER F 377 69.79 18.57 48.26
N ARG F 378 70.58 18.48 47.21
CA ARG F 378 70.19 19.10 45.96
C ARG F 378 68.88 18.48 45.44
N GLU F 379 68.72 17.16 45.57
CA GLU F 379 67.51 16.51 45.11
C GLU F 379 66.27 16.90 45.91
N ASP F 380 66.41 16.97 47.23
CA ASP F 380 65.26 17.37 48.06
C ASP F 380 64.86 18.80 47.75
N ASN F 381 65.85 19.68 47.64
CA ASN F 381 65.58 21.07 47.30
C ASN F 381 64.98 21.17 45.88
N LEU F 382 65.55 20.41 44.93
CA LEU F 382 65.06 20.41 43.56
C LEU F 382 63.62 19.95 43.52
N GLN F 383 63.29 18.89 44.25
CA GLN F 383 61.93 18.40 44.23
C GLN F 383 60.97 19.41 44.83
N ARG F 384 61.38 20.04 45.92
CA ARG F 384 60.51 21.03 46.55
C ARG F 384 60.22 22.17 45.57
N VAL F 385 61.29 22.61 45.00
CA VAL F 385 61.32 23.74 44.09
C VAL F 385 60.56 23.39 42.77
N PHE F 386 60.69 22.16 42.28
CA PHE F 386 60.00 21.71 41.04
C PHE F 386 58.49 21.56 41.33
N THR F 387 58.15 21.02 42.48
CA THR F 387 56.76 20.87 42.84
C THR F 387 56.08 22.25 42.94
N VAL F 388 56.77 23.24 43.49
CA VAL F 388 56.23 24.60 43.59
C VAL F 388 56.06 25.20 42.19
N ALA F 389 57.03 24.98 41.32
CA ALA F 389 56.96 25.49 39.96
C ALA F 389 55.73 24.90 39.26
N SER F 390 55.45 23.63 39.51
CA SER F 390 54.30 22.98 38.90
C SER F 390 52.98 23.52 39.46
N ILE F 391 52.99 23.93 40.73
CA ILE F 391 51.78 24.48 41.36
C ILE F 391 51.52 25.82 40.72
N ARG F 392 52.58 26.58 40.54
CA ARG F 392 52.50 27.91 39.94
C ARG F 392 52.00 27.86 38.49
N SER F 393 52.49 26.92 37.69
CA SER F 393 52.10 26.79 36.28
C SER F 393 50.63 26.41 36.05
N MET F 394 49.88 26.15 37.12
CA MET F 394 48.48 25.78 36.98
C MET F 394 47.72 27.07 36.78
N LEU F 395 48.32 28.18 37.19
CA LEU F 395 47.68 29.49 37.13
C LEU F 395 48.42 30.52 36.31
N VAL F 396 49.74 30.49 36.40
CA VAL F 396 50.60 31.46 35.77
C VAL F 396 51.61 30.77 34.86
N LYS F 397 51.54 31.05 33.58
CA LYS F 397 52.48 30.46 32.64
C LYS F 397 53.19 31.59 31.96
N MET G 1 36.45 -6.08 31.46
CA MET G 1 37.50 -5.07 31.13
C MET G 1 37.19 -3.64 31.59
N ASP G 2 36.18 -3.00 31.01
CA ASP G 2 35.84 -1.63 31.42
C ASP G 2 35.83 -1.60 32.93
N VAL G 3 35.43 -2.73 33.50
CA VAL G 3 35.38 -2.92 34.94
C VAL G 3 36.72 -2.40 35.43
N LEU G 4 37.74 -3.19 35.16
CA LEU G 4 39.10 -2.87 35.53
C LEU G 4 39.35 -1.37 35.60
N TYR G 5 39.09 -0.67 34.50
CA TYR G 5 39.33 0.77 34.48
C TYR G 5 38.89 1.42 35.79
N SER G 6 37.59 1.50 35.99
CA SER G 6 37.02 2.11 37.19
C SER G 6 37.87 1.87 38.44
N LEU G 7 38.12 0.60 38.73
CA LEU G 7 38.88 0.19 39.89
C LEU G 7 40.04 1.14 40.16
N SER G 8 40.49 1.79 39.11
CA SER G 8 41.59 2.72 39.25
C SER G 8 41.17 4.17 39.47
N LYS G 9 40.59 4.83 38.46
CA LYS G 9 40.18 6.24 38.62
C LYS G 9 39.44 6.33 39.95
N THR G 10 39.02 5.17 40.43
CA THR G 10 38.36 5.06 41.71
C THR G 10 39.43 5.43 42.73
N LEU G 11 40.49 4.64 42.76
CA LEU G 11 41.58 4.86 43.69
C LEU G 11 42.33 6.20 43.50
N LYS G 12 42.71 6.55 42.26
CA LYS G 12 43.43 7.81 42.02
C LYS G 12 42.57 8.98 42.49
N ASP G 13 41.41 9.15 41.84
CA ASP G 13 40.49 10.23 42.22
C ASP G 13 40.15 10.02 43.69
N ALA G 14 40.77 9.00 44.31
CA ALA G 14 40.56 8.69 45.73
C ALA G 14 41.79 9.07 46.54
N ARG G 15 42.88 8.32 46.37
CA ARG G 15 44.12 8.58 47.08
C ARG G 15 44.55 10.03 46.86
N ASP G 16 43.81 10.72 46.00
CA ASP G 16 44.08 12.11 45.69
C ASP G 16 43.10 13.10 46.34
N LYS G 17 41.79 12.82 46.22
CA LYS G 17 40.77 13.71 46.79
C LYS G 17 40.46 13.47 48.29
N ILE G 18 41.09 12.44 48.86
CA ILE G 18 40.84 12.08 50.26
C ILE G 18 42.00 12.27 51.23
N VAL G 19 42.15 13.48 51.78
CA VAL G 19 43.23 13.71 52.73
C VAL G 19 42.90 14.71 53.83
N GLU G 20 43.56 14.50 54.96
CA GLU G 20 43.43 15.32 56.17
C GLU G 20 43.04 16.77 55.91
N GLY G 21 41.74 17.06 55.87
CA GLY G 21 41.31 18.44 55.65
C GLY G 21 40.02 18.71 54.89
N THR G 22 40.02 18.41 53.59
CA THR G 22 38.88 18.61 52.70
C THR G 22 37.50 18.55 53.35
N LEU G 23 36.57 19.32 52.80
CA LEU G 23 35.18 19.34 53.29
C LEU G 23 34.42 18.25 52.54
N TYR G 24 33.61 17.48 53.26
CA TYR G 24 32.83 16.38 52.70
C TYR G 24 32.32 16.60 51.26
N SER G 25 31.51 17.63 51.08
CA SER G 25 30.91 17.98 49.78
C SER G 25 31.66 17.77 48.47
N ASN G 26 32.99 17.79 48.47
CA ASN G 26 33.76 17.60 47.25
C ASN G 26 33.91 16.12 46.92
N VAL G 27 33.45 15.29 47.85
CA VAL G 27 33.56 13.85 47.71
C VAL G 27 32.26 13.08 47.96
N SER G 28 31.17 13.77 48.30
CA SER G 28 29.88 13.09 48.53
C SER G 28 29.60 12.22 47.31
N ASP G 29 29.67 12.82 46.14
CA ASP G 29 29.43 12.11 44.88
C ASP G 29 30.49 11.03 44.71
N LEU G 30 31.59 11.18 45.44
CA LEU G 30 32.68 10.22 45.35
C LEU G 30 32.56 9.07 46.34
N ILE G 31 32.52 9.41 47.62
CA ILE G 31 32.39 8.40 48.66
C ILE G 31 31.46 7.32 48.15
N GLN G 32 30.21 7.73 47.91
CA GLN G 32 29.19 6.82 47.40
C GLN G 32 29.78 5.80 46.44
N GLN G 33 30.06 6.24 45.21
CA GLN G 33 30.65 5.36 44.19
C GLN G 33 31.55 4.33 44.84
N PHE G 34 32.47 4.82 45.66
CA PHE G 34 33.40 3.94 46.33
C PHE G 34 32.72 2.76 47.00
N ASN G 35 32.03 3.04 48.10
CA ASN G 35 31.34 1.99 48.85
C ASN G 35 30.72 0.97 47.92
N GLN G 36 29.81 1.42 47.06
CA GLN G 36 29.14 0.55 46.09
C GLN G 36 30.05 -0.62 45.72
N MET G 37 31.31 -0.29 45.45
CA MET G 37 32.29 -1.29 45.09
C MET G 37 32.44 -2.34 46.18
N ILE G 38 33.03 -1.93 47.30
CA ILE G 38 33.27 -2.80 48.44
C ILE G 38 32.22 -3.89 48.53
N ILE G 39 30.96 -3.48 48.50
CA ILE G 39 29.85 -4.42 48.60
C ILE G 39 29.98 -5.54 47.57
N THR G 40 29.84 -5.17 46.30
CA THR G 40 29.93 -6.12 45.20
C THR G 40 31.06 -7.14 45.40
N MET G 41 32.17 -6.67 45.97
CA MET G 41 33.35 -7.52 46.20
C MET G 41 33.22 -8.55 47.32
N ASN G 42 33.39 -8.08 48.56
CA ASN G 42 33.31 -8.94 49.74
C ASN G 42 32.65 -10.29 49.50
N GLY G 43 33.41 -11.35 49.80
CA GLY G 43 32.91 -12.70 49.63
C GLY G 43 33.65 -13.46 48.55
N ASN G 44 33.78 -12.85 47.38
CA ASN G 44 34.45 -13.45 46.23
C ASN G 44 35.96 -13.66 46.42
N GLU G 45 36.47 -14.77 45.88
CA GLU G 45 37.89 -15.11 45.97
C GLU G 45 38.55 -15.01 44.59
N PHE G 46 39.84 -14.68 44.58
CA PHE G 46 40.58 -14.53 43.32
C PHE G 46 41.89 -15.31 43.21
N GLN G 47 42.22 -15.69 41.97
CA GLN G 47 43.43 -16.45 41.64
C GLN G 47 44.34 -15.61 40.74
N THR G 48 45.43 -15.09 41.31
CA THR G 48 46.36 -14.26 40.54
C THR G 48 47.72 -14.91 40.40
N GLY G 49 48.15 -15.09 39.15
CA GLY G 49 49.45 -15.68 38.90
C GLY G 49 49.45 -17.16 38.56
N GLY G 50 50.63 -17.76 38.63
CA GLY G 50 50.78 -19.17 38.34
C GLY G 50 51.55 -19.46 37.06
N ILE G 51 52.43 -18.55 36.66
CA ILE G 51 53.21 -18.71 35.43
C ILE G 51 54.57 -18.05 35.55
N GLY G 52 55.62 -18.78 35.16
CA GLY G 52 56.98 -18.25 35.24
C GLY G 52 57.39 -17.93 36.67
N ASN G 53 58.04 -16.79 36.86
CA ASN G 53 58.47 -16.36 38.19
C ASN G 53 57.41 -15.40 38.75
N LEU G 54 56.14 -15.82 38.67
CA LEU G 54 55.04 -15.00 39.15
C LEU G 54 54.34 -15.59 40.36
N PRO G 55 54.45 -14.89 41.51
CA PRO G 55 53.82 -15.33 42.76
C PRO G 55 52.32 -15.58 42.64
N ILE G 56 51.87 -16.70 43.18
CA ILE G 56 50.45 -17.07 43.16
C ILE G 56 49.86 -16.65 44.50
N ARG G 57 49.07 -15.58 44.51
CA ARG G 57 48.49 -15.11 45.77
C ARG G 57 46.95 -15.13 45.76
N ASN G 58 46.37 -15.48 46.91
CA ASN G 58 44.91 -15.54 47.08
C ASN G 58 44.41 -14.25 47.75
N TRP G 59 43.18 -13.85 47.45
CA TRP G 59 42.62 -12.63 48.03
C TRP G 59 41.19 -12.74 48.52
N ASN G 60 40.98 -12.44 49.80
CA ASN G 60 39.66 -12.48 50.37
C ASN G 60 39.23 -11.06 50.69
N PHE G 61 37.91 -10.82 50.63
CA PHE G 61 37.37 -9.50 50.90
C PHE G 61 36.35 -9.50 52.04
N ASP G 62 36.58 -8.59 52.99
CA ASP G 62 35.72 -8.46 54.18
C ASP G 62 36.09 -7.12 54.83
N PHE G 63 35.66 -6.02 54.23
CA PHE G 63 35.99 -4.69 54.76
C PHE G 63 34.79 -3.81 55.05
N GLY G 64 34.98 -2.85 55.97
CA GLY G 64 33.92 -1.94 56.34
C GLY G 64 33.58 -0.92 55.28
N LEU G 65 32.81 0.09 55.66
CA LEU G 65 32.40 1.14 54.73
C LEU G 65 33.06 2.47 55.05
N LEU G 66 32.28 3.54 55.01
CA LEU G 66 32.82 4.86 55.30
C LEU G 66 31.96 5.73 56.21
N GLY G 67 32.63 6.60 56.95
CA GLY G 67 31.94 7.49 57.87
C GLY G 67 31.47 8.77 57.20
N THR G 68 30.26 8.73 56.62
CA THR G 68 29.69 9.90 55.99
C THR G 68 29.36 10.86 57.13
N THR G 69 29.43 10.32 58.34
CA THR G 69 29.12 11.04 59.58
C THR G 69 29.85 12.36 59.84
N LEU G 70 31.18 12.38 59.76
CA LEU G 70 31.91 13.61 60.02
C LEU G 70 31.78 14.69 58.96
N LEU G 71 32.14 15.91 59.37
CA LEU G 71 32.10 17.07 58.50
C LEU G 71 33.42 17.19 57.76
N ASN G 72 34.39 17.85 58.39
CA ASN G 72 35.71 18.00 57.80
C ASN G 72 36.60 16.86 58.26
N LEU G 73 37.01 16.05 57.28
CA LEU G 73 37.85 14.89 57.53
C LEU G 73 38.94 15.10 58.56
N ASP G 74 38.94 14.24 59.58
CA ASP G 74 39.95 14.29 60.62
C ASP G 74 40.99 13.24 60.27
N ALA G 75 42.26 13.55 60.53
CA ALA G 75 43.36 12.64 60.23
C ALA G 75 42.98 11.18 60.43
N ASN G 76 42.47 10.87 61.60
CA ASN G 76 42.07 9.51 61.93
C ASN G 76 41.22 8.85 60.82
N TYR G 77 40.44 9.65 60.11
CA TYR G 77 39.60 9.14 59.04
C TYR G 77 40.44 8.62 57.88
N VAL G 78 41.45 9.39 57.52
CA VAL G 78 42.34 9.03 56.44
C VAL G 78 42.96 7.66 56.69
N GLU G 79 43.89 7.60 57.65
CA GLU G 79 44.59 6.37 57.99
C GLU G 79 43.75 5.09 57.98
N THR G 80 42.54 5.16 58.53
CA THR G 80 41.67 3.99 58.57
C THR G 80 41.17 3.68 57.16
N ALA G 81 41.49 4.57 56.23
CA ALA G 81 41.09 4.41 54.84
C ALA G 81 42.28 3.98 54.00
N ARG G 82 43.38 4.71 54.11
CA ARG G 82 44.59 4.38 53.37
C ARG G 82 44.94 2.91 53.57
N ASN G 83 44.74 2.43 54.79
CA ASN G 83 45.04 1.03 55.12
C ASN G 83 44.16 0.07 54.33
N THR G 84 43.00 0.54 53.90
CA THR G 84 42.09 -0.30 53.13
C THR G 84 42.37 -0.15 51.65
N ILE G 85 42.98 0.97 51.26
CA ILE G 85 43.29 1.17 49.86
C ILE G 85 44.53 0.38 49.48
N ASP G 86 45.53 0.41 50.37
CA ASP G 86 46.79 -0.29 50.12
C ASP G 86 46.65 -1.80 49.91
N TYR G 87 45.44 -2.33 50.01
CA TYR G 87 45.23 -3.77 49.77
C TYR G 87 44.76 -3.85 48.33
N PHE G 88 44.07 -2.80 47.89
CA PHE G 88 43.55 -2.75 46.53
C PHE G 88 44.67 -2.37 45.58
N VAL G 89 45.55 -1.51 46.05
CA VAL G 89 46.68 -1.12 45.25
C VAL G 89 47.44 -2.43 45.00
N ASP G 90 48.17 -2.91 46.01
CA ASP G 90 48.96 -4.15 45.93
C ASP G 90 48.18 -5.29 45.27
N PHE G 91 46.88 -5.09 45.12
CA PHE G 91 46.04 -6.10 44.47
C PHE G 91 46.09 -5.87 42.98
N VAL G 92 45.44 -4.78 42.55
CA VAL G 92 45.38 -4.43 41.14
C VAL G 92 46.69 -4.69 40.41
N ASP G 93 47.81 -4.33 41.04
CA ASP G 93 49.15 -4.53 40.46
C ASP G 93 49.19 -6.00 40.05
N ASN G 94 49.05 -6.88 41.03
CA ASN G 94 49.04 -8.33 40.81
C ASN G 94 47.96 -8.79 39.84
N VAL G 95 47.01 -7.89 39.54
CA VAL G 95 45.92 -8.25 38.62
C VAL G 95 46.32 -7.86 37.21
N CYS G 96 46.76 -6.61 37.04
CA CYS G 96 47.18 -6.14 35.74
C CYS G 96 48.22 -7.10 35.20
N MET G 97 49.32 -7.20 35.94
CA MET G 97 50.43 -8.05 35.57
C MET G 97 49.99 -9.44 35.08
N ASP G 98 49.04 -10.07 35.78
CA ASP G 98 48.57 -11.41 35.40
C ASP G 98 47.96 -11.52 34.00
N GLU G 99 47.19 -10.52 33.59
CA GLU G 99 46.56 -10.52 32.26
C GLU G 99 47.42 -9.73 31.27
N MET G 100 48.58 -9.29 31.72
CA MET G 100 49.49 -8.55 30.87
C MET G 100 50.58 -9.49 30.37
N VAL G 101 50.26 -10.77 30.29
CA VAL G 101 51.24 -11.76 29.85
C VAL G 101 50.66 -12.84 28.97
N ARG G 102 49.40 -13.19 29.22
CA ARG G 102 48.75 -14.24 28.44
C ARG G 102 48.35 -13.76 27.04
N GLU G 103 48.37 -14.70 26.10
CA GLU G 103 48.06 -14.44 24.70
C GLU G 103 47.35 -15.65 24.08
N SER G 104 46.59 -15.41 23.01
CA SER G 104 45.88 -16.50 22.34
C SER G 104 45.56 -16.03 20.93
N GLN G 105 45.67 -16.91 19.95
CA GLN G 105 45.39 -16.55 18.56
C GLN G 105 43.91 -16.30 18.23
N ARG G 106 43.17 -17.38 18.03
CA ARG G 106 41.74 -17.36 17.72
C ARG G 106 41.01 -16.14 18.30
N ASN G 107 40.90 -16.16 19.62
CA ASN G 107 40.26 -15.13 20.42
C ASN G 107 41.36 -14.47 21.23
N GLY G 108 42.24 -13.74 20.55
CA GLY G 108 43.34 -13.09 21.24
C GLY G 108 42.91 -11.84 21.98
N ILE G 109 41.98 -11.11 21.38
CA ILE G 109 41.46 -9.86 21.94
C ILE G 109 40.87 -9.95 23.34
N ALA G 110 39.94 -10.87 23.54
CA ALA G 110 39.25 -11.03 24.82
C ALA G 110 40.17 -11.32 26.01
N PRO G 111 39.62 -11.22 27.24
CA PRO G 111 40.34 -11.47 28.49
C PRO G 111 40.77 -12.94 28.59
N GLN G 112 41.85 -13.22 29.32
CA GLN G 112 42.35 -14.59 29.43
C GLN G 112 42.48 -15.17 30.85
N SER G 113 43.02 -14.37 31.77
CA SER G 113 43.26 -14.79 33.17
C SER G 113 42.05 -15.21 34.00
N ASP G 114 42.28 -16.12 34.94
CA ASP G 114 41.23 -16.60 35.84
C ASP G 114 40.79 -15.44 36.74
N SER G 115 41.56 -14.36 36.68
CA SER G 115 41.26 -13.18 37.47
C SER G 115 40.26 -12.31 36.72
N LEU G 116 40.58 -12.00 35.47
CA LEU G 116 39.70 -11.16 34.67
C LEU G 116 38.47 -11.86 34.09
N ARG G 117 38.62 -13.11 33.60
CA ARG G 117 37.48 -13.84 33.03
C ARG G 117 36.30 -13.74 34.02
N LYS G 118 36.60 -13.55 35.30
CA LYS G 118 35.58 -13.45 36.34
C LYS G 118 35.09 -12.01 36.53
N LEU G 119 35.87 -11.05 36.05
CA LEU G 119 35.52 -9.64 36.17
C LEU G 119 34.49 -9.21 35.15
N SER G 120 34.62 -9.72 33.92
CA SER G 120 33.68 -9.37 32.87
C SER G 120 32.31 -9.92 33.26
N GLY G 121 32.27 -10.71 34.33
CA GLY G 121 31.02 -11.27 34.82
C GLY G 121 30.02 -10.14 34.94
N LEU G 122 28.73 -10.46 34.94
CA LEU G 122 27.71 -9.43 35.02
C LEU G 122 27.53 -8.76 36.37
N LYS G 123 27.53 -9.56 37.43
CA LYS G 123 27.35 -9.03 38.78
C LYS G 123 28.34 -7.94 39.21
N PHE G 124 29.30 -7.61 38.35
CA PHE G 124 30.30 -6.59 38.68
C PHE G 124 30.10 -5.23 38.02
N LYS G 125 29.57 -5.25 36.80
CA LYS G 125 29.35 -4.04 36.01
C LYS G 125 28.87 -2.81 36.80
N ARG G 126 28.36 -3.02 38.01
CA ARG G 126 27.87 -1.93 38.85
C ARG G 126 28.98 -0.95 39.27
N ILE G 127 30.10 -0.93 38.56
CA ILE G 127 31.21 -0.07 38.99
C ILE G 127 31.72 1.06 38.11
N ASN G 128 31.66 0.91 36.79
CA ASN G 128 32.16 1.94 35.88
C ASN G 128 31.96 3.40 36.32
N PHE G 129 32.87 4.28 35.89
CA PHE G 129 32.80 5.71 36.21
C PHE G 129 33.98 6.52 35.65
N ASP G 130 33.73 7.80 35.33
CA ASP G 130 34.70 8.76 34.74
C ASP G 130 35.70 8.12 33.77
N ASN G 131 35.26 7.87 32.54
CA ASN G 131 36.09 7.27 31.50
C ASN G 131 36.74 8.33 30.62
N SER G 132 37.49 9.25 31.22
CA SER G 132 38.14 10.29 30.43
C SER G 132 39.61 9.99 30.15
N SER G 133 40.10 8.80 30.57
CA SER G 133 41.49 8.42 30.33
C SER G 133 41.66 8.00 28.88
N GLU G 134 42.17 8.94 28.09
CA GLU G 134 42.42 8.78 26.66
C GLU G 134 42.33 7.35 26.13
N TYR G 135 42.92 6.38 26.83
CA TYR G 135 42.90 5.00 26.36
C TYR G 135 41.60 4.23 26.47
N ILE G 136 40.91 4.39 27.60
CA ILE G 136 39.65 3.71 27.75
C ILE G 136 38.69 4.37 26.77
N GLU G 137 38.75 5.71 26.72
CA GLU G 137 37.90 6.50 25.82
C GLU G 137 37.92 5.80 24.46
N ASN G 138 39.09 5.33 24.08
CA ASN G 138 39.25 4.66 22.80
C ASN G 138 38.92 3.18 22.84
N TRP G 139 39.07 2.53 23.98
CA TRP G 139 38.74 1.12 24.01
C TRP G 139 37.25 0.98 23.68
N ASN G 140 36.41 1.67 24.43
CA ASN G 140 34.96 1.60 24.21
C ASN G 140 34.57 1.80 22.76
N LEU G 141 34.84 3.01 22.24
CA LEU G 141 34.50 3.35 20.85
C LEU G 141 34.86 2.26 19.84
N GLN G 142 35.81 1.43 20.22
CA GLN G 142 36.25 0.35 19.35
C GLN G 142 35.32 -0.85 19.46
N ASN G 143 34.79 -1.11 20.65
CA ASN G 143 33.87 -2.24 20.79
C ASN G 143 32.53 -1.90 20.17
N ARG G 144 32.35 -0.65 19.78
CA ARG G 144 31.12 -0.18 19.14
C ARG G 144 31.35 -0.03 17.64
N ARG G 145 32.61 0.15 17.26
CA ARG G 145 33.02 0.31 15.86
C ARG G 145 32.89 1.74 15.34
N GLN G 146 33.92 2.56 15.57
CA GLN G 146 33.89 3.94 15.11
C GLN G 146 35.31 4.48 14.88
N ARG G 147 35.39 5.69 14.31
CA ARG G 147 36.67 6.32 14.04
C ARG G 147 37.38 6.67 15.34
N THR G 148 38.06 5.67 15.90
CA THR G 148 38.82 5.79 17.13
C THR G 148 39.90 6.87 17.04
N GLY G 149 41.08 6.61 17.56
CA GLY G 149 42.17 7.59 17.48
C GLY G 149 43.09 7.81 18.68
N PHE G 150 44.40 7.84 18.43
CA PHE G 150 45.41 8.06 19.48
C PHE G 150 46.39 9.18 19.10
N THR G 151 47.05 9.74 20.10
CA THR G 151 48.00 10.82 19.88
C THR G 151 49.43 10.40 20.22
N PHE G 152 50.39 10.75 19.34
CA PHE G 152 51.80 10.39 19.53
C PHE G 152 52.81 11.49 19.21
N HIS G 153 54.07 11.22 19.54
CA HIS G 153 55.18 12.14 19.28
C HIS G 153 56.27 11.23 18.72
N LYS G 154 56.97 11.67 17.68
CA LYS G 154 58.00 10.85 17.02
C LYS G 154 57.56 9.37 17.09
N PRO G 155 56.31 9.05 16.60
CA PRO G 155 55.70 7.71 16.57
C PRO G 155 56.66 6.62 16.10
N ASN G 156 56.36 5.33 16.29
CA ASN G 156 57.35 4.35 15.91
C ASN G 156 56.73 3.45 14.84
N ILE G 157 56.64 3.97 13.62
CA ILE G 157 55.97 3.30 12.52
C ILE G 157 56.89 2.54 11.58
N PHE G 158 58.17 2.94 11.51
CA PHE G 158 59.10 2.28 10.61
C PHE G 158 59.96 1.19 11.26
N PRO G 159 59.80 -0.07 10.82
CA PRO G 159 60.65 -1.09 11.43
C PRO G 159 62.07 -0.73 11.01
N TYR G 160 63.04 -1.03 11.88
CA TYR G 160 64.42 -0.71 11.55
C TYR G 160 64.79 -1.36 10.23
N SER G 161 65.38 -0.58 9.33
CA SER G 161 65.82 -1.09 8.05
C SER G 161 66.96 -0.19 7.62
N ALA G 162 68.14 -0.76 7.45
CA ALA G 162 69.29 0.02 7.03
C ALA G 162 69.94 -0.80 5.91
N SER G 163 69.86 -0.33 4.67
CA SER G 163 70.41 -1.09 3.55
C SER G 163 70.72 -0.20 2.34
N PHE G 164 71.01 -0.82 1.20
CA PHE G 164 71.30 -0.10 -0.04
C PHE G 164 70.86 -0.94 -1.23
N THR G 165 70.81 -0.30 -2.39
CA THR G 165 70.45 -0.98 -3.61
C THR G 165 71.34 -0.39 -4.66
N LEU G 166 72.16 -1.24 -5.26
CA LEU G 166 73.06 -0.80 -6.32
C LEU G 166 72.40 -0.97 -7.68
N ASN G 167 72.03 0.13 -8.32
CA ASN G 167 71.39 0.08 -9.61
C ASN G 167 72.39 -0.13 -10.76
N ARG G 168 73.65 0.26 -10.51
CA ARG G 168 74.74 0.05 -11.46
C ARG G 168 75.91 -0.31 -10.58
N SER G 169 76.52 -1.45 -10.85
CA SER G 169 77.67 -1.89 -10.07
C SER G 169 78.49 -2.81 -10.92
N GLN G 170 79.69 -3.08 -10.46
CA GLN G 170 80.58 -3.96 -11.15
C GLN G 170 81.49 -4.50 -10.06
N PRO G 171 82.16 -5.64 -10.30
CA PRO G 171 83.04 -6.27 -9.32
C PRO G 171 83.96 -5.34 -8.51
N ALA G 172 84.64 -4.42 -9.19
CA ALA G 172 85.55 -3.50 -8.51
C ALA G 172 84.83 -2.46 -7.61
N HIS G 173 83.53 -2.27 -7.85
CA HIS G 173 82.72 -1.30 -7.11
C HIS G 173 83.39 0.06 -7.16
N ASP G 174 83.82 0.45 -8.35
CA ASP G 174 84.49 1.73 -8.55
C ASP G 174 83.65 2.74 -9.34
N ASN G 175 82.47 2.31 -9.76
CA ASN G 175 81.54 3.20 -10.47
C ASN G 175 80.09 2.73 -10.24
N LEU G 176 79.63 2.96 -9.00
CA LEU G 176 78.30 2.56 -8.57
C LEU G 176 77.28 3.66 -8.68
N MET G 177 76.02 3.26 -8.67
CA MET G 177 74.90 4.19 -8.72
C MET G 177 73.76 3.46 -7.99
N GLY G 178 73.13 4.14 -7.04
CA GLY G 178 72.05 3.51 -6.30
C GLY G 178 71.64 4.35 -5.11
N THR G 179 70.98 3.72 -4.14
CA THR G 179 70.55 4.43 -2.96
C THR G 179 70.86 3.62 -1.72
N MET G 180 70.97 4.32 -0.60
CA MET G 180 71.19 3.69 0.69
C MET G 180 70.28 4.46 1.65
N TRP G 181 69.78 3.78 2.68
CA TRP G 181 68.84 4.43 3.58
C TRP G 181 68.84 3.85 4.97
N LEU G 182 68.11 4.54 5.84
CA LEU G 182 67.85 4.12 7.21
C LEU G 182 66.41 4.55 7.51
N ASN G 183 65.56 3.56 7.68
CA ASN G 183 64.18 3.78 8.10
C ASN G 183 64.10 3.26 9.53
N ALA G 184 63.75 4.11 10.46
CA ALA G 184 63.69 3.66 11.86
C ALA G 184 62.83 4.59 12.68
N GLY G 185 61.84 4.03 13.38
CA GLY G 185 60.98 4.84 14.21
C GLY G 185 60.09 5.76 13.40
N SER G 186 60.32 7.05 13.56
CA SER G 186 59.55 8.04 12.84
C SER G 186 60.42 8.74 11.80
N GLU G 187 61.62 8.23 11.57
CA GLU G 187 62.52 8.88 10.62
C GLU G 187 63.01 8.08 9.43
N ILE G 188 63.24 8.78 8.34
CA ILE G 188 63.75 8.20 7.12
C ILE G 188 64.88 9.10 6.64
N GLN G 189 66.01 8.50 6.28
CA GLN G 189 67.11 9.25 5.65
C GLN G 189 67.44 8.40 4.45
N VAL G 190 67.56 9.02 3.29
CA VAL G 190 67.88 8.28 2.08
C VAL G 190 68.81 9.11 1.23
N ALA G 191 69.81 8.46 0.66
CA ALA G 191 70.77 9.12 -0.21
C ALA G 191 70.83 8.38 -1.53
N GLY G 192 71.00 9.15 -2.60
CA GLY G 192 71.15 8.61 -3.93
C GLY G 192 72.56 9.01 -4.32
N PHE G 193 73.36 8.05 -4.80
CA PHE G 193 74.73 8.30 -5.21
C PHE G 193 74.98 7.84 -6.66
N ASP G 194 75.87 8.54 -7.35
CA ASP G 194 76.23 8.24 -8.73
C ASP G 194 77.71 8.56 -8.83
N TYR G 195 78.56 7.56 -8.79
CA TYR G 195 80.01 7.76 -8.87
C TYR G 195 80.43 8.56 -10.11
N SER G 196 79.68 8.41 -11.21
CA SER G 196 80.01 9.11 -12.45
C SER G 196 79.50 10.56 -12.54
N CYS G 197 78.76 11.01 -11.51
CA CYS G 197 78.19 12.36 -11.48
C CYS G 197 77.38 12.65 -12.75
N ALA G 198 76.60 11.65 -13.15
CA ALA G 198 75.74 11.72 -14.31
C ALA G 198 76.43 12.19 -15.61
N ILE G 199 77.72 11.86 -15.75
CA ILE G 199 78.53 12.23 -16.93
C ILE G 199 77.95 11.76 -18.27
N ASN G 200 77.38 10.54 -18.26
CA ASN G 200 76.77 9.93 -19.45
C ASN G 200 75.26 9.79 -19.32
N ALA G 201 74.67 10.46 -18.33
CA ALA G 201 73.23 10.37 -18.13
C ALA G 201 72.46 11.39 -18.95
N PRO G 202 71.24 11.01 -19.41
CA PRO G 202 70.39 11.90 -20.20
C PRO G 202 70.12 13.18 -19.40
N ALA G 203 70.42 14.32 -20.03
CA ALA G 203 70.25 15.63 -19.39
C ALA G 203 71.20 15.78 -18.19
N ASN G 204 72.21 14.90 -18.12
CA ASN G 204 73.18 14.89 -17.01
C ASN G 204 72.47 14.87 -15.66
N THR G 205 71.38 14.11 -15.61
CA THR G 205 70.57 13.99 -14.41
C THR G 205 70.29 12.51 -14.11
N GLN G 206 70.52 12.11 -12.87
CA GLN G 206 70.24 10.75 -12.45
C GLN G 206 69.05 10.81 -11.51
N GLN G 207 68.01 10.04 -11.80
CA GLN G 207 66.82 10.03 -10.96
C GLN G 207 66.95 9.01 -9.82
N PHE G 208 66.41 9.35 -8.66
CA PHE G 208 66.41 8.44 -7.50
C PHE G 208 65.00 8.39 -6.95
N GLU G 209 64.73 7.36 -6.17
CA GLU G 209 63.42 7.22 -5.59
C GLU G 209 63.51 6.32 -4.37
N HIS G 210 62.74 6.63 -3.34
CA HIS G 210 62.72 5.80 -2.14
C HIS G 210 61.27 5.70 -1.72
N ILE G 211 60.77 4.47 -1.61
CA ILE G 211 59.38 4.23 -1.21
C ILE G 211 59.32 3.49 0.11
N VAL G 212 58.49 3.97 1.02
CA VAL G 212 58.34 3.34 2.32
C VAL G 212 56.86 3.09 2.55
N GLN G 213 56.53 1.83 2.79
CA GLN G 213 55.15 1.43 3.03
C GLN G 213 54.86 1.24 4.50
N LEU G 214 53.97 2.06 5.06
CA LEU G 214 53.65 1.95 6.48
C LEU G 214 52.77 0.75 6.70
N ARG G 215 52.89 0.12 7.86
CA ARG G 215 52.06 -1.04 8.19
C ARG G 215 50.68 -0.60 8.65
N ARG G 216 50.56 0.68 9.01
CA ARG G 216 49.29 1.25 9.44
C ARG G 216 49.24 2.67 8.87
N VAL G 217 48.02 3.13 8.59
CA VAL G 217 47.83 4.47 8.07
C VAL G 217 48.07 5.48 9.20
N LEU G 218 48.71 6.58 8.85
CA LEU G 218 48.89 7.65 9.79
C LEU G 218 48.07 8.80 9.25
N THR G 219 47.39 9.50 10.13
CA THR G 219 46.61 10.65 9.74
C THR G 219 47.13 11.87 10.54
N THR G 220 46.80 13.06 10.07
CA THR G 220 47.16 14.30 10.75
C THR G 220 48.64 14.38 11.21
N ALA G 221 49.54 13.94 10.33
CA ALA G 221 50.98 13.95 10.59
C ALA G 221 51.64 15.31 10.30
N THR G 222 52.40 15.76 11.29
CA THR G 222 53.23 16.97 11.15
C THR G 222 54.63 16.47 10.88
N ILE G 223 55.16 16.85 9.74
CA ILE G 223 56.43 16.29 9.29
C ILE G 223 57.52 17.33 8.95
N THR G 224 58.76 17.01 9.30
CA THR G 224 59.90 17.87 8.98
C THR G 224 60.61 17.20 7.80
N LEU G 225 60.84 17.95 6.72
CA LEU G 225 61.51 17.40 5.55
C LEU G 225 62.68 18.34 5.33
N LEU G 226 63.86 17.78 5.24
CA LEU G 226 65.06 18.58 5.05
C LEU G 226 65.90 17.97 3.95
N PRO G 227 66.64 18.81 3.20
CA PRO G 227 67.49 18.26 2.15
C PRO G 227 68.72 17.68 2.85
N ASP G 228 69.38 16.72 2.19
CA ASP G 228 70.59 16.07 2.69
C ASP G 228 70.33 14.94 3.66
N ALA G 229 71.19 13.91 3.61
CA ALA G 229 71.11 12.78 4.51
C ALA G 229 72.48 12.75 5.18
N GLU G 230 72.59 13.40 6.32
CA GLU G 230 73.86 13.47 7.05
C GLU G 230 74.45 12.10 7.34
N ARG G 231 73.58 11.15 7.62
CA ARG G 231 74.00 9.79 7.91
C ARG G 231 74.80 9.16 6.75
N PHE G 232 74.56 9.62 5.53
CA PHE G 232 75.23 9.06 4.36
C PHE G 232 76.09 10.11 3.67
N SER G 233 76.67 11.00 4.46
CA SER G 233 77.47 12.06 3.91
C SER G 233 78.94 11.89 4.24
N PHE G 234 79.28 10.78 4.85
CA PHE G 234 80.67 10.53 5.20
C PHE G 234 81.23 9.25 4.56
N PRO G 235 82.57 9.14 4.47
CA PRO G 235 83.25 7.98 3.88
C PRO G 235 82.94 6.69 4.58
N ARG G 236 82.65 5.68 3.80
CA ARG G 236 82.31 4.39 4.35
C ARG G 236 82.94 3.26 3.55
N VAL G 237 83.16 2.19 4.26
CA VAL G 237 83.58 0.92 3.68
C VAL G 237 82.42 0.00 4.00
N ILE G 238 81.78 -0.47 2.96
CA ILE G 238 80.54 -1.24 3.09
C ILE G 238 80.67 -2.66 2.54
N ASN G 239 79.88 -3.59 3.07
CA ASN G 239 79.92 -4.95 2.57
C ASN G 239 79.14 -4.97 1.25
N SER G 240 79.60 -5.80 0.33
CA SER G 240 78.96 -5.94 -0.96
C SER G 240 77.62 -6.65 -0.76
N ALA G 241 76.71 -6.56 -1.73
CA ALA G 241 75.42 -7.20 -1.63
C ALA G 241 75.50 -8.70 -1.27
N ASP G 242 76.46 -9.41 -1.86
CA ASP G 242 76.64 -10.85 -1.62
C ASP G 242 77.51 -11.19 -0.42
N GLY G 243 77.99 -10.16 0.27
CA GLY G 243 78.84 -10.35 1.44
C GLY G 243 80.24 -10.84 1.16
N ALA G 244 80.58 -11.00 -0.12
CA ALA G 244 81.90 -11.50 -0.50
C ALA G 244 83.07 -10.51 -0.41
N THR G 245 82.78 -9.21 -0.41
CA THR G 245 83.85 -8.20 -0.35
C THR G 245 83.33 -6.86 0.21
N THR G 246 84.16 -5.83 0.18
CA THR G 246 83.77 -4.52 0.67
C THR G 246 84.10 -3.43 -0.36
N TRP G 247 83.19 -2.45 -0.47
CA TRP G 247 83.35 -1.33 -1.39
C TRP G 247 83.58 -0.02 -0.62
N TYR G 248 84.10 0.98 -1.32
CA TYR G 248 84.39 2.26 -0.73
C TYR G 248 83.41 3.35 -1.21
N PHE G 249 82.85 4.09 -0.26
CA PHE G 249 81.92 5.17 -0.56
C PHE G 249 82.59 6.43 -0.03
N ASN G 250 82.84 7.38 -0.92
CA ASN G 250 83.51 8.61 -0.58
C ASN G 250 82.64 9.77 -1.07
N PRO G 251 81.52 10.08 -0.39
CA PRO G 251 80.58 11.10 -0.85
C PRO G 251 81.05 12.53 -0.78
N VAL G 252 80.49 13.27 -1.74
CA VAL G 252 80.55 14.74 -1.86
C VAL G 252 79.10 15.11 -2.14
N ILE G 253 78.55 16.01 -1.35
CA ILE G 253 77.10 16.30 -1.40
C ILE G 253 76.70 17.49 -2.25
N LEU G 254 75.64 17.28 -3.04
CA LEU G 254 75.06 18.32 -3.90
C LEU G 254 73.60 18.44 -3.48
N ARG G 255 72.96 19.57 -3.79
CA ARG G 255 71.56 19.71 -3.41
C ARG G 255 70.68 18.81 -4.19
N PRO G 256 69.72 18.17 -3.53
CA PRO G 256 68.82 17.29 -4.27
C PRO G 256 67.99 18.16 -5.21
N ASN G 257 67.91 17.73 -6.47
CA ASN G 257 67.20 18.42 -7.54
C ASN G 257 65.81 17.80 -7.79
N ASN G 258 64.80 18.64 -8.04
CA ASN G 258 63.43 18.21 -8.30
C ASN G 258 62.86 17.28 -7.26
N VAL G 259 62.99 17.67 -6.00
CA VAL G 259 62.50 16.89 -4.89
C VAL G 259 60.97 16.86 -4.94
N GLU G 260 60.42 15.66 -4.83
CA GLU G 260 58.97 15.50 -4.78
C GLU G 260 58.61 14.44 -3.77
N VAL G 261 57.83 14.82 -2.76
CA VAL G 261 57.41 13.88 -1.73
C VAL G 261 55.94 13.62 -1.93
N GLU G 262 55.57 12.35 -2.01
CA GLU G 262 54.17 12.03 -2.14
C GLU G 262 53.76 11.14 -0.99
N PHE G 263 52.62 11.49 -0.39
CA PHE G 263 52.04 10.72 0.70
C PHE G 263 50.84 10.12 0.04
N LEU G 264 50.88 8.80 -0.15
CA LEU G 264 49.81 8.11 -0.83
C LEU G 264 48.97 7.27 0.09
N LEU G 265 47.74 7.04 -0.31
CA LEU G 265 46.82 6.21 0.45
C LEU G 265 46.23 5.28 -0.59
N ASN G 266 46.46 3.98 -0.44
CA ASN G 266 45.93 3.00 -1.38
C ASN G 266 46.27 3.34 -2.84
N GLY G 267 47.50 3.80 -3.06
CA GLY G 267 47.94 4.11 -4.40
C GLY G 267 47.59 5.50 -4.89
N GLN G 268 46.75 6.20 -4.16
CA GLN G 268 46.36 7.54 -4.54
C GLN G 268 47.19 8.61 -3.85
N ILE G 269 47.57 9.65 -4.58
CA ILE G 269 48.32 10.75 -3.98
C ILE G 269 47.34 11.56 -3.14
N ILE G 270 47.62 11.69 -1.84
CA ILE G 270 46.76 12.46 -0.96
C ILE G 270 47.46 13.80 -0.78
N ASN G 271 48.77 13.79 -0.59
CA ASN G 271 49.52 15.03 -0.45
C ASN G 271 50.78 14.94 -1.29
N THR G 272 51.14 16.04 -1.93
CA THR G 272 52.35 16.08 -2.72
C THR G 272 53.02 17.43 -2.48
N TYR G 273 54.33 17.39 -2.30
CA TYR G 273 55.13 18.58 -2.05
C TYR G 273 56.35 18.58 -2.97
N GLN G 274 56.55 19.68 -3.67
CA GLN G 274 57.65 19.80 -4.60
C GLN G 274 58.68 20.69 -4.01
N ALA G 275 59.81 20.11 -3.66
CA ALA G 275 60.93 20.87 -3.12
C ALA G 275 60.59 21.78 -1.94
N ARG G 276 59.67 21.34 -1.09
CA ARG G 276 59.33 22.14 0.06
C ARG G 276 59.96 21.59 1.31
N PHE G 277 60.97 22.27 1.84
CA PHE G 277 61.67 21.83 3.04
C PHE G 277 61.15 22.60 4.25
N GLY G 278 61.18 21.97 5.41
CA GLY G 278 60.66 22.62 6.60
C GLY G 278 59.51 21.78 7.10
N THR G 279 58.44 22.42 7.57
CA THR G 279 57.30 21.69 8.10
C THR G 279 56.16 21.55 7.09
N ILE G 280 55.75 20.30 6.85
CA ILE G 280 54.66 19.99 5.92
C ILE G 280 53.67 19.03 6.61
N ILE G 281 52.42 19.09 6.19
CA ILE G 281 51.34 18.24 6.74
C ILE G 281 50.94 17.11 5.76
N ALA G 282 50.85 15.88 6.26
CA ALA G 282 50.43 14.74 5.46
C ALA G 282 49.19 14.28 6.21
N ARG G 283 48.02 14.49 5.65
CA ARG G 283 46.78 14.26 6.42
C ARG G 283 46.26 12.82 6.50
N ASN G 284 46.69 11.94 5.63
CA ASN G 284 46.16 10.54 5.63
C ASN G 284 46.96 9.76 4.59
N PHE G 285 47.79 8.83 5.05
CA PHE G 285 48.63 8.09 4.10
C PHE G 285 49.11 6.76 4.68
N ASP G 286 49.41 5.83 3.79
CA ASP G 286 49.95 4.51 4.18
C ASP G 286 51.25 4.29 3.45
N THR G 287 51.67 5.27 2.65
CA THR G 287 52.91 5.15 1.89
C THR G 287 53.55 6.50 1.68
N ILE G 288 54.88 6.53 1.72
CA ILE G 288 55.62 7.76 1.45
C ILE G 288 56.53 7.44 0.28
N ARG G 289 56.58 8.33 -0.69
CA ARG G 289 57.45 8.15 -1.83
C ARG G 289 58.29 9.40 -1.98
N LEU G 290 59.61 9.25 -1.90
CA LEU G 290 60.52 10.37 -2.04
C LEU G 290 61.26 10.22 -3.36
N SER G 291 61.11 11.21 -4.24
CA SER G 291 61.80 11.20 -5.55
C SER G 291 62.68 12.41 -5.55
N PHE G 292 63.91 12.22 -6.01
CA PHE G 292 64.89 13.30 -6.05
C PHE G 292 65.94 12.94 -7.09
N GLN G 293 66.66 13.95 -7.56
CA GLN G 293 67.65 13.74 -8.61
C GLN G 293 68.99 14.35 -8.29
N LEU G 294 70.01 13.84 -8.98
CA LEU G 294 71.35 14.37 -8.90
C LEU G 294 71.53 14.99 -10.27
N MET G 295 71.80 16.27 -10.32
CA MET G 295 72.01 16.87 -11.63
C MET G 295 73.45 17.33 -11.67
N ARG G 296 74.20 16.87 -12.66
CA ARG G 296 75.60 17.26 -12.79
C ARG G 296 75.64 18.78 -12.92
N PRO G 297 76.44 19.47 -12.11
CA PRO G 297 76.52 20.94 -12.17
C PRO G 297 76.93 21.38 -13.58
N PRO G 298 76.11 22.21 -14.23
CA PRO G 298 76.45 22.66 -15.58
C PRO G 298 77.67 23.60 -15.59
N ASN G 299 77.91 24.30 -14.50
CA ASN G 299 79.05 25.22 -14.38
C ASN G 299 79.82 24.87 -13.15
N MET G 300 81.12 24.67 -13.31
CA MET G 300 81.97 24.27 -12.20
C MET G 300 83.25 25.06 -12.06
N THR G 301 83.56 25.52 -10.85
CA THR G 301 84.83 26.21 -10.65
C THR G 301 85.89 25.09 -10.76
N PRO G 302 87.16 25.45 -10.95
CA PRO G 302 88.23 24.44 -11.07
C PRO G 302 88.22 23.37 -9.99
N ALA G 303 88.09 23.80 -8.73
CA ALA G 303 88.08 22.88 -7.59
C ALA G 303 86.96 21.85 -7.73
N VAL G 304 85.81 22.27 -8.25
CA VAL G 304 84.69 21.37 -8.42
C VAL G 304 84.93 20.47 -9.63
N ALA G 305 85.33 21.09 -10.75
CA ALA G 305 85.61 20.36 -11.99
C ALA G 305 86.58 19.19 -11.75
N ALA G 306 87.55 19.43 -10.87
CA ALA G 306 88.56 18.43 -10.51
C ALA G 306 88.01 17.18 -9.83
N LEU G 307 86.83 17.28 -9.23
CA LEU G 307 86.24 16.16 -8.53
C LEU G 307 85.55 15.24 -9.48
N PHE G 308 85.09 15.80 -10.61
CA PHE G 308 84.30 15.08 -11.61
C PHE G 308 84.91 14.99 -13.02
N PRO G 309 85.87 14.08 -13.22
CA PRO G 309 86.54 13.88 -14.51
C PRO G 309 85.65 13.21 -15.55
N ASN G 310 86.07 13.25 -16.80
CA ASN G 310 85.29 12.62 -17.86
C ASN G 310 85.48 11.12 -17.90
N ALA G 311 86.57 10.66 -17.29
CA ALA G 311 86.88 9.24 -17.26
C ALA G 311 87.27 8.78 -15.86
N GLN G 312 87.08 7.49 -15.60
CA GLN G 312 87.44 6.90 -14.31
C GLN G 312 88.93 7.02 -14.18
N PRO G 313 89.48 6.88 -12.96
CA PRO G 313 88.78 6.59 -11.70
C PRO G 313 87.91 7.73 -11.15
N PHE G 314 86.75 7.35 -10.63
CA PHE G 314 85.83 8.31 -10.03
C PHE G 314 86.15 8.25 -8.53
N GLU G 315 86.80 9.28 -8.03
CA GLU G 315 87.22 9.30 -6.64
C GLU G 315 86.36 10.07 -5.65
N HIS G 316 85.51 10.95 -6.15
CA HIS G 316 84.60 11.71 -5.32
C HIS G 316 83.25 11.32 -5.84
N HIS G 317 82.43 10.78 -4.96
CA HIS G 317 81.12 10.27 -5.33
C HIS G 317 79.92 11.17 -5.06
N ALA G 318 79.39 11.77 -6.12
CA ALA G 318 78.25 12.68 -6.05
C ALA G 318 77.07 12.02 -5.36
N THR G 319 76.59 12.70 -4.33
CA THR G 319 75.50 12.22 -3.50
C THR G 319 74.48 13.30 -3.19
N VAL G 320 73.20 12.95 -3.28
CA VAL G 320 72.09 13.85 -2.96
C VAL G 320 71.22 13.08 -1.97
N GLY G 321 70.58 13.77 -1.03
CA GLY G 321 69.76 13.06 -0.06
C GLY G 321 68.62 13.86 0.54
N LEU G 322 67.81 13.19 1.36
CA LEU G 322 66.66 13.78 2.01
C LEU G 322 66.52 13.18 3.40
N THR G 323 65.95 13.95 4.31
CA THR G 323 65.68 13.50 5.68
C THR G 323 64.24 13.87 5.96
N LEU G 324 63.46 12.91 6.44
CA LEU G 324 62.04 13.12 6.73
C LEU G 324 61.75 12.61 8.14
N ARG G 325 61.15 13.44 8.99
CA ARG G 325 60.81 13.01 10.34
C ARG G 325 59.36 13.31 10.68
N ILE G 326 58.64 12.29 11.15
CA ILE G 326 57.25 12.46 11.53
C ILE G 326 57.27 12.88 13.00
N GLU G 327 57.02 14.16 13.25
CA GLU G 327 57.03 14.68 14.62
C GLU G 327 55.84 14.16 15.42
N SER G 328 54.65 14.21 14.83
CA SER G 328 53.45 13.77 15.50
C SER G 328 52.49 13.26 14.46
N ALA G 329 51.57 12.41 14.89
CA ALA G 329 50.56 11.86 14.01
C ALA G 329 49.52 11.13 14.82
N VAL G 330 48.42 10.79 14.17
CA VAL G 330 47.36 10.05 14.83
C VAL G 330 47.28 8.71 14.11
N CYS G 331 47.04 7.64 14.86
CA CYS G 331 46.88 6.32 14.25
C CYS G 331 45.68 5.66 14.88
N GLU G 332 44.94 4.92 14.06
CA GLU G 332 43.78 4.20 14.56
C GLU G 332 44.21 2.96 15.35
N SER G 333 45.47 2.53 15.19
CA SER G 333 46.02 1.37 15.89
C SER G 333 47.05 1.81 16.92
N VAL G 334 47.17 1.08 18.04
CA VAL G 334 48.18 1.46 19.02
C VAL G 334 49.56 1.25 18.39
N LEU G 335 50.51 2.11 18.78
CA LEU G 335 51.89 2.01 18.30
C LEU G 335 52.76 2.48 19.44
N ALA G 336 54.04 2.17 19.35
CA ALA G 336 55.00 2.68 20.30
C ALA G 336 55.35 4.09 19.75
N ASP G 337 55.75 5.01 20.61
CA ASP G 337 56.18 6.34 20.17
C ASP G 337 57.30 6.80 21.11
N ALA G 338 57.72 8.06 21.02
CA ALA G 338 58.83 8.54 21.85
C ALA G 338 58.44 9.09 23.22
N SER G 339 57.16 9.06 23.56
CA SER G 339 56.71 9.60 24.84
C SER G 339 55.99 8.64 25.76
N GLU G 340 55.14 7.78 25.20
CA GLU G 340 54.38 6.84 25.99
C GLU G 340 55.21 5.67 26.50
N THR G 341 54.91 5.23 27.71
CA THR G 341 55.64 4.14 28.35
C THR G 341 54.99 2.78 28.23
N MET G 342 53.87 2.69 27.50
CA MET G 342 53.16 1.43 27.35
C MET G 342 53.98 0.24 26.91
N LEU G 343 54.64 0.35 25.76
CA LEU G 343 55.46 -0.74 25.28
C LEU G 343 56.48 -1.12 26.35
N ALA G 344 57.16 -0.11 26.90
CA ALA G 344 58.17 -0.36 27.93
C ALA G 344 57.60 -1.01 29.17
N ASN G 345 56.37 -0.64 29.57
CA ASN G 345 55.74 -1.24 30.75
C ASN G 345 55.45 -2.71 30.54
N VAL G 346 54.83 -3.04 29.41
CA VAL G 346 54.49 -4.41 29.07
C VAL G 346 55.75 -5.24 28.94
N THR G 347 56.73 -4.72 28.20
CA THR G 347 57.98 -5.42 27.99
C THR G 347 58.70 -5.61 29.32
N SER G 348 58.68 -4.59 30.18
CA SER G 348 59.35 -4.67 31.47
C SER G 348 58.73 -5.66 32.42
N VAL G 349 57.40 -5.70 32.50
CA VAL G 349 56.75 -6.64 33.42
C VAL G 349 57.07 -8.07 32.96
N ARG G 350 56.99 -8.33 31.67
CA ARG G 350 57.29 -9.66 31.15
C ARG G 350 58.74 -10.08 31.41
N GLN G 351 59.69 -9.16 31.24
CA GLN G 351 61.11 -9.44 31.48
C GLN G 351 61.40 -9.69 32.97
N GLU G 352 60.86 -8.83 33.82
CA GLU G 352 61.07 -8.97 35.26
C GLU G 352 60.59 -10.33 35.80
N TYR G 353 59.42 -10.79 35.33
CA TYR G 353 58.88 -12.05 35.80
C TYR G 353 59.23 -13.24 34.96
N ALA G 354 60.24 -13.12 34.11
CA ALA G 354 60.68 -14.22 33.28
C ALA G 354 59.53 -14.94 32.55
N ILE G 355 58.61 -14.16 31.98
CA ILE G 355 57.47 -14.72 31.27
C ILE G 355 57.96 -15.41 29.99
N PRO G 356 57.59 -16.68 29.80
CA PRO G 356 57.99 -17.45 28.60
C PRO G 356 57.44 -16.82 27.30
N VAL G 357 58.14 -17.00 26.19
CA VAL G 357 57.67 -16.51 24.89
C VAL G 357 56.33 -17.19 24.64
N GLY G 358 55.35 -16.45 24.14
CA GLY G 358 54.05 -17.01 23.87
C GLY G 358 53.82 -17.21 22.39
N PRO G 359 52.58 -17.50 22.00
CA PRO G 359 52.24 -17.72 20.59
C PRO G 359 51.96 -16.46 19.76
N VAL G 360 51.77 -15.31 20.41
CA VAL G 360 51.44 -14.10 19.66
C VAL G 360 52.59 -13.14 19.43
N PHE G 361 53.20 -12.67 20.52
CA PHE G 361 54.28 -11.68 20.44
C PHE G 361 55.68 -12.21 20.14
N PRO G 362 56.49 -11.42 19.37
CA PRO G 362 57.85 -11.88 19.08
C PRO G 362 58.65 -11.92 20.37
N PRO G 363 59.74 -12.72 20.39
CA PRO G 363 60.56 -12.78 21.60
C PRO G 363 60.98 -11.35 22.03
N GLY G 364 60.84 -11.09 23.33
CA GLY G 364 61.20 -9.81 23.92
C GLY G 364 60.31 -8.65 23.56
N MET G 365 59.13 -8.92 22.98
CA MET G 365 58.22 -7.88 22.52
C MET G 365 58.99 -7.00 21.54
N ASN G 366 59.93 -7.57 20.79
CA ASN G 366 60.76 -6.78 19.85
C ASN G 366 59.93 -5.90 18.93
N TRP G 367 60.12 -4.58 19.03
CA TRP G 367 59.32 -3.67 18.23
C TRP G 367 59.46 -3.87 16.75
N THR G 368 60.68 -3.91 16.25
CA THR G 368 60.84 -4.10 14.81
C THR G 368 60.07 -5.35 14.32
N ASP G 369 60.25 -6.48 14.99
CA ASP G 369 59.56 -7.69 14.58
C ASP G 369 58.05 -7.52 14.67
N LEU G 370 57.59 -6.88 15.72
CA LEU G 370 56.17 -6.68 15.91
C LEU G 370 55.54 -5.84 14.79
N ILE G 371 56.10 -4.67 14.54
CA ILE G 371 55.57 -3.78 13.50
C ILE G 371 55.78 -4.34 12.09
N THR G 372 56.80 -5.15 11.87
CA THR G 372 57.03 -5.73 10.55
C THR G 372 55.89 -6.69 10.18
N ASN G 373 55.43 -7.47 11.14
CA ASN G 373 54.33 -8.40 10.91
C ASN G 373 53.27 -8.10 11.92
N TYR G 374 52.67 -6.92 11.76
CA TYR G 374 51.65 -6.43 12.67
C TYR G 374 50.30 -7.04 12.32
N SER G 375 50.12 -8.31 12.63
CA SER G 375 48.88 -9.01 12.34
C SER G 375 47.72 -8.51 13.20
N PRO G 376 46.48 -8.86 12.80
CA PRO G 376 45.33 -8.42 13.58
C PRO G 376 45.44 -8.95 15.01
N SER G 377 45.88 -10.20 15.16
CA SER G 377 46.03 -10.79 16.49
C SER G 377 47.04 -10.03 17.34
N ARG G 378 48.19 -9.70 16.77
CA ARG G 378 49.17 -8.95 17.54
C ARG G 378 48.60 -7.58 17.94
N GLU G 379 47.86 -6.92 17.05
CA GLU G 379 47.28 -5.62 17.37
C GLU G 379 46.23 -5.69 18.45
N ASP G 380 45.35 -6.69 18.39
CA ASP G 380 44.32 -6.82 19.42
C ASP G 380 44.95 -7.11 20.76
N ASN G 381 45.92 -8.01 20.79
CA ASN G 381 46.63 -8.32 22.02
C ASN G 381 47.41 -7.09 22.51
N LEU G 382 48.08 -6.37 21.59
CA LEU G 382 48.84 -5.19 21.95
C LEU G 382 47.92 -4.14 22.54
N GLN G 383 46.75 -3.94 21.95
CA GLN G 383 45.84 -2.93 22.47
C GLN G 383 45.35 -3.30 23.84
N ARG G 384 45.04 -4.59 24.04
CA ARG G 384 44.54 -5.02 25.34
C ARG G 384 45.59 -4.79 26.40
N VAL G 385 46.77 -5.19 26.04
CA VAL G 385 47.95 -5.16 26.90
C VAL G 385 48.37 -3.68 27.16
N PHE G 386 48.27 -2.81 26.16
CA PHE G 386 48.62 -1.36 26.30
C PHE G 386 47.57 -0.66 27.19
N THR G 387 46.31 -0.99 26.97
CA THR G 387 45.25 -0.40 27.77
C THR G 387 45.43 -0.77 29.25
N VAL G 388 45.80 -2.02 29.53
CA VAL G 388 46.03 -2.47 30.91
C VAL G 388 47.24 -1.73 31.51
N ALA G 389 48.29 -1.55 30.71
CA ALA G 389 49.48 -0.86 31.17
C ALA G 389 49.10 0.58 31.56
N SER G 390 48.21 1.19 30.77
CA SER G 390 47.79 2.56 31.05
C SER G 390 46.94 2.63 32.32
N ILE G 391 46.18 1.56 32.61
CA ILE G 391 45.32 1.53 33.78
C ILE G 391 46.24 1.43 34.99
N ARG G 392 47.25 0.59 34.87
CA ARG G 392 48.22 0.39 35.92
C ARG G 392 49.01 1.66 36.26
N SER G 393 49.44 2.39 35.24
CA SER G 393 50.21 3.62 35.43
C SER G 393 49.48 4.77 36.13
N MET G 394 48.19 4.59 36.39
CA MET G 394 47.40 5.63 37.04
C MET G 394 47.71 5.54 38.52
N LEU G 395 48.19 4.38 38.95
CA LEU G 395 48.47 4.13 40.36
C LEU G 395 49.90 3.75 40.67
N VAL G 396 50.51 2.99 39.76
CA VAL G 396 51.85 2.47 39.94
C VAL G 396 52.74 2.88 38.79
N LYS G 397 53.77 3.64 39.08
CA LYS G 397 54.70 4.05 38.03
C LYS G 397 56.05 3.56 38.44
N MET H 1 31.34 31.66 20.80
CA MET H 1 32.55 30.78 20.91
C MET H 1 32.62 29.95 22.21
N ASP H 2 32.84 30.60 23.36
CA ASP H 2 32.93 29.84 24.61
C ASP H 2 31.81 28.81 24.62
N VAL H 3 30.70 29.20 24.01
CA VAL H 3 29.53 28.35 23.89
C VAL H 3 30.09 27.02 23.39
N LEU H 4 30.48 27.05 22.13
CA LEU H 4 31.04 25.89 21.46
C LEU H 4 31.79 24.96 22.41
N TYR H 5 32.77 25.49 23.13
CA TYR H 5 33.53 24.65 24.04
C TYR H 5 32.63 23.70 24.81
N SER H 6 31.83 24.24 25.71
CA SER H 6 30.93 23.44 26.53
C SER H 6 30.33 22.25 25.78
N LEU H 7 29.69 22.53 24.65
CA LEU H 7 29.05 21.53 23.82
C LEU H 7 29.85 20.25 23.75
N SER H 8 31.15 20.38 23.96
CA SER H 8 32.03 19.22 23.92
C SER H 8 32.28 18.59 25.28
N LYS H 9 33.02 19.25 26.17
CA LYS H 9 33.30 18.69 27.51
C LYS H 9 31.99 18.14 28.05
N THR H 10 30.91 18.62 27.44
CA THR H 10 29.58 18.18 27.77
C THR H 10 29.54 16.72 27.33
N LEU H 11 29.72 16.52 26.03
CA LEU H 11 29.70 15.19 25.46
C LEU H 11 30.81 14.24 25.97
N LYS H 12 32.06 14.70 26.00
CA LYS H 12 33.17 13.84 26.50
C LYS H 12 32.89 13.41 27.93
N ASP H 13 32.86 14.39 28.84
CA ASP H 13 32.57 14.10 30.24
C ASP H 13 31.21 13.41 30.28
N ALA H 14 30.63 13.15 29.11
CA ALA H 14 29.34 12.46 28.99
C ALA H 14 29.54 11.05 28.44
N ARG H 15 29.90 10.95 27.16
CA ARG H 15 30.12 9.65 26.52
C ARG H 15 31.15 8.86 27.32
N ASP H 16 31.70 9.49 28.36
CA ASP H 16 32.69 8.87 29.22
C ASP H 16 32.16 8.45 30.60
N LYS H 17 31.49 9.35 31.32
CA LYS H 17 30.95 9.03 32.66
C LYS H 17 29.62 8.26 32.64
N ILE H 18 28.98 8.19 31.46
CA ILE H 18 27.68 7.51 31.31
C ILE H 18 27.77 6.11 30.74
N VAL H 19 28.06 5.12 31.57
CA VAL H 19 28.15 3.75 31.08
C VAL H 19 27.42 2.75 31.96
N GLU H 20 27.01 1.64 31.36
CA GLU H 20 26.29 0.58 32.06
C GLU H 20 26.94 0.32 33.41
N GLY H 21 26.27 0.71 34.50
CA GLY H 21 26.80 0.48 35.83
C GLY H 21 26.63 1.58 36.86
N THR H 22 27.61 2.47 36.89
CA THR H 22 27.64 3.61 37.81
C THR H 22 26.28 4.06 38.37
N LEU H 23 26.31 4.60 39.58
CA LEU H 23 25.11 5.10 40.25
C LEU H 23 24.71 6.46 39.69
N TYR H 24 23.45 6.85 39.89
CA TYR H 24 22.99 8.13 39.40
C TYR H 24 23.88 9.19 40.06
N SER H 25 24.00 9.12 41.38
CA SER H 25 24.79 10.07 42.17
C SER H 25 26.20 10.40 41.66
N ASN H 26 26.64 9.70 40.62
CA ASN H 26 27.96 9.95 40.05
C ASN H 26 27.87 10.96 38.93
N VAL H 27 26.64 11.27 38.55
CA VAL H 27 26.37 12.19 37.47
C VAL H 27 25.24 13.17 37.73
N SER H 28 24.79 13.27 38.98
CA SER H 28 23.70 14.20 39.31
C SER H 28 24.07 15.61 38.86
N ASP H 29 25.24 16.06 39.28
CA ASP H 29 25.73 17.40 38.93
C ASP H 29 25.93 17.47 37.42
N LEU H 30 26.02 16.31 36.79
CA LEU H 30 26.22 16.24 35.36
C LEU H 30 24.92 16.21 34.55
N ILE H 31 24.10 15.19 34.82
CA ILE H 31 22.83 15.07 34.12
C ILE H 31 22.25 16.45 33.94
N GLN H 32 21.97 17.10 35.07
CA GLN H 32 21.40 18.44 35.08
C GLN H 32 21.98 19.27 33.92
N GLN H 33 23.21 19.74 34.10
CA GLN H 33 23.89 20.56 33.08
C GLN H 33 23.44 20.14 31.69
N PHE H 34 23.51 18.84 31.44
CA PHE H 34 23.12 18.32 30.15
C PHE H 34 21.76 18.80 29.70
N ASN H 35 20.72 18.32 30.38
CA ASN H 35 19.36 18.70 30.04
C ASN H 35 19.28 20.18 29.68
N GLN H 36 19.63 21.03 30.64
CA GLN H 36 19.62 22.48 30.44
C GLN H 36 19.85 22.81 28.97
N MET H 37 20.83 22.15 28.38
CA MET H 37 21.17 22.35 26.98
C MET H 37 19.98 22.06 26.08
N ILE H 38 19.67 20.78 25.96
CA ILE H 38 18.56 20.31 25.15
C ILE H 38 17.47 21.36 25.02
N ILE H 39 17.02 21.85 26.17
CA ILE H 39 15.97 22.88 26.21
C ILE H 39 16.30 24.04 25.30
N THR H 40 17.32 24.80 25.68
CA THR H 40 17.76 25.95 24.93
C THR H 40 17.75 25.71 23.42
N MET H 41 18.13 24.49 23.02
CA MET H 41 18.19 24.11 21.61
C MET H 41 16.83 23.93 20.94
N ASN H 42 16.19 22.80 21.24
CA ASN H 42 14.87 22.45 20.70
C ASN H 42 14.14 23.57 19.98
N GLY H 43 13.83 23.34 18.71
CA GLY H 43 13.11 24.34 17.94
C GLY H 43 13.89 25.17 16.96
N ASN H 44 15.10 25.60 17.32
CA ASN H 44 15.93 26.43 16.45
C ASN H 44 16.55 25.68 15.26
N GLU H 45 16.36 26.23 14.06
CA GLU H 45 16.87 25.64 12.81
C GLU H 45 18.32 26.01 12.51
N PHE H 46 19.06 25.10 11.88
CA PHE H 46 20.47 25.32 11.54
C PHE H 46 20.90 24.92 10.13
N GLN H 47 22.05 25.46 9.71
CA GLN H 47 22.62 25.18 8.40
C GLN H 47 24.14 25.27 8.40
N THR H 48 24.80 24.33 7.72
CA THR H 48 26.26 24.29 7.64
C THR H 48 26.72 23.81 6.27
N GLY H 49 27.71 24.51 5.72
CA GLY H 49 28.23 24.12 4.42
C GLY H 49 28.20 25.24 3.40
N GLY H 50 28.44 24.89 2.14
CA GLY H 50 28.44 25.87 1.06
C GLY H 50 29.83 26.34 0.69
N ILE H 51 30.72 25.40 0.39
CA ILE H 51 32.08 25.75 0.04
C ILE H 51 32.91 24.52 -0.33
N GLY H 52 33.42 24.50 -1.55
CA GLY H 52 34.24 23.39 -2.01
C GLY H 52 33.55 22.02 -1.98
N ASN H 53 34.11 21.11 -1.17
CA ASN H 53 33.57 19.77 -1.03
C ASN H 53 32.91 19.61 0.34
N LEU H 54 32.17 20.63 0.77
CA LEU H 54 31.52 20.56 2.08
C LEU H 54 30.00 20.54 1.96
N PRO H 55 29.38 19.38 2.22
CA PRO H 55 27.93 19.20 2.16
C PRO H 55 27.17 20.27 2.94
N ILE H 56 25.90 20.45 2.58
CA ILE H 56 25.05 21.43 3.24
C ILE H 56 23.95 20.67 3.98
N ARG H 57 24.22 20.28 5.22
CA ARG H 57 23.22 19.55 6.00
C ARG H 57 22.46 20.46 6.95
N ASN H 58 21.14 20.25 7.04
CA ASN H 58 20.29 21.04 7.93
C ASN H 58 19.98 20.24 9.19
N TRP H 59 19.87 20.94 10.33
CA TRP H 59 19.60 20.27 11.60
C TRP H 59 18.43 20.83 12.38
N ASN H 60 17.42 19.98 12.60
CA ASN H 60 16.23 20.36 13.36
C ASN H 60 16.21 19.63 14.68
N PHE H 61 15.69 20.29 15.71
CA PHE H 61 15.63 19.71 17.05
C PHE H 61 14.21 19.55 17.60
N ASP H 62 14.05 18.53 18.44
CA ASP H 62 12.79 18.22 19.08
C ASP H 62 13.08 16.99 19.94
N PHE H 63 13.76 17.21 21.06
CA PHE H 63 14.14 16.13 21.99
C PHE H 63 13.66 16.29 23.42
N GLY H 64 13.46 15.16 24.10
CA GLY H 64 13.01 15.17 25.48
C GLY H 64 14.16 15.00 26.44
N LEU H 65 13.92 15.21 27.73
CA LEU H 65 14.96 15.10 28.76
C LEU H 65 15.26 13.69 29.24
N LEU H 66 15.75 13.60 30.47
CA LEU H 66 16.10 12.31 31.08
C LEU H 66 15.57 12.18 32.50
N GLY H 67 14.28 11.91 32.61
CA GLY H 67 13.67 11.77 33.92
C GLY H 67 13.80 10.39 34.51
N THR H 68 14.13 9.41 33.68
CA THR H 68 14.26 8.04 34.16
C THR H 68 15.23 8.02 35.33
N THR H 69 14.71 8.12 36.55
CA THR H 69 15.55 8.10 37.76
C THR H 69 15.62 6.70 38.36
N LEU H 70 16.70 5.99 38.06
CA LEU H 70 16.92 4.66 38.59
C LEU H 70 18.30 4.66 39.24
N LEU H 71 18.37 4.17 40.48
CA LEU H 71 19.62 4.14 41.21
C LEU H 71 20.82 3.80 40.31
N ASN H 72 20.84 2.57 39.79
CA ASN H 72 21.93 2.15 38.91
C ASN H 72 21.51 2.26 37.45
N LEU H 73 22.44 2.70 36.60
CA LEU H 73 22.17 2.87 35.18
C LEU H 73 21.99 1.54 34.47
N ASP H 74 20.76 1.23 34.05
CA ASP H 74 20.51 -0.02 33.35
C ASP H 74 20.86 0.18 31.88
N ALA H 75 21.45 -0.85 31.28
CA ALA H 75 21.85 -0.79 29.87
C ALA H 75 20.85 0.01 29.03
N ASN H 76 19.58 -0.36 29.12
CA ASN H 76 18.53 0.31 28.38
C ASN H 76 18.62 1.83 28.46
N TYR H 77 19.12 2.34 29.58
CA TYR H 77 19.24 3.79 29.77
C TYR H 77 20.30 4.37 28.83
N VAL H 78 21.42 3.67 28.74
CA VAL H 78 22.52 4.09 27.91
C VAL H 78 22.06 4.26 26.46
N GLU H 79 21.81 3.15 25.79
CA GLU H 79 21.39 3.16 24.38
C GLU H 79 20.40 4.25 24.00
N THR H 80 19.40 4.50 24.84
CA THR H 80 18.41 5.53 24.54
C THR H 80 19.04 6.91 24.66
N ALA H 81 20.28 6.92 25.14
CA ALA H 81 21.03 8.15 25.31
C ALA H 81 22.07 8.28 24.20
N ARG H 82 22.87 7.24 24.01
CA ARG H 82 23.89 7.24 22.97
C ARG H 82 23.29 7.63 21.63
N ASN H 83 22.06 7.18 21.38
CA ASN H 83 21.37 7.50 20.13
C ASN H 83 21.07 8.99 20.00
N THR H 84 21.00 9.67 21.14
CA THR H 84 20.73 11.10 21.12
C THR H 84 22.03 11.88 21.07
N ILE H 85 23.11 11.26 21.51
CA ILE H 85 24.40 11.93 21.48
C ILE H 85 24.96 11.89 20.07
N ASP H 86 24.84 10.73 19.42
CA ASP H 86 25.35 10.55 18.06
C ASP H 86 24.78 11.51 17.03
N TYR H 87 23.84 12.37 17.44
CA TYR H 87 23.30 13.36 16.51
C TYR H 87 24.07 14.65 16.78
N PHE H 88 24.50 14.81 18.03
CA PHE H 88 25.26 15.98 18.43
C PHE H 88 26.71 15.82 17.99
N VAL H 89 27.19 14.59 18.03
CA VAL H 89 28.54 14.32 17.58
C VAL H 89 28.54 14.72 16.11
N ASP H 90 27.96 13.88 15.25
CA ASP H 90 27.87 14.12 13.80
C ASP H 90 27.45 15.55 13.47
N PHE H 91 27.00 16.27 14.49
CA PHE H 91 26.60 17.66 14.30
C PHE H 91 27.83 18.54 14.47
N VAL H 92 28.28 18.64 15.72
CA VAL H 92 29.43 19.45 16.04
C VAL H 92 30.53 19.35 14.98
N ASP H 93 30.81 18.13 14.51
CA ASP H 93 31.85 17.91 13.48
C ASP H 93 31.52 18.88 12.36
N ASN H 94 30.33 18.74 11.78
CA ASN H 94 29.87 19.59 10.70
C ASN H 94 29.83 21.06 11.10
N VAL H 95 29.94 21.35 12.39
CA VAL H 95 29.92 22.73 12.86
C VAL H 95 31.34 23.27 12.90
N CYS H 96 32.22 22.55 13.56
CA CYS H 96 33.61 22.96 13.65
C CYS H 96 34.12 23.24 12.25
N MET H 97 34.10 22.19 11.44
CA MET H 97 34.57 22.25 10.08
C MET H 97 34.09 23.52 9.33
N ASP H 98 32.81 23.88 9.48
CA ASP H 98 32.26 25.05 8.80
C ASP H 98 32.93 26.38 9.15
N GLU H 99 33.29 26.57 10.42
CA GLU H 99 33.93 27.82 10.85
C GLU H 99 35.45 27.63 10.90
N MET H 100 35.92 26.48 10.43
CA MET H 100 37.34 26.18 10.39
C MET H 100 37.89 26.35 8.98
N VAL H 101 37.24 27.16 8.16
CA VAL H 101 37.73 27.37 6.81
C VAL H 101 37.54 28.80 6.39
N ARG H 102 36.58 29.48 7.02
CA ARG H 102 36.30 30.87 6.72
C ARG H 102 37.32 31.76 7.45
N GLU H 103 37.84 32.75 6.72
CA GLU H 103 38.84 33.68 7.25
C GLU H 103 38.41 35.14 7.06
N SER H 104 39.04 36.08 7.78
CA SER H 104 38.67 37.50 7.66
C SER H 104 39.77 38.48 8.12
N GLN H 105 40.15 39.41 7.24
CA GLN H 105 41.18 40.42 7.55
C GLN H 105 40.59 41.58 8.37
N ARG H 106 39.37 42.01 8.05
CA ARG H 106 38.70 43.10 8.77
C ARG H 106 38.54 42.66 10.23
N ASN H 107 39.16 41.52 10.52
CA ASN H 107 39.23 40.84 11.82
C ASN H 107 38.62 39.45 11.77
N GLY H 108 39.46 38.45 12.02
CA GLY H 108 39.01 37.06 12.00
C GLY H 108 38.84 36.47 13.39
N ILE H 109 39.34 37.18 14.40
CA ILE H 109 39.25 36.72 15.79
C ILE H 109 37.79 36.76 16.24
N ALA H 110 36.88 36.50 15.30
CA ALA H 110 35.46 36.51 15.61
C ALA H 110 34.68 35.50 14.78
N PRO H 111 33.43 35.22 15.18
CA PRO H 111 32.57 34.27 14.48
C PRO H 111 32.31 34.71 13.03
N GLN H 112 32.27 33.74 12.12
CA GLN H 112 32.05 34.03 10.71
C GLN H 112 30.82 33.31 10.12
N SER H 113 30.76 32.00 10.31
CA SER H 113 29.68 31.13 9.81
C SER H 113 28.27 31.42 10.29
N ASP H 114 27.29 31.12 9.44
CA ASP H 114 25.88 31.32 9.76
C ASP H 114 25.50 30.38 10.90
N SER H 115 26.41 29.47 11.21
CA SER H 115 26.19 28.51 12.28
C SER H 115 26.61 29.14 13.59
N LEU H 116 27.84 29.65 13.63
CA LEU H 116 28.34 30.26 14.85
C LEU H 116 27.83 31.67 15.15
N ARG H 117 27.71 32.53 14.13
CA ARG H 117 27.22 33.90 14.35
C ARG H 117 25.94 33.83 15.18
N LYS H 118 25.24 32.70 15.10
CA LYS H 118 23.98 32.50 15.83
C LYS H 118 24.23 31.94 17.24
N LEU H 119 25.40 31.36 17.44
CA LEU H 119 25.77 30.76 18.73
C LEU H 119 26.17 31.80 19.76
N SER H 120 26.91 32.81 19.31
CA SER H 120 27.35 33.87 20.21
C SER H 120 26.12 34.61 20.72
N GLY H 121 24.97 34.31 20.13
CA GLY H 121 23.72 34.94 20.55
C GLY H 121 23.62 34.84 22.06
N LEU H 122 22.83 35.71 22.66
CA LEU H 122 22.69 35.71 24.12
C LEU H 122 21.88 34.55 24.71
N LYS H 123 20.74 34.24 24.10
CA LYS H 123 19.87 33.16 24.57
C LYS H 123 20.54 31.79 24.68
N PHE H 124 21.75 31.66 24.15
CA PHE H 124 22.49 30.39 24.17
C PHE H 124 23.53 30.33 25.28
N LYS H 125 23.96 31.51 25.71
CA LYS H 125 24.99 31.62 26.73
C LYS H 125 24.69 30.75 27.97
N ARG H 126 23.46 30.27 28.10
CA ARG H 126 23.09 29.42 29.23
C ARG H 126 23.70 28.03 29.13
N ILE H 127 25.01 27.91 28.89
CA ILE H 127 25.59 26.58 28.75
C ILE H 127 27.01 26.31 29.28
N ASN H 128 27.89 27.30 29.17
CA ASN H 128 29.29 27.18 29.62
C ASN H 128 29.54 26.31 30.86
N PHE H 129 30.74 25.75 30.97
CA PHE H 129 31.15 24.92 32.12
C PHE H 129 32.48 24.18 31.94
N ASP H 130 33.08 23.75 33.06
CA ASP H 130 34.38 23.04 33.12
C ASP H 130 35.35 23.43 31.99
N ASN H 131 35.97 24.60 32.12
CA ASN H 131 36.93 25.09 31.12
C ASN H 131 38.35 24.76 31.55
N SER H 132 38.68 23.48 31.69
CA SER H 132 40.03 23.11 32.07
C SER H 132 40.86 22.66 30.86
N SER H 133 40.34 22.88 29.65
CA SER H 133 41.05 22.50 28.43
C SER H 133 42.03 23.59 28.03
N GLU H 134 43.29 23.37 28.40
CA GLU H 134 44.38 24.29 28.13
C GLU H 134 44.10 25.41 27.13
N TYR H 135 43.46 25.09 26.00
CA TYR H 135 43.18 26.12 24.99
C TYR H 135 42.09 27.13 25.26
N ILE H 136 40.99 26.67 25.81
CA ILE H 136 39.93 27.59 26.13
C ILE H 136 40.44 28.44 27.29
N GLU H 137 41.10 27.80 28.26
CA GLU H 137 41.68 28.48 29.43
C GLU H 137 42.38 29.73 28.92
N ASN H 138 43.06 29.58 27.79
CA ASN H 138 43.79 30.69 27.21
C ASN H 138 42.95 31.56 26.31
N TRP H 139 41.90 31.02 25.70
CA TRP H 139 41.08 31.88 24.88
C TRP H 139 40.51 32.99 25.75
N ASN H 140 39.82 32.60 26.83
CA ASN H 140 39.20 33.57 27.73
C ASN H 140 40.16 34.67 28.18
N LEU H 141 41.21 34.29 28.90
CA LEU H 141 42.20 35.23 29.42
C LEU H 141 42.65 36.25 28.38
N GLN H 142 42.47 35.92 27.12
CA GLN H 142 42.86 36.80 26.01
C GLN H 142 41.76 37.79 25.63
N ASN H 143 40.54 37.29 25.46
CA ASN H 143 39.44 38.15 25.08
C ASN H 143 39.08 39.12 26.19
N ARG H 144 39.78 39.00 27.32
CA ARG H 144 39.57 39.89 28.46
C ARG H 144 40.73 40.88 28.45
N ARG H 145 41.71 40.62 27.60
CA ARG H 145 42.91 41.45 27.44
C ARG H 145 43.90 41.30 28.60
N GLN H 146 44.73 40.26 28.53
CA GLN H 146 45.74 39.98 29.57
C GLN H 146 46.73 38.90 29.12
N ARG H 147 47.84 38.77 29.84
CA ARG H 147 48.87 37.78 29.52
C ARG H 147 48.35 36.35 29.37
N THR H 148 48.60 35.76 28.19
CA THR H 148 48.18 34.40 27.87
C THR H 148 49.24 33.35 28.27
N GLY H 149 49.51 32.38 27.39
CA GLY H 149 50.51 31.35 27.69
C GLY H 149 50.22 29.92 27.27
N PHE H 150 51.18 29.27 26.60
CA PHE H 150 51.02 27.88 26.13
C PHE H 150 52.29 27.02 26.33
N THR H 151 52.19 25.71 26.09
CA THR H 151 53.33 24.78 26.27
C THR H 151 53.73 24.02 25.00
N PHE H 152 55.03 23.99 24.69
CA PHE H 152 55.51 23.30 23.48
C PHE H 152 56.84 22.57 23.60
N HIS H 153 56.88 21.34 23.08
CA HIS H 153 58.08 20.51 23.06
C HIS H 153 58.61 20.62 21.64
N LYS H 154 59.82 21.15 21.49
CA LYS H 154 60.46 21.37 20.18
C LYS H 154 59.54 22.28 19.33
N PRO H 155 59.20 23.50 19.84
CA PRO H 155 58.35 24.49 19.16
C PRO H 155 58.76 24.77 17.72
N ASN H 156 57.92 25.45 16.94
CA ASN H 156 58.30 25.67 15.54
C ASN H 156 58.37 27.18 15.30
N ILE H 157 59.44 27.78 15.79
CA ILE H 157 59.63 29.21 15.74
C ILE H 157 60.48 29.73 14.58
N PHE H 158 61.36 28.89 14.05
CA PHE H 158 62.22 29.31 12.95
C PHE H 158 61.72 28.94 11.56
N PRO H 159 61.42 29.94 10.73
CA PRO H 159 60.96 29.59 9.39
C PRO H 159 62.16 28.92 8.72
N TYR H 160 61.91 27.95 7.84
CA TYR H 160 63.00 27.27 7.19
C TYR H 160 63.89 28.27 6.48
N SER H 161 65.19 28.18 6.70
CA SER H 161 66.15 29.05 6.06
C SER H 161 67.44 28.26 6.00
N ALA H 162 67.93 28.02 4.80
CA ALA H 162 69.18 27.30 4.64
C ALA H 162 69.99 28.11 3.63
N SER H 163 71.07 28.75 4.07
CA SER H 163 71.85 29.57 3.16
C SER H 163 73.29 29.79 3.64
N PHE H 164 74.01 30.71 3.01
CA PHE H 164 75.38 31.03 3.38
C PHE H 164 75.67 32.49 3.08
N THR H 165 76.78 32.98 3.62
CA THR H 165 77.19 34.34 3.37
C THR H 165 78.69 34.28 3.25
N LEU H 166 79.20 34.65 2.08
CA LEU H 166 80.64 34.66 1.85
C LEU H 166 81.21 36.02 2.19
N ASN H 167 81.97 36.10 3.27
CA ASN H 167 82.57 37.36 3.68
C ASN H 167 83.85 37.68 2.89
N ARG H 168 84.48 36.64 2.35
CA ARG H 168 85.66 36.79 1.49
C ARG H 168 85.47 35.73 0.44
N SER H 169 85.48 36.15 -0.82
CA SER H 169 85.32 35.20 -1.91
C SER H 169 85.97 35.80 -3.13
N GLN H 170 86.15 34.96 -4.13
CA GLN H 170 86.75 35.38 -5.38
C GLN H 170 86.18 34.41 -6.40
N PRO H 171 86.20 34.78 -7.69
CA PRO H 171 85.68 33.95 -8.77
C PRO H 171 85.96 32.45 -8.69
N ALA H 172 87.20 32.07 -8.43
CA ALA H 172 87.57 30.66 -8.35
C ALA H 172 86.98 29.94 -7.11
N HIS H 173 86.57 30.71 -6.11
CA HIS H 173 86.02 30.17 -4.86
C HIS H 173 86.99 29.16 -4.29
N ASP H 174 88.26 29.53 -4.23
CA ASP H 174 89.31 28.67 -3.72
C ASP H 174 89.88 29.16 -2.39
N ASN H 175 89.40 30.31 -1.91
CA ASN H 175 89.82 30.85 -0.63
C ASN H 175 88.70 31.71 -0.03
N LEU H 176 87.64 31.01 0.42
CA LEU H 176 86.46 31.64 0.99
C LEU H 176 86.49 31.73 2.49
N MET H 177 85.66 32.62 3.02
CA MET H 177 85.51 32.79 4.45
C MET H 177 84.07 33.28 4.63
N GLY H 178 83.33 32.65 5.54
CA GLY H 178 81.95 33.05 5.75
C GLY H 178 81.22 32.06 6.63
N THR H 179 79.90 32.07 6.57
CA THR H 179 79.11 31.17 7.36
C THR H 179 78.00 30.55 6.51
N MET H 180 77.54 29.40 6.95
CA MET H 180 76.42 28.71 6.29
C MET H 180 75.57 28.18 7.46
N TRP H 181 74.27 28.10 7.25
CA TRP H 181 73.40 27.68 8.33
C TRP H 181 72.12 27.03 7.86
N LEU H 182 71.39 26.50 8.85
CA LEU H 182 70.06 25.91 8.66
C LEU H 182 69.29 26.30 9.93
N ASN H 183 68.29 27.13 9.74
CA ASN H 183 67.35 27.49 10.81
C ASN H 183 66.05 26.83 10.43
N ALA H 184 65.53 25.98 11.28
CA ALA H 184 64.28 25.29 10.96
C ALA H 184 63.63 24.74 12.21
N GLY H 185 62.36 25.08 12.41
CA GLY H 185 61.65 24.59 13.57
C GLY H 185 62.19 25.17 14.87
N SER H 186 62.74 24.29 15.68
CA SER H 186 63.29 24.70 16.95
C SER H 186 64.82 24.58 16.93
N GLU H 187 65.40 24.35 15.76
CA GLU H 187 66.84 24.16 15.68
C GLU H 187 67.61 25.10 14.78
N ILE H 188 68.85 25.35 15.18
CA ILE H 188 69.77 26.19 14.44
C ILE H 188 71.10 25.46 14.38
N GLN H 189 71.69 25.38 13.20
CA GLN H 189 73.04 24.83 13.05
C GLN H 189 73.74 25.88 12.22
N VAL H 190 74.92 26.30 12.64
CA VAL H 190 75.66 27.29 11.90
C VAL H 190 77.13 26.96 11.94
N ALA H 191 77.79 27.11 10.80
CA ALA H 191 79.23 26.86 10.69
C ALA H 191 79.91 28.07 10.12
N GLY H 192 81.10 28.33 10.62
CA GLY H 192 81.94 29.41 10.13
C GLY H 192 83.13 28.70 9.51
N PHE H 193 83.48 29.07 8.28
CA PHE H 193 84.60 28.47 7.58
C PHE H 193 85.61 29.54 7.11
N ASP H 194 86.88 29.17 7.07
CA ASP H 194 87.95 30.06 6.62
C ASP H 194 88.94 29.17 5.91
N TYR H 195 88.92 29.17 4.58
CA TYR H 195 89.81 28.32 3.78
C TYR H 195 91.29 28.54 4.13
N SER H 196 91.65 29.76 4.53
CA SER H 196 93.04 30.08 4.88
C SER H 196 93.46 29.69 6.31
N CYS H 197 92.52 29.18 7.11
CA CYS H 197 92.78 28.80 8.50
C CYS H 197 93.41 29.96 9.27
N ALA H 198 92.88 31.15 9.04
CA ALA H 198 93.32 32.37 9.70
C ALA H 198 94.84 32.64 9.62
N ILE H 199 95.48 32.19 8.53
CA ILE H 199 96.92 32.35 8.31
C ILE H 199 97.40 33.83 8.36
N ASN H 200 96.57 34.73 7.81
CA ASN H 200 96.88 36.17 7.79
C ASN H 200 95.93 36.96 8.66
N ALA H 201 95.18 36.28 9.53
CA ALA H 201 94.24 36.98 10.40
C ALA H 201 94.88 37.46 11.71
N PRO H 202 94.44 38.61 12.24
CA PRO H 202 94.96 39.17 13.49
C PRO H 202 94.78 38.14 14.60
N ALA H 203 95.89 37.83 15.28
CA ALA H 203 95.90 36.84 16.36
C ALA H 203 95.57 35.45 15.82
N ASN H 204 95.66 35.28 14.50
CA ASN H 204 95.35 34.02 13.83
C ASN H 204 93.98 33.51 14.24
N THR H 205 93.05 34.44 14.39
CA THR H 205 91.69 34.12 14.80
C THR H 205 90.68 34.81 13.87
N GLN H 206 89.70 34.05 13.38
CA GLN H 206 88.67 34.60 12.54
C GLN H 206 87.39 34.57 13.35
N GLN H 207 86.72 35.71 13.46
CA GLN H 207 85.47 35.81 14.21
C GLN H 207 84.28 35.48 13.33
N PHE H 208 83.28 34.82 13.91
CA PHE H 208 82.04 34.49 13.21
C PHE H 208 80.86 34.91 14.09
N GLU H 209 79.71 35.05 13.47
CA GLU H 209 78.55 35.44 14.22
C GLU H 209 77.31 35.02 13.44
N HIS H 210 76.27 34.59 14.16
CA HIS H 210 75.03 34.19 13.51
C HIS H 210 73.92 34.76 14.40
N ILE H 211 73.05 35.57 13.78
CA ILE H 211 71.93 36.17 14.51
C ILE H 211 70.61 35.67 13.96
N VAL H 212 69.70 35.29 14.85
CA VAL H 212 68.39 34.80 14.45
C VAL H 212 67.35 35.57 15.23
N GLN H 213 66.45 36.22 14.50
CA GLN H 213 65.39 37.01 15.08
C GLN H 213 64.07 36.26 15.10
N LEU H 214 63.55 35.97 16.30
CA LEU H 214 62.30 35.23 16.39
C LEU H 214 61.15 36.17 16.06
N ARG H 215 60.08 35.63 15.49
CA ARG H 215 58.92 36.44 15.14
C ARG H 215 58.04 36.65 16.38
N ARG H 216 58.27 35.85 17.42
CA ARG H 216 57.54 35.97 18.67
C ARG H 216 58.55 35.67 19.77
N VAL H 217 58.33 36.29 20.93
CA VAL H 217 59.18 36.08 22.08
C VAL H 217 58.90 34.69 22.66
N LEU H 218 59.97 34.03 23.07
CA LEU H 218 59.83 32.76 23.74
C LEU H 218 60.31 33.01 25.15
N THR H 219 59.60 32.44 26.12
CA THR H 219 59.99 32.55 27.51
C THR H 219 60.19 31.12 28.05
N THR H 220 60.87 31.03 29.18
CA THR H 220 61.10 29.75 29.87
C THR H 220 61.57 28.60 28.93
N ALA H 221 62.49 28.92 28.03
CA ALA H 221 63.05 27.96 27.09
C ALA H 221 64.20 27.12 27.68
N THR H 222 64.06 25.81 27.50
CA THR H 222 65.11 24.84 27.88
C THR H 222 65.82 24.51 26.57
N ILE H 223 67.10 24.81 26.54
CA ILE H 223 67.85 24.70 25.30
C ILE H 223 69.12 23.83 25.38
N THR H 224 69.38 23.07 24.32
CA THR H 224 70.57 22.23 24.21
C THR H 224 71.50 22.98 23.27
N LEU H 225 72.74 23.21 23.69
CA LEU H 225 73.73 23.89 22.89
C LEU H 225 74.89 22.96 22.83
N LEU H 226 75.35 22.64 21.62
CA LEU H 226 76.46 21.72 21.44
C LEU H 226 77.45 22.30 20.45
N PRO H 227 78.74 21.98 20.62
CA PRO H 227 79.71 22.51 19.67
C PRO H 227 79.59 21.65 18.41
N ASP H 228 80.00 22.21 17.28
CA ASP H 228 79.98 21.54 15.97
C ASP H 228 78.64 21.59 15.26
N ALA H 229 78.68 21.67 13.94
CA ALA H 229 77.49 21.67 13.11
C ALA H 229 77.69 20.48 12.17
N GLU H 230 77.18 19.32 12.56
CA GLU H 230 77.35 18.10 11.76
C GLU H 230 76.85 18.27 10.33
N ARG H 231 75.77 19.02 10.18
CA ARG H 231 75.19 19.27 8.88
C ARG H 231 76.19 19.94 7.91
N PHE H 232 77.17 20.66 8.44
CA PHE H 232 78.14 21.36 7.59
C PHE H 232 79.55 20.84 7.85
N SER H 233 79.64 19.56 8.12
CA SER H 233 80.93 18.96 8.39
C SER H 233 81.38 18.02 7.30
N PHE H 234 80.62 17.97 6.22
CA PHE H 234 80.98 17.10 5.12
C PHE H 234 81.19 17.86 3.79
N PRO H 235 81.91 17.25 2.83
CA PRO H 235 82.20 17.85 1.53
C PRO H 235 80.95 18.18 0.75
N ARG H 236 80.95 19.37 0.18
CA ARG H 236 79.81 19.82 -0.57
C ARG H 236 80.24 20.59 -1.82
N VAL H 237 79.37 20.52 -2.78
CA VAL H 237 79.47 21.31 -4.00
C VAL H 237 78.23 22.19 -3.93
N ILE H 238 78.46 23.48 -3.85
CA ILE H 238 77.38 24.43 -3.62
C ILE H 238 77.24 25.44 -4.76
N ASN H 239 76.04 25.98 -4.95
CA ASN H 239 75.85 26.97 -5.99
C ASN H 239 76.40 28.30 -5.46
N SER H 240 76.97 29.08 -6.37
CA SER H 240 77.53 30.38 -6.02
C SER H 240 76.37 31.32 -5.67
N ALA H 241 76.67 32.42 -5.00
CA ALA H 241 75.64 33.38 -4.63
C ALA H 241 74.77 33.84 -5.81
N ASP H 242 75.40 34.07 -6.97
CA ASP H 242 74.70 34.52 -8.18
C ASP H 242 74.11 33.40 -9.04
N GLY H 243 74.30 32.16 -8.60
CA GLY H 243 73.78 31.01 -9.32
C GLY H 243 74.51 30.68 -10.60
N ALA H 244 75.57 31.43 -10.92
CA ALA H 244 76.32 31.22 -12.15
C ALA H 244 77.28 30.03 -12.18
N THR H 245 77.70 29.54 -11.01
CA THR H 245 78.64 28.42 -10.96
C THR H 245 78.53 27.66 -9.63
N THR H 246 79.44 26.71 -9.39
CA THR H 246 79.43 25.94 -8.16
C THR H 246 80.83 25.92 -7.53
N TRP H 247 80.87 25.99 -6.19
CA TRP H 247 82.12 25.97 -5.43
C TRP H 247 82.23 24.69 -4.61
N TYR H 248 83.45 24.38 -4.20
CA TYR H 248 83.71 23.18 -3.41
C TYR H 248 84.04 23.49 -1.95
N PHE H 249 83.35 22.79 -1.04
CA PHE H 249 83.56 22.97 0.39
C PHE H 249 84.07 21.61 0.89
N ASN H 250 85.26 21.62 1.44
CA ASN H 250 85.89 20.41 1.94
C ASN H 250 86.30 20.64 3.40
N PRO H 251 85.35 20.63 4.34
CA PRO H 251 85.63 20.94 5.74
C PRO H 251 86.46 19.93 6.50
N VAL H 252 87.17 20.52 7.45
CA VAL H 252 87.93 19.84 8.52
C VAL H 252 87.54 20.65 9.76
N ILE H 253 87.09 19.95 10.78
CA ILE H 253 86.49 20.63 11.94
C ILE H 253 87.41 20.84 13.13
N LEU H 254 87.35 22.05 13.69
CA LEU H 254 88.13 22.43 14.87
C LEU H 254 87.11 22.89 15.92
N ARG H 255 87.50 22.89 17.19
CA ARG H 255 86.55 23.31 18.21
C ARG H 255 86.28 24.78 18.13
N PRO H 256 85.01 25.17 18.27
CA PRO H 256 84.72 26.60 18.21
C PRO H 256 85.36 27.25 19.44
N ASN H 257 86.06 28.35 19.19
CA ASN H 257 86.77 29.12 20.20
C ASN H 257 85.97 30.36 20.66
N ASN H 258 86.01 30.65 21.96
CA ASN H 258 85.28 31.80 22.54
C ASN H 258 83.82 31.88 22.19
N VAL H 259 83.13 30.76 22.38
CA VAL H 259 81.73 30.67 22.08
C VAL H 259 80.95 31.54 23.06
N GLU H 260 80.06 32.35 22.53
CA GLU H 260 79.21 33.20 23.35
C GLU H 260 77.82 33.24 22.77
N VAL H 261 76.83 32.80 23.55
CA VAL H 261 75.45 32.80 23.08
C VAL H 261 74.72 33.87 23.86
N GLU H 262 74.04 34.75 23.15
CA GLU H 262 73.27 35.76 23.83
C GLU H 262 71.82 35.65 23.42
N PHE H 263 70.94 35.70 24.40
CA PHE H 263 69.50 35.65 24.18
C PHE H 263 69.10 37.07 24.54
N LEU H 264 68.70 37.82 23.53
CA LEU H 264 68.34 39.21 23.73
C LEU H 264 66.87 39.46 23.62
N LEU H 265 66.43 40.52 24.26
CA LEU H 265 65.04 40.92 24.23
C LEU H 265 65.07 42.41 23.95
N ASN H 266 64.53 42.82 22.80
CA ASN H 266 64.53 44.24 22.43
C ASN H 266 65.92 44.86 22.50
N GLY H 267 66.93 44.11 22.04
CA GLY H 267 68.29 44.63 22.02
C GLY H 267 69.06 44.46 23.29
N GLN H 268 68.38 44.07 24.37
CA GLN H 268 69.05 43.88 25.65
C GLN H 268 69.43 42.42 25.88
N ILE H 269 70.61 42.19 26.44
CA ILE H 269 71.04 40.84 26.76
C ILE H 269 70.25 40.40 28.01
N ILE H 270 69.50 39.31 27.88
CA ILE H 270 68.73 38.80 29.00
C ILE H 270 69.54 37.63 29.56
N ASN H 271 70.08 36.79 28.67
CA ASN H 271 70.90 35.66 29.11
C ASN H 271 72.14 35.61 28.23
N THR H 272 73.27 35.28 28.84
CA THR H 272 74.50 35.13 28.09
C THR H 272 75.25 33.94 28.66
N TYR H 273 75.78 33.12 27.77
CA TYR H 273 76.52 31.92 28.13
C TYR H 273 77.83 31.88 27.34
N GLN H 274 78.93 31.71 28.06
CA GLN H 274 80.24 31.66 27.46
C GLN H 274 80.73 30.26 27.43
N ALA H 275 80.81 29.69 26.25
CA ALA H 275 81.32 28.34 26.08
C ALA H 275 80.66 27.28 26.95
N ARG H 276 79.37 27.42 27.20
CA ARG H 276 78.69 26.44 28.01
C ARG H 276 77.85 25.52 27.15
N PHE H 277 78.29 24.29 26.99
CA PHE H 277 77.57 23.31 26.17
C PHE H 277 76.75 22.39 27.06
N GLY H 278 75.63 21.90 26.54
CA GLY H 278 74.77 21.07 27.34
C GLY H 278 73.43 21.77 27.45
N THR H 279 72.81 21.72 28.62
CA THR H 279 71.51 22.36 28.81
C THR H 279 71.60 23.72 29.48
N ILE H 280 71.03 24.73 28.81
CA ILE H 280 71.01 26.10 29.32
C ILE H 280 69.57 26.65 29.24
N ILE H 281 69.26 27.60 30.11
CA ILE H 281 67.94 28.22 30.16
C ILE H 281 67.95 29.67 29.60
N ALA H 282 67.01 29.99 28.72
CA ALA H 282 66.90 31.33 28.16
C ALA H 282 65.49 31.73 28.62
N ARG H 283 65.39 32.64 29.55
CA ARG H 283 64.08 32.90 30.18
C ARG H 283 63.12 33.86 29.43
N ASN H 284 63.61 34.64 28.50
CA ASN H 284 62.74 35.63 27.81
C ASN H 284 63.57 36.27 26.71
N PHE H 285 63.27 35.98 25.45
CA PHE H 285 64.08 36.53 24.38
C PHE H 285 63.34 36.53 23.04
N ASP H 286 63.75 37.44 22.15
CA ASP H 286 63.17 37.53 20.82
C ASP H 286 64.29 37.43 19.80
N THR H 287 65.52 37.25 20.27
CA THR H 287 66.67 37.14 19.40
C THR H 287 67.75 36.27 20.00
N ILE H 288 68.42 35.50 19.15
CA ILE H 288 69.53 34.67 19.59
C ILE H 288 70.73 35.12 18.77
N ARG H 289 71.85 35.31 19.44
CA ARG H 289 73.07 35.69 18.75
C ARG H 289 74.16 34.71 19.14
N LEU H 290 74.71 34.01 18.16
CA LEU H 290 75.78 33.06 18.40
C LEU H 290 77.07 33.62 17.84
N SER H 291 78.07 33.81 18.69
CA SER H 291 79.38 34.32 18.26
C SER H 291 80.37 33.24 18.59
N PHE H 292 81.26 32.96 17.66
CA PHE H 292 82.26 31.92 17.82
C PHE H 292 83.43 32.23 16.89
N GLN H 293 84.59 31.66 17.19
CA GLN H 293 85.79 31.92 16.41
C GLN H 293 86.51 30.68 15.98
N LEU H 294 87.33 30.84 14.94
CA LEU H 294 88.19 29.79 14.45
C LEU H 294 89.56 30.31 14.84
N MET H 295 90.30 29.56 15.62
CA MET H 295 91.62 30.02 15.96
C MET H 295 92.60 29.04 15.36
N ARG H 296 93.52 29.54 14.54
CA ARG H 296 94.52 28.66 13.93
C ARG H 296 95.29 27.97 15.06
N PRO H 297 95.40 26.64 15.02
CA PRO H 297 96.12 25.92 16.07
C PRO H 297 97.57 26.42 16.17
N PRO H 298 97.98 26.90 17.34
CA PRO H 298 99.35 27.40 17.49
C PRO H 298 100.40 26.28 17.40
N ASN H 299 100.02 25.06 17.74
CA ASN H 299 100.91 23.91 17.68
C ASN H 299 100.25 22.83 16.88
N MET H 300 100.96 22.32 15.88
CA MET H 300 100.41 21.31 14.99
C MET H 300 101.31 20.12 14.74
N THR H 301 100.78 18.91 14.86
CA THR H 301 101.59 17.74 14.54
C THR H 301 101.75 17.79 13.01
N PRO H 302 102.71 17.05 12.44
CA PRO H 302 102.91 17.05 10.99
C PRO H 302 101.64 16.85 10.16
N ALA H 303 100.83 15.86 10.54
CA ALA H 303 99.59 15.56 9.83
C ALA H 303 98.67 16.77 9.79
N VAL H 304 98.63 17.54 10.88
CA VAL H 304 97.79 18.72 10.94
C VAL H 304 98.43 19.85 10.13
N ALA H 305 99.71 20.07 10.36
CA ALA H 305 100.46 21.12 9.66
C ALA H 305 100.28 21.02 8.14
N ALA H 306 100.24 19.78 7.65
CA ALA H 306 100.07 19.47 6.24
C ALA H 306 98.74 19.94 5.63
N LEU H 307 97.74 20.12 6.47
CA LEU H 307 96.42 20.53 6.00
C LEU H 307 96.36 22.01 5.79
N PHE H 308 97.20 22.73 6.53
CA PHE H 308 97.23 24.20 6.53
C PHE H 308 98.54 24.87 6.11
N PRO H 309 98.80 24.93 4.79
CA PRO H 309 100.01 25.54 4.21
C PRO H 309 100.02 27.06 4.33
N ASN H 310 101.18 27.66 4.11
CA ASN H 310 101.29 29.11 4.18
C ASN H 310 100.76 29.77 2.92
N ALA H 311 100.68 29.00 1.84
CA ALA H 311 100.21 29.50 0.57
C ALA H 311 99.18 28.59 -0.06
N GLN H 312 98.33 29.15 -0.91
CA GLN H 312 97.32 28.39 -1.63
C GLN H 312 98.06 27.41 -2.53
N PRO H 313 97.37 26.37 -3.03
CA PRO H 313 95.96 26.04 -2.80
C PRO H 313 95.59 25.58 -1.38
N PHE H 314 94.44 26.05 -0.92
CA PHE H 314 93.93 25.66 0.40
C PHE H 314 92.97 24.51 0.11
N GLU H 315 93.39 23.30 0.45
CA GLU H 315 92.58 22.12 0.15
C GLU H 315 91.74 21.54 1.27
N HIS H 316 92.05 21.91 2.50
CA HIS H 316 91.29 21.47 3.66
C HIS H 316 90.79 22.75 4.26
N HIS H 317 89.48 22.88 4.37
CA HIS H 317 88.87 24.09 4.86
C HIS H 317 88.43 24.11 6.32
N ALA H 318 89.20 24.82 7.14
CA ALA H 318 88.94 24.95 8.57
C ALA H 318 87.54 25.44 8.84
N THR H 319 86.81 24.67 9.66
CA THR H 319 85.44 24.96 9.98
C THR H 319 85.14 24.76 11.46
N VAL H 320 84.40 25.70 12.04
CA VAL H 320 83.97 25.64 13.44
C VAL H 320 82.45 25.82 13.41
N GLY H 321 81.72 25.20 14.33
CA GLY H 321 80.28 25.34 14.31
C GLY H 321 79.59 25.18 15.66
N LEU H 322 78.28 25.39 15.66
CA LEU H 322 77.45 25.28 16.84
C LEU H 322 76.10 24.71 16.45
N THR H 323 75.45 24.03 17.40
CA THR H 323 74.13 23.48 17.20
C THR H 323 73.32 23.90 18.41
N LEU H 324 72.14 24.47 18.19
CA LEU H 324 71.29 24.94 19.28
C LEU H 324 69.88 24.40 19.05
N ARG H 325 69.30 23.75 20.05
CA ARG H 325 67.94 23.23 19.93
C ARG H 325 67.06 23.64 21.10
N ILE H 326 65.89 24.22 20.79
CA ILE H 326 64.97 24.65 21.82
C ILE H 326 64.08 23.44 22.10
N GLU H 327 64.33 22.75 23.21
CA GLU H 327 63.54 21.57 23.56
C GLU H 327 62.11 21.94 23.94
N SER H 328 61.94 22.96 24.77
CA SER H 328 60.63 23.38 25.21
C SER H 328 60.69 24.87 25.50
N ALA H 329 59.53 25.50 25.44
CA ALA H 329 59.41 26.93 25.71
C ALA H 329 57.95 27.30 25.83
N VAL H 330 57.71 28.50 26.32
CA VAL H 330 56.37 29.01 26.43
C VAL H 330 56.27 30.21 25.49
N CYS H 331 55.13 30.36 24.83
CA CYS H 331 54.94 31.51 23.96
C CYS H 331 53.55 32.07 24.24
N GLU H 332 53.46 33.39 24.18
CA GLU H 332 52.18 34.04 24.39
C GLU H 332 51.28 33.89 23.15
N SER H 333 51.87 33.53 22.01
CA SER H 333 51.13 33.33 20.75
C SER H 333 51.10 31.85 20.38
N VAL H 334 50.03 31.40 19.74
CA VAL H 334 49.99 30.00 19.34
C VAL H 334 51.08 29.77 18.29
N LEU H 335 51.65 28.57 18.29
CA LEU H 335 52.69 28.19 17.33
C LEU H 335 52.50 26.72 17.09
N ALA H 336 53.10 26.23 16.01
CA ALA H 336 53.11 24.81 15.75
C ALA H 336 54.31 24.30 16.58
N ASP H 337 54.28 23.03 17.00
CA ASP H 337 55.41 22.44 17.72
C ASP H 337 55.50 20.95 17.31
N ALA H 338 56.33 20.16 17.99
CA ALA H 338 56.49 18.75 17.61
C ALA H 338 55.52 17.77 18.23
N SER H 339 54.59 18.26 19.05
CA SER H 339 53.64 17.38 19.71
C SER H 339 52.16 17.63 19.46
N GLU H 340 51.77 18.89 19.37
CA GLU H 340 50.38 19.24 19.14
C GLU H 340 49.94 19.03 17.71
N THR H 341 48.69 18.59 17.55
CA THR H 341 48.14 18.29 16.24
C THR H 341 47.31 19.41 15.64
N MET H 342 47.22 20.56 16.33
CA MET H 342 46.42 21.68 15.85
C MET H 342 46.66 22.11 14.42
N LEU H 343 47.90 22.47 14.10
CA LEU H 343 48.21 22.90 12.75
C LEU H 343 47.79 21.81 11.77
N ALA H 344 48.17 20.56 12.07
CA ALA H 344 47.83 19.43 11.20
C ALA H 344 46.33 19.24 11.04
N ASN H 345 45.56 19.45 12.13
CA ASN H 345 44.10 19.31 12.07
C ASN H 345 43.47 20.33 11.14
N VAL H 346 43.84 21.59 11.34
CA VAL H 346 43.32 22.69 10.53
C VAL H 346 43.72 22.50 9.07
N THR H 347 44.99 22.21 8.86
CA THR H 347 45.50 22.01 7.50
C THR H 347 44.81 20.82 6.85
N SER H 348 44.61 19.75 7.62
CA SER H 348 43.97 18.54 7.09
C SER H 348 42.51 18.74 6.73
N VAL H 349 41.75 19.43 7.58
CA VAL H 349 40.34 19.63 7.25
C VAL H 349 40.22 20.46 5.99
N ARG H 350 41.02 21.53 5.88
CA ARG H 350 40.98 22.36 4.70
C ARG H 350 41.35 21.61 3.42
N GLN H 351 42.38 20.74 3.49
CA GLN H 351 42.82 19.95 2.35
C GLN H 351 41.76 18.92 1.94
N GLU H 352 41.22 18.21 2.91
CA GLU H 352 40.21 17.19 2.62
C GLU H 352 38.98 17.77 1.91
N TYR H 353 38.51 18.94 2.34
CA TYR H 353 37.34 19.54 1.74
C TYR H 353 37.63 20.53 0.64
N ALA H 354 38.84 20.47 0.09
CA ALA H 354 39.20 21.35 -1.02
C ALA H 354 38.83 22.82 -0.79
N ILE H 355 39.11 23.32 0.42
CA ILE H 355 38.80 24.70 0.76
C ILE H 355 39.70 25.64 -0.05
N PRO H 356 39.11 26.61 -0.77
CA PRO H 356 39.87 27.57 -1.58
C PRO H 356 40.80 28.44 -0.72
N VAL H 357 41.92 28.91 -1.29
CA VAL H 357 42.84 29.78 -0.57
C VAL H 357 42.03 31.02 -0.21
N GLY H 358 42.22 31.53 1.01
CA GLY H 358 41.49 32.70 1.45
C GLY H 358 42.37 33.92 1.50
N PRO H 359 41.89 35.01 2.09
CA PRO H 359 42.67 36.25 2.18
C PRO H 359 43.68 36.33 3.33
N VAL H 360 43.59 35.44 4.31
CA VAL H 360 44.50 35.52 5.46
C VAL H 360 45.68 34.57 5.44
N PHE H 361 45.39 33.27 5.37
CA PHE H 361 46.45 32.25 5.40
C PHE H 361 47.17 31.95 4.08
N PRO H 362 48.49 31.63 4.15
CA PRO H 362 49.21 31.31 2.92
C PRO H 362 48.68 30.03 2.34
N PRO H 363 48.86 29.81 1.02
CA PRO H 363 48.38 28.57 0.42
C PRO H 363 48.89 27.34 1.21
N GLY H 364 47.97 26.42 1.46
CA GLY H 364 48.28 25.19 2.18
C GLY H 364 48.59 25.36 3.64
N MET H 365 48.29 26.51 4.22
CA MET H 365 48.59 26.80 5.62
C MET H 365 50.10 26.60 5.80
N ASN H 366 50.89 26.88 4.76
CA ASN H 366 52.36 26.67 4.83
C ASN H 366 52.99 27.31 6.07
N TRP H 367 53.59 26.48 6.93
CA TRP H 367 54.14 27.01 8.16
C TRP H 367 55.23 28.03 7.95
N THR H 368 56.21 27.73 7.12
CA THR H 368 57.27 28.70 6.91
C THR H 368 56.70 30.06 6.50
N ASP H 369 55.80 30.07 5.52
CA ASP H 369 55.22 31.33 5.06
C ASP H 369 54.46 32.01 6.17
N LEU H 370 53.71 31.23 6.94
CA LEU H 370 52.92 31.79 8.02
C LEU H 370 53.78 32.46 9.09
N ILE H 371 54.77 31.75 9.62
CA ILE H 371 55.63 32.29 10.65
C ILE H 371 56.54 33.42 10.13
N THR H 372 56.89 33.41 8.85
CA THR H 372 57.73 34.46 8.29
C THR H 372 57.00 35.81 8.33
N ASN H 373 55.71 35.80 8.01
CA ASN H 373 54.92 37.01 8.04
C ASN H 373 53.75 36.77 8.94
N TYR H 374 54.06 36.62 10.23
CA TYR H 374 53.07 36.32 11.26
C TYR H 374 52.36 37.59 11.70
N SER H 375 51.49 38.10 10.84
CA SER H 375 50.77 39.32 11.15
C SER H 375 49.74 39.14 12.26
N PRO H 376 49.25 40.25 12.83
CA PRO H 376 48.25 40.14 13.89
C PRO H 376 47.03 39.37 13.38
N SER H 377 46.61 39.66 12.16
CA SER H 377 45.44 38.98 11.58
C SER H 377 45.68 37.47 11.47
N ARG H 378 46.85 37.06 10.97
CA ARG H 378 47.11 35.63 10.88
C ARG H 378 47.11 34.99 12.27
N GLU H 379 47.65 35.68 13.27
CA GLU H 379 47.69 35.13 14.63
C GLU H 379 46.31 35.00 15.25
N ASP H 380 45.47 36.02 15.07
CA ASP H 380 44.13 35.95 15.63
C ASP H 380 43.33 34.84 14.97
N ASN H 381 43.43 34.74 13.65
CA ASN H 381 42.76 33.67 12.91
C ASN H 381 43.33 32.31 13.32
N LEU H 382 44.65 32.21 13.44
CA LEU H 382 45.31 30.97 13.82
C LEU H 382 44.84 30.55 15.21
N GLN H 383 44.76 31.49 16.15
CA GLN H 383 44.34 31.13 17.47
C GLN H 383 42.91 30.65 17.49
N ARG H 384 42.05 31.33 16.74
CA ARG H 384 40.65 30.94 16.70
C ARG H 384 40.51 29.53 16.16
N VAL H 385 41.22 29.34 15.09
CA VAL H 385 41.20 28.10 14.33
C VAL H 385 41.87 26.95 15.15
N PHE H 386 42.94 27.26 15.89
CA PHE H 386 43.63 26.24 16.75
C PHE H 386 42.74 25.87 17.94
N THR H 387 42.10 26.87 18.53
CA THR H 387 41.22 26.62 19.66
C THR H 387 40.05 25.72 19.22
N VAL H 388 39.51 25.94 18.03
CA VAL H 388 38.41 25.10 17.51
C VAL H 388 38.92 23.67 17.27
N ALA H 389 40.12 23.55 16.72
CA ALA H 389 40.70 22.24 16.46
C ALA H 389 40.84 21.47 17.78
N SER H 390 41.22 22.18 18.84
CA SER H 390 41.39 21.54 20.14
C SER H 390 40.04 21.13 20.73
N ILE H 391 38.98 21.87 20.41
CA ILE H 391 37.64 21.56 20.93
C ILE H 391 37.19 20.30 20.22
N ARG H 392 37.44 20.25 18.93
CA ARG H 392 37.08 19.10 18.11
C ARG H 392 37.79 17.81 18.54
N SER H 393 39.09 17.90 18.84
CA SER H 393 39.88 16.73 19.25
C SER H 393 39.47 16.10 20.59
N MET H 394 38.53 16.71 21.29
CA MET H 394 38.09 16.20 22.57
C MET H 394 37.12 15.07 22.27
N LEU H 395 36.56 15.08 21.07
CA LEU H 395 35.55 14.12 20.67
C LEU H 395 35.91 13.31 19.43
N VAL H 396 36.55 13.98 18.49
CA VAL H 396 36.90 13.37 17.20
C VAL H 396 38.39 13.47 16.95
N LYS H 397 39.05 12.33 16.84
CA LYS H 397 40.47 12.33 16.57
C LYS H 397 40.67 11.56 15.30
N MET I 1 21.57 -0.82 9.52
CA MET I 1 21.98 -2.00 8.72
C MET I 1 21.21 -3.28 9.07
N ASP I 2 21.45 -3.84 10.26
CA ASP I 2 20.75 -5.06 10.66
C ASP I 2 19.30 -4.88 10.25
N VAL I 3 18.87 -3.62 10.29
CA VAL I 3 17.52 -3.24 9.90
C VAL I 3 17.29 -3.94 8.58
N LEU I 4 17.97 -3.42 7.57
CA LEU I 4 17.89 -3.95 6.22
C LEU I 4 17.61 -5.44 6.19
N TYR I 5 18.47 -6.22 6.85
CA TYR I 5 18.28 -7.66 6.85
C TYR I 5 16.81 -8.02 7.00
N SER I 6 16.28 -7.80 8.19
CA SER I 6 14.89 -8.11 8.49
C SER I 6 13.96 -7.88 7.30
N LEU I 7 13.98 -6.66 6.78
CA LEU I 7 13.14 -6.27 5.66
C LEU I 7 13.00 -7.38 4.63
N SER I 8 13.99 -8.26 4.59
CA SER I 8 13.96 -9.36 3.65
C SER I 8 13.37 -10.65 4.22
N LYS I 9 14.07 -11.32 5.15
CA LYS I 9 13.56 -12.58 5.71
C LYS I 9 12.08 -12.35 6.05
N THR I 10 11.73 -11.07 6.13
CA THR I 10 10.37 -10.66 6.39
C THR I 10 9.60 -11.09 5.15
N LEU I 11 9.99 -10.54 4.00
CA LEU I 11 9.34 -10.84 2.75
C LEU I 11 9.47 -12.31 2.29
N LYS I 12 10.67 -12.89 2.35
CA LYS I 12 10.85 -14.30 1.93
C LYS I 12 9.98 -15.20 2.79
N ASP I 13 10.27 -15.23 4.09
CA ASP I 13 9.49 -16.03 5.03
C ASP I 13 8.04 -15.56 4.90
N ALA I 14 7.79 -14.63 3.99
CA ALA I 14 6.45 -14.09 3.73
C ALA I 14 5.91 -14.59 2.39
N ARG I 15 6.50 -14.10 1.30
CA ARG I 15 6.10 -14.50 -0.04
C ARG I 15 6.15 -16.02 -0.15
N ASP I 16 6.64 -16.67 0.91
CA ASP I 16 6.76 -18.12 0.96
C ASP I 16 5.73 -18.80 1.87
N LYS I 17 5.63 -18.36 3.12
CA LYS I 17 4.70 -18.93 4.11
C LYS I 17 3.24 -18.46 3.97
N ILE I 18 2.97 -17.57 3.04
CA ILE I 18 1.62 -17.04 2.84
C ILE I 18 1.00 -17.43 1.51
N VAL I 19 0.35 -18.58 1.47
CA VAL I 19 -0.27 -19.04 0.24
C VAL I 19 -1.74 -19.39 0.40
N GLU I 20 -2.40 -19.55 -0.73
CA GLU I 20 -3.81 -19.88 -0.77
C GLU I 20 -4.10 -21.19 -0.03
N GLY I 21 -4.74 -21.09 1.14
CA GLY I 21 -5.10 -22.29 1.90
C GLY I 21 -4.49 -22.61 3.25
N THR I 22 -3.22 -22.31 3.44
CA THR I 22 -2.54 -22.63 4.70
C THR I 22 -3.37 -22.32 5.94
N LEU I 23 -3.26 -23.18 6.94
CA LEU I 23 -3.98 -22.94 8.17
C LEU I 23 -3.33 -21.69 8.75
N TYR I 24 -4.12 -20.89 9.44
CA TYR I 24 -3.65 -19.66 10.04
C TYR I 24 -2.49 -19.81 11.03
N SER I 25 -2.78 -20.44 12.16
CA SER I 25 -1.83 -20.66 13.25
C SER I 25 -0.32 -20.64 13.00
N ASN I 26 0.14 -21.24 11.91
CA ASN I 26 1.58 -21.28 11.60
C ASN I 26 2.14 -19.94 11.10
N VAL I 27 1.29 -18.92 11.08
CA VAL I 27 1.69 -17.60 10.62
C VAL I 27 1.41 -16.50 11.65
N SER I 28 0.64 -16.82 12.69
CA SER I 28 0.30 -15.85 13.73
C SER I 28 1.54 -15.11 14.21
N ASP I 29 2.57 -15.88 14.57
CA ASP I 29 3.82 -15.30 15.03
C ASP I 29 4.45 -14.50 13.92
N LEU I 30 4.01 -14.75 12.70
CA LEU I 30 4.54 -14.05 11.55
C LEU I 30 3.78 -12.78 11.20
N ILE I 31 2.49 -12.92 10.94
CA ILE I 31 1.67 -11.78 10.60
C ILE I 31 2.11 -10.63 11.47
N GLN I 32 1.94 -10.80 12.78
CA GLN I 32 2.32 -9.79 13.75
C GLN I 32 3.58 -9.05 13.29
N GLN I 33 4.73 -9.69 13.44
CA GLN I 33 6.01 -9.10 13.04
C GLN I 33 5.82 -8.20 11.84
N PHE I 34 5.18 -8.74 10.81
CA PHE I 34 4.94 -7.98 9.60
C PHE I 34 4.35 -6.59 9.87
N ASN I 35 3.08 -6.58 10.28
CA ASN I 35 2.39 -5.33 10.55
C ASN I 35 3.30 -4.32 11.24
N GLN I 36 3.80 -4.68 12.43
CA GLN I 36 4.71 -3.83 13.20
C GLN I 36 5.50 -2.93 12.27
N MET I 37 6.01 -3.53 11.20
CA MET I 37 6.80 -2.82 10.21
C MET I 37 5.99 -1.68 9.60
N ILE I 38 5.03 -2.07 8.78
CA ILE I 38 4.16 -1.12 8.09
C ILE I 38 4.01 0.16 8.90
N ILE I 39 3.63 0.00 10.16
CA ILE I 39 3.44 1.13 11.06
C ILE I 39 4.65 2.07 11.04
N THR I 40 5.76 1.57 11.58
CA THR I 40 7.00 2.32 11.65
C THR I 40 7.27 3.10 10.38
N MET I 41 6.94 2.50 9.24
CA MET I 41 7.15 3.11 7.93
C MET I 41 6.25 4.29 7.55
N ASN I 42 5.07 3.94 7.06
CA ASN I 42 4.07 4.91 6.62
C ASN I 42 4.28 6.27 7.26
N GLY I 43 4.58 7.27 6.43
CA GLY I 43 4.80 8.59 6.95
C GLY I 43 6.15 9.10 6.52
N ASN I 44 7.18 8.30 6.72
CA ASN I 44 8.52 8.71 6.34
C ASN I 44 8.73 8.51 4.83
N GLU I 45 9.46 9.45 4.21
CA GLU I 45 9.74 9.43 2.76
C GLU I 45 11.18 9.02 2.43
N PHE I 46 11.41 8.53 1.21
CA PHE I 46 12.75 8.11 0.81
C PHE I 46 13.27 8.51 -0.58
N GLN I 47 14.59 8.67 -0.65
CA GLN I 47 15.32 9.06 -1.86
C GLN I 47 16.24 7.95 -2.37
N THR I 48 16.10 7.59 -3.64
CA THR I 48 16.91 6.53 -4.22
C THR I 48 17.63 6.85 -5.51
N GLY I 49 18.94 6.62 -5.52
CA GLY I 49 19.74 6.86 -6.70
C GLY I 49 20.45 8.20 -6.74
N GLY I 50 20.85 8.61 -7.94
CA GLY I 50 21.54 9.87 -8.12
C GLY I 50 22.97 9.79 -8.59
N ILE I 51 23.39 8.64 -9.11
CA ILE I 51 24.76 8.49 -9.56
C ILE I 51 24.89 7.58 -10.78
N GLY I 52 25.48 8.10 -11.84
CA GLY I 52 25.65 7.32 -13.06
C GLY I 52 24.33 7.02 -13.73
N ASN I 53 24.23 5.85 -14.34
CA ASN I 53 23.00 5.45 -15.00
C ASN I 53 22.13 4.73 -13.99
N LEU I 54 21.98 5.37 -12.85
CA LEU I 54 21.17 4.85 -11.78
C LEU I 54 19.92 5.70 -11.65
N PRO I 55 18.76 5.15 -12.02
CA PRO I 55 17.52 5.91 -11.92
C PRO I 55 17.38 6.61 -10.55
N ILE I 56 16.45 7.54 -10.46
CA ILE I 56 16.23 8.27 -9.21
C ILE I 56 14.74 8.20 -8.86
N ARG I 57 14.35 7.13 -8.18
CA ARG I 57 12.95 6.93 -7.82
C ARG I 57 12.60 7.40 -6.39
N ASN I 58 11.36 7.88 -6.22
CA ASN I 58 10.84 8.38 -4.94
C ASN I 58 9.82 7.41 -4.33
N TRP I 59 9.66 7.44 -3.01
CA TRP I 59 8.73 6.52 -2.36
C TRP I 59 7.90 7.06 -1.19
N ASN I 60 6.66 6.57 -1.08
CA ASN I 60 5.73 6.96 -0.02
C ASN I 60 5.01 5.74 0.54
N PHE I 61 4.41 5.91 1.71
CA PHE I 61 3.70 4.80 2.36
C PHE I 61 2.39 5.14 3.06
N ASP I 62 1.51 4.14 3.13
CA ASP I 62 0.20 4.18 3.79
C ASP I 62 -0.61 2.97 3.33
N PHE I 63 -0.25 1.79 3.83
CA PHE I 63 -0.92 0.54 3.48
C PHE I 63 -1.68 -0.13 4.62
N GLY I 64 -2.93 -0.50 4.34
CA GLY I 64 -3.76 -1.15 5.34
C GLY I 64 -3.01 -2.29 6.02
N LEU I 65 -3.50 -2.73 7.17
CA LEU I 65 -2.85 -3.81 7.90
C LEU I 65 -3.30 -5.20 7.43
N LEU I 66 -3.26 -6.17 8.33
CA LEU I 66 -3.66 -7.54 7.99
C LEU I 66 -4.61 -8.17 9.00
N GLY I 67 -5.49 -9.04 8.51
CA GLY I 67 -6.45 -9.70 9.37
C GLY I 67 -5.78 -10.52 10.45
N THR I 68 -6.57 -10.94 11.44
CA THR I 68 -6.02 -11.74 12.51
C THR I 68 -6.73 -13.05 12.74
N THR I 69 -7.89 -13.01 13.36
CA THR I 69 -8.61 -14.24 13.65
C THR I 69 -9.43 -14.82 12.49
N LEU I 70 -8.75 -15.51 11.59
CA LEU I 70 -9.38 -16.17 10.46
C LEU I 70 -9.16 -17.63 10.74
N LEU I 71 -8.80 -18.37 9.69
CA LEU I 71 -8.53 -19.79 9.84
C LEU I 71 -7.70 -20.24 8.67
N ASN I 72 -8.38 -20.43 7.55
CA ASN I 72 -7.72 -20.83 6.33
C ASN I 72 -7.80 -19.59 5.45
N LEU I 73 -6.68 -19.21 4.88
CA LEU I 73 -6.58 -18.01 4.06
C LEU I 73 -7.18 -18.19 2.66
N ASP I 74 -8.15 -17.33 2.32
CA ASP I 74 -8.83 -17.37 1.04
C ASP I 74 -8.04 -16.61 -0.02
N ALA I 75 -8.03 -17.14 -1.23
CA ALA I 75 -7.30 -16.52 -2.33
C ALA I 75 -7.34 -15.01 -2.24
N ASN I 76 -8.53 -14.43 -2.13
CA ASN I 76 -8.72 -12.99 -2.05
C ASN I 76 -7.76 -12.35 -1.05
N TYR I 77 -7.42 -13.08 0.00
CA TYR I 77 -6.51 -12.55 1.01
C TYR I 77 -5.11 -12.37 0.44
N VAL I 78 -4.66 -13.37 -0.29
CA VAL I 78 -3.34 -13.33 -0.89
C VAL I 78 -3.17 -12.08 -1.76
N GLU I 79 -3.82 -12.07 -2.93
CA GLU I 79 -3.74 -10.96 -3.88
C GLU I 79 -3.73 -9.55 -3.27
N THR I 80 -4.56 -9.31 -2.26
CA THR I 80 -4.60 -7.98 -1.61
C THR I 80 -3.33 -7.77 -0.78
N ALA I 81 -2.53 -8.82 -0.69
CA ALA I 81 -1.29 -8.78 0.05
C ALA I 81 -0.11 -8.71 -0.92
N ARG I 82 -0.08 -9.62 -1.89
CA ARG I 82 0.99 -9.65 -2.89
C ARG I 82 1.16 -8.27 -3.52
N ASN I 83 0.05 -7.59 -3.74
CA ASN I 83 0.08 -6.25 -4.33
C ASN I 83 0.79 -5.25 -3.43
N THR I 84 0.79 -5.53 -2.13
CA THR I 84 1.45 -4.64 -1.17
C THR I 84 2.90 -5.04 -1.00
N ILE I 85 3.22 -6.30 -1.29
CA ILE I 85 4.60 -6.75 -1.16
C ILE I 85 5.40 -6.28 -2.37
N ASP I 86 4.80 -6.39 -3.55
CA ASP I 86 5.48 -5.99 -4.78
C ASP I 86 5.92 -4.53 -4.83
N TYR I 87 5.61 -3.77 -3.78
CA TYR I 87 6.06 -2.37 -3.73
C TYR I 87 7.33 -2.39 -2.90
N PHE I 88 7.37 -3.32 -1.94
CA PHE I 88 8.53 -3.44 -1.08
C PHE I 88 9.65 -4.15 -1.82
N VAL I 89 9.26 -5.10 -2.65
CA VAL I 89 10.25 -5.82 -3.44
C VAL I 89 10.91 -4.74 -4.29
N ASP I 90 10.22 -4.29 -5.34
CA ASP I 90 10.74 -3.26 -6.25
C ASP I 90 11.37 -2.09 -5.51
N PHE I 91 11.16 -2.04 -4.20
CA PHE I 91 11.73 -0.99 -3.38
C PHE I 91 13.12 -1.42 -2.96
N VAL I 92 13.16 -2.39 -2.07
CA VAL I 92 14.41 -2.91 -1.55
C VAL I 92 15.48 -3.02 -2.65
N ASP I 93 15.10 -3.51 -3.83
CA ASP I 93 16.03 -3.66 -4.96
C ASP I 93 16.71 -2.29 -5.11
N ASN I 94 15.89 -1.28 -5.38
CA ASN I 94 16.37 0.10 -5.55
C ASN I 94 17.10 0.61 -4.30
N VAL I 95 16.99 -0.10 -3.19
CA VAL I 95 17.66 0.34 -1.97
C VAL I 95 19.03 -0.30 -1.89
N CYS I 96 19.07 -1.62 -2.06
CA CYS I 96 20.33 -2.34 -2.00
C CYS I 96 21.28 -1.68 -2.99
N MET I 97 20.88 -1.72 -4.25
CA MET I 97 21.67 -1.17 -5.33
C MET I 97 22.28 0.20 -4.97
N ASP I 98 21.49 1.10 -4.38
CA ASP I 98 21.97 2.46 -4.03
C ASP I 98 23.15 2.48 -3.08
N GLU I 99 23.16 1.60 -2.08
CA GLU I 99 24.26 1.56 -1.12
C GLU I 99 25.28 0.48 -1.53
N MET I 100 25.07 -0.10 -2.71
CA MET I 100 25.97 -1.11 -3.22
C MET I 100 26.93 -0.54 -4.24
N VAL I 101 27.29 0.74 -4.11
CA VAL I 101 28.21 1.37 -5.05
C VAL I 101 28.99 2.48 -4.37
N ARG I 102 28.37 3.08 -3.36
CA ARG I 102 29.02 4.15 -2.63
C ARG I 102 30.15 3.60 -1.77
N GLU I 103 31.23 4.35 -1.68
CA GLU I 103 32.40 3.94 -0.92
C GLU I 103 33.04 5.16 -0.23
N SER I 104 33.49 4.98 1.00
CA SER I 104 34.14 6.06 1.75
C SER I 104 35.42 5.47 2.31
N GLN I 105 36.40 6.30 2.61
CA GLN I 105 37.66 5.80 3.11
C GLN I 105 37.78 5.89 4.63
N ARG I 106 37.74 7.13 5.15
CA ARG I 106 37.82 7.39 6.59
C ARG I 106 36.93 6.43 7.35
N ASN I 107 35.68 6.36 6.91
CA ASN I 107 34.69 5.50 7.51
C ASN I 107 33.84 4.86 6.43
N GLY I 108 34.49 4.08 5.57
CA GLY I 108 33.77 3.41 4.49
C GLY I 108 33.29 2.04 4.92
N ILE I 109 33.33 1.82 6.23
CA ILE I 109 32.91 0.56 6.81
C ILE I 109 31.42 0.64 7.21
N ALA I 110 30.93 1.86 7.37
CA ALA I 110 29.55 2.09 7.78
C ALA I 110 28.61 2.50 6.63
N PRO I 111 27.37 2.93 6.96
CA PRO I 111 26.34 3.35 5.99
C PRO I 111 26.69 4.63 5.25
N GLN I 112 26.25 4.73 4.00
CA GLN I 112 26.54 5.91 3.17
C GLN I 112 25.32 6.65 2.60
N SER I 113 24.55 5.95 1.77
CA SER I 113 23.36 6.48 1.09
C SER I 113 22.34 7.24 1.95
N ASP I 114 21.68 8.21 1.32
CA ASP I 114 20.65 9.01 1.99
C ASP I 114 19.48 8.10 2.34
N SER I 115 19.53 6.89 1.79
CA SER I 115 18.48 5.91 2.03
C SER I 115 18.79 5.17 3.32
N LEU I 116 20.00 4.63 3.41
CA LEU I 116 20.39 3.88 4.59
C LEU I 116 20.75 4.73 5.82
N ARG I 117 21.49 5.82 5.62
CA ARG I 117 21.87 6.68 6.76
C ARG I 117 20.62 6.95 7.61
N LYS I 118 19.44 6.88 6.98
CA LYS I 118 18.17 7.13 7.66
C LYS I 118 17.61 5.86 8.31
N LEU I 119 18.07 4.70 7.85
CA LEU I 119 17.62 3.43 8.37
C LEU I 119 18.25 3.09 9.72
N SER I 120 19.54 3.38 9.85
CA SER I 120 20.24 3.09 11.09
C SER I 120 19.62 3.93 12.19
N GLY I 121 18.74 4.85 11.81
CA GLY I 121 18.06 5.69 12.77
C GLY I 121 17.48 4.81 13.86
N LEU I 122 17.21 5.37 15.03
CA LEU I 122 16.68 4.59 16.15
C LEU I 122 15.22 4.16 16.04
N LYS I 123 14.36 5.10 15.65
CA LYS I 123 12.94 4.82 15.51
C LYS I 123 12.63 3.64 14.60
N PHE I 124 13.67 3.06 14.00
CA PHE I 124 13.56 1.94 13.07
C PHE I 124 13.92 0.58 13.65
N LYS I 125 14.88 0.57 14.56
CA LYS I 125 15.35 -0.66 15.17
C LYS I 125 14.20 -1.58 15.59
N ARG I 126 12.97 -1.08 15.52
CA ARG I 126 11.77 -1.84 15.89
C ARG I 126 11.49 -3.04 14.99
N ILE I 127 12.49 -3.53 14.26
CA ILE I 127 12.18 -4.63 13.34
C ILE I 127 13.04 -5.90 13.36
N ASN I 128 14.34 -5.71 13.49
CA ASN I 128 15.31 -6.82 13.52
C ASN I 128 14.76 -8.17 13.99
N PHE I 129 15.03 -9.24 13.23
CA PHE I 129 14.60 -10.59 13.60
C PHE I 129 15.15 -11.73 12.72
N ASP I 130 14.98 -12.97 13.17
CA ASP I 130 15.46 -14.21 12.50
C ASP I 130 16.77 -14.00 11.73
N ASN I 131 17.87 -13.87 12.47
CA ASN I 131 19.18 -13.68 11.86
C ASN I 131 19.91 -15.00 11.67
N SER I 132 19.38 -15.89 10.83
CA SER I 132 20.03 -17.16 10.60
C SER I 132 20.74 -17.23 9.24
N SER I 133 20.72 -16.12 8.49
CA SER I 133 21.37 -16.08 7.17
C SER I 133 22.87 -15.90 7.35
N GLU I 134 23.58 -17.01 7.21
CA GLU I 134 25.03 -17.09 7.35
C GLU I 134 25.77 -15.76 7.37
N TYR I 135 25.43 -14.85 6.47
CA TYR I 135 26.11 -13.57 6.41
C TYR I 135 25.82 -12.54 7.48
N ILE I 136 24.55 -12.41 7.84
CA ILE I 136 24.22 -11.47 8.89
C ILE I 136 24.78 -12.06 10.17
N GLU I 137 24.60 -13.38 10.35
CA GLU I 137 25.09 -14.09 11.52
C GLU I 137 26.50 -13.61 11.78
N ASN I 138 27.26 -13.44 10.69
CA ASN I 138 28.63 -13.00 10.80
C ASN I 138 28.79 -11.49 10.88
N TRP I 139 27.85 -10.74 10.31
CA TRP I 139 28.00 -9.29 10.41
C TRP I 139 27.96 -8.91 11.89
N ASN I 140 26.91 -9.31 12.58
CA ASN I 140 26.77 -8.99 14.00
C ASN I 140 28.02 -9.31 14.83
N LEU I 141 28.37 -10.59 14.90
CA LEU I 141 29.54 -11.05 15.67
C LEU I 141 30.79 -10.21 15.44
N GLN I 142 30.84 -9.53 14.31
CA GLN I 142 31.97 -8.69 13.96
C GLN I 142 31.79 -7.32 14.61
N ASN I 143 30.54 -6.90 14.69
CA ASN I 143 30.16 -5.65 15.30
C ASN I 143 30.53 -5.71 16.78
N ARG I 144 30.03 -6.73 17.48
CA ARG I 144 30.34 -6.92 18.89
C ARG I 144 31.81 -7.30 19.02
N ARG I 145 32.33 -7.90 17.96
CA ARG I 145 33.73 -8.34 17.88
C ARG I 145 33.96 -9.73 18.43
N GLN I 146 34.54 -10.62 17.62
CA GLN I 146 34.85 -11.99 18.01
C GLN I 146 35.17 -12.92 16.85
N ARG I 147 35.35 -14.19 17.17
CA ARG I 147 35.65 -15.23 16.18
C ARG I 147 34.53 -15.34 15.15
N THR I 148 34.62 -14.48 14.13
CA THR I 148 33.64 -14.43 13.04
C THR I 148 33.82 -15.67 12.15
N GLY I 149 33.93 -15.47 10.84
CA GLY I 149 34.15 -16.61 9.93
C GLY I 149 33.08 -17.01 8.92
N PHE I 150 33.53 -17.55 7.78
CA PHE I 150 32.63 -18.00 6.71
C PHE I 150 33.08 -19.34 6.09
N THR I 151 32.23 -19.91 5.24
CA THR I 151 32.51 -21.19 4.60
C THR I 151 32.67 -21.06 3.07
N PHE I 152 33.78 -21.57 2.53
CA PHE I 152 34.07 -21.47 1.09
C PHE I 152 34.54 -22.76 0.39
N HIS I 153 34.16 -22.92 -0.88
CA HIS I 153 34.56 -24.06 -1.71
C HIS I 153 35.52 -23.51 -2.77
N LYS I 154 36.67 -24.16 -2.95
CA LYS I 154 37.68 -23.68 -3.89
C LYS I 154 37.75 -22.14 -3.77
N PRO I 155 38.07 -21.61 -2.55
CA PRO I 155 38.20 -20.19 -2.17
C PRO I 155 39.09 -19.39 -3.13
N ASN I 156 39.13 -18.05 -3.04
CA ASN I 156 39.95 -17.35 -4.04
C ASN I 156 40.96 -16.49 -3.28
N ILE I 157 41.99 -17.14 -2.76
CA ILE I 157 42.99 -16.51 -1.93
C ILE I 157 44.26 -16.08 -2.65
N PHE I 158 44.59 -16.74 -3.77
CA PHE I 158 45.80 -16.42 -4.50
C PHE I 158 45.61 -15.45 -5.67
N PRO I 159 46.22 -14.26 -5.60
CA PRO I 159 46.04 -13.37 -6.74
C PRO I 159 46.74 -14.05 -7.90
N TYR I 160 46.24 -13.86 -9.12
CA TYR I 160 46.83 -14.49 -10.26
C TYR I 160 48.31 -14.12 -10.34
N SER I 161 49.17 -15.11 -10.51
CA SER I 161 50.59 -14.89 -10.65
C SER I 161 51.12 -16.05 -11.45
N ALA I 162 51.69 -15.76 -12.60
CA ALA I 162 52.25 -16.81 -13.45
C ALA I 162 53.63 -16.31 -13.86
N SER I 163 54.69 -16.92 -13.34
CA SER I 163 56.02 -16.45 -13.67
C SER I 163 57.10 -17.53 -13.47
N PHE I 164 58.37 -17.13 -13.52
CA PHE I 164 59.48 -18.06 -13.32
C PHE I 164 60.66 -17.32 -12.69
N THR I 165 61.63 -18.08 -12.22
CA THR I 165 62.82 -17.51 -11.62
C THR I 165 63.93 -18.41 -12.08
N LEU I 166 64.88 -17.84 -12.81
CA LEU I 166 66.03 -18.60 -13.28
C LEU I 166 67.17 -18.46 -12.29
N ASN I 167 67.48 -19.54 -11.59
CA ASN I 167 68.55 -19.53 -10.61
C ASN I 167 69.94 -19.69 -11.27
N ARG I 168 69.96 -20.29 -12.45
CA ARG I 168 71.17 -20.44 -13.24
C ARG I 168 70.71 -20.22 -14.67
N SER I 169 71.33 -19.27 -15.36
CA SER I 169 70.97 -18.99 -16.72
C SER I 169 72.16 -18.39 -17.40
N GLN I 170 72.09 -18.31 -18.71
CA GLN I 170 73.14 -17.73 -19.50
C GLN I 170 72.43 -17.24 -20.76
N PRO I 171 73.04 -16.31 -21.50
CA PRO I 171 72.47 -15.75 -22.72
C PRO I 171 71.77 -16.74 -23.68
N ALA I 172 72.41 -17.86 -23.97
CA ALA I 172 71.82 -18.85 -24.87
C ALA I 172 70.60 -19.58 -24.28
N HIS I 173 70.45 -19.54 -22.96
CA HIS I 173 69.36 -20.22 -22.25
C HIS I 173 69.33 -21.67 -22.66
N ASP I 174 70.49 -22.30 -22.65
CA ASP I 174 70.62 -23.70 -23.02
C ASP I 174 70.96 -24.62 -21.83
N ASN I 175 71.13 -24.01 -20.66
CA ASN I 175 71.42 -24.77 -19.44
C ASN I 175 70.90 -23.99 -18.22
N LEU I 176 69.57 -23.95 -18.10
CA LEU I 176 68.88 -23.23 -17.03
C LEU I 176 68.53 -24.10 -15.86
N MET I 177 68.27 -23.46 -14.74
CA MET I 177 67.85 -24.12 -13.51
C MET I 177 67.00 -23.09 -12.78
N GLY I 178 65.81 -23.49 -12.34
CA GLY I 178 64.95 -22.56 -11.63
C GLY I 178 63.56 -23.12 -11.45
N THR I 179 62.59 -22.25 -11.22
CA THR I 179 61.23 -22.69 -11.03
C THR I 179 60.27 -21.80 -11.81
N MET I 180 59.12 -22.35 -12.13
CA MET I 180 58.06 -21.61 -12.82
C MET I 180 56.77 -22.05 -12.11
N TRP I 181 55.80 -21.15 -12.05
CA TRP I 181 54.58 -21.46 -11.31
C TRP I 181 53.36 -20.71 -11.80
N LEU I 182 52.22 -21.10 -11.26
CA LEU I 182 50.93 -20.47 -11.48
C LEU I 182 50.20 -20.54 -10.13
N ASN I 183 50.01 -19.39 -9.54
CA ASN I 183 49.20 -19.26 -8.32
C ASN I 183 47.94 -18.55 -8.75
N ALA I 184 46.80 -19.17 -8.54
CA ALA I 184 45.54 -18.53 -8.96
C ALA I 184 44.37 -19.15 -8.23
N GLY I 185 43.56 -18.32 -7.59
CA GLY I 185 42.40 -18.81 -6.88
C GLY I 185 42.78 -19.63 -5.67
N SER I 186 42.44 -20.90 -5.73
CA SER I 186 42.73 -21.80 -4.64
C SER I 186 43.82 -22.79 -5.03
N GLU I 187 44.44 -22.57 -6.19
CA GLU I 187 45.44 -23.52 -6.66
C GLU I 187 46.85 -23.00 -6.91
N ILE I 188 47.81 -23.89 -6.69
CA ILE I 188 49.21 -23.58 -6.92
C ILE I 188 49.79 -24.75 -7.70
N GLN I 189 50.54 -24.46 -8.75
CA GLN I 189 51.27 -25.50 -9.50
C GLN I 189 52.66 -24.90 -9.60
N VAL I 190 53.66 -25.68 -9.27
CA VAL I 190 55.03 -25.19 -9.35
C VAL I 190 55.94 -26.31 -9.84
N ALA I 191 56.85 -25.96 -10.74
CA ALA I 191 57.81 -26.91 -11.27
C ALA I 191 59.20 -26.38 -11.07
N GLY I 192 60.12 -27.31 -10.79
CA GLY I 192 61.53 -26.99 -10.64
C GLY I 192 62.18 -27.73 -11.80
N PHE I 193 63.01 -27.02 -12.57
CA PHE I 193 63.71 -27.61 -13.71
C PHE I 193 65.23 -27.41 -13.60
N ASP I 194 65.99 -28.36 -14.12
CA ASP I 194 67.45 -28.31 -14.11
C ASP I 194 67.87 -28.96 -15.42
N TYR I 195 68.23 -28.15 -16.41
CA TYR I 195 68.63 -28.68 -17.72
C TYR I 195 69.78 -29.69 -17.64
N SER I 196 70.66 -29.55 -16.64
CA SER I 196 71.79 -30.45 -16.47
C SER I 196 71.46 -31.76 -15.73
N CYS I 197 70.23 -31.91 -15.26
CA CYS I 197 69.79 -33.10 -14.52
C CYS I 197 70.73 -33.38 -13.33
N ALA I 198 71.10 -32.30 -12.65
CA ALA I 198 71.96 -32.36 -11.47
C ALA I 198 73.28 -33.12 -11.68
N ILE I 199 73.82 -33.08 -12.92
CA ILE I 199 75.07 -33.78 -13.28
C ILE I 199 76.28 -33.35 -12.42
N ASN I 200 76.35 -32.07 -12.08
CA ASN I 200 77.45 -31.51 -11.26
C ASN I 200 76.95 -31.05 -9.90
N ALA I 201 75.74 -31.44 -9.52
CA ALA I 201 75.19 -31.01 -8.23
C ALA I 201 75.57 -31.97 -7.09
N PRO I 202 75.77 -31.41 -5.88
CA PRO I 202 76.13 -32.20 -4.71
C PRO I 202 75.07 -33.28 -4.47
N ALA I 203 75.53 -34.53 -4.39
CA ALA I 203 74.64 -35.67 -4.21
C ALA I 203 73.72 -35.85 -5.42
N ASN I 204 74.07 -35.20 -6.54
CA ASN I 204 73.28 -35.25 -7.77
C ASN I 204 71.82 -34.90 -7.50
N THR I 205 71.63 -33.93 -6.61
CA THR I 205 70.31 -33.49 -6.21
C THR I 205 70.23 -31.96 -6.27
N GLN I 206 69.18 -31.45 -6.90
CA GLN I 206 68.97 -30.02 -6.99
C GLN I 206 67.75 -29.70 -6.13
N GLN I 207 67.89 -28.78 -5.18
CA GLN I 207 66.80 -28.41 -4.31
C GLN I 207 65.95 -27.30 -4.92
N PHE I 208 64.64 -27.36 -4.70
CA PHE I 208 63.71 -26.33 -5.17
C PHE I 208 62.82 -25.91 -4.01
N GLU I 209 62.21 -24.75 -4.14
CA GLU I 209 61.36 -24.27 -3.09
C GLU I 209 60.39 -23.25 -3.68
N HIS I 210 59.16 -23.25 -3.20
CA HIS I 210 58.17 -22.29 -3.66
C HIS I 210 57.42 -21.83 -2.43
N ILE I 211 57.42 -20.52 -2.20
CA ILE I 211 56.72 -19.95 -1.03
C ILE I 211 55.59 -19.04 -1.48
N VAL I 212 54.43 -19.21 -0.87
CA VAL I 212 53.27 -18.40 -1.20
C VAL I 212 52.71 -17.82 0.08
N GLN I 213 52.63 -16.49 0.12
CA GLN I 213 52.13 -15.79 1.28
C GLN I 213 50.69 -15.35 1.11
N LEU I 214 49.78 -15.88 1.92
CA LEU I 214 48.37 -15.53 1.79
C LEU I 214 48.16 -14.14 2.36
N ARG I 215 47.20 -13.40 1.82
CA ARG I 215 46.90 -12.07 2.32
C ARG I 215 46.01 -12.16 3.55
N ARG I 216 45.41 -13.32 3.77
CA ARG I 216 44.58 -13.54 4.94
C ARG I 216 44.83 -14.98 5.37
N VAL I 217 44.70 -15.22 6.67
CA VAL I 217 44.89 -16.55 7.23
C VAL I 217 43.69 -17.43 6.85
N LEU I 218 43.99 -18.67 6.52
CA LEU I 218 42.94 -19.61 6.24
C LEU I 218 43.03 -20.63 7.36
N THR I 219 41.89 -21.05 7.88
CA THR I 219 41.85 -22.06 8.90
C THR I 219 40.99 -23.24 8.37
N THR I 220 41.13 -24.39 9.02
CA THR I 220 40.35 -25.59 8.68
C THR I 220 40.28 -25.91 7.17
N ALA I 221 41.43 -25.78 6.50
CA ALA I 221 41.55 -26.05 5.06
C ALA I 221 41.75 -27.54 4.74
N THR I 222 40.93 -28.00 3.81
CA THR I 222 41.04 -29.37 3.26
C THR I 222 41.74 -29.21 1.94
N ILE I 223 42.89 -29.84 1.83
CA ILE I 223 43.76 -29.62 0.67
C ILE I 223 44.17 -30.90 -0.08
N THR I 224 44.23 -30.80 -1.41
CA THR I 224 44.66 -31.92 -2.26
C THR I 224 46.07 -31.57 -2.69
N LEU I 225 47.02 -32.47 -2.48
CA LEU I 225 48.40 -32.26 -2.86
C LEU I 225 48.74 -33.42 -3.74
N LEU I 226 49.24 -33.14 -4.93
CA LEU I 226 49.59 -34.20 -5.87
C LEU I 226 50.96 -33.92 -6.46
N PRO I 227 51.69 -34.98 -6.80
CA PRO I 227 53.01 -34.77 -7.39
C PRO I 227 52.78 -34.38 -8.84
N ASP I 228 53.74 -33.67 -9.42
CA ASP I 228 53.72 -33.22 -10.83
C ASP I 228 52.94 -31.94 -11.04
N ALA I 229 53.39 -31.13 -11.99
CA ALA I 229 52.73 -29.89 -12.36
C ALA I 229 52.46 -30.06 -13.86
N GLU I 230 51.28 -30.56 -14.19
CA GLU I 230 50.91 -30.80 -15.58
C GLU I 230 51.04 -29.55 -16.45
N ARG I 231 50.72 -28.41 -15.86
CA ARG I 231 50.81 -27.14 -16.56
C ARG I 231 52.23 -26.84 -17.08
N PHE I 232 53.24 -27.41 -16.43
CA PHE I 232 54.62 -27.17 -16.82
C PHE I 232 55.31 -28.45 -17.25
N SER I 233 54.54 -29.33 -17.88
CA SER I 233 55.08 -30.60 -18.32
C SER I 233 55.17 -30.69 -19.81
N PHE I 234 54.89 -29.59 -20.50
CA PHE I 234 54.97 -29.61 -21.95
C PHE I 234 55.96 -28.56 -22.51
N PRO I 235 56.41 -28.75 -23.76
CA PRO I 235 57.35 -27.85 -24.42
C PRO I 235 56.84 -26.44 -24.54
N ARG I 236 57.70 -25.50 -24.21
CA ARG I 236 57.32 -24.10 -24.26
C ARG I 236 58.47 -23.25 -24.80
N VAL I 237 58.05 -22.16 -25.38
CA VAL I 237 58.94 -21.10 -25.82
C VAL I 237 58.50 -19.92 -24.96
N ILE I 238 59.42 -19.47 -24.12
CA ILE I 238 59.11 -18.45 -23.14
C ILE I 238 59.93 -17.17 -23.32
N ASN I 239 59.40 -16.04 -22.87
CA ASN I 239 60.13 -14.80 -22.99
C ASN I 239 61.18 -14.79 -21.89
N SER I 240 62.35 -14.21 -22.19
CA SER I 240 63.43 -14.11 -21.22
C SER I 240 63.01 -13.12 -20.13
N ALA I 241 63.69 -13.16 -18.99
CA ALA I 241 63.37 -12.25 -17.90
C ALA I 241 63.34 -10.77 -18.31
N ASP I 242 64.28 -10.36 -19.18
CA ASP I 242 64.36 -8.96 -19.64
C ASP I 242 63.51 -8.64 -20.86
N GLY I 243 62.79 -9.65 -21.35
CA GLY I 243 61.93 -9.49 -22.51
C GLY I 243 62.65 -9.34 -23.84
N ALA I 244 63.99 -9.43 -23.82
CA ALA I 244 64.77 -9.27 -25.03
C ALA I 244 64.81 -10.46 -26.01
N THR I 245 64.50 -11.67 -25.52
CA THR I 245 64.52 -12.85 -26.38
C THR I 245 63.61 -13.96 -25.83
N THR I 246 63.67 -15.13 -26.45
CA THR I 246 62.85 -16.26 -26.02
C THR I 246 63.71 -17.53 -25.85
N TRP I 247 63.39 -18.30 -24.81
CA TRP I 247 64.09 -19.55 -24.51
C TRP I 247 63.19 -20.76 -24.72
N TYR I 248 63.81 -21.93 -24.85
CA TYR I 248 63.07 -23.16 -25.09
C TYR I 248 63.08 -24.07 -23.85
N PHE I 249 61.90 -24.54 -23.47
CA PHE I 249 61.74 -25.44 -22.34
C PHE I 249 61.18 -26.73 -22.92
N ASN I 250 61.91 -27.81 -22.75
CA ASN I 250 61.52 -29.11 -23.27
C ASN I 250 61.55 -30.11 -22.12
N PRO I 251 60.56 -30.09 -21.22
CA PRO I 251 60.56 -30.94 -20.03
C PRO I 251 60.35 -32.43 -20.26
N VAL I 252 60.98 -33.15 -19.34
CA VAL I 252 60.83 -34.60 -19.12
C VAL I 252 60.66 -34.69 -17.60
N ILE I 253 59.61 -35.36 -17.18
CA ILE I 253 59.22 -35.34 -15.76
C ILE I 253 59.71 -36.51 -14.93
N LEU I 254 60.21 -36.22 -13.74
CA LEU I 254 60.69 -37.21 -12.78
C LEU I 254 59.89 -36.97 -11.50
N ARG I 255 59.82 -37.97 -10.62
CA ARG I 255 59.06 -37.77 -9.39
C ARG I 255 59.75 -36.82 -8.47
N PRO I 256 58.99 -35.90 -7.87
CA PRO I 256 59.63 -34.97 -6.95
C PRO I 256 60.14 -35.77 -5.74
N ASN I 257 61.39 -35.50 -5.39
CA ASN I 257 62.09 -36.16 -4.29
C ASN I 257 62.09 -35.31 -3.01
N ASN I 258 61.91 -35.96 -1.85
CA ASN I 258 61.88 -35.28 -0.54
C ASN I 258 60.92 -34.11 -0.46
N VAL I 259 59.69 -34.36 -0.88
CA VAL I 259 58.66 -33.35 -0.86
C VAL I 259 58.31 -33.02 0.58
N GLU I 260 58.28 -31.73 0.89
CA GLU I 260 57.90 -31.27 2.20
C GLU I 260 57.04 -30.02 2.08
N VAL I 261 55.81 -30.10 2.59
CA VAL I 261 54.91 -28.96 2.54
C VAL I 261 54.77 -28.43 3.94
N GLU I 262 54.98 -27.14 4.11
CA GLU I 262 54.80 -26.55 5.42
C GLU I 262 53.77 -25.45 5.33
N PHE I 263 52.85 -25.47 6.28
CA PHE I 263 51.80 -24.46 6.39
C PHE I 263 52.24 -23.72 7.63
N LEU I 264 52.67 -22.49 7.43
CA LEU I 264 53.17 -21.68 8.53
C LEU I 264 52.23 -20.57 8.91
N LEU I 265 52.34 -20.14 10.15
CA LEU I 265 51.55 -19.04 10.66
C LEU I 265 52.54 -18.15 11.38
N ASN I 266 52.70 -16.93 10.90
CA ASN I 266 53.64 -15.99 11.52
C ASN I 266 55.05 -16.59 11.66
N GLY I 267 55.49 -17.32 10.64
CA GLY I 267 56.82 -17.89 10.67
C GLY I 267 56.93 -19.23 11.36
N GLN I 268 55.89 -19.64 12.06
CA GLN I 268 55.91 -20.91 12.76
C GLN I 268 55.25 -22.02 11.94
N ILE I 269 55.86 -23.20 11.96
CA ILE I 269 55.28 -24.35 11.26
C ILE I 269 54.07 -24.83 12.08
N ILE I 270 52.90 -24.82 11.46
CA ILE I 270 51.69 -25.27 12.14
C ILE I 270 51.46 -26.69 11.64
N ASN I 271 51.61 -26.93 10.35
CA ASN I 271 51.44 -28.27 9.79
C ASN I 271 52.59 -28.55 8.85
N THR I 272 53.08 -29.78 8.86
CA THR I 272 54.13 -30.17 7.96
C THR I 272 53.83 -31.58 7.47
N TYR I 273 54.00 -31.80 6.18
CA TYR I 273 53.75 -33.09 5.53
C TYR I 273 54.94 -33.46 4.66
N GLN I 274 55.45 -34.66 4.85
CA GLN I 274 56.59 -35.14 4.10
C GLN I 274 56.13 -36.13 3.10
N ALA I 275 56.20 -35.77 1.84
CA ALA I 275 55.84 -36.66 0.75
C ALA I 275 54.46 -37.31 0.88
N ARG I 276 53.50 -36.57 1.42
CA ARG I 276 52.17 -37.13 1.55
C ARG I 276 51.23 -36.55 0.50
N PHE I 277 50.89 -37.36 -0.50
CA PHE I 277 50.02 -36.92 -1.57
C PHE I 277 48.58 -37.38 -1.30
N GLY I 278 47.60 -36.62 -1.77
CA GLY I 278 46.22 -36.99 -1.52
C GLY I 278 45.60 -35.86 -0.72
N THR I 279 44.78 -36.20 0.26
CA THR I 279 44.12 -35.19 1.07
C THR I 279 44.80 -34.95 2.42
N ILE I 280 45.15 -33.69 2.67
CA ILE I 280 45.82 -33.28 3.92
C ILE I 280 45.07 -32.07 4.49
N ILE I 281 45.14 -31.91 5.82
CA ILE I 281 44.50 -30.80 6.52
C ILE I 281 45.53 -29.75 7.01
N ALA I 282 45.28 -28.48 6.74
CA ALA I 282 46.14 -27.39 7.19
C ALA I 282 45.18 -26.59 8.07
N ARG I 283 45.37 -26.62 9.37
CA ARG I 283 44.36 -26.05 10.27
C ARG I 283 44.43 -24.52 10.51
N ASN I 284 45.53 -23.88 10.23
CA ASN I 284 45.65 -22.42 10.49
C ASN I 284 46.98 -21.96 9.91
N PHE I 285 46.94 -21.17 8.84
CA PHE I 285 48.20 -20.75 8.21
C PHE I 285 48.02 -19.50 7.36
N ASP I 286 49.12 -18.76 7.19
CA ASP I 286 49.12 -17.55 6.36
C ASP I 286 50.20 -17.70 5.30
N THR I 287 50.87 -18.84 5.29
CA THR I 287 51.93 -19.09 4.33
C THR I 287 52.05 -20.57 4.01
N ILE I 288 52.35 -20.86 2.75
CA ILE I 288 52.57 -22.23 2.33
C ILE I 288 53.98 -22.27 1.75
N ARG I 289 54.74 -23.27 2.13
CA ARG I 289 56.07 -23.43 1.60
C ARG I 289 56.20 -24.84 1.05
N LEU I 290 56.49 -24.95 -0.23
CA LEU I 290 56.65 -26.25 -0.87
C LEU I 290 58.13 -26.43 -1.22
N SER I 291 58.76 -27.48 -0.67
CA SER I 291 60.16 -27.78 -0.94
C SER I 291 60.16 -29.13 -1.57
N PHE I 292 60.95 -29.27 -2.63
CA PHE I 292 61.04 -30.52 -3.37
C PHE I 292 62.37 -30.53 -4.12
N GLN I 293 62.82 -31.72 -4.50
CA GLN I 293 64.10 -31.87 -5.16
C GLN I 293 64.03 -32.70 -6.43
N LEU I 294 65.03 -32.50 -7.26
CA LEU I 294 65.22 -33.28 -8.47
C LEU I 294 66.44 -34.10 -8.14
N MET I 295 66.32 -35.40 -8.19
CA MET I 295 67.50 -36.21 -7.91
C MET I 295 67.83 -36.94 -9.18
N ARG I 296 69.05 -36.79 -9.67
CA ARG I 296 69.45 -37.48 -10.89
C ARG I 296 69.31 -38.99 -10.64
N PRO I 297 68.61 -39.71 -11.53
CA PRO I 297 68.43 -41.16 -11.35
C PRO I 297 69.79 -41.85 -11.26
N PRO I 298 70.03 -42.58 -10.15
CA PRO I 298 71.32 -43.27 -10.02
C PRO I 298 71.48 -44.43 -11.02
N ASN I 299 70.36 -45.01 -11.45
CA ASN I 299 70.38 -46.12 -12.39
C ASN I 299 69.47 -45.77 -13.55
N MET I 300 70.00 -45.87 -14.75
CA MET I 300 69.24 -45.51 -15.94
C MET I 300 69.28 -46.52 -17.06
N THR I 301 68.14 -46.87 -17.63
CA THR I 301 68.14 -47.78 -18.78
C THR I 301 68.74 -46.94 -19.92
N PRO I 302 69.18 -47.57 -21.02
CA PRO I 302 69.76 -46.82 -22.15
C PRO I 302 68.92 -45.64 -22.61
N ALA I 303 67.62 -45.86 -22.80
CA ALA I 303 66.70 -44.82 -23.26
C ALA I 303 66.73 -43.61 -22.34
N VAL I 304 66.85 -43.84 -21.03
CA VAL I 304 66.90 -42.76 -20.06
C VAL I 304 68.28 -42.10 -20.08
N ALA I 305 69.32 -42.94 -20.05
CA ALA I 305 70.70 -42.45 -20.06
C ALA I 305 70.94 -41.49 -21.23
N ALA I 306 70.32 -41.79 -22.37
CA ALA I 306 70.42 -40.99 -23.59
C ALA I 306 69.87 -39.58 -23.47
N LEU I 307 68.97 -39.36 -22.51
CA LEU I 307 68.36 -38.05 -22.34
C LEU I 307 69.26 -37.14 -21.56
N PHE I 308 70.10 -37.74 -20.71
CA PHE I 308 70.99 -37.02 -19.80
C PHE I 308 72.49 -37.24 -19.97
N PRO I 309 73.11 -36.59 -20.98
CA PRO I 309 74.54 -36.70 -21.27
C PRO I 309 75.41 -36.01 -20.24
N ASN I 310 76.71 -36.30 -20.26
CA ASN I 310 77.63 -35.67 -19.33
C ASN I 310 77.99 -34.27 -19.74
N ALA I 311 77.78 -33.95 -21.01
CA ALA I 311 78.09 -32.65 -21.55
C ALA I 311 76.95 -32.09 -22.38
N GLN I 312 76.90 -30.76 -22.48
CA GLN I 312 75.88 -30.09 -23.30
C GLN I 312 76.12 -30.51 -24.73
N PRO I 313 75.13 -30.32 -25.62
CA PRO I 313 73.81 -29.73 -25.37
C PRO I 313 72.85 -30.58 -24.53
N PHE I 314 72.13 -29.90 -23.64
CA PHE I 314 71.15 -30.56 -22.79
C PHE I 314 69.81 -30.37 -23.54
N GLU I 315 69.31 -31.44 -24.12
CA GLU I 315 68.11 -31.35 -24.92
C GLU I 315 66.80 -31.79 -24.27
N HIS I 316 66.89 -32.53 -23.18
CA HIS I 316 65.72 -32.97 -22.44
C HIS I 316 65.94 -32.38 -21.08
N HIS I 317 64.99 -31.57 -20.64
CA HIS I 317 65.12 -30.85 -19.38
C HIS I 317 64.37 -31.45 -18.19
N ALA I 318 65.13 -32.05 -17.28
CA ALA I 318 64.60 -32.69 -16.08
C ALA I 318 63.76 -31.72 -15.27
N THR I 319 62.53 -32.15 -15.00
CA THR I 319 61.56 -31.33 -14.29
C THR I 319 60.80 -32.14 -13.25
N VAL I 320 60.63 -31.53 -12.07
CA VAL I 320 59.86 -32.14 -10.96
C VAL I 320 58.85 -31.07 -10.56
N GLY I 321 57.66 -31.48 -10.11
CA GLY I 321 56.66 -30.51 -9.73
C GLY I 321 55.65 -30.96 -8.69
N LEU I 322 54.79 -30.03 -8.28
CA LEU I 322 53.76 -30.28 -7.29
C LEU I 322 52.52 -29.48 -7.65
N THR I 323 51.36 -30.00 -7.25
CA THR I 323 50.08 -29.31 -7.46
C THR I 323 49.38 -29.33 -6.13
N LEU I 324 48.90 -28.17 -5.69
CA LEU I 324 48.22 -28.06 -4.40
C LEU I 324 46.91 -27.31 -4.62
N ARG I 325 45.79 -27.88 -4.16
CA ARG I 325 44.49 -27.22 -4.30
C ARG I 325 43.75 -27.15 -2.97
N ILE I 326 43.31 -25.96 -2.60
CA ILE I 326 42.56 -25.78 -1.36
C ILE I 326 41.10 -25.99 -1.73
N GLU I 327 40.55 -27.16 -1.38
CA GLU I 327 39.16 -27.48 -1.69
C GLU I 327 38.18 -26.62 -0.88
N SER I 328 38.43 -26.49 0.42
CA SER I 328 37.57 -25.73 1.28
C SER I 328 38.42 -25.18 2.41
N ALA I 329 37.93 -24.10 3.02
CA ALA I 329 38.61 -23.48 4.14
C ALA I 329 37.69 -22.45 4.76
N VAL I 330 38.08 -21.98 5.94
CA VAL I 330 37.34 -20.96 6.63
C VAL I 330 38.24 -19.73 6.69
N CYS I 331 37.66 -18.54 6.53
CA CYS I 331 38.46 -17.32 6.64
C CYS I 331 37.66 -16.35 7.49
N GLU I 332 38.38 -15.59 8.30
CA GLU I 332 37.74 -14.58 9.13
C GLU I 332 37.34 -13.36 8.30
N SER I 333 37.90 -13.23 7.09
CA SER I 333 37.60 -12.12 6.18
C SER I 333 36.80 -12.63 4.98
N VAL I 334 35.90 -11.80 4.43
CA VAL I 334 35.17 -12.25 3.25
C VAL I 334 36.15 -12.41 2.10
N LEU I 335 35.87 -13.37 1.23
CA LEU I 335 36.70 -13.64 0.06
C LEU I 335 35.76 -14.13 -1.02
N ALA I 336 36.23 -14.09 -2.25
CA ALA I 336 35.47 -14.67 -3.35
C ALA I 336 35.83 -16.17 -3.29
N ASP I 337 34.95 -17.04 -3.77
CA ASP I 337 35.23 -18.47 -3.83
C ASP I 337 34.54 -19.03 -5.09
N ALA I 338 34.50 -20.35 -5.26
CA ALA I 338 33.90 -20.93 -6.47
C ALA I 338 32.41 -21.20 -6.41
N SER I 339 31.76 -20.85 -5.30
CA SER I 339 30.34 -21.11 -5.16
C SER I 339 29.45 -19.91 -4.89
N GLU I 340 29.92 -18.97 -4.07
CA GLU I 340 29.15 -17.79 -3.73
C GLU I 340 29.10 -16.77 -4.85
N THR I 341 27.95 -16.12 -4.99
CA THR I 341 27.74 -15.14 -6.05
C THR I 341 27.94 -13.70 -5.61
N MET I 342 28.37 -13.47 -4.37
CA MET I 342 28.55 -12.12 -3.84
C MET I 342 29.41 -11.20 -4.69
N LEU I 343 30.64 -11.60 -4.97
CA LEU I 343 31.51 -10.77 -5.77
C LEU I 343 30.83 -10.48 -7.11
N ALA I 344 30.30 -11.52 -7.75
CA ALA I 344 29.64 -11.36 -9.04
C ALA I 344 28.43 -10.43 -8.96
N ASN I 345 27.66 -10.49 -7.86
CA ASN I 345 26.49 -9.61 -7.69
C ASN I 345 26.90 -8.16 -7.61
N VAL I 346 27.86 -7.87 -6.74
CA VAL I 346 28.35 -6.51 -6.54
C VAL I 346 28.95 -5.98 -7.83
N THR I 347 29.81 -6.79 -8.46
CA THR I 347 30.46 -6.40 -9.69
C THR I 347 29.43 -6.18 -10.79
N SER I 348 28.42 -7.06 -10.85
CA SER I 348 27.38 -6.96 -11.86
C SER I 348 26.49 -5.73 -11.71
N VAL I 349 26.09 -5.40 -10.48
CA VAL I 349 25.23 -4.23 -10.31
C VAL I 349 26.00 -2.98 -10.70
N ARG I 350 27.26 -2.88 -10.29
CA ARG I 350 28.08 -1.73 -10.64
C ARG I 350 28.28 -1.58 -12.15
N GLN I 351 28.51 -2.69 -12.84
CA GLN I 351 28.71 -2.69 -14.30
C GLN I 351 27.43 -2.30 -15.04
N GLU I 352 26.31 -2.91 -14.64
CA GLU I 352 25.03 -2.62 -15.29
C GLU I 352 24.65 -1.14 -15.20
N TYR I 353 24.87 -0.52 -14.04
CA TYR I 353 24.53 0.88 -13.87
C TYR I 353 25.64 1.86 -14.14
N ALA I 354 26.67 1.41 -14.83
CA ALA I 354 27.78 2.27 -15.19
C ALA I 354 28.31 3.11 -14.01
N ILE I 355 28.47 2.47 -12.85
CA ILE I 355 28.95 3.16 -11.67
C ILE I 355 30.41 3.55 -11.86
N PRO I 356 30.75 4.84 -11.67
CA PRO I 356 32.13 5.33 -11.83
C PRO I 356 33.10 4.67 -10.83
N VAL I 357 34.38 4.55 -11.21
CA VAL I 357 35.38 4.00 -10.30
C VAL I 357 35.41 4.90 -9.08
N GLY I 358 35.49 4.31 -7.89
CA GLY I 358 35.51 5.09 -6.67
C GLY I 358 36.88 5.15 -6.05
N PRO I 359 37.00 5.63 -4.82
CA PRO I 359 38.30 5.72 -4.14
C PRO I 359 38.77 4.44 -3.43
N VAL I 360 37.90 3.46 -3.24
CA VAL I 360 38.29 2.25 -2.52
C VAL I 360 38.62 1.05 -3.39
N PHE I 361 37.66 0.61 -4.19
CA PHE I 361 37.83 -0.58 -5.03
C PHE I 361 38.58 -0.40 -6.36
N PRO I 362 39.37 -1.42 -6.77
CA PRO I 362 40.08 -1.30 -8.05
C PRO I 362 39.08 -1.27 -9.19
N PRO I 363 39.48 -0.70 -10.34
CA PRO I 363 38.56 -0.66 -11.47
C PRO I 363 37.98 -2.07 -11.76
N GLY I 364 36.67 -2.13 -11.96
CA GLY I 364 35.97 -3.35 -12.27
C GLY I 364 35.88 -4.34 -11.13
N MET I 365 36.17 -3.91 -9.90
CA MET I 365 36.17 -4.80 -8.74
C MET I 365 37.13 -5.94 -9.05
N ASN I 366 38.20 -5.68 -9.81
CA ASN I 366 39.15 -6.74 -10.19
C ASN I 366 39.64 -7.55 -9.00
N TRP I 367 39.35 -8.86 -9.00
CA TRP I 367 39.74 -9.67 -7.86
C TRP I 367 41.22 -9.72 -7.59
N THR I 368 42.02 -9.99 -8.62
CA THR I 368 43.45 -10.03 -8.38
C THR I 368 43.95 -8.74 -7.72
N ASP I 369 43.56 -7.58 -8.26
CA ASP I 369 44.00 -6.32 -7.69
C ASP I 369 43.50 -6.16 -6.26
N LEU I 370 42.26 -6.54 -6.03
CA LEU I 370 41.69 -6.42 -4.71
C LEU I 370 42.43 -7.25 -3.66
N ILE I 371 42.60 -8.54 -3.91
CA ILE I 371 43.27 -9.43 -2.97
C ILE I 371 44.77 -9.12 -2.85
N THR I 372 45.39 -8.57 -3.89
CA THR I 372 46.80 -8.24 -3.82
C THR I 372 47.04 -7.11 -2.79
N ASN I 373 46.16 -6.13 -2.76
CA ASN I 373 46.28 -5.04 -1.81
C ASN I 373 44.99 -4.97 -1.05
N TYR I 374 44.76 -6.01 -0.24
CA TYR I 374 43.56 -6.16 0.55
C TYR I 374 43.64 -5.33 1.82
N SER I 375 43.54 -4.03 1.68
CA SER I 375 43.62 -3.14 2.82
C SER I 375 42.42 -3.26 3.75
N PRO I 376 42.55 -2.73 4.98
CA PRO I 376 41.42 -2.80 5.91
C PRO I 376 40.19 -2.12 5.31
N SER I 377 40.40 -0.97 4.66
CA SER I 377 39.28 -0.26 4.04
C SER I 377 38.60 -1.09 2.96
N ARG I 378 39.37 -1.73 2.09
CA ARG I 378 38.77 -2.56 1.06
C ARG I 378 37.98 -3.70 1.71
N GLU I 379 38.51 -4.31 2.78
CA GLU I 379 37.82 -5.41 3.44
C GLU I 379 36.53 -4.98 4.11
N ASP I 380 36.55 -3.84 4.79
CA ASP I 380 35.33 -3.36 5.45
C ASP I 380 34.27 -3.03 4.42
N ASN I 381 34.67 -2.36 3.35
CA ASN I 381 33.74 -2.04 2.26
C ASN I 381 33.24 -3.34 1.59
N LEU I 382 34.15 -4.28 1.34
CA LEU I 382 33.80 -5.55 0.72
C LEU I 382 32.80 -6.28 1.57
N GLN I 383 33.03 -6.31 2.88
CA GLN I 383 32.10 -7.04 3.75
C GLN I 383 30.74 -6.38 3.76
N ARG I 384 30.72 -5.05 3.80
CA ARG I 384 29.44 -4.36 3.81
C ARG I 384 28.66 -4.66 2.56
N VAL I 385 29.38 -4.56 1.48
CA VAL I 385 28.86 -4.72 0.14
C VAL I 385 28.45 -6.21 -0.10
N PHE I 386 29.22 -7.17 0.43
CA PHE I 386 28.90 -8.62 0.28
C PHE I 386 27.65 -8.97 1.13
N THR I 387 27.60 -8.41 2.33
CA THR I 387 26.46 -8.66 3.20
C THR I 387 25.17 -8.13 2.53
N VAL I 388 25.24 -6.96 1.90
CA VAL I 388 24.07 -6.40 1.22
C VAL I 388 23.68 -7.28 0.02
N ALA I 389 24.67 -7.78 -0.70
CA ALA I 389 24.41 -8.64 -1.86
C ALA I 389 23.68 -9.90 -1.37
N SER I 390 24.08 -10.41 -0.22
CA SER I 390 23.45 -11.61 0.33
C SER I 390 22.01 -11.33 0.78
N ILE I 391 21.75 -10.11 1.24
CA ILE I 391 20.41 -9.74 1.71
C ILE I 391 19.52 -9.67 0.48
N ARG I 392 20.06 -9.08 -0.57
CA ARG I 392 19.34 -8.95 -1.83
C ARG I 392 18.99 -10.30 -2.48
N SER I 393 19.95 -11.23 -2.46
CA SER I 393 19.73 -12.57 -3.05
C SER I 393 18.66 -13.43 -2.36
N MET I 394 18.11 -12.95 -1.26
CA MET I 394 17.10 -13.70 -0.53
C MET I 394 15.79 -13.49 -1.26
N LEU I 395 15.73 -12.41 -2.04
CA LEU I 395 14.51 -12.03 -2.74
C LEU I 395 14.66 -11.92 -4.25
N VAL I 396 15.81 -11.42 -4.67
CA VAL I 396 16.09 -11.18 -6.08
C VAL I 396 17.33 -11.91 -6.52
N LYS I 397 17.18 -12.83 -7.46
CA LYS I 397 18.33 -13.56 -7.96
C LYS I 397 18.40 -13.31 -9.43
N MET J 1 23.15 -37.91 23.48
CA MET J 1 23.61 -37.30 22.19
C MET J 1 22.63 -36.32 21.57
N ASP J 2 21.48 -36.84 21.10
CA ASP J 2 20.48 -35.95 20.49
C ASP J 2 20.39 -34.73 21.38
N VAL J 3 20.59 -34.97 22.67
CA VAL J 3 20.58 -33.92 23.67
C VAL J 3 21.45 -32.82 23.07
N LEU J 4 22.74 -33.10 23.09
CA LEU J 4 23.73 -32.19 22.57
C LEU J 4 23.20 -31.30 21.45
N TYR J 5 22.68 -31.92 20.40
CA TYR J 5 22.16 -31.16 19.28
C TYR J 5 21.40 -29.94 19.76
N SER J 6 20.22 -30.18 20.33
CA SER J 6 19.37 -29.10 20.83
C SER J 6 20.16 -27.92 21.41
N LEU J 7 21.00 -28.23 22.39
CA LEU J 7 21.81 -27.24 23.07
C LEU J 7 22.31 -26.16 22.12
N SER J 8 22.43 -26.52 20.86
CA SER J 8 22.91 -25.60 19.86
C SER J 8 21.80 -24.85 19.13
N LYS J 9 21.02 -25.53 18.29
CA LYS J 9 19.94 -24.86 17.53
C LYS J 9 19.20 -23.98 18.54
N THR J 10 19.41 -24.30 19.81
CA THR J 10 18.84 -23.55 20.90
C THR J 10 19.52 -22.19 20.82
N LEU J 11 20.83 -22.20 21.00
CA LEU J 11 21.61 -20.98 20.97
C LEU J 11 21.58 -20.23 19.62
N LYS J 12 21.79 -20.93 18.50
CA LYS J 12 21.77 -20.25 17.18
C LYS J 12 20.43 -19.59 16.97
N ASP J 13 19.38 -20.40 16.89
CA ASP J 13 18.03 -19.89 16.70
C ASP J 13 17.77 -18.92 17.85
N ALA J 14 18.79 -18.71 18.70
CA ALA J 14 18.70 -17.80 19.83
C ALA J 14 19.53 -16.54 19.58
N ARG J 15 20.84 -16.69 19.60
CA ARG J 15 21.76 -15.58 19.37
C ARG J 15 21.40 -14.91 18.04
N ASP J 16 20.46 -15.50 17.33
CA ASP J 16 20.01 -14.98 16.04
C ASP J 16 18.65 -14.29 16.07
N LYS J 17 17.64 -14.94 16.65
CA LYS J 17 16.30 -14.35 16.70
C LYS J 17 16.08 -13.37 17.87
N ILE J 18 17.13 -13.10 18.63
CA ILE J 18 17.04 -12.18 19.77
C ILE J 18 17.91 -10.97 19.50
N VAL J 19 17.35 -9.93 18.91
CA VAL J 19 18.14 -8.75 18.62
C VAL J 19 17.66 -7.46 19.23
N GLU J 20 18.57 -6.48 19.26
CA GLU J 20 18.32 -5.16 19.81
C GLU J 20 17.08 -4.47 19.21
N GLY J 21 15.88 -4.95 19.56
CA GLY J 21 14.66 -4.33 19.06
C GLY J 21 13.68 -5.13 18.21
N THR J 22 13.06 -6.16 18.78
CA THR J 22 12.10 -6.97 18.03
C THR J 22 10.85 -7.31 18.82
N LEU J 23 10.00 -8.16 18.25
CA LEU J 23 8.74 -8.54 18.89
C LEU J 23 8.74 -9.91 19.57
N TYR J 24 8.06 -9.98 20.69
CA TYR J 24 7.97 -11.21 21.47
C TYR J 24 7.43 -12.33 20.59
N SER J 25 6.38 -12.01 19.84
CA SER J 25 5.74 -12.98 18.94
C SER J 25 6.70 -13.86 18.15
N ASN J 26 7.85 -13.32 17.80
CA ASN J 26 8.85 -14.06 17.04
C ASN J 26 9.47 -15.16 17.87
N VAL J 27 9.33 -15.04 19.19
CA VAL J 27 9.97 -15.99 20.09
C VAL J 27 9.16 -16.64 21.21
N SER J 28 7.89 -16.31 21.38
CA SER J 28 7.12 -16.92 22.45
C SER J 28 7.38 -18.42 22.45
N ASP J 29 7.19 -19.05 21.30
CA ASP J 29 7.41 -20.49 21.16
C ASP J 29 8.88 -20.80 21.43
N LEU J 30 9.72 -19.78 21.33
CA LEU J 30 11.13 -19.97 21.55
C LEU J 30 11.56 -19.78 23.00
N ILE J 31 11.29 -18.59 23.53
CA ILE J 31 11.65 -18.30 24.90
C ILE J 31 11.40 -19.55 25.73
N GLN J 32 10.14 -19.96 25.77
CA GLN J 32 9.74 -21.15 26.51
C GLN J 32 10.82 -22.23 26.44
N GLN J 33 10.91 -22.90 25.30
CA GLN J 33 11.90 -23.96 25.09
C GLN J 33 13.17 -23.66 25.86
N PHE J 34 13.67 -22.45 25.66
CA PHE J 34 14.89 -22.05 26.31
C PHE J 34 14.88 -22.29 27.82
N ASN J 35 14.08 -21.52 28.53
CA ASN J 35 13.97 -21.64 29.97
C ASN J 35 14.00 -23.11 30.38
N GLN J 36 13.03 -23.88 29.91
CA GLN J 36 12.93 -25.31 30.21
C GLN J 36 14.31 -25.89 30.48
N MET J 37 15.25 -25.52 29.61
CA MET J 37 16.62 -25.98 29.72
C MET J 37 17.21 -25.57 31.06
N ILE J 38 17.48 -24.27 31.18
CA ILE J 38 18.06 -23.69 32.39
C ILE J 38 17.70 -24.51 33.62
N ILE J 39 16.41 -24.75 33.79
CA ILE J 39 15.91 -25.51 34.93
C ILE J 39 16.65 -26.83 35.08
N THR J 40 16.41 -27.72 34.12
CA THR J 40 17.01 -29.04 34.11
C THR J 40 18.49 -29.00 34.51
N MET J 41 19.19 -27.94 34.10
CA MET J 41 20.61 -27.77 34.38
C MET J 41 20.96 -27.41 35.82
N ASN J 42 20.80 -26.12 36.13
CA ASN J 42 21.11 -25.57 37.45
C ASN J 42 21.16 -26.63 38.54
N GLY J 43 22.28 -26.66 39.26
CA GLY J 43 22.45 -27.62 40.32
C GLY J 43 23.44 -28.72 39.98
N ASN J 44 23.55 -29.04 38.69
CA ASN J 44 24.46 -30.07 38.26
C ASN J 44 25.83 -29.49 37.91
N GLU J 45 26.90 -30.13 38.38
CA GLU J 45 28.25 -29.66 38.11
C GLU J 45 28.96 -30.52 37.06
N PHE J 46 29.81 -29.88 36.24
CA PHE J 46 30.52 -30.58 35.17
C PHE J 46 32.04 -30.43 35.07
N GLN J 47 32.64 -31.43 34.42
CA GLN J 47 34.08 -31.51 34.22
C GLN J 47 34.42 -31.87 32.76
N THR J 48 35.45 -31.22 32.22
CA THR J 48 35.89 -31.47 30.85
C THR J 48 37.39 -31.30 30.74
N GLY J 49 37.98 -32.04 29.81
CA GLY J 49 39.42 -31.96 29.61
C GLY J 49 40.12 -33.18 30.18
N GLY J 50 41.42 -33.05 30.40
CA GLY J 50 42.19 -34.15 30.95
C GLY J 50 42.81 -34.98 29.84
N ILE J 51 43.73 -34.36 29.10
CA ILE J 51 44.38 -35.05 28.01
C ILE J 51 45.23 -34.09 27.19
N GLY J 52 46.35 -34.58 26.67
CA GLY J 52 47.25 -33.77 25.86
C GLY J 52 47.34 -32.34 26.34
N ASN J 53 47.01 -31.40 25.47
CA ASN J 53 47.06 -29.99 25.82
C ASN J 53 45.65 -29.43 25.94
N LEU J 54 44.76 -30.19 26.56
CA LEU J 54 43.40 -29.74 26.72
C LEU J 54 43.12 -29.33 28.15
N PRO J 55 42.95 -28.03 28.40
CA PRO J 55 42.67 -27.53 29.75
C PRO J 55 41.47 -28.25 30.38
N ILE J 56 41.32 -28.13 31.68
CA ILE J 56 40.23 -28.78 32.39
C ILE J 56 39.36 -27.72 33.08
N ARG J 57 38.54 -27.01 32.32
CA ARG J 57 37.69 -25.98 32.92
C ARG J 57 36.44 -26.61 33.56
N ASN J 58 36.14 -26.22 34.80
CA ASN J 58 34.99 -26.75 35.56
C ASN J 58 33.79 -25.79 35.56
N TRP J 59 32.58 -26.35 35.50
CA TRP J 59 31.38 -25.52 35.43
C TRP J 59 30.23 -25.79 36.41
N ASN J 60 29.67 -24.70 36.93
CA ASN J 60 28.55 -24.73 37.85
C ASN J 60 27.38 -24.01 37.18
N PHE J 61 26.18 -24.18 37.72
CA PHE J 61 25.00 -23.53 37.16
C PHE J 61 24.11 -22.91 38.23
N ASP J 62 23.56 -21.75 37.95
CA ASP J 62 22.69 -21.03 38.89
C ASP J 62 22.30 -19.72 38.20
N PHE J 63 21.59 -19.83 37.08
CA PHE J 63 21.19 -18.65 36.33
C PHE J 63 19.71 -18.36 36.38
N GLY J 64 19.38 -17.08 36.32
CA GLY J 64 17.99 -16.67 36.36
C GLY J 64 17.20 -17.16 35.17
N LEU J 65 15.98 -16.65 35.02
CA LEU J 65 15.12 -17.04 33.92
C LEU J 65 15.04 -15.93 32.88
N LEU J 66 13.88 -15.80 32.25
CA LEU J 66 13.71 -14.79 31.22
C LEU J 66 12.45 -13.94 31.31
N GLY J 67 12.62 -12.64 31.22
CA GLY J 67 11.47 -11.74 31.25
C GLY J 67 10.46 -12.19 30.20
N THR J 68 9.40 -12.83 30.65
CA THR J 68 8.37 -13.29 29.75
C THR J 68 7.38 -12.16 29.50
N THR J 69 7.70 -10.98 30.04
CA THR J 69 6.85 -9.79 29.94
C THR J 69 6.71 -9.04 28.60
N LEU J 70 7.68 -8.17 28.31
CA LEU J 70 7.72 -7.33 27.11
C LEU J 70 7.06 -7.75 25.79
N LEU J 71 7.06 -6.79 24.86
CA LEU J 71 6.52 -6.97 23.51
C LEU J 71 7.70 -6.74 22.57
N ASN J 72 8.34 -5.59 22.72
CA ASN J 72 9.52 -5.24 21.93
C ASN J 72 10.70 -5.42 22.87
N LEU J 73 11.76 -6.04 22.37
CA LEU J 73 12.94 -6.29 23.20
C LEU J 73 13.79 -5.03 23.42
N ASP J 74 13.82 -4.50 24.64
CA ASP J 74 14.63 -3.31 24.92
C ASP J 74 16.08 -3.76 25.06
N ALA J 75 16.99 -2.97 24.50
CA ALA J 75 18.41 -3.29 24.55
C ALA J 75 18.79 -3.96 25.85
N ASN J 76 18.44 -3.33 26.96
CA ASN J 76 18.75 -3.87 28.28
C ASN J 76 18.41 -5.35 28.41
N TYR J 77 17.38 -5.79 27.70
CA TYR J 77 16.96 -7.19 27.76
C TYR J 77 18.01 -8.10 27.12
N VAL J 78 18.51 -7.67 25.98
CA VAL J 78 19.52 -8.43 25.26
C VAL J 78 20.74 -8.69 26.14
N GLU J 79 21.54 -7.64 26.40
CA GLU J 79 22.74 -7.75 27.21
C GLU J 79 22.67 -8.67 28.44
N THR J 80 21.56 -8.59 29.17
CA THR J 80 21.39 -9.43 30.37
C THR J 80 21.18 -10.87 29.95
N ALA J 81 21.05 -11.08 28.63
CA ALA J 81 20.85 -12.39 28.07
C ALA J 81 22.15 -12.89 27.44
N ARG J 82 22.73 -12.08 26.56
CA ARG J 82 23.98 -12.43 25.90
C ARG J 82 25.01 -12.88 26.91
N ASN J 83 25.03 -12.21 28.06
CA ASN J 83 25.98 -12.53 29.13
C ASN J 83 25.75 -13.93 29.67
N THR J 84 24.52 -14.44 29.54
CA THR J 84 24.20 -15.77 30.02
C THR J 84 24.43 -16.80 28.94
N ILE J 85 24.41 -16.37 27.68
CA ILE J 85 24.63 -17.29 26.59
C ILE J 85 26.12 -17.56 26.45
N ASP J 86 26.93 -16.50 26.57
CA ASP J 86 28.37 -16.61 26.45
C ASP J 86 29.02 -17.56 27.45
N TYR J 87 28.23 -18.15 28.35
CA TYR J 87 28.79 -19.12 29.30
C TYR J 87 28.48 -20.48 28.69
N PHE J 88 27.38 -20.55 27.95
CA PHE J 88 26.98 -21.78 27.30
C PHE J 88 27.80 -22.00 26.06
N VAL J 89 28.11 -20.90 25.38
CA VAL J 89 28.94 -20.98 24.19
C VAL J 89 30.27 -21.57 24.69
N ASP J 90 31.09 -20.75 25.35
CA ASP J 90 32.39 -21.16 25.88
C ASP J 90 32.32 -22.50 26.59
N PHE J 91 31.11 -22.97 26.85
CA PHE J 91 30.92 -24.25 27.50
C PHE J 91 30.90 -25.33 26.44
N VAL J 92 29.82 -25.36 25.67
CA VAL J 92 29.67 -26.34 24.61
C VAL J 92 30.98 -26.61 23.86
N ASP J 93 31.73 -25.55 23.55
CA ASP J 93 33.00 -25.68 22.83
C ASP J 93 33.80 -26.72 23.61
N ASN J 94 34.08 -26.41 24.88
CA ASN J 94 34.83 -27.30 25.77
C ASN J 94 34.16 -28.66 25.92
N VAL J 95 32.90 -28.79 25.49
CA VAL J 95 32.20 -30.06 25.60
C VAL J 95 32.43 -30.87 24.34
N CYS J 96 32.17 -30.25 23.20
CA CYS J 96 32.36 -30.93 21.93
C CYS J 96 33.77 -31.49 21.90
N MET J 97 34.72 -30.58 21.97
CA MET J 97 36.12 -30.93 21.92
C MET J 97 36.46 -32.16 22.79
N ASP J 98 35.92 -32.22 24.02
CA ASP J 98 36.22 -33.34 24.94
C ASP J 98 35.81 -34.71 24.42
N GLU J 99 34.66 -34.81 23.76
CA GLU J 99 34.19 -36.09 23.21
C GLU J 99 34.58 -36.21 21.74
N MET J 100 35.36 -35.24 21.26
CA MET J 100 35.80 -35.26 19.88
C MET J 100 37.23 -35.76 19.79
N VAL J 101 37.64 -36.61 20.71
CA VAL J 101 38.99 -37.13 20.67
C VAL J 101 39.03 -38.57 21.15
N ARG J 102 38.36 -38.83 22.27
CA ARG J 102 38.34 -40.16 22.84
C ARG J 102 37.70 -41.13 21.83
N GLU J 103 38.51 -42.08 21.40
CA GLU J 103 38.08 -43.08 20.43
C GLU J 103 37.78 -44.35 21.23
N SER J 104 37.00 -45.27 20.64
CA SER J 104 36.67 -46.53 21.30
C SER J 104 36.38 -47.55 20.20
N GLN J 105 37.01 -48.72 20.29
CA GLN J 105 36.81 -49.74 19.27
C GLN J 105 35.48 -50.49 19.42
N ARG J 106 35.38 -51.31 20.46
CA ARG J 106 34.19 -52.11 20.77
C ARG J 106 32.88 -51.36 20.48
N ASN J 107 32.39 -50.67 21.50
CA ASN J 107 31.16 -49.90 21.41
C ASN J 107 31.59 -48.50 21.01
N GLY J 108 32.19 -48.39 19.82
CA GLY J 108 32.68 -47.10 19.37
C GLY J 108 31.66 -46.06 18.94
N ILE J 109 30.54 -46.55 18.44
CA ILE J 109 29.47 -45.68 17.98
C ILE J 109 28.86 -44.82 19.09
N ALA J 110 28.99 -45.27 20.33
CA ALA J 110 28.40 -44.59 21.49
C ALA J 110 29.23 -43.48 22.15
N PRO J 111 28.66 -42.83 23.19
CA PRO J 111 29.27 -41.75 23.98
C PRO J 111 30.49 -42.23 24.76
N GLN J 112 31.36 -41.29 25.16
CA GLN J 112 32.58 -41.65 25.90
C GLN J 112 32.89 -40.82 27.16
N SER J 113 33.10 -39.52 26.97
CA SER J 113 33.44 -38.56 28.03
C SER J 113 32.57 -38.49 29.29
N ASP J 114 33.19 -38.11 30.41
CA ASP J 114 32.48 -37.97 31.68
C ASP J 114 31.48 -36.83 31.56
N SER J 115 31.59 -36.09 30.47
CA SER J 115 30.71 -34.98 30.22
C SER J 115 29.44 -35.49 29.54
N LEU J 116 29.62 -36.23 28.46
CA LEU J 116 28.48 -36.75 27.73
C LEU J 116 27.80 -37.97 28.35
N ARG J 117 28.57 -38.92 28.88
CA ARG J 117 27.98 -40.12 29.49
C ARG J 117 26.87 -39.68 30.46
N LYS J 118 26.98 -38.45 30.97
CA LYS J 118 26.01 -37.90 31.91
C LYS J 118 24.84 -37.22 31.19
N LEU J 119 25.07 -36.87 29.92
CA LEU J 119 24.05 -36.20 29.13
C LEU J 119 22.99 -37.14 28.61
N SER J 120 23.41 -38.33 28.20
CA SER J 120 22.48 -39.32 27.68
C SER J 120 21.54 -39.72 28.82
N GLY J 121 21.87 -39.27 30.03
CA GLY J 121 21.03 -39.58 31.19
C GLY J 121 19.60 -39.25 30.84
N LEU J 122 18.65 -39.84 31.55
CA LEU J 122 17.23 -39.61 31.26
C LEU J 122 16.69 -38.24 31.66
N LYS J 123 17.03 -37.78 32.86
CA LYS J 123 16.55 -36.50 33.37
C LYS J 123 16.86 -35.30 32.46
N PHE J 124 17.59 -35.54 31.36
CA PHE J 124 17.97 -34.49 30.42
C PHE J 124 17.19 -34.52 29.12
N LYS J 125 16.79 -35.71 28.71
CA LYS J 125 16.05 -35.89 27.47
C LYS J 125 14.98 -34.81 27.30
N ARG J 126 14.54 -34.22 28.41
CA ARG J 126 13.52 -33.16 28.39
C ARG J 126 13.92 -31.93 27.57
N ILE J 127 14.66 -32.10 26.48
CA ILE J 127 15.08 -30.92 25.74
C ILE J 127 15.11 -30.91 24.20
N ASN J 128 15.19 -32.08 23.57
CA ASN J 128 15.24 -32.16 22.10
C ASN J 128 14.39 -31.10 21.38
N PHE J 129 14.81 -30.71 20.17
CA PHE J 129 14.07 -29.68 19.41
C PHE J 129 14.62 -29.39 18.01
N ASP J 130 13.76 -28.92 17.09
CA ASP J 130 14.08 -28.61 15.66
C ASP J 130 15.33 -29.30 15.12
N ASN J 131 15.18 -30.56 14.74
CA ASN J 131 16.29 -31.35 14.19
C ASN J 131 16.34 -31.32 12.67
N SER J 132 16.46 -30.14 12.07
CA SER J 132 16.52 -30.08 10.62
C SER J 132 17.94 -29.93 10.09
N SER J 133 18.95 -30.12 10.97
CA SER J 133 20.35 -30.02 10.56
C SER J 133 20.79 -31.34 9.94
N GLU J 134 20.81 -31.33 8.61
CA GLU J 134 21.18 -32.48 7.79
C GLU J 134 21.84 -33.64 8.53
N TYR J 135 22.80 -33.35 9.40
CA TYR J 135 23.49 -34.41 10.13
C TYR J 135 22.75 -35.14 11.23
N ILE J 136 22.03 -34.39 12.04
CA ILE J 136 21.29 -35.03 13.10
C ILE J 136 20.17 -35.80 12.42
N GLU J 137 19.55 -35.18 11.41
CA GLU J 137 18.46 -35.80 10.65
C GLU J 137 18.88 -37.22 10.32
N ASN J 138 20.16 -37.37 9.99
CA ASN J 138 20.69 -38.67 9.64
C ASN J 138 21.16 -39.48 10.84
N TRP J 139 21.57 -38.82 11.92
CA TRP J 139 21.97 -39.60 13.07
C TRP J 139 20.78 -40.43 13.55
N ASN J 140 19.67 -39.77 13.82
CA ASN J 140 18.47 -40.46 14.28
C ASN J 140 18.10 -41.67 13.43
N LEU J 141 17.74 -41.41 12.17
CA LEU J 141 17.33 -42.46 11.24
C LEU J 141 18.24 -43.69 11.28
N GLN J 142 19.46 -43.49 11.75
CA GLN J 142 20.43 -44.57 11.83
C GLN J 142 20.28 -45.34 13.14
N ASN J 143 20.09 -44.60 14.23
CA ASN J 143 19.94 -45.17 15.56
C ASN J 143 18.68 -46.01 15.69
N ARG J 144 17.79 -45.89 14.70
CA ARG J 144 16.56 -46.66 14.69
C ARG J 144 16.76 -47.83 13.74
N ARG J 145 17.90 -47.81 13.07
CA ARG J 145 18.26 -48.85 12.11
C ARG J 145 17.42 -48.71 10.83
N GLN J 146 17.78 -47.72 10.00
CA GLN J 146 17.10 -47.46 8.72
C GLN J 146 17.97 -46.74 7.69
N ARG J 147 17.51 -46.72 6.44
CA ARG J 147 18.25 -46.10 5.33
C ARG J 147 18.54 -44.61 5.56
N THR J 148 19.83 -44.29 5.68
CA THR J 148 20.31 -42.93 5.93
C THR J 148 20.48 -42.09 4.65
N GLY J 149 21.58 -41.34 4.57
CA GLY J 149 21.85 -40.53 3.38
C GLY J 149 22.43 -39.12 3.53
N PHE J 150 23.46 -38.80 2.74
CA PHE J 150 24.11 -37.47 2.77
C PHE J 150 24.40 -36.92 1.37
N THR J 151 24.71 -35.63 1.28
CA THR J 151 24.98 -34.97 0.00
C THR J 151 26.43 -34.42 -0.10
N PHE J 152 27.13 -34.78 -1.18
CA PHE J 152 28.53 -34.38 -1.39
C PHE J 152 28.92 -33.87 -2.78
N HIS J 153 29.92 -32.99 -2.82
CA HIS J 153 30.47 -32.42 -4.05
C HIS J 153 31.91 -32.96 -4.10
N LYS J 154 32.39 -33.32 -5.28
CA LYS J 154 33.73 -33.89 -5.44
C LYS J 154 34.08 -34.71 -4.18
N PRO J 155 33.24 -35.73 -3.84
CA PRO J 155 33.39 -36.64 -2.68
C PRO J 155 34.80 -37.19 -2.58
N ASN J 156 35.18 -37.79 -1.45
CA ASN J 156 36.56 -38.26 -1.38
C ASN J 156 36.53 -39.77 -1.13
N ILE J 157 36.23 -40.51 -2.19
CA ILE J 157 36.06 -41.95 -2.12
C ILE J 157 37.28 -42.77 -2.49
N PHE J 158 38.17 -42.21 -3.31
CA PHE J 158 39.36 -42.95 -3.74
C PHE J 158 40.62 -42.67 -2.93
N PRO J 159 41.14 -43.70 -2.24
CA PRO J 159 42.37 -43.43 -1.48
C PRO J 159 43.42 -43.12 -2.53
N TYR J 160 44.37 -42.26 -2.19
CA TYR J 160 45.40 -41.90 -3.15
C TYR J 160 46.12 -43.15 -3.62
N SER J 161 46.26 -43.29 -4.92
CA SER J 161 46.95 -44.43 -5.51
C SER J 161 47.49 -43.95 -6.84
N ALA J 162 48.81 -43.97 -6.99
CA ALA J 162 49.42 -43.55 -8.23
C ALA J 162 50.43 -44.64 -8.58
N SER J 163 50.17 -45.43 -9.62
CA SER J 163 51.09 -46.50 -9.96
C SER J 163 50.95 -46.94 -11.42
N PHE J 164 51.57 -48.07 -11.77
CA PHE J 164 51.50 -48.61 -13.12
C PHE J 164 51.60 -50.13 -13.08
N THR J 165 51.29 -50.77 -14.19
CA THR J 165 51.37 -52.20 -14.30
C THR J 165 51.88 -52.46 -15.68
N LEU J 166 53.05 -53.09 -15.77
CA LEU J 166 53.64 -53.42 -17.06
C LEU J 166 53.22 -54.83 -17.47
N ASN J 167 52.37 -54.91 -18.49
CA ASN J 167 51.91 -56.20 -18.97
C ASN J 167 52.92 -56.88 -19.89
N ARG J 168 53.78 -56.08 -20.51
CA ARG J 168 54.87 -56.58 -21.35
C ARG J 168 56.03 -55.66 -21.03
N SER J 169 57.15 -56.23 -20.62
CA SER J 169 58.32 -55.43 -20.30
C SER J 169 59.52 -56.30 -20.47
N GLN J 170 60.67 -55.67 -20.47
CA GLN J 170 61.93 -56.37 -20.61
C GLN J 170 62.93 -55.44 -19.94
N PRO J 171 64.09 -55.98 -19.54
CA PRO J 171 65.13 -55.20 -18.86
C PRO J 171 65.42 -53.79 -19.39
N ALA J 172 65.56 -53.65 -20.71
CA ALA J 172 65.84 -52.35 -21.30
C ALA J 172 64.65 -51.36 -21.22
N HIS J 173 63.45 -51.89 -20.99
CA HIS J 173 62.23 -51.09 -20.92
C HIS J 173 62.12 -50.23 -22.17
N ASP J 174 62.33 -50.85 -23.32
CA ASP J 174 62.27 -50.16 -24.60
C ASP J 174 61.06 -50.58 -25.45
N ASN J 175 60.29 -51.53 -24.94
CA ASN J 175 59.07 -51.97 -25.63
C ASN J 175 58.05 -52.49 -24.60
N LEU J 176 57.47 -51.54 -23.84
CA LEU J 176 56.52 -51.83 -22.79
C LEU J 176 55.09 -51.71 -23.24
N MET J 177 54.21 -52.34 -22.45
CA MET J 177 52.77 -52.28 -22.70
C MET J 177 52.14 -52.43 -21.32
N GLY J 178 51.22 -51.55 -20.98
CA GLY J 178 50.57 -51.62 -19.68
C GLY J 178 49.74 -50.38 -19.41
N THR J 179 49.46 -50.14 -18.14
CA THR J 179 48.67 -48.99 -17.76
C THR J 179 49.30 -48.28 -16.58
N MET J 180 48.99 -47.00 -16.45
CA MET J 180 49.44 -46.20 -15.32
C MET J 180 48.22 -45.35 -14.94
N TRP J 181 48.09 -45.02 -13.66
CA TRP J 181 46.93 -44.30 -13.21
C TRP J 181 47.16 -43.47 -11.99
N LEU J 182 46.14 -42.66 -11.66
CA LEU J 182 46.08 -41.86 -10.46
C LEU J 182 44.61 -41.89 -10.02
N ASN J 183 44.38 -42.53 -8.90
CA ASN J 183 43.04 -42.53 -8.26
C ASN J 183 43.20 -41.67 -7.02
N ALA J 184 42.42 -40.62 -6.92
CA ALA J 184 42.53 -39.74 -5.75
C ALA J 184 41.28 -38.90 -5.59
N GLY J 185 40.70 -38.95 -4.40
CA GLY J 185 39.50 -38.17 -4.14
C GLY J 185 38.31 -38.67 -4.92
N SER J 186 37.84 -37.82 -5.83
CA SER J 186 36.70 -38.16 -6.66
C SER J 186 37.14 -38.37 -8.10
N GLU J 187 38.44 -38.42 -8.35
CA GLU J 187 38.93 -38.55 -9.72
C GLU J 187 39.81 -39.74 -10.04
N ILE J 188 39.68 -40.19 -11.28
CA ILE J 188 40.47 -41.29 -11.80
C ILE J 188 41.01 -40.86 -13.15
N GLN J 189 42.29 -41.07 -13.38
CA GLN J 189 42.89 -40.83 -14.71
C GLN J 189 43.66 -42.11 -14.96
N VAL J 190 43.49 -42.70 -16.12
CA VAL J 190 44.19 -43.92 -16.44
C VAL J 190 44.60 -43.89 -17.90
N ALA J 191 45.83 -44.33 -18.17
CA ALA J 191 46.35 -44.39 -19.53
C ALA J 191 46.84 -45.80 -19.81
N GLY J 192 46.63 -46.22 -21.05
CA GLY J 192 47.10 -47.51 -21.52
C GLY J 192 48.13 -47.14 -22.58
N PHE J 193 49.31 -47.75 -22.50
CA PHE J 193 50.38 -47.48 -23.45
C PHE J 193 50.89 -48.80 -24.08
N ASP J 194 51.33 -48.71 -25.34
CA ASP J 194 51.85 -49.85 -26.07
C ASP J 194 52.97 -49.28 -26.94
N TYR J 195 54.21 -49.46 -26.53
CA TYR J 195 55.35 -48.93 -27.30
C TYR J 195 55.37 -49.40 -28.76
N SER J 196 54.85 -50.60 -29.02
CA SER J 196 54.81 -51.15 -30.37
C SER J 196 53.65 -50.67 -31.24
N CYS J 197 52.74 -49.87 -30.68
CA CYS J 197 51.56 -49.38 -31.38
C CYS J 197 50.77 -50.53 -32.02
N ALA J 198 50.63 -51.60 -31.25
CA ALA J 198 49.89 -52.78 -31.66
C ALA J 198 50.31 -53.36 -33.02
N ILE J 199 51.59 -53.21 -33.37
CA ILE J 199 52.14 -53.70 -34.66
C ILE J 199 51.95 -55.22 -34.88
N ASN J 200 52.08 -56.00 -33.81
CA ASN J 200 51.93 -57.46 -33.85
C ASN J 200 50.69 -57.92 -33.08
N ALA J 201 49.80 -56.99 -32.74
CA ALA J 201 48.60 -57.36 -31.99
C ALA J 201 47.45 -57.77 -32.90
N PRO J 202 46.61 -58.72 -32.43
CA PRO J 202 45.46 -59.21 -33.20
C PRO J 202 44.55 -58.02 -33.53
N ALA J 203 44.25 -57.86 -34.81
CA ALA J 203 43.41 -56.77 -35.29
C ALA J 203 44.10 -55.42 -35.04
N ASN J 204 45.40 -55.46 -34.78
CA ASN J 204 46.19 -54.25 -34.50
C ASN J 204 45.55 -53.41 -33.41
N THR J 205 45.00 -54.10 -32.41
CA THR J 205 44.31 -53.47 -31.31
C THR J 205 44.81 -54.05 -29.97
N GLN J 206 45.15 -53.17 -29.04
CA GLN J 206 45.60 -53.60 -27.73
C GLN J 206 44.49 -53.21 -26.75
N GLN J 207 44.00 -54.17 -25.97
CA GLN J 207 42.96 -53.89 -25.01
C GLN J 207 43.54 -53.44 -23.66
N PHE J 208 42.86 -52.51 -23.00
CA PHE J 208 43.27 -52.04 -21.68
C PHE J 208 42.05 -52.07 -20.76
N GLU J 209 42.31 -52.06 -19.47
CA GLU J 209 41.23 -52.10 -18.53
C GLU J 209 41.73 -51.53 -17.20
N HIS J 210 40.86 -50.81 -16.50
CA HIS J 210 41.21 -50.26 -15.20
C HIS J 210 40.01 -50.46 -14.32
N ILE J 211 40.20 -51.14 -13.19
CA ILE J 211 39.11 -51.39 -12.24
C ILE J 211 39.38 -50.72 -10.91
N VAL J 212 38.38 -50.03 -10.39
CA VAL J 212 38.52 -49.34 -9.11
C VAL J 212 37.36 -49.77 -8.22
N GLN J 213 37.70 -50.32 -7.06
CA GLN J 213 36.72 -50.78 -6.11
C GLN J 213 36.50 -49.79 -4.98
N LEU J 214 35.29 -49.24 -4.89
CA LEU J 214 35.02 -48.25 -3.85
C LEU J 214 34.86 -48.96 -2.52
N ARG J 215 35.23 -48.29 -1.43
CA ARG J 215 35.10 -48.88 -0.10
C ARG J 215 33.67 -48.74 0.40
N ARG J 216 32.90 -47.87 -0.25
CA ARG J 216 31.50 -47.68 0.11
C ARG J 216 30.76 -47.44 -1.21
N VAL J 217 29.50 -47.84 -1.24
CA VAL J 217 28.66 -47.66 -2.41
C VAL J 217 28.30 -46.19 -2.54
N LEU J 218 28.31 -45.70 -3.77
CA LEU J 218 27.88 -44.35 -4.03
C LEU J 218 26.61 -44.51 -4.85
N THR J 219 25.62 -43.69 -4.55
CA THR J 219 24.38 -43.68 -5.31
C THR J 219 24.18 -42.27 -5.88
N THR J 220 23.30 -42.17 -6.87
CA THR J 220 22.95 -40.89 -7.48
C THR J 220 24.16 -39.99 -7.85
N ALA J 221 25.21 -40.61 -8.41
CA ALA J 221 26.42 -39.91 -8.82
C ALA J 221 26.31 -39.27 -10.21
N THR J 222 26.69 -37.99 -10.23
CA THR J 222 26.78 -37.23 -11.49
C THR J 222 28.27 -37.22 -11.84
N ILE J 223 28.57 -37.77 -13.00
CA ILE J 223 29.97 -37.99 -13.37
C ILE J 223 30.39 -37.40 -14.72
N THR J 224 31.60 -36.86 -14.78
CA THR J 224 32.15 -36.31 -16.01
C THR J 224 33.15 -37.35 -16.51
N LEU J 225 33.02 -37.77 -17.76
CA LEU J 225 33.92 -38.76 -18.34
C LEU J 225 34.46 -38.09 -19.58
N LEU J 226 35.76 -38.05 -19.71
CA LEU J 226 36.39 -37.40 -20.85
C LEU J 226 37.48 -38.30 -21.40
N PRO J 227 37.71 -38.24 -22.72
CA PRO J 227 38.77 -39.07 -23.28
C PRO J 227 40.09 -38.39 -22.94
N ASP J 228 41.17 -39.17 -22.91
CA ASP J 228 42.53 -38.69 -22.63
C ASP J 228 42.83 -38.55 -21.15
N ALA J 229 44.09 -38.82 -20.81
CA ALA J 229 44.57 -38.69 -19.43
C ALA J 229 45.73 -37.70 -19.54
N GLU J 230 45.45 -36.41 -19.37
CA GLU J 230 46.47 -35.38 -19.48
C GLU J 230 47.67 -35.63 -18.57
N ARG J 231 47.39 -36.15 -17.40
CA ARG J 231 48.43 -36.45 -16.43
C ARG J 231 49.49 -37.43 -16.98
N PHE J 232 49.10 -38.26 -17.94
CA PHE J 232 50.02 -39.26 -18.50
C PHE J 232 50.25 -39.00 -19.99
N SER J 233 50.25 -37.75 -20.37
CA SER J 233 50.43 -37.39 -21.76
C SER J 233 51.76 -36.72 -22.01
N PHE J 234 52.59 -36.67 -20.99
CA PHE J 234 53.90 -36.05 -21.15
C PHE J 234 55.06 -37.01 -20.85
N PRO J 235 56.27 -36.69 -21.35
CA PRO J 235 57.48 -37.51 -21.15
C PRO J 235 57.83 -37.67 -19.70
N ARG J 236 58.14 -38.91 -19.34
CA ARG J 236 58.48 -39.20 -17.97
C ARG J 236 59.63 -40.21 -17.90
N VAL J 237 60.34 -40.09 -16.81
CA VAL J 237 61.37 -41.03 -16.42
C VAL J 237 60.83 -41.62 -15.12
N ILE J 238 60.57 -42.90 -15.16
CA ILE J 238 59.89 -43.58 -14.06
C ILE J 238 60.74 -44.69 -13.43
N ASN J 239 60.52 -44.98 -12.16
CA ASN J 239 61.27 -46.04 -11.51
C ASN J 239 60.67 -47.37 -11.98
N SER J 240 61.53 -48.36 -12.13
CA SER J 240 61.10 -49.68 -12.55
C SER J 240 60.30 -50.31 -11.39
N ALA J 241 59.53 -51.36 -11.69
CA ALA J 241 58.73 -52.01 -10.67
C ALA J 241 59.55 -52.45 -9.44
N ASP J 242 60.77 -52.94 -9.67
CA ASP J 242 61.65 -53.41 -8.57
C ASP J 242 62.51 -52.33 -7.95
N GLY J 243 62.37 -51.09 -8.47
CA GLY J 243 63.14 -49.98 -7.96
C GLY J 243 64.61 -49.97 -8.32
N ALA J 244 65.04 -50.96 -9.11
CA ALA J 244 66.44 -51.08 -9.49
C ALA J 244 66.94 -50.12 -10.59
N THR J 245 66.03 -49.59 -11.40
CA THR J 245 66.43 -48.67 -12.48
C THR J 245 65.28 -47.75 -12.89
N THR J 246 65.47 -46.98 -13.97
CA THR J 246 64.44 -46.07 -14.45
C THR J 246 64.20 -46.25 -15.94
N TRP J 247 62.93 -46.16 -16.35
CA TRP J 247 62.54 -46.28 -17.76
C TRP J 247 62.03 -44.95 -18.31
N TYR J 248 62.00 -44.85 -19.62
CA TYR J 248 61.56 -43.65 -20.30
C TYR J 248 60.20 -43.82 -20.97
N PHE J 249 59.29 -42.88 -20.71
CA PHE J 249 57.95 -42.90 -21.29
C PHE J 249 57.86 -41.63 -22.12
N ASN J 250 57.64 -41.79 -23.41
CA ASN J 250 57.57 -40.69 -24.35
C ASN J 250 56.24 -40.81 -25.11
N PRO J 251 55.10 -40.48 -24.49
CA PRO J 251 53.78 -40.66 -25.11
C PRO J 251 53.46 -39.74 -26.26
N VAL J 252 52.65 -40.33 -27.13
CA VAL J 252 51.95 -39.69 -28.26
C VAL J 252 50.53 -40.21 -28.12
N ILE J 253 49.56 -39.32 -28.09
CA ILE J 253 48.18 -39.69 -27.75
C ILE J 253 47.26 -39.93 -28.93
N LEU J 254 46.49 -41.01 -28.84
CA LEU J 254 45.50 -41.39 -29.86
C LEU J 254 44.16 -41.48 -29.14
N ARG J 255 43.05 -41.39 -29.86
CA ARG J 255 41.77 -41.46 -29.19
C ARG J 255 41.50 -42.85 -28.68
N PRO J 256 40.97 -42.94 -27.46
CA PRO J 256 40.69 -44.27 -26.93
C PRO J 256 39.56 -44.88 -27.78
N ASN J 257 39.77 -46.12 -28.19
CA ASN J 257 38.86 -46.88 -29.03
C ASN J 257 37.98 -47.85 -28.21
N ASN J 258 36.70 -47.98 -28.57
CA ASN J 258 35.75 -48.85 -27.87
C ASN J 258 35.70 -48.67 -26.37
N VAL J 259 35.55 -47.42 -25.96
CA VAL J 259 35.48 -47.08 -24.56
C VAL J 259 34.19 -47.64 -23.97
N GLU J 260 34.31 -48.32 -22.85
CA GLU J 260 33.16 -48.84 -22.14
C GLU J 260 33.35 -48.67 -20.65
N VAL J 261 32.45 -47.93 -20.02
CA VAL J 261 32.51 -47.72 -18.59
C VAL J 261 31.39 -48.49 -17.94
N GLU J 262 31.71 -49.30 -16.96
CA GLU J 262 30.70 -50.03 -16.26
C GLU J 262 30.74 -49.68 -14.79
N PHE J 263 29.57 -49.41 -14.24
CA PHE J 263 29.41 -49.10 -12.82
C PHE J 263 28.71 -50.34 -12.32
N LEU J 264 29.42 -51.12 -11.52
CA LEU J 264 28.89 -52.37 -11.03
C LEU J 264 28.56 -52.32 -9.57
N LEU J 265 27.63 -53.17 -9.16
CA LEU J 265 27.24 -53.28 -7.77
C LEU J 265 27.24 -54.76 -7.49
N ASN J 266 28.10 -55.19 -6.58
CA ASN J 266 28.19 -56.62 -6.24
C ASN J 266 28.38 -57.51 -7.47
N GLY J 267 29.21 -57.06 -8.41
CA GLY J 267 29.48 -57.83 -9.60
C GLY J 267 28.49 -57.66 -10.73
N GLN J 268 27.37 -57.00 -10.46
CA GLN J 268 26.37 -56.78 -11.50
C GLN J 268 26.52 -55.42 -12.15
N ILE J 269 26.34 -55.37 -13.46
CA ILE J 269 26.39 -54.09 -14.18
C ILE J 269 25.10 -53.33 -13.87
N ILE J 270 25.22 -52.15 -13.29
CA ILE J 270 24.06 -51.34 -12.98
C ILE J 270 23.96 -50.31 -14.09
N ASN J 271 25.09 -49.72 -14.48
CA ASN J 271 25.10 -48.74 -15.57
C ASN J 271 26.26 -49.05 -16.49
N THR J 272 26.04 -48.90 -17.78
CA THR J 272 27.09 -49.10 -18.74
C THR J 272 26.96 -48.03 -19.82
N TYR J 273 28.10 -47.47 -20.19
CA TYR J 273 28.17 -46.41 -21.20
C TYR J 273 29.26 -46.75 -22.21
N GLN J 274 28.90 -46.71 -23.48
CA GLN J 274 29.82 -47.02 -24.55
C GLN J 274 30.23 -45.76 -25.23
N ALA J 275 31.48 -45.39 -25.06
CA ALA J 275 32.02 -44.21 -25.71
C ALA J 275 31.22 -42.93 -25.51
N ARG J 276 30.63 -42.77 -24.34
CA ARG J 276 29.86 -41.57 -24.09
C ARG J 276 30.64 -40.61 -23.20
N PHE J 277 31.14 -39.53 -23.77
CA PHE J 277 31.90 -38.55 -23.01
C PHE J 277 31.02 -37.36 -22.64
N GLY J 278 31.31 -36.73 -21.51
CA GLY J 278 30.49 -35.63 -21.07
C GLY J 278 29.90 -36.02 -19.72
N THR J 279 28.64 -35.69 -19.49
CA THR J 279 28.01 -36.00 -18.21
C THR J 279 27.15 -37.27 -18.27
N ILE J 280 27.44 -38.21 -17.37
CA ILE J 280 26.71 -39.48 -17.28
C ILE J 280 26.31 -39.72 -15.81
N ILE J 281 25.22 -40.45 -15.61
CA ILE J 281 24.71 -40.77 -14.27
C ILE J 281 24.97 -42.25 -13.89
N ALA J 282 25.52 -42.49 -12.70
CA ALA J 282 25.77 -43.84 -12.21
C ALA J 282 24.90 -43.87 -10.95
N ARG J 283 23.82 -44.60 -10.98
CA ARG J 283 22.83 -44.50 -9.88
C ARG J 283 23.12 -45.34 -8.61
N ASN J 284 23.98 -46.33 -8.67
CA ASN J 284 24.24 -47.19 -7.49
C ASN J 284 25.37 -48.14 -7.86
N PHE J 285 26.54 -47.95 -7.26
CA PHE J 285 27.67 -48.81 -7.63
C PHE J 285 28.74 -48.84 -6.54
N ASP J 286 29.52 -49.91 -6.52
CA ASP J 286 30.62 -50.07 -5.58
C ASP J 286 31.89 -50.33 -6.36
N THR J 287 31.79 -50.35 -7.68
CA THR J 287 32.94 -50.61 -8.54
C THR J 287 32.81 -49.89 -9.86
N ILE J 288 33.93 -49.41 -10.37
CA ILE J 288 33.96 -48.77 -11.68
C ILE J 288 34.95 -49.57 -12.51
N ARG J 289 34.59 -49.89 -13.73
CA ARG J 289 35.48 -50.60 -14.62
C ARG J 289 35.57 -49.83 -15.92
N LEU J 290 36.77 -49.40 -16.27
CA LEU J 290 36.98 -48.66 -17.51
C LEU J 290 37.76 -49.54 -18.47
N SER J 291 37.17 -49.82 -19.63
CA SER J 291 37.81 -50.64 -20.66
C SER J 291 37.95 -49.76 -21.86
N PHE J 292 39.13 -49.80 -22.48
CA PHE J 292 39.42 -48.98 -23.65
C PHE J 292 40.55 -49.65 -24.42
N GLN J 293 40.68 -49.29 -25.69
CA GLN J 293 41.67 -49.90 -26.56
C GLN J 293 42.50 -48.90 -27.32
N LEU J 294 43.66 -49.36 -27.76
CA LEU J 294 44.55 -48.59 -28.60
C LEU J 294 44.44 -49.32 -29.92
N MET J 295 44.03 -48.65 -30.97
CA MET J 295 43.96 -49.33 -32.24
C MET J 295 44.96 -48.66 -33.14
N ARG J 296 45.88 -49.43 -33.71
CA ARG J 296 46.89 -48.88 -34.60
C ARG J 296 46.14 -48.22 -35.77
N PRO J 297 46.46 -46.96 -36.09
CA PRO J 297 45.77 -46.25 -37.19
C PRO J 297 45.96 -47.04 -38.49
N PRO J 298 44.86 -47.42 -39.14
CA PRO J 298 44.98 -48.17 -40.40
C PRO J 298 45.55 -47.32 -41.54
N ASN J 299 45.35 -46.01 -41.48
CA ASN J 299 45.86 -45.09 -42.49
C ASN J 299 46.65 -44.01 -41.82
N MET J 300 47.87 -43.80 -42.28
CA MET J 300 48.76 -42.82 -41.66
C MET J 300 49.45 -41.90 -42.63
N THR J 301 49.43 -40.60 -42.36
CA THR J 301 50.15 -39.67 -43.23
C THR J 301 51.64 -39.96 -42.93
N PRO J 302 52.57 -39.51 -43.78
CA PRO J 302 54.00 -39.75 -43.56
C PRO J 302 54.49 -39.41 -42.14
N ALA J 303 54.11 -38.23 -41.66
CA ALA J 303 54.51 -37.77 -40.34
C ALA J 303 54.09 -38.76 -39.25
N VAL J 304 52.90 -39.35 -39.40
CA VAL J 304 52.40 -40.31 -38.45
C VAL J 304 53.13 -41.65 -38.62
N ALA J 305 53.21 -42.10 -39.88
CA ALA J 305 53.86 -43.37 -40.20
C ALA J 305 55.28 -43.43 -39.61
N ALA J 306 55.96 -42.29 -39.63
CA ALA J 306 57.32 -42.15 -39.11
C ALA J 306 57.47 -42.40 -37.62
N LEU J 307 56.37 -42.26 -36.87
CA LEU J 307 56.40 -42.44 -35.44
C LEU J 307 56.31 -43.90 -35.07
N PHE J 308 55.69 -44.68 -35.96
CA PHE J 308 55.43 -46.11 -35.75
C PHE J 308 56.04 -47.08 -36.76
N PRO J 309 57.34 -47.37 -36.61
CA PRO J 309 58.08 -48.28 -37.49
C PRO J 309 57.71 -49.74 -37.29
N ASN J 310 58.10 -50.59 -38.22
CA ASN J 310 57.80 -52.01 -38.11
C ASN J 310 58.72 -52.71 -37.15
N ALA J 311 59.87 -52.09 -36.88
CA ALA J 311 60.86 -52.66 -35.99
C ALA J 311 61.37 -51.63 -34.98
N GLN J 312 61.85 -52.12 -33.85
CA GLN J 312 62.41 -51.27 -32.80
C GLN J 312 63.62 -50.59 -33.40
N PRO J 313 64.12 -49.51 -32.78
CA PRO J 313 63.61 -48.87 -31.56
C PRO J 313 62.26 -48.15 -31.71
N PHE J 314 61.43 -48.30 -30.68
CA PHE J 314 60.12 -47.66 -30.64
C PHE J 314 60.37 -46.38 -29.83
N GLU J 315 60.37 -45.25 -30.52
CA GLU J 315 60.67 -43.98 -29.87
C GLU J 315 59.49 -43.09 -29.49
N HIS J 316 58.33 -43.35 -30.07
CA HIS J 316 57.12 -42.60 -29.76
C HIS J 316 56.19 -43.68 -29.27
N HIS J 317 55.72 -43.50 -28.04
CA HIS J 317 54.87 -44.49 -27.39
C HIS J 317 53.37 -44.22 -27.40
N ALA J 318 52.66 -44.96 -28.25
CA ALA J 318 51.21 -44.84 -28.41
C ALA J 318 50.50 -44.99 -27.07
N THR J 319 49.69 -43.99 -26.75
CA THR J 319 48.98 -43.93 -25.50
C THR J 319 47.53 -43.48 -25.68
N VAL J 320 46.62 -44.16 -24.99
CA VAL J 320 45.19 -43.82 -25.01
C VAL J 320 44.80 -43.69 -23.54
N GLY J 321 43.84 -42.82 -23.21
CA GLY J 321 43.46 -42.66 -21.82
C GLY J 321 42.05 -42.17 -21.58
N LEU J 322 41.67 -42.11 -20.31
CA LEU J 322 40.34 -41.67 -19.89
C LEU J 322 40.47 -40.90 -18.58
N THR J 323 39.55 -39.97 -18.36
CA THR J 323 39.48 -39.19 -17.13
C THR J 323 38.05 -39.26 -16.67
N LEU J 324 37.85 -39.62 -15.40
CA LEU J 324 36.52 -39.74 -14.83
C LEU J 324 36.47 -38.96 -13.53
N ARG J 325 35.49 -38.07 -13.37
CA ARG J 325 35.35 -37.30 -12.13
C ARG J 325 33.94 -37.37 -11.57
N ILE J 326 33.82 -37.73 -10.30
CA ILE J 326 32.53 -37.82 -9.65
C ILE J 326 32.27 -36.42 -9.08
N GLU J 327 31.39 -35.66 -9.74
CA GLU J 327 31.08 -34.29 -9.30
C GLU J 327 30.28 -34.30 -8.00
N SER J 328 29.26 -35.16 -7.91
CA SER J 328 28.43 -35.23 -6.73
C SER J 328 27.90 -36.65 -6.63
N ALA J 329 27.53 -37.03 -5.42
CA ALA J 329 26.98 -38.35 -5.15
C ALA J 329 26.42 -38.40 -3.76
N VAL J 330 25.68 -39.45 -3.47
CA VAL J 330 25.12 -39.65 -2.15
C VAL J 330 25.76 -40.91 -1.59
N CYS J 331 26.08 -40.91 -0.30
CA CYS J 331 26.65 -42.10 0.31
C CYS J 331 25.92 -42.33 1.62
N GLU J 332 25.69 -43.59 1.95
CA GLU J 332 25.04 -43.92 3.20
C GLU J 332 26.02 -43.76 4.39
N SER J 333 27.32 -43.69 4.09
CA SER J 333 28.36 -43.51 5.13
C SER J 333 28.98 -42.12 5.02
N VAL J 334 29.40 -41.54 6.14
CA VAL J 334 30.02 -40.24 6.07
C VAL J 334 31.34 -40.38 5.31
N LEU J 335 31.71 -39.33 4.57
CA LEU J 335 32.96 -39.31 3.81
C LEU J 335 33.41 -37.87 3.81
N ALA J 336 34.68 -37.67 3.49
CA ALA J 336 35.20 -36.32 3.33
C ALA J 336 34.82 -35.97 1.87
N ASP J 337 34.65 -34.68 1.56
CA ASP J 337 34.35 -34.25 0.20
C ASP J 337 35.05 -32.88 0.00
N ALA J 338 34.77 -32.18 -1.11
CA ALA J 338 35.43 -30.91 -1.38
C ALA J 338 34.77 -29.67 -0.81
N SER J 339 33.66 -29.84 -0.08
CA SER J 339 32.96 -28.71 0.47
C SER J 339 32.77 -28.67 1.99
N GLU J 340 32.52 -29.83 2.58
CA GLU J 340 32.31 -29.92 4.01
C GLU J 340 33.59 -29.81 4.80
N THR J 341 33.50 -29.15 5.97
CA THR J 341 34.66 -28.92 6.81
C THR J 341 34.80 -29.91 7.96
N MET J 342 33.92 -30.91 8.03
CA MET J 342 33.96 -31.90 9.11
C MET J 342 35.29 -32.56 9.36
N LEU J 343 35.85 -33.20 8.34
CA LEU J 343 37.14 -33.86 8.51
C LEU J 343 38.15 -32.85 9.01
N ALA J 344 38.20 -31.68 8.36
CA ALA J 344 39.15 -30.64 8.75
C ALA J 344 38.94 -30.15 10.18
N ASN J 345 37.68 -30.06 10.64
CA ASN J 345 37.38 -29.62 12.00
C ASN J 345 37.91 -30.60 13.02
N VAL J 346 37.57 -31.89 12.82
CA VAL J 346 38.01 -32.95 13.72
C VAL J 346 39.53 -33.04 13.74
N THR J 347 40.13 -33.05 12.56
CA THR J 347 41.57 -33.15 12.44
C THR J 347 42.23 -31.93 13.08
N SER J 348 41.65 -30.75 12.88
CA SER J 348 42.21 -29.52 13.43
C SER J 348 42.14 -29.45 14.95
N VAL J 349 41.02 -29.86 15.54
CA VAL J 349 40.91 -29.80 16.99
C VAL J 349 41.93 -30.75 17.60
N ARG J 350 42.04 -31.95 17.05
CA ARG J 350 43.00 -32.92 17.56
C ARG J 350 44.45 -32.44 17.46
N GLN J 351 44.81 -31.81 16.34
CA GLN J 351 46.15 -31.28 16.12
C GLN J 351 46.46 -30.12 17.07
N GLU J 352 45.53 -29.18 17.18
CA GLU J 352 45.73 -28.02 18.05
C GLU J 352 45.98 -28.42 19.52
N TYR J 353 45.23 -29.41 20.00
CA TYR J 353 45.39 -29.84 21.40
C TYR J 353 46.33 -30.99 21.60
N ALA J 354 47.17 -31.27 20.61
CA ALA J 354 48.15 -32.33 20.72
C ALA J 354 47.56 -33.65 21.24
N ILE J 355 46.40 -34.03 20.71
CA ILE J 355 45.73 -35.27 21.13
C ILE J 355 46.56 -36.47 20.67
N PRO J 356 46.90 -37.38 21.59
CA PRO J 356 47.69 -38.58 21.26
C PRO J 356 46.95 -39.50 20.27
N VAL J 357 47.70 -40.26 19.46
CA VAL J 357 47.09 -41.20 18.53
C VAL J 357 46.31 -42.19 19.38
N GLY J 358 45.11 -42.55 18.93
CA GLY J 358 44.29 -43.47 19.69
C GLY J 358 44.25 -44.85 19.04
N PRO J 359 43.35 -45.72 19.50
CA PRO J 359 43.24 -47.07 18.93
C PRO J 359 42.39 -47.21 17.67
N VAL J 360 41.60 -46.19 17.32
CA VAL J 360 40.74 -46.30 16.15
C VAL J 360 41.25 -45.63 14.89
N PHE J 361 41.48 -44.32 14.96
CA PHE J 361 41.91 -43.54 13.80
C PHE J 361 43.39 -43.57 13.46
N PRO J 362 43.72 -43.53 12.13
CA PRO J 362 45.15 -43.54 11.75
C PRO J 362 45.79 -42.26 12.22
N PRO J 363 47.12 -42.27 12.39
CA PRO J 363 47.81 -41.06 12.82
C PRO J 363 47.42 -39.86 11.91
N GLY J 364 47.12 -38.73 12.55
CA GLY J 364 46.74 -37.52 11.86
C GLY J 364 45.41 -37.53 11.17
N MET J 365 44.57 -38.52 11.47
CA MET J 365 43.26 -38.68 10.83
C MET J 365 43.52 -38.77 9.33
N ASN J 366 44.66 -39.35 8.91
CA ASN J 366 45.00 -39.44 7.48
C ASN J 366 43.88 -40.01 6.64
N TRP J 367 43.37 -39.22 5.69
CA TRP J 367 42.25 -39.68 4.89
C TRP J 367 42.53 -40.92 4.09
N THR J 368 43.62 -40.95 3.35
CA THR J 368 43.92 -42.14 2.57
C THR J 368 43.91 -43.40 3.45
N ASP J 369 44.61 -43.36 4.59
CA ASP J 369 44.67 -44.52 5.46
C ASP J 369 43.28 -44.87 5.98
N LEU J 370 42.51 -43.85 6.33
CA LEU J 370 41.18 -44.08 6.86
C LEU J 370 40.26 -44.78 5.84
N ILE J 371 40.15 -44.22 4.65
CA ILE J 371 39.28 -44.79 3.62
C ILE J 371 39.81 -46.13 3.09
N THR J 372 41.11 -46.36 3.14
CA THR J 372 41.66 -47.63 2.67
C THR J 372 41.19 -48.78 3.57
N ASN J 373 41.16 -48.55 4.88
CA ASN J 373 40.70 -49.56 5.82
C ASN J 373 39.58 -48.96 6.62
N TYR J 374 38.48 -48.71 5.92
CA TYR J 374 37.30 -48.08 6.51
C TYR J 374 36.47 -49.10 7.26
N SER J 375 36.96 -49.54 8.41
CA SER J 375 36.26 -50.52 9.21
C SER J 375 34.98 -49.98 9.82
N PRO J 376 34.10 -50.89 10.31
CA PRO J 376 32.86 -50.43 10.92
C PRO J 376 33.16 -49.49 12.10
N SER J 377 34.17 -49.85 12.90
CA SER J 377 34.54 -49.02 14.04
C SER J 377 34.98 -47.62 13.62
N ARG J 378 35.83 -47.54 12.59
CA ARG J 378 36.26 -46.22 12.14
C ARG J 378 35.05 -45.41 11.65
N GLU J 379 34.12 -46.06 10.94
CA GLU J 379 32.94 -45.36 10.43
C GLU J 379 32.02 -44.87 11.53
N ASP J 380 31.78 -45.70 12.54
CA ASP J 380 30.91 -45.28 13.64
C ASP J 380 31.55 -44.13 14.40
N ASN J 381 32.84 -44.23 14.66
CA ASN J 381 33.56 -43.15 15.35
C ASN J 381 33.58 -41.89 14.46
N LEU J 382 33.83 -42.06 13.16
CA LEU J 382 33.86 -40.94 12.24
C LEU J 382 32.51 -40.25 12.21
N GLN J 383 31.43 -41.02 12.18
CA GLN J 383 30.12 -40.40 12.12
C GLN J 383 29.82 -39.64 13.40
N ARG J 384 30.19 -40.22 14.54
CA ARG J 384 29.94 -39.56 15.80
C ARG J 384 30.67 -38.24 15.86
N VAL J 385 31.91 -38.34 15.48
CA VAL J 385 32.86 -37.24 15.50
C VAL J 385 32.47 -36.16 14.45
N PHE J 386 31.97 -36.57 13.28
CA PHE J 386 31.54 -35.61 12.21
C PHE J 386 30.24 -34.92 12.65
N THR J 387 29.33 -35.68 13.25
CA THR J 387 28.08 -35.10 13.72
C THR J 387 28.37 -34.03 14.79
N VAL J 388 29.31 -34.30 15.68
CA VAL J 388 29.67 -33.33 16.73
C VAL J 388 30.31 -32.08 16.10
N ALA J 389 31.16 -32.29 15.09
CA ALA J 389 31.80 -31.17 14.41
C ALA J 389 30.73 -30.28 13.78
N SER J 390 29.69 -30.91 13.23
CA SER J 390 28.62 -30.14 12.59
C SER J 390 27.79 -29.38 13.63
N ILE J 391 27.67 -29.93 14.83
CA ILE J 391 26.89 -29.28 15.90
C ILE J 391 27.69 -28.05 16.33
N ARG J 392 28.99 -28.24 16.46
CA ARG J 392 29.87 -27.16 16.85
C ARG J 392 29.90 -26.00 15.84
N SER J 393 29.94 -26.32 14.55
CA SER J 393 29.96 -25.29 13.49
C SER J 393 28.72 -24.42 13.39
N MET J 394 27.69 -24.72 14.17
CA MET J 394 26.45 -23.96 14.13
C MET J 394 26.70 -22.71 14.95
N LEU J 395 27.69 -22.77 15.83
CA LEU J 395 28.00 -21.68 16.75
C LEU J 395 29.40 -21.13 16.63
N VAL J 396 30.34 -22.03 16.41
CA VAL J 396 31.76 -21.70 16.35
C VAL J 396 32.37 -22.13 15.03
N LYS J 397 32.85 -21.18 14.26
CA LYS J 397 33.48 -21.51 12.99
C LYS J 397 34.88 -20.97 13.05
N MET K 1 -0.16 -29.08 -7.37
CA MET K 1 1.32 -29.04 -7.25
C MET K 1 1.83 -28.43 -5.93
N ASP K 2 1.69 -27.12 -5.76
CA ASP K 2 2.16 -26.49 -4.51
C ASP K 2 1.74 -27.39 -3.37
N VAL K 3 0.60 -28.05 -3.57
CA VAL K 3 0.05 -28.99 -2.62
C VAL K 3 1.22 -29.86 -2.24
N LEU K 4 1.59 -30.71 -3.19
CA LEU K 4 2.68 -31.63 -3.03
C LEU K 4 3.76 -31.10 -2.09
N TYR K 5 4.30 -29.93 -2.39
CA TYR K 5 5.34 -29.37 -1.55
C TYR K 5 5.04 -29.58 -0.07
N SER K 6 4.05 -28.85 0.43
CA SER K 6 3.66 -28.94 1.82
C SER K 6 3.80 -30.35 2.41
N LEU K 7 3.12 -31.31 1.77
CA LEU K 7 3.13 -32.70 2.19
C LEU K 7 4.48 -33.12 2.73
N SER K 8 5.52 -32.46 2.25
CA SER K 8 6.85 -32.79 2.69
C SER K 8 7.33 -31.94 3.87
N LYS K 9 7.60 -30.65 3.67
CA LYS K 9 8.09 -29.79 4.77
C LYS K 9 7.22 -30.10 5.99
N THR K 10 6.07 -30.70 5.70
CA THR K 10 5.15 -31.13 6.73
C THR K 10 5.88 -32.24 7.47
N LEU K 11 6.19 -33.30 6.75
CA LEU K 11 6.89 -34.43 7.32
C LEU K 11 8.29 -34.12 7.86
N LYS K 12 9.15 -33.44 7.08
CA LYS K 12 10.51 -33.12 7.54
C LYS K 12 10.43 -32.31 8.82
N ASP K 13 9.86 -31.11 8.71
CA ASP K 13 9.71 -30.24 9.88
C ASP K 13 8.90 -31.05 10.92
N ALA K 14 8.59 -32.30 10.58
CA ALA K 14 7.85 -33.18 11.49
C ALA K 14 8.77 -34.27 12.04
N ARG K 15 9.17 -35.20 11.19
CA ARG K 15 10.06 -36.29 11.59
C ARG K 15 11.31 -35.70 12.25
N ASP K 16 11.41 -34.38 12.22
CA ASP K 16 12.54 -33.68 12.81
C ASP K 16 12.25 -32.98 14.13
N LYS K 17 11.20 -32.15 14.17
CA LYS K 17 10.85 -31.39 15.37
C LYS K 17 10.04 -32.18 16.42
N ILE K 18 9.88 -33.49 16.22
CA ILE K 18 9.10 -34.31 17.13
C ILE K 18 9.87 -35.46 17.79
N VAL K 19 10.36 -35.25 19.00
CA VAL K 19 11.11 -36.31 19.68
C VAL K 19 10.96 -36.39 21.19
N GLU K 20 11.17 -37.60 21.69
CA GLU K 20 11.08 -37.92 23.11
C GLU K 20 11.69 -36.80 23.95
N GLY K 21 10.87 -35.85 24.39
CA GLY K 21 11.38 -34.77 25.22
C GLY K 21 10.70 -33.40 25.17
N THR K 22 11.06 -32.62 24.15
CA THR K 22 10.55 -31.26 23.94
C THR K 22 9.14 -30.95 24.45
N LEU K 23 8.88 -29.67 24.67
CA LEU K 23 7.58 -29.18 25.15
C LEU K 23 6.58 -29.03 24.01
N TYR K 24 5.30 -29.17 24.32
CA TYR K 24 4.26 -29.03 23.31
C TYR K 24 4.41 -27.69 22.61
N SER K 25 4.48 -26.61 23.39
CA SER K 25 4.60 -25.25 22.87
C SER K 25 5.59 -25.03 21.73
N ASN K 26 6.51 -25.96 21.53
CA ASN K 26 7.53 -25.84 20.47
C ASN K 26 7.00 -26.37 19.14
N VAL K 27 5.79 -26.91 19.18
CA VAL K 27 5.17 -27.49 18.00
C VAL K 27 3.68 -27.20 17.89
N SER K 28 3.14 -26.44 18.84
CA SER K 28 1.72 -26.10 18.82
C SER K 28 1.34 -25.61 17.42
N ASP K 29 2.08 -24.64 16.92
CA ASP K 29 1.83 -24.07 15.60
C ASP K 29 2.01 -25.15 14.55
N LEU K 30 2.72 -26.21 14.92
CA LEU K 30 2.97 -27.30 13.99
C LEU K 30 1.92 -28.40 14.03
N ILE K 31 1.74 -28.99 15.20
CA ILE K 31 0.75 -30.05 15.36
C ILE K 31 -0.45 -29.67 14.52
N GLN K 32 -1.07 -28.55 14.88
CA GLN K 32 -2.23 -28.04 14.17
C GLN K 32 -2.13 -28.32 12.67
N GLN K 33 -1.31 -27.52 11.98
CA GLN K 33 -1.12 -27.68 10.54
C GLN K 33 -1.24 -29.14 10.15
N PHE K 34 -0.51 -29.99 10.85
CA PHE K 34 -0.53 -31.41 10.56
C PHE K 34 -1.93 -31.99 10.48
N ASN K 35 -2.60 -32.07 11.61
CA ASN K 35 -3.95 -32.61 11.68
C ASN K 35 -4.76 -32.17 10.48
N GLN K 36 -4.94 -30.85 10.34
CA GLN K 36 -5.70 -30.26 9.24
C GLN K 36 -5.61 -31.17 8.01
N MET K 37 -4.40 -31.63 7.73
CA MET K 37 -4.16 -32.49 6.60
C MET K 37 -5.00 -33.77 6.70
N ILE K 38 -4.61 -34.61 7.65
CA ILE K 38 -5.27 -35.88 7.90
C ILE K 38 -6.73 -35.81 7.51
N ILE K 39 -7.42 -34.82 8.05
CA ILE K 39 -8.84 -34.63 7.77
C ILE K 39 -9.12 -34.63 6.28
N THR K 40 -8.66 -33.59 5.61
CA THR K 40 -8.85 -33.43 4.17
C THR K 40 -8.67 -34.75 3.42
N MET K 41 -7.71 -35.55 3.87
CA MET K 41 -7.40 -36.84 3.24
C MET K 41 -8.43 -37.94 3.45
N ASN K 42 -8.41 -38.55 4.63
CA ASN K 42 -9.31 -39.62 4.99
C ASN K 42 -10.59 -39.59 4.16
N GLY K 43 -10.84 -40.68 3.45
CA GLY K 43 -12.04 -40.76 2.62
C GLY K 43 -11.70 -40.75 1.15
N ASN K 44 -10.52 -40.23 0.83
CA ASN K 44 -10.11 -40.16 -0.56
C ASN K 44 -9.13 -41.29 -0.91
N GLU K 45 -9.29 -41.83 -2.12
CA GLU K 45 -8.46 -42.94 -2.62
C GLU K 45 -7.52 -42.53 -3.75
N PHE K 46 -6.33 -43.15 -3.77
CA PHE K 46 -5.34 -42.86 -4.80
C PHE K 46 -4.73 -44.11 -5.40
N GLN K 47 -4.25 -43.98 -6.64
CA GLN K 47 -3.60 -45.09 -7.32
C GLN K 47 -2.40 -44.57 -8.10
N THR K 48 -1.31 -45.33 -8.06
CA THR K 48 -0.09 -44.95 -8.74
C THR K 48 0.56 -46.14 -9.43
N GLY K 49 1.36 -45.84 -10.44
CA GLY K 49 2.05 -46.88 -11.17
C GLY K 49 1.40 -47.16 -12.51
N GLY K 50 1.69 -48.33 -13.07
CA GLY K 50 1.11 -48.72 -14.34
C GLY K 50 1.93 -48.29 -15.55
N ILE K 51 3.24 -48.25 -15.38
CA ILE K 51 4.11 -47.85 -16.48
C ILE K 51 5.47 -48.49 -16.26
N GLY K 52 5.80 -49.45 -17.12
CA GLY K 52 7.07 -50.14 -16.99
C GLY K 52 7.13 -51.03 -15.77
N ASN K 53 8.32 -51.19 -15.21
CA ASN K 53 8.51 -52.02 -14.03
C ASN K 53 8.07 -51.31 -12.76
N LEU K 54 7.19 -50.34 -12.91
CA LEU K 54 6.70 -49.62 -11.75
C LEU K 54 5.43 -50.24 -11.20
N PRO K 55 5.44 -50.63 -9.93
CA PRO K 55 4.29 -51.24 -9.26
C PRO K 55 3.01 -50.41 -9.39
N ILE K 56 1.89 -51.01 -9.02
CA ILE K 56 0.60 -50.35 -9.09
C ILE K 56 -0.05 -50.45 -7.72
N ARG K 57 0.47 -49.71 -6.74
CA ARG K 57 -0.09 -49.78 -5.40
C ARG K 57 -1.26 -48.83 -5.15
N ASN K 58 -2.27 -49.34 -4.43
CA ASN K 58 -3.47 -48.58 -4.09
C ASN K 58 -3.46 -48.19 -2.60
N TRP K 59 -3.90 -46.97 -2.32
CA TRP K 59 -3.90 -46.44 -0.96
C TRP K 59 -5.23 -45.89 -0.48
N ASN K 60 -5.51 -46.09 0.81
CA ASN K 60 -6.74 -45.63 1.42
C ASN K 60 -6.44 -44.84 2.69
N PHE K 61 -7.39 -44.01 3.14
CA PHE K 61 -7.19 -43.19 4.34
C PHE K 61 -8.30 -43.12 5.39
N ASP K 62 -7.90 -43.14 6.65
CA ASP K 62 -8.82 -43.04 7.81
C ASP K 62 -8.02 -43.20 9.10
N PHE K 63 -7.18 -42.21 9.38
CA PHE K 63 -6.32 -42.25 10.57
C PHE K 63 -6.75 -41.31 11.69
N GLY K 64 -6.29 -41.64 12.89
CA GLY K 64 -6.63 -40.84 14.07
C GLY K 64 -6.05 -39.44 14.02
N LEU K 65 -5.91 -38.82 15.19
CA LEU K 65 -5.37 -37.47 15.29
C LEU K 65 -4.27 -37.40 16.34
N LEU K 66 -4.16 -36.27 17.04
CA LEU K 66 -3.11 -36.12 18.04
C LEU K 66 -3.47 -35.34 19.29
N GLY K 67 -2.99 -35.84 20.44
CA GLY K 67 -3.26 -35.19 21.69
C GLY K 67 -2.77 -33.76 21.77
N THR K 68 -3.68 -32.84 22.07
CA THR K 68 -3.33 -31.44 22.21
C THR K 68 -3.21 -31.25 23.72
N THR K 69 -3.15 -32.38 24.42
CA THR K 69 -3.05 -32.43 25.87
C THR K 69 -1.64 -32.25 26.40
N LEU K 70 -0.96 -33.37 26.61
CA LEU K 70 0.38 -33.45 27.15
C LEU K 70 1.26 -32.21 27.08
N LEU K 71 2.01 -31.99 28.17
CA LEU K 71 2.92 -30.85 28.29
C LEU K 71 4.24 -31.24 27.64
N ASN K 72 4.72 -32.42 27.97
CA ASN K 72 5.97 -32.93 27.41
C ASN K 72 5.65 -34.16 26.58
N LEU K 73 6.58 -34.54 25.70
CA LEU K 73 6.37 -35.70 24.84
C LEU K 73 6.95 -36.97 25.43
N ASP K 74 6.09 -37.96 25.63
CA ASP K 74 6.56 -39.23 26.17
C ASP K 74 6.81 -40.16 24.99
N ALA K 75 7.87 -40.96 25.09
CA ALA K 75 8.23 -41.90 24.03
C ALA K 75 7.01 -42.48 23.34
N ASN K 76 6.12 -43.04 24.14
CA ASN K 76 4.90 -43.65 23.62
C ASN K 76 4.20 -42.77 22.59
N TYR K 77 4.31 -41.45 22.75
CA TYR K 77 3.66 -40.51 21.83
C TYR K 77 4.30 -40.59 20.46
N VAL K 78 5.63 -40.62 20.45
CA VAL K 78 6.36 -40.69 19.22
C VAL K 78 5.93 -41.90 18.40
N GLU K 79 6.33 -43.09 18.84
CA GLU K 79 6.00 -44.35 18.15
C GLU K 79 4.61 -44.44 17.52
N THR K 80 3.59 -43.99 18.25
CA THR K 80 2.23 -44.04 17.73
C THR K 80 2.07 -43.02 16.61
N ALA K 81 3.10 -42.22 16.41
CA ALA K 81 3.10 -41.20 15.39
C ALA K 81 3.96 -41.65 14.20
N ARG K 82 5.20 -42.04 14.49
CA ARG K 82 6.11 -42.48 13.46
C ARG K 82 5.45 -43.55 12.59
N ASN K 83 4.65 -44.40 13.24
CA ASN K 83 3.94 -45.45 12.53
C ASN K 83 2.94 -44.89 11.54
N THR K 84 2.47 -43.67 11.79
CA THR K 84 1.51 -43.05 10.90
C THR K 84 2.22 -42.23 9.83
N ILE K 85 3.45 -41.83 10.11
CA ILE K 85 4.19 -41.06 9.13
C ILE K 85 4.75 -42.00 8.08
N ASP K 86 5.27 -43.13 8.52
CA ASP K 86 5.86 -44.11 7.61
C ASP K 86 4.90 -44.62 6.52
N TYR K 87 3.64 -44.19 6.54
CA TYR K 87 2.70 -44.61 5.50
C TYR K 87 2.70 -43.47 4.49
N PHE K 88 2.93 -42.26 5.00
CA PHE K 88 2.96 -41.09 4.14
C PHE K 88 4.30 -41.04 3.41
N VAL K 89 5.34 -41.45 4.10
CA VAL K 89 6.66 -41.48 3.49
C VAL K 89 6.51 -42.43 2.31
N ASP K 90 6.48 -43.74 2.59
CA ASP K 90 6.34 -44.78 1.56
C ASP K 90 5.26 -44.44 0.54
N PHE K 91 4.45 -43.43 0.84
CA PHE K 91 3.41 -43.02 -0.07
C PHE K 91 4.00 -42.02 -1.04
N VAL K 92 4.27 -40.83 -0.53
CA VAL K 92 4.83 -39.76 -1.33
C VAL K 92 5.87 -40.26 -2.34
N ASP K 93 6.74 -41.16 -1.89
CA ASP K 93 7.79 -41.74 -2.76
C ASP K 93 7.06 -42.23 -4.01
N ASN K 94 6.13 -43.16 -3.81
CA ASN K 94 5.33 -43.74 -4.88
C ASN K 94 4.53 -42.67 -5.63
N VAL K 95 4.43 -41.47 -5.07
CA VAL K 95 3.68 -40.40 -5.72
C VAL K 95 4.60 -39.60 -6.61
N CYS K 96 5.72 -39.15 -6.05
CA CYS K 96 6.68 -38.39 -6.81
C CYS K 96 7.04 -39.19 -8.06
N MET K 97 7.60 -40.37 -7.83
CA MET K 97 8.02 -41.24 -8.91
C MET K 97 6.99 -41.35 -10.04
N ASP K 98 5.72 -41.50 -9.71
CA ASP K 98 4.66 -41.62 -10.73
C ASP K 98 4.53 -40.44 -11.68
N GLU K 99 4.68 -39.22 -11.17
CA GLU K 99 4.58 -38.01 -12.00
C GLU K 99 5.98 -37.56 -12.43
N MET K 100 6.98 -38.35 -12.09
CA MET K 100 8.35 -38.04 -12.47
C MET K 100 8.75 -38.89 -13.65
N VAL K 101 7.77 -39.32 -14.44
CA VAL K 101 8.07 -40.15 -15.60
C VAL K 101 7.22 -39.75 -16.77
N ARG K 102 5.98 -39.34 -16.48
CA ARG K 102 5.06 -38.93 -17.53
C ARG K 102 5.47 -37.57 -18.08
N GLU K 103 5.55 -37.51 -19.40
CA GLU K 103 5.96 -36.32 -20.15
C GLU K 103 4.90 -36.00 -21.21
N SER K 104 4.84 -34.75 -21.68
CA SER K 104 3.84 -34.38 -22.67
C SER K 104 4.26 -33.24 -23.59
N GLN K 105 3.81 -33.26 -24.84
CA GLN K 105 4.14 -32.21 -25.81
C GLN K 105 3.38 -30.89 -25.65
N ARG K 106 2.05 -30.94 -25.81
CA ARG K 106 1.20 -29.74 -25.69
C ARG K 106 1.49 -28.99 -24.38
N ASN K 107 0.89 -29.45 -23.30
CA ASN K 107 1.09 -28.85 -21.98
C ASN K 107 2.05 -29.75 -21.25
N GLY K 108 3.29 -29.81 -21.73
CA GLY K 108 4.28 -30.66 -21.11
C GLY K 108 4.62 -30.23 -19.70
N ILE K 109 4.14 -29.04 -19.32
CA ILE K 109 4.39 -28.47 -18.01
C ILE K 109 3.48 -28.99 -16.90
N ALA K 110 2.18 -28.74 -17.04
CA ALA K 110 1.17 -29.15 -16.06
C ALA K 110 1.29 -30.61 -15.63
N PRO K 111 0.52 -31.01 -14.59
CA PRO K 111 0.53 -32.38 -14.07
C PRO K 111 0.25 -33.41 -15.16
N GLN K 112 0.11 -34.68 -14.77
CA GLN K 112 -0.16 -35.74 -15.75
C GLN K 112 -0.82 -36.97 -15.11
N SER K 113 -0.25 -37.42 -13.99
CA SER K 113 -0.73 -38.60 -13.28
C SER K 113 -2.12 -38.54 -12.64
N ASP K 114 -2.76 -39.70 -12.59
CA ASP K 114 -4.09 -39.82 -11.99
C ASP K 114 -3.98 -39.55 -10.51
N SER K 115 -2.73 -39.46 -10.03
CA SER K 115 -2.46 -39.19 -8.63
C SER K 115 -2.47 -37.69 -8.41
N LEU K 116 -1.70 -36.98 -9.21
CA LEU K 116 -1.62 -35.52 -9.07
C LEU K 116 -2.79 -34.75 -9.65
N ARG K 117 -3.27 -35.14 -10.83
CA ARG K 117 -4.41 -34.45 -11.45
C ARG K 117 -5.51 -34.26 -10.38
N LYS K 118 -5.53 -35.14 -9.38
CA LYS K 118 -6.54 -35.10 -8.32
C LYS K 118 -6.10 -34.19 -7.16
N LEU K 119 -4.80 -33.93 -7.08
CA LEU K 119 -4.25 -33.10 -6.02
C LEU K 119 -4.47 -31.62 -6.26
N SER K 120 -4.33 -31.21 -7.52
CA SER K 120 -4.53 -29.81 -7.86
C SER K 120 -5.98 -29.46 -7.57
N GLY K 121 -6.79 -30.48 -7.28
CA GLY K 121 -8.19 -30.26 -6.98
C GLY K 121 -8.30 -29.16 -5.94
N LEU K 122 -9.46 -28.51 -5.85
CA LEU K 122 -9.62 -27.41 -4.91
C LEU K 122 -9.73 -27.82 -3.44
N LYS K 123 -10.53 -28.85 -3.17
CA LYS K 123 -10.74 -29.31 -1.81
C LYS K 123 -9.47 -29.66 -1.03
N PHE K 124 -8.31 -29.61 -1.67
CA PHE K 124 -7.05 -29.94 -1.00
C PHE K 124 -6.23 -28.72 -0.61
N LYS K 125 -6.32 -27.70 -1.43
CA LYS K 125 -5.58 -26.46 -1.23
C LYS K 125 -5.33 -26.11 0.25
N ARG K 126 -6.23 -26.51 1.14
CA ARG K 126 -6.14 -26.23 2.58
C ARG K 126 -4.87 -26.75 3.25
N ILE K 127 -3.79 -26.91 2.50
CA ILE K 127 -2.58 -27.45 3.09
C ILE K 127 -1.28 -26.65 2.99
N ASN K 128 -1.05 -26.06 1.81
CA ASN K 128 0.15 -25.25 1.55
C ASN K 128 0.78 -24.59 2.79
N PHE K 129 2.12 -24.51 2.82
CA PHE K 129 2.82 -23.89 3.95
C PHE K 129 4.36 -23.88 3.87
N ASP K 130 4.97 -22.93 4.59
CA ASP K 130 6.45 -22.73 4.65
C ASP K 130 7.15 -23.08 3.34
N ASN K 131 7.02 -22.20 2.35
CA ASN K 131 7.65 -22.41 1.05
C ASN K 131 9.00 -21.72 0.91
N SER K 132 9.95 -22.09 1.74
CA SER K 132 11.28 -21.48 1.66
C SER K 132 12.28 -22.35 0.91
N SER K 133 11.85 -23.55 0.48
CA SER K 133 12.73 -24.45 -0.25
C SER K 133 13.01 -23.87 -1.64
N GLU K 134 14.19 -23.26 -1.75
CA GLU K 134 14.68 -22.63 -2.96
C GLU K 134 13.89 -22.94 -4.23
N TYR K 135 13.57 -24.21 -4.47
CA TYR K 135 12.84 -24.58 -5.67
C TYR K 135 11.37 -24.21 -5.78
N ILE K 136 10.64 -24.39 -4.69
CA ILE K 136 9.25 -24.02 -4.73
C ILE K 136 9.20 -22.51 -4.80
N GLU K 137 10.07 -21.86 -4.00
CA GLU K 137 10.15 -20.40 -3.97
C GLU K 137 10.13 -19.92 -5.41
N ASN K 138 10.84 -20.65 -6.27
CA ASN K 138 10.92 -20.29 -7.68
C ASN K 138 9.77 -20.82 -8.51
N TRP K 139 9.18 -21.93 -8.10
CA TRP K 139 8.06 -22.41 -8.89
C TRP K 139 6.96 -21.35 -8.89
N ASN K 140 6.54 -20.95 -7.69
CA ASN K 140 5.48 -19.95 -7.56
C ASN K 140 5.72 -18.71 -8.43
N LEU K 141 6.78 -17.97 -8.12
CA LEU K 141 7.13 -16.75 -8.84
C LEU K 141 7.03 -16.88 -10.37
N GLN K 142 7.12 -18.11 -10.85
CA GLN K 142 7.06 -18.37 -12.28
C GLN K 142 5.60 -18.43 -12.73
N ASN K 143 4.72 -18.89 -11.84
CA ASN K 143 3.30 -18.97 -12.17
C ASN K 143 2.69 -17.57 -12.19
N ARG K 144 3.44 -16.60 -11.67
CA ARG K 144 2.99 -15.21 -11.62
C ARG K 144 3.71 -14.35 -12.66
N ARG K 145 4.79 -14.87 -13.21
CA ARG K 145 5.57 -14.14 -14.19
C ARG K 145 6.44 -13.10 -13.49
N GLN K 146 7.62 -13.51 -13.06
CA GLN K 146 8.55 -12.62 -12.38
C GLN K 146 9.99 -13.09 -12.57
N ARG K 147 10.94 -12.18 -12.36
CA ARG K 147 12.36 -12.50 -12.52
C ARG K 147 12.75 -13.60 -11.51
N THR K 148 12.68 -14.85 -11.97
CA THR K 148 13.00 -16.05 -11.18
C THR K 148 14.47 -16.15 -10.73
N GLY K 149 15.08 -17.34 -10.80
CA GLY K 149 16.48 -17.49 -10.43
C GLY K 149 17.01 -18.69 -9.62
N PHE K 150 18.19 -19.22 -10.00
CA PHE K 150 18.83 -20.36 -9.31
C PHE K 150 20.32 -20.17 -9.07
N THR K 151 20.91 -21.03 -8.25
CA THR K 151 22.33 -20.96 -7.92
C THR K 151 23.08 -22.27 -8.23
N PHE K 152 24.17 -22.18 -9.01
CA PHE K 152 24.97 -23.35 -9.41
C PHE K 152 26.49 -23.21 -9.33
N HIS K 153 27.15 -24.30 -8.95
CA HIS K 153 28.61 -24.35 -8.86
C HIS K 153 29.01 -25.22 -10.08
N LYS K 154 29.99 -24.76 -10.84
CA LYS K 154 30.44 -25.47 -12.06
C LYS K 154 29.22 -26.01 -12.84
N PRO K 155 28.28 -25.10 -13.27
CA PRO K 155 27.04 -25.38 -14.03
C PRO K 155 27.28 -26.25 -15.26
N ASN K 156 26.25 -26.83 -15.86
CA ASN K 156 26.52 -27.72 -16.99
C ASN K 156 25.82 -27.16 -18.22
N ILE K 157 26.41 -26.11 -18.78
CA ILE K 157 25.84 -25.37 -19.88
C ILE K 157 26.34 -25.77 -21.26
N PHE K 158 27.56 -26.31 -21.33
CA PHE K 158 28.14 -26.70 -22.62
C PHE K 158 27.95 -28.17 -22.98
N PRO K 159 27.22 -28.45 -24.07
CA PRO K 159 27.07 -29.85 -24.43
C PRO K 159 28.47 -30.31 -24.82
N TYR K 160 28.78 -31.58 -24.57
CA TYR K 160 30.09 -32.08 -24.89
C TYR K 160 30.38 -31.86 -26.38
N SER K 161 31.54 -31.30 -26.68
CA SER K 161 31.94 -31.06 -28.05
C SER K 161 33.45 -31.06 -28.03
N ALA K 162 34.05 -31.98 -28.77
CA ALA K 162 35.51 -32.06 -28.84
C ALA K 162 35.82 -32.20 -30.32
N SER K 163 36.40 -31.17 -30.94
CA SER K 163 36.69 -31.24 -32.36
C SER K 163 37.79 -30.26 -32.78
N PHE K 164 37.97 -30.08 -34.09
CA PHE K 164 38.97 -29.16 -34.62
C PHE K 164 38.50 -28.59 -35.95
N THR K 165 39.17 -27.56 -36.41
CA THR K 165 38.84 -26.94 -37.67
C THR K 165 40.17 -26.57 -38.27
N LEU K 166 40.46 -27.15 -39.43
CA LEU K 166 41.71 -26.86 -40.13
C LEU K 166 41.49 -25.72 -41.12
N ASN K 167 42.05 -24.56 -40.83
CA ASN K 167 41.91 -23.41 -41.70
C ASN K 167 42.87 -23.46 -42.89
N ARG K 168 43.97 -24.20 -42.73
CA ARG K 168 44.95 -24.41 -43.79
C ARG K 168 45.37 -25.86 -43.60
N SER K 169 45.22 -26.66 -44.66
CA SER K 169 45.61 -28.05 -44.58
C SER K 169 45.92 -28.51 -45.97
N GLN K 170 46.54 -29.67 -46.05
CA GLN K 170 46.90 -30.27 -47.32
C GLN K 170 46.95 -31.76 -47.01
N PRO K 171 46.83 -32.61 -48.04
CA PRO K 171 46.85 -34.06 -47.90
C PRO K 171 47.86 -34.64 -46.91
N ALA K 172 49.11 -34.20 -46.97
CA ALA K 172 50.14 -34.72 -46.07
C ALA K 172 49.95 -34.27 -44.60
N HIS K 173 49.15 -33.22 -44.37
CA HIS K 173 48.90 -32.67 -43.05
C HIS K 173 50.24 -32.38 -42.37
N ASP K 174 51.12 -31.74 -43.10
CA ASP K 174 52.45 -31.39 -42.59
C ASP K 174 52.63 -29.89 -42.37
N ASN K 175 51.61 -29.11 -42.71
CA ASN K 175 51.64 -27.66 -42.49
C ASN K 175 50.22 -27.13 -42.31
N LEU K 176 49.64 -27.46 -41.14
CA LEU K 176 48.27 -27.10 -40.78
C LEU K 176 48.20 -25.84 -39.96
N MET K 177 47.01 -25.25 -39.96
CA MET K 177 46.73 -24.06 -39.17
C MET K 177 45.23 -24.16 -38.85
N GLY K 178 44.89 -23.98 -37.58
CA GLY K 178 43.49 -24.07 -37.20
C GLY K 178 43.33 -24.10 -35.69
N THR K 179 42.19 -24.58 -35.22
CA THR K 179 41.94 -24.66 -33.80
C THR K 179 41.33 -26.01 -33.45
N MET K 180 41.51 -26.39 -32.19
CA MET K 180 40.93 -27.62 -31.66
C MET K 180 40.42 -27.23 -30.27
N TRP K 181 39.35 -27.87 -29.83
CA TRP K 181 38.77 -27.50 -28.55
C TRP K 181 38.03 -28.62 -27.87
N LEU K 182 37.63 -28.34 -26.64
CA LEU K 182 36.79 -29.21 -25.82
C LEU K 182 35.87 -28.27 -25.03
N ASN K 183 34.60 -28.33 -25.35
CA ASN K 183 33.57 -27.61 -24.60
C ASN K 183 32.80 -28.67 -23.85
N ALA K 184 32.76 -28.59 -22.54
CA ALA K 184 32.04 -29.61 -21.76
C ALA K 184 31.70 -29.09 -20.38
N GLY K 185 30.44 -29.17 -20.01
CA GLY K 185 30.03 -28.72 -18.71
C GLY K 185 30.14 -27.23 -18.54
N SER K 186 31.03 -26.82 -17.66
CA SER K 186 31.25 -25.41 -17.41
C SER K 186 32.61 -24.97 -17.94
N GLU K 187 33.28 -25.83 -18.68
CA GLU K 187 34.61 -25.51 -19.17
C GLU K 187 34.85 -25.51 -20.66
N ILE K 188 35.76 -24.65 -21.07
CA ILE K 188 36.14 -24.53 -22.47
C ILE K 188 37.66 -24.50 -22.51
N GLN K 189 38.26 -25.29 -23.38
CA GLN K 189 39.71 -25.23 -23.61
C GLN K 189 39.82 -25.14 -25.12
N VAL K 190 40.60 -24.21 -25.61
CA VAL K 190 40.76 -24.06 -27.05
C VAL K 190 42.19 -23.70 -27.37
N ALA K 191 42.74 -24.34 -28.41
CA ALA K 191 44.09 -24.07 -28.84
C ALA K 191 44.08 -23.70 -30.30
N GLY K 192 44.96 -22.77 -30.66
CA GLY K 192 45.14 -22.34 -32.03
C GLY K 192 46.55 -22.80 -32.36
N PHE K 193 46.73 -23.48 -33.49
CA PHE K 193 48.03 -23.98 -33.92
C PHE K 193 48.36 -23.50 -35.34
N ASP K 194 49.64 -23.29 -35.60
CA ASP K 194 50.12 -22.85 -36.90
C ASP K 194 51.47 -23.54 -37.08
N TYR K 195 51.49 -24.61 -37.86
CA TYR K 195 52.73 -25.36 -38.09
C TYR K 195 53.88 -24.49 -38.61
N SER K 196 53.55 -23.44 -39.37
CA SER K 196 54.56 -22.55 -39.93
C SER K 196 55.06 -21.45 -38.98
N CYS K 197 54.48 -21.37 -37.78
CA CYS K 197 54.84 -20.36 -36.78
C CYS K 197 54.77 -18.94 -37.38
N ALA K 198 53.70 -18.72 -38.15
CA ALA K 198 53.43 -17.45 -38.79
C ALA K 198 54.60 -16.88 -39.62
N ILE K 199 55.42 -17.76 -40.20
CA ILE K 199 56.59 -17.38 -41.01
C ILE K 199 56.24 -16.45 -42.21
N ASN K 200 55.10 -16.72 -42.85
CA ASN K 200 54.62 -15.93 -43.99
C ASN K 200 53.37 -15.15 -43.66
N ALA K 201 53.03 -15.03 -42.38
CA ALA K 201 51.83 -14.30 -41.99
C ALA K 201 52.09 -12.81 -41.79
N PRO K 202 51.09 -11.96 -42.12
CA PRO K 202 51.20 -10.51 -41.97
C PRO K 202 51.52 -10.17 -40.52
N ALA K 203 52.61 -9.41 -40.34
CA ALA K 203 53.07 -9.03 -39.00
C ALA K 203 53.52 -10.26 -38.21
N ASN K 204 53.75 -11.37 -38.91
CA ASN K 204 54.15 -12.64 -38.30
C ASN K 204 53.22 -13.01 -37.16
N THR K 205 51.93 -12.75 -37.36
CA THR K 205 50.91 -13.02 -36.37
C THR K 205 49.74 -13.78 -37.01
N GLN K 206 49.31 -14.87 -36.39
CA GLN K 206 48.18 -15.62 -36.88
C GLN K 206 47.05 -15.42 -35.87
N GLN K 207 45.88 -14.97 -36.36
CA GLN K 207 44.74 -14.74 -35.51
C GLN K 207 43.91 -16.01 -35.31
N PHE K 208 43.37 -16.20 -34.12
CA PHE K 208 42.50 -17.34 -33.83
C PHE K 208 41.25 -16.82 -33.14
N GLU K 209 40.21 -17.64 -33.15
CA GLU K 209 38.98 -17.23 -32.54
C GLU K 209 38.16 -18.47 -32.21
N HIS K 210 37.47 -18.46 -31.08
CA HIS K 210 36.63 -19.57 -30.71
C HIS K 210 35.34 -18.96 -30.15
N ILE K 211 34.21 -19.34 -30.74
CA ILE K 211 32.91 -18.83 -30.30
C ILE K 211 32.04 -19.96 -29.76
N VAL K 212 31.44 -19.74 -28.61
CA VAL K 212 30.58 -20.74 -27.99
C VAL K 212 29.25 -20.08 -27.68
N GLN K 213 28.18 -20.65 -28.22
CA GLN K 213 26.83 -20.13 -28.01
C GLN K 213 26.08 -20.93 -26.96
N LEU K 214 25.74 -20.29 -25.85
CA LEU K 214 25.03 -20.99 -24.78
C LEU K 214 23.58 -21.18 -25.19
N ARG K 215 22.97 -22.26 -24.73
CA ARG K 215 21.57 -22.53 -25.05
C ARG K 215 20.66 -21.72 -24.13
N ARG K 216 21.22 -21.21 -23.05
CA ARG K 216 20.47 -20.39 -22.10
C ARG K 216 21.44 -19.31 -21.62
N VAL K 217 20.88 -18.15 -21.28
CA VAL K 217 21.68 -17.04 -20.79
C VAL K 217 22.13 -17.35 -19.36
N LEU K 218 23.36 -16.99 -19.07
CA LEU K 218 23.86 -17.13 -17.73
C LEU K 218 24.08 -15.71 -17.24
N THR K 219 23.72 -15.46 -15.99
CA THR K 219 23.94 -14.16 -15.40
C THR K 219 24.81 -14.35 -14.14
N THR K 220 25.41 -13.25 -13.67
CA THR K 220 26.22 -13.26 -12.45
C THR K 220 27.25 -14.42 -12.38
N ALA K 221 27.91 -14.69 -13.50
CA ALA K 221 28.93 -15.73 -13.60
C ALA K 221 30.32 -15.29 -13.11
N THR K 222 30.87 -16.13 -12.23
CA THR K 222 32.24 -15.95 -11.74
C THR K 222 33.08 -16.92 -12.55
N ILE K 223 34.04 -16.38 -13.28
CA ILE K 223 34.80 -17.18 -14.23
C ILE K 223 36.33 -17.13 -14.06
N THR K 224 36.98 -18.27 -14.26
CA THR K 224 38.44 -18.36 -14.19
C THR K 224 38.90 -18.43 -15.63
N LEU K 225 39.83 -17.57 -16.02
CA LEU K 225 40.36 -17.56 -17.38
C LEU K 225 41.84 -17.69 -17.20
N LEU K 226 42.44 -18.65 -17.87
CA LEU K 226 43.87 -18.88 -17.76
C LEU K 226 44.46 -19.06 -19.15
N PRO K 227 45.73 -18.65 -19.32
CA PRO K 227 46.34 -18.83 -20.64
C PRO K 227 46.72 -20.30 -20.73
N ASP K 228 46.84 -20.81 -21.96
CA ASP K 228 47.23 -22.19 -22.26
C ASP K 228 46.09 -23.18 -22.19
N ALA K 229 46.14 -24.19 -23.05
CA ALA K 229 45.15 -25.26 -23.08
C ALA K 229 45.96 -26.53 -22.87
N GLU K 230 46.11 -26.96 -21.63
CA GLU K 230 46.90 -28.15 -21.31
C GLU K 230 46.45 -29.37 -22.08
N ARG K 231 45.15 -29.49 -22.28
CA ARG K 231 44.57 -30.60 -23.01
C ARG K 231 45.13 -30.72 -24.44
N PHE K 232 45.58 -29.61 -25.01
CA PHE K 232 46.10 -29.63 -26.39
C PHE K 232 47.56 -29.21 -26.42
N SER K 233 48.28 -29.59 -25.38
CA SER K 233 49.69 -29.23 -25.30
C SER K 233 50.60 -30.43 -25.46
N PHE K 234 50.01 -31.58 -25.77
CA PHE K 234 50.82 -32.77 -25.96
C PHE K 234 50.66 -33.39 -27.37
N PRO K 235 51.64 -34.23 -27.78
CA PRO K 235 51.63 -34.88 -29.09
C PRO K 235 50.43 -35.76 -29.30
N ARG K 236 49.84 -35.63 -30.47
CA ARG K 236 48.66 -36.40 -30.79
C ARG K 236 48.69 -36.87 -32.24
N VAL K 237 48.02 -37.97 -32.43
CA VAL K 237 47.76 -38.53 -33.75
C VAL K 237 46.24 -38.46 -33.84
N ILE K 238 45.79 -37.67 -34.79
CA ILE K 238 44.36 -37.37 -34.91
C ILE K 238 43.77 -37.84 -36.24
N ASN K 239 42.48 -38.14 -36.27
CA ASN K 239 41.84 -38.53 -37.51
C ASN K 239 41.63 -37.29 -38.35
N SER K 240 41.75 -37.43 -39.65
CA SER K 240 41.56 -36.32 -40.58
C SER K 240 40.07 -35.98 -40.59
N ALA K 241 39.73 -34.78 -41.08
CA ALA K 241 38.34 -34.36 -41.13
C ALA K 241 37.41 -35.38 -41.84
N ASP K 242 37.88 -35.99 -42.91
CA ASP K 242 37.09 -36.96 -43.68
C ASP K 242 37.20 -38.40 -43.17
N GLY K 243 37.98 -38.59 -42.11
CA GLY K 243 38.16 -39.91 -41.53
C GLY K 243 39.02 -40.87 -42.34
N ALA K 244 39.54 -40.39 -43.46
CA ALA K 244 40.34 -41.24 -44.34
C ALA K 244 41.79 -41.53 -43.89
N THR K 245 42.35 -40.69 -43.02
CA THR K 245 43.73 -40.89 -42.55
C THR K 245 43.96 -40.23 -41.19
N THR K 246 45.21 -40.21 -40.73
CA THR K 246 45.55 -39.60 -39.47
C THR K 246 46.73 -38.64 -39.62
N TRP K 247 46.67 -37.52 -38.90
CA TRP K 247 47.72 -36.50 -38.90
C TRP K 247 48.44 -36.43 -37.56
N TYR K 248 49.62 -35.84 -37.56
CA TYR K 248 50.43 -35.72 -36.37
C TYR K 248 50.48 -34.28 -35.84
N PHE K 249 50.22 -34.12 -34.55
CA PHE K 249 50.24 -32.82 -33.90
C PHE K 249 51.35 -32.92 -32.84
N ASN K 250 52.35 -32.07 -32.98
CA ASN K 250 53.49 -32.06 -32.08
C ASN K 250 53.65 -30.64 -31.54
N PRO K 251 52.80 -30.20 -30.61
CA PRO K 251 52.82 -28.82 -30.10
C PRO K 251 54.02 -28.43 -29.26
N VAL K 252 54.29 -27.15 -29.39
CA VAL K 252 55.25 -26.37 -28.56
C VAL K 252 54.45 -25.10 -28.25
N ILE K 253 54.36 -24.78 -26.98
CA ILE K 253 53.45 -23.71 -26.53
C ILE K 253 54.08 -22.34 -26.34
N LEU K 254 53.39 -21.32 -26.84
CA LEU K 254 53.82 -19.92 -26.71
C LEU K 254 52.67 -19.19 -26.01
N ARG K 255 52.94 -18.03 -25.41
CA ARG K 255 51.88 -17.33 -24.72
C ARG K 255 50.90 -16.75 -25.71
N PRO K 256 49.60 -16.87 -25.41
CA PRO K 256 48.62 -16.32 -26.33
C PRO K 256 48.79 -14.80 -26.31
N ASN K 257 48.83 -14.23 -27.51
CA ASN K 257 49.01 -12.79 -27.74
C ASN K 257 47.67 -12.08 -28.01
N ASN K 258 47.49 -10.88 -27.47
CA ASN K 258 46.26 -10.08 -27.65
C ASN K 258 44.98 -10.82 -27.35
N VAL K 259 44.96 -11.45 -26.18
CA VAL K 259 43.80 -12.20 -25.74
C VAL K 259 42.65 -11.24 -25.47
N GLU K 260 41.49 -11.56 -26.02
CA GLU K 260 40.30 -10.77 -25.79
C GLU K 260 39.10 -11.68 -25.62
N VAL K 261 38.45 -11.61 -24.47
CA VAL K 261 37.29 -12.43 -24.21
C VAL K 261 36.08 -11.52 -24.22
N GLU K 262 35.07 -11.89 -24.99
CA GLU K 262 33.87 -11.10 -25.01
C GLU K 262 32.70 -11.97 -24.61
N PHE K 263 31.88 -11.44 -23.71
CA PHE K 263 30.67 -12.12 -23.25
C PHE K 263 29.59 -11.27 -23.88
N LEU K 264 28.91 -11.85 -24.85
CA LEU K 264 27.89 -11.12 -25.58
C LEU K 264 26.49 -11.58 -25.24
N LEU K 265 25.54 -10.68 -25.44
CA LEU K 265 24.14 -10.98 -25.21
C LEU K 265 23.43 -10.46 -26.44
N ASN K 266 22.80 -11.35 -27.18
CA ASN K 266 22.10 -10.96 -28.41
C ASN K 266 22.97 -10.13 -29.35
N GLY K 267 24.24 -10.53 -29.48
CA GLY K 267 25.14 -9.84 -30.38
C GLY K 267 25.84 -8.64 -29.81
N GLN K 268 25.41 -8.20 -28.64
CA GLN K 268 26.02 -7.04 -28.00
C GLN K 268 27.08 -7.44 -26.98
N ILE K 269 28.19 -6.72 -26.95
CA ILE K 269 29.23 -6.98 -25.97
C ILE K 269 28.73 -6.46 -24.62
N ILE K 270 28.64 -7.36 -23.64
CA ILE K 270 28.19 -6.96 -22.31
C ILE K 270 29.46 -6.83 -21.47
N ASN K 271 30.39 -7.76 -21.62
CA ASN K 271 31.66 -7.70 -20.88
C ASN K 271 32.78 -8.02 -21.84
N THR K 272 33.89 -7.32 -21.69
CA THR K 272 35.05 -7.59 -22.51
C THR K 272 36.28 -7.46 -21.63
N TYR K 273 37.20 -8.40 -21.79
CA TYR K 273 38.44 -8.45 -21.01
C TYR K 273 39.61 -8.66 -21.96
N GLN K 274 40.62 -7.81 -21.84
CA GLN K 274 41.79 -7.88 -22.68
C GLN K 274 42.92 -8.42 -21.89
N ALA K 275 43.33 -9.63 -22.23
CA ALA K 275 44.48 -10.27 -21.58
C ALA K 275 44.41 -10.30 -20.06
N ARG K 276 43.22 -10.47 -19.49
CA ARG K 276 43.10 -10.52 -18.06
C ARG K 276 42.88 -11.96 -17.60
N PHE K 277 43.91 -12.55 -17.00
CA PHE K 277 43.82 -13.92 -16.53
C PHE K 277 43.54 -13.93 -15.02
N GLY K 278 42.84 -14.96 -14.55
CA GLY K 278 42.50 -15.03 -13.14
C GLY K 278 40.98 -15.03 -13.06
N THR K 279 40.43 -14.32 -12.09
CA THR K 279 38.98 -14.28 -11.91
C THR K 279 38.33 -13.04 -12.51
N ILE K 280 37.36 -13.27 -13.40
CA ILE K 280 36.61 -12.20 -14.06
C ILE K 280 35.11 -12.48 -13.93
N ILE K 281 34.32 -11.41 -13.96
CA ILE K 281 32.86 -11.50 -13.85
C ILE K 281 32.16 -11.23 -15.21
N ALA K 282 31.23 -12.10 -15.60
CA ALA K 282 30.46 -11.93 -16.83
C ALA K 282 29.03 -11.83 -16.29
N ARG K 283 28.44 -10.66 -16.35
CA ARG K 283 27.16 -10.47 -15.64
C ARG K 283 25.89 -10.92 -16.39
N ASN K 284 25.94 -11.11 -17.69
CA ASN K 284 24.72 -11.48 -18.46
C ASN K 284 25.15 -11.76 -19.89
N PHE K 285 25.09 -13.02 -20.31
CA PHE K 285 25.56 -13.35 -21.65
C PHE K 285 24.98 -14.66 -22.16
N ASP K 286 24.90 -14.79 -23.49
CA ASP K 286 24.41 -16.01 -24.12
C ASP K 286 25.47 -16.51 -25.09
N THR K 287 26.59 -15.81 -25.14
CA THR K 287 27.69 -16.19 -26.05
C THR K 287 29.03 -15.77 -25.49
N ILE K 288 30.03 -16.61 -25.71
CA ILE K 288 31.39 -16.29 -25.29
C ILE K 288 32.23 -16.33 -26.57
N ARG K 289 33.07 -15.32 -26.74
CA ARG K 289 33.94 -15.29 -27.89
C ARG K 289 35.36 -15.09 -27.39
N LEU K 290 36.24 -16.04 -27.70
CA LEU K 290 37.63 -15.95 -27.29
C LEU K 290 38.48 -15.70 -28.53
N SER K 291 39.22 -14.59 -28.55
CA SER K 291 40.09 -14.25 -29.66
C SER K 291 41.47 -14.18 -29.10
N PHE K 292 42.42 -14.78 -29.80
CA PHE K 292 43.81 -14.82 -29.36
C PHE K 292 44.69 -15.03 -30.58
N GLN K 293 45.97 -14.70 -30.46
CA GLN K 293 46.89 -14.79 -31.58
C GLN K 293 48.17 -15.51 -31.23
N LEU K 294 48.83 -15.99 -32.28
CA LEU K 294 50.13 -16.62 -32.16
C LEU K 294 51.03 -15.59 -32.84
N MET K 295 52.01 -15.08 -32.13
CA MET K 295 52.89 -14.14 -32.76
C MET K 295 54.26 -14.78 -32.82
N ARG K 296 54.83 -14.88 -34.00
CA ARG K 296 56.16 -15.48 -34.14
C ARG K 296 57.13 -14.65 -33.29
N PRO K 297 57.91 -15.31 -32.41
CA PRO K 297 58.86 -14.57 -31.56
C PRO K 297 59.83 -13.77 -32.42
N PRO K 298 59.89 -12.44 -32.21
CA PRO K 298 60.80 -11.63 -33.01
C PRO K 298 62.28 -11.90 -32.70
N ASN K 299 62.56 -12.36 -31.48
CA ASN K 299 63.92 -12.67 -31.05
C ASN K 299 63.94 -14.07 -30.51
N MET K 300 64.85 -14.89 -31.02
CA MET K 300 64.93 -16.28 -30.62
C MET K 300 66.32 -16.76 -30.28
N THR K 301 66.48 -17.45 -29.15
CA THR K 301 67.79 -18.01 -28.83
C THR K 301 67.96 -19.17 -29.84
N PRO K 302 69.19 -19.67 -30.01
CA PRO K 302 69.43 -20.77 -30.97
C PRO K 302 68.47 -21.95 -30.83
N ALA K 303 68.27 -22.40 -29.59
CA ALA K 303 67.39 -23.54 -29.31
C ALA K 303 65.98 -23.28 -29.83
N VAL K 304 65.51 -22.05 -29.71
CA VAL K 304 64.17 -21.69 -30.18
C VAL K 304 64.18 -21.58 -31.71
N ALA K 305 65.17 -20.86 -32.23
CA ALA K 305 65.30 -20.64 -33.67
C ALA K 305 65.26 -21.98 -34.43
N ALA K 306 65.88 -22.99 -33.83
CA ALA K 306 65.96 -24.34 -34.39
C ALA K 306 64.61 -25.04 -34.55
N LEU K 307 63.61 -24.61 -33.80
CA LEU K 307 62.29 -25.23 -33.86
C LEU K 307 61.50 -24.68 -35.00
N PHE K 308 61.81 -23.44 -35.39
CA PHE K 308 61.08 -22.72 -36.44
C PHE K 308 61.89 -22.29 -37.67
N PRO K 309 62.14 -23.23 -38.60
CA PRO K 309 62.90 -22.99 -39.83
C PRO K 309 62.13 -22.15 -40.85
N ASN K 310 62.82 -21.65 -41.85
CA ASN K 310 62.18 -20.84 -42.87
C ASN K 310 61.44 -21.70 -43.89
N ALA K 311 61.81 -22.98 -43.94
CA ALA K 311 61.20 -23.90 -44.88
C ALA K 311 60.81 -25.20 -44.20
N GLN K 312 59.83 -25.89 -44.78
CA GLN K 312 59.38 -27.19 -44.26
C GLN K 312 60.54 -28.14 -44.40
N PRO K 313 60.52 -29.29 -43.70
CA PRO K 313 59.46 -29.73 -42.78
C PRO K 313 59.32 -28.95 -41.47
N PHE K 314 58.07 -28.73 -41.07
CA PHE K 314 57.78 -28.03 -39.83
C PHE K 314 57.55 -29.15 -38.82
N GLU K 315 58.51 -29.34 -37.92
CA GLU K 315 58.43 -30.43 -36.95
C GLU K 315 57.95 -30.08 -35.55
N HIS K 316 57.98 -28.81 -35.20
CA HIS K 316 57.50 -28.36 -33.90
C HIS K 316 56.41 -27.40 -34.27
N HIS K 317 55.20 -27.68 -33.77
CA HIS K 317 54.04 -26.90 -34.11
C HIS K 317 53.59 -25.86 -33.07
N ALA K 318 53.85 -24.60 -33.40
CA ALA K 318 53.50 -23.47 -32.53
C ALA K 318 52.03 -23.48 -32.17
N THR K 319 51.77 -23.44 -30.87
CA THR K 319 50.43 -23.50 -30.34
C THR K 319 50.21 -22.51 -29.21
N VAL K 320 49.07 -21.83 -29.24
CA VAL K 320 48.67 -20.87 -28.20
C VAL K 320 47.28 -21.32 -27.75
N GLY K 321 46.93 -21.12 -26.48
CA GLY K 321 45.61 -21.55 -26.03
C GLY K 321 45.05 -20.79 -24.85
N LEU K 322 43.81 -21.12 -24.50
CA LEU K 322 43.10 -20.49 -23.38
C LEU K 322 42.25 -21.54 -22.70
N THR K 323 42.01 -21.33 -21.40
CA THR K 323 41.14 -22.19 -20.61
C THR K 323 40.19 -21.29 -19.87
N LEU K 324 38.91 -21.57 -19.96
CA LEU K 324 37.89 -20.76 -19.31
C LEU K 324 36.96 -21.67 -18.51
N ARG K 325 36.75 -21.38 -17.23
CA ARG K 325 35.85 -22.19 -16.42
C ARG K 325 34.84 -21.33 -15.68
N ILE K 326 33.55 -21.68 -15.82
CA ILE K 326 32.50 -20.96 -15.13
C ILE K 326 32.34 -21.63 -13.78
N GLU K 327 32.85 -20.99 -12.72
CA GLU K 327 32.76 -21.55 -11.38
C GLU K 327 31.33 -21.54 -10.85
N SER K 328 30.63 -20.42 -11.02
CA SER K 328 29.27 -20.30 -10.55
C SER K 328 28.55 -19.33 -11.45
N ALA K 329 27.22 -19.44 -11.48
CA ALA K 329 26.39 -18.56 -12.27
C ALA K 329 24.95 -18.76 -11.90
N VAL K 330 24.10 -17.86 -12.36
CA VAL K 330 22.68 -17.96 -12.13
C VAL K 330 22.02 -18.17 -13.49
N CYS K 331 21.00 -19.00 -13.55
CA CYS K 331 20.28 -19.19 -14.81
C CYS K 331 18.80 -19.16 -14.50
N GLU K 332 18.04 -18.58 -15.42
CA GLU K 332 16.60 -18.52 -15.25
C GLU K 332 15.97 -19.89 -15.54
N SER K 333 16.70 -20.79 -16.20
CA SER K 333 16.22 -22.15 -16.52
C SER K 333 16.97 -23.18 -15.68
N VAL K 334 16.31 -24.28 -15.32
CA VAL K 334 17.01 -25.31 -14.57
C VAL K 334 18.10 -25.90 -15.44
N LEU K 335 19.21 -26.30 -14.82
CA LEU K 335 20.33 -26.91 -15.51
C LEU K 335 20.94 -27.89 -14.55
N ALA K 336 21.74 -28.81 -15.08
CA ALA K 336 22.49 -29.72 -14.24
C ALA K 336 23.75 -28.89 -13.85
N ASP K 337 24.35 -29.19 -12.71
CA ASP K 337 25.59 -28.52 -12.30
C ASP K 337 26.43 -29.56 -11.53
N ALA K 338 27.53 -29.13 -10.89
CA ALA K 338 28.40 -30.08 -10.19
C ALA K 338 28.03 -30.38 -8.74
N SER K 339 26.95 -29.80 -8.24
CA SER K 339 26.57 -30.01 -6.86
C SER K 339 25.18 -30.59 -6.61
N GLU K 340 24.20 -30.16 -7.40
CA GLU K 340 22.84 -30.63 -7.24
C GLU K 340 22.64 -32.04 -7.77
N THR K 341 21.79 -32.79 -7.07
CA THR K 341 21.52 -34.18 -7.44
C THR K 341 20.26 -34.39 -8.25
N MET K 342 19.57 -33.30 -8.61
CA MET K 342 18.33 -33.41 -9.37
C MET K 342 18.38 -34.25 -10.62
N LEU K 343 19.27 -33.93 -11.54
CA LEU K 343 19.38 -34.70 -12.76
C LEU K 343 19.62 -36.16 -12.42
N ALA K 344 20.57 -36.41 -11.51
CA ALA K 344 20.90 -37.77 -11.11
C ALA K 344 19.70 -38.50 -10.47
N ASN K 345 18.88 -37.78 -9.69
CA ASN K 345 17.71 -38.38 -9.04
C ASN K 345 16.69 -38.83 -10.07
N VAL K 346 16.36 -37.93 -10.98
CA VAL K 346 15.39 -38.20 -12.04
C VAL K 346 15.88 -39.34 -12.92
N THR K 347 17.14 -39.24 -13.35
CA THR K 347 17.74 -40.25 -14.20
C THR K 347 17.77 -41.60 -13.48
N SER K 348 18.12 -41.57 -12.19
CA SER K 348 18.21 -42.80 -11.42
C SER K 348 16.87 -43.48 -11.19
N VAL K 349 15.82 -42.71 -10.88
CA VAL K 349 14.52 -43.34 -10.66
C VAL K 349 14.05 -43.99 -11.96
N ARG K 350 14.20 -43.29 -13.08
CA ARG K 350 13.80 -43.84 -14.36
C ARG K 350 14.56 -45.12 -14.73
N GLN K 351 15.86 -45.14 -14.47
CA GLN K 351 16.70 -46.30 -14.77
C GLN K 351 16.34 -47.50 -13.88
N GLU K 352 16.20 -47.26 -12.58
CA GLU K 352 15.87 -48.32 -11.64
C GLU K 352 14.53 -49.01 -11.98
N TYR K 353 13.52 -48.24 -12.39
CA TYR K 353 12.24 -48.82 -12.71
C TYR K 353 12.03 -49.12 -14.17
N ALA K 354 13.11 -49.19 -14.92
CA ALA K 354 13.04 -49.53 -16.34
C ALA K 354 11.95 -48.74 -17.10
N ILE K 355 11.89 -47.43 -16.84
CA ILE K 355 10.91 -46.58 -17.50
C ILE K 355 11.22 -46.46 -18.98
N PRO K 356 10.25 -46.76 -19.87
CA PRO K 356 10.45 -46.68 -21.32
C PRO K 356 10.77 -45.26 -21.78
N VAL K 357 11.51 -45.12 -22.88
CA VAL K 357 11.83 -43.80 -23.43
C VAL K 357 10.49 -43.16 -23.78
N GLY K 358 10.34 -41.88 -23.48
CA GLY K 358 9.10 -41.18 -23.76
C GLY K 358 9.22 -40.25 -24.95
N PRO K 359 8.23 -39.40 -25.17
CA PRO K 359 8.27 -38.45 -26.30
C PRO K 359 9.04 -37.15 -26.06
N VAL K 360 9.38 -36.83 -24.82
CA VAL K 360 10.07 -35.58 -24.54
C VAL K 360 11.57 -35.67 -24.35
N PHE K 361 12.00 -36.46 -23.37
CA PHE K 361 13.41 -36.58 -23.03
C PHE K 361 14.25 -37.55 -23.88
N PRO K 362 15.53 -37.20 -24.13
CA PRO K 362 16.37 -38.12 -24.92
C PRO K 362 16.60 -39.39 -24.14
N PRO K 363 16.92 -40.50 -24.85
CA PRO K 363 17.16 -41.75 -24.15
C PRO K 363 18.20 -41.55 -23.01
N GLY K 364 17.87 -42.11 -21.85
CA GLY K 364 18.73 -42.04 -20.69
C GLY K 364 18.85 -40.68 -20.05
N MET K 365 17.97 -39.75 -20.41
CA MET K 365 18.03 -38.37 -19.91
C MET K 365 19.42 -37.83 -20.24
N ASN K 366 20.00 -38.26 -21.36
CA ASN K 366 21.36 -37.82 -21.74
C ASN K 366 21.53 -36.30 -21.70
N TRP K 367 22.42 -35.82 -20.84
CA TRP K 367 22.58 -34.39 -20.70
C TRP K 367 23.01 -33.68 -21.96
N THR K 368 24.04 -34.17 -22.62
CA THR K 368 24.46 -33.51 -23.84
C THR K 368 23.29 -33.36 -24.83
N ASP K 369 22.55 -34.44 -25.08
CA ASP K 369 21.44 -34.38 -26.00
C ASP K 369 20.38 -33.41 -25.52
N LEU K 370 20.11 -33.42 -24.23
CA LEU K 370 19.11 -32.55 -23.67
C LEU K 370 19.45 -31.07 -23.85
N ILE K 371 20.64 -30.66 -23.42
CA ILE K 371 21.05 -29.27 -23.52
C ILE K 371 21.28 -28.84 -24.98
N THR K 372 21.64 -29.76 -25.86
CA THR K 372 21.86 -29.40 -27.26
C THR K 372 20.54 -28.96 -27.92
N ASN K 373 19.45 -29.65 -27.58
CA ASN K 373 18.14 -29.29 -28.12
C ASN K 373 17.23 -29.07 -26.95
N TYR K 374 17.51 -28.01 -26.20
CA TYR K 374 16.77 -27.66 -25.01
C TYR K 374 15.49 -26.92 -25.37
N SER K 375 14.53 -27.64 -25.89
CA SER K 375 13.26 -27.04 -26.29
C SER K 375 12.44 -26.58 -25.10
N PRO K 376 11.42 -25.74 -25.36
CA PRO K 376 10.58 -25.27 -24.26
C PRO K 376 9.94 -26.45 -23.54
N SER K 377 9.48 -27.45 -24.31
CA SER K 377 8.86 -28.63 -23.72
C SER K 377 9.83 -29.39 -22.81
N ARG K 378 11.06 -29.60 -23.27
CA ARG K 378 12.02 -30.29 -22.43
C ARG K 378 12.28 -29.49 -21.14
N GLU K 379 12.37 -28.16 -21.24
CA GLU K 379 12.62 -27.34 -20.07
C GLU K 379 11.46 -27.35 -19.08
N ASP K 380 10.23 -27.27 -19.57
CA ASP K 380 9.09 -27.30 -18.67
C ASP K 380 9.00 -28.65 -17.97
N ASN K 381 9.20 -29.73 -18.73
CA ASN K 381 9.19 -31.08 -18.15
C ASN K 381 10.37 -31.23 -17.16
N LEU K 382 11.55 -30.73 -17.54
CA LEU K 382 12.74 -30.82 -16.69
C LEU K 382 12.48 -30.08 -15.40
N GLN K 383 11.90 -28.88 -15.47
CA GLN K 383 11.66 -28.13 -14.26
C GLN K 383 10.66 -28.82 -13.36
N ARG K 384 9.62 -29.38 -13.95
CA ARG K 384 8.61 -30.07 -13.15
C ARG K 384 9.23 -31.25 -12.42
N VAL K 385 9.99 -31.97 -13.19
CA VAL K 385 10.64 -33.20 -12.77
C VAL K 385 11.77 -32.88 -11.73
N PHE K 386 12.50 -31.78 -11.92
CA PHE K 386 13.57 -31.36 -10.98
C PHE K 386 12.94 -30.87 -9.65
N THR K 387 11.86 -30.12 -9.76
CA THR K 387 11.18 -29.64 -8.57
C THR K 387 10.66 -30.82 -7.74
N VAL K 388 10.13 -31.85 -8.40
CA VAL K 388 9.64 -33.04 -7.67
C VAL K 388 10.81 -33.78 -7.02
N ALA K 389 11.93 -33.87 -7.72
CA ALA K 389 13.11 -34.54 -7.18
C ALA K 389 13.56 -33.80 -5.92
N SER K 390 13.49 -32.48 -5.93
CA SER K 390 13.90 -31.70 -4.78
C SER K 390 12.92 -31.88 -3.62
N ILE K 391 11.65 -32.12 -3.91
CA ILE K 391 10.64 -32.30 -2.86
C ILE K 391 10.92 -33.64 -2.22
N ARG K 392 11.22 -34.63 -3.05
CA ARG K 392 11.53 -35.96 -2.58
C ARG K 392 12.78 -36.02 -1.69
N SER K 393 13.84 -35.31 -2.09
CA SER K 393 15.09 -35.29 -1.32
C SER K 393 15.01 -34.65 0.07
N MET K 394 13.86 -34.11 0.42
CA MET K 394 13.69 -33.47 1.72
C MET K 394 13.44 -34.60 2.71
N LEU K 395 13.00 -35.74 2.20
CA LEU K 395 12.66 -36.88 3.04
C LEU K 395 13.42 -38.15 2.74
N VAL K 396 13.68 -38.37 1.46
CA VAL K 396 14.34 -39.57 0.99
C VAL K 396 15.58 -39.24 0.19
N LYS K 397 16.72 -39.67 0.67
CA LYS K 397 17.97 -39.42 -0.04
C LYS K 397 18.58 -40.75 -0.33
N MET L 1 -3.56 -3.15 -16.99
CA MET L 1 -3.75 -3.57 -18.40
C MET L 1 -5.15 -4.12 -18.72
N ASP L 2 -5.49 -5.29 -18.16
CA ASP L 2 -6.80 -5.87 -18.42
C ASP L 2 -7.83 -4.76 -18.29
N VAL L 3 -7.52 -3.84 -17.38
CA VAL L 3 -8.36 -2.67 -17.12
C VAL L 3 -8.66 -2.13 -18.51
N LEU L 4 -7.64 -1.54 -19.10
CA LEU L 4 -7.73 -0.96 -20.40
C LEU L 4 -8.75 -1.64 -21.29
N TYR L 5 -8.60 -2.95 -21.47
CA TYR L 5 -9.52 -3.68 -22.32
C TYR L 5 -10.96 -3.24 -22.10
N SER L 6 -11.49 -3.58 -20.94
CA SER L 6 -12.87 -3.23 -20.59
C SER L 6 -13.30 -1.86 -21.12
N LEU L 7 -12.55 -0.84 -20.76
CA LEU L 7 -12.81 0.53 -21.16
C LEU L 7 -13.33 0.62 -22.58
N SER L 8 -12.97 -0.37 -23.38
CA SER L 8 -13.40 -0.40 -24.76
C SER L 8 -14.67 -1.19 -25.00
N LYS L 9 -14.63 -2.53 -24.87
CA LYS L 9 -15.82 -3.36 -25.11
C LYS L 9 -16.97 -2.68 -24.37
N THR L 10 -16.59 -1.82 -23.44
CA THR L 10 -17.53 -1.03 -22.68
C THR L 10 -18.17 -0.09 -23.70
N LEU L 11 -17.34 0.75 -24.30
CA LEU L 11 -17.81 1.69 -25.29
C LEU L 11 -18.42 1.08 -26.55
N LYS L 12 -17.75 0.09 -27.16
CA LYS L 12 -18.28 -0.55 -28.39
C LYS L 12 -19.64 -1.16 -28.09
N ASP L 13 -19.66 -2.16 -27.20
CA ASP L 13 -20.90 -2.81 -26.81
C ASP L 13 -21.83 -1.70 -26.27
N ALA L 14 -21.36 -0.45 -26.33
CA ALA L 14 -22.13 0.70 -25.87
C ALA L 14 -22.59 1.55 -27.06
N ARG L 15 -21.64 2.22 -27.71
CA ARG L 15 -21.95 3.05 -28.87
C ARG L 15 -22.70 2.23 -29.92
N ASP L 16 -22.82 0.93 -29.64
CA ASP L 16 -23.51 0.01 -30.54
C ASP L 16 -24.91 -0.39 -30.05
N LYS L 17 -25.06 -0.74 -28.78
CA LYS L 17 -26.37 -1.15 -28.25
C LYS L 17 -27.22 0.01 -27.69
N ILE L 18 -26.89 1.24 -28.09
CA ILE L 18 -27.63 2.39 -27.58
C ILE L 18 -28.08 3.33 -28.69
N VAL L 19 -29.32 3.18 -29.14
CA VAL L 19 -29.83 4.06 -30.20
C VAL L 19 -31.31 4.40 -30.04
N GLU L 20 -31.71 5.49 -30.69
CA GLU L 20 -33.09 5.96 -30.64
C GLU L 20 -34.08 4.79 -30.77
N GLY L 21 -34.67 4.36 -29.65
CA GLY L 21 -35.66 3.29 -29.71
C GLY L 21 -35.60 2.09 -28.76
N THR L 22 -34.65 1.20 -29.02
CA THR L 22 -34.48 -0.04 -28.24
C THR L 22 -35.03 -0.04 -26.82
N LEU L 23 -35.45 -1.23 -26.39
CA LEU L 23 -35.98 -1.40 -25.07
C LEU L 23 -34.85 -1.40 -24.06
N TYR L 24 -35.15 -0.92 -22.87
CA TYR L 24 -34.17 -0.87 -21.80
C TYR L 24 -33.63 -2.28 -21.62
N SER L 25 -34.53 -3.24 -21.51
CA SER L 25 -34.20 -4.64 -21.30
C SER L 25 -33.04 -5.25 -22.09
N ASN L 26 -32.51 -4.55 -23.08
CA ASN L 26 -31.38 -5.07 -23.85
C ASN L 26 -30.09 -4.51 -23.30
N VAL L 27 -30.23 -3.69 -22.27
CA VAL L 27 -29.07 -3.04 -21.71
C VAL L 27 -29.02 -2.98 -20.18
N SER L 28 -30.02 -3.54 -19.49
CA SER L 28 -30.01 -3.49 -18.03
C SER L 28 -28.67 -4.02 -17.52
N ASP L 29 -28.30 -5.22 -17.95
CA ASP L 29 -27.04 -5.83 -17.53
C ASP L 29 -25.87 -4.97 -18.00
N LEU L 30 -26.15 -4.12 -18.98
CA LEU L 30 -25.13 -3.25 -19.53
C LEU L 30 -25.00 -1.92 -18.82
N ILE L 31 -26.09 -1.15 -18.83
CA ILE L 31 -26.10 0.15 -18.17
C ILE L 31 -25.27 0.05 -16.90
N GLN L 32 -25.73 -0.82 -16.00
CA GLN L 32 -25.06 -1.03 -14.73
C GLN L 32 -23.55 -0.98 -14.90
N GLN L 33 -22.98 -2.05 -15.45
CA GLN L 33 -21.54 -2.11 -15.68
C GLN L 33 -20.99 -0.73 -15.97
N PHE L 34 -21.62 -0.05 -16.91
CA PHE L 34 -21.17 1.27 -17.30
C PHE L 34 -20.98 2.21 -16.12
N ASN L 35 -22.09 2.60 -15.52
CA ASN L 35 -22.05 3.50 -14.38
C ASN L 35 -20.89 3.17 -13.46
N GLN L 36 -20.90 1.95 -12.92
CA GLN L 36 -19.84 1.48 -12.03
C GLN L 36 -18.53 2.19 -12.36
N MET L 37 -18.24 2.26 -13.66
CA MET L 37 -17.03 2.89 -14.13
C MET L 37 -16.98 4.35 -13.70
N ILE L 38 -17.82 5.16 -14.32
CA ILE L 38 -17.90 6.58 -14.03
C ILE L 38 -17.49 6.89 -12.60
N ILE L 39 -18.10 6.18 -11.67
CA ILE L 39 -17.81 6.38 -10.25
C ILE L 39 -16.32 6.30 -9.97
N THR L 40 -15.77 5.10 -10.11
CA THR L 40 -14.37 4.85 -9.88
C THR L 40 -13.49 5.97 -10.42
N MET L 41 -13.89 6.53 -11.56
CA MET L 41 -13.14 7.58 -12.24
C MET L 41 -13.13 8.98 -11.65
N ASN L 42 -14.06 9.82 -12.13
CA ASN L 42 -14.12 11.19 -11.72
C ASN L 42 -13.57 11.41 -10.32
N GLY L 43 -12.68 12.38 -10.24
CA GLY L 43 -12.03 12.71 -8.99
C GLY L 43 -10.56 12.56 -9.24
N ASN L 44 -10.20 11.60 -10.09
CA ASN L 44 -8.79 11.35 -10.41
C ASN L 44 -8.39 12.14 -11.66
N GLU L 45 -7.20 12.72 -11.64
CA GLU L 45 -6.68 13.53 -12.74
C GLU L 45 -5.64 12.80 -13.57
N PHE L 46 -5.62 13.07 -14.87
CA PHE L 46 -4.67 12.41 -15.77
C PHE L 46 -3.83 13.26 -16.71
N GLN L 47 -2.69 12.68 -17.09
CA GLN L 47 -1.74 13.33 -17.98
C GLN L 47 -1.27 12.32 -19.02
N THR L 48 -1.31 12.72 -20.28
CA THR L 48 -0.93 11.85 -21.38
C THR L 48 -0.10 12.55 -22.44
N GLY L 49 0.96 11.90 -22.89
CA GLY L 49 1.79 12.48 -23.92
C GLY L 49 3.14 12.96 -23.46
N GLY L 50 3.72 13.86 -24.27
CA GLY L 50 5.02 14.41 -23.97
C GLY L 50 6.07 13.98 -24.98
N ILE L 51 6.50 12.74 -24.87
CA ILE L 51 7.50 12.18 -25.77
C ILE L 51 7.19 12.42 -27.24
N GLY L 52 8.19 12.91 -27.98
CA GLY L 52 8.02 13.18 -29.40
C GLY L 52 7.02 14.29 -29.67
N ASN L 53 6.47 14.30 -30.89
CA ASN L 53 5.48 15.30 -31.27
C ASN L 53 4.08 14.78 -30.94
N LEU L 54 3.82 14.70 -29.64
CA LEU L 54 2.54 14.22 -29.14
C LEU L 54 1.99 15.15 -28.07
N PRO L 55 0.88 15.85 -28.37
CA PRO L 55 0.24 16.79 -27.44
C PRO L 55 0.03 16.21 -26.03
N ILE L 56 0.00 17.08 -25.04
CA ILE L 56 -0.20 16.67 -23.66
C ILE L 56 -1.51 17.23 -23.15
N ARG L 57 -2.59 16.49 -23.37
CA ARG L 57 -3.91 16.93 -22.93
C ARG L 57 -4.17 16.42 -21.51
N ASN L 58 -4.69 17.29 -20.63
CA ASN L 58 -5.00 16.92 -19.24
C ASN L 58 -6.49 16.60 -19.13
N TRP L 59 -6.84 15.56 -18.37
CA TRP L 59 -8.24 15.15 -18.25
C TRP L 59 -8.83 15.05 -16.85
N ASN L 60 -9.97 15.71 -16.66
CA ASN L 60 -10.71 15.71 -15.39
C ASN L 60 -12.01 14.96 -15.63
N PHE L 61 -12.61 14.46 -14.55
CA PHE L 61 -13.86 13.71 -14.66
C PHE L 61 -14.84 14.10 -13.55
N ASP L 62 -16.13 13.97 -13.84
CA ASP L 62 -17.20 14.26 -12.88
C ASP L 62 -18.51 14.26 -13.66
N PHE L 63 -18.80 13.11 -14.26
CA PHE L 63 -20.00 13.00 -15.06
C PHE L 63 -21.15 12.30 -14.36
N GLY L 64 -22.32 12.94 -14.42
CA GLY L 64 -23.51 12.38 -13.79
C GLY L 64 -23.80 11.02 -14.40
N LEU L 65 -24.56 10.18 -13.70
CA LEU L 65 -24.86 8.84 -14.20
C LEU L 65 -25.97 8.75 -15.25
N LEU L 66 -26.76 7.68 -15.19
CA LEU L 66 -27.84 7.48 -16.16
C LEU L 66 -29.23 7.36 -15.58
N GLY L 67 -30.09 6.72 -16.36
CA GLY L 67 -31.46 6.52 -15.93
C GLY L 67 -31.79 5.07 -16.12
N THR L 68 -32.61 4.54 -15.21
CA THR L 68 -33.04 3.17 -15.29
C THR L 68 -34.55 3.27 -15.44
N THR L 69 -34.99 4.51 -15.62
CA THR L 69 -36.40 4.84 -15.77
C THR L 69 -37.00 4.32 -17.07
N LEU L 70 -37.03 5.18 -18.09
CA LEU L 70 -37.59 4.83 -19.40
C LEU L 70 -37.28 3.42 -19.91
N LEU L 71 -38.32 2.63 -20.17
CA LEU L 71 -38.14 1.27 -20.68
C LEU L 71 -38.47 1.31 -22.19
N ASN L 72 -37.91 2.32 -22.85
CA ASN L 72 -38.05 2.59 -24.27
C ASN L 72 -37.33 3.89 -24.56
N LEU L 73 -36.05 3.79 -24.91
CA LEU L 73 -35.16 4.92 -25.19
C LEU L 73 -35.66 6.06 -26.08
N ASP L 74 -35.62 7.29 -25.57
CA ASP L 74 -36.03 8.44 -26.36
C ASP L 74 -34.78 9.13 -26.87
N ALA L 75 -34.82 9.60 -28.11
CA ALA L 75 -33.69 10.27 -28.73
C ALA L 75 -32.91 11.10 -27.71
N ASN L 76 -33.62 11.98 -27.01
CA ASN L 76 -33.01 12.83 -26.01
C ASN L 76 -32.05 12.09 -25.08
N TYR L 77 -32.35 10.82 -24.81
CA TYR L 77 -31.51 10.01 -23.93
C TYR L 77 -30.15 9.76 -24.56
N VAL L 78 -30.17 9.42 -25.85
CA VAL L 78 -28.95 9.13 -26.58
C VAL L 78 -27.99 10.31 -26.51
N GLU L 79 -28.31 11.39 -27.22
CA GLU L 79 -27.47 12.59 -27.26
C GLU L 79 -26.81 13.00 -25.95
N THR L 80 -27.55 12.93 -24.85
CA THR L 80 -26.99 13.31 -23.54
C THR L 80 -25.99 12.25 -23.09
N ALA L 81 -25.91 11.18 -23.85
CA ALA L 81 -25.00 10.09 -23.57
C ALA L 81 -23.80 10.15 -24.52
N ARG L 82 -24.08 10.19 -25.82
CA ARG L 82 -23.03 10.26 -26.83
C ARG L 82 -22.03 11.36 -26.48
N ASN L 83 -22.55 12.47 -25.96
CA ASN L 83 -21.72 13.60 -25.59
C ASN L 83 -20.76 13.24 -24.46
N THR L 84 -21.13 12.25 -23.67
CA THR L 84 -20.29 11.83 -22.57
C THR L 84 -19.34 10.74 -23.01
N ILE L 85 -19.69 10.03 -24.08
CA ILE L 85 -18.84 8.98 -24.58
C ILE L 85 -17.69 9.60 -25.38
N ASP L 86 -18.02 10.59 -26.18
CA ASP L 86 -17.03 11.25 -27.02
C ASP L 86 -15.87 11.89 -26.26
N TYR L 87 -15.91 11.82 -24.93
CA TYR L 87 -14.80 12.38 -24.15
C TYR L 87 -13.92 11.18 -23.81
N PHE L 88 -14.55 10.01 -23.70
CA PHE L 88 -13.83 8.78 -23.39
C PHE L 88 -13.15 8.26 -24.64
N VAL L 89 -13.83 8.45 -25.76
CA VAL L 89 -13.25 8.04 -27.02
C VAL L 89 -11.96 8.85 -27.14
N ASP L 90 -12.10 10.14 -27.49
CA ASP L 90 -10.96 11.06 -27.66
C ASP L 90 -9.94 10.93 -26.54
N PHE L 91 -10.34 10.24 -25.47
CA PHE L 91 -9.47 10.03 -24.35
C PHE L 91 -8.62 8.80 -24.64
N VAL L 92 -9.28 7.64 -24.57
CA VAL L 92 -8.62 6.38 -24.81
C VAL L 92 -7.59 6.45 -25.94
N ASP L 93 -7.95 7.10 -27.04
CA ASP L 93 -7.05 7.26 -28.20
C ASP L 93 -5.74 7.79 -27.61
N ASN L 94 -5.82 8.97 -27.00
CA ASN L 94 -4.66 9.63 -26.39
C ASN L 94 -4.00 8.76 -25.31
N VAL L 95 -4.69 7.70 -24.88
CA VAL L 95 -4.13 6.82 -23.86
C VAL L 95 -3.36 5.70 -24.51
N CYS L 96 -4.01 5.02 -25.46
CA CYS L 96 -3.35 3.95 -26.17
C CYS L 96 -2.04 4.46 -26.72
N MET L 97 -2.15 5.45 -27.59
CA MET L 97 -1.00 6.05 -28.23
C MET L 97 0.18 6.31 -27.27
N ASP L 98 -0.10 6.85 -26.09
CA ASP L 98 0.96 7.16 -25.11
C ASP L 98 1.78 5.95 -24.65
N GLU L 99 1.14 4.80 -24.44
CA GLU L 99 1.83 3.60 -24.00
C GLU L 99 2.18 2.72 -25.20
N MET L 100 1.91 3.23 -26.40
CA MET L 100 2.20 2.51 -27.62
C MET L 100 3.47 3.02 -28.23
N VAL L 101 4.37 3.54 -27.41
CA VAL L 101 5.62 4.06 -27.92
C VAL L 101 6.77 3.82 -26.96
N ARG L 102 6.48 3.86 -25.66
CA ARG L 102 7.51 3.65 -24.66
C ARG L 102 7.97 2.19 -24.61
N GLU L 103 9.28 1.99 -24.64
CA GLU L 103 9.89 0.67 -24.63
C GLU L 103 10.83 0.56 -23.42
N SER L 104 11.08 -0.66 -22.95
CA SER L 104 11.96 -0.86 -21.79
C SER L 104 12.73 -2.17 -21.84
N GLN L 105 14.05 -2.09 -21.77
CA GLN L 105 14.92 -3.27 -21.81
C GLN L 105 14.69 -4.20 -20.62
N ARG L 106 15.09 -3.74 -19.43
CA ARG L 106 14.97 -4.49 -18.19
C ARG L 106 13.63 -5.25 -18.09
N ASN L 107 12.59 -4.54 -17.66
CA ASN L 107 11.27 -5.15 -17.52
C ASN L 107 10.33 -4.45 -18.49
N GLY L 108 10.67 -4.51 -19.78
CA GLY L 108 9.84 -3.86 -20.78
C GLY L 108 8.72 -4.74 -21.30
N ILE L 109 8.00 -5.35 -20.37
CA ILE L 109 6.90 -6.24 -20.70
C ILE L 109 5.64 -5.76 -19.98
N ALA L 110 5.84 -4.94 -18.95
CA ALA L 110 4.75 -4.39 -18.16
C ALA L 110 4.43 -2.96 -18.61
N PRO L 111 3.61 -2.23 -17.83
CA PRO L 111 3.22 -0.84 -18.14
C PRO L 111 4.35 0.17 -17.96
N GLN L 112 4.34 1.24 -18.76
CA GLN L 112 5.38 2.27 -18.69
C GLN L 112 4.87 3.68 -18.38
N SER L 113 3.90 4.14 -19.18
CA SER L 113 3.31 5.49 -19.07
C SER L 113 2.70 5.89 -17.73
N ASP L 114 2.79 7.20 -17.44
CA ASP L 114 2.25 7.76 -16.21
C ASP L 114 0.73 7.64 -16.25
N SER L 115 0.22 7.26 -17.41
CA SER L 115 -1.20 7.09 -17.60
C SER L 115 -1.58 5.68 -17.16
N LEU L 116 -0.88 4.69 -17.70
CA LEU L 116 -1.18 3.31 -17.36
C LEU L 116 -0.66 2.83 -16.01
N ARG L 117 0.57 3.21 -15.65
CA ARG L 117 1.13 2.79 -14.36
C ARG L 117 0.09 3.04 -13.26
N LYS L 118 -0.81 4.01 -13.51
CA LYS L 118 -1.84 4.37 -12.52
C LYS L 118 -3.10 3.52 -12.70
N LEU L 119 -3.24 2.91 -13.87
CA LEU L 119 -4.40 2.07 -14.16
C LEU L 119 -4.31 0.70 -13.52
N SER L 120 -3.12 0.12 -13.55
CA SER L 120 -2.93 -1.20 -12.95
C SER L 120 -3.20 -1.09 -11.45
N GLY L 121 -3.35 0.14 -10.97
CA GLY L 121 -3.63 0.37 -9.55
C GLY L 121 -4.78 -0.53 -9.15
N LEU L 122 -4.92 -0.81 -7.85
CA LEU L 122 -5.97 -1.70 -7.39
C LEU L 122 -7.38 -1.12 -7.39
N LYS L 123 -7.51 0.12 -6.91
CA LYS L 123 -8.81 0.77 -6.84
C LYS L 123 -9.56 0.85 -8.18
N PHE L 124 -8.91 0.42 -9.25
CA PHE L 124 -9.52 0.48 -10.58
C PHE L 124 -10.08 -0.84 -11.06
N LYS L 125 -9.43 -1.92 -10.66
CA LYS L 125 -9.83 -3.26 -11.08
C LYS L 125 -11.34 -3.48 -11.12
N ARG L 126 -12.10 -2.70 -10.35
CA ARG L 126 -13.57 -2.83 -10.30
C ARG L 126 -14.28 -2.73 -11.64
N ILE L 127 -13.61 -3.00 -12.75
CA ILE L 127 -14.26 -2.85 -14.05
C ILE L 127 -14.24 -4.05 -15.00
N ASN L 128 -13.05 -4.61 -15.18
CA ASN L 128 -12.80 -5.77 -16.04
C ASN L 128 -14.02 -6.60 -16.43
N PHE L 129 -14.17 -6.90 -17.72
CA PHE L 129 -15.28 -7.73 -18.21
C PHE L 129 -15.22 -8.10 -19.71
N ASP L 130 -16.13 -8.97 -20.13
CA ASP L 130 -16.23 -9.48 -21.52
C ASP L 130 -14.90 -9.56 -22.27
N ASN L 131 -14.05 -10.50 -21.87
CA ASN L 131 -12.74 -10.72 -22.49
C ASN L 131 -12.82 -11.72 -23.63
N SER L 132 -13.69 -11.47 -24.61
CA SER L 132 -13.82 -12.38 -25.72
C SER L 132 -13.01 -11.97 -26.96
N SER L 133 -12.34 -10.82 -26.88
CA SER L 133 -11.54 -10.31 -28.00
C SER L 133 -10.24 -11.11 -28.11
N GLU L 134 -10.23 -12.03 -29.06
CA GLU L 134 -9.11 -12.92 -29.34
C GLU L 134 -7.78 -12.54 -28.68
N TYR L 135 -7.41 -11.27 -28.72
CA TYR L 135 -6.14 -10.84 -28.13
C TYR L 135 -6.03 -10.78 -26.62
N ILE L 136 -7.07 -10.29 -25.98
CA ILE L 136 -7.04 -10.23 -24.53
C ILE L 136 -7.14 -11.68 -24.06
N GLU L 137 -8.02 -12.46 -24.70
CA GLU L 137 -8.22 -13.87 -24.37
C GLU L 137 -6.83 -14.49 -24.21
N ASN L 138 -5.92 -14.09 -25.09
CA ASN L 138 -4.57 -14.62 -25.06
C ASN L 138 -3.66 -13.88 -24.11
N TRP L 139 -3.91 -12.60 -23.86
CA TRP L 139 -3.04 -11.91 -22.92
C TRP L 139 -3.14 -12.60 -21.56
N ASN L 140 -4.35 -12.73 -21.05
CA ASN L 140 -4.56 -13.37 -19.75
C ASN L 140 -3.85 -14.71 -19.63
N LEU L 141 -4.26 -15.68 -20.44
CA LEU L 141 -3.69 -17.03 -20.42
C LEU L 141 -2.17 -17.04 -20.36
N GLN L 142 -1.56 -15.95 -20.80
CA GLN L 142 -0.10 -15.84 -20.80
C GLN L 142 0.37 -15.39 -19.42
N ASN L 143 -0.45 -14.60 -18.75
CA ASN L 143 -0.13 -14.10 -17.42
C ASN L 143 -0.04 -15.27 -16.43
N ARG L 144 -1.02 -16.17 -16.51
CA ARG L 144 -1.08 -17.34 -15.62
C ARG L 144 -0.10 -18.42 -16.07
N ARG L 145 -0.01 -18.62 -17.38
CA ARG L 145 0.84 -19.63 -18.01
C ARG L 145 0.06 -20.78 -18.60
N GLN L 146 0.02 -20.84 -19.93
CA GLN L 146 -0.68 -21.90 -20.66
C GLN L 146 -0.54 -21.76 -22.18
N ARG L 147 -0.81 -22.86 -22.89
CA ARG L 147 -0.71 -22.88 -24.34
C ARG L 147 -1.59 -21.80 -24.95
N THR L 148 -0.98 -20.64 -25.16
CA THR L 148 -1.61 -19.46 -25.74
C THR L 148 -2.12 -19.74 -27.16
N GLY L 149 -1.62 -18.98 -28.15
CA GLY L 149 -2.02 -19.20 -29.54
C GLY L 149 -2.86 -18.17 -30.30
N PHE L 150 -2.45 -17.90 -31.54
CA PHE L 150 -3.16 -16.96 -32.43
C PHE L 150 -3.38 -17.59 -33.79
N THR L 151 -4.17 -16.94 -34.64
CA THR L 151 -4.45 -17.46 -35.97
C THR L 151 -3.98 -16.47 -37.04
N PHE L 152 -3.27 -16.97 -38.06
CA PHE L 152 -2.72 -16.12 -39.13
C PHE L 152 -2.88 -16.63 -40.56
N HIS L 153 -3.12 -15.69 -41.48
CA HIS L 153 -3.25 -15.98 -42.91
C HIS L 153 -1.92 -15.49 -43.47
N LYS L 154 -1.35 -16.20 -44.45
CA LYS L 154 -0.04 -15.85 -45.03
C LYS L 154 0.85 -15.13 -43.99
N PRO L 155 1.16 -15.80 -42.85
CA PRO L 155 1.99 -15.30 -41.74
C PRO L 155 3.32 -14.69 -42.19
N ASN L 156 4.00 -13.91 -41.36
CA ASN L 156 5.23 -13.29 -41.86
C ASN L 156 6.39 -13.81 -41.00
N ILE L 157 6.80 -15.04 -41.27
CA ILE L 157 7.82 -15.72 -40.50
C ILE L 157 9.21 -15.67 -41.08
N PHE L 158 9.33 -15.50 -42.40
CA PHE L 158 10.64 -15.45 -43.03
C PHE L 158 11.21 -14.06 -43.26
N PRO L 159 12.34 -13.73 -42.62
CA PRO L 159 12.88 -12.40 -42.86
C PRO L 159 13.29 -12.40 -44.33
N TYR L 160 13.21 -11.26 -44.98
CA TYR L 160 13.57 -11.19 -46.39
C TYR L 160 14.99 -11.68 -46.57
N SER L 161 15.19 -12.58 -47.52
CA SER L 161 16.51 -13.10 -47.83
C SER L 161 16.47 -13.51 -49.28
N ALA L 162 17.30 -12.90 -50.10
CA ALA L 162 17.36 -13.25 -51.50
C ALA L 162 18.84 -13.40 -51.83
N SER L 163 19.30 -14.62 -52.09
CA SER L 163 20.71 -14.83 -52.36
C SER L 163 20.97 -16.12 -53.15
N PHE L 164 22.25 -16.51 -53.24
CA PHE L 164 22.63 -17.73 -53.95
C PHE L 164 23.88 -18.32 -53.30
N THR L 165 24.18 -19.55 -53.65
CA THR L 165 25.36 -20.22 -53.14
C THR L 165 25.88 -21.01 -54.30
N LEU L 166 27.09 -20.70 -54.73
CA LEU L 166 27.72 -21.42 -55.82
C LEU L 166 28.56 -22.57 -55.28
N ASN L 167 28.11 -23.79 -55.51
CA ASN L 167 28.82 -24.95 -55.04
C ASN L 167 29.99 -25.34 -55.95
N ARG L 168 29.90 -24.93 -57.21
CA ARG L 168 30.97 -25.14 -58.20
C ARG L 168 30.96 -23.86 -59.01
N SER L 169 32.10 -23.19 -59.08
CA SER L 169 32.21 -21.96 -59.84
C SER L 169 33.63 -21.80 -60.25
N GLN L 170 33.85 -20.87 -61.16
CA GLN L 170 35.18 -20.57 -61.65
C GLN L 170 35.08 -19.12 -62.11
N PRO L 171 36.22 -18.43 -62.23
CA PRO L 171 36.26 -17.03 -62.65
C PRO L 171 35.33 -16.62 -63.80
N ALA L 172 35.31 -17.40 -64.88
CA ALA L 172 34.46 -17.08 -66.02
C ALA L 172 32.94 -17.26 -65.75
N HIS L 173 32.60 -18.00 -64.69
CA HIS L 173 31.23 -18.28 -64.32
C HIS L 173 30.48 -18.84 -65.52
N ASP L 174 31.10 -19.80 -66.19
CA ASP L 174 30.52 -20.43 -67.37
C ASP L 174 30.10 -21.88 -67.13
N ASN L 175 30.35 -22.38 -65.92
CA ASN L 175 29.96 -23.74 -65.55
C ASN L 175 29.73 -23.82 -64.04
N LEU L 176 28.64 -23.19 -63.60
CA LEU L 176 28.26 -23.11 -62.20
C LEU L 176 27.29 -24.18 -61.78
N MET L 177 27.23 -24.40 -60.48
CA MET L 177 26.31 -25.35 -59.88
C MET L 177 26.03 -24.80 -58.47
N GLY L 178 24.75 -24.70 -58.11
CA GLY L 178 24.41 -24.18 -56.80
C GLY L 178 22.93 -23.90 -56.68
N THR L 179 22.56 -23.07 -55.72
CA THR L 179 21.17 -22.73 -55.53
C THR L 179 21.00 -21.24 -55.33
N MET L 180 19.80 -20.76 -55.63
CA MET L 180 19.45 -19.35 -55.43
C MET L 180 18.03 -19.40 -54.86
N TRP L 181 17.70 -18.43 -54.02
CA TRP L 181 16.40 -18.46 -53.37
C TRP L 181 15.89 -17.09 -52.98
N LEU L 182 14.64 -17.09 -52.55
CA LEU L 182 13.95 -15.91 -51.99
C LEU L 182 13.07 -16.45 -50.86
N ASN L 183 13.43 -16.08 -49.66
CA ASN L 183 12.62 -16.37 -48.47
C ASN L 183 12.02 -15.04 -48.04
N ALA L 184 10.72 -14.94 -48.00
CA ALA L 184 10.09 -13.67 -47.61
C ALA L 184 8.66 -13.90 -47.17
N GLY L 185 8.34 -13.41 -45.98
CA GLY L 185 6.98 -13.55 -45.48
C GLY L 185 6.63 -14.98 -45.17
N SER L 186 5.68 -15.51 -45.93
CA SER L 186 5.24 -16.87 -45.73
C SER L 186 5.68 -17.73 -46.92
N GLU L 187 6.52 -17.20 -47.79
CA GLU L 187 6.92 -17.95 -48.97
C GLU L 187 8.40 -18.20 -49.17
N ILE L 188 8.68 -19.35 -49.80
CA ILE L 188 10.04 -19.74 -50.12
C ILE L 188 10.03 -20.20 -51.57
N GLN L 189 11.00 -19.73 -52.35
CA GLN L 189 11.17 -20.23 -53.73
C GLN L 189 12.66 -20.53 -53.77
N VAL L 190 13.01 -21.70 -54.26
CA VAL L 190 14.41 -22.07 -54.34
C VAL L 190 14.65 -22.86 -55.61
N ALA L 191 15.75 -22.56 -56.29
CA ALA L 191 16.12 -23.24 -57.52
C ALA L 191 17.52 -23.79 -57.37
N GLY L 192 17.73 -24.96 -57.96
CA GLY L 192 19.03 -25.59 -57.99
C GLY L 192 19.40 -25.60 -59.47
N PHE L 193 20.58 -25.14 -59.81
CA PHE L 193 21.05 -25.10 -61.19
C PHE L 193 22.40 -25.83 -61.35
N ASP L 194 22.59 -26.43 -62.51
CA ASP L 194 23.82 -27.15 -62.83
C ASP L 194 24.06 -26.89 -64.32
N TYR L 195 24.98 -25.99 -64.63
CA TYR L 195 25.27 -25.65 -66.03
C TYR L 195 25.63 -26.87 -66.88
N SER L 196 26.26 -27.88 -66.26
CA SER L 196 26.68 -29.08 -66.96
C SER L 196 25.58 -30.14 -67.16
N CYS L 197 24.40 -29.89 -66.60
CA CYS L 197 23.27 -30.83 -66.67
C CYS L 197 23.67 -32.23 -66.19
N ALA L 198 24.44 -32.23 -65.10
CA ALA L 198 24.91 -33.47 -64.47
C ALA L 198 25.62 -34.44 -65.42
N ILE L 199 26.30 -33.90 -66.45
CA ILE L 199 27.03 -34.71 -67.45
C ILE L 199 28.10 -35.64 -66.84
N ASN L 200 28.79 -35.16 -65.81
CA ASN L 200 29.84 -35.93 -65.12
C ASN L 200 29.43 -36.28 -63.69
N ALA L 201 28.15 -36.13 -63.35
CA ALA L 201 27.70 -36.43 -62.01
C ALA L 201 27.29 -37.90 -61.84
N PRO L 202 27.54 -38.47 -60.65
CA PRO L 202 27.20 -39.86 -60.34
C PRO L 202 25.71 -40.08 -60.59
N ALA L 203 25.39 -41.08 -61.41
CA ALA L 203 24.02 -41.40 -61.77
C ALA L 203 23.38 -40.25 -62.56
N ASN L 204 24.22 -39.34 -63.07
CA ASN L 204 23.77 -38.17 -63.83
C ASN L 204 22.70 -37.40 -63.06
N THR L 205 22.91 -37.32 -61.74
CA THR L 205 21.98 -36.65 -60.86
C THR L 205 22.74 -35.70 -59.93
N GLN L 206 22.27 -34.45 -59.83
CA GLN L 206 22.88 -33.47 -58.95
C GLN L 206 21.89 -33.24 -57.82
N GLN L 207 22.33 -33.38 -56.58
CA GLN L 207 21.47 -33.17 -55.42
C GLN L 207 21.48 -31.72 -54.99
N PHE L 208 20.33 -31.21 -54.54
CA PHE L 208 20.20 -29.86 -54.02
C PHE L 208 19.49 -29.91 -52.69
N GLU L 209 19.63 -28.85 -51.92
CA GLU L 209 18.99 -28.82 -50.64
C GLU L 209 18.85 -27.36 -50.21
N HIS L 210 17.74 -27.03 -49.55
CA HIS L 210 17.54 -25.68 -49.06
C HIS L 210 16.94 -25.83 -47.67
N ILE L 211 17.60 -25.23 -46.68
CA ILE L 211 17.12 -25.29 -45.30
C ILE L 211 16.75 -23.91 -44.79
N VAL L 212 15.60 -23.79 -44.15
CA VAL L 212 15.14 -22.53 -43.63
C VAL L 212 14.76 -22.73 -42.17
N GLN L 213 15.40 -21.97 -41.29
CA GLN L 213 15.15 -22.06 -39.87
C GLN L 213 14.24 -20.96 -39.37
N LEU L 214 13.05 -21.31 -38.90
CA LEU L 214 12.11 -20.31 -38.42
C LEU L 214 12.57 -19.78 -37.08
N ARG L 215 12.27 -18.52 -36.79
CA ARG L 215 12.66 -17.92 -35.52
C ARG L 215 11.66 -18.30 -34.44
N ARG L 216 10.50 -18.81 -34.86
CA ARG L 216 9.47 -19.25 -33.92
C ARG L 216 8.84 -20.49 -34.55
N VAL L 217 8.36 -21.39 -33.70
CA VAL L 217 7.70 -22.60 -34.17
C VAL L 217 6.32 -22.25 -34.71
N LEU L 218 5.95 -22.90 -35.80
CA LEU L 218 4.63 -22.72 -36.33
C LEU L 218 3.96 -24.06 -36.16
N THR L 219 2.70 -24.04 -35.76
CA THR L 219 1.94 -25.26 -35.62
C THR L 219 0.70 -25.16 -36.53
N THR L 220 0.07 -26.30 -36.79
CA THR L 220 -1.15 -26.36 -37.59
C THR L 220 -1.10 -25.53 -38.90
N ALA L 221 0.03 -25.61 -39.61
CA ALA L 221 0.25 -24.92 -40.87
C ALA L 221 -0.34 -25.66 -42.09
N THR L 222 -1.10 -24.91 -42.87
CA THR L 222 -1.64 -25.39 -44.16
C THR L 222 -0.73 -24.82 -45.21
N ILE L 223 -0.10 -25.69 -45.96
CA ILE L 223 0.94 -25.26 -46.90
C ILE L 223 0.72 -25.72 -48.35
N THR L 224 1.06 -24.85 -49.30
CA THR L 224 0.97 -25.15 -50.73
C THR L 224 2.41 -25.40 -51.17
N LEU L 225 2.66 -26.54 -51.80
CA LEU L 225 3.99 -26.88 -52.29
C LEU L 225 3.80 -27.15 -53.76
N LEU L 226 4.57 -26.49 -54.59
CA LEU L 226 4.47 -26.66 -56.03
C LEU L 226 5.84 -26.83 -56.63
N PRO L 227 5.95 -27.59 -57.72
CA PRO L 227 7.26 -27.76 -58.34
C PRO L 227 7.53 -26.49 -59.12
N ASP L 228 8.81 -26.19 -59.36
CA ASP L 228 9.28 -25.03 -60.11
C ASP L 228 9.37 -23.77 -59.29
N ALA L 229 10.34 -22.92 -59.61
CA ALA L 229 10.54 -21.64 -58.95
C ALA L 229 10.49 -20.64 -60.10
N GLU L 230 9.30 -20.10 -60.38
CA GLU L 230 9.13 -19.15 -61.47
C GLU L 230 10.06 -17.96 -61.37
N ARG L 231 10.30 -17.52 -60.15
CA ARG L 231 11.19 -16.39 -59.90
C ARG L 231 12.62 -16.62 -60.44
N PHE L 232 13.03 -17.87 -60.56
CA PHE L 232 14.37 -18.19 -61.03
C PHE L 232 14.31 -19.00 -62.32
N SER L 233 13.32 -18.70 -63.15
CA SER L 233 13.17 -19.42 -64.40
C SER L 233 13.46 -18.55 -65.59
N PHE L 234 13.94 -17.36 -65.35
CA PHE L 234 14.26 -16.47 -66.45
C PHE L 234 15.74 -16.02 -66.46
N PRO L 235 16.24 -15.55 -67.61
CA PRO L 235 17.62 -15.09 -67.78
C PRO L 235 17.97 -13.96 -66.86
N ARG L 236 19.13 -14.07 -66.24
CA ARG L 236 19.57 -13.05 -65.32
C ARG L 236 21.07 -12.81 -65.47
N VAL L 237 21.42 -11.60 -65.12
CA VAL L 237 22.79 -11.16 -65.00
C VAL L 237 22.92 -10.82 -63.53
N ILE L 238 23.76 -11.56 -62.86
CA ILE L 238 23.88 -11.46 -61.40
C ILE L 238 25.27 -11.03 -60.94
N ASN L 239 25.36 -10.40 -59.78
CA ASN L 239 26.66 -10.00 -59.27
C ASN L 239 27.33 -11.24 -58.70
N SER L 240 28.65 -11.31 -58.84
CA SER L 240 29.42 -12.43 -58.32
C SER L 240 29.41 -12.35 -56.80
N ALA L 241 29.74 -13.45 -56.13
CA ALA L 241 29.78 -13.47 -54.68
C ALA L 241 30.62 -12.35 -54.06
N ASP L 242 31.76 -12.04 -54.67
CA ASP L 242 32.67 -10.99 -54.17
C ASP L 242 32.36 -9.58 -54.69
N GLY L 243 31.31 -9.47 -55.50
CA GLY L 243 30.90 -8.20 -56.05
C GLY L 243 31.82 -7.63 -57.12
N ALA L 244 32.86 -8.38 -57.49
CA ALA L 244 33.82 -7.90 -58.49
C ALA L 244 33.38 -7.99 -59.95
N THR L 245 32.39 -8.82 -60.27
CA THR L 245 31.93 -8.95 -61.65
C THR L 245 30.48 -9.47 -61.71
N THR L 246 30.00 -9.78 -62.91
CA THR L 246 28.65 -10.29 -63.10
C THR L 246 28.65 -11.55 -63.96
N TRP L 247 27.79 -12.50 -63.59
CA TRP L 247 27.64 -13.76 -64.32
C TRP L 247 26.29 -13.85 -65.01
N TYR L 248 26.19 -14.74 -65.98
CA TYR L 248 24.97 -14.92 -66.75
C TYR L 248 24.26 -16.24 -66.40
N PHE L 249 22.96 -16.14 -66.12
CA PHE L 249 22.15 -17.31 -65.79
C PHE L 249 21.09 -17.38 -66.89
N ASN L 250 21.09 -18.48 -67.61
CA ASN L 250 20.18 -18.69 -68.72
C ASN L 250 19.45 -20.03 -68.49
N PRO L 251 18.47 -20.08 -67.56
CA PRO L 251 17.80 -21.33 -67.20
C PRO L 251 16.89 -21.92 -68.25
N VAL L 252 16.84 -23.24 -68.17
CA VAL L 252 15.91 -24.13 -68.87
C VAL L 252 15.44 -25.07 -67.76
N ILE L 253 14.14 -25.19 -67.60
CA ILE L 253 13.58 -25.89 -66.44
C ILE L 253 13.19 -27.35 -66.67
N LEU L 254 13.56 -28.19 -65.71
CA LEU L 254 13.24 -29.62 -65.74
C LEU L 254 12.49 -29.90 -64.43
N ARG L 255 11.73 -30.99 -64.38
CA ARG L 255 10.99 -31.28 -63.17
C ARG L 255 11.91 -31.69 -62.05
N PRO L 256 11.65 -31.16 -60.86
CA PRO L 256 12.52 -31.54 -59.75
C PRO L 256 12.30 -33.04 -59.47
N ASN L 257 13.40 -33.76 -59.34
CA ASN L 257 13.43 -35.20 -59.10
C ASN L 257 13.65 -35.53 -57.62
N ASN L 258 12.95 -36.55 -57.11
CA ASN L 258 13.05 -36.99 -55.70
C ASN L 258 12.87 -35.89 -54.68
N VAL L 259 11.80 -35.13 -54.86
CA VAL L 259 11.49 -34.04 -53.97
C VAL L 259 11.12 -34.59 -52.59
N GLU L 260 11.73 -34.04 -51.57
CA GLU L 260 11.43 -34.43 -50.21
C GLU L 260 11.41 -33.20 -49.31
N VAL L 261 10.27 -32.94 -48.68
CA VAL L 261 10.15 -31.80 -47.80
C VAL L 261 10.06 -32.33 -46.39
N GLU L 262 10.90 -31.81 -45.51
CA GLU L 262 10.83 -32.21 -44.13
C GLU L 262 10.59 -31.01 -43.26
N PHE L 263 9.65 -31.16 -42.34
CA PHE L 263 9.31 -30.12 -41.38
C PHE L 263 9.84 -30.71 -40.10
N LEU L 264 10.90 -30.10 -39.59
CA LEU L 264 11.54 -30.60 -38.39
C LEU L 264 11.29 -29.73 -37.19
N LEU L 265 11.40 -30.34 -36.02
CA LEU L 265 11.23 -29.64 -34.76
C LEU L 265 12.40 -30.10 -33.92
N ASN L 266 13.28 -29.17 -33.55
CA ASN L 266 14.45 -29.51 -32.73
C ASN L 266 15.26 -30.66 -33.33
N GLY L 267 15.42 -30.66 -34.66
CA GLY L 267 16.19 -31.68 -35.32
C GLY L 267 15.45 -32.95 -35.66
N GLN L 268 14.24 -33.09 -35.15
CA GLN L 268 13.44 -34.28 -35.42
C GLN L 268 12.46 -34.06 -36.56
N ILE L 269 12.31 -35.05 -37.43
CA ILE L 269 11.35 -34.96 -38.52
C ILE L 269 9.95 -35.13 -37.92
N ILE L 270 9.10 -34.14 -38.09
CA ILE L 270 7.75 -34.22 -37.58
C ILE L 270 6.87 -34.59 -38.77
N ASN L 271 7.11 -33.96 -39.91
CA ASN L 271 6.35 -34.29 -41.12
C ASN L 271 7.31 -34.42 -42.28
N THR L 272 7.05 -35.38 -43.15
CA THR L 272 7.87 -35.56 -44.33
C THR L 272 6.96 -35.92 -45.49
N TYR L 273 7.22 -35.28 -46.63
CA TYR L 273 6.43 -35.49 -47.84
C TYR L 273 7.37 -35.73 -49.02
N GLN L 274 7.11 -36.80 -49.74
CA GLN L 274 7.94 -37.18 -50.88
C GLN L 274 7.20 -36.87 -52.13
N ALA L 275 7.68 -35.89 -52.86
CA ALA L 275 7.09 -35.52 -54.14
C ALA L 275 5.59 -35.26 -54.11
N ARG L 276 5.09 -34.69 -53.02
CA ARG L 276 3.68 -34.42 -52.95
C ARG L 276 3.41 -32.94 -53.14
N PHE L 277 2.87 -32.58 -54.30
CA PHE L 277 2.58 -31.18 -54.61
C PHE L 277 1.10 -30.90 -54.37
N GLY L 278 0.79 -29.67 -54.00
CA GLY L 278 -0.60 -29.32 -53.70
C GLY L 278 -0.64 -28.88 -52.26
N THR L 279 -1.68 -29.28 -51.54
CA THR L 279 -1.84 -28.88 -50.15
C THR L 279 -1.39 -29.95 -49.16
N ILE L 280 -0.46 -29.59 -48.28
CA ILE L 280 0.08 -30.49 -47.26
C ILE L 280 0.02 -29.79 -45.89
N ILE L 281 -0.08 -30.59 -44.83
CA ILE L 281 -0.13 -30.07 -43.46
C ILE L 281 1.19 -30.31 -42.69
N ALA L 282 1.71 -29.28 -42.03
CA ALA L 282 2.91 -29.39 -41.23
C ALA L 282 2.40 -29.01 -39.84
N ARG L 283 2.31 -29.97 -38.95
CA ARG L 283 1.62 -29.70 -37.67
C ARG L 283 2.45 -29.02 -36.56
N ASN L 284 3.75 -29.02 -36.64
CA ASN L 284 4.59 -28.43 -35.57
C ASN L 284 6.04 -28.47 -36.04
N PHE L 285 6.62 -27.32 -36.33
CA PHE L 285 8.00 -27.31 -36.84
C PHE L 285 8.67 -25.98 -36.65
N ASP L 286 10.01 -26.00 -36.59
CA ASP L 286 10.81 -24.79 -36.45
C ASP L 286 11.80 -24.74 -37.60
N THR L 287 11.75 -25.73 -38.48
CA THR L 287 12.67 -25.79 -39.60
C THR L 287 12.03 -26.49 -40.79
N ILE L 288 12.34 -26.00 -41.99
CA ILE L 288 11.86 -26.62 -43.21
C ILE L 288 13.11 -26.99 -44.00
N ARG L 289 13.13 -28.20 -44.52
CA ARG L 289 14.25 -28.63 -45.33
C ARG L 289 13.69 -29.16 -46.65
N LEU L 290 14.10 -28.54 -47.75
CA LEU L 290 13.66 -28.95 -49.07
C LEU L 290 14.83 -29.60 -49.80
N SER L 291 14.68 -30.86 -50.19
CA SER L 291 15.73 -31.58 -50.92
C SER L 291 15.12 -31.95 -52.24
N PHE L 292 15.89 -31.75 -53.31
CA PHE L 292 15.42 -32.03 -54.65
C PHE L 292 16.65 -32.23 -55.54
N GLN L 293 16.45 -32.90 -56.67
CA GLN L 293 17.54 -33.21 -57.56
C GLN L 293 17.28 -32.84 -59.00
N LEU L 294 18.36 -32.70 -59.75
CA LEU L 294 18.30 -32.46 -61.17
C LEU L 294 18.81 -33.77 -61.74
N MET L 295 18.02 -34.44 -62.55
CA MET L 295 18.51 -35.66 -63.13
C MET L 295 18.62 -35.44 -64.62
N ARG L 296 19.79 -35.66 -65.18
CA ARG L 296 19.98 -35.48 -66.62
C ARG L 296 19.01 -36.42 -67.33
N PRO L 297 18.21 -35.91 -68.28
CA PRO L 297 17.25 -36.76 -69.00
C PRO L 297 17.96 -37.90 -69.69
N PRO L 298 17.59 -39.16 -69.38
CA PRO L 298 18.25 -40.29 -70.01
C PRO L 298 17.94 -40.40 -71.52
N ASN L 299 16.79 -39.88 -71.93
CA ASN L 299 16.38 -39.91 -73.33
C ASN L 299 16.02 -38.52 -73.75
N MET L 300 16.62 -38.06 -74.84
CA MET L 300 16.39 -36.70 -75.32
C MET L 300 16.09 -36.58 -76.79
N THR L 301 15.07 -35.83 -77.15
CA THR L 301 14.78 -35.62 -78.57
C THR L 301 15.94 -34.71 -79.04
N PRO L 302 16.16 -34.58 -80.36
CA PRO L 302 17.23 -33.74 -80.89
C PRO L 302 17.27 -32.32 -80.29
N ALA L 303 16.11 -31.68 -80.25
CA ALA L 303 16.00 -30.31 -79.73
C ALA L 303 16.51 -30.23 -78.29
N VAL L 304 16.24 -31.27 -77.50
CA VAL L 304 16.69 -31.29 -76.11
C VAL L 304 18.19 -31.60 -76.05
N ALA L 305 18.60 -32.64 -76.80
CA ALA L 305 19.99 -33.06 -76.85
C ALA L 305 20.92 -31.88 -77.18
N ALA L 306 20.44 -31.01 -78.06
CA ALA L 306 21.18 -29.82 -78.49
C ALA L 306 21.47 -28.81 -77.40
N LEU L 307 20.67 -28.83 -76.33
CA LEU L 307 20.84 -27.89 -75.24
C LEU L 307 21.93 -28.33 -74.30
N PHE L 308 22.14 -29.65 -74.25
CA PHE L 308 23.10 -30.27 -73.33
C PHE L 308 24.25 -31.07 -73.97
N PRO L 309 25.29 -30.37 -74.46
CA PRO L 309 26.46 -30.96 -75.09
C PRO L 309 27.37 -31.69 -74.11
N ASN L 310 28.28 -32.49 -74.63
CA ASN L 310 29.20 -33.21 -73.75
C ASN L 310 30.33 -32.33 -73.27
N ALA L 311 30.55 -31.23 -73.98
CA ALA L 311 31.61 -30.30 -73.64
C ALA L 311 31.13 -28.85 -73.65
N GLN L 312 31.81 -28.01 -72.88
CA GLN L 312 31.48 -26.59 -72.82
C GLN L 312 31.71 -26.03 -74.21
N PRO L 313 31.16 -24.83 -74.51
CA PRO L 313 30.34 -23.98 -73.63
C PRO L 313 28.94 -24.52 -73.30
N PHE L 314 28.55 -24.33 -72.06
CA PHE L 314 27.23 -24.75 -71.59
C PHE L 314 26.38 -23.48 -71.70
N GLU L 315 25.49 -23.46 -72.69
CA GLU L 315 24.69 -22.28 -72.94
C GLU L 315 23.26 -22.28 -72.41
N HIS L 316 22.75 -23.45 -72.07
CA HIS L 316 21.41 -23.58 -71.51
C HIS L 316 21.67 -24.23 -70.18
N HIS L 317 21.24 -23.56 -69.12
CA HIS L 317 21.49 -24.02 -67.77
C HIS L 317 20.34 -24.75 -67.07
N ALA L 318 20.48 -26.07 -66.95
CA ALA L 318 19.49 -26.93 -66.33
C ALA L 318 19.17 -26.46 -64.92
N THR L 319 17.88 -26.26 -64.68
CA THR L 319 17.38 -25.75 -63.41
C THR L 319 16.14 -26.49 -62.95
N VAL L 320 16.10 -26.82 -61.66
CA VAL L 320 14.96 -27.48 -61.03
C VAL L 320 14.62 -26.61 -59.82
N GLY L 321 13.34 -26.53 -59.45
CA GLY L 321 12.98 -25.70 -58.31
C GLY L 321 11.71 -26.11 -57.58
N LEU L 322 11.44 -25.40 -56.49
CA LEU L 322 10.27 -25.66 -55.66
C LEU L 322 9.73 -24.32 -55.13
N THR L 323 8.42 -24.28 -54.86
CA THR L 323 7.78 -23.10 -54.30
C THR L 323 6.95 -23.62 -53.15
N LEU L 324 7.10 -22.99 -51.98
CA LEU L 324 6.36 -23.40 -50.79
C LEU L 324 5.73 -22.17 -50.17
N ARG L 325 4.42 -22.21 -49.90
CA ARG L 325 3.73 -21.08 -49.28
C ARG L 325 2.91 -21.51 -48.07
N ILE L 326 3.12 -20.85 -46.94
CA ILE L 326 2.38 -21.15 -45.73
C ILE L 326 1.12 -20.28 -45.79
N GLU L 327 -0.01 -20.90 -46.12
CA GLU L 327 -1.28 -20.17 -46.21
C GLU L 327 -1.76 -19.70 -44.84
N SER L 328 -1.73 -20.59 -43.86
CA SER L 328 -2.18 -20.26 -42.52
C SER L 328 -1.40 -21.11 -41.55
N ALA L 329 -1.34 -20.63 -40.31
CA ALA L 329 -0.64 -21.35 -39.25
C ALA L 329 -0.96 -20.70 -37.92
N VAL L 330 -0.59 -21.38 -36.85
CA VAL L 330 -0.78 -20.85 -35.52
C VAL L 330 0.61 -20.67 -34.92
N CYS L 331 0.81 -19.59 -34.17
CA CYS L 331 2.09 -19.37 -33.53
C CYS L 331 1.81 -18.95 -32.09
N GLU L 332 2.66 -19.41 -31.19
CA GLU L 332 2.53 -19.04 -29.79
C GLU L 332 3.00 -17.60 -29.56
N SER L 333 3.75 -17.04 -30.51
CA SER L 333 4.26 -15.66 -30.43
C SER L 333 3.54 -14.77 -31.44
N VAL L 334 3.36 -13.49 -31.12
CA VAL L 334 2.72 -12.61 -32.08
C VAL L 334 3.66 -12.47 -33.30
N LEU L 335 3.05 -12.32 -34.48
CA LEU L 335 3.81 -12.14 -35.71
C LEU L 335 2.97 -11.25 -36.59
N ALA L 336 3.59 -10.67 -37.60
CA ALA L 336 2.86 -9.91 -38.59
C ALA L 336 2.34 -10.99 -39.57
N ASP L 337 1.23 -10.72 -40.25
CA ASP L 337 0.71 -11.65 -41.26
C ASP L 337 0.06 -10.80 -42.37
N ALA L 338 -0.65 -11.42 -43.32
CA ALA L 338 -1.23 -10.68 -44.43
C ALA L 338 -2.62 -10.10 -44.19
N SER L 339 -3.18 -10.29 -42.99
CA SER L 339 -4.51 -9.80 -42.71
C SER L 339 -4.64 -8.82 -41.54
N GLU L 340 -3.89 -9.06 -40.47
CA GLU L 340 -3.96 -8.21 -39.29
C GLU L 340 -3.25 -6.88 -39.47
N THR L 341 -3.82 -5.83 -38.89
CA THR L 341 -3.28 -4.49 -39.02
C THR L 341 -2.42 -4.05 -37.85
N MET L 342 -2.18 -4.94 -36.89
CA MET L 342 -1.38 -4.60 -35.71
C MET L 342 -0.04 -3.96 -35.96
N LEU L 343 0.81 -4.65 -36.72
CA LEU L 343 2.12 -4.10 -37.02
C LEU L 343 1.97 -2.74 -37.67
N ALA L 344 1.08 -2.64 -38.66
CA ALA L 344 0.85 -1.38 -39.36
C ALA L 344 0.34 -0.28 -38.44
N ASN L 345 -0.51 -0.63 -37.46
CA ASN L 345 -1.05 0.36 -36.51
C ASN L 345 0.05 0.93 -35.64
N VAL L 346 0.85 0.05 -35.05
CA VAL L 346 1.95 0.44 -34.19
C VAL L 346 2.95 1.26 -34.96
N THR L 347 3.35 0.76 -36.13
CA THR L 347 4.31 1.44 -36.97
C THR L 347 3.77 2.81 -37.40
N SER L 348 2.49 2.86 -37.74
CA SER L 348 1.87 4.10 -38.18
C SER L 348 1.77 5.15 -37.09
N VAL L 349 1.39 4.76 -35.88
CA VAL L 349 1.28 5.74 -34.81
C VAL L 349 2.66 6.33 -34.51
N ARG L 350 3.67 5.47 -34.45
CA ARG L 350 5.03 5.94 -34.19
C ARG L 350 5.54 6.89 -35.27
N GLN L 351 5.27 6.58 -36.54
CA GLN L 351 5.69 7.42 -37.66
C GLN L 351 4.98 8.77 -37.66
N GLU L 352 3.66 8.75 -37.48
CA GLU L 352 2.88 9.98 -37.47
C GLU L 352 3.33 10.96 -36.38
N TYR L 353 3.66 10.46 -35.19
CA TYR L 353 4.08 11.32 -34.12
C TYR L 353 5.57 11.48 -33.98
N ALA L 354 6.30 11.15 -35.02
CA ALA L 354 7.76 11.30 -35.02
C ALA L 354 8.42 10.75 -33.75
N ILE L 355 8.01 9.56 -33.33
CA ILE L 355 8.55 8.93 -32.13
C ILE L 355 10.00 8.53 -32.38
N PRO L 356 10.95 8.97 -31.52
CA PRO L 356 12.37 8.65 -31.67
C PRO L 356 12.64 7.14 -31.56
N VAL L 357 13.69 6.66 -32.23
CA VAL L 357 14.06 5.25 -32.15
C VAL L 357 14.35 4.97 -30.68
N GLY L 358 13.89 3.82 -30.18
CA GLY L 358 14.10 3.47 -28.80
C GLY L 358 15.15 2.40 -28.63
N PRO L 359 15.28 1.83 -27.43
CA PRO L 359 16.26 0.78 -27.19
C PRO L 359 15.85 -0.65 -27.57
N VAL L 360 14.57 -0.88 -27.83
CA VAL L 360 14.12 -2.24 -28.14
C VAL L 360 13.91 -2.53 -29.62
N PHE L 361 13.02 -1.77 -30.25
CA PHE L 361 12.67 -2.01 -31.65
C PHE L 361 13.62 -1.43 -32.72
N PRO L 362 13.79 -2.14 -33.85
CA PRO L 362 14.68 -1.63 -34.90
C PRO L 362 14.08 -0.37 -35.48
N PRO L 363 14.91 0.49 -36.09
CA PRO L 363 14.39 1.71 -36.68
C PRO L 363 13.21 1.39 -37.63
N GLY L 364 12.14 2.17 -37.50
CA GLY L 364 10.95 2.02 -38.32
C GLY L 364 10.14 0.77 -38.07
N MET L 365 10.39 0.08 -36.96
CA MET L 365 9.70 -1.18 -36.64
C MET L 365 9.94 -2.13 -37.81
N ASN L 366 11.10 -2.04 -38.48
CA ASN L 366 11.39 -2.88 -39.65
C ASN L 366 11.14 -4.36 -39.39
N TRP L 367 10.20 -4.96 -40.13
CA TRP L 367 9.87 -6.34 -39.88
C TRP L 367 11.02 -7.30 -40.07
N THR L 368 11.71 -7.22 -41.19
CA THR L 368 12.83 -8.12 -41.39
C THR L 368 13.81 -8.06 -40.21
N ASP L 369 14.21 -6.86 -39.80
CA ASP L 369 15.16 -6.74 -38.70
C ASP L 369 14.58 -7.30 -37.41
N LEU L 370 13.30 -7.03 -37.17
CA LEU L 370 12.65 -7.52 -35.98
C LEU L 370 12.64 -9.05 -35.90
N ILE L 371 12.13 -9.71 -36.93
CA ILE L 371 12.03 -11.15 -36.94
C ILE L 371 13.42 -11.83 -37.02
N THR L 372 14.41 -11.17 -37.60
CA THR L 372 15.74 -11.75 -37.69
C THR L 372 16.35 -11.89 -36.29
N ASN L 373 16.15 -10.89 -35.44
CA ASN L 373 16.66 -10.94 -34.08
C ASN L 373 15.49 -10.73 -33.16
N TYR L 374 14.61 -11.73 -33.14
CA TYR L 374 13.39 -11.69 -32.36
C TYR L 374 13.67 -12.09 -30.91
N SER L 375 14.31 -11.20 -30.18
CA SER L 375 14.66 -11.48 -28.80
C SER L 375 13.43 -11.52 -27.89
N PRO L 376 13.60 -12.07 -26.67
CA PRO L 376 12.47 -12.14 -25.75
C PRO L 376 11.93 -10.73 -25.49
N SER L 377 12.82 -9.77 -25.31
CA SER L 377 12.41 -8.39 -25.04
C SER L 377 11.59 -7.82 -26.21
N ARG L 378 12.05 -8.02 -27.44
CA ARG L 378 11.29 -7.52 -28.57
C ARG L 378 9.89 -8.18 -28.62
N GLU L 379 9.82 -9.49 -28.33
CA GLU L 379 8.54 -10.19 -28.35
C GLU L 379 7.59 -9.71 -27.26
N ASP L 380 8.09 -9.52 -26.06
CA ASP L 380 7.23 -9.05 -24.97
C ASP L 380 6.71 -7.65 -25.28
N ASN L 381 7.60 -6.78 -25.76
CA ASN L 381 7.20 -5.42 -26.14
C ASN L 381 6.22 -5.47 -27.33
N LEU L 382 6.50 -6.33 -28.32
CA LEU L 382 5.65 -6.46 -29.49
C LEU L 382 4.27 -6.92 -29.07
N GLN L 383 4.20 -7.90 -28.17
CA GLN L 383 2.91 -8.39 -27.74
C GLN L 383 2.14 -7.34 -27.00
N ARG L 384 2.81 -6.59 -26.15
CA ARG L 384 2.13 -5.55 -25.38
C ARG L 384 1.55 -4.51 -26.33
N VAL L 385 2.40 -4.13 -27.24
CA VAL L 385 2.12 -3.09 -28.21
C VAL L 385 1.03 -3.58 -29.22
N PHE L 386 1.05 -4.85 -29.60
CA PHE L 386 0.03 -5.43 -30.54
C PHE L 386 -1.33 -5.53 -29.82
N THR L 387 -1.29 -5.96 -28.56
CA THR L 387 -2.52 -6.07 -27.80
C THR L 387 -3.18 -4.69 -27.65
N VAL L 388 -2.38 -3.64 -27.42
CA VAL L 388 -2.92 -2.29 -27.29
C VAL L 388 -3.50 -1.82 -28.63
N ALA L 389 -2.82 -2.14 -29.72
CA ALA L 389 -3.29 -1.77 -31.05
C ALA L 389 -4.65 -2.42 -31.30
N SER L 390 -4.81 -3.66 -30.85
CA SER L 390 -6.07 -4.38 -31.04
C SER L 390 -7.18 -3.78 -30.17
N ILE L 391 -6.83 -3.23 -29.02
CA ILE L 391 -7.82 -2.63 -28.11
C ILE L 391 -8.29 -1.35 -28.78
N ARG L 392 -7.34 -0.62 -29.31
CA ARG L 392 -7.64 0.64 -29.99
C ARG L 392 -8.53 0.46 -31.23
N SER L 393 -8.26 -0.57 -32.05
CA SER L 393 -9.04 -0.84 -33.25
C SER L 393 -10.51 -1.23 -33.02
N MET L 394 -10.90 -1.38 -31.76
CA MET L 394 -12.27 -1.76 -31.44
C MET L 394 -13.10 -0.50 -31.54
N LEU L 395 -12.44 0.64 -31.43
CA LEU L 395 -13.11 1.93 -31.42
C LEU L 395 -12.66 2.89 -32.51
N VAL L 396 -11.37 2.85 -32.80
CA VAL L 396 -10.75 3.76 -33.77
C VAL L 396 -10.04 2.98 -34.85
N LYS L 397 -10.48 3.14 -36.08
CA LYS L 397 -9.83 2.46 -37.19
C LYS L 397 -9.38 3.52 -38.15
N MET M 1 -24.28 -34.10 -29.89
CA MET M 1 -23.46 -33.14 -30.68
C MET M 1 -23.68 -31.66 -30.31
N ASP M 2 -24.82 -31.08 -30.68
CA ASP M 2 -25.07 -29.67 -30.36
C ASP M 2 -24.66 -29.48 -28.90
N VAL M 3 -24.83 -30.55 -28.14
CA VAL M 3 -24.47 -30.58 -26.73
C VAL M 3 -23.06 -30.00 -26.70
N LEU M 4 -22.14 -30.81 -27.18
CA LEU M 4 -20.75 -30.45 -27.25
C LEU M 4 -20.53 -28.95 -27.40
N TYR M 5 -21.10 -28.37 -28.44
CA TYR M 5 -20.93 -26.95 -28.67
C TYR M 5 -21.01 -26.16 -27.37
N SER M 6 -22.21 -26.07 -26.81
CA SER M 6 -22.42 -25.34 -25.56
C SER M 6 -21.25 -25.44 -24.59
N LEU M 7 -20.88 -26.66 -24.25
CA LEU M 7 -19.80 -26.94 -23.33
C LEU M 7 -18.65 -25.97 -23.48
N SER M 8 -18.52 -25.43 -24.69
CA SER M 8 -17.45 -24.48 -24.96
C SER M 8 -17.84 -23.02 -24.78
N LYS M 9 -18.71 -22.48 -25.64
CA LYS M 9 -19.11 -21.06 -25.54
C LYS M 9 -19.45 -20.82 -24.07
N THR M 10 -19.67 -21.93 -23.37
CA THR M 10 -19.93 -21.91 -21.95
C THR M 10 -18.63 -21.43 -21.32
N LEU M 11 -17.58 -22.21 -21.51
CA LEU M 11 -16.29 -21.88 -20.97
C LEU M 11 -15.67 -20.58 -21.50
N LYS M 12 -15.67 -20.36 -22.82
CA LYS M 12 -15.09 -19.13 -23.38
C LYS M 12 -15.82 -17.91 -22.82
N ASP M 13 -17.12 -17.81 -23.12
CA ASP M 13 -17.92 -16.71 -22.61
C ASP M 13 -17.83 -16.76 -21.08
N ALA M 14 -17.03 -17.69 -20.56
CA ALA M 14 -16.81 -17.84 -19.13
C ALA M 14 -15.41 -17.38 -18.73
N ARG M 15 -14.41 -18.15 -19.12
CA ARG M 15 -13.01 -17.81 -18.82
C ARG M 15 -12.72 -16.39 -19.31
N ASP M 16 -13.69 -15.80 -20.00
CA ASP M 16 -13.55 -14.44 -20.53
C ASP M 16 -14.33 -13.39 -19.74
N LYS M 17 -15.59 -13.66 -19.43
CA LYS M 17 -16.39 -12.69 -18.69
C LYS M 17 -16.28 -12.77 -17.16
N ILE M 18 -15.44 -13.68 -16.66
CA ILE M 18 -15.26 -13.87 -15.22
C ILE M 18 -13.87 -13.46 -14.75
N VAL M 19 -13.74 -12.24 -14.23
CA VAL M 19 -12.43 -11.80 -13.76
C VAL M 19 -12.47 -10.86 -12.57
N GLU M 20 -11.36 -10.78 -11.83
CA GLU M 20 -11.25 -9.92 -10.66
C GLU M 20 -11.82 -8.52 -10.96
N GLY M 21 -13.04 -8.25 -10.50
CA GLY M 21 -13.63 -6.93 -10.73
C GLY M 21 -15.13 -6.80 -11.02
N THR M 22 -15.48 -6.85 -12.30
CA THR M 22 -16.84 -6.73 -12.81
C THR M 22 -18.00 -6.87 -11.84
N LEU M 23 -19.11 -6.25 -12.22
CA LEU M 23 -20.34 -6.31 -11.44
C LEU M 23 -21.04 -7.63 -11.76
N TYR M 24 -21.64 -8.23 -10.75
CA TYR M 24 -22.34 -9.50 -10.94
C TYR M 24 -23.17 -9.42 -12.20
N SER M 25 -24.16 -8.54 -12.17
CA SER M 25 -25.08 -8.29 -13.27
C SER M 25 -24.68 -8.76 -14.66
N ASN M 26 -23.40 -8.60 -15.02
CA ASN M 26 -22.90 -9.00 -16.34
C ASN M 26 -23.02 -10.49 -16.60
N VAL M 27 -23.00 -11.23 -15.50
CA VAL M 27 -23.04 -12.68 -15.56
C VAL M 27 -24.28 -13.35 -14.97
N SER M 28 -25.24 -12.56 -14.45
CA SER M 28 -26.41 -13.20 -13.87
C SER M 28 -26.99 -14.19 -14.87
N ASP M 29 -27.26 -13.71 -16.07
CA ASP M 29 -27.82 -14.56 -17.12
C ASP M 29 -26.83 -15.65 -17.48
N LEU M 30 -25.58 -15.43 -17.11
CA LEU M 30 -24.53 -16.39 -17.40
C LEU M 30 -24.32 -17.43 -16.31
N ILE M 31 -24.02 -16.96 -15.11
CA ILE M 31 -23.79 -17.85 -13.98
C ILE M 31 -24.80 -18.97 -14.08
N GLN M 32 -26.08 -18.61 -14.01
CA GLN M 32 -27.18 -19.56 -14.08
C GLN M 32 -26.85 -20.67 -15.08
N GLN M 33 -26.94 -20.36 -16.37
CA GLN M 33 -26.65 -21.33 -17.42
C GLN M 33 -25.56 -22.29 -16.96
N PHE M 34 -24.47 -21.72 -16.48
CA PHE M 34 -23.36 -22.52 -16.01
C PHE M 34 -23.77 -23.63 -15.05
N ASN M 35 -24.14 -23.22 -13.85
CA ASN M 35 -24.55 -24.18 -12.84
C ASN M 35 -25.37 -25.30 -13.44
N GLN M 36 -26.51 -24.96 -14.04
CA GLN M 36 -27.41 -25.93 -14.68
C GLN M 36 -26.60 -27.14 -15.17
N MET M 37 -25.49 -26.84 -15.82
CA MET M 37 -24.60 -27.86 -16.34
C MET M 37 -24.13 -28.79 -15.23
N ILE M 38 -23.24 -28.26 -14.40
CA ILE M 38 -22.66 -28.99 -13.29
C ILE M 38 -23.61 -30.07 -12.79
N ILE M 39 -24.84 -29.66 -12.50
CA ILE M 39 -25.85 -30.58 -12.00
C ILE M 39 -25.96 -31.81 -12.90
N THR M 40 -26.48 -31.58 -14.10
CA THR M 40 -26.67 -32.65 -15.07
C THR M 40 -25.50 -33.62 -15.10
N MET M 41 -24.29 -33.10 -14.92
CA MET M 41 -23.08 -33.90 -14.94
C MET M 41 -22.81 -34.79 -13.72
N ASN M 42 -22.22 -34.19 -12.69
CA ASN M 42 -21.86 -34.86 -11.46
C ASN M 42 -22.47 -36.25 -11.32
N GLY M 43 -21.62 -37.25 -11.15
CA GLY M 43 -22.10 -38.60 -11.00
C GLY M 43 -21.95 -39.51 -12.20
N ASN M 44 -21.67 -38.94 -13.37
CA ASN M 44 -21.52 -39.76 -14.55
C ASN M 44 -20.04 -39.99 -14.91
N GLU M 45 -19.65 -41.26 -15.00
CA GLU M 45 -18.27 -41.64 -15.32
C GLU M 45 -18.01 -41.64 -16.82
N PHE M 46 -16.91 -41.01 -17.24
CA PHE M 46 -16.56 -40.93 -18.65
C PHE M 46 -15.20 -41.50 -19.03
N GLN M 47 -15.17 -42.14 -20.19
CA GLN M 47 -13.98 -42.78 -20.72
C GLN M 47 -13.56 -42.24 -22.09
N THR M 48 -12.27 -41.93 -22.22
CA THR M 48 -11.73 -41.40 -23.46
C THR M 48 -10.41 -42.07 -23.82
N GLY M 49 -10.27 -42.41 -25.10
CA GLY M 49 -9.05 -43.05 -25.55
C GLY M 49 -9.29 -44.48 -25.99
N GLY M 50 -8.20 -45.24 -26.11
CA GLY M 50 -8.32 -46.64 -26.52
C GLY M 50 -7.98 -46.89 -27.97
N ILE M 51 -7.12 -46.06 -28.54
CA ILE M 51 -6.75 -46.19 -29.92
C ILE M 51 -5.39 -45.53 -30.15
N GLY M 52 -4.54 -46.20 -30.93
CA GLY M 52 -3.22 -45.68 -31.21
C GLY M 52 -2.58 -45.15 -29.95
N ASN M 53 -1.85 -44.05 -30.07
CA ASN M 53 -1.18 -43.44 -28.93
C ASN M 53 -2.05 -42.35 -28.33
N LEU M 54 -3.18 -42.79 -27.77
CA LEU M 54 -4.14 -41.90 -27.15
C LEU M 54 -4.42 -42.36 -25.73
N PRO M 55 -3.87 -41.64 -24.72
CA PRO M 55 -4.10 -42.01 -23.32
C PRO M 55 -5.56 -42.38 -23.06
N ILE M 56 -5.82 -42.98 -21.90
CA ILE M 56 -7.18 -43.39 -21.58
C ILE M 56 -7.70 -42.77 -20.29
N ARG M 57 -7.46 -41.47 -20.10
CA ARG M 57 -7.90 -40.83 -18.86
C ARG M 57 -9.40 -40.96 -18.58
N ASN M 58 -9.71 -41.37 -17.34
CA ASN M 58 -11.08 -41.56 -16.83
C ASN M 58 -11.44 -40.35 -15.97
N TRP M 59 -12.70 -39.90 -16.03
CA TRP M 59 -13.10 -38.72 -15.26
C TRP M 59 -14.33 -38.89 -14.37
N ASN M 60 -14.19 -38.46 -13.13
CA ASN M 60 -15.28 -38.51 -12.16
C ASN M 60 -15.79 -37.09 -11.97
N PHE M 61 -17.02 -36.96 -11.52
CA PHE M 61 -17.62 -35.65 -11.31
C PHE M 61 -18.26 -35.45 -9.93
N ASP M 62 -17.76 -34.47 -9.19
CA ASP M 62 -18.23 -34.15 -7.84
C ASP M 62 -17.80 -32.71 -7.56
N PHE M 63 -18.51 -31.74 -8.13
CA PHE M 63 -18.15 -30.34 -7.93
C PHE M 63 -19.21 -29.44 -7.32
N GLY M 64 -18.76 -28.47 -6.53
CA GLY M 64 -19.67 -27.54 -5.88
C GLY M 64 -20.28 -26.58 -6.88
N LEU M 65 -21.02 -25.60 -6.38
CA LEU M 65 -21.69 -24.61 -7.23
C LEU M 65 -21.07 -23.22 -7.17
N LEU M 66 -21.87 -22.22 -7.54
CA LEU M 66 -21.41 -20.84 -7.53
C LEU M 66 -22.34 -19.87 -6.83
N GLY M 67 -22.03 -19.56 -5.58
CA GLY M 67 -22.86 -18.62 -4.85
C GLY M 67 -23.20 -17.44 -5.75
N THR M 68 -24.37 -16.88 -5.52
CA THR M 68 -24.82 -15.74 -6.29
C THR M 68 -24.97 -14.61 -5.28
N THR M 69 -24.31 -14.79 -4.14
CA THR M 69 -24.36 -13.84 -3.05
C THR M 69 -23.26 -12.78 -3.09
N LEU M 70 -23.08 -12.15 -4.24
CA LEU M 70 -22.08 -11.11 -4.38
C LEU M 70 -22.38 -10.12 -5.49
N LEU M 71 -21.73 -8.96 -5.43
CA LEU M 71 -21.91 -7.89 -6.40
C LEU M 71 -20.66 -7.72 -7.25
N ASN M 72 -19.56 -7.44 -6.58
CA ASN M 72 -18.28 -7.29 -7.26
C ASN M 72 -17.49 -8.55 -6.96
N LEU M 73 -17.02 -9.21 -8.00
CA LEU M 73 -16.28 -10.45 -7.88
C LEU M 73 -14.90 -10.26 -7.24
N ASP M 74 -14.70 -10.82 -6.05
CA ASP M 74 -13.42 -10.71 -5.36
C ASP M 74 -12.47 -11.78 -5.89
N ALA M 75 -11.21 -11.42 -6.05
CA ALA M 75 -10.21 -12.36 -6.56
C ALA M 75 -10.48 -13.78 -6.09
N ASN M 76 -10.64 -13.95 -4.78
CA ASN M 76 -10.90 -15.26 -4.19
C ASN M 76 -11.98 -16.03 -4.93
N TYR M 77 -12.94 -15.29 -5.48
CA TYR M 77 -14.02 -15.93 -6.21
C TYR M 77 -13.52 -16.58 -7.49
N VAL M 78 -12.67 -15.85 -8.20
CA VAL M 78 -12.11 -16.34 -9.46
C VAL M 78 -11.39 -17.67 -9.26
N GLU M 79 -10.23 -17.63 -8.61
CA GLU M 79 -9.42 -18.83 -8.36
C GLU M 79 -10.19 -20.10 -8.00
N THR M 80 -11.21 -19.97 -7.14
CA THR M 80 -12.01 -21.14 -6.73
C THR M 80 -12.88 -21.59 -7.89
N ALA M 81 -12.86 -20.82 -8.96
CA ALA M 81 -13.63 -21.12 -10.15
C ALA M 81 -12.70 -21.65 -11.24
N ARG M 82 -11.63 -20.90 -11.53
CA ARG M 82 -10.66 -21.31 -12.55
C ARG M 82 -10.21 -22.75 -12.32
N ASN M 83 -10.05 -23.10 -11.05
CA ASN M 83 -9.62 -24.45 -10.68
C ASN M 83 -10.66 -25.50 -11.08
N THR M 84 -11.91 -25.08 -11.20
CA THR M 84 -12.96 -25.99 -11.58
C THR M 84 -13.12 -26.00 -13.09
N ILE M 85 -12.69 -24.94 -13.75
CA ILE M 85 -12.79 -24.88 -15.20
C ILE M 85 -11.68 -25.71 -15.81
N ASP M 86 -10.48 -25.57 -15.26
CA ASP M 86 -9.32 -26.29 -15.77
C ASP M 86 -9.47 -27.81 -15.78
N TYR M 87 -10.58 -28.33 -15.28
CA TYR M 87 -10.80 -29.77 -15.31
C TYR M 87 -11.66 -30.01 -16.53
N PHE M 88 -12.49 -29.03 -16.86
CA PHE M 88 -13.37 -29.12 -18.02
C PHE M 88 -12.58 -28.85 -19.29
N VAL M 89 -11.61 -27.95 -19.18
CA VAL M 89 -10.77 -27.66 -20.31
C VAL M 89 -10.07 -28.98 -20.63
N ASP M 90 -9.07 -29.34 -19.82
CA ASP M 90 -8.29 -30.58 -20.00
C ASP M 90 -9.18 -31.78 -20.29
N PHE M 91 -10.48 -31.62 -20.10
CA PHE M 91 -11.43 -32.68 -20.36
C PHE M 91 -11.83 -32.61 -21.82
N VAL M 92 -12.60 -31.59 -22.14
CA VAL M 92 -13.06 -31.38 -23.50
C VAL M 92 -12.00 -31.72 -24.55
N ASP M 93 -10.76 -31.28 -24.31
CA ASP M 93 -9.64 -31.54 -25.22
C ASP M 93 -9.67 -33.04 -25.48
N ASN M 94 -9.51 -33.82 -24.40
CA ASN M 94 -9.52 -35.28 -24.46
C ASN M 94 -10.83 -35.84 -25.04
N VAL M 95 -11.85 -35.00 -25.14
CA VAL M 95 -13.13 -35.45 -25.68
C VAL M 95 -13.16 -35.22 -27.18
N CYS M 96 -12.85 -34.00 -27.58
CA CYS M 96 -12.83 -33.67 -29.00
C CYS M 96 -11.95 -34.69 -29.70
N MET M 97 -10.68 -34.68 -29.31
CA MET M 97 -9.70 -35.57 -29.90
C MET M 97 -10.22 -37.00 -30.09
N ASP M 98 -10.90 -37.55 -29.08
CA ASP M 98 -11.42 -38.93 -29.17
C ASP M 98 -12.39 -39.19 -30.32
N GLU M 99 -13.28 -38.22 -30.60
CA GLU M 99 -14.25 -38.37 -31.68
C GLU M 99 -13.75 -37.70 -32.95
N MET M 100 -12.51 -37.23 -32.90
CA MET M 100 -11.91 -36.58 -34.05
C MET M 100 -11.00 -37.54 -34.79
N VAL M 101 -11.37 -38.82 -34.80
CA VAL M 101 -10.58 -39.82 -35.48
C VAL M 101 -11.40 -40.96 -36.02
N ARG M 102 -12.32 -41.47 -35.20
CA ARG M 102 -13.16 -42.58 -35.62
C ARG M 102 -13.99 -42.21 -36.86
N GLU M 103 -14.14 -43.17 -37.76
CA GLU M 103 -14.88 -42.97 -39.00
C GLU M 103 -15.86 -44.13 -39.24
N SER M 104 -16.97 -43.86 -39.91
CA SER M 104 -17.95 -44.89 -40.19
C SER M 104 -18.61 -44.65 -41.55
N GLN M 105 -18.60 -45.67 -42.39
CA GLN M 105 -19.16 -45.59 -43.74
C GLN M 105 -20.68 -45.36 -43.73
N ARG M 106 -21.39 -46.37 -43.22
CA ARG M 106 -22.84 -46.33 -43.11
C ARG M 106 -23.29 -44.96 -42.60
N ASN M 107 -23.18 -44.78 -41.29
CA ASN M 107 -23.55 -43.55 -40.61
C ASN M 107 -22.31 -42.75 -40.21
N GLY M 108 -21.67 -42.10 -41.18
CA GLY M 108 -20.49 -41.32 -40.88
C GLY M 108 -20.87 -39.92 -40.41
N ILE M 109 -22.07 -39.53 -40.79
CA ILE M 109 -22.63 -38.22 -40.46
C ILE M 109 -23.02 -38.14 -38.98
N ALA M 110 -22.89 -39.27 -38.28
CA ALA M 110 -23.25 -39.36 -36.87
C ALA M 110 -22.08 -39.51 -35.89
N PRO M 111 -22.39 -39.55 -34.57
CA PRO M 111 -21.45 -39.70 -33.46
C PRO M 111 -20.90 -41.11 -33.36
N GLN M 112 -19.70 -41.26 -32.81
CA GLN M 112 -19.09 -42.58 -32.69
C GLN M 112 -18.63 -43.00 -31.29
N SER M 113 -17.66 -42.28 -30.75
CA SER M 113 -17.04 -42.54 -29.43
C SER M 113 -17.95 -42.86 -28.24
N ASP M 114 -17.43 -43.67 -27.33
CA ASP M 114 -18.17 -44.06 -26.13
C ASP M 114 -18.37 -42.81 -25.27
N SER M 115 -17.69 -41.74 -25.66
CA SER M 115 -17.78 -40.48 -24.94
C SER M 115 -18.97 -39.71 -25.45
N LEU M 116 -19.04 -39.53 -26.76
CA LEU M 116 -20.13 -38.79 -27.36
C LEU M 116 -21.45 -39.55 -27.50
N ARG M 117 -21.40 -40.84 -27.88
CA ARG M 117 -22.64 -41.63 -28.01
C ARG M 117 -23.49 -41.43 -26.75
N LYS M 118 -22.84 -41.08 -25.64
CA LYS M 118 -23.53 -40.89 -24.37
C LYS M 118 -24.00 -39.44 -24.21
N LEU M 119 -23.42 -38.53 -24.98
CA LEU M 119 -23.77 -37.12 -24.91
C LEU M 119 -25.06 -36.80 -25.63
N SER M 120 -25.26 -37.43 -26.78
CA SER M 120 -26.47 -37.20 -27.55
C SER M 120 -27.66 -37.69 -26.73
N GLY M 121 -27.37 -38.38 -25.62
CA GLY M 121 -28.41 -38.88 -24.74
C GLY M 121 -29.37 -37.74 -24.45
N LEU M 122 -30.59 -38.06 -24.05
CA LEU M 122 -31.58 -37.02 -23.79
C LEU M 122 -31.39 -36.21 -22.52
N LYS M 123 -31.07 -36.90 -21.43
CA LYS M 123 -30.88 -36.25 -20.14
C LYS M 123 -29.84 -35.14 -20.13
N PHE M 124 -29.13 -34.95 -21.24
CA PHE M 124 -28.10 -33.93 -21.31
C PHE M 124 -28.50 -32.69 -22.08
N LYS M 125 -29.43 -32.85 -23.01
CA LYS M 125 -29.88 -31.75 -23.84
C LYS M 125 -30.23 -30.48 -23.04
N ARG M 126 -30.35 -30.60 -21.71
CA ARG M 126 -30.69 -29.46 -20.85
C ARG M 126 -29.70 -28.29 -20.85
N ILE M 127 -28.73 -28.32 -21.76
CA ILE M 127 -27.70 -27.29 -21.78
C ILE M 127 -27.66 -26.29 -22.92
N ASN M 128 -27.53 -26.79 -24.14
CA ASN M 128 -27.47 -26.01 -25.38
C ASN M 128 -27.76 -24.51 -25.25
N PHE M 129 -26.86 -23.67 -25.78
CA PHE M 129 -27.06 -22.22 -25.75
C PHE M 129 -26.06 -21.41 -26.60
N ASP M 130 -26.44 -20.18 -26.99
CA ASP M 130 -25.65 -19.24 -27.82
C ASP M 130 -24.92 -19.88 -29.02
N ASN M 131 -25.70 -20.32 -30.01
CA ASN M 131 -25.16 -20.93 -31.22
C ASN M 131 -24.90 -19.93 -32.33
N SER M 132 -23.92 -19.05 -32.14
CA SER M 132 -23.61 -18.06 -33.18
C SER M 132 -22.27 -18.33 -33.86
N SER M 133 -21.59 -19.39 -33.44
CA SER M 133 -20.29 -19.78 -34.04
C SER M 133 -20.53 -20.35 -35.43
N GLU M 134 -20.28 -19.50 -36.43
CA GLU M 134 -20.44 -19.83 -37.84
C GLU M 134 -20.64 -21.30 -38.17
N TYR M 135 -19.85 -22.19 -37.57
CA TYR M 135 -19.96 -23.61 -37.87
C TYR M 135 -21.14 -24.37 -37.31
N ILE M 136 -21.49 -24.09 -36.07
CA ILE M 136 -22.63 -24.77 -35.49
C ILE M 136 -23.85 -24.21 -36.22
N GLU M 137 -23.86 -22.89 -36.42
CA GLU M 137 -24.95 -22.20 -37.10
C GLU M 137 -25.29 -23.03 -38.34
N ASN M 138 -24.26 -23.55 -38.99
CA ASN M 138 -24.44 -24.35 -40.18
C ASN M 138 -24.70 -25.81 -39.90
N TRP M 139 -24.20 -26.33 -38.78
CA TRP M 139 -24.48 -27.72 -38.50
C TRP M 139 -25.98 -27.90 -38.39
N ASN M 140 -26.61 -27.13 -37.50
CA ASN M 140 -28.06 -27.23 -37.29
C ASN M 140 -28.87 -27.18 -38.59
N LEU M 141 -28.79 -26.06 -39.29
CA LEU M 141 -29.52 -25.86 -40.55
C LEU M 141 -29.43 -27.05 -41.50
N GLN M 142 -28.39 -27.86 -41.31
CA GLN M 142 -28.19 -29.03 -42.14
C GLN M 142 -29.05 -30.22 -41.70
N ASN M 143 -29.42 -30.31 -40.42
CA ASN M 143 -30.25 -31.44 -39.99
C ASN M 143 -31.74 -31.28 -40.23
N ARG M 144 -32.23 -30.05 -40.17
CA ARG M 144 -33.63 -29.79 -40.47
C ARG M 144 -33.59 -29.75 -41.98
N ARG M 145 -32.44 -29.31 -42.49
CA ARG M 145 -32.15 -29.22 -43.90
C ARG M 145 -32.66 -27.99 -44.64
N GLN M 146 -31.72 -27.26 -45.26
CA GLN M 146 -32.01 -26.07 -46.02
C GLN M 146 -30.75 -25.48 -46.65
N ARG M 147 -30.83 -24.23 -47.09
CA ARG M 147 -29.72 -23.54 -47.72
C ARG M 147 -28.60 -23.22 -46.73
N THR M 148 -27.73 -24.21 -46.51
CA THR M 148 -26.59 -24.08 -45.62
C THR M 148 -25.54 -23.21 -46.31
N GLY M 149 -24.31 -23.15 -45.78
CA GLY M 149 -23.28 -22.34 -46.45
C GLY M 149 -22.14 -21.76 -45.61
N PHE M 150 -20.96 -21.59 -46.23
CA PHE M 150 -19.79 -21.05 -45.53
C PHE M 150 -19.03 -19.98 -46.32
N THR M 151 -17.96 -19.47 -45.72
CA THR M 151 -17.14 -18.42 -46.33
C THR M 151 -15.66 -18.81 -46.39
N PHE M 152 -15.04 -18.66 -47.56
CA PHE M 152 -13.63 -19.03 -47.74
C PHE M 152 -12.77 -18.05 -48.55
N HIS M 153 -11.60 -17.71 -48.02
CA HIS M 153 -10.65 -16.83 -48.72
C HIS M 153 -9.73 -17.79 -49.46
N LYS M 154 -9.57 -17.59 -50.77
CA LYS M 154 -8.76 -18.47 -51.62
C LYS M 154 -9.04 -19.92 -51.18
N PRO M 155 -10.26 -20.45 -51.46
CA PRO M 155 -10.73 -21.81 -51.13
C PRO M 155 -9.86 -22.89 -51.76
N ASN M 156 -10.13 -24.17 -51.49
CA ASN M 156 -9.26 -25.19 -52.06
C ASN M 156 -10.14 -26.20 -52.79
N ILE M 157 -10.59 -25.79 -53.97
CA ILE M 157 -11.53 -26.57 -54.78
C ILE M 157 -10.89 -27.42 -55.86
N PHE M 158 -9.71 -27.04 -56.34
CA PHE M 158 -9.06 -27.78 -57.41
C PHE M 158 -8.02 -28.80 -56.93
N PRO M 159 -8.25 -30.09 -57.18
CA PRO M 159 -7.24 -31.04 -56.75
C PRO M 159 -6.01 -30.74 -57.60
N TYR M 160 -4.82 -30.94 -57.03
CA TYR M 160 -3.61 -30.66 -57.77
C TYR M 160 -3.60 -31.44 -59.08
N SER M 161 -3.34 -30.75 -60.17
CA SER M 161 -3.26 -31.37 -61.48
C SER M 161 -2.33 -30.53 -62.30
N ALA M 162 -1.23 -31.11 -62.75
CA ALA M 162 -0.27 -30.39 -63.57
C ALA M 162 0.04 -31.31 -64.74
N SER M 163 -0.41 -30.96 -65.94
CA SER M 163 -0.17 -31.81 -67.09
C SER M 163 -0.25 -31.06 -68.42
N PHE M 164 -0.30 -31.80 -69.53
CA PHE M 164 -0.38 -31.20 -70.86
C PHE M 164 -1.14 -32.15 -71.79
N THR M 165 -1.53 -31.64 -72.94
CA THR M 165 -2.21 -32.43 -73.93
C THR M 165 -1.68 -31.95 -75.25
N LEU M 166 -1.05 -32.85 -75.98
CA LEU M 166 -0.50 -32.51 -77.30
C LEU M 166 -1.53 -32.83 -78.37
N ASN M 167 -2.09 -31.79 -78.97
CA ASN M 167 -3.07 -31.98 -80.02
C ASN M 167 -2.44 -32.29 -81.38
N ARG M 168 -1.19 -31.89 -81.55
CA ARG M 168 -0.40 -32.19 -82.75
C ARG M 168 0.98 -32.46 -82.22
N SER M 169 1.52 -33.62 -82.53
CA SER M 169 2.85 -33.97 -82.09
C SER M 169 3.42 -34.97 -83.05
N GLN M 170 4.71 -35.19 -82.94
CA GLN M 170 5.40 -36.15 -83.78
C GLN M 170 6.59 -36.58 -82.94
N PRO M 171 7.19 -37.74 -83.26
CA PRO M 171 8.34 -38.26 -82.52
C PRO M 171 9.43 -37.26 -82.12
N ALA M 172 9.85 -36.40 -83.04
CA ALA M 172 10.89 -35.43 -82.74
C ALA M 172 10.43 -34.30 -81.78
N HIS M 173 9.11 -34.14 -81.65
CA HIS M 173 8.52 -33.09 -80.80
C HIS M 173 9.12 -31.74 -81.17
N ASP M 174 9.17 -31.47 -82.46
CA ASP M 174 9.72 -30.23 -82.97
C ASP M 174 8.65 -29.31 -83.57
N ASN M 175 7.41 -29.77 -83.59
CA ASN M 175 6.29 -28.96 -84.09
C ASN M 175 4.99 -29.40 -83.40
N LEU M 176 4.89 -29.05 -82.11
CA LEU M 176 3.76 -29.40 -81.26
C LEU M 176 2.72 -28.31 -81.19
N MET M 177 1.52 -28.71 -80.78
CA MET M 177 0.41 -27.80 -80.58
C MET M 177 -0.44 -28.45 -79.49
N GLY M 178 -0.78 -27.68 -78.47
CA GLY M 178 -1.59 -28.23 -77.38
C GLY M 178 -1.66 -27.28 -76.22
N THR M 179 -1.99 -27.81 -75.05
CA THR M 179 -2.09 -26.98 -73.85
C THR M 179 -1.41 -27.67 -72.69
N MET M 180 -1.00 -26.87 -71.73
CA MET M 180 -0.40 -27.35 -70.49
C MET M 180 -1.01 -26.49 -69.39
N TRP M 181 -1.17 -27.06 -68.20
CA TRP M 181 -1.83 -26.34 -67.14
C TRP M 181 -1.41 -26.77 -65.76
N LEU M 182 -1.88 -26.00 -64.78
CA LEU M 182 -1.71 -26.28 -63.35
C LEU M 182 -3.02 -25.83 -62.69
N ASN M 183 -3.76 -26.80 -62.20
CA ASN M 183 -4.97 -26.53 -61.40
C ASN M 183 -4.60 -26.90 -59.98
N ALA M 184 -4.70 -25.97 -59.07
CA ALA M 184 -4.36 -26.28 -57.68
C ALA M 184 -4.96 -25.27 -56.74
N GLY M 185 -5.69 -25.75 -55.74
CA GLY M 185 -6.30 -24.87 -54.77
C GLY M 185 -7.40 -24.04 -55.37
N SER M 186 -7.17 -22.73 -55.41
CA SER M 186 -8.14 -21.81 -55.96
C SER M 186 -7.64 -21.23 -57.27
N GLU M 187 -6.54 -21.77 -57.80
CA GLU M 187 -5.97 -21.20 -59.02
C GLU M 187 -5.82 -22.13 -60.21
N ILE M 188 -5.95 -21.53 -61.39
CA ILE M 188 -5.79 -22.23 -62.65
C ILE M 188 -4.87 -21.39 -63.52
N GLN M 189 -3.88 -22.02 -64.13
CA GLN M 189 -3.03 -21.33 -65.11
C GLN M 189 -3.04 -22.30 -66.28
N VAL M 190 -3.28 -21.79 -67.48
CA VAL M 190 -3.30 -22.65 -68.65
C VAL M 190 -2.69 -21.91 -69.82
N ALA M 191 -1.85 -22.61 -70.58
CA ALA M 191 -1.22 -22.04 -71.75
C ALA M 191 -1.51 -22.91 -72.95
N GLY M 192 -1.69 -22.25 -74.10
CA GLY M 192 -1.91 -22.93 -75.35
C GLY M 192 -0.68 -22.56 -76.17
N PHE M 193 -0.04 -23.56 -76.76
CA PHE M 193 1.15 -23.35 -77.58
C PHE M 193 0.98 -23.95 -78.98
N ASP M 194 1.62 -23.33 -79.97
CA ASP M 194 1.57 -23.78 -81.36
C ASP M 194 2.94 -23.45 -81.92
N TYR M 195 3.81 -24.45 -82.03
CA TYR M 195 5.16 -24.25 -82.55
C TYR M 195 5.18 -23.58 -83.92
N SER M 196 4.16 -23.84 -84.74
CA SER M 196 4.09 -23.27 -86.08
C SER M 196 3.54 -21.84 -86.15
N CYS M 197 3.11 -21.28 -85.01
CA CYS M 197 2.54 -19.94 -84.94
C CYS M 197 1.38 -19.78 -85.95
N ALA M 198 0.55 -20.81 -86.01
CA ALA M 198 -0.62 -20.85 -86.87
C ALA M 198 -0.33 -20.52 -88.35
N ILE M 199 0.87 -20.86 -88.82
CA ILE M 199 1.29 -20.60 -90.21
C ILE M 199 0.35 -21.22 -91.28
N ASN M 200 -0.15 -22.42 -91.00
CA ASN M 200 -1.06 -23.15 -91.89
C ASN M 200 -2.46 -23.28 -91.31
N ALA M 201 -2.76 -22.52 -90.26
CA ALA M 201 -4.07 -22.59 -89.64
C ALA M 201 -5.08 -21.64 -90.30
N PRO M 202 -6.36 -22.06 -90.34
CA PRO M 202 -7.44 -21.26 -90.93
C PRO M 202 -7.50 -19.91 -90.22
N ALA M 203 -7.42 -18.84 -91.00
CA ALA M 203 -7.44 -17.48 -90.48
C ALA M 203 -6.21 -17.21 -89.62
N ASN M 204 -5.18 -18.07 -89.77
CA ASN M 204 -3.94 -17.97 -89.00
C ASN M 204 -4.22 -17.86 -87.51
N THR M 205 -5.22 -18.61 -87.07
CA THR M 205 -5.64 -18.61 -85.67
C THR M 205 -5.79 -20.04 -85.17
N GLN M 206 -5.20 -20.33 -84.01
CA GLN M 206 -5.30 -21.65 -83.41
C GLN M 206 -6.17 -21.48 -82.16
N GLN M 207 -7.23 -22.28 -82.06
CA GLN M 207 -8.12 -22.21 -80.93
C GLN M 207 -7.64 -23.11 -79.78
N PHE M 208 -7.83 -22.65 -78.54
CA PHE M 208 -7.48 -23.45 -77.36
C PHE M 208 -8.66 -23.44 -76.41
N GLU M 209 -8.66 -24.38 -75.50
CA GLU M 209 -9.76 -24.46 -74.56
C GLU M 209 -9.28 -25.24 -73.34
N HIS M 210 -9.73 -24.84 -72.16
CA HIS M 210 -9.38 -25.54 -70.94
C HIS M 210 -10.64 -25.60 -70.11
N ILE M 211 -11.05 -26.82 -69.74
CA ILE M 211 -12.26 -27.01 -68.93
C ILE M 211 -11.91 -27.62 -67.58
N VAL M 212 -12.47 -27.05 -66.52
CA VAL M 212 -12.21 -27.54 -65.18
C VAL M 212 -13.56 -27.77 -64.50
N GLN M 213 -13.76 -29.00 -64.06
CA GLN M 213 -15.01 -29.37 -63.40
C GLN M 213 -14.85 -29.42 -61.89
N LEU M 214 -15.57 -28.54 -61.18
CA LEU M 214 -15.46 -28.51 -59.73
C LEU M 214 -16.21 -29.69 -59.15
N ARG M 215 -15.74 -30.19 -58.01
CA ARG M 215 -16.40 -31.32 -57.35
C ARG M 215 -17.59 -30.83 -56.55
N ARG M 216 -17.64 -29.52 -56.30
CA ARG M 216 -18.76 -28.92 -55.57
C ARG M 216 -19.01 -27.56 -56.24
N VAL M 217 -20.26 -27.13 -56.19
CA VAL M 217 -20.63 -25.85 -56.75
C VAL M 217 -20.12 -24.73 -55.84
N LEU M 218 -19.63 -23.67 -56.47
CA LEU M 218 -19.21 -22.52 -55.72
C LEU M 218 -20.19 -21.42 -56.12
N THR M 219 -20.62 -20.64 -55.14
CA THR M 219 -21.50 -19.53 -55.40
C THR M 219 -20.81 -18.25 -54.90
N THR M 220 -21.30 -17.10 -55.37
CA THR M 220 -20.79 -15.80 -54.94
C THR M 220 -19.24 -15.67 -54.95
N ALA M 221 -18.62 -16.20 -56.00
CA ALA M 221 -17.17 -16.17 -56.17
C ALA M 221 -16.66 -14.84 -56.78
N THR M 222 -15.66 -14.29 -56.10
CA THR M 222 -14.94 -13.10 -56.58
C THR M 222 -13.66 -13.63 -57.19
N ILE M 223 -13.50 -13.36 -58.47
CA ILE M 223 -12.39 -13.96 -59.22
C ILE M 223 -11.49 -12.97 -59.96
N THR M 224 -10.19 -13.25 -59.97
CA THR M 224 -9.21 -12.42 -60.67
C THR M 224 -8.86 -13.21 -61.93
N LEU M 225 -8.97 -12.57 -63.10
CA LEU M 225 -8.64 -13.23 -64.36
C LEU M 225 -7.63 -12.32 -65.00
N LEU M 226 -6.50 -12.88 -65.38
CA LEU M 226 -5.43 -12.11 -65.99
C LEU M 226 -4.93 -12.82 -67.22
N PRO M 227 -4.45 -12.07 -68.22
CA PRO M 227 -3.93 -12.72 -69.41
C PRO M 227 -2.53 -13.22 -69.05
N ASP M 228 -2.07 -14.24 -69.78
CA ASP M 228 -0.74 -14.85 -69.60
C ASP M 228 -0.69 -15.87 -68.49
N ALA M 229 0.15 -16.89 -68.69
CA ALA M 229 0.36 -17.94 -67.70
C ALA M 229 1.88 -17.90 -67.46
N GLU M 230 2.30 -17.13 -66.46
CA GLU M 230 3.71 -16.99 -66.15
C GLU M 230 4.40 -18.33 -65.91
N ARG M 231 3.68 -19.25 -65.29
CA ARG M 231 4.20 -20.57 -65.02
C ARG M 231 4.64 -21.32 -66.29
N PHE M 232 4.05 -20.97 -67.44
CA PHE M 232 4.38 -21.64 -68.69
C PHE M 232 4.96 -20.67 -69.69
N SER M 233 5.72 -19.71 -69.20
CA SER M 233 6.31 -18.71 -70.05
C SER M 233 7.80 -18.84 -70.15
N PHE M 234 8.34 -19.90 -69.55
CA PHE M 234 9.78 -20.10 -69.61
C PHE M 234 10.18 -21.45 -70.27
N PRO M 235 11.42 -21.55 -70.72
CA PRO M 235 11.94 -22.76 -71.37
C PRO M 235 11.89 -23.98 -70.49
N ARG M 236 11.41 -25.08 -71.06
CA ARG M 236 11.29 -26.30 -70.30
C ARG M 236 11.69 -27.50 -71.15
N VAL M 237 12.13 -28.49 -70.44
CA VAL M 237 12.40 -29.82 -70.99
C VAL M 237 11.41 -30.70 -70.26
N ILE M 238 10.51 -31.27 -71.02
CA ILE M 238 9.39 -32.02 -70.45
C ILE M 238 9.39 -33.49 -70.88
N ASN M 239 8.81 -34.36 -70.06
CA ASN M 239 8.75 -35.77 -70.42
C ASN M 239 7.63 -35.92 -71.44
N SER M 240 7.83 -36.84 -72.38
CA SER M 240 6.83 -37.10 -73.41
C SER M 240 5.63 -37.78 -72.76
N ALA M 241 4.49 -37.80 -73.43
CA ALA M 241 3.30 -38.42 -72.90
C ALA M 241 3.52 -39.88 -72.45
N ASP M 242 4.30 -40.64 -73.21
CA ASP M 242 4.56 -42.06 -72.90
C ASP M 242 5.76 -42.28 -71.97
N GLY M 243 6.39 -41.18 -71.55
CA GLY M 243 7.54 -41.26 -70.67
C GLY M 243 8.82 -41.77 -71.31
N ALA M 244 8.78 -42.05 -72.60
CA ALA M 244 9.95 -42.59 -73.29
C ALA M 244 11.06 -41.59 -73.64
N THR M 245 10.75 -40.30 -73.69
CA THR M 245 11.76 -39.29 -74.03
C THR M 245 11.38 -37.91 -73.47
N THR M 246 12.14 -36.88 -73.85
CA THR M 246 11.87 -35.53 -73.40
C THR M 246 11.85 -34.54 -74.56
N TRP M 247 10.93 -33.58 -74.50
CA TRP M 247 10.79 -32.55 -75.53
C TRP M 247 11.19 -31.18 -74.99
N TYR M 248 11.45 -30.25 -75.90
CA TYR M 248 11.86 -28.91 -75.54
C TYR M 248 10.77 -27.88 -75.82
N PHE M 249 10.47 -27.05 -74.83
CA PHE M 249 9.46 -26.00 -74.94
C PHE M 249 10.23 -24.70 -74.75
N ASN M 250 10.18 -23.85 -75.77
CA ASN M 250 10.88 -22.58 -75.76
C ASN M 250 9.87 -21.49 -76.07
N PRO M 251 8.99 -21.11 -75.13
CA PRO M 251 7.92 -20.14 -75.39
C PRO M 251 8.36 -18.70 -75.61
N VAL M 252 7.53 -18.06 -76.41
CA VAL M 252 7.50 -16.62 -76.69
C VAL M 252 6.02 -16.28 -76.57
N ILE M 253 5.70 -15.29 -75.76
CA ILE M 253 4.30 -15.02 -75.40
C ILE M 253 3.62 -13.92 -76.21
N LEU M 254 2.40 -14.20 -76.62
CA LEU M 254 1.56 -13.26 -77.38
C LEU M 254 0.28 -13.09 -76.57
N ARG M 255 -0.46 -12.00 -76.79
CA ARG M 255 -1.69 -11.82 -76.03
C ARG M 255 -2.73 -12.79 -76.44
N PRO M 256 -3.44 -13.37 -75.46
CA PRO M 256 -4.48 -14.31 -75.82
C PRO M 256 -5.58 -13.54 -76.57
N ASN M 257 -6.00 -14.10 -77.68
CA ASN M 257 -7.01 -13.52 -78.57
C ASN M 257 -8.40 -14.16 -78.35
N ASN M 258 -9.46 -13.34 -78.38
CA ASN M 258 -10.84 -13.80 -78.17
C ASN M 258 -11.06 -14.64 -76.93
N VAL M 259 -10.58 -14.11 -75.81
CA VAL M 259 -10.71 -14.77 -74.55
C VAL M 259 -12.17 -14.81 -74.14
N GLU M 260 -12.65 -15.99 -73.75
CA GLU M 260 -14.01 -16.15 -73.28
C GLU M 260 -14.03 -17.11 -72.10
N VAL M 261 -14.49 -16.62 -70.95
CA VAL M 261 -14.58 -17.46 -69.78
C VAL M 261 -16.04 -17.74 -69.51
N GLU M 262 -16.38 -19.00 -69.35
CA GLU M 262 -17.74 -19.35 -69.04
C GLU M 262 -17.78 -20.11 -67.74
N PHE M 263 -18.70 -19.71 -66.88
CA PHE M 263 -18.92 -20.36 -65.59
C PHE M 263 -20.26 -21.02 -65.82
N LEU M 264 -20.22 -22.35 -65.88
CA LEU M 264 -21.43 -23.11 -66.15
C LEU M 264 -21.93 -23.85 -64.95
N LEU M 265 -23.23 -24.13 -64.96
CA LEU M 265 -23.85 -24.88 -63.89
C LEU M 265 -24.70 -25.90 -64.61
N ASN M 266 -24.40 -27.18 -64.41
CA ASN M 266 -25.15 -28.26 -65.06
C ASN M 266 -25.25 -28.06 -66.58
N GLY M 267 -24.15 -27.62 -67.20
CA GLY M 267 -24.13 -27.44 -68.64
C GLY M 267 -24.64 -26.11 -69.13
N GLN M 268 -25.26 -25.34 -68.26
CA GLN M 268 -25.78 -24.04 -68.64
C GLN M 268 -24.81 -22.92 -68.32
N ILE M 269 -24.68 -21.96 -69.21
CA ILE M 269 -23.84 -20.80 -68.97
C ILE M 269 -24.56 -19.89 -67.96
N ILE M 270 -23.92 -19.65 -66.82
CA ILE M 270 -24.50 -18.80 -65.81
C ILE M 270 -23.82 -17.44 -65.96
N ASN M 271 -22.51 -17.43 -66.17
CA ASN M 271 -21.78 -16.19 -66.37
C ASN M 271 -20.83 -16.37 -67.52
N THR M 272 -20.69 -15.33 -68.33
CA THR M 272 -19.77 -15.37 -69.44
C THR M 272 -19.10 -14.01 -69.55
N TYR M 273 -17.79 -14.03 -69.75
CA TYR M 273 -16.98 -12.82 -69.86
C TYR M 273 -16.08 -12.91 -71.08
N GLN M 274 -16.14 -11.88 -71.92
CA GLN M 274 -15.35 -11.85 -73.13
C GLN M 274 -14.21 -10.90 -72.95
N ALA M 275 -13.01 -11.44 -72.89
CA ALA M 275 -11.81 -10.63 -72.78
C ALA M 275 -11.82 -9.62 -71.65
N ARG M 276 -12.44 -9.98 -70.52
CA ARG M 276 -12.47 -9.06 -69.40
C ARG M 276 -11.48 -9.49 -68.34
N PHE M 277 -10.38 -8.75 -68.21
CA PHE M 277 -9.35 -9.07 -67.23
C PHE M 277 -9.52 -8.19 -65.99
N GLY M 278 -9.14 -8.70 -64.84
CA GLY M 278 -9.31 -7.93 -63.62
C GLY M 278 -10.25 -8.72 -62.71
N THR M 279 -11.14 -8.04 -62.03
CA THR M 279 -12.07 -8.71 -61.13
C THR M 279 -13.45 -8.96 -61.73
N ILE M 280 -13.87 -10.22 -61.73
CA ILE M 280 -15.17 -10.63 -62.27
C ILE M 280 -15.89 -11.51 -61.23
N ILE M 281 -17.22 -11.50 -61.27
CA ILE M 281 -18.06 -12.28 -60.35
C ILE M 281 -18.70 -13.50 -61.05
N ALA M 282 -18.60 -14.68 -60.45
CA ALA M 282 -19.20 -15.89 -60.98
C ALA M 282 -20.16 -16.27 -59.85
N ARG M 283 -21.44 -16.12 -60.07
CA ARG M 283 -22.40 -16.26 -58.94
C ARG M 283 -22.84 -17.70 -58.59
N ASN M 284 -22.65 -18.66 -59.46
CA ASN M 284 -23.11 -20.05 -59.17
C ASN M 284 -22.63 -20.94 -60.31
N PHE M 285 -21.67 -21.81 -60.04
CA PHE M 285 -21.13 -22.64 -61.11
C PHE M 285 -20.45 -23.90 -60.58
N ASP M 286 -20.40 -24.92 -61.43
CA ASP M 286 -19.74 -26.19 -61.09
C ASP M 286 -18.69 -26.49 -62.13
N THR M 287 -18.55 -25.59 -63.11
CA THR M 287 -17.58 -25.78 -64.18
C THR M 287 -17.08 -24.46 -64.70
N ILE M 288 -15.80 -24.42 -65.05
CA ILE M 288 -15.20 -23.23 -65.62
C ILE M 288 -14.65 -23.67 -66.98
N ARG M 289 -14.91 -22.88 -68.01
CA ARG M 289 -14.40 -23.17 -69.33
C ARG M 289 -13.68 -21.94 -69.83
N LEU M 290 -12.39 -22.09 -70.12
CA LEU M 290 -11.59 -20.98 -70.64
C LEU M 290 -11.25 -21.27 -72.09
N SER M 291 -11.68 -20.37 -72.99
CA SER M 291 -11.40 -20.51 -74.41
C SER M 291 -10.60 -19.30 -74.80
N PHE M 292 -9.54 -19.54 -75.57
CA PHE M 292 -8.65 -18.46 -76.00
C PHE M 292 -7.94 -18.92 -77.26
N GLN M 293 -7.41 -17.98 -78.01
CA GLN M 293 -6.76 -18.27 -79.28
C GLN M 293 -5.40 -17.65 -79.43
N LEU M 294 -4.61 -18.21 -80.33
CA LEU M 294 -3.32 -17.69 -80.69
C LEU M 294 -3.56 -17.20 -82.10
N MET M 295 -3.35 -15.93 -82.36
CA MET M 295 -3.55 -15.46 -83.71
C MET M 295 -2.20 -15.02 -84.21
N ARG M 296 -1.76 -15.58 -85.34
CA ARG M 296 -0.46 -15.19 -85.90
C ARG M 296 -0.51 -13.69 -86.19
N PRO M 297 0.48 -12.92 -85.71
CA PRO M 297 0.49 -11.47 -85.93
C PRO M 297 0.47 -11.17 -87.43
N PRO M 298 -0.53 -10.41 -87.89
CA PRO M 298 -0.60 -10.10 -89.32
C PRO M 298 0.53 -9.16 -89.78
N ASN M 299 1.05 -8.36 -88.87
CA ASN M 299 2.14 -7.43 -89.18
C ASN M 299 3.25 -7.66 -88.20
N MET M 300 4.45 -7.88 -88.71
CA MET M 300 5.60 -8.16 -87.85
C MET M 300 6.84 -7.37 -88.16
N THR M 301 7.47 -6.79 -87.15
CA THR M 301 8.73 -6.08 -87.38
C THR M 301 9.75 -7.20 -87.71
N PRO M 302 10.90 -6.86 -88.30
CA PRO M 302 11.91 -7.88 -88.63
C PRO M 302 12.24 -8.84 -87.48
N ALA M 303 12.47 -8.28 -86.29
CA ALA M 303 12.81 -9.08 -85.11
C ALA M 303 11.73 -10.12 -84.83
N VAL M 304 10.48 -9.75 -85.01
CA VAL M 304 9.37 -10.67 -84.77
C VAL M 304 9.28 -11.69 -85.92
N ALA M 305 9.33 -11.18 -87.15
CA ALA M 305 9.25 -12.02 -88.34
C ALA M 305 10.28 -13.17 -88.29
N ALA M 306 11.46 -12.85 -87.75
CA ALA M 306 12.56 -13.80 -87.60
C ALA M 306 12.27 -14.98 -86.68
N LEU M 307 11.31 -14.81 -85.78
CA LEU M 307 10.98 -15.87 -84.83
C LEU M 307 10.06 -16.88 -85.44
N PHE M 308 9.29 -16.43 -86.44
CA PHE M 308 8.27 -17.25 -87.10
C PHE M 308 8.44 -17.47 -88.60
N PRO M 309 9.33 -18.40 -88.99
CA PRO M 309 9.61 -18.73 -90.40
C PRO M 309 8.48 -19.49 -91.06
N ASN M 310 8.52 -19.59 -92.38
CA ASN M 310 7.48 -20.31 -93.11
C ASN M 310 7.69 -21.81 -93.05
N ALA M 311 8.92 -22.20 -92.74
CA ALA M 311 9.28 -23.62 -92.67
C ALA M 311 10.06 -23.93 -91.40
N GLN M 312 9.98 -25.19 -90.99
CA GLN M 312 10.72 -25.66 -89.80
C GLN M 312 12.19 -25.52 -90.13
N PRO M 313 13.07 -25.55 -89.11
CA PRO M 313 12.77 -25.70 -87.68
C PRO M 313 12.07 -24.52 -87.01
N PHE M 314 11.12 -24.84 -86.15
CA PHE M 314 10.38 -23.82 -85.40
C PHE M 314 11.12 -23.74 -84.06
N GLU M 315 11.85 -22.65 -83.87
CA GLU M 315 12.66 -22.50 -82.67
C GLU M 315 12.11 -21.63 -81.54
N HIS M 316 11.12 -20.82 -81.86
CA HIS M 316 10.47 -19.97 -80.87
C HIS M 316 9.04 -20.42 -80.95
N HIS M 317 8.52 -20.86 -79.81
CA HIS M 317 7.17 -21.41 -79.74
C HIS M 317 6.08 -20.48 -79.21
N ALA M 318 5.24 -20.00 -80.13
CA ALA M 318 4.14 -19.08 -79.82
C ALA M 318 3.24 -19.67 -78.75
N THR M 319 3.05 -18.88 -77.70
CA THR M 319 2.26 -19.29 -76.55
C THR M 319 1.36 -18.17 -76.06
N VAL M 320 0.11 -18.54 -75.75
CA VAL M 320 -0.88 -17.61 -75.20
C VAL M 320 -1.40 -18.27 -73.93
N GLY M 321 -1.77 -17.50 -72.91
CA GLY M 321 -2.26 -18.10 -71.69
C GLY M 321 -3.20 -17.25 -70.87
N LEU M 322 -3.71 -17.84 -69.79
CA LEU M 322 -4.64 -17.19 -68.88
C LEU M 322 -4.35 -17.65 -67.46
N THR M 323 -4.67 -16.78 -66.50
CA THR M 323 -4.52 -17.10 -65.08
C THR M 323 -5.82 -16.71 -64.43
N LEU M 324 -6.40 -17.61 -63.66
CA LEU M 324 -7.67 -17.37 -62.99
C LEU M 324 -7.53 -17.74 -61.51
N ARG M 325 -7.88 -16.83 -60.61
CA ARG M 325 -7.81 -17.12 -59.17
C ARG M 325 -9.11 -16.79 -58.46
N ILE M 326 -9.63 -17.76 -57.71
CA ILE M 326 -10.86 -17.55 -56.96
C ILE M 326 -10.43 -17.00 -55.62
N GLU M 327 -10.61 -15.69 -55.41
CA GLU M 327 -10.23 -15.04 -54.17
C GLU M 327 -11.12 -15.47 -53.01
N SER M 328 -12.44 -15.48 -53.23
CA SER M 328 -13.37 -15.86 -52.20
C SER M 328 -14.58 -16.46 -52.88
N ALA M 329 -15.32 -17.27 -52.11
CA ALA M 329 -16.53 -17.91 -52.61
C ALA M 329 -17.27 -18.55 -51.46
N VAL M 330 -18.50 -18.95 -51.72
CA VAL M 330 -19.29 -19.62 -50.72
C VAL M 330 -19.54 -21.03 -51.25
N CYS M 331 -19.53 -22.03 -50.37
CA CYS M 331 -19.81 -23.40 -50.78
C CYS M 331 -20.76 -23.98 -49.77
N GLU M 332 -21.68 -24.81 -50.25
CA GLU M 332 -22.63 -25.46 -49.38
C GLU M 332 -21.95 -26.63 -48.63
N SER M 333 -20.78 -27.07 -49.11
CA SER M 333 -20.02 -28.16 -48.49
C SER M 333 -18.74 -27.62 -47.86
N VAL M 334 -18.28 -28.23 -46.76
CA VAL M 334 -17.05 -27.75 -46.15
C VAL M 334 -15.90 -28.03 -47.12
N LEU M 335 -14.91 -27.14 -47.11
CA LEU M 335 -13.72 -27.28 -47.96
C LEU M 335 -12.58 -26.69 -47.18
N ALA M 336 -11.37 -27.02 -47.60
CA ALA M 336 -10.19 -26.40 -47.01
C ALA M 336 -10.06 -25.07 -47.79
N ASP M 337 -9.45 -24.06 -47.17
CA ASP M 337 -9.21 -22.78 -47.85
C ASP M 337 -7.88 -22.23 -47.32
N ALA M 338 -7.53 -20.98 -47.65
CA ALA M 338 -6.25 -20.43 -47.22
C ALA M 338 -6.24 -19.74 -45.85
N SER M 339 -7.37 -19.73 -45.15
CA SER M 339 -7.44 -19.08 -43.86
C SER M 339 -7.84 -19.95 -42.68
N GLU M 340 -8.79 -20.86 -42.88
CA GLU M 340 -9.26 -21.72 -41.82
C GLU M 340 -8.29 -22.82 -41.47
N THR M 341 -8.22 -23.14 -40.17
CA THR M 341 -7.29 -24.15 -39.69
C THR M 341 -7.92 -25.52 -39.48
N MET M 342 -9.19 -25.69 -39.84
CA MET M 342 -9.88 -26.96 -39.66
C MET M 342 -9.19 -28.19 -40.20
N LEU M 343 -8.88 -28.19 -41.49
CA LEU M 343 -8.21 -29.32 -42.09
C LEU M 343 -6.91 -29.59 -41.34
N ALA M 344 -6.13 -28.54 -41.10
CA ALA M 344 -4.86 -28.67 -40.40
C ALA M 344 -5.04 -29.21 -38.98
N ASN M 345 -6.11 -28.80 -38.28
CA ASN M 345 -6.35 -29.28 -36.91
C ASN M 345 -6.64 -30.76 -36.90
N VAL M 346 -7.56 -31.20 -37.76
CA VAL M 346 -7.95 -32.60 -37.86
C VAL M 346 -6.74 -33.44 -38.27
N THR M 347 -6.04 -32.99 -39.30
CA THR M 347 -4.88 -33.70 -39.80
C THR M 347 -3.80 -33.76 -38.71
N SER M 348 -3.60 -32.67 -38.00
CA SER M 348 -2.59 -32.61 -36.96
C SER M 348 -2.88 -33.51 -35.77
N VAL M 349 -4.14 -33.55 -35.30
CA VAL M 349 -4.44 -34.39 -34.16
C VAL M 349 -4.23 -35.84 -34.55
N ARG M 350 -4.68 -36.23 -35.73
CA ARG M 350 -4.50 -37.62 -36.19
C ARG M 350 -3.03 -38.01 -36.31
N GLN M 351 -2.20 -37.11 -36.84
CA GLN M 351 -0.76 -37.36 -37.00
C GLN M 351 -0.06 -37.46 -35.65
N GLU M 352 -0.34 -36.53 -34.75
CA GLU M 352 0.29 -36.52 -33.44
C GLU M 352 0.01 -37.82 -32.66
N TYR M 353 -1.22 -38.32 -32.72
CA TYR M 353 -1.57 -39.54 -31.99
C TYR M 353 -1.45 -40.80 -32.78
N ALA M 354 -0.73 -40.76 -33.89
CA ALA M 354 -0.52 -41.94 -34.71
C ALA M 354 -1.81 -42.73 -35.00
N ILE M 355 -2.87 -42.00 -35.35
CA ILE M 355 -4.15 -42.63 -35.64
C ILE M 355 -4.04 -43.45 -36.94
N PRO M 356 -4.41 -44.74 -36.89
CA PRO M 356 -4.34 -45.61 -38.09
C PRO M 356 -5.27 -45.13 -39.21
N VAL M 357 -4.91 -45.41 -40.46
CA VAL M 357 -5.76 -45.05 -41.60
C VAL M 357 -7.09 -45.76 -41.39
N GLY M 358 -8.18 -45.06 -41.65
CA GLY M 358 -9.49 -45.65 -41.48
C GLY M 358 -10.15 -45.99 -42.79
N PRO M 359 -11.43 -46.33 -42.78
CA PRO M 359 -12.16 -46.68 -44.01
C PRO M 359 -12.70 -45.51 -44.84
N VAL M 360 -12.74 -44.31 -44.28
CA VAL M 360 -13.30 -43.17 -45.00
C VAL M 360 -12.29 -42.24 -45.65
N PHE M 361 -11.41 -41.66 -44.83
CA PHE M 361 -10.43 -40.68 -45.32
C PHE M 361 -9.15 -41.24 -45.96
N PRO M 362 -8.62 -40.54 -47.00
CA PRO M 362 -7.39 -41.03 -47.63
C PRO M 362 -6.26 -40.93 -46.64
N PRO M 363 -5.18 -41.72 -46.85
CA PRO M 363 -4.05 -41.66 -45.93
C PRO M 363 -3.56 -40.19 -45.77
N GLY M 364 -3.33 -39.82 -44.53
CA GLY M 364 -2.85 -38.48 -44.19
C GLY M 364 -3.84 -37.36 -44.39
N MET M 365 -5.12 -37.69 -44.58
CA MET M 365 -6.17 -36.70 -44.84
C MET M 365 -5.73 -35.92 -46.08
N ASN M 366 -5.03 -36.56 -47.02
CA ASN M 366 -4.54 -35.87 -48.23
C ASN M 366 -5.62 -35.08 -48.95
N TRP M 367 -5.44 -33.76 -49.03
CA TRP M 367 -6.47 -32.94 -49.64
C TRP M 367 -6.76 -33.28 -51.08
N THR M 368 -5.74 -33.38 -51.91
CA THR M 368 -5.99 -33.71 -53.30
C THR M 368 -6.83 -34.99 -53.42
N ASP M 369 -6.44 -36.05 -52.73
CA ASP M 369 -7.18 -37.30 -52.81
C ASP M 369 -8.60 -37.13 -52.31
N LEU M 370 -8.76 -36.38 -51.23
CA LEU M 370 -10.07 -36.17 -50.66
C LEU M 370 -11.02 -35.44 -51.62
N ILE M 371 -10.60 -34.30 -52.13
CA ILE M 371 -11.43 -33.52 -53.04
C ILE M 371 -11.63 -34.21 -54.40
N THR M 372 -10.68 -35.04 -54.83
CA THR M 372 -10.83 -35.75 -56.10
C THR M 372 -11.99 -36.75 -56.03
N ASN M 373 -12.13 -37.43 -54.90
CA ASN M 373 -13.22 -38.38 -54.72
C ASN M 373 -13.95 -37.98 -53.48
N TYR M 374 -14.61 -36.82 -53.57
CA TYR M 374 -15.35 -36.24 -52.46
C TYR M 374 -16.72 -36.88 -52.33
N SER M 375 -16.75 -38.11 -51.86
CA SER M 375 -18.01 -38.83 -51.71
C SER M 375 -18.88 -38.26 -50.60
N PRO M 376 -20.17 -38.64 -50.60
CA PRO M 376 -21.07 -38.13 -49.56
C PRO M 376 -20.53 -38.51 -48.17
N SER M 377 -20.03 -39.74 -48.04
CA SER M 377 -19.49 -40.20 -46.76
C SER M 377 -18.30 -39.36 -46.33
N ARG M 378 -17.37 -39.08 -47.23
CA ARG M 378 -16.23 -38.26 -46.86
C ARG M 378 -16.69 -36.86 -46.43
N GLU M 379 -17.69 -36.30 -47.14
CA GLU M 379 -18.19 -34.96 -46.79
C GLU M 379 -18.88 -34.93 -45.44
N ASP M 380 -19.71 -35.93 -45.15
CA ASP M 380 -20.40 -35.95 -43.86
C ASP M 380 -19.40 -36.10 -42.73
N ASN M 381 -18.43 -37.00 -42.91
CA ASN M 381 -17.38 -37.19 -41.92
C ASN M 381 -16.52 -35.91 -41.79
N LEU M 382 -16.17 -35.30 -42.92
CA LEU M 382 -15.38 -34.08 -42.92
C LEU M 382 -16.11 -32.98 -42.18
N GLN M 383 -17.42 -32.84 -42.43
CA GLN M 383 -18.16 -31.78 -41.77
C GLN M 383 -18.23 -32.03 -40.28
N ARG M 384 -18.43 -33.27 -39.87
CA ARG M 384 -18.52 -33.58 -38.46
C ARG M 384 -17.21 -33.23 -37.77
N VAL M 385 -16.18 -33.67 -38.43
CA VAL M 385 -14.81 -33.56 -37.94
C VAL M 385 -14.36 -32.06 -37.97
N PHE M 386 -14.79 -31.30 -38.97
CA PHE M 386 -14.44 -29.84 -39.07
C PHE M 386 -15.21 -29.05 -37.99
N THR M 387 -16.47 -29.41 -37.80
CA THR M 387 -17.27 -28.74 -36.79
C THR M 387 -16.67 -28.96 -35.40
N VAL M 388 -16.19 -30.18 -35.12
CA VAL M 388 -15.55 -30.48 -33.83
C VAL M 388 -14.25 -29.68 -33.68
N ALA M 389 -13.48 -29.60 -34.76
CA ALA M 389 -12.23 -28.85 -34.73
C ALA M 389 -12.53 -27.38 -34.39
N SER M 390 -13.61 -26.85 -34.94
CA SER M 390 -13.97 -25.47 -34.68
C SER M 390 -14.44 -25.28 -33.23
N ILE M 391 -15.04 -26.31 -32.65
CA ILE M 391 -15.52 -26.22 -31.26
C ILE M 391 -14.29 -26.20 -30.38
N ARG M 392 -13.34 -27.06 -30.70
CA ARG M 392 -12.10 -27.14 -29.95
C ARG M 392 -11.28 -25.85 -29.99
N SER M 393 -11.18 -25.21 -31.16
CA SER M 393 -10.42 -23.97 -31.32
C SER M 393 -10.97 -22.76 -30.55
N MET M 394 -12.11 -22.91 -29.90
CA MET M 394 -12.71 -21.82 -29.16
C MET M 394 -11.98 -21.75 -27.83
N LEU M 395 -11.36 -22.86 -27.45
CA LEU M 395 -10.68 -22.98 -26.17
C LEU M 395 -9.21 -23.32 -26.26
N VAL M 396 -8.88 -24.17 -27.21
CA VAL M 396 -7.52 -24.66 -27.39
C VAL M 396 -7.02 -24.38 -28.78
N LYS M 397 -5.96 -23.60 -28.88
CA LYS M 397 -5.40 -23.29 -30.18
C LYS M 397 -3.97 -23.74 -30.14
N MET N 1 -33.35 2.71 -42.11
CA MET N 1 -32.17 1.86 -42.35
C MET N 1 -31.70 1.09 -41.12
N ASP N 2 -31.12 1.80 -40.14
CA ASP N 2 -30.65 1.14 -38.93
C ASP N 2 -31.70 0.12 -38.53
N VAL N 3 -32.95 0.46 -38.82
CA VAL N 3 -34.09 -0.40 -38.54
C VAL N 3 -33.66 -1.77 -39.07
N LEU N 4 -33.66 -1.85 -40.39
CA LEU N 4 -33.28 -3.05 -41.09
C LEU N 4 -32.29 -3.89 -40.32
N TYR N 5 -31.16 -3.31 -39.96
CA TYR N 5 -30.14 -4.06 -39.23
C TYR N 5 -30.77 -4.94 -38.16
N SER N 6 -31.28 -4.32 -37.11
CA SER N 6 -31.90 -5.05 -36.01
C SER N 6 -32.64 -6.30 -36.46
N LEU N 7 -33.58 -6.11 -37.38
CA LEU N 7 -34.41 -7.18 -37.91
C LEU N 7 -33.63 -8.49 -38.09
N SER N 8 -32.32 -8.34 -38.28
CA SER N 8 -31.49 -9.50 -38.47
C SER N 8 -30.84 -10.02 -37.18
N LYS N 9 -29.89 -9.28 -36.60
CA LYS N 9 -29.22 -9.74 -35.36
C LYS N 9 -30.31 -10.22 -34.43
N THR N 10 -31.54 -9.79 -34.74
CA THR N 10 -32.70 -10.20 -34.01
C THR N 10 -32.83 -11.69 -34.30
N LEU N 11 -33.03 -12.00 -35.58
CA LEU N 11 -33.18 -13.38 -35.99
C LEU N 11 -31.96 -14.27 -35.74
N LYS N 12 -30.75 -13.82 -36.10
CA LYS N 12 -29.54 -14.63 -35.88
C LYS N 12 -29.38 -14.94 -34.40
N ASP N 13 -29.18 -13.89 -33.61
CA ASP N 13 -29.04 -14.05 -32.18
C ASP N 13 -30.31 -14.75 -31.69
N ALA N 14 -31.19 -15.11 -32.62
CA ALA N 14 -32.45 -15.80 -32.31
C ALA N 14 -32.39 -17.25 -32.77
N ARG N 15 -32.41 -17.45 -34.07
CA ARG N 15 -32.35 -18.79 -34.65
C ARG N 15 -31.13 -19.52 -34.10
N ASP N 16 -30.32 -18.79 -33.34
CA ASP N 16 -29.11 -19.34 -32.74
C ASP N 16 -29.22 -19.64 -31.26
N LYS N 17 -29.72 -18.67 -30.47
CA LYS N 17 -29.83 -18.85 -29.03
C LYS N 17 -31.08 -19.62 -28.55
N ILE N 18 -31.86 -20.16 -29.49
CA ILE N 18 -33.06 -20.90 -29.13
C ILE N 18 -33.02 -22.36 -29.57
N VAL N 19 -32.56 -23.23 -28.68
CA VAL N 19 -32.48 -24.66 -28.99
C VAL N 19 -33.10 -25.52 -27.90
N GLU N 20 -33.74 -26.61 -28.32
CA GLU N 20 -34.38 -27.55 -27.41
C GLU N 20 -33.54 -27.68 -26.12
N GLY N 21 -33.99 -27.06 -25.03
CA GLY N 21 -33.26 -27.18 -23.77
C GLY N 21 -32.88 -25.96 -22.93
N THR N 22 -31.96 -25.16 -23.47
CA THR N 22 -31.45 -23.96 -22.82
C THR N 22 -32.32 -23.44 -21.70
N LEU N 23 -31.68 -23.05 -20.61
CA LEU N 23 -32.41 -22.49 -19.48
C LEU N 23 -32.82 -21.08 -19.90
N TYR N 24 -34.11 -20.78 -19.78
CA TYR N 24 -34.68 -19.48 -20.16
C TYR N 24 -33.77 -18.26 -20.01
N SER N 25 -33.40 -17.96 -18.77
CA SER N 25 -32.59 -16.80 -18.43
C SER N 25 -31.39 -16.45 -19.31
N ASN N 26 -31.17 -17.16 -20.40
CA ASN N 26 -30.06 -16.84 -21.29
C ASN N 26 -30.65 -15.95 -22.36
N VAL N 27 -31.98 -15.89 -22.35
CA VAL N 27 -32.69 -15.14 -23.34
C VAL N 27 -33.70 -14.12 -22.82
N SER N 28 -33.96 -14.10 -21.51
CA SER N 28 -34.93 -13.15 -20.98
C SER N 28 -34.73 -11.78 -21.63
N ASP N 29 -33.49 -11.29 -21.62
CA ASP N 29 -33.16 -10.00 -22.20
C ASP N 29 -33.40 -10.04 -23.70
N LEU N 30 -33.47 -11.25 -24.24
CA LEU N 30 -33.69 -11.44 -25.66
C LEU N 30 -35.16 -11.54 -26.05
N ILE N 31 -35.86 -12.52 -25.48
CA ILE N 31 -37.27 -12.71 -25.76
C ILE N 31 -37.91 -11.35 -25.88
N GLN N 32 -37.87 -10.59 -24.77
CA GLN N 32 -38.44 -9.25 -24.71
C GLN N 32 -38.24 -8.53 -26.04
N GLN N 33 -37.02 -8.06 -26.28
CA GLN N 33 -36.68 -7.35 -27.51
C GLN N 33 -37.51 -7.89 -28.66
N PHE N 34 -37.48 -9.21 -28.81
CA PHE N 34 -38.21 -9.83 -29.89
C PHE N 34 -39.66 -9.37 -29.97
N ASN N 35 -40.45 -9.80 -29.00
CA ASN N 35 -41.86 -9.46 -28.96
C ASN N 35 -42.08 -8.01 -29.40
N GLN N 36 -41.48 -7.08 -28.66
CA GLN N 36 -41.58 -5.65 -28.96
C GLN N 36 -41.80 -5.44 -30.46
N MET N 37 -41.02 -6.16 -31.24
CA MET N 37 -41.09 -6.07 -32.68
C MET N 37 -42.48 -6.44 -33.18
N ILE N 38 -42.78 -7.73 -33.09
CA ILE N 38 -44.07 -8.27 -33.51
C ILE N 38 -45.16 -7.23 -33.41
N ILE N 39 -45.28 -6.62 -32.23
CA ILE N 39 -46.30 -5.62 -31.98
C ILE N 39 -46.26 -4.52 -33.05
N THR N 40 -45.20 -3.74 -33.03
CA THR N 40 -45.02 -2.64 -33.97
C THR N 40 -45.45 -3.02 -35.39
N MET N 41 -45.20 -4.27 -35.76
CA MET N 41 -45.52 -4.79 -37.10
C MET N 41 -47.00 -5.02 -37.37
N ASN N 42 -47.48 -6.18 -36.91
CA ASN N 42 -48.87 -6.59 -37.08
C ASN N 42 -49.77 -5.44 -37.49
N GLY N 43 -50.51 -5.63 -38.58
CA GLY N 43 -51.43 -4.62 -39.04
C GLY N 43 -50.97 -3.79 -40.22
N ASN N 44 -49.68 -3.79 -40.49
CA ASN N 44 -49.15 -3.01 -41.61
C ASN N 44 -48.81 -3.94 -42.77
N GLU N 45 -49.39 -3.67 -43.94
CA GLU N 45 -49.15 -4.48 -45.15
C GLU N 45 -47.90 -4.02 -45.88
N PHE N 46 -47.23 -4.94 -46.58
CA PHE N 46 -46.03 -4.60 -47.32
C PHE N 46 -45.94 -5.11 -48.75
N GLN N 47 -45.20 -4.38 -49.57
CA GLN N 47 -45.04 -4.71 -50.98
C GLN N 47 -43.58 -4.68 -51.44
N THR N 48 -43.19 -5.70 -52.21
CA THR N 48 -41.83 -5.81 -52.72
C THR N 48 -41.78 -6.18 -54.18
N GLY N 49 -40.59 -6.09 -54.76
CA GLY N 49 -40.41 -6.43 -56.16
C GLY N 49 -41.00 -5.42 -57.12
N GLY N 50 -41.05 -5.79 -58.39
CA GLY N 50 -41.61 -4.90 -59.39
C GLY N 50 -40.60 -4.44 -60.43
N ILE N 51 -39.73 -5.34 -60.88
CA ILE N 51 -38.72 -5.04 -61.89
C ILE N 51 -38.03 -6.31 -62.37
N GLY N 52 -37.62 -6.30 -63.64
CA GLY N 52 -36.95 -7.45 -64.21
C GLY N 52 -37.66 -8.74 -63.84
N ASN N 53 -36.89 -9.71 -63.37
CA ASN N 53 -37.47 -10.98 -62.96
C ASN N 53 -37.58 -11.05 -61.44
N LEU N 54 -38.08 -9.96 -60.86
CA LEU N 54 -38.25 -9.92 -59.43
C LEU N 54 -39.71 -10.00 -59.05
N PRO N 55 -40.16 -11.17 -58.58
CA PRO N 55 -41.55 -11.38 -58.18
C PRO N 55 -42.10 -10.26 -57.30
N ILE N 56 -43.42 -10.09 -57.33
CA ILE N 56 -44.08 -9.05 -56.55
C ILE N 56 -44.82 -9.68 -55.39
N ARG N 57 -44.10 -10.32 -54.47
CA ARG N 57 -44.74 -10.97 -53.33
C ARG N 57 -45.27 -9.94 -52.33
N ASN N 58 -46.48 -10.19 -51.81
CA ASN N 58 -47.15 -9.30 -50.84
C ASN N 58 -47.09 -9.93 -49.45
N TRP N 59 -47.09 -9.10 -48.41
CA TRP N 59 -46.99 -9.62 -47.04
C TRP N 59 -47.97 -9.02 -46.03
N ASN N 60 -48.29 -9.80 -44.99
CA ASN N 60 -49.21 -9.37 -43.94
C ASN N 60 -48.75 -9.84 -42.57
N PHE N 61 -49.26 -9.24 -41.50
CA PHE N 61 -48.87 -9.61 -40.13
C PHE N 61 -50.01 -9.77 -39.12
N ASP N 62 -49.88 -10.75 -38.25
CA ASP N 62 -50.88 -11.05 -37.22
C ASP N 62 -50.37 -12.27 -36.44
N PHE N 63 -49.38 -12.08 -35.57
CA PHE N 63 -48.82 -13.20 -34.82
C PHE N 63 -48.84 -13.16 -33.31
N GLY N 64 -49.02 -14.32 -32.70
CA GLY N 64 -49.03 -14.43 -31.26
C GLY N 64 -47.63 -14.20 -30.73
N LEU N 65 -47.53 -13.71 -29.51
CA LEU N 65 -46.25 -13.43 -28.87
C LEU N 65 -45.48 -14.70 -28.54
N LEU N 66 -44.75 -14.67 -27.44
CA LEU N 66 -43.98 -15.84 -27.04
C LEU N 66 -43.92 -16.10 -25.54
N GLY N 67 -44.82 -16.98 -25.07
CA GLY N 67 -44.88 -17.32 -23.66
C GLY N 67 -43.51 -17.22 -22.99
N THR N 68 -43.35 -16.21 -22.15
CA THR N 68 -42.09 -16.00 -21.45
C THR N 68 -42.12 -16.76 -20.13
N THR N 69 -43.10 -17.64 -19.99
CA THR N 69 -43.30 -18.43 -18.78
C THR N 69 -42.21 -19.44 -18.41
N LEU N 70 -42.24 -20.59 -19.09
CA LEU N 70 -41.31 -21.70 -18.88
C LEU N 70 -39.90 -21.38 -18.39
N LEU N 71 -39.27 -22.39 -17.77
CA LEU N 71 -37.93 -22.24 -17.21
C LEU N 71 -36.91 -22.94 -18.11
N ASN N 72 -37.36 -24.02 -18.75
CA ASN N 72 -36.51 -24.75 -19.67
C ASN N 72 -37.37 -25.01 -20.90
N LEU N 73 -36.89 -24.57 -22.05
CA LEU N 73 -37.63 -24.70 -23.30
C LEU N 73 -37.82 -26.12 -23.78
N ASP N 74 -39.07 -26.47 -24.08
CA ASP N 74 -39.42 -27.80 -24.56
C ASP N 74 -39.51 -27.74 -26.07
N ALA N 75 -39.08 -28.81 -26.73
CA ALA N 75 -39.11 -28.88 -28.19
C ALA N 75 -40.31 -28.15 -28.76
N ASN N 76 -41.50 -28.51 -28.27
CA ASN N 76 -42.73 -27.91 -28.74
C ASN N 76 -42.66 -26.39 -28.82
N TYR N 77 -41.87 -25.79 -27.93
CA TYR N 77 -41.71 -24.34 -27.92
C TYR N 77 -40.99 -23.85 -29.16
N VAL N 78 -39.93 -24.55 -29.50
CA VAL N 78 -39.14 -24.20 -30.66
C VAL N 78 -40.01 -24.16 -31.91
N GLU N 79 -40.41 -25.34 -32.40
CA GLU N 79 -41.23 -25.44 -33.61
C GLU N 79 -42.31 -24.38 -33.80
N THR N 80 -43.03 -24.06 -32.73
CA THR N 80 -44.09 -23.04 -32.82
C THR N 80 -43.46 -21.67 -33.00
N ALA N 81 -42.14 -21.62 -32.92
CA ALA N 81 -41.40 -20.39 -33.08
C ALA N 81 -40.73 -20.36 -34.44
N ARG N 82 -39.99 -21.41 -34.75
CA ARG N 82 -39.29 -21.49 -36.04
C ARG N 82 -40.28 -21.22 -37.17
N ASN N 83 -41.50 -21.69 -37.03
CA ASN N 83 -42.53 -21.50 -38.05
C ASN N 83 -42.87 -20.03 -38.20
N THR N 84 -42.64 -19.24 -37.17
CA THR N 84 -42.93 -17.82 -37.22
C THR N 84 -41.71 -17.04 -37.71
N ILE N 85 -40.53 -17.62 -37.55
CA ILE N 85 -39.33 -16.95 -38.01
C ILE N 85 -39.20 -17.11 -39.51
N ASP N 86 -39.46 -18.32 -39.99
CA ASP N 86 -39.36 -18.62 -41.42
C ASP N 86 -40.23 -17.75 -42.32
N TYR N 87 -41.02 -16.84 -41.74
CA TYR N 87 -41.84 -15.95 -42.55
C TYR N 87 -41.04 -14.66 -42.62
N PHE N 88 -40.28 -14.39 -41.56
CA PHE N 88 -39.46 -13.19 -41.50
C PHE N 88 -38.21 -13.39 -42.33
N VAL N 89 -37.70 -14.61 -42.31
CA VAL N 89 -36.53 -14.92 -43.10
C VAL N 89 -36.98 -14.64 -44.54
N ASP N 90 -37.75 -15.56 -45.13
CA ASP N 90 -38.26 -15.45 -46.51
C ASP N 90 -38.77 -14.05 -46.82
N PHE N 91 -38.94 -13.23 -45.79
CA PHE N 91 -39.40 -11.87 -45.96
C PHE N 91 -38.20 -10.99 -46.22
N VAL N 92 -37.41 -10.77 -45.17
CA VAL N 92 -36.23 -9.94 -45.25
C VAL N 92 -35.48 -10.14 -46.58
N ASP N 93 -35.32 -11.40 -47.00
CA ASP N 93 -34.62 -11.72 -48.27
C ASP N 93 -35.27 -10.84 -49.33
N ASN N 94 -36.56 -11.03 -49.52
CA ASN N 94 -37.34 -10.26 -50.49
C ASN N 94 -37.29 -8.76 -50.22
N VAL N 95 -36.82 -8.37 -49.04
CA VAL N 95 -36.75 -6.96 -48.71
C VAL N 95 -35.41 -6.42 -49.13
N CYS N 96 -34.35 -7.09 -48.68
CA CYS N 96 -33.01 -6.66 -49.04
C CYS N 96 -32.93 -6.52 -50.55
N MET N 97 -33.15 -7.63 -51.22
CA MET N 97 -33.08 -7.68 -52.65
C MET N 97 -33.78 -6.49 -53.33
N ASP N 98 -34.97 -6.12 -52.85
CA ASP N 98 -35.72 -5.01 -53.45
C ASP N 98 -35.02 -3.66 -53.41
N GLU N 99 -34.31 -3.36 -52.32
CA GLU N 99 -33.60 -2.09 -52.20
C GLU N 99 -32.13 -2.27 -52.58
N MET N 100 -31.79 -3.47 -53.06
CA MET N 100 -30.43 -3.76 -53.46
C MET N 100 -30.30 -3.67 -54.96
N VAL N 101 -31.07 -2.79 -55.58
CA VAL N 101 -31.00 -2.64 -57.01
C VAL N 101 -31.32 -1.20 -57.42
N ARG N 102 -32.32 -0.62 -56.77
CA ARG N 102 -32.71 0.75 -57.09
C ARG N 102 -31.56 1.71 -56.79
N GLU N 103 -31.40 2.70 -57.67
CA GLU N 103 -30.31 3.68 -57.57
C GLU N 103 -30.82 5.10 -57.85
N SER N 104 -30.15 6.10 -57.28
CA SER N 104 -30.57 7.49 -57.49
C SER N 104 -29.36 8.43 -57.61
N GLN N 105 -29.30 9.19 -58.69
CA GLN N 105 -28.19 10.13 -58.93
C GLN N 105 -28.06 11.19 -57.85
N ARG N 106 -29.17 11.82 -57.49
CA ARG N 106 -29.23 12.88 -56.47
C ARG N 106 -28.94 12.35 -55.06
N ASN N 107 -29.99 11.89 -54.37
CA ASN N 107 -29.84 11.34 -53.04
C ASN N 107 -29.72 9.83 -53.14
N GLY N 108 -28.70 9.37 -53.85
CA GLY N 108 -28.50 7.93 -54.02
C GLY N 108 -27.87 7.29 -52.81
N ILE N 109 -27.96 7.98 -51.68
CA ILE N 109 -27.40 7.49 -50.42
C ILE N 109 -28.52 7.07 -49.47
N ALA N 110 -29.70 7.64 -49.66
CA ALA N 110 -30.85 7.34 -48.81
C ALA N 110 -31.67 6.17 -49.34
N PRO N 111 -32.76 5.81 -48.65
CA PRO N 111 -33.67 4.71 -49.00
C PRO N 111 -34.49 5.00 -50.26
N GLN N 112 -34.85 3.96 -51.00
CA GLN N 112 -35.61 4.13 -52.23
C GLN N 112 -36.96 3.38 -52.28
N SER N 113 -36.87 2.05 -52.19
CA SER N 113 -38.03 1.14 -52.25
C SER N 113 -39.25 1.49 -51.41
N ASP N 114 -40.43 1.13 -51.92
CA ASP N 114 -41.69 1.36 -51.23
C ASP N 114 -41.70 0.53 -49.97
N SER N 115 -40.73 -0.37 -49.86
CA SER N 115 -40.61 -1.23 -48.70
C SER N 115 -39.85 -0.49 -47.62
N LEU N 116 -38.68 0.02 -47.96
CA LEU N 116 -37.86 0.72 -46.99
C LEU N 116 -38.30 2.15 -46.66
N ARG N 117 -38.70 2.93 -47.68
CA ARG N 117 -39.15 4.32 -47.44
C ARG N 117 -40.13 4.32 -46.27
N LYS N 118 -40.80 3.18 -46.04
CA LYS N 118 -41.79 3.07 -44.98
C LYS N 118 -41.14 2.64 -43.66
N LEU N 119 -39.95 2.06 -43.75
CA LEU N 119 -39.23 1.58 -42.58
C LEU N 119 -38.57 2.70 -41.80
N SER N 120 -38.01 3.66 -42.52
CA SER N 120 -37.36 4.79 -41.88
C SER N 120 -38.41 5.58 -41.10
N GLY N 121 -39.68 5.24 -41.33
CA GLY N 121 -40.76 5.91 -40.63
C GLY N 121 -40.44 5.94 -39.15
N LEU N 122 -41.05 6.86 -38.41
CA LEU N 122 -40.76 6.98 -36.98
C LEU N 122 -41.34 5.88 -36.10
N LYS N 123 -42.60 5.53 -36.32
CA LYS N 123 -43.27 4.51 -35.52
C LYS N 123 -42.55 3.17 -35.49
N PHE N 124 -41.49 3.05 -36.28
CA PHE N 124 -40.74 1.81 -36.37
C PHE N 124 -39.45 1.79 -35.57
N LYS N 125 -38.79 2.95 -35.48
CA LYS N 125 -37.53 3.04 -34.76
C LYS N 125 -37.55 2.44 -33.34
N ARG N 126 -38.72 1.96 -32.90
CA ARG N 126 -38.82 1.34 -31.57
C ARG N 126 -38.09 0.00 -31.53
N ILE N 127 -37.15 -0.22 -32.45
CA ILE N 127 -36.48 -1.53 -32.50
C ILE N 127 -34.96 -1.62 -32.40
N ASN N 128 -34.24 -0.70 -33.05
CA ASN N 128 -32.78 -0.67 -33.06
C ASN N 128 -32.10 -1.36 -31.87
N PHE N 129 -30.92 -1.96 -32.10
CA PHE N 129 -30.12 -2.60 -31.03
C PHE N 129 -28.92 -3.46 -31.51
N ASP N 130 -27.98 -3.73 -30.60
CA ASP N 130 -26.74 -4.51 -30.84
C ASP N 130 -26.07 -4.26 -32.21
N ASN N 131 -25.57 -3.05 -32.41
CA ASN N 131 -24.91 -2.67 -33.66
C ASN N 131 -23.40 -2.97 -33.65
N SER N 132 -23.03 -4.22 -33.42
CA SER N 132 -21.62 -4.57 -33.41
C SER N 132 -21.11 -5.12 -34.75
N SER N 133 -22.02 -5.34 -35.71
CA SER N 133 -21.64 -5.85 -37.02
C SER N 133 -20.84 -4.80 -37.78
N GLU N 134 -19.52 -4.99 -37.78
CA GLU N 134 -18.56 -4.11 -38.42
C GLU N 134 -19.14 -3.08 -39.38
N TYR N 135 -20.06 -3.49 -40.26
CA TYR N 135 -20.64 -2.57 -41.23
C TYR N 135 -21.62 -1.54 -40.73
N ILE N 136 -22.51 -1.94 -39.84
CA ILE N 136 -23.46 -0.99 -39.32
C ILE N 136 -22.66 -0.05 -38.44
N GLU N 137 -21.74 -0.62 -37.64
CA GLU N 137 -20.88 0.16 -36.74
C GLU N 137 -20.37 1.36 -37.52
N ASN N 138 -20.04 1.11 -38.79
CA ASN N 138 -19.52 2.16 -39.64
C ASN N 138 -20.62 2.97 -40.33
N TRP N 139 -21.78 2.38 -40.57
CA TRP N 139 -22.82 3.17 -41.19
C TRP N 139 -23.15 4.35 -40.28
N ASN N 140 -23.49 4.06 -39.03
CA ASN N 140 -23.83 5.10 -38.08
C ASN N 140 -22.81 6.23 -38.03
N LEU N 141 -21.59 5.91 -37.61
CA LEU N 141 -20.51 6.89 -37.49
C LEU N 141 -20.40 7.82 -38.69
N GLN N 142 -20.91 7.38 -39.82
CA GLN N 142 -20.85 8.16 -41.06
C GLN N 142 -22.04 9.11 -41.11
N ASN N 143 -23.19 8.62 -40.65
CA ASN N 143 -24.42 9.39 -40.63
C ASN N 143 -24.27 10.44 -39.53
N ARG N 144 -23.43 10.14 -38.55
CA ARG N 144 -23.19 11.04 -37.44
C ARG N 144 -22.07 12.03 -37.74
N ARG N 145 -21.16 11.64 -38.63
CA ARG N 145 -20.04 12.50 -39.01
C ARG N 145 -18.75 12.26 -38.23
N GLN N 146 -17.94 11.31 -38.67
CA GLN N 146 -16.67 10.99 -38.00
C GLN N 146 -15.80 10.02 -38.80
N ARG N 147 -14.58 9.81 -38.33
CA ARG N 147 -13.64 8.91 -39.01
C ARG N 147 -14.11 7.46 -38.94
N THR N 148 -14.71 7.03 -40.05
CA THR N 148 -15.25 5.69 -40.22
C THR N 148 -14.16 4.61 -40.15
N GLY N 149 -13.95 3.89 -41.25
CA GLY N 149 -12.91 2.86 -41.30
C GLY N 149 -13.31 1.39 -41.41
N PHE N 150 -12.75 0.69 -42.40
CA PHE N 150 -13.00 -0.74 -42.63
C PHE N 150 -11.69 -1.51 -42.69
N THR N 151 -11.76 -2.83 -42.49
CA THR N 151 -10.58 -3.69 -42.53
C THR N 151 -10.60 -4.59 -43.77
N PHE N 152 -9.45 -4.74 -44.43
CA PHE N 152 -9.37 -5.57 -45.65
C PHE N 152 -8.19 -6.55 -45.73
N HIS N 153 -8.05 -7.17 -46.89
CA HIS N 153 -6.98 -8.13 -47.18
C HIS N 153 -6.89 -8.11 -48.70
N LYS N 154 -5.68 -8.04 -49.25
CA LYS N 154 -5.49 -7.95 -50.70
C LYS N 154 -6.62 -7.10 -51.32
N PRO N 155 -6.91 -5.89 -50.74
CA PRO N 155 -7.95 -4.94 -51.19
C PRO N 155 -8.00 -4.76 -52.70
N ASN N 156 -9.03 -4.09 -53.24
CA ASN N 156 -9.07 -4.01 -54.69
C ASN N 156 -9.12 -2.53 -55.09
N ILE N 157 -7.97 -1.89 -55.00
CA ILE N 157 -7.84 -0.46 -55.24
C ILE N 157 -7.39 -0.07 -56.63
N PHE N 158 -6.68 -0.95 -57.31
CA PHE N 158 -6.18 -0.64 -58.65
C PHE N 158 -7.04 -1.15 -59.79
N PRO N 159 -7.61 -0.23 -60.60
CA PRO N 159 -8.42 -0.72 -61.71
C PRO N 159 -7.44 -1.46 -62.62
N TYR N 160 -7.91 -2.51 -63.29
CA TYR N 160 -7.03 -3.25 -64.17
C TYR N 160 -6.41 -2.32 -65.20
N SER N 161 -5.10 -2.40 -65.35
CA SER N 161 -4.40 -1.59 -66.33
C SER N 161 -3.15 -2.37 -66.69
N ALA N 162 -3.03 -2.74 -67.95
CA ALA N 162 -1.86 -3.48 -68.41
C ALA N 162 -1.40 -2.76 -69.67
N SER N 163 -0.27 -2.08 -69.63
CA SER N 163 0.20 -1.35 -70.80
C SER N 163 1.71 -1.09 -70.78
N PHE N 164 2.18 -0.23 -71.68
CA PHE N 164 3.60 0.11 -71.75
C PHE N 164 3.76 1.54 -72.26
N THR N 165 4.95 2.07 -72.13
CA THR N 165 5.24 3.41 -72.60
C THR N 165 6.64 3.33 -73.14
N LEU N 166 6.78 3.59 -74.44
CA LEU N 166 8.09 3.57 -75.08
C LEU N 166 8.69 4.97 -75.05
N ASN N 167 9.73 5.15 -74.26
CA ASN N 167 10.38 6.44 -74.15
C ASN N 167 11.37 6.68 -75.31
N ARG N 168 11.86 5.60 -75.91
CA ARG N 168 12.73 5.65 -77.08
C ARG N 168 12.27 4.51 -77.94
N SER N 169 11.91 4.79 -79.17
CA SER N 169 11.47 3.74 -80.07
C SER N 169 11.73 4.22 -81.48
N GLN N 170 11.62 3.29 -82.40
CA GLN N 170 11.82 3.58 -83.81
C GLN N 170 11.00 2.51 -84.52
N PRO N 171 10.65 2.75 -85.79
CA PRO N 171 9.85 1.81 -86.58
C PRO N 171 10.19 0.33 -86.45
N ALA N 172 11.48 -0.03 -86.53
CA ALA N 172 11.88 -1.42 -86.43
C ALA N 172 11.70 -2.02 -85.01
N HIS N 173 11.57 -1.14 -84.00
CA HIS N 173 11.42 -1.55 -82.61
C HIS N 173 12.55 -2.51 -82.24
N ASP N 174 13.76 -2.14 -82.60
CA ASP N 174 14.94 -2.94 -82.33
C ASP N 174 15.87 -2.32 -81.27
N ASN N 175 15.50 -1.14 -80.80
CA ASN N 175 16.27 -0.46 -79.75
C ASN N 175 15.34 0.45 -78.93
N LEU N 176 14.48 -0.19 -78.14
CA LEU N 176 13.49 0.48 -77.31
C LEU N 176 13.95 0.72 -75.90
N MET N 177 13.29 1.66 -75.24
CA MET N 177 13.55 1.98 -73.85
C MET N 177 12.21 2.48 -73.30
N GLY N 178 11.79 1.95 -72.16
CA GLY N 178 10.52 2.35 -71.59
C GLY N 178 10.10 1.46 -70.45
N THR N 179 8.82 1.47 -70.13
CA THR N 179 8.32 0.64 -69.06
C THR N 179 7.03 -0.04 -69.48
N MET N 180 6.74 -1.15 -68.83
CA MET N 180 5.51 -1.90 -69.06
C MET N 180 5.05 -2.31 -67.66
N TRP N 181 3.74 -2.42 -67.47
CA TRP N 181 3.23 -2.73 -66.15
C TRP N 181 1.89 -3.42 -66.16
N LEU N 182 1.49 -3.86 -64.96
CA LEU N 182 0.19 -4.44 -64.70
C LEU N 182 -0.21 -3.94 -63.30
N ASN N 183 -1.22 -3.13 -63.27
CA ASN N 183 -1.83 -2.67 -62.01
C ASN N 183 -3.17 -3.37 -61.92
N ALA N 184 -3.39 -4.13 -60.88
CA ALA N 184 -4.67 -4.85 -60.77
C ALA N 184 -4.91 -5.27 -59.33
N GLY N 185 -6.07 -4.91 -58.81
CA GLY N 185 -6.41 -5.28 -57.45
C GLY N 185 -5.54 -4.58 -56.42
N SER N 186 -4.74 -5.38 -55.73
CA SER N 186 -3.85 -4.84 -54.71
C SER N 186 -2.40 -4.95 -55.17
N GLU N 187 -2.18 -5.31 -56.43
CA GLU N 187 -0.82 -5.49 -56.90
C GLU N 187 -0.36 -4.66 -58.09
N ILE N 188 0.93 -4.36 -58.07
CA ILE N 188 1.56 -3.60 -59.13
C ILE N 188 2.85 -4.34 -59.50
N GLN N 189 3.07 -4.53 -60.79
CA GLN N 189 4.34 -5.10 -61.27
C GLN N 189 4.74 -4.13 -62.37
N VAL N 190 5.98 -3.67 -62.35
CA VAL N 190 6.44 -2.75 -63.36
C VAL N 190 7.87 -3.08 -63.72
N ALA N 191 8.17 -3.05 -65.02
CA ALA N 191 9.51 -3.31 -65.52
C ALA N 191 9.97 -2.15 -66.37
N GLY N 192 11.25 -1.85 -66.27
CA GLY N 192 11.87 -0.82 -67.07
C GLY N 192 12.86 -1.59 -67.95
N PHE N 193 12.83 -1.35 -69.24
CA PHE N 193 13.72 -2.02 -70.19
C PHE N 193 14.50 -1.00 -71.03
N ASP N 194 15.72 -1.37 -71.40
CA ASP N 194 16.59 -0.52 -72.23
C ASP N 194 17.36 -1.49 -73.11
N TYR N 195 16.95 -1.61 -74.37
CA TYR N 195 17.61 -2.53 -75.30
C TYR N 195 19.12 -2.29 -75.42
N SER N 196 19.55 -1.04 -75.26
CA SER N 196 20.96 -0.68 -75.36
C SER N 196 21.79 -0.93 -74.09
N CYS N 197 21.13 -1.36 -73.01
CA CYS N 197 21.80 -1.60 -71.72
C CYS N 197 22.60 -0.37 -71.28
N ALA N 198 21.98 0.79 -71.45
CA ALA N 198 22.56 2.07 -71.07
C ALA N 198 23.97 2.33 -71.62
N ILE N 199 24.28 1.78 -72.80
CA ILE N 199 25.60 1.92 -73.44
C ILE N 199 26.03 3.39 -73.68
N ASN N 200 25.06 4.24 -74.04
CA ASN N 200 25.29 5.67 -74.29
C ASN N 200 24.62 6.55 -73.25
N ALA N 201 24.18 5.95 -72.15
CA ALA N 201 23.51 6.74 -71.10
C ALA N 201 24.48 7.33 -70.09
N PRO N 202 24.17 8.54 -69.58
CA PRO N 202 25.02 9.22 -68.59
C PRO N 202 25.21 8.31 -67.37
N ALA N 203 26.47 8.06 -67.03
CA ALA N 203 26.82 7.19 -65.91
C ALA N 203 26.39 5.76 -66.19
N ASN N 204 26.10 5.45 -67.46
CA ASN N 204 25.64 4.13 -67.88
C ASN N 204 24.46 3.66 -67.04
N THR N 205 23.58 4.60 -66.73
CA THR N 205 22.42 4.33 -65.91
C THR N 205 21.17 4.92 -66.58
N GLN N 206 20.12 4.11 -66.68
CA GLN N 206 18.86 4.57 -67.24
C GLN N 206 17.86 4.64 -66.08
N GLN N 207 17.22 5.78 -65.90
CA GLN N 207 16.25 5.94 -64.83
C GLN N 207 14.86 5.54 -65.28
N PHE N 208 14.09 4.93 -64.37
CA PHE N 208 12.71 4.54 -64.66
C PHE N 208 11.83 5.03 -63.52
N GLU N 209 10.54 5.11 -63.78
CA GLU N 209 9.64 5.58 -62.77
C GLU N 209 8.24 5.08 -63.11
N HIS N 210 7.46 4.72 -62.09
CA HIS N 210 6.11 4.28 -62.30
C HIS N 210 5.28 4.92 -61.20
N ILE N 211 4.25 5.66 -61.59
CA ILE N 211 3.37 6.33 -60.64
C ILE N 211 1.95 5.79 -60.73
N VAL N 212 1.37 5.49 -59.58
CA VAL N 212 0.01 4.96 -59.54
C VAL N 212 -0.79 5.82 -58.57
N GLN N 213 -1.87 6.38 -59.07
CA GLN N 213 -2.75 7.23 -58.27
C GLN N 213 -3.99 6.49 -57.80
N LEU N 214 -4.13 6.32 -56.49
CA LEU N 214 -5.28 5.60 -55.96
C LEU N 214 -6.50 6.50 -56.03
N ARG N 215 -7.67 5.90 -56.22
CA ARG N 215 -8.91 6.66 -56.28
C ARG N 215 -9.39 6.99 -54.87
N ARG N 216 -8.86 6.31 -53.88
CA ARG N 216 -9.20 6.54 -52.49
C ARG N 216 -7.91 6.37 -51.69
N VAL N 217 -7.80 7.09 -50.58
CA VAL N 217 -6.64 7.00 -49.72
C VAL N 217 -6.70 5.67 -48.96
N LEU N 218 -5.53 5.06 -48.81
CA LEU N 218 -5.44 3.87 -48.02
C LEU N 218 -4.59 4.25 -46.83
N THR N 219 -4.97 3.78 -45.66
CA THR N 219 -4.20 4.02 -44.45
C THR N 219 -3.80 2.66 -43.86
N THR N 220 -2.81 2.68 -42.97
CA THR N 220 -2.37 1.47 -42.26
C THR N 220 -2.15 0.24 -43.17
N ALA N 221 -1.54 0.46 -44.34
CA ALA N 221 -1.25 -0.58 -45.31
C ALA N 221 0.03 -1.36 -45.00
N THR N 222 -0.11 -2.68 -45.00
CA THR N 222 1.02 -3.61 -44.86
C THR N 222 1.34 -4.06 -46.27
N ILE N 223 2.55 -3.78 -46.70
CA ILE N 223 2.92 -4.01 -48.10
C ILE N 223 4.18 -4.87 -48.31
N THR N 224 4.14 -5.73 -49.33
CA THR N 224 5.28 -6.57 -49.68
C THR N 224 5.88 -5.93 -50.92
N LEU N 225 7.18 -5.65 -50.89
CA LEU N 225 7.87 -5.04 -52.02
C LEU N 225 8.99 -6.00 -52.33
N LEU N 226 9.08 -6.41 -53.58
CA LEU N 226 10.12 -7.35 -53.98
C LEU N 226 10.76 -6.87 -55.27
N PRO N 227 12.05 -7.17 -55.46
CA PRO N 227 12.70 -6.75 -56.69
C PRO N 227 12.25 -7.72 -57.77
N ASP N 228 12.29 -7.28 -59.03
CA ASP N 228 11.92 -8.07 -60.20
C ASP N 228 10.43 -8.10 -60.48
N ALA N 229 10.09 -8.15 -61.77
CA ALA N 229 8.70 -8.23 -62.21
C ALA N 229 8.66 -9.50 -63.06
N GLU N 230 8.33 -10.63 -62.43
CA GLU N 230 8.28 -11.91 -63.11
C GLU N 230 7.39 -11.89 -64.35
N ARG N 231 6.29 -11.16 -64.24
CA ARG N 231 5.36 -11.04 -65.34
C ARG N 231 6.01 -10.46 -66.62
N PHE N 232 7.07 -9.70 -66.47
CA PHE N 232 7.73 -9.08 -67.61
C PHE N 232 9.17 -9.58 -67.74
N SER N 233 9.39 -10.83 -67.39
CA SER N 233 10.72 -11.41 -67.44
C SER N 233 10.85 -12.45 -68.53
N PHE N 234 9.80 -12.59 -69.33
CA PHE N 234 9.87 -13.57 -70.40
C PHE N 234 9.66 -12.94 -71.80
N PRO N 235 10.08 -13.66 -72.86
CA PRO N 235 9.97 -13.18 -74.24
C PRO N 235 8.55 -12.93 -74.66
N ARG N 236 8.34 -11.80 -75.31
CA ARG N 236 7.02 -11.43 -75.73
C ARG N 236 7.05 -10.79 -77.12
N VAL N 237 5.94 -10.95 -77.78
CA VAL N 237 5.65 -10.29 -79.05
C VAL N 237 4.47 -9.41 -78.70
N ILE N 238 4.67 -8.12 -78.81
CA ILE N 238 3.68 -7.14 -78.38
C ILE N 238 3.19 -6.24 -79.51
N ASN N 239 1.98 -5.74 -79.40
CA ASN N 239 1.46 -4.85 -80.41
C ASN N 239 2.10 -3.49 -80.21
N SER N 240 2.36 -2.79 -81.32
CA SER N 240 2.96 -1.46 -81.26
C SER N 240 1.93 -0.49 -80.69
N ALA N 241 2.37 0.67 -80.23
CA ALA N 241 1.47 1.65 -79.67
C ALA N 241 0.28 2.00 -80.60
N ASP N 242 0.54 2.10 -81.90
CA ASP N 242 -0.51 2.44 -82.89
C ASP N 242 -1.28 1.24 -83.43
N GLY N 243 -0.93 0.06 -82.94
CA GLY N 243 -1.59 -1.17 -83.37
C GLY N 243 -1.26 -1.62 -84.79
N ALA N 244 -0.37 -0.90 -85.46
CA ALA N 244 0.00 -1.24 -86.83
C ALA N 244 0.95 -2.42 -87.02
N THR N 245 1.70 -2.79 -85.99
CA THR N 245 2.65 -3.92 -86.10
C THR N 245 2.95 -4.52 -84.73
N THR N 246 3.91 -5.45 -84.68
CA THR N 246 4.30 -6.10 -83.43
C THR N 246 5.81 -6.05 -83.24
N TRP N 247 6.23 -5.85 -81.99
CA TRP N 247 7.64 -5.79 -81.61
C TRP N 247 8.03 -6.99 -80.74
N TYR N 248 9.32 -7.25 -80.67
CA TYR N 248 9.84 -8.37 -79.90
C TYR N 248 10.56 -7.91 -78.62
N PHE N 249 10.20 -8.52 -77.50
CA PHE N 249 10.80 -8.21 -76.21
C PHE N 249 11.46 -9.50 -75.75
N ASN N 250 12.77 -9.45 -75.57
CA ASN N 250 13.55 -10.60 -75.17
C ASN N 250 14.35 -10.22 -73.92
N PRO N 251 13.72 -10.14 -72.74
CA PRO N 251 14.38 -9.68 -71.53
C PRO N 251 15.42 -10.62 -70.94
N VAL N 252 16.37 -9.94 -70.30
CA VAL N 252 17.42 -10.51 -69.43
C VAL N 252 17.39 -9.59 -68.22
N ILE N 253 17.26 -10.17 -67.04
CA ILE N 253 17.00 -9.38 -65.83
C ILE N 253 18.21 -9.05 -64.99
N LEU N 254 18.29 -7.80 -64.56
CA LEU N 254 19.38 -7.30 -63.69
C LEU N 254 18.69 -6.74 -62.45
N ARG N 255 19.43 -6.61 -61.34
CA ARG N 255 18.80 -6.10 -60.14
C ARG N 255 18.49 -4.64 -60.28
N PRO N 256 17.29 -4.24 -59.82
CA PRO N 256 16.95 -2.83 -59.93
C PRO N 256 17.90 -2.05 -59.01
N ASN N 257 18.46 -0.98 -59.55
CA ASN N 257 19.42 -0.11 -58.87
C ASN N 257 18.75 1.16 -58.31
N ASN N 258 19.15 1.59 -57.11
CA ASN N 258 18.59 2.79 -56.46
C ASN N 258 17.08 2.83 -56.37
N VAL N 259 16.52 1.73 -55.89
CA VAL N 259 15.09 1.61 -55.75
C VAL N 259 14.60 2.58 -54.68
N GLU N 260 13.57 3.35 -55.00
CA GLU N 260 12.98 4.26 -54.05
C GLU N 260 11.47 4.24 -54.22
N VAL N 261 10.76 3.87 -53.14
CA VAL N 261 9.31 3.84 -53.18
C VAL N 261 8.81 4.98 -52.32
N GLU N 262 7.93 5.79 -52.89
CA GLU N 262 7.35 6.86 -52.12
C GLU N 262 5.85 6.71 -52.08
N PHE N 263 5.30 6.85 -50.89
CA PHE N 263 3.86 6.79 -50.67
C PHE N 263 3.53 8.22 -50.36
N LEU N 264 2.84 8.88 -51.27
CA LEU N 264 2.52 10.27 -51.12
C LEU N 264 1.06 10.51 -50.81
N LEU N 265 0.79 11.63 -50.17
CA LEU N 265 -0.56 12.03 -49.83
C LEU N 265 -0.65 13.48 -50.26
N ASN N 266 -1.51 13.78 -51.23
CA ASN N 266 -1.65 15.15 -51.71
C ASN N 266 -0.32 15.78 -52.11
N GLY N 267 0.54 14.99 -52.77
CA GLY N 267 1.81 15.49 -53.22
C GLY N 267 2.92 15.45 -52.23
N GLN N 268 2.60 15.18 -50.97
CA GLN N 268 3.61 15.11 -49.92
C GLN N 268 4.08 13.68 -49.68
N ILE N 269 5.37 13.51 -49.47
CA ILE N 269 5.92 12.20 -49.16
C ILE N 269 5.55 11.88 -47.71
N ILE N 270 4.80 10.80 -47.50
CA ILE N 270 4.42 10.39 -46.16
C ILE N 270 5.39 9.28 -45.76
N ASN N 271 5.67 8.36 -46.67
CA ASN N 271 6.62 7.28 -46.39
C ASN N 271 7.55 7.14 -47.58
N THR N 272 8.81 6.87 -47.29
CA THR N 272 9.77 6.65 -48.35
C THR N 272 10.70 5.52 -47.92
N TYR N 273 10.97 4.63 -48.85
CA TYR N 273 11.82 3.47 -48.61
C TYR N 273 12.85 3.35 -49.73
N GLN N 274 14.12 3.24 -49.34
CA GLN N 274 15.20 3.14 -50.30
C GLN N 274 15.69 1.74 -50.33
N ALA N 275 15.44 1.05 -51.43
CA ALA N 275 15.93 -0.30 -51.61
C ALA N 275 15.58 -1.27 -50.49
N ARG N 276 14.41 -1.10 -49.89
CA ARG N 276 14.02 -2.00 -48.83
C ARG N 276 12.99 -3.00 -49.32
N PHE N 277 13.40 -4.26 -49.48
CA PHE N 277 12.51 -5.30 -49.97
C PHE N 277 12.00 -6.12 -48.78
N GLY N 278 10.79 -6.66 -48.90
CA GLY N 278 10.22 -7.43 -47.81
C GLY N 278 8.96 -6.71 -47.38
N THR N 279 8.72 -6.64 -46.09
CA THR N 279 7.51 -6.00 -45.58
C THR N 279 7.74 -4.56 -45.10
N ILE N 280 6.98 -3.62 -45.67
CA ILE N 280 7.05 -2.20 -45.32
C ILE N 280 5.65 -1.68 -45.03
N ILE N 281 5.57 -0.64 -44.19
CA ILE N 281 4.30 -0.02 -43.82
C ILE N 281 4.11 1.36 -44.49
N ALA N 282 2.95 1.59 -45.09
CA ALA N 282 2.64 2.88 -45.72
C ALA N 282 1.41 3.32 -44.91
N ARG N 283 1.56 4.31 -44.08
CA ARG N 283 0.48 4.63 -43.13
C ARG N 283 -0.68 5.51 -43.66
N ASN N 284 -0.50 6.21 -44.76
CA ASN N 284 -1.56 7.11 -45.27
C ASN N 284 -1.11 7.65 -46.61
N PHE N 285 -1.75 7.24 -47.69
CA PHE N 285 -1.30 7.68 -49.00
C PHE N 285 -2.39 7.55 -50.06
N ASP N 286 -2.29 8.37 -51.11
CA ASP N 286 -3.23 8.32 -52.22
C ASP N 286 -2.45 8.11 -53.51
N THR N 287 -1.13 7.98 -53.39
CA THR N 287 -0.28 7.79 -54.56
C THR N 287 0.94 6.98 -54.21
N ILE N 288 1.37 6.13 -55.14
CA ILE N 288 2.58 5.35 -54.96
C ILE N 288 3.49 5.72 -56.14
N ARG N 289 4.74 5.97 -55.84
CA ARG N 289 5.69 6.28 -56.89
C ARG N 289 6.88 5.34 -56.74
N LEU N 290 7.14 4.56 -57.77
CA LEU N 290 8.27 3.63 -57.76
C LEU N 290 9.32 4.13 -58.72
N SER N 291 10.53 4.40 -58.22
CA SER N 291 11.64 4.87 -59.05
C SER N 291 12.71 3.83 -58.92
N PHE N 292 13.31 3.46 -60.05
CA PHE N 292 14.34 2.45 -60.08
C PHE N 292 15.17 2.66 -61.34
N GLN N 293 16.38 2.11 -61.35
CA GLN N 293 17.30 2.30 -62.46
C GLN N 293 17.90 1.02 -62.96
N LEU N 294 18.37 1.07 -64.19
CA LEU N 294 19.09 -0.02 -64.81
C LEU N 294 20.50 0.54 -64.90
N MET N 295 21.46 -0.13 -64.29
CA MET N 295 22.80 0.37 -64.39
C MET N 295 23.59 -0.67 -65.16
N ARG N 296 24.22 -0.26 -66.25
CA ARG N 296 25.03 -1.19 -67.05
C ARG N 296 26.11 -1.76 -66.13
N PRO N 297 26.25 -3.10 -66.07
CA PRO N 297 27.27 -3.71 -65.21
C PRO N 297 28.66 -3.21 -65.58
N PRO N 298 29.38 -2.61 -64.62
CA PRO N 298 30.72 -2.09 -64.93
C PRO N 298 31.73 -3.22 -65.22
N ASN N 299 31.50 -4.41 -64.66
CA ASN N 299 32.37 -5.55 -64.87
C ASN N 299 31.54 -6.70 -65.34
N MET N 300 31.95 -7.30 -66.45
CA MET N 300 31.19 -8.40 -67.03
C MET N 300 32.01 -9.61 -67.42
N THR N 301 31.58 -10.80 -67.05
CA THR N 301 32.28 -12.01 -67.47
C THR N 301 31.99 -12.10 -68.99
N PRO N 302 32.77 -12.89 -69.73
CA PRO N 302 32.55 -13.04 -71.18
C PRO N 302 31.10 -13.31 -71.58
N ALA N 303 30.47 -14.26 -70.88
CA ALA N 303 29.08 -14.64 -71.17
C ALA N 303 28.15 -13.44 -71.05
N VAL N 304 28.40 -12.57 -70.08
CA VAL N 304 27.59 -11.38 -69.89
C VAL N 304 27.93 -10.33 -70.96
N ALA N 305 29.22 -10.09 -71.14
CA ALA N 305 29.70 -9.12 -72.11
C ALA N 305 29.10 -9.37 -73.50
N ALA N 306 28.95 -10.65 -73.84
CA ALA N 306 28.39 -11.09 -75.12
C ALA N 306 26.94 -10.70 -75.34
N LEU N 307 26.21 -10.44 -74.26
CA LEU N 307 24.79 -10.08 -74.37
C LEU N 307 24.63 -8.62 -74.70
N PHE N 308 25.63 -7.82 -74.30
CA PHE N 308 25.61 -6.36 -74.44
C PHE N 308 26.73 -5.74 -75.29
N PRO N 309 26.59 -5.81 -76.64
CA PRO N 309 27.57 -5.26 -77.59
C PRO N 309 27.57 -3.75 -77.63
N ASN N 310 28.60 -3.17 -78.23
CA ASN N 310 28.68 -1.72 -78.34
C ASN N 310 27.80 -1.18 -79.44
N ALA N 311 27.42 -2.06 -80.37
CA ALA N 311 26.59 -1.68 -81.50
C ALA N 311 25.45 -2.66 -81.71
N GLN N 312 24.38 -2.18 -82.33
CA GLN N 312 23.22 -3.01 -82.65
C GLN N 312 23.70 -4.07 -83.62
N PRO N 313 22.92 -5.15 -83.80
CA PRO N 313 21.65 -5.47 -83.14
C PRO N 313 21.72 -5.79 -81.65
N PHE N 314 20.75 -5.27 -80.91
CA PHE N 314 20.65 -5.53 -79.47
C PHE N 314 19.67 -6.70 -79.37
N GLU N 315 20.20 -7.87 -79.04
CA GLU N 315 19.38 -9.07 -78.98
C GLU N 315 18.92 -9.53 -77.61
N HIS N 316 19.56 -9.04 -76.56
CA HIS N 316 19.18 -9.38 -75.19
C HIS N 316 18.85 -8.03 -74.60
N HIS N 317 17.62 -7.90 -74.12
CA HIS N 317 17.13 -6.64 -73.60
C HIS N 317 17.13 -6.48 -72.08
N ALA N 318 18.09 -5.68 -71.59
CA ALA N 318 18.26 -5.42 -70.16
C ALA N 318 16.97 -4.90 -69.55
N THR N 319 16.55 -5.59 -68.49
CA THR N 319 15.31 -5.28 -67.81
C THR N 319 15.46 -5.32 -66.30
N VAL N 320 14.89 -4.33 -65.63
CA VAL N 320 14.89 -4.25 -64.16
C VAL N 320 13.42 -4.07 -63.76
N GLY N 321 13.00 -4.60 -62.62
CA GLY N 321 11.61 -4.45 -62.22
C GLY N 321 11.35 -4.49 -60.74
N LEU N 322 10.09 -4.27 -60.37
CA LEU N 322 9.64 -4.28 -58.98
C LEU N 322 8.24 -4.87 -58.91
N THR N 323 7.92 -5.45 -57.76
CA THR N 323 6.61 -6.02 -57.51
C THR N 323 6.18 -5.49 -56.16
N LEU N 324 4.98 -4.94 -56.08
CA LEU N 324 4.46 -4.37 -54.84
C LEU N 324 3.06 -4.93 -54.61
N ARG N 325 2.81 -5.48 -53.43
CA ARG N 325 1.49 -6.01 -53.09
C ARG N 325 0.98 -5.47 -51.76
N ILE N 326 -0.24 -4.93 -51.78
CA ILE N 326 -0.84 -4.40 -50.56
C ILE N 326 -1.58 -5.58 -49.93
N GLU N 327 -1.01 -6.15 -48.88
CA GLU N 327 -1.62 -7.30 -48.19
C GLU N 327 -2.89 -6.89 -47.46
N SER N 328 -2.84 -5.79 -46.71
CA SER N 328 -3.98 -5.32 -45.96
C SER N 328 -3.89 -3.83 -45.85
N ALA N 329 -5.03 -3.20 -45.61
CA ALA N 329 -5.11 -1.75 -45.46
C ALA N 329 -6.47 -1.37 -44.96
N VAL N 330 -6.60 -0.12 -44.54
CA VAL N 330 -7.87 0.40 -44.08
C VAL N 330 -8.28 1.50 -45.07
N CYS N 331 -9.56 1.58 -45.38
CA CYS N 331 -10.02 2.64 -46.27
C CYS N 331 -11.28 3.22 -45.66
N GLU N 332 -11.43 4.54 -45.80
CA GLU N 332 -12.61 5.20 -45.29
C GLU N 332 -13.82 4.92 -46.20
N SER N 333 -13.58 4.46 -47.43
CA SER N 333 -14.65 4.13 -48.39
C SER N 333 -14.74 2.62 -48.59
N VAL N 334 -15.94 2.11 -48.85
CA VAL N 334 -16.05 0.67 -49.09
C VAL N 334 -15.31 0.34 -50.38
N LEU N 335 -14.72 -0.85 -50.43
CA LEU N 335 -14.00 -1.33 -51.61
C LEU N 335 -14.20 -2.81 -51.64
N ALA N 336 -13.93 -3.40 -52.79
CA ALA N 336 -13.96 -4.86 -52.91
C ALA N 336 -12.55 -5.28 -52.42
N ASP N 337 -12.42 -6.49 -51.90
CA ASP N 337 -11.11 -7.00 -51.48
C ASP N 337 -11.11 -8.53 -51.75
N ALA N 338 -10.09 -9.25 -51.27
CA ALA N 338 -10.01 -10.69 -51.56
C ALA N 338 -10.73 -11.60 -50.58
N SER N 339 -11.40 -11.03 -49.58
CA SER N 339 -12.08 -11.85 -48.59
C SER N 339 -13.58 -11.63 -48.43
N GLU N 340 -14.02 -10.38 -48.51
CA GLU N 340 -15.42 -10.05 -48.36
C GLU N 340 -16.25 -10.40 -49.57
N THR N 341 -17.48 -10.85 -49.32
CA THR N 341 -18.38 -11.28 -50.39
C THR N 341 -19.38 -10.23 -50.82
N MET N 342 -19.30 -9.02 -50.25
CA MET N 342 -20.24 -7.94 -50.58
C MET N 342 -20.43 -7.66 -52.04
N LEU N 343 -19.35 -7.34 -52.75
CA LEU N 343 -19.46 -7.04 -54.16
C LEU N 343 -20.10 -8.23 -54.88
N ALA N 344 -19.63 -9.44 -54.58
CA ALA N 344 -20.16 -10.65 -55.21
C ALA N 344 -21.64 -10.85 -54.89
N ASN N 345 -22.07 -10.53 -53.66
CA ASN N 345 -23.49 -10.69 -53.28
C ASN N 345 -24.38 -9.76 -54.07
N VAL N 346 -24.01 -8.49 -54.11
CA VAL N 346 -24.76 -7.47 -54.84
C VAL N 346 -24.81 -7.80 -56.32
N THR N 347 -23.64 -8.12 -56.88
CA THR N 347 -23.54 -8.45 -58.29
C THR N 347 -24.36 -9.70 -58.59
N SER N 348 -24.29 -10.70 -57.70
CA SER N 348 -25.01 -11.94 -57.90
C SER N 348 -26.52 -11.79 -57.84
N VAL N 349 -27.03 -11.00 -56.88
CA VAL N 349 -28.48 -10.84 -56.79
C VAL N 349 -28.98 -10.13 -58.05
N ARG N 350 -28.28 -9.10 -58.48
CA ARG N 350 -28.68 -8.37 -59.69
C ARG N 350 -28.68 -9.26 -60.94
N GLN N 351 -27.65 -10.11 -61.08
CA GLN N 351 -27.53 -11.01 -62.23
C GLN N 351 -28.64 -12.08 -62.22
N GLU N 352 -28.86 -12.70 -61.06
CA GLU N 352 -29.87 -13.74 -60.94
C GLU N 352 -31.28 -13.23 -61.31
N TYR N 353 -31.62 -12.01 -60.88
CA TYR N 353 -32.94 -11.48 -61.18
C TYR N 353 -33.01 -10.61 -62.41
N ALA N 354 -32.02 -10.72 -63.26
CA ALA N 354 -32.01 -9.95 -64.51
C ALA N 354 -32.34 -8.47 -64.31
N ILE N 355 -31.73 -7.86 -63.30
CA ILE N 355 -31.97 -6.45 -63.02
C ILE N 355 -31.38 -5.59 -64.13
N PRO N 356 -32.18 -4.69 -64.75
CA PRO N 356 -31.71 -3.82 -65.83
C PRO N 356 -30.60 -2.86 -65.36
N VAL N 357 -29.71 -2.47 -66.27
CA VAL N 357 -28.65 -1.52 -65.94
C VAL N 357 -29.34 -0.25 -65.47
N GLY N 358 -28.83 0.37 -64.41
CA GLY N 358 -29.43 1.58 -63.90
C GLY N 358 -28.61 2.81 -64.23
N PRO N 359 -28.93 3.95 -63.63
CA PRO N 359 -28.20 5.19 -63.88
C PRO N 359 -26.90 5.39 -63.09
N VAL N 360 -26.67 4.60 -62.05
CA VAL N 360 -25.48 4.78 -61.23
C VAL N 360 -24.33 3.83 -61.51
N PHE N 361 -24.58 2.54 -61.37
CA PHE N 361 -23.54 1.53 -61.54
C PHE N 361 -23.22 1.10 -62.97
N PRO N 362 -21.93 0.79 -63.25
CA PRO N 362 -21.57 0.35 -64.62
C PRO N 362 -22.22 -0.99 -64.88
N PRO N 363 -22.42 -1.34 -66.17
CA PRO N 363 -23.02 -2.62 -66.50
C PRO N 363 -22.26 -3.77 -65.77
N GLY N 364 -23.05 -4.66 -65.18
CA GLY N 364 -22.52 -5.81 -64.47
C GLY N 364 -21.79 -5.51 -63.18
N MET N 365 -21.95 -4.29 -62.65
CA MET N 365 -21.26 -3.87 -61.44
C MET N 365 -19.77 -4.05 -61.69
N ASN N 366 -19.31 -3.87 -62.93
CA ASN N 366 -17.89 -4.08 -63.26
C ASN N 366 -16.95 -3.32 -62.34
N TRP N 367 -16.09 -4.06 -61.61
CA TRP N 367 -15.22 -3.41 -60.65
C TRP N 367 -14.27 -2.42 -61.25
N THR N 368 -13.56 -2.80 -62.30
CA THR N 368 -12.64 -1.85 -62.90
C THR N 368 -13.34 -0.54 -63.26
N ASP N 369 -14.49 -0.62 -63.94
CA ASP N 369 -15.21 0.59 -64.33
C ASP N 369 -15.64 1.38 -63.10
N LEU N 370 -16.11 0.67 -62.09
CA LEU N 370 -16.57 1.32 -60.88
C LEU N 370 -15.46 2.10 -60.18
N ILE N 371 -14.34 1.45 -59.90
CA ILE N 371 -13.23 2.10 -59.21
C ILE N 371 -12.54 3.16 -60.08
N THR N 372 -12.59 3.03 -61.39
CA THR N 372 -11.97 4.01 -62.27
C THR N 372 -12.69 5.37 -62.16
N ASN N 373 -14.02 5.32 -62.07
CA ASN N 373 -14.81 6.53 -61.94
C ASN N 373 -15.65 6.38 -60.71
N TYR N 374 -14.98 6.36 -59.56
CA TYR N 374 -15.62 6.16 -58.28
C TYR N 374 -16.21 7.47 -57.77
N SER N 375 -17.30 7.90 -58.38
CA SER N 375 -17.94 9.14 -57.99
C SER N 375 -18.60 9.06 -56.62
N PRO N 376 -18.94 10.23 -56.04
CA PRO N 376 -19.58 10.22 -54.73
C PRO N 376 -20.87 9.41 -54.78
N SER N 377 -21.64 9.57 -55.86
CA SER N 377 -22.90 8.83 -56.01
C SER N 377 -22.66 7.33 -56.03
N ARG N 378 -21.69 6.87 -56.81
CA ARG N 378 -21.42 5.44 -56.84
C ARG N 378 -21.00 4.93 -55.45
N GLU N 379 -20.20 5.73 -54.72
CA GLU N 379 -19.76 5.31 -53.39
C GLU N 379 -20.90 5.25 -52.38
N ASP N 380 -21.79 6.25 -52.41
CA ASP N 380 -22.91 6.24 -51.47
C ASP N 380 -23.82 5.06 -51.77
N ASN N 381 -24.11 4.82 -53.04
CA ASN N 381 -24.94 3.69 -53.45
C ASN N 381 -24.23 2.37 -53.10
N LEU N 382 -22.92 2.29 -53.36
CA LEU N 382 -22.15 1.09 -53.07
C LEU N 382 -22.19 0.81 -51.58
N GLN N 383 -22.02 1.84 -50.75
CA GLN N 383 -22.03 1.61 -49.32
C GLN N 383 -23.39 1.15 -48.84
N ARG N 384 -24.44 1.74 -49.38
CA ARG N 384 -25.79 1.35 -48.97
C ARG N 384 -26.03 -0.11 -49.31
N VAL N 385 -25.66 -0.41 -50.51
CA VAL N 385 -25.86 -1.71 -51.12
C VAL N 385 -24.95 -2.77 -50.42
N PHE N 386 -23.72 -2.39 -50.05
CA PHE N 386 -22.78 -3.32 -49.35
C PHE N 386 -23.28 -3.57 -47.91
N THR N 387 -23.75 -2.51 -47.26
CA THR N 387 -24.26 -2.66 -45.90
C THR N 387 -25.47 -3.60 -45.89
N VAL N 388 -26.34 -3.50 -46.90
CA VAL N 388 -27.51 -4.38 -46.98
C VAL N 388 -27.06 -5.83 -47.24
N ALA N 389 -26.07 -6.00 -48.10
CA ALA N 389 -25.55 -7.33 -48.39
C ALA N 389 -25.01 -7.97 -47.10
N SER N 390 -24.36 -7.16 -46.27
CA SER N 390 -23.81 -7.67 -45.02
C SER N 390 -24.92 -8.02 -44.03
N ILE N 391 -26.05 -7.30 -44.08
CA ILE N 391 -27.17 -7.57 -43.18
C ILE N 391 -27.76 -8.89 -43.60
N ARG N 392 -27.90 -9.07 -44.90
CA ARG N 392 -28.45 -10.29 -45.45
C ARG N 392 -27.60 -11.54 -45.14
N SER N 393 -26.28 -11.41 -45.24
CA SER N 393 -25.36 -12.53 -44.97
C SER N 393 -25.35 -13.04 -43.52
N MET N 394 -26.06 -12.34 -42.64
CA MET N 394 -26.10 -12.74 -41.23
C MET N 394 -27.08 -13.88 -41.13
N LEU N 395 -27.97 -13.98 -42.11
CA LEU N 395 -29.03 -14.99 -42.12
C LEU N 395 -29.02 -15.92 -43.32
N VAL N 396 -28.69 -15.36 -44.47
CA VAL N 396 -28.71 -16.08 -45.73
C VAL N 396 -27.37 -16.01 -46.42
N LYS N 397 -26.74 -17.16 -46.61
CA LYS N 397 -25.45 -17.19 -47.28
C LYS N 397 -25.61 -18.07 -48.47
N MET O 1 -39.40 -66.28 -30.75
CA MET O 1 -39.44 -65.87 -32.19
C MET O 1 -40.60 -64.94 -32.53
N ASP O 2 -41.82 -65.48 -32.60
CA ASP O 2 -42.96 -64.63 -32.92
C ASP O 2 -42.81 -63.35 -32.14
N VAL O 3 -42.21 -63.49 -30.96
CA VAL O 3 -41.95 -62.37 -30.07
C VAL O 3 -41.33 -61.32 -30.97
N LEU O 4 -40.08 -61.60 -31.34
CA LEU O 4 -39.32 -60.72 -32.18
C LEU O 4 -40.18 -59.93 -33.16
N TYR O 5 -40.99 -60.62 -33.95
CA TYR O 5 -41.83 -59.94 -34.92
C TYR O 5 -42.44 -58.69 -34.32
N SER O 6 -43.38 -58.88 -33.41
CA SER O 6 -44.07 -57.77 -32.76
C SER O 6 -43.17 -56.56 -32.53
N LEU O 7 -42.05 -56.80 -31.84
CA LEU O 7 -41.10 -55.76 -31.49
C LEU O 7 -40.93 -54.75 -32.61
N SER O 8 -41.18 -55.21 -33.83
CA SER O 8 -41.05 -54.35 -34.98
C SER O 8 -42.34 -53.65 -35.39
N LYS O 9 -43.33 -54.39 -35.92
CA LYS O 9 -44.60 -53.78 -36.35
C LYS O 9 -45.02 -52.83 -35.25
N THR O 10 -44.44 -53.06 -34.08
CA THR O 10 -44.67 -52.23 -32.92
C THR O 10 -44.06 -50.89 -33.29
N LEU O 11 -42.76 -50.88 -33.52
CA LEU O 11 -42.06 -49.68 -33.87
C LEU O 11 -42.51 -49.04 -35.19
N LYS O 12 -42.61 -49.80 -36.28
CA LYS O 12 -43.04 -49.24 -37.58
C LYS O 12 -44.41 -48.58 -37.42
N ASP O 13 -45.41 -49.39 -37.11
CA ASP O 13 -46.76 -48.89 -36.91
C ASP O 13 -46.68 -47.83 -35.80
N ALA O 14 -45.47 -47.56 -35.32
CA ALA O 14 -45.23 -46.56 -34.27
C ALA O 14 -44.54 -45.34 -34.86
N ARG O 15 -43.28 -45.48 -35.22
CA ARG O 15 -42.50 -44.40 -35.81
C ARG O 15 -43.25 -43.82 -37.01
N ASP O 16 -44.36 -44.47 -37.37
CA ASP O 16 -45.17 -44.05 -38.50
C ASP O 16 -46.49 -43.38 -38.09
N LYS O 17 -47.25 -44.03 -37.20
CA LYS O 17 -48.55 -43.49 -36.76
C LYS O 17 -48.46 -42.38 -35.69
N ILE O 18 -47.24 -42.08 -35.24
CA ILE O 18 -47.04 -41.05 -34.22
C ILE O 18 -46.30 -39.84 -34.74
N VAL O 19 -47.02 -38.76 -35.03
CA VAL O 19 -46.36 -37.55 -35.53
C VAL O 19 -47.06 -36.25 -35.14
N GLU O 20 -46.26 -35.20 -34.95
CA GLU O 20 -46.75 -33.89 -34.58
C GLU O 20 -48.07 -33.60 -35.31
N GLY O 21 -49.19 -33.76 -34.62
CA GLY O 21 -50.48 -33.48 -35.24
C GLY O 21 -51.68 -34.35 -34.94
N THR O 22 -51.66 -35.59 -35.43
CA THR O 22 -52.76 -36.53 -35.25
C THR O 22 -53.61 -36.34 -34.00
N LEU O 23 -54.90 -36.61 -34.16
CA LEU O 23 -55.86 -36.51 -33.07
C LEU O 23 -55.58 -37.62 -32.05
N TYR O 24 -56.26 -37.56 -30.91
CA TYR O 24 -56.06 -38.56 -29.87
C TYR O 24 -56.32 -40.02 -30.25
N SER O 25 -57.60 -40.39 -30.25
CA SER O 25 -58.02 -41.75 -30.54
C SER O 25 -57.71 -42.40 -31.90
N ASN O 26 -56.48 -42.24 -32.38
CA ASN O 26 -56.07 -42.87 -33.64
C ASN O 26 -54.90 -43.71 -33.21
N VAL O 27 -54.61 -43.61 -31.92
CA VAL O 27 -53.49 -44.30 -31.33
C VAL O 27 -53.85 -44.96 -30.00
N SER O 28 -55.12 -44.88 -29.63
CA SER O 28 -55.51 -45.47 -28.36
C SER O 28 -55.22 -46.97 -28.35
N ASP O 29 -55.75 -47.69 -29.33
CA ASP O 29 -55.55 -49.13 -29.43
C ASP O 29 -54.08 -49.43 -29.59
N LEU O 30 -53.31 -48.42 -30.01
CA LEU O 30 -51.89 -48.59 -30.23
C LEU O 30 -51.06 -48.30 -28.99
N ILE O 31 -51.18 -47.08 -28.48
CA ILE O 31 -50.44 -46.67 -27.31
C ILE O 31 -50.38 -47.86 -26.36
N GLN O 32 -51.57 -48.28 -25.93
CA GLN O 32 -51.70 -49.41 -25.01
C GLN O 32 -50.67 -50.49 -25.34
N GLN O 33 -50.92 -51.25 -26.40
CA GLN O 33 -50.02 -52.32 -26.81
C GLN O 33 -48.59 -51.97 -26.49
N PHE O 34 -48.20 -50.77 -26.91
CA PHE O 34 -46.84 -50.32 -26.67
C PHE O 34 -46.41 -50.47 -25.23
N ASN O 35 -46.97 -49.62 -24.37
CA ASN O 35 -46.63 -49.65 -22.96
C ASN O 35 -46.44 -51.09 -22.47
N GLN O 36 -47.50 -51.89 -22.58
CA GLN O 36 -47.47 -53.30 -22.16
C GLN O 36 -46.06 -53.86 -22.29
N MET O 37 -45.43 -53.56 -23.42
CA MET O 37 -44.08 -54.00 -23.69
C MET O 37 -43.12 -53.50 -22.63
N ILE O 38 -42.86 -52.19 -22.67
CA ILE O 38 -41.96 -51.53 -21.75
C ILE O 38 -41.91 -52.25 -20.41
N ILE O 39 -43.09 -52.48 -19.84
CA ILE O 39 -43.20 -53.15 -18.55
C ILE O 39 -42.43 -54.46 -18.54
N THR O 40 -42.93 -55.42 -19.31
CA THR O 40 -42.33 -56.74 -19.41
C THR O 40 -40.80 -56.67 -19.47
N MET O 41 -40.29 -55.65 -20.15
CA MET O 41 -38.85 -55.46 -20.33
C MET O 41 -38.07 -55.00 -19.11
N ASN O 42 -38.08 -53.69 -18.87
CA ASN O 42 -37.39 -53.08 -17.76
C ASN O 42 -37.02 -54.08 -16.67
N GLY O 43 -35.73 -54.17 -16.38
CA GLY O 43 -35.27 -55.08 -15.36
C GLY O 43 -34.42 -56.19 -15.98
N ASN O 44 -34.90 -56.76 -17.08
CA ASN O 44 -34.17 -57.83 -17.73
C ASN O 44 -32.99 -57.26 -18.54
N GLU O 45 -31.80 -57.85 -18.34
CA GLU O 45 -30.57 -57.42 -19.02
C GLU O 45 -30.24 -58.27 -20.24
N PHE O 46 -29.67 -57.66 -21.27
CA PHE O 46 -29.33 -58.38 -22.49
C PHE O 46 -27.91 -58.25 -23.01
N GLN O 47 -27.51 -59.22 -23.82
CA GLN O 47 -26.16 -59.25 -24.40
C GLN O 47 -26.12 -59.79 -25.84
N THR O 48 -25.35 -59.10 -26.68
CA THR O 48 -25.19 -59.45 -28.09
C THR O 48 -23.73 -59.41 -28.54
N GLY O 49 -23.39 -60.30 -29.47
CA GLY O 49 -22.03 -60.34 -29.98
C GLY O 49 -21.25 -61.56 -29.56
N GLY O 50 -19.93 -61.40 -29.54
CA GLY O 50 -19.05 -62.49 -29.14
C GLY O 50 -18.80 -63.50 -30.25
N ILE O 51 -18.63 -62.99 -31.47
CA ILE O 51 -18.40 -63.85 -32.61
C ILE O 51 -17.85 -63.04 -33.77
N GLY O 52 -16.62 -63.33 -34.16
CA GLY O 52 -16.00 -62.60 -35.24
C GLY O 52 -15.89 -61.14 -34.88
N ASN O 53 -16.05 -60.26 -35.87
CA ASN O 53 -15.97 -58.83 -35.63
C ASN O 53 -17.32 -58.26 -35.20
N LEU O 54 -17.97 -58.94 -34.27
CA LEU O 54 -19.26 -58.46 -33.81
C LEU O 54 -19.18 -57.81 -32.44
N PRO O 55 -19.35 -56.48 -32.39
CA PRO O 55 -19.30 -55.72 -31.14
C PRO O 55 -20.19 -56.31 -30.04
N ILE O 56 -19.57 -56.72 -28.95
CA ILE O 56 -20.27 -57.31 -27.82
C ILE O 56 -20.96 -56.20 -27.00
N ARG O 57 -22.12 -55.74 -27.46
CA ARG O 57 -22.82 -54.67 -26.75
C ARG O 57 -23.76 -55.13 -25.64
N ASN O 58 -23.82 -54.35 -24.56
CA ASN O 58 -24.67 -54.64 -23.40
C ASN O 58 -25.89 -53.70 -23.36
N TRP O 59 -27.06 -54.26 -23.05
CA TRP O 59 -28.29 -53.48 -23.01
C TRP O 59 -29.02 -53.52 -21.68
N ASN O 60 -29.64 -52.39 -21.34
CA ASN O 60 -30.38 -52.27 -20.10
C ASN O 60 -31.70 -51.57 -20.35
N PHE O 61 -32.66 -51.72 -19.43
CA PHE O 61 -33.97 -51.09 -19.59
C PHE O 61 -34.46 -50.40 -18.33
N ASP O 62 -35.11 -49.25 -18.51
CA ASP O 62 -35.65 -48.47 -17.40
C ASP O 62 -36.25 -47.18 -17.97
N PHE O 63 -37.33 -47.31 -18.72
CA PHE O 63 -37.98 -46.16 -19.35
C PHE O 63 -39.41 -45.89 -18.91
N GLY O 64 -39.70 -44.61 -18.68
CA GLY O 64 -41.03 -44.20 -18.27
C GLY O 64 -42.08 -44.53 -19.29
N LEU O 65 -43.34 -44.60 -18.85
CA LEU O 65 -44.46 -44.91 -19.72
C LEU O 65 -44.75 -43.77 -20.69
N LEU O 66 -45.88 -43.10 -20.46
CA LEU O 66 -46.31 -42.00 -21.31
C LEU O 66 -47.20 -40.98 -20.60
N GLY O 67 -47.54 -39.93 -21.33
CA GLY O 67 -48.42 -38.91 -20.80
C GLY O 67 -49.70 -39.10 -21.61
N THR O 68 -50.18 -40.35 -21.64
CA THR O 68 -51.38 -40.75 -22.37
C THR O 68 -52.44 -39.65 -22.28
N THR O 69 -52.17 -38.53 -22.93
CA THR O 69 -53.06 -37.38 -22.90
C THR O 69 -52.86 -36.46 -24.10
N LEU O 70 -53.19 -35.18 -23.90
CA LEU O 70 -53.09 -34.15 -24.95
C LEU O 70 -53.91 -34.62 -26.13
N LEU O 71 -54.59 -33.69 -26.79
CA LEU O 71 -55.41 -34.09 -27.92
C LEU O 71 -54.64 -34.19 -29.20
N ASN O 72 -54.38 -33.05 -29.82
CA ASN O 72 -53.63 -33.04 -31.05
C ASN O 72 -52.15 -33.08 -30.67
N LEU O 73 -51.59 -34.29 -30.61
CA LEU O 73 -50.19 -34.53 -30.25
C LEU O 73 -49.26 -33.32 -30.34
N ASP O 74 -48.75 -32.86 -29.21
CA ASP O 74 -47.86 -31.71 -29.26
C ASP O 74 -46.44 -32.17 -29.52
N ALA O 75 -45.75 -31.44 -30.38
CA ALA O 75 -44.39 -31.76 -30.76
C ALA O 75 -43.61 -32.35 -29.57
N ASN O 76 -43.61 -31.62 -28.46
CA ASN O 76 -42.91 -32.06 -27.27
C ASN O 76 -43.17 -33.53 -26.93
N TYR O 77 -44.35 -34.02 -27.27
CA TYR O 77 -44.71 -35.41 -26.99
C TYR O 77 -43.89 -36.35 -27.83
N VAL O 78 -43.76 -36.00 -29.11
CA VAL O 78 -43.00 -36.81 -30.04
C VAL O 78 -41.58 -37.01 -29.55
N GLU O 79 -40.76 -35.96 -29.62
CA GLU O 79 -39.36 -36.02 -29.20
C GLU O 79 -39.06 -36.84 -27.95
N THR O 80 -39.89 -36.71 -26.91
CA THR O 80 -39.68 -37.46 -25.68
C THR O 80 -39.98 -38.93 -25.91
N ALA O 81 -40.49 -39.23 -27.10
CA ALA O 81 -40.82 -40.59 -27.48
C ALA O 81 -39.76 -41.13 -28.44
N ARG O 82 -39.49 -40.38 -29.50
CA ARG O 82 -38.49 -40.79 -30.48
C ARG O 82 -37.18 -41.15 -29.79
N ASN O 83 -36.84 -40.41 -28.75
CA ASN O 83 -35.61 -40.66 -28.00
C ASN O 83 -35.64 -42.02 -27.31
N THR O 84 -36.84 -42.51 -27.05
CA THR O 84 -36.97 -43.81 -26.39
C THR O 84 -37.06 -44.92 -27.43
N ILE O 85 -37.46 -44.58 -28.64
CA ILE O 85 -37.55 -45.58 -29.68
C ILE O 85 -36.16 -45.87 -30.24
N ASP O 86 -35.40 -44.80 -30.45
CA ASP O 86 -34.05 -44.93 -30.99
C ASP O 86 -33.12 -45.81 -30.17
N TYR O 87 -33.59 -46.32 -29.03
CA TYR O 87 -32.75 -47.21 -28.22
C TYR O 87 -33.19 -48.62 -28.62
N PHE O 88 -34.46 -48.74 -29.00
CA PHE O 88 -35.02 -50.02 -29.40
C PHE O 88 -34.60 -50.33 -30.82
N VAL O 89 -34.53 -49.28 -31.64
CA VAL O 89 -34.10 -49.45 -33.00
C VAL O 89 -32.68 -50.02 -32.89
N ASP O 90 -31.71 -49.15 -32.58
CA ASP O 90 -30.28 -49.52 -32.43
C ASP O 90 -30.11 -50.82 -31.64
N PHE O 91 -31.18 -51.26 -30.99
CA PHE O 91 -31.13 -52.48 -30.23
C PHE O 91 -31.45 -53.63 -31.16
N VAL O 92 -32.71 -53.71 -31.55
CA VAL O 92 -33.16 -54.76 -32.44
C VAL O 92 -32.14 -55.08 -33.53
N ASP O 93 -31.54 -54.05 -34.11
CA ASP O 93 -30.54 -54.23 -35.17
C ASP O 93 -29.53 -55.22 -34.59
N ASN O 94 -28.89 -54.82 -33.48
CA ASN O 94 -27.89 -55.64 -32.80
C ASN O 94 -28.46 -56.99 -32.36
N VAL O 95 -29.77 -57.14 -32.39
CA VAL O 95 -30.39 -58.41 -31.98
C VAL O 95 -30.54 -59.31 -33.20
N CYS O 96 -31.13 -58.77 -34.24
CA CYS O 96 -31.30 -59.55 -35.46
C CYS O 96 -29.96 -60.11 -35.88
N MET O 97 -29.04 -59.20 -36.15
CA MET O 97 -27.72 -59.55 -36.59
C MET O 97 -27.11 -60.72 -35.78
N ASP O 98 -27.24 -60.69 -34.46
CA ASP O 98 -26.67 -61.73 -33.60
C ASP O 98 -27.19 -63.15 -33.87
N GLU O 99 -28.49 -63.28 -34.15
CA GLU O 99 -29.08 -64.59 -34.43
C GLU O 99 -29.13 -64.83 -35.93
N MET O 100 -28.57 -63.90 -36.69
CA MET O 100 -28.55 -64.03 -38.14
C MET O 100 -27.22 -64.57 -38.60
N VAL O 101 -26.63 -65.45 -37.80
CA VAL O 101 -25.34 -66.04 -38.15
C VAL O 101 -25.12 -67.43 -37.61
N ARG O 102 -25.58 -67.68 -36.38
CA ARG O 102 -25.39 -68.96 -35.73
C ARG O 102 -26.13 -70.12 -36.44
N GLU O 103 -25.40 -71.21 -36.69
CA GLU O 103 -25.93 -72.39 -37.38
C GLU O 103 -25.91 -73.61 -36.45
N SER O 104 -26.91 -74.48 -36.58
CA SER O 104 -26.98 -75.67 -35.74
C SER O 104 -27.45 -76.84 -36.58
N GLN O 105 -26.75 -77.96 -36.49
CA GLN O 105 -27.11 -79.17 -37.25
C GLN O 105 -28.37 -79.88 -36.76
N ARG O 106 -28.18 -80.88 -35.90
CA ARG O 106 -29.25 -81.71 -35.31
C ARG O 106 -30.65 -81.07 -35.40
N ASN O 107 -30.78 -79.94 -34.72
CA ASN O 107 -32.00 -79.15 -34.65
C ASN O 107 -31.53 -77.71 -34.85
N GLY O 108 -31.46 -77.28 -36.10
CA GLY O 108 -31.00 -75.94 -36.39
C GLY O 108 -32.12 -74.95 -36.60
N ILE O 109 -33.32 -75.47 -36.83
CA ILE O 109 -34.50 -74.66 -37.06
C ILE O 109 -34.85 -73.69 -35.92
N ALA O 110 -34.47 -74.06 -34.70
CA ALA O 110 -34.76 -73.25 -33.52
C ALA O 110 -33.78 -72.12 -33.22
N PRO O 111 -34.08 -71.29 -32.21
CA PRO O 111 -33.29 -70.14 -31.75
C PRO O 111 -31.93 -70.55 -31.21
N GLN O 112 -30.93 -69.70 -31.38
CA GLN O 112 -29.59 -70.03 -30.91
C GLN O 112 -28.96 -69.06 -29.90
N SER O 113 -28.90 -67.78 -30.27
CA SER O 113 -28.30 -66.70 -29.45
C SER O 113 -28.75 -66.54 -28.00
N ASP O 114 -27.84 -66.09 -27.15
CA ASP O 114 -28.13 -65.85 -25.74
C ASP O 114 -29.14 -64.73 -25.63
N SER O 115 -29.38 -64.06 -26.76
CA SER O 115 -30.32 -62.96 -26.81
C SER O 115 -31.71 -63.53 -27.04
N LEU O 116 -31.85 -64.34 -28.07
CA LEU O 116 -33.15 -64.92 -28.39
C LEU O 116 -33.58 -66.09 -27.51
N ARG O 117 -32.67 -67.00 -27.17
CA ARG O 117 -33.03 -68.15 -26.32
C ARG O 117 -33.81 -67.64 -25.10
N LYS O 118 -33.58 -66.37 -24.74
CA LYS O 118 -34.25 -65.76 -23.59
C LYS O 118 -35.58 -65.12 -23.97
N LEU O 119 -35.76 -64.86 -25.25
CA LEU O 119 -36.99 -64.24 -25.76
C LEU O 119 -38.12 -65.23 -25.86
N SER O 120 -37.81 -66.45 -26.30
CA SER O 120 -38.83 -67.48 -26.43
C SER O 120 -39.38 -67.79 -25.04
N GLY O 121 -38.72 -67.24 -24.02
CA GLY O 121 -39.15 -67.45 -22.65
C GLY O 121 -40.63 -67.15 -22.57
N LEU O 122 -41.32 -67.68 -21.56
CA LEU O 122 -42.75 -67.47 -21.43
C LEU O 122 -43.18 -66.08 -20.99
N LYS O 123 -42.51 -65.55 -19.98
CA LYS O 123 -42.84 -64.25 -19.45
C LYS O 123 -42.83 -63.12 -20.49
N PHE O 124 -42.42 -63.44 -21.71
CA PHE O 124 -42.34 -62.46 -22.80
C PHE O 124 -43.48 -62.50 -23.82
N LYS O 125 -44.05 -63.68 -24.00
CA LYS O 125 -45.12 -63.87 -24.96
C LYS O 125 -46.25 -62.83 -24.88
N ARG O 126 -46.29 -62.06 -23.79
CA ARG O 126 -47.32 -61.03 -23.61
C ARG O 126 -47.22 -59.93 -24.66
N ILE O 127 -46.75 -60.24 -25.86
CA ILE O 127 -46.59 -59.18 -26.84
C ILE O 127 -47.10 -59.36 -28.28
N ASN O 128 -46.87 -60.54 -28.85
CA ASN O 128 -47.28 -60.86 -30.23
C ASN O 128 -48.51 -60.10 -30.76
N PHE O 129 -48.44 -59.61 -32.01
CA PHE O 129 -49.57 -58.88 -32.63
C PHE O 129 -49.37 -58.43 -34.09
N ASP O 130 -50.47 -58.32 -34.83
CA ASP O 130 -50.53 -57.93 -36.28
C ASP O 130 -49.56 -58.70 -37.17
N ASN O 131 -49.83 -59.98 -37.36
CA ASN O 131 -49.00 -60.85 -38.18
C ASN O 131 -49.41 -60.87 -39.65
N SER O 132 -49.48 -59.70 -40.26
CA SER O 132 -49.85 -59.65 -41.65
C SER O 132 -48.61 -59.55 -42.55
N SER O 133 -47.42 -59.50 -41.95
CA SER O 133 -46.19 -59.44 -42.76
C SER O 133 -45.94 -60.80 -43.38
N GLU O 134 -46.31 -60.91 -44.65
CA GLU O 134 -46.19 -62.11 -45.46
C GLU O 134 -45.31 -63.22 -44.87
N TYR O 135 -44.14 -62.87 -44.35
CA TYR O 135 -43.23 -63.87 -43.80
C TYR O 135 -43.60 -64.51 -42.48
N ILE O 136 -44.06 -63.70 -41.56
CA ILE O 136 -44.45 -64.25 -40.28
C ILE O 136 -45.70 -65.07 -40.54
N GLU O 137 -46.60 -64.50 -41.35
CA GLU O 137 -47.86 -65.17 -41.70
C GLU O 137 -47.52 -66.62 -42.02
N ASN O 138 -46.41 -66.81 -42.74
CA ASN O 138 -45.98 -68.13 -43.12
C ASN O 138 -45.16 -68.87 -42.07
N TRP O 139 -44.46 -68.13 -41.21
CA TRP O 139 -43.71 -68.83 -40.19
C TRP O 139 -44.69 -69.61 -39.34
N ASN O 140 -45.68 -68.92 -38.78
CA ASN O 140 -46.68 -69.57 -37.92
C ASN O 140 -47.26 -70.83 -38.55
N LEU O 141 -47.97 -70.66 -39.66
CA LEU O 141 -48.60 -71.78 -40.36
C LEU O 141 -47.70 -72.99 -40.51
N GLN O 142 -46.39 -72.76 -40.46
CA GLN O 142 -45.43 -73.84 -40.60
C GLN O 142 -45.25 -74.57 -39.27
N ASN O 143 -45.32 -73.85 -38.16
CA ASN O 143 -45.19 -74.51 -36.87
C ASN O 143 -46.47 -75.28 -36.58
N ARG O 144 -47.44 -75.14 -37.47
CA ARG O 144 -48.71 -75.82 -37.35
C ARG O 144 -48.87 -76.89 -38.42
N ARG O 145 -47.79 -77.61 -38.69
CA ARG O 145 -47.80 -78.70 -39.67
C ARG O 145 -48.51 -78.38 -41.00
N GLN O 146 -48.96 -77.14 -41.19
CA GLN O 146 -49.71 -76.81 -42.41
C GLN O 146 -49.05 -76.16 -43.64
N ARG O 147 -49.70 -76.41 -44.77
CA ARG O 147 -49.26 -75.94 -46.09
C ARG O 147 -49.50 -74.48 -46.38
N THR O 148 -48.66 -73.96 -47.26
CA THR O 148 -48.69 -72.59 -47.75
C THR O 148 -47.25 -72.17 -47.96
N GLY O 149 -47.03 -71.44 -49.05
CA GLY O 149 -45.71 -70.96 -49.38
C GLY O 149 -45.64 -69.46 -49.54
N PHE O 150 -44.66 -69.00 -50.30
CA PHE O 150 -44.48 -67.57 -50.52
C PHE O 150 -44.50 -67.24 -52.01
N THR O 151 -44.78 -65.99 -52.34
CA THR O 151 -44.83 -65.57 -53.74
C THR O 151 -43.44 -65.09 -54.14
N PHE O 152 -42.88 -65.74 -55.15
CA PHE O 152 -41.54 -65.39 -55.59
C PHE O 152 -41.42 -64.68 -56.92
N HIS O 153 -40.19 -64.56 -57.41
CA HIS O 153 -40.01 -63.89 -58.66
C HIS O 153 -38.76 -63.95 -59.51
N LYS O 154 -38.93 -64.43 -60.75
CA LYS O 154 -37.80 -64.64 -61.64
C LYS O 154 -36.93 -65.36 -60.59
N PRO O 155 -37.54 -66.36 -59.84
CA PRO O 155 -37.04 -67.23 -58.75
C PRO O 155 -35.64 -67.80 -58.94
N ASN O 156 -35.03 -68.39 -57.91
CA ASN O 156 -33.68 -68.86 -58.22
C ASN O 156 -33.61 -70.35 -57.87
N ILE O 157 -34.19 -71.16 -58.75
CA ILE O 157 -34.32 -72.59 -58.53
C ILE O 157 -33.25 -73.44 -59.20
N PHE O 158 -32.65 -72.94 -60.28
CA PHE O 158 -31.62 -73.70 -60.98
C PHE O 158 -30.19 -73.38 -60.59
N PRO O 159 -29.47 -74.36 -60.02
CA PRO O 159 -28.08 -74.06 -59.67
C PRO O 159 -27.38 -73.81 -61.01
N TYR O 160 -26.39 -72.94 -61.01
CA TYR O 160 -25.68 -72.64 -62.24
C TYR O 160 -25.12 -73.93 -62.82
N SER O 161 -25.36 -74.15 -64.10
CA SER O 161 -24.85 -75.33 -64.79
C SER O 161 -24.72 -74.93 -66.25
N ALA O 162 -23.52 -74.98 -66.77
CA ALA O 162 -23.30 -74.64 -68.17
C ALA O 162 -22.41 -75.75 -68.72
N SER O 163 -22.96 -76.61 -69.58
CA SER O 163 -22.16 -77.71 -70.12
C SER O 163 -22.71 -78.23 -71.45
N PHE O 164 -22.21 -79.40 -71.88
CA PHE O 164 -22.65 -80.01 -73.13
C PHE O 164 -22.52 -81.53 -73.01
N THR O 165 -23.13 -82.23 -73.95
CA THR O 165 -23.06 -83.68 -73.97
C THR O 165 -22.97 -84.02 -75.43
N LEU O 166 -21.87 -84.65 -75.81
CA LEU O 166 -21.68 -85.07 -77.20
C LEU O 166 -22.18 -86.50 -77.38
N ASN O 167 -23.28 -86.65 -78.10
CA ASN O 167 -23.86 -87.96 -78.34
C ASN O 167 -23.15 -88.71 -79.47
N ARG O 168 -22.51 -87.96 -80.36
CA ARG O 168 -21.70 -88.51 -81.46
C ARG O 168 -20.52 -87.58 -81.55
N SER O 169 -19.32 -88.12 -81.44
CA SER O 169 -18.12 -87.31 -81.53
C SER O 169 -17.00 -88.20 -81.99
N GLN O 170 -15.91 -87.57 -82.38
CA GLN O 170 -14.74 -88.27 -82.82
C GLN O 170 -13.59 -87.32 -82.53
N PRO O 171 -12.35 -87.83 -82.45
CA PRO O 171 -11.18 -87.03 -82.16
C PRO O 171 -11.08 -85.64 -82.84
N ALA O 172 -11.33 -85.60 -84.14
CA ALA O 172 -11.26 -84.34 -84.87
C ALA O 172 -12.39 -83.34 -84.51
N HIS O 173 -13.47 -83.85 -83.91
CA HIS O 173 -14.63 -83.03 -83.54
C HIS O 173 -15.11 -82.25 -84.74
N ASP O 174 -15.23 -82.95 -85.87
CA ASP O 174 -15.67 -82.35 -87.12
C ASP O 174 -17.06 -82.81 -87.55
N ASN O 175 -17.65 -83.72 -86.77
CA ASN O 175 -19.00 -84.21 -87.05
C ASN O 175 -19.67 -84.64 -85.74
N LEU O 176 -20.00 -83.65 -84.91
CA LEU O 176 -20.61 -83.86 -83.61
C LEU O 176 -22.12 -83.78 -83.63
N MET O 177 -22.72 -84.35 -82.59
CA MET O 177 -24.16 -84.31 -82.40
C MET O 177 -24.37 -84.36 -80.89
N GLY O 178 -25.17 -83.45 -80.36
CA GLY O 178 -25.40 -83.43 -78.92
C GLY O 178 -26.14 -82.19 -78.50
N THR O 179 -26.04 -81.86 -77.22
CA THR O 179 -26.70 -80.67 -76.71
C THR O 179 -25.77 -79.90 -75.80
N MET O 180 -26.04 -78.62 -75.67
CA MET O 180 -25.29 -77.74 -74.78
C MET O 180 -26.36 -76.86 -74.12
N TRP O 181 -26.11 -76.45 -72.88
CA TRP O 181 -27.13 -75.70 -72.15
C TRP O 181 -26.55 -74.78 -71.09
N LEU O 182 -27.44 -73.97 -70.54
CA LEU O 182 -27.17 -73.07 -69.42
C LEU O 182 -28.44 -73.08 -68.58
N ASN O 183 -28.34 -73.64 -67.40
CA ASN O 183 -29.42 -73.61 -66.40
C ASN O 183 -28.93 -72.66 -65.32
N ALA O 184 -29.66 -71.60 -65.06
CA ALA O 184 -29.22 -70.65 -64.03
C ALA O 184 -30.38 -69.80 -63.57
N GLY O 185 -30.60 -69.77 -62.26
CA GLY O 185 -31.68 -68.96 -61.72
C GLY O 185 -33.04 -69.51 -62.08
N SER O 186 -33.76 -68.72 -62.86
CA SER O 186 -35.09 -69.11 -63.29
C SER O 186 -35.09 -69.41 -64.80
N GLU O 187 -33.91 -69.48 -65.41
CA GLU O 187 -33.85 -69.70 -66.84
C GLU O 187 -33.08 -70.91 -67.34
N ILE O 188 -33.55 -71.44 -68.46
CA ILE O 188 -32.92 -72.57 -69.10
C ILE O 188 -32.82 -72.23 -70.58
N GLN O 189 -31.64 -72.46 -71.16
CA GLN O 189 -31.47 -72.32 -72.61
C GLN O 189 -30.78 -73.61 -73.00
N VAL O 190 -31.28 -74.27 -74.02
CA VAL O 190 -30.68 -75.52 -74.46
C VAL O 190 -30.71 -75.59 -75.97
N ALA O 191 -29.60 -76.04 -76.56
CA ALA O 191 -29.50 -76.20 -78.00
C ALA O 191 -29.10 -77.62 -78.33
N GLY O 192 -29.66 -78.12 -79.42
CA GLY O 192 -29.32 -79.44 -79.92
C GLY O 192 -28.65 -79.15 -81.26
N PHE O 193 -27.49 -79.75 -81.49
CA PHE O 193 -26.74 -79.55 -82.73
C PHE O 193 -26.42 -80.91 -83.40
N ASP O 194 -26.37 -80.90 -84.72
CA ASP O 194 -26.07 -82.09 -85.50
C ASP O 194 -25.27 -81.58 -86.71
N TYR O 195 -23.95 -81.73 -86.67
CA TYR O 195 -23.10 -81.27 -87.75
C TYR O 195 -23.50 -81.82 -89.12
N SER O 196 -24.05 -83.04 -89.14
CA SER O 196 -24.46 -83.68 -90.39
C SER O 196 -25.84 -83.25 -90.91
N CYS O 197 -26.55 -82.42 -90.16
CA CYS O 197 -27.90 -81.95 -90.52
C CYS O 197 -28.82 -83.14 -90.83
N ALA O 198 -28.71 -84.16 -89.98
CA ALA O 198 -29.52 -85.37 -90.09
C ALA O 198 -29.51 -86.03 -91.47
N ILE O 199 -28.39 -85.91 -92.20
CA ILE O 199 -28.22 -86.48 -93.54
C ILE O 199 -28.46 -88.02 -93.60
N ASN O 200 -28.01 -88.73 -92.57
CA ASN O 200 -28.14 -90.19 -92.47
C ASN O 200 -29.10 -90.59 -91.35
N ALA O 201 -29.86 -89.63 -90.82
CA ALA O 201 -30.78 -89.95 -89.73
C ALA O 201 -32.15 -90.41 -90.23
N PRO O 202 -32.79 -91.33 -89.50
CA PRO O 202 -34.11 -91.86 -89.86
C PRO O 202 -35.10 -90.70 -89.98
N ALA O 203 -35.77 -90.62 -91.13
CA ALA O 203 -36.71 -89.56 -91.41
C ALA O 203 -36.01 -88.19 -91.46
N ASN O 204 -34.69 -88.22 -91.59
CA ASN O 204 -33.86 -87.00 -91.62
C ASN O 204 -34.18 -86.09 -90.44
N THR O 205 -34.41 -86.71 -89.29
CA THR O 205 -34.75 -86.01 -88.08
C THR O 205 -33.88 -86.50 -86.92
N GLN O 206 -33.28 -85.57 -86.18
CA GLN O 206 -32.48 -85.91 -85.03
C GLN O 206 -33.25 -85.45 -83.80
N GLN O 207 -33.48 -86.35 -82.85
CA GLN O 207 -34.20 -86.02 -81.64
C GLN O 207 -33.26 -85.48 -80.56
N PHE O 208 -33.74 -84.51 -79.79
CA PHE O 208 -32.98 -83.96 -78.67
C PHE O 208 -33.86 -83.92 -77.44
N GLU O 209 -33.24 -83.82 -76.28
CA GLU O 209 -34.00 -83.81 -75.06
C GLU O 209 -33.15 -83.16 -73.98
N HIS O 210 -33.78 -82.38 -73.10
CA HIS O 210 -33.07 -81.75 -72.00
C HIS O 210 -33.98 -81.89 -70.79
N ILE O 211 -33.45 -82.50 -69.73
CA ILE O 211 -34.21 -82.69 -68.50
C ILE O 211 -33.57 -81.92 -67.34
N VAL O 212 -34.39 -81.20 -66.60
CA VAL O 212 -33.90 -80.43 -65.46
C VAL O 212 -34.74 -80.79 -64.25
N GLN O 213 -34.06 -81.27 -63.21
CA GLN O 213 -34.71 -81.66 -61.98
C GLN O 213 -34.62 -80.60 -60.91
N LEU O 214 -35.75 -80.04 -60.50
CA LEU O 214 -35.73 -78.98 -59.48
C LEU O 214 -35.48 -79.61 -58.13
N ARG O 215 -34.82 -78.87 -57.24
CA ARG O 215 -34.55 -79.38 -55.90
C ARG O 215 -35.78 -79.20 -55.02
N ARG O 216 -36.71 -78.36 -55.46
CA ARG O 216 -37.95 -78.14 -54.72
C ARG O 216 -39.04 -77.99 -55.78
N VAL O 217 -40.25 -78.38 -55.41
CA VAL O 217 -41.39 -78.28 -56.31
C VAL O 217 -41.80 -76.81 -56.41
N LEU O 218 -42.16 -76.41 -57.63
CA LEU O 218 -42.67 -75.08 -57.83
C LEU O 218 -44.12 -75.28 -58.24
N THR O 219 -44.99 -74.44 -57.72
CA THR O 219 -46.39 -74.48 -58.07
C THR O 219 -46.78 -73.10 -58.66
N THR O 220 -47.90 -73.06 -59.35
CA THR O 220 -48.44 -71.82 -59.92
C THR O 220 -47.39 -70.96 -60.67
N ALA O 221 -46.55 -71.62 -61.47
CA ALA O 221 -45.52 -70.96 -62.25
C ALA O 221 -46.04 -70.40 -63.59
N THR O 222 -45.71 -69.13 -63.81
CA THR O 222 -45.99 -68.44 -65.08
C THR O 222 -44.68 -68.47 -65.84
N ILE O 223 -44.72 -69.09 -67.00
CA ILE O 223 -43.48 -69.35 -67.75
C ILE O 223 -43.48 -68.84 -69.20
N THR O 224 -42.35 -68.31 -69.65
CA THR O 224 -42.19 -67.84 -71.01
C THR O 224 -41.36 -68.92 -71.72
N LEU O 225 -41.85 -69.43 -72.84
CA LEU O 225 -41.14 -70.45 -73.60
C LEU O 225 -41.00 -69.86 -74.98
N LEU O 226 -39.79 -69.83 -75.48
CA LEU O 226 -39.52 -69.27 -76.80
C LEU O 226 -38.63 -70.21 -77.59
N PRO O 227 -38.79 -70.23 -78.92
CA PRO O 227 -37.93 -71.11 -79.71
C PRO O 227 -36.58 -70.40 -79.82
N ASP O 228 -35.53 -71.19 -80.05
CA ASP O 228 -34.15 -70.70 -80.21
C ASP O 228 -33.42 -70.46 -78.90
N ALA O 229 -32.12 -70.70 -78.91
CA ALA O 229 -31.26 -70.49 -77.75
C ALA O 229 -30.21 -69.52 -78.26
N GLU O 230 -30.44 -68.22 -78.10
CA GLU O 230 -29.52 -67.21 -78.56
C GLU O 230 -28.10 -67.39 -78.03
N ARG O 231 -28.01 -67.84 -76.79
CA ARG O 231 -26.74 -68.09 -76.16
C ARG O 231 -25.87 -69.11 -76.93
N PHE O 232 -26.50 -69.99 -77.67
CA PHE O 232 -25.77 -71.01 -78.42
C PHE O 232 -26.00 -70.87 -79.91
N SER O 233 -26.12 -69.63 -80.36
CA SER O 233 -26.35 -69.37 -81.76
C SER O 233 -25.17 -68.73 -82.43
N PHE O 234 -24.08 -68.61 -81.71
CA PHE O 234 -22.89 -68.01 -82.29
C PHE O 234 -21.67 -68.96 -82.28
N PRO O 235 -20.67 -68.67 -83.12
CA PRO O 235 -19.44 -69.47 -83.23
C PRO O 235 -18.68 -69.55 -81.93
N ARG O 236 -18.26 -70.75 -81.61
CA ARG O 236 -17.52 -70.97 -80.37
C ARG O 236 -16.40 -71.96 -80.57
N VAL O 237 -15.41 -71.78 -79.75
CA VAL O 237 -14.29 -72.70 -79.62
C VAL O 237 -14.42 -73.20 -78.19
N ILE O 238 -14.67 -74.49 -78.07
CA ILE O 238 -14.97 -75.08 -76.78
C ILE O 238 -13.96 -76.15 -76.36
N ASN O 239 -13.80 -76.36 -75.06
CA ASN O 239 -12.89 -77.39 -74.59
C ASN O 239 -13.56 -78.73 -74.77
N SER O 240 -12.78 -79.75 -75.11
CA SER O 240 -13.29 -81.09 -75.29
C SER O 240 -13.71 -81.64 -73.93
N ALA O 241 -14.52 -82.69 -73.93
CA ALA O 241 -14.97 -83.29 -72.68
C ALA O 241 -13.83 -83.64 -71.71
N ASP O 242 -12.71 -84.15 -72.25
CA ASP O 242 -11.56 -84.55 -71.43
C ASP O 242 -10.56 -83.42 -71.16
N GLY O 243 -10.86 -82.23 -71.68
CA GLY O 243 -10.00 -81.08 -71.49
C GLY O 243 -8.69 -81.12 -72.28
N ALA O 244 -8.50 -82.15 -73.09
CA ALA O 244 -7.26 -82.29 -73.86
C ALA O 244 -7.13 -81.42 -75.11
N THR O 245 -8.23 -80.93 -75.65
CA THR O 245 -8.19 -80.09 -76.86
C THR O 245 -9.42 -79.18 -76.97
N THR O 246 -9.56 -78.50 -78.10
CA THR O 246 -10.70 -77.61 -78.32
C THR O 246 -11.35 -77.90 -79.68
N TRP O 247 -12.68 -77.82 -79.69
CA TRP O 247 -13.48 -78.03 -80.90
C TRP O 247 -14.14 -76.74 -81.37
N TYR O 248 -14.56 -76.72 -82.62
CA TYR O 248 -15.19 -75.56 -83.21
C TYR O 248 -16.68 -75.77 -83.45
N PHE O 249 -17.49 -74.81 -82.99
CA PHE O 249 -18.95 -74.86 -83.16
C PHE O 249 -19.29 -73.65 -84.00
N ASN O 250 -19.88 -73.91 -85.16
CA ASN O 250 -20.24 -72.86 -86.10
C ASN O 250 -21.72 -73.02 -86.43
N PRO O 251 -22.64 -72.64 -85.53
CA PRO O 251 -24.07 -72.86 -85.73
C PRO O 251 -24.73 -72.02 -86.80
N VAL O 252 -25.76 -72.66 -87.35
CA VAL O 252 -26.76 -72.08 -88.27
C VAL O 252 -28.08 -72.60 -87.69
N ILE O 253 -28.99 -71.70 -87.43
CA ILE O 253 -30.22 -72.05 -86.68
C ILE O 253 -31.44 -72.35 -87.52
N LEU O 254 -32.13 -73.42 -87.15
CA LEU O 254 -33.37 -73.86 -87.81
C LEU O 254 -34.43 -73.90 -86.71
N ARG O 255 -35.71 -73.86 -87.09
CA ARG O 255 -36.75 -73.88 -86.07
C ARG O 255 -36.83 -75.23 -85.42
N PRO O 256 -36.98 -75.24 -84.10
CA PRO O 256 -37.08 -76.53 -83.43
C PRO O 256 -38.40 -77.19 -83.87
N ASN O 257 -38.30 -78.46 -84.24
CA ASN O 257 -39.40 -79.26 -84.73
C ASN O 257 -39.99 -80.17 -83.63
N ASN O 258 -41.32 -80.31 -83.59
CA ASN O 258 -42.01 -81.15 -82.60
C ASN O 258 -41.63 -80.86 -81.15
N VAL O 259 -41.66 -79.58 -80.80
CA VAL O 259 -41.33 -79.16 -79.47
C VAL O 259 -42.39 -79.67 -78.50
N GLU O 260 -41.93 -80.28 -77.41
CA GLU O 260 -42.83 -80.75 -76.38
C GLU O 260 -42.21 -80.48 -75.01
N VAL O 261 -42.91 -79.70 -74.19
CA VAL O 261 -42.42 -79.39 -72.86
C VAL O 261 -43.30 -80.13 -71.88
N GLU O 262 -42.68 -80.87 -70.97
CA GLU O 262 -43.45 -81.55 -69.96
C GLU O 262 -42.98 -81.11 -68.60
N PHE O 263 -43.95 -80.79 -67.75
CA PHE O 263 -43.70 -80.40 -66.37
C PHE O 263 -44.20 -81.60 -65.61
N LEU O 264 -43.28 -82.33 -65.01
CA LEU O 264 -43.62 -83.53 -64.30
C LEU O 264 -43.51 -83.39 -62.81
N LEU O 265 -44.26 -84.21 -62.09
CA LEU O 265 -44.23 -84.23 -60.65
C LEU O 265 -44.13 -85.69 -60.28
N ASN O 266 -43.03 -86.06 -59.64
CA ASN O 266 -42.83 -87.47 -59.25
C ASN O 266 -43.00 -88.44 -60.43
N GLY O 267 -42.48 -88.05 -61.59
CA GLY O 267 -42.56 -88.90 -62.76
C GLY O 267 -43.83 -88.79 -63.56
N GLN O 268 -44.83 -88.12 -63.02
CA GLN O 268 -46.09 -87.96 -63.73
C GLN O 268 -46.17 -86.64 -64.48
N ILE O 269 -46.71 -86.67 -65.69
CA ILE O 269 -46.89 -85.45 -66.47
C ILE O 269 -48.05 -84.67 -65.84
N ILE O 270 -47.78 -83.45 -65.40
CA ILE O 270 -48.82 -82.62 -64.82
C ILE O 270 -49.26 -81.66 -65.92
N ASN O 271 -48.30 -81.10 -66.65
CA ASN O 271 -48.62 -80.19 -67.75
C ASN O 271 -47.78 -80.57 -68.95
N THR O 272 -48.36 -80.50 -70.13
CA THR O 272 -47.64 -80.77 -71.34
C THR O 272 -48.09 -79.77 -72.39
N TYR O 273 -47.11 -79.23 -73.13
CA TYR O 273 -47.35 -78.25 -74.17
C TYR O 273 -46.60 -78.65 -75.43
N GLN O 274 -47.32 -78.69 -76.54
CA GLN O 274 -46.74 -79.08 -77.81
C GLN O 274 -46.57 -77.87 -78.66
N ALA O 275 -45.33 -77.49 -78.88
CA ALA O 275 -45.02 -76.36 -79.74
C ALA O 275 -45.74 -75.07 -79.39
N ARG O 276 -45.98 -74.82 -78.11
CA ARG O 276 -46.65 -73.61 -77.73
C ARG O 276 -45.66 -72.60 -77.16
N PHE O 277 -45.37 -71.55 -77.93
CA PHE O 277 -44.43 -70.53 -77.49
C PHE O 277 -45.19 -69.32 -76.94
N GLY O 278 -44.59 -68.62 -76.00
CA GLY O 278 -45.26 -67.48 -75.40
C GLY O 278 -45.42 -67.79 -73.92
N THR O 279 -46.56 -67.44 -73.36
CA THR O 279 -46.80 -67.67 -71.93
C THR O 279 -47.62 -68.92 -71.65
N ILE O 280 -47.06 -69.81 -70.83
CA ILE O 280 -47.72 -71.07 -70.44
C ILE O 280 -47.67 -71.21 -68.90
N ILE O 281 -48.64 -71.93 -68.36
CA ILE O 281 -48.72 -72.16 -66.91
C ILE O 281 -48.34 -73.62 -66.53
N ALA O 282 -47.48 -73.77 -65.54
CA ALA O 282 -47.07 -75.09 -65.06
C ALA O 282 -47.54 -75.04 -63.60
N ARG O 283 -48.57 -75.77 -63.27
CA ARG O 283 -49.19 -75.59 -61.93
C ARG O 283 -48.53 -76.34 -60.75
N ASN O 284 -47.72 -77.33 -61.00
CA ASN O 284 -47.12 -78.12 -59.90
C ASN O 284 -46.12 -79.10 -60.51
N PHE O 285 -44.84 -78.88 -60.29
CA PHE O 285 -43.85 -79.75 -60.92
C PHE O 285 -42.51 -79.72 -60.20
N ASP O 286 -41.74 -80.80 -60.33
CA ASP O 286 -40.40 -80.90 -59.74
C ASP O 286 -39.41 -81.21 -60.84
N THR O 287 -39.90 -81.31 -62.07
CA THR O 287 -39.04 -81.63 -63.21
C THR O 287 -39.56 -81.01 -64.49
N ILE O 288 -38.65 -80.56 -65.33
CA ILE O 288 -39.02 -80.00 -66.62
C ILE O 288 -38.28 -80.86 -67.65
N ARG O 289 -39.00 -81.26 -68.69
CA ARG O 289 -38.39 -82.03 -69.76
C ARG O 289 -38.69 -81.34 -71.07
N LEU O 290 -37.66 -80.94 -71.79
CA LEU O 290 -37.82 -80.29 -73.07
C LEU O 290 -37.34 -81.24 -74.16
N SER O 291 -38.24 -81.58 -75.09
CA SER O 291 -37.91 -82.47 -76.20
C SER O 291 -38.13 -81.67 -77.44
N PHE O 292 -37.19 -81.75 -78.37
CA PHE O 292 -37.26 -81.01 -79.62
C PHE O 292 -36.41 -81.73 -80.65
N GLN O 293 -36.65 -81.46 -81.92
CA GLN O 293 -35.94 -82.12 -83.00
C GLN O 293 -35.38 -81.18 -84.03
N LEU O 294 -34.40 -81.68 -84.76
CA LEU O 294 -33.81 -80.96 -85.87
C LEU O 294 -34.28 -81.78 -87.05
N MET O 295 -34.99 -81.17 -87.97
CA MET O 295 -35.43 -81.93 -89.13
C MET O 295 -34.73 -81.33 -90.33
N ARG O 296 -34.00 -82.14 -91.08
CA ARG O 296 -33.32 -81.65 -92.26
C ARG O 296 -34.37 -81.06 -93.20
N PRO O 297 -34.19 -79.82 -93.67
CA PRO O 297 -35.16 -79.20 -94.57
C PRO O 297 -35.35 -80.06 -95.82
N PRO O 298 -36.59 -80.48 -96.10
CA PRO O 298 -36.83 -81.32 -97.29
C PRO O 298 -36.63 -80.54 -98.60
N ASN O 299 -36.82 -79.22 -98.56
CA ASN O 299 -36.66 -78.38 -99.74
C ASN O 299 -35.71 -77.26 -99.39
N MET O 300 -34.68 -77.09 -100.20
CA MET O 300 -33.67 -76.08 -99.93
C MET O 300 -33.31 -75.21 -101.11
N THR O 301 -33.27 -73.91 -100.93
CA THR O 301 -32.84 -73.03 -102.03
C THR O 301 -31.32 -73.31 -102.15
N PRO O 302 -30.70 -72.92 -103.27
CA PRO O 302 -29.26 -73.16 -103.46
C PRO O 302 -28.38 -72.72 -102.28
N ALA O 303 -28.62 -71.51 -101.77
CA ALA O 303 -27.86 -70.97 -100.66
C ALA O 303 -27.94 -71.89 -99.44
N VAL O 304 -29.10 -72.48 -99.21
CA VAL O 304 -29.28 -73.38 -98.08
C VAL O 304 -28.62 -74.73 -98.38
N ALA O 305 -28.90 -75.26 -99.57
CA ALA O 305 -28.35 -76.55 -100.00
C ALA O 305 -26.82 -76.58 -99.84
N ALA O 306 -26.20 -75.44 -100.12
CA ALA O 306 -24.75 -75.28 -100.03
C ALA O 306 -24.17 -75.43 -98.63
N LEU O 307 -25.01 -75.23 -97.62
CA LEU O 307 -24.55 -75.33 -96.24
C LEU O 307 -24.51 -76.76 -95.77
N PHE O 308 -25.36 -77.58 -96.39
CA PHE O 308 -25.52 -78.99 -96.02
C PHE O 308 -25.22 -80.03 -97.10
N PRO O 309 -23.92 -80.32 -97.33
CA PRO O 309 -23.45 -81.28 -98.32
C PRO O 309 -23.73 -82.73 -97.92
N ASN O 310 -23.62 -83.63 -98.88
CA ASN O 310 -23.84 -85.05 -98.60
C ASN O 310 -22.67 -85.69 -97.90
N ALA O 311 -21.51 -85.06 -98.02
CA ALA O 311 -20.29 -85.56 -97.42
C ALA O 311 -19.53 -84.48 -96.67
N GLN O 312 -18.73 -84.91 -95.70
CA GLN O 312 -17.91 -83.98 -94.92
C GLN O 312 -16.92 -83.36 -95.88
N PRO O 313 -16.30 -82.23 -95.51
CA PRO O 313 -16.44 -81.51 -94.23
C PRO O 313 -17.78 -80.80 -94.02
N PHE O 314 -18.28 -80.88 -92.79
CA PHE O 314 -19.52 -80.22 -92.42
C PHE O 314 -19.07 -78.90 -91.79
N GLU O 315 -19.28 -77.81 -92.52
CA GLU O 315 -18.83 -76.51 -92.06
C GLU O 315 -19.86 -75.60 -91.41
N HIS O 316 -21.13 -75.89 -91.62
CA HIS O 316 -22.20 -75.12 -91.02
C HIS O 316 -22.94 -76.15 -90.21
N HIS O 317 -23.03 -75.89 -88.91
CA HIS O 317 -23.64 -76.84 -87.99
C HIS O 317 -25.09 -76.56 -87.57
N ALA O 318 -26.00 -77.35 -88.12
CA ALA O 318 -27.44 -77.24 -87.86
C ALA O 318 -27.72 -77.29 -86.38
N THR O 319 -28.42 -76.27 -85.90
CA THR O 319 -28.75 -76.14 -84.49
C THR O 319 -30.18 -75.69 -84.28
N VAL O 320 -30.85 -76.32 -83.31
CA VAL O 320 -32.22 -75.98 -82.92
C VAL O 320 -32.17 -75.76 -81.42
N GLY O 321 -33.00 -74.85 -80.89
CA GLY O 321 -32.96 -74.61 -79.45
C GLY O 321 -34.25 -74.10 -78.86
N LEU O 322 -34.24 -73.96 -77.52
CA LEU O 322 -35.41 -73.48 -76.77
C LEU O 322 -34.91 -72.62 -75.61
N THR O 323 -35.75 -71.68 -75.18
CA THR O 323 -35.45 -70.82 -74.05
C THR O 323 -36.69 -70.86 -73.17
N LEU O 324 -36.51 -71.13 -71.89
CA LEU O 324 -37.61 -71.21 -70.95
C LEU O 324 -37.29 -70.34 -69.73
N ARG O 325 -38.20 -69.44 -69.36
CA ARG O 325 -37.98 -68.59 -68.18
C ARG O 325 -39.17 -68.63 -67.23
N ILE O 326 -38.90 -68.90 -65.96
CA ILE O 326 -39.95 -68.93 -64.96
C ILE O 326 -40.07 -67.51 -64.43
N GLU O 327 -41.09 -66.78 -64.86
CA GLU O 327 -41.30 -65.40 -64.42
C GLU O 327 -41.68 -65.32 -62.94
N SER O 328 -42.62 -66.16 -62.52
CA SER O 328 -43.07 -66.16 -61.14
C SER O 328 -43.52 -67.56 -60.81
N ALA O 329 -43.51 -67.86 -59.51
CA ALA O 329 -43.94 -69.16 -59.02
C ALA O 329 -44.07 -69.11 -57.52
N VAL O 330 -44.69 -70.14 -56.97
CA VAL O 330 -44.83 -70.24 -55.52
C VAL O 330 -44.03 -71.47 -55.11
N CYS O 331 -43.35 -71.40 -53.96
CA CYS O 331 -42.62 -72.55 -53.46
C CYS O 331 -42.93 -72.68 -51.98
N GLU O 332 -43.03 -73.92 -51.53
CA GLU O 332 -43.29 -74.18 -50.12
C GLU O 332 -42.01 -73.94 -49.30
N SER O 333 -40.84 -73.89 -49.95
CA SER O 333 -39.56 -73.66 -49.29
C SER O 333 -39.02 -72.27 -49.66
N VAL O 334 -38.30 -71.62 -48.73
CA VAL O 334 -37.74 -70.32 -49.08
C VAL O 334 -36.70 -70.52 -50.17
N LEU O 335 -36.58 -69.52 -51.06
CA LEU O 335 -35.60 -69.55 -52.15
C LEU O 335 -35.19 -68.13 -52.36
N ALA O 336 -34.07 -67.95 -53.05
CA ALA O 336 -33.65 -66.61 -53.45
C ALA O 336 -34.44 -66.36 -54.75
N ASP O 337 -34.72 -65.10 -55.07
CA ASP O 337 -35.40 -64.74 -56.32
C ASP O 337 -34.81 -63.40 -56.80
N ALA O 338 -35.41 -62.78 -57.81
CA ALA O 338 -34.87 -61.53 -58.34
C ALA O 338 -35.35 -60.25 -57.68
N SER O 339 -36.20 -60.37 -56.66
CA SER O 339 -36.74 -59.20 -55.99
C SER O 339 -36.47 -59.07 -54.51
N GLU O 340 -36.53 -60.18 -53.78
CA GLU O 340 -36.31 -60.17 -52.35
C GLU O 340 -34.85 -60.01 -51.96
N THR O 341 -34.61 -59.28 -50.89
CA THR O 341 -33.26 -59.00 -50.43
C THR O 341 -32.78 -59.92 -49.32
N MET O 342 -33.58 -60.91 -48.92
CA MET O 342 -33.22 -61.83 -47.85
C MET O 342 -31.86 -62.48 -47.95
N LEU O 343 -31.61 -63.18 -49.04
CA LEU O 343 -30.32 -63.83 -49.22
C LEU O 343 -29.21 -62.79 -49.11
N ALA O 344 -29.38 -61.67 -49.80
CA ALA O 344 -28.37 -60.61 -49.78
C ALA O 344 -28.16 -60.03 -48.39
N ASN O 345 -29.24 -59.91 -47.59
CA ASN O 345 -29.13 -59.37 -46.22
C ASN O 345 -28.31 -60.30 -45.34
N VAL O 346 -28.68 -61.59 -45.36
CA VAL O 346 -27.98 -62.59 -44.56
C VAL O 346 -26.53 -62.69 -44.97
N THR O 347 -26.29 -62.78 -46.28
CA THR O 347 -24.95 -62.88 -46.81
C THR O 347 -24.15 -61.63 -46.46
N SER O 348 -24.78 -60.47 -46.57
CA SER O 348 -24.10 -59.21 -46.27
C SER O 348 -23.73 -59.04 -44.81
N VAL O 349 -24.63 -59.41 -43.90
CA VAL O 349 -24.30 -59.25 -42.48
C VAL O 349 -23.14 -60.16 -42.13
N ARG O 350 -23.17 -61.41 -42.62
CA ARG O 350 -22.09 -62.34 -42.35
C ARG O 350 -20.73 -61.86 -42.90
N GLN O 351 -20.74 -61.31 -44.11
CA GLN O 351 -19.52 -60.80 -44.75
C GLN O 351 -18.96 -59.58 -44.00
N GLU O 352 -19.84 -58.64 -43.68
CA GLU O 352 -19.41 -57.43 -42.98
C GLU O 352 -18.75 -57.73 -41.63
N TYR O 353 -19.30 -58.68 -40.88
CA TYR O 353 -18.74 -59.02 -39.58
C TYR O 353 -17.76 -60.16 -39.59
N ALA O 354 -17.24 -60.50 -40.75
CA ALA O 354 -16.25 -61.57 -40.87
C ALA O 354 -16.65 -62.85 -40.12
N ILE O 355 -17.91 -63.25 -40.26
CA ILE O 355 -18.40 -64.45 -39.59
C ILE O 355 -17.73 -65.69 -40.19
N PRO O 356 -17.12 -66.54 -39.36
CA PRO O 356 -16.44 -67.76 -39.83
C PRO O 356 -17.41 -68.75 -40.50
N VAL O 357 -16.93 -69.56 -41.44
CA VAL O 357 -17.76 -70.56 -42.09
C VAL O 357 -18.26 -71.48 -40.98
N GLY O 358 -19.53 -71.86 -41.04
CA GLY O 358 -20.09 -72.73 -40.03
C GLY O 358 -20.28 -74.15 -40.54
N PRO O 359 -20.99 -74.98 -39.79
CA PRO O 359 -21.25 -76.37 -40.21
C PRO O 359 -22.42 -76.58 -41.17
N VAL O 360 -23.29 -75.59 -41.33
CA VAL O 360 -24.47 -75.76 -42.18
C VAL O 360 -24.36 -75.18 -43.58
N PHE O 361 -24.13 -73.87 -43.66
CA PHE O 361 -24.08 -73.17 -44.94
C PHE O 361 -22.75 -73.23 -45.72
N PRO O 362 -22.82 -73.28 -47.08
CA PRO O 362 -21.57 -73.31 -47.84
C PRO O 362 -20.83 -72.00 -47.67
N PRO O 363 -19.51 -72.01 -47.90
CA PRO O 363 -18.75 -70.77 -47.76
C PRO O 363 -19.40 -69.64 -48.60
N GLY O 364 -19.52 -68.48 -47.96
CA GLY O 364 -20.09 -67.31 -48.59
C GLY O 364 -21.58 -67.36 -48.86
N MET O 365 -22.28 -68.32 -48.26
CA MET O 365 -23.71 -68.52 -48.48
C MET O 365 -23.90 -68.70 -49.99
N ASN O 366 -22.93 -69.32 -50.68
CA ASN O 366 -23.01 -69.50 -52.14
C ASN O 366 -24.33 -70.12 -52.59
N TRP O 367 -25.10 -69.39 -53.39
CA TRP O 367 -26.39 -69.90 -53.79
C TRP O 367 -26.34 -71.19 -54.57
N THR O 368 -25.50 -71.26 -55.59
CA THR O 368 -25.43 -72.50 -56.33
C THR O 368 -25.17 -73.70 -55.42
N ASP O 369 -24.17 -73.59 -54.54
CA ASP O 369 -23.85 -74.70 -53.65
C ASP O 369 -25.02 -75.01 -52.73
N LEU O 370 -25.66 -73.97 -52.23
CA LEU O 370 -26.78 -74.16 -51.33
C LEU O 370 -27.94 -74.90 -51.98
N ILE O 371 -28.41 -74.43 -53.13
CA ILE O 371 -29.52 -75.06 -53.82
C ILE O 371 -29.16 -76.44 -54.39
N THR O 372 -27.89 -76.68 -54.71
CA THR O 372 -27.48 -77.97 -55.23
C THR O 372 -27.65 -79.07 -54.17
N ASN O 373 -27.31 -78.74 -52.93
CA ASN O 373 -27.46 -79.69 -51.83
C ASN O 373 -28.30 -79.03 -50.79
N TYR O 374 -29.57 -78.82 -51.14
CA TYR O 374 -30.52 -78.15 -50.28
C TYR O 374 -31.10 -79.13 -49.25
N SER O 375 -30.28 -79.48 -48.27
CA SER O 375 -30.70 -80.41 -47.24
C SER O 375 -31.76 -79.83 -46.31
N PRO O 376 -32.45 -80.69 -45.54
CA PRO O 376 -33.46 -80.19 -44.63
C PRO O 376 -32.84 -79.19 -43.65
N SER O 377 -31.64 -79.49 -43.15
CA SER O 377 -30.97 -78.60 -42.21
C SER O 377 -30.68 -77.24 -42.85
N ARG O 378 -30.18 -77.22 -44.08
CA ARG O 378 -29.92 -75.94 -44.72
C ARG O 378 -31.23 -75.15 -44.89
N GLU O 379 -32.32 -75.84 -45.26
CA GLU O 379 -33.60 -75.16 -45.43
C GLU O 379 -34.17 -74.61 -44.15
N ASP O 380 -34.09 -75.37 -43.07
CA ASP O 380 -34.61 -74.88 -41.78
C ASP O 380 -33.80 -73.69 -41.31
N ASN O 381 -32.47 -73.77 -41.44
CA ASN O 381 -31.60 -72.65 -41.07
C ASN O 381 -31.87 -71.45 -41.99
N LEU O 382 -32.00 -71.70 -43.30
CA LEU O 382 -32.26 -70.64 -44.26
C LEU O 382 -33.57 -69.95 -43.94
N GLN O 383 -34.61 -70.72 -43.61
CA GLN O 383 -35.88 -70.10 -43.31
C GLN O 383 -35.81 -69.27 -42.05
N ARG O 384 -35.11 -69.77 -41.05
CA ARG O 384 -35.00 -69.02 -39.79
C ARG O 384 -34.30 -67.71 -40.05
N VAL O 385 -33.22 -67.83 -40.76
CA VAL O 385 -32.33 -66.74 -41.07
C VAL O 385 -33.03 -65.72 -42.04
N PHE O 386 -33.82 -66.22 -42.99
CA PHE O 386 -34.57 -65.33 -43.94
C PHE O 386 -35.70 -64.60 -43.19
N THR O 387 -36.39 -65.31 -42.30
CA THR O 387 -37.44 -64.70 -41.53
C THR O 387 -36.88 -63.56 -40.66
N VAL O 388 -35.71 -63.78 -40.06
CA VAL O 388 -35.08 -62.74 -39.24
C VAL O 388 -34.67 -61.54 -40.10
N ALA O 389 -34.15 -61.82 -41.29
CA ALA O 389 -33.74 -60.75 -42.20
C ALA O 389 -34.97 -59.90 -42.54
N SER O 390 -36.12 -60.55 -42.73
CA SER O 390 -37.34 -59.83 -43.07
C SER O 390 -37.84 -59.01 -41.89
N ILE O 391 -37.59 -59.46 -40.67
CA ILE O 391 -38.04 -58.75 -39.47
C ILE O 391 -37.17 -57.50 -39.36
N ARG O 392 -35.89 -57.68 -39.61
CA ARG O 392 -34.94 -56.58 -39.57
C ARG O 392 -35.23 -55.48 -40.61
N SER O 393 -35.57 -55.89 -41.84
CA SER O 393 -35.86 -54.93 -42.92
C SER O 393 -37.10 -54.06 -42.71
N MET O 394 -37.85 -54.32 -41.63
CA MET O 394 -39.05 -53.54 -41.36
C MET O 394 -38.60 -52.25 -40.73
N LEU O 395 -37.39 -52.26 -40.17
CA LEU O 395 -36.85 -51.10 -39.46
C LEU O 395 -35.54 -50.58 -40.02
N VAL O 396 -34.70 -51.49 -40.46
CA VAL O 396 -33.37 -51.16 -40.93
C VAL O 396 -33.16 -51.69 -42.35
N LYS O 397 -32.93 -50.79 -43.28
CA LYS O 397 -32.70 -51.20 -44.65
C LYS O 397 -31.35 -50.66 -45.04
N GLY P 2 -41.28 52.64 80.01
CA GLY P 2 -42.16 53.60 80.77
C GLY P 2 -43.63 53.50 80.38
N LYS P 3 -43.87 53.10 79.13
CA LYS P 3 -45.23 52.95 78.62
C LYS P 3 -45.87 51.70 79.21
N TYR P 4 -45.04 50.76 79.65
CA TYR P 4 -45.56 49.53 80.25
C TYR P 4 -46.25 49.80 81.58
N ASN P 5 -45.65 50.64 82.41
CA ASN P 5 -46.27 50.93 83.70
C ASN P 5 -47.64 51.60 83.54
N LEU P 6 -47.74 52.57 82.64
CA LEU P 6 -49.00 53.23 82.43
C LEU P 6 -50.04 52.34 81.74
N ILE P 7 -49.58 51.54 80.79
CA ILE P 7 -50.47 50.65 80.07
C ILE P 7 -51.13 49.72 81.06
N LEU P 8 -50.35 49.26 82.04
CA LEU P 8 -50.85 48.36 83.05
C LEU P 8 -52.04 48.98 83.78
N SER P 9 -52.02 50.29 83.94
CA SER P 9 -53.13 50.96 84.61
C SER P 9 -54.43 50.77 83.84
N GLU P 10 -54.34 50.87 82.52
CA GLU P 10 -55.53 50.73 81.68
C GLU P 10 -56.09 49.36 81.85
N TYR P 11 -55.20 48.37 81.84
CA TYR P 11 -55.59 47.00 81.96
C TYR P 11 -56.30 46.72 83.28
N LEU P 12 -55.77 47.27 84.37
CA LEU P 12 -56.41 47.06 85.65
C LEU P 12 -57.76 47.77 85.73
N SER P 13 -57.80 49.02 85.29
CA SER P 13 -59.04 49.77 85.34
C SER P 13 -60.04 49.06 84.45
N PHE P 14 -59.54 48.53 83.34
CA PHE P 14 -60.39 47.83 82.41
C PHE P 14 -61.04 46.61 83.06
N ILE P 15 -60.24 45.75 83.68
CA ILE P 15 -60.77 44.56 84.32
C ILE P 15 -61.64 44.83 85.54
N TYR P 16 -61.21 45.78 86.37
CA TYR P 16 -61.92 46.10 87.60
C TYR P 16 -62.75 47.38 87.48
N ASN P 17 -64.01 47.32 87.91
CA ASN P 17 -64.90 48.48 87.82
C ASN P 17 -65.55 48.85 89.15
N SER P 18 -65.36 47.99 90.15
CA SER P 18 -65.90 48.19 91.49
C SER P 18 -65.66 49.60 92.04
N VAL P 22 -60.17 49.65 93.77
CA VAL P 22 -59.20 50.73 93.98
C VAL P 22 -57.79 50.33 93.54
N GLN P 23 -57.00 51.33 93.18
CA GLN P 23 -55.63 51.11 92.76
C GLN P 23 -54.68 51.93 93.60
N ILE P 24 -53.92 51.25 94.43
CA ILE P 24 -52.97 51.89 95.34
C ILE P 24 -51.54 51.69 94.87
N PRO P 25 -51.02 52.64 94.09
CA PRO P 25 -49.64 52.52 93.60
C PRO P 25 -48.68 52.44 94.79
N ILE P 26 -47.48 51.93 94.56
CA ILE P 26 -46.49 51.82 95.62
C ILE P 26 -45.18 52.33 95.09
N TYR P 27 -44.62 53.34 95.75
CA TYR P 27 -43.35 53.89 95.31
C TYR P 27 -42.21 53.66 96.30
N TYR P 28 -41.03 53.33 95.77
CA TYR P 28 -39.86 53.12 96.60
C TYR P 28 -38.81 54.10 96.10
N SER P 29 -37.74 54.25 96.88
CA SER P 29 -36.65 55.15 96.51
C SER P 29 -35.42 54.97 97.36
N SER P 30 -34.26 55.18 96.74
CA SER P 30 -32.99 55.09 97.40
C SER P 30 -32.92 56.24 98.38
N ASN P 31 -33.46 57.38 97.97
CA ASN P 31 -33.46 58.57 98.81
C ASN P 31 -34.19 58.27 100.11
N SER P 32 -33.56 58.57 101.24
CA SER P 32 -34.16 58.28 102.53
C SER P 32 -35.35 59.16 102.92
N GLU P 33 -35.26 60.45 102.66
CA GLU P 33 -36.34 61.36 103.00
C GLU P 33 -37.58 61.06 102.14
N LEU P 34 -37.34 60.85 100.86
CA LEU P 34 -38.38 60.58 99.89
C LEU P 34 -39.07 59.29 100.28
N GLU P 35 -38.28 58.35 100.79
CA GLU P 35 -38.80 57.05 101.16
C GLU P 35 -39.87 57.17 102.24
N ASN P 36 -39.63 57.99 103.25
CA ASN P 36 -40.61 58.20 104.32
C ASN P 36 -41.82 58.86 103.69
N ARG P 37 -41.56 59.74 102.75
CA ARG P 37 -42.64 60.44 102.03
C ARG P 37 -43.43 59.39 101.27
N CYS P 38 -42.74 58.40 100.71
CA CYS P 38 -43.40 57.34 99.98
C CYS P 38 -44.29 56.56 100.93
N ILE P 39 -43.79 56.27 102.11
CA ILE P 39 -44.55 55.52 103.10
C ILE P 39 -45.80 56.29 103.55
N GLU P 40 -45.67 57.60 103.73
CA GLU P 40 -46.80 58.40 104.16
C GLU P 40 -47.89 58.39 103.08
N PHE P 41 -47.45 58.56 101.84
CA PHE P 41 -48.36 58.59 100.71
C PHE P 41 -49.10 57.26 100.58
N HIS P 42 -48.37 56.18 100.79
CA HIS P 42 -48.91 54.83 100.72
C HIS P 42 -49.94 54.60 101.82
N SER P 43 -49.57 54.97 103.05
CA SER P 43 -50.42 54.75 104.20
C SER P 43 -51.72 55.52 104.10
N LYS P 44 -51.63 56.76 103.68
CA LYS P 44 -52.82 57.59 103.54
C LYS P 44 -53.74 57.05 102.45
N CYS P 45 -53.15 56.50 101.40
CA CYS P 45 -53.92 55.96 100.28
C CYS P 45 -54.82 54.80 100.70
N LEU P 46 -54.30 53.90 101.54
CA LEU P 46 -55.14 52.80 101.98
C LEU P 46 -56.29 53.37 102.78
N GLU P 47 -55.98 54.27 103.70
CA GLU P 47 -57.00 54.84 104.55
C GLU P 47 -58.06 55.52 103.72
N ASN P 48 -57.66 56.28 102.73
CA ASN P 48 -58.64 56.98 101.93
C ASN P 48 -59.54 56.00 101.21
N SER P 49 -58.95 54.97 100.61
CA SER P 49 -59.73 53.99 99.88
C SER P 49 -60.62 53.11 100.76
N LYS P 50 -60.10 52.65 101.89
CA LYS P 50 -60.88 51.82 102.82
C LYS P 50 -61.91 52.65 103.54
N ASN P 51 -62.11 53.89 103.08
CA ASN P 51 -63.07 54.80 103.66
C ASN P 51 -63.89 55.43 102.54
N GLY P 52 -63.70 54.90 101.34
CA GLY P 52 -64.43 55.38 100.18
C GLY P 52 -64.27 56.86 99.89
N LEU P 53 -63.04 57.36 100.01
CA LEU P 53 -62.77 58.76 99.74
C LEU P 53 -61.88 58.89 98.52
N SER P 54 -61.85 60.09 97.95
CA SER P 54 -61.03 60.38 96.79
C SER P 54 -59.55 60.06 97.00
N LEU P 55 -58.71 60.50 96.07
CA LEU P 55 -57.28 60.27 96.16
C LEU P 55 -56.59 61.27 95.26
N ARG P 56 -57.37 62.16 94.66
CA ARG P 56 -56.83 63.17 93.78
C ARG P 56 -56.00 64.16 94.56
N LYS P 57 -56.50 64.54 95.72
CA LYS P 57 -55.80 65.49 96.57
C LYS P 57 -54.48 64.89 97.06
N LEU P 58 -54.49 63.61 97.41
CA LEU P 58 -53.29 62.95 97.90
C LEU P 58 -52.18 62.90 96.84
N PHE P 59 -52.55 62.67 95.59
CA PHE P 59 -51.55 62.61 94.53
C PHE P 59 -50.91 63.96 94.30
N VAL P 60 -51.71 65.01 94.43
CA VAL P 60 -51.17 66.35 94.29
C VAL P 60 -50.25 66.60 95.47
N GLU P 61 -50.63 66.06 96.62
CA GLU P 61 -49.85 66.20 97.85
C GLU P 61 -48.64 65.29 97.88
N TYR P 62 -48.36 64.62 96.78
CA TYR P 62 -47.20 63.73 96.69
C TYR P 62 -46.64 63.72 95.29
N ASN P 63 -46.64 64.89 94.66
CA ASN P 63 -46.13 65.00 93.29
C ASN P 63 -44.68 64.57 93.30
N ASP P 64 -43.99 64.86 94.38
CA ASP P 64 -42.59 64.48 94.49
C ASP P 64 -42.48 62.96 94.38
N VAL P 65 -43.40 62.25 95.02
CA VAL P 65 -43.37 60.78 94.97
C VAL P 65 -43.66 60.25 93.58
N ILE P 66 -44.65 60.84 92.90
CA ILE P 66 -45.00 60.37 91.55
C ILE P 66 -43.90 60.69 90.54
N GLU P 67 -43.47 61.94 90.56
CA GLU P 67 -42.44 62.42 89.66
C GLU P 67 -41.00 61.99 89.94
N ASN P 68 -40.62 61.93 91.22
CA ASN P 68 -39.24 61.59 91.56
C ASN P 68 -38.90 60.20 92.08
N ALA P 69 -39.90 59.43 92.52
CA ALA P 69 -39.62 58.07 93.02
C ALA P 69 -39.92 57.01 91.97
N THR P 70 -39.61 55.77 92.31
CA THR P 70 -39.85 54.67 91.39
C THR P 70 -41.10 53.91 91.78
N LEU P 71 -41.85 53.45 90.79
CA LEU P 71 -43.05 52.69 91.06
C LEU P 71 -42.56 51.28 91.33
N LEU P 72 -43.03 50.71 92.43
CA LEU P 72 -42.58 49.37 92.81
C LEU P 72 -43.56 48.29 92.37
N SER P 73 -44.85 48.65 92.34
CA SER P 73 -45.93 47.74 91.95
C SER P 73 -47.26 48.46 92.15
N ILE P 74 -48.36 47.89 91.67
CA ILE P 74 -49.67 48.52 91.89
C ILE P 74 -50.67 47.57 92.51
N LEU P 75 -51.02 47.79 93.77
CA LEU P 75 -51.97 46.95 94.49
C LEU P 75 -53.36 47.09 93.89
N SER P 76 -54.15 46.04 94.00
CA SER P 76 -55.50 46.07 93.48
C SER P 76 -56.47 45.40 94.41
N TYR P 77 -57.36 46.22 94.96
CA TYR P 77 -58.41 45.76 95.85
C TYR P 77 -59.65 45.55 95.00
N SER P 78 -60.08 44.30 94.89
CA SER P 78 -61.24 43.94 94.08
C SER P 78 -62.21 43.14 94.93
N TYR P 79 -63.44 42.98 94.44
CA TYR P 79 -64.45 42.20 95.15
C TYR P 79 -65.60 41.77 94.25
N ASP P 80 -65.26 41.15 93.12
CA ASP P 80 -66.26 40.64 92.17
C ASP P 80 -66.16 39.12 92.14
N LYS P 81 -65.56 38.57 91.09
CA LYS P 81 -65.40 37.11 90.96
C LYS P 81 -64.48 36.74 89.79
N TYR P 82 -63.99 37.75 89.09
CA TYR P 82 -63.11 37.54 87.96
C TYR P 82 -63.86 36.80 86.84
N ASN P 83 -65.18 36.94 86.84
CA ASN P 83 -66.04 36.32 85.84
C ASN P 83 -66.55 37.40 84.88
N ALA P 84 -65.72 38.42 84.69
CA ALA P 84 -66.06 39.52 83.80
C ALA P 84 -65.97 39.07 82.35
N VAL P 85 -65.33 37.92 82.14
CA VAL P 85 -65.16 37.40 80.79
C VAL P 85 -66.48 36.99 80.17
N GLU P 86 -67.32 36.33 80.96
CA GLU P 86 -68.61 35.86 80.47
C GLU P 86 -69.39 37.06 79.98
N ARG P 87 -69.39 38.12 80.77
CA ARG P 87 -70.12 39.34 80.43
C ARG P 87 -69.55 40.11 79.24
N LYS P 88 -68.24 40.29 79.19
CA LYS P 88 -67.59 41.03 78.12
C LYS P 88 -67.64 40.34 76.75
N LEU P 89 -67.47 39.03 76.76
CA LEU P 89 -67.43 38.22 75.55
C LEU P 89 -68.68 38.26 74.67
N VAL P 90 -69.84 38.39 75.31
CA VAL P 90 -71.13 38.38 74.63
C VAL P 90 -71.25 39.47 73.58
N LYS P 91 -70.67 40.62 73.85
CA LYS P 91 -70.72 41.74 72.93
C LYS P 91 -70.13 41.27 71.60
N TYR P 92 -69.17 40.35 71.65
CA TYR P 92 -68.51 39.84 70.46
C TYR P 92 -69.04 38.49 69.96
N ALA P 93 -70.06 37.95 70.61
CA ALA P 93 -70.61 36.66 70.20
C ALA P 93 -71.68 36.78 69.09
N LYS P 94 -71.68 37.93 68.44
CA LYS P 94 -72.62 38.22 67.36
C LYS P 94 -72.51 37.30 66.15
N GLY P 95 -71.30 36.83 65.87
CA GLY P 95 -71.09 35.94 64.73
C GLY P 95 -71.71 34.57 64.97
N LYS P 96 -71.70 33.74 63.95
CA LYS P 96 -72.28 32.40 64.02
C LYS P 96 -71.23 31.36 64.33
N PRO P 97 -71.37 30.64 65.45
CA PRO P 97 -70.43 29.60 65.89
C PRO P 97 -69.96 28.70 64.76
N LEU P 98 -68.77 28.12 64.93
CA LEU P 98 -68.24 27.24 63.89
C LEU P 98 -68.64 25.82 64.19
N GLU P 99 -68.87 25.06 63.13
CA GLU P 99 -69.24 23.66 63.27
C GLU P 99 -68.14 22.85 62.62
N ALA P 100 -67.51 22.01 63.43
CA ALA P 100 -66.42 21.17 62.97
C ALA P 100 -66.87 19.96 62.15
N ASP P 101 -66.30 19.81 60.96
CA ASP P 101 -66.63 18.67 60.10
C ASP P 101 -65.89 17.47 60.66
N LEU P 102 -66.51 16.80 61.63
CA LEU P 102 -65.93 15.64 62.29
C LEU P 102 -65.46 14.53 61.35
N THR P 103 -65.51 14.80 60.04
CA THR P 103 -65.11 13.85 59.03
C THR P 103 -63.83 14.33 58.35
N VAL P 104 -62.83 14.68 59.15
CA VAL P 104 -61.59 15.18 58.57
C VAL P 104 -60.36 14.45 59.07
N ASN P 105 -60.41 13.97 60.30
CA ASN P 105 -59.26 13.30 60.88
C ASN P 105 -59.19 11.78 60.74
N GLU P 106 -58.16 11.32 60.05
CA GLU P 106 -57.96 9.90 59.84
C GLU P 106 -58.10 9.18 61.17
N LEU P 107 -57.59 9.76 62.24
CA LEU P 107 -57.70 9.16 63.57
C LEU P 107 -58.84 9.82 64.36
N ASP P 108 -59.90 9.05 64.55
CA ASP P 108 -61.10 9.48 65.25
C ASP P 108 -60.93 10.57 66.30
N TYR P 109 -60.10 10.31 67.32
CA TYR P 109 -59.88 11.28 68.39
C TYR P 109 -59.18 12.58 67.94
N GLU P 110 -58.61 12.56 66.73
CA GLU P 110 -57.96 13.76 66.22
C GLU P 110 -59.06 14.73 65.81
N ASN P 111 -60.26 14.21 65.54
CA ASN P 111 -61.42 15.02 65.14
C ASN P 111 -61.94 15.84 66.33
N ASN P 112 -62.47 17.03 66.07
CA ASN P 112 -62.94 17.86 67.15
C ASN P 112 -64.34 17.53 67.64
N LYS P 113 -64.53 16.31 68.10
CA LYS P 113 -65.83 15.87 68.58
C LYS P 113 -66.20 16.51 69.92
N MET P 114 -67.33 16.10 70.48
CA MET P 114 -67.77 16.59 71.77
C MET P 114 -67.03 15.73 72.78
N THR P 115 -66.44 16.38 73.78
CA THR P 115 -65.68 15.67 74.78
C THR P 115 -66.42 14.46 75.35
N SER P 116 -67.70 14.65 75.68
CA SER P 116 -68.52 13.58 76.23
C SER P 116 -68.58 12.35 75.31
N GLU P 117 -68.16 12.54 74.06
CA GLU P 117 -68.16 11.47 73.08
C GLU P 117 -66.84 10.72 73.13
N LEU P 118 -65.74 11.47 73.08
CA LEU P 118 -64.41 10.87 73.11
C LEU P 118 -64.16 10.23 74.47
N PHE P 119 -64.75 10.82 75.51
CA PHE P 119 -64.64 10.34 76.89
C PHE P 119 -66.01 10.40 77.55
N PRO P 120 -66.75 9.29 77.49
CA PRO P 120 -68.09 9.18 78.07
C PRO P 120 -68.14 9.37 79.58
N THR P 121 -67.16 8.81 80.27
CA THR P 121 -67.06 8.88 81.73
C THR P 121 -65.86 9.68 82.20
N ALA P 122 -65.96 10.20 83.42
CA ALA P 122 -64.89 11.00 84.01
C ALA P 122 -63.59 10.22 84.15
N GLU P 123 -63.68 8.97 84.60
CA GLU P 123 -62.46 8.18 84.78
C GLU P 123 -61.87 7.79 83.43
N GLU P 124 -62.51 8.23 82.36
CA GLU P 124 -62.02 7.93 81.02
C GLU P 124 -61.39 9.13 80.36
N TYR P 125 -61.82 10.31 80.80
CA TYR P 125 -61.31 11.57 80.26
C TYR P 125 -59.83 11.81 80.54
N THR P 126 -59.18 12.50 79.61
CA THR P 126 -57.77 12.80 79.73
C THR P 126 -57.39 13.98 78.86
N ASP P 127 -57.10 15.12 79.48
CA ASP P 127 -56.69 16.29 78.71
C ASP P 127 -55.32 16.02 78.08
N SER P 128 -54.85 14.79 78.19
CA SER P 128 -53.57 14.42 77.63
C SER P 128 -53.47 14.61 76.13
N LEU P 129 -54.60 14.94 75.50
CA LEU P 129 -54.62 15.12 74.05
C LEU P 129 -54.82 16.54 73.55
N MET P 130 -55.01 17.48 74.46
CA MET P 130 -55.24 18.87 74.06
C MET P 130 -54.70 19.93 75.04
N ASP P 131 -54.15 19.47 76.15
CA ASP P 131 -53.63 20.36 77.16
C ASP P 131 -52.68 21.44 76.68
N PRO P 132 -53.09 22.71 76.85
CA PRO P 132 -52.25 23.84 76.42
C PRO P 132 -50.90 23.71 77.11
N ALA P 133 -50.90 23.09 78.28
CA ALA P 133 -49.69 22.86 79.07
C ALA P 133 -49.00 24.15 79.49
N ILE P 134 -49.71 25.26 79.36
CA ILE P 134 -49.14 26.56 79.70
C ILE P 134 -49.82 27.12 80.95
N LEU P 135 -49.05 27.76 81.82
CA LEU P 135 -49.60 28.30 83.05
C LEU P 135 -50.36 29.61 82.92
N THR P 136 -51.17 29.71 81.87
CA THR P 136 -52.00 30.89 81.68
C THR P 136 -53.39 30.41 81.30
N SER P 137 -54.41 31.21 81.56
CA SER P 137 -55.75 30.76 81.27
C SER P 137 -56.36 31.30 79.99
N LEU P 138 -57.28 30.52 79.43
CA LEU P 138 -58.00 30.86 78.19
C LEU P 138 -58.80 32.15 78.42
N SER P 139 -59.38 32.26 79.61
CA SER P 139 -60.16 33.43 79.97
C SER P 139 -59.24 34.64 79.97
N SER P 140 -58.02 34.43 80.44
CA SER P 140 -57.05 35.51 80.49
C SER P 140 -56.77 35.99 79.08
N ASN P 141 -56.55 35.04 78.16
CA ASN P 141 -56.26 35.40 76.78
C ASN P 141 -57.45 36.17 76.23
N LEU P 142 -58.64 35.67 76.53
CA LEU P 142 -59.85 36.31 76.07
C LEU P 142 -59.92 37.66 76.69
N ASN P 143 -59.55 37.74 77.96
CA ASN P 143 -59.60 39.03 78.62
C ASN P 143 -58.60 39.97 78.01
N ALA P 144 -57.39 39.46 77.78
CA ALA P 144 -56.33 40.28 77.23
C ALA P 144 -56.70 40.78 75.84
N VAL P 145 -57.32 39.92 75.03
CA VAL P 145 -57.70 40.33 73.69
C VAL P 145 -58.74 41.42 73.72
N MET P 146 -59.68 41.31 74.64
CA MET P 146 -60.73 42.28 74.73
C MET P 146 -60.21 43.62 75.14
N PHE P 147 -59.19 43.62 75.98
CA PHE P 147 -58.60 44.85 76.44
C PHE P 147 -57.99 45.63 75.27
N TRP P 148 -57.30 44.93 74.38
CA TRP P 148 -56.66 45.59 73.24
C TRP P 148 -57.69 46.26 72.34
N LEU P 149 -58.78 45.54 72.08
CA LEU P 149 -59.87 46.02 71.23
C LEU P 149 -60.56 47.24 71.80
N GLU P 150 -60.70 47.26 73.12
CA GLU P 150 -61.35 48.38 73.79
C GLU P 150 -60.44 49.58 73.60
N LYS P 151 -59.15 49.34 73.75
CA LYS P 151 -58.18 50.41 73.60
C LYS P 151 -58.02 50.90 72.17
N HIS P 152 -58.07 50.00 71.21
CA HIS P 152 -57.94 50.40 69.82
C HIS P 152 -59.22 50.35 69.01
N GLU P 153 -60.33 50.69 69.66
CA GLU P 153 -61.66 50.72 69.04
C GLU P 153 -61.88 52.04 68.29
N ASN P 154 -60.97 53.00 68.48
CA ASN P 154 -61.09 54.30 67.84
C ASN P 154 -59.87 54.69 67.02
N ASP P 155 -58.88 53.80 66.91
CA ASP P 155 -57.70 54.13 66.12
C ASP P 155 -58.14 54.53 64.72
N VAL P 156 -57.34 55.32 64.02
CA VAL P 156 -57.73 55.75 62.68
C VAL P 156 -56.75 55.30 61.60
N ALA P 157 -57.12 55.59 60.35
CA ALA P 157 -56.30 55.24 59.20
C ALA P 157 -55.94 53.76 59.20
N GLU P 158 -54.70 53.45 58.84
CA GLU P 158 -54.26 52.06 58.78
C GLU P 158 -54.32 51.33 60.11
N LYS P 159 -54.13 52.05 61.20
CA LYS P 159 -54.17 51.40 62.51
C LYS P 159 -55.54 50.79 62.69
N LEU P 160 -56.56 51.51 62.25
CA LEU P 160 -57.92 51.05 62.38
C LEU P 160 -58.16 49.74 61.64
N LYS P 161 -57.56 49.64 60.45
CA LYS P 161 -57.74 48.45 59.63
C LYS P 161 -57.26 47.23 60.38
N VAL P 162 -56.19 47.39 61.16
CA VAL P 162 -55.68 46.28 61.94
C VAL P 162 -56.78 45.91 62.91
N TYR P 163 -57.46 46.91 63.45
CA TYR P 163 -58.54 46.64 64.38
C TYR P 163 -59.69 45.91 63.71
N LYS P 164 -60.08 46.37 62.53
CA LYS P 164 -61.20 45.75 61.83
C LYS P 164 -60.88 44.30 61.60
N ARG P 165 -59.64 44.03 61.23
CA ARG P 165 -59.24 42.67 60.98
C ARG P 165 -59.26 41.89 62.29
N ARG P 166 -58.69 42.47 63.32
CA ARG P 166 -58.62 41.83 64.64
C ARG P 166 -60.01 41.66 65.19
N LEU P 167 -60.85 42.65 64.96
CA LEU P 167 -62.22 42.62 65.44
C LEU P 167 -63.00 41.47 64.78
N ASP P 168 -62.91 41.40 63.46
CA ASP P 168 -63.59 40.37 62.69
C ASP P 168 -63.22 39.02 63.24
N LEU P 169 -61.97 38.64 63.03
CA LEU P 169 -61.45 37.36 63.50
C LEU P 169 -61.84 37.01 64.91
N PHE P 170 -61.50 37.88 65.87
CA PHE P 170 -61.82 37.58 67.23
C PHE P 170 -63.25 37.13 67.40
N THR P 171 -64.14 37.71 66.59
CA THR P 171 -65.55 37.36 66.66
C THR P 171 -65.74 35.87 66.42
N ILE P 172 -64.95 35.30 65.51
CA ILE P 172 -65.07 33.88 65.24
C ILE P 172 -64.79 33.16 66.56
N VAL P 173 -63.77 33.61 67.29
CA VAL P 173 -63.44 32.97 68.54
C VAL P 173 -64.49 33.23 69.60
N ALA P 174 -64.93 34.48 69.70
CA ALA P 174 -65.91 34.83 70.72
C ALA P 174 -67.23 34.13 70.48
N SER P 175 -67.65 34.09 69.22
CA SER P 175 -68.92 33.49 68.85
C SER P 175 -68.97 32.01 69.15
N THR P 176 -67.91 31.29 68.78
CA THR P 176 -67.85 29.86 69.04
C THR P 176 -67.74 29.56 70.52
N ILE P 177 -66.86 30.27 71.21
CA ILE P 177 -66.66 30.03 72.62
C ILE P 177 -67.94 30.32 73.37
N ASN P 178 -68.61 31.39 72.98
CA ASN P 178 -69.83 31.78 73.67
C ASN P 178 -70.87 30.69 73.66
N LYS P 179 -71.00 29.98 72.54
CA LYS P 179 -71.98 28.91 72.44
C LYS P 179 -71.84 27.91 73.58
N TYR P 180 -70.60 27.59 73.94
CA TYR P 180 -70.35 26.60 75.00
C TYR P 180 -69.93 27.28 76.30
N GLY P 181 -69.73 28.60 76.24
CA GLY P 181 -69.31 29.33 77.42
C GLY P 181 -67.81 29.32 77.53
N VAL P 182 -67.26 30.12 78.43
CA VAL P 182 -65.81 30.16 78.58
C VAL P 182 -65.39 29.19 79.68
N PRO P 183 -64.69 28.11 79.29
CA PRO P 183 -64.17 27.06 80.15
C PRO P 183 -63.43 27.60 81.35
N ARG P 184 -63.67 27.01 82.52
CA ARG P 184 -63.00 27.47 83.73
C ARG P 184 -61.78 26.63 84.00
N HIS P 185 -60.70 27.32 84.36
CA HIS P 185 -59.41 26.71 84.65
C HIS P 185 -59.15 26.57 86.14
N ASN P 186 -58.57 25.45 86.52
CA ASN P 186 -58.25 25.22 87.92
C ASN P 186 -56.83 25.72 88.22
N ALA P 187 -56.50 25.78 89.50
CA ALA P 187 -55.18 26.23 89.95
C ALA P 187 -54.04 25.73 89.07
N LYS P 188 -54.09 24.45 88.69
CA LYS P 188 -53.04 23.86 87.85
C LYS P 188 -53.21 24.25 86.39
N TYR P 189 -54.03 25.26 86.14
CA TYR P 189 -54.25 25.73 84.79
C TYR P 189 -54.61 24.64 83.79
N ARG P 190 -55.11 23.52 84.32
CA ARG P 190 -55.54 22.39 83.50
C ARG P 190 -57.04 22.54 83.23
N TYR P 191 -57.60 21.66 82.42
CA TYR P 191 -59.02 21.73 82.12
C TYR P 191 -59.66 20.36 82.45
N GLU P 192 -60.35 20.32 83.58
CA GLU P 192 -60.99 19.10 84.08
C GLU P 192 -62.03 18.49 83.17
N TYR P 193 -62.71 17.43 83.63
CA TYR P 193 -63.72 16.74 82.84
C TYR P 193 -65.10 17.38 82.85
N ASP P 194 -65.52 17.91 83.98
CA ASP P 194 -66.83 18.53 84.05
C ASP P 194 -67.00 19.74 83.16
N VAL P 195 -66.00 20.62 83.13
CA VAL P 195 -66.07 21.81 82.29
C VAL P 195 -66.07 21.43 80.83
N MET P 196 -65.13 20.54 80.50
CA MET P 196 -64.93 20.02 79.17
C MET P 196 -66.00 19.06 78.61
N LYS P 197 -66.67 18.33 79.51
CA LYS P 197 -67.61 17.31 79.10
C LYS P 197 -68.64 17.68 78.03
N ASP P 198 -69.19 18.90 78.07
CA ASP P 198 -70.17 19.26 77.05
C ASP P 198 -69.64 20.22 75.99
N LYS P 199 -68.32 20.30 75.85
CA LYS P 199 -67.74 21.20 74.87
C LYS P 199 -66.81 20.50 73.90
N PRO P 200 -66.60 21.08 72.71
CA PRO P 200 -65.72 20.50 71.67
C PRO P 200 -64.31 20.28 72.19
N TYR P 201 -64.04 19.07 72.67
CA TYR P 201 -62.74 18.69 73.22
C TYR P 201 -61.56 19.62 72.87
N TYR P 202 -61.30 19.79 71.58
CA TYR P 202 -60.21 20.64 71.15
C TYR P 202 -60.55 22.13 71.12
N LEU P 203 -61.35 22.58 72.07
CA LEU P 203 -61.72 23.98 72.08
C LEU P 203 -60.67 24.89 72.70
N VAL P 204 -60.27 24.59 73.93
CA VAL P 204 -59.32 25.43 74.63
C VAL P 204 -58.02 25.65 73.87
N THR P 205 -57.42 24.59 73.35
CA THR P 205 -56.16 24.75 72.65
C THR P 205 -56.38 25.58 71.43
N TRP P 206 -57.49 25.35 70.77
CA TRP P 206 -57.81 26.07 69.54
C TRP P 206 -57.94 27.56 69.78
N ALA P 207 -58.61 27.91 70.87
CA ALA P 207 -58.81 29.31 71.18
C ALA P 207 -57.47 29.99 71.40
N ASN P 208 -56.54 29.29 72.04
CA ASN P 208 -55.22 29.85 72.31
C ASN P 208 -54.47 30.11 71.00
N SER P 209 -54.52 29.14 70.10
CA SER P 209 -53.86 29.28 68.81
C SER P 209 -54.50 30.36 67.95
N SER P 210 -55.83 30.43 67.97
CA SER P 210 -56.59 31.42 67.21
C SER P 210 -56.31 32.81 67.77
N ILE P 211 -56.25 32.90 69.10
CA ILE P 211 -55.97 34.15 69.79
C ILE P 211 -54.53 34.57 69.54
N GLU P 212 -53.62 33.58 69.56
CA GLU P 212 -52.20 33.84 69.33
C GLU P 212 -51.99 34.38 67.91
N MET P 213 -52.68 33.80 66.94
CA MET P 213 -52.57 34.24 65.56
C MET P 213 -53.30 35.54 65.21
N LEU P 214 -54.50 35.73 65.74
CA LEU P 214 -55.27 36.94 65.40
C LEU P 214 -54.66 38.16 66.02
N MET P 215 -53.85 37.93 67.05
CA MET P 215 -53.15 39.00 67.74
C MET P 215 -51.75 39.09 67.16
N SER P 216 -51.59 38.65 65.92
CA SER P 216 -50.32 38.66 65.21
C SER P 216 -50.58 39.15 63.79
N VAL P 217 -51.77 39.68 63.57
CA VAL P 217 -52.13 40.15 62.24
C VAL P 217 -51.94 41.65 62.13
N PHE P 218 -51.57 42.11 60.94
CA PHE P 218 -51.39 43.53 60.69
C PHE P 218 -51.86 43.88 59.28
N SER P 219 -51.23 43.28 58.28
CA SER P 219 -51.60 43.57 56.91
C SER P 219 -52.70 42.66 56.51
N HIS P 220 -53.35 43.02 55.41
CA HIS P 220 -54.47 42.26 54.85
C HIS P 220 -54.19 40.76 54.73
N ASP P 221 -53.00 40.45 54.22
CA ASP P 221 -52.59 39.07 54.03
C ASP P 221 -52.52 38.33 55.37
N ASP P 222 -52.08 39.02 56.41
CA ASP P 222 -52.00 38.36 57.70
C ASP P 222 -53.40 37.91 58.06
N TYR P 223 -54.37 38.78 57.79
CA TYR P 223 -55.76 38.50 58.10
C TYR P 223 -56.35 37.30 57.36
N LEU P 224 -56.09 37.19 56.07
CA LEU P 224 -56.63 36.08 55.30
C LEU P 224 -56.01 34.84 55.87
N ILE P 225 -54.70 34.90 56.10
CA ILE P 225 -53.94 33.78 56.63
C ILE P 225 -54.37 33.38 58.03
N ALA P 226 -54.50 34.36 58.90
CA ALA P 226 -54.91 34.06 60.25
C ALA P 226 -56.30 33.52 60.14
N LYS P 227 -57.09 34.09 59.23
CA LYS P 227 -58.48 33.69 59.05
C LYS P 227 -58.66 32.27 58.50
N GLU P 228 -57.91 31.93 57.47
CA GLU P 228 -58.06 30.60 56.91
C GLU P 228 -57.59 29.53 57.87
N LEU P 229 -56.43 29.74 58.50
CA LEU P 229 -55.89 28.77 59.45
C LEU P 229 -56.77 28.67 60.68
N ILE P 230 -57.25 29.81 61.16
CA ILE P 230 -58.10 29.82 62.32
C ILE P 230 -59.32 28.94 62.07
N VAL P 231 -59.94 29.10 60.90
CA VAL P 231 -61.15 28.32 60.60
C VAL P 231 -60.94 26.85 60.32
N LEU P 232 -60.02 26.53 59.44
CA LEU P 232 -59.80 25.14 59.12
C LEU P 232 -59.29 24.32 60.30
N SER P 233 -58.47 24.96 61.15
CA SER P 233 -57.88 24.32 62.32
C SER P 233 -58.93 23.82 63.30
N TYR P 234 -60.08 24.49 63.34
CA TYR P 234 -61.14 24.12 64.25
C TYR P 234 -61.62 22.67 64.04
N SER P 235 -61.59 22.22 62.79
CA SER P 235 -61.99 20.86 62.44
C SER P 235 -60.78 20.01 62.06
N ASN P 236 -59.88 20.54 61.23
CA ASN P 236 -58.67 19.82 60.85
C ASN P 236 -57.62 20.00 61.94
N ARG P 237 -57.16 18.89 62.51
CA ARG P 237 -56.16 18.94 63.56
C ARG P 237 -55.13 17.87 63.32
N SER P 238 -54.75 17.65 62.07
CA SER P 238 -53.77 16.62 61.79
C SER P 238 -53.02 16.74 60.47
N THR P 239 -53.33 17.73 59.64
CA THR P 239 -52.64 17.90 58.37
C THR P 239 -52.62 19.33 57.88
N LEU P 240 -53.28 20.21 58.62
CA LEU P 240 -53.34 21.60 58.21
C LEU P 240 -51.96 22.23 58.19
N ALA P 241 -51.19 21.99 59.26
CA ALA P 241 -49.83 22.51 59.40
C ALA P 241 -48.88 21.89 58.39
N LYS P 242 -49.01 20.58 58.20
CA LYS P 242 -48.18 19.88 57.24
C LYS P 242 -48.52 20.33 55.82
N LEU P 243 -49.82 20.44 55.52
CA LEU P 243 -50.27 20.84 54.19
C LEU P 243 -49.90 22.25 53.78
N VAL P 244 -50.06 23.19 54.70
CA VAL P 244 -49.75 24.59 54.43
C VAL P 244 -48.26 24.81 54.21
N SER P 245 -47.45 24.10 54.97
CA SER P 245 -46.00 24.23 54.86
C SER P 245 -45.39 23.46 53.69
N SER P 246 -45.72 22.18 53.57
CA SER P 246 -45.20 21.29 52.54
C SER P 246 -44.63 21.84 51.22
N PRO P 247 -45.36 22.74 50.52
CA PRO P 247 -44.90 23.33 49.25
C PRO P 247 -43.66 24.21 49.32
N MET P 248 -43.34 24.70 50.51
CA MET P 248 -42.18 25.57 50.72
C MET P 248 -40.88 24.92 50.25
N SER P 249 -40.80 23.60 50.37
CA SER P 249 -39.60 22.92 49.94
C SER P 249 -39.42 23.07 48.43
N ILE P 250 -40.47 22.89 47.64
CA ILE P 250 -40.34 23.04 46.20
C ILE P 250 -40.15 24.47 45.75
N LEU P 251 -40.76 25.42 46.46
CA LEU P 251 -40.67 26.84 46.13
C LEU P 251 -39.27 27.44 46.14
N VAL P 252 -38.44 26.97 47.07
CA VAL P 252 -37.08 27.50 47.17
C VAL P 252 -36.30 27.25 45.89
N ALA P 253 -36.54 26.11 45.26
CA ALA P 253 -35.86 25.79 44.01
C ALA P 253 -36.25 26.76 42.89
N LEU P 254 -37.50 27.22 42.93
CA LEU P 254 -38.02 28.13 41.91
C LEU P 254 -37.30 29.47 41.66
N VAL P 255 -36.90 30.21 42.70
CA VAL P 255 -36.24 31.50 42.45
C VAL P 255 -34.74 31.51 42.20
N ASP P 256 -34.34 32.33 41.22
CA ASP P 256 -32.94 32.47 40.83
C ASP P 256 -32.16 33.09 41.99
N ILE P 257 -30.93 33.52 41.72
CA ILE P 257 -30.09 34.16 42.73
C ILE P 257 -29.41 35.38 42.13
N VAL P 280 -35.84 24.43 36.87
CA VAL P 280 -36.53 23.25 37.38
C VAL P 280 -37.21 22.45 36.28
N PRO P 281 -37.18 21.12 36.39
CA PRO P 281 -37.77 20.19 35.42
C PRO P 281 -39.30 20.23 35.47
N ASP P 282 -39.93 19.85 34.37
CA ASP P 282 -41.40 19.84 34.29
C ASP P 282 -42.08 19.03 35.39
N GLN P 283 -41.59 17.82 35.64
CA GLN P 283 -42.20 16.93 36.63
C GLN P 283 -42.23 17.58 38.01
N THR P 284 -41.18 18.34 38.32
CA THR P 284 -41.08 19.03 39.61
C THR P 284 -42.23 20.01 39.79
N PHE P 285 -42.62 20.64 38.70
CA PHE P 285 -43.73 21.58 38.75
C PHE P 285 -45.03 20.87 39.12
N ASP P 286 -45.21 19.68 38.56
CA ASP P 286 -46.41 18.90 38.82
C ASP P 286 -46.44 18.51 40.30
N GLU P 287 -45.27 18.20 40.85
CA GLU P 287 -45.18 17.82 42.24
C GLU P 287 -45.74 19.00 43.04
N LEU P 288 -45.38 20.22 42.66
CA LEU P 288 -45.87 21.39 43.36
C LEU P 288 -47.36 21.59 43.15
N ASN P 289 -47.85 21.28 41.95
CA ASN P 289 -49.28 21.46 41.71
C ASN P 289 -50.11 20.57 42.66
N GLN P 290 -49.66 19.32 42.83
CA GLN P 290 -50.34 18.36 43.70
C GLN P 290 -50.37 18.87 45.14
N MET P 291 -49.30 19.53 45.57
CA MET P 291 -49.24 20.09 46.91
C MET P 291 -50.31 21.17 47.02
N LEU P 292 -50.46 21.93 45.95
CA LEU P 292 -51.47 22.96 45.90
C LEU P 292 -52.86 22.35 45.88
N ASP P 293 -53.03 21.29 45.09
CA ASP P 293 -54.32 20.62 44.98
C ASP P 293 -54.73 20.04 46.31
N ASN P 294 -53.79 19.37 46.98
CA ASN P 294 -54.04 18.74 48.28
C ASN P 294 -54.48 19.78 49.27
N MET P 295 -53.87 20.96 49.16
CA MET P 295 -54.21 22.08 50.01
C MET P 295 -55.62 22.50 49.67
N ARG P 296 -55.91 22.53 48.36
CA ARG P 296 -57.23 22.94 47.91
C ARG P 296 -58.32 21.93 48.29
N LYS P 297 -58.08 20.66 48.01
CA LYS P 297 -59.06 19.63 48.30
C LYS P 297 -59.31 19.52 49.79
N ALA P 298 -58.49 20.21 50.59
CA ALA P 298 -58.59 20.15 52.05
C ALA P 298 -59.28 21.34 52.71
N GLY P 299 -59.87 22.21 51.90
CA GLY P 299 -60.58 23.36 52.45
C GLY P 299 -59.98 24.70 52.13
N LEU P 300 -58.65 24.73 52.07
CA LEU P 300 -57.92 25.96 51.78
C LEU P 300 -58.43 26.66 50.53
N VAL P 301 -58.22 27.96 50.46
CA VAL P 301 -58.69 28.74 49.33
C VAL P 301 -57.75 29.90 49.03
N ASP P 302 -57.71 30.87 49.94
CA ASP P 302 -56.86 32.04 49.79
C ASP P 302 -55.36 31.78 49.84
N ILE P 303 -54.92 30.95 50.78
CA ILE P 303 -53.49 30.65 50.88
C ILE P 303 -53.00 29.96 49.60
N PRO P 304 -53.78 29.00 49.07
CA PRO P 304 -53.32 28.35 47.85
C PRO P 304 -53.26 29.38 46.73
N LYS P 305 -54.23 30.26 46.72
CA LYS P 305 -54.29 31.28 45.69
C LYS P 305 -53.04 32.13 45.74
N MET P 306 -52.59 32.49 46.94
CA MET P 306 -51.42 33.35 47.10
C MET P 306 -50.17 32.75 46.48
N ILE P 307 -49.92 31.48 46.76
CA ILE P 307 -48.75 30.81 46.21
C ILE P 307 -48.89 30.79 44.69
N GLN P 308 -50.13 30.61 44.23
CA GLN P 308 -50.39 30.54 42.80
C GLN P 308 -49.99 31.86 42.13
N ASP P 309 -50.34 32.97 42.78
CA ASP P 309 -50.01 34.28 42.26
C ASP P 309 -48.50 34.45 42.26
N TRP P 310 -47.87 33.93 43.31
CA TRP P 310 -46.43 34.05 43.42
C TRP P 310 -45.70 33.34 42.28
N LEU P 311 -46.20 32.17 41.89
CA LEU P 311 -45.59 31.39 40.83
C LEU P 311 -45.62 32.00 39.43
N VAL P 312 -46.32 33.11 39.24
CA VAL P 312 -46.41 33.72 37.92
C VAL P 312 -45.13 34.44 37.54
N ASP P 313 -44.42 34.93 38.54
CA ASP P 313 -43.17 35.63 38.31
C ASP P 313 -42.06 35.14 39.25
N ARG P 314 -42.45 34.50 40.34
CA ARG P 314 -41.49 33.96 41.31
C ARG P 314 -40.38 34.96 41.60
N SER P 315 -40.77 36.16 41.99
CA SER P 315 -39.82 37.22 42.29
C SER P 315 -39.42 37.21 43.76
N ILE P 316 -38.14 37.03 44.04
CA ILE P 316 -37.70 37.02 45.43
C ILE P 316 -38.21 38.28 46.14
N GLU P 317 -38.46 39.33 45.36
CA GLU P 317 -38.95 40.60 45.92
C GLU P 317 -40.30 40.46 46.58
N LYS P 318 -41.05 39.44 46.15
CA LYS P 318 -42.38 39.16 46.70
C LYS P 318 -42.38 37.80 47.39
N PHE P 319 -41.21 37.34 47.80
CA PHE P 319 -41.06 36.07 48.48
C PHE P 319 -41.47 36.17 49.96
N PRO P 320 -41.27 37.33 50.60
CA PRO P 320 -41.63 37.49 52.00
C PRO P 320 -42.96 36.86 52.38
N LEU P 321 -43.91 36.87 51.45
CA LEU P 321 -45.23 36.32 51.69
C LEU P 321 -45.20 34.82 51.83
N MET P 322 -44.43 34.17 50.97
CA MET P 322 -44.33 32.72 50.98
C MET P 322 -43.80 32.32 52.34
N ALA P 323 -42.92 33.15 52.89
CA ALA P 323 -42.32 32.92 54.20
C ALA P 323 -43.31 33.07 55.33
N LYS P 324 -44.17 34.06 55.25
CA LYS P 324 -45.14 34.28 56.29
C LYS P 324 -46.05 33.08 56.40
N ILE P 325 -46.34 32.45 55.26
CA ILE P 325 -47.21 31.26 55.25
C ILE P 325 -46.58 30.04 55.93
N TYR P 326 -45.33 29.78 55.58
CA TYR P 326 -44.58 28.66 56.14
C TYR P 326 -44.39 28.86 57.65
N SER P 327 -44.13 30.09 58.08
CA SER P 327 -43.99 30.37 59.50
C SER P 327 -45.33 30.31 60.23
N TRP P 328 -46.36 30.83 59.59
CA TRP P 328 -47.70 30.85 60.17
C TRP P 328 -48.35 29.48 60.35
N SER P 329 -48.07 28.57 59.44
CA SER P 329 -48.66 27.25 59.51
C SER P 329 -48.36 26.54 60.82
N PHE P 330 -47.25 26.92 61.46
CA PHE P 330 -46.85 26.33 62.75
C PHE P 330 -47.67 26.77 63.95
N HIS P 331 -48.25 27.95 63.90
CA HIS P 331 -49.02 28.50 65.04
C HIS P 331 -50.45 27.97 65.14
N VAL P 332 -50.68 26.80 64.54
CA VAL P 332 -51.99 26.19 64.58
C VAL P 332 -52.10 25.26 65.79
N GLY P 333 -50.96 24.97 66.41
CA GLY P 333 -50.95 24.11 67.58
C GLY P 333 -50.04 22.89 67.49
N PHE P 334 -50.05 22.05 68.52
CA PHE P 334 -49.23 20.84 68.55
C PHE P 334 -50.02 19.57 68.27
N ARG P 335 -49.55 18.76 67.32
CA ARG P 335 -50.26 17.52 67.02
C ARG P 335 -50.04 16.50 68.14
N LYS P 336 -50.90 16.51 69.16
CA LYS P 336 -50.77 15.58 70.28
C LYS P 336 -51.71 14.38 70.19
N GLN P 337 -51.23 13.32 69.55
CA GLN P 337 -52.01 12.09 69.39
C GLN P 337 -51.69 11.07 70.47
N LYS P 338 -52.47 10.01 70.54
CA LYS P 338 -52.26 8.96 71.53
C LYS P 338 -50.91 8.28 71.36
N MET P 339 -50.21 8.05 72.47
CA MET P 339 -48.90 7.44 72.43
C MET P 339 -48.75 6.24 71.50
N LEU P 340 -49.73 5.33 71.53
CA LEU P 340 -49.70 4.12 70.71
C LEU P 340 -49.78 4.39 69.24
N ASP P 341 -50.58 5.37 68.88
CA ASP P 341 -50.72 5.71 67.48
C ASP P 341 -49.39 6.22 66.97
N ALA P 342 -48.75 7.05 67.81
CA ALA P 342 -47.46 7.63 67.43
C ALA P 342 -46.47 6.52 67.24
N ALA P 343 -46.49 5.56 68.17
CA ALA P 343 -45.60 4.40 68.15
C ALA P 343 -45.83 3.48 66.96
N LEU P 344 -47.08 3.37 66.55
CA LEU P 344 -47.49 2.50 65.46
C LEU P 344 -46.91 2.76 64.07
N ASP P 345 -46.62 4.01 63.74
CA ASP P 345 -46.13 4.34 62.41
C ASP P 345 -44.90 3.50 62.03
N GLN P 346 -44.05 3.23 63.01
CA GLN P 346 -42.86 2.42 62.76
C GLN P 346 -43.22 0.97 62.42
N GLU P 358 -28.65 -7.01 52.55
CA GLU P 358 -28.12 -7.30 51.23
C GLU P 358 -27.50 -6.07 50.56
N MET P 359 -28.25 -4.97 50.52
CA MET P 359 -27.76 -3.74 49.91
C MET P 359 -27.36 -2.70 50.96
N TYR P 360 -27.14 -3.19 52.18
CA TYR P 360 -26.74 -2.34 53.30
C TYR P 360 -25.28 -2.59 53.65
N GLU P 362 -22.65 -1.64 51.85
CA GLU P 362 -21.95 -0.40 51.60
C GLU P 362 -22.30 0.63 52.66
N TYR P 363 -23.57 0.68 52.99
CA TYR P 363 -24.08 1.63 53.97
C TYR P 363 -23.58 1.45 55.40
N THR P 364 -23.70 0.24 55.92
CA THR P 364 -23.25 -0.04 57.27
C THR P 364 -21.73 0.04 57.37
N LEU P 366 -19.70 2.11 55.96
CA LEU P 366 -19.29 3.49 56.20
C LEU P 366 -19.58 3.92 57.63
N ILE P 367 -20.72 3.49 58.17
CA ILE P 367 -21.08 3.85 59.52
C ILE P 367 -20.04 3.34 60.50
N ASP P 369 -16.85 2.52 59.80
CA ASP P 369 -15.61 3.20 59.52
C ASP P 369 -15.57 4.60 60.13
N GLU P 370 -16.69 5.31 60.04
CA GLU P 370 -16.79 6.65 60.60
C GLU P 370 -16.61 6.58 62.10
N VAL P 371 -17.17 5.54 62.70
CA VAL P 371 -17.10 5.34 64.14
C VAL P 371 -15.65 5.14 64.56
N VAL P 372 -14.93 4.39 63.75
CA VAL P 372 -13.54 4.10 64.03
C VAL P 372 -12.68 5.34 63.98
N LYS P 373 -12.87 6.18 62.96
CA LYS P 373 -12.04 7.37 62.83
C LYS P 373 -12.22 8.23 64.05
N MET P 374 -13.47 8.42 64.44
CA MET P 374 -13.77 9.25 65.59
C MET P 374 -13.09 8.71 66.84
N LEU P 375 -12.80 7.41 66.88
CA LEU P 375 -12.18 6.81 68.06
C LEU P 375 -10.94 5.98 67.76
N GLU P 376 -10.20 6.37 66.74
CA GLU P 376 -9.01 5.63 66.36
C GLU P 376 -7.79 6.04 67.17
N GLU P 377 -7.43 7.31 67.11
CA GLU P 377 -6.26 7.76 67.85
C GLU P 377 -6.43 7.64 69.36
N PRO P 378 -7.60 8.03 69.88
CA PRO P 378 -7.80 7.94 71.33
C PRO P 378 -7.64 6.55 71.89
N ASP P 382 -4.75 5.21 74.50
CA ASP P 382 -5.35 4.82 75.77
C ASP P 382 -5.74 6.06 76.51
N ASP P 383 -6.53 6.89 75.83
CA ASP P 383 -7.00 8.15 76.37
C ASP P 383 -7.51 7.95 77.79
N HIS P 384 -7.19 8.89 78.66
CA HIS P 384 -7.63 8.79 80.04
C HIS P 384 -9.15 8.80 80.12
N LEU P 385 -9.78 9.55 79.21
CA LEU P 385 -11.24 9.65 79.19
C LEU P 385 -11.86 8.29 78.93
N LEU P 386 -11.27 7.55 78.00
CA LEU P 386 -11.77 6.22 77.68
C LEU P 386 -11.51 5.29 78.85
N ARG P 387 -10.36 5.43 79.49
CA ARG P 387 -10.04 4.59 80.62
C ARG P 387 -10.97 4.86 81.81
N ASP P 388 -11.21 6.12 82.13
CA ASP P 388 -12.07 6.45 83.27
C ASP P 388 -13.49 6.86 82.91
N SER P 389 -13.94 6.40 81.75
CA SER P 389 -15.28 6.70 81.24
C SER P 389 -16.39 6.61 82.27
N GLU P 390 -16.23 5.73 83.26
CA GLU P 390 -17.26 5.56 84.29
C GLU P 390 -17.43 6.79 85.19
N LEU P 391 -16.31 7.43 85.55
CA LEU P 391 -16.38 8.62 86.39
C LEU P 391 -16.99 9.79 85.59
N ALA P 392 -16.53 9.94 84.34
CA ALA P 392 -17.00 11.04 83.52
C ALA P 392 -18.51 10.95 83.29
N GLY P 393 -18.97 9.76 82.94
CA GLY P 393 -20.39 9.57 82.70
C GLY P 393 -21.12 9.85 83.99
N LEU P 394 -20.52 9.42 85.09
CA LEU P 394 -21.14 9.62 86.39
C LEU P 394 -21.27 11.09 86.69
N LEU P 395 -20.20 11.84 86.40
CA LEU P 395 -20.19 13.27 86.66
C LEU P 395 -21.19 14.02 85.78
N SER P 396 -21.27 13.58 84.52
CA SER P 396 -22.15 14.17 83.52
C SER P 396 -23.65 14.09 83.85
N MET P 397 -24.06 13.06 84.57
CA MET P 397 -25.46 12.88 84.95
C MET P 397 -26.30 14.16 85.02
N SER P 398 -25.71 15.27 85.45
CA SER P 398 -26.45 16.54 85.51
C SER P 398 -26.97 16.91 84.13
N SER P 399 -26.19 16.55 83.12
CA SER P 399 -26.55 16.82 81.73
C SER P 399 -26.92 15.49 81.08
N ALA P 400 -27.60 14.64 81.83
CA ALA P 400 -28.03 13.34 81.34
C ALA P 400 -29.50 13.40 81.04
N SER P 401 -30.01 12.40 80.32
CA SER P 401 -31.41 12.35 79.96
C SER P 401 -32.31 12.20 81.19
N ASN P 402 -33.36 11.39 81.06
CA ASN P 402 -34.28 11.14 82.18
C ASN P 402 -34.71 9.68 82.24
N GLY P 403 -35.07 9.24 83.45
CA GLY P 403 -35.50 7.87 83.65
C GLY P 403 -36.82 7.86 84.41
N GLU P 404 -37.34 6.65 84.67
CA GLU P 404 -38.60 6.51 85.39
C GLU P 404 -38.55 7.15 86.78
N SER P 405 -39.66 7.74 87.21
CA SER P 405 -39.71 8.37 88.53
C SER P 405 -39.75 7.30 89.61
N ARG P 406 -38.58 6.73 89.89
CA ARG P 406 -38.47 5.67 90.88
C ARG P 406 -38.83 6.15 92.28
N GLN P 407 -38.74 5.22 93.23
CA GLN P 407 -39.04 5.50 94.62
C GLN P 407 -37.71 5.49 95.37
N LEU P 408 -37.53 6.42 96.30
CA LEU P 408 -36.29 6.51 97.05
C LEU P 408 -36.48 6.78 98.53
N LYS P 409 -35.40 6.58 99.28
CA LYS P 409 -35.36 6.80 100.72
C LYS P 409 -33.97 7.29 101.12
N PHE P 410 -33.91 8.50 101.68
CA PHE P 410 -32.65 9.08 102.12
C PHE P 410 -32.76 9.56 103.56
N GLY P 411 -32.09 8.86 104.47
CA GLY P 411 -32.15 9.23 105.87
C GLY P 411 -33.30 8.52 106.57
N ARG P 412 -34.48 9.12 106.48
CA ARG P 412 -35.67 8.55 107.11
C ARG P 412 -36.96 9.02 106.41
N LYS P 413 -36.88 9.21 105.10
CA LYS P 413 -38.06 9.64 104.34
C LYS P 413 -38.14 8.98 102.97
N THR P 414 -39.15 9.38 102.20
CA THR P 414 -39.39 8.82 100.88
C THR P 414 -39.64 9.91 99.85
N ILE P 415 -39.15 9.69 98.63
CA ILE P 415 -39.35 10.67 97.55
C ILE P 415 -39.58 10.01 96.18
N PHE P 416 -40.15 10.78 95.26
CA PHE P 416 -40.43 10.29 93.92
C PHE P 416 -39.57 11.00 92.89
N SER P 417 -38.25 10.84 92.99
CA SER P 417 -37.36 11.49 92.03
C SER P 417 -37.30 10.76 90.72
N THR P 418 -37.22 11.53 89.64
CA THR P 418 -37.16 10.99 88.29
C THR P 418 -35.78 11.22 87.67
N LYS P 419 -34.97 12.03 88.34
CA LYS P 419 -33.62 12.34 87.87
C LYS P 419 -32.68 11.14 87.98
N LYS P 420 -32.02 10.84 86.87
CA LYS P 420 -31.12 9.70 86.75
C LYS P 420 -29.94 9.72 87.71
N ASN P 421 -29.43 10.92 88.03
CA ASN P 421 -28.29 11.05 88.95
C ASN P 421 -28.62 10.53 90.35
N MET P 422 -29.78 10.89 90.86
CA MET P 422 -30.18 10.46 92.18
C MET P 422 -30.28 8.94 92.24
N HIS P 423 -30.71 8.33 91.14
CA HIS P 423 -30.85 6.89 91.12
C HIS P 423 -29.48 6.33 91.44
N VAL P 424 -28.43 6.94 90.92
CA VAL P 424 -27.08 6.46 91.19
C VAL P 424 -26.81 6.52 92.69
N MET P 425 -27.32 7.56 93.35
CA MET P 425 -27.09 7.70 94.78
C MET P 425 -27.75 6.60 95.59
N ASP P 426 -29.00 6.30 95.26
CA ASP P 426 -29.74 5.27 95.98
C ASP P 426 -29.06 3.93 95.77
N ASP P 427 -28.69 3.64 94.54
CA ASP P 427 -28.06 2.38 94.18
C ASP P 427 -26.65 2.18 94.77
N MET P 428 -25.85 3.24 94.82
CA MET P 428 -24.51 3.10 95.39
C MET P 428 -24.58 2.83 96.89
N ALA P 429 -25.46 3.56 97.57
CA ALA P 429 -25.65 3.42 99.00
C ALA P 429 -26.53 2.23 99.32
N ASN P 430 -26.74 1.36 98.34
CA ASN P 430 -27.55 0.18 98.53
C ASN P 430 -26.94 -1.06 97.91
N GLU P 431 -25.69 -0.96 97.48
CA GLU P 431 -24.99 -2.10 96.87
C GLU P 431 -25.68 -2.56 95.58
N ARG P 432 -26.71 -1.81 95.15
CA ARG P 432 -27.46 -2.11 93.95
C ARG P 432 -26.75 -1.55 92.72
N TYR P 433 -26.01 -0.46 92.92
CA TYR P 433 -25.28 0.17 91.84
C TYR P 433 -24.38 -0.88 91.16
N THR P 434 -24.65 -1.16 89.89
CA THR P 434 -23.85 -2.16 89.17
C THR P 434 -23.74 -1.83 87.68
N PRO P 435 -23.00 -0.76 87.34
CA PRO P 435 -22.82 -0.34 85.95
C PRO P 435 -22.21 -1.38 85.01
N GLY P 436 -21.37 -2.25 85.55
CA GLY P 436 -20.77 -3.26 84.70
C GLY P 436 -21.85 -4.16 84.11
N ILE P 437 -23.04 -4.08 84.69
CA ILE P 437 -24.17 -4.88 84.27
C ILE P 437 -25.28 -3.93 83.81
N ILE P 438 -25.33 -3.69 82.49
CA ILE P 438 -26.32 -2.82 81.88
C ILE P 438 -27.63 -3.55 81.62
N PRO P 439 -28.68 -3.19 82.36
CA PRO P 439 -30.02 -3.75 82.25
C PRO P 439 -30.47 -4.07 80.84
N PRO P 440 -31.06 -5.27 80.65
CA PRO P 440 -31.53 -5.68 79.33
C PRO P 440 -32.80 -4.91 79.00
N VAL P 441 -32.89 -4.47 77.76
CA VAL P 441 -34.04 -3.71 77.32
C VAL P 441 -34.90 -4.53 76.36
N ASN P 442 -35.46 -5.63 76.87
CA ASN P 442 -36.31 -6.47 76.06
C ASN P 442 -37.58 -6.86 76.81
N VAL P 443 -38.18 -7.96 76.37
CA VAL P 443 -39.42 -8.48 76.94
C VAL P 443 -39.43 -8.50 78.47
N ASP P 444 -38.35 -9.00 79.07
CA ASP P 444 -38.28 -9.07 80.52
C ASP P 444 -38.36 -7.67 81.11
N LYS P 445 -37.39 -6.83 80.79
CA LYS P 445 -37.37 -5.46 81.29
C LYS P 445 -37.44 -4.45 80.14
N PRO P 446 -38.64 -4.26 79.55
CA PRO P 446 -38.85 -3.34 78.44
C PRO P 446 -38.43 -1.91 78.74
N ILE P 447 -38.65 -1.03 77.76
CA ILE P 447 -38.28 0.37 77.87
C ILE P 447 -39.47 1.30 78.00
N PRO P 448 -39.52 2.11 79.07
CA PRO P 448 -40.66 3.03 79.22
C PRO P 448 -40.64 3.95 78.02
N LEU P 449 -41.50 4.95 77.99
CA LEU P 449 -41.50 5.82 76.84
C LEU P 449 -41.76 7.29 77.12
N GLY P 450 -41.06 8.12 76.34
CA GLY P 450 -41.20 9.55 76.44
C GLY P 450 -41.60 10.03 75.07
N ARG P 451 -41.92 11.31 74.93
CA ARG P 451 -42.34 11.83 73.65
C ARG P 451 -41.91 13.25 73.34
N ARG P 452 -42.00 13.59 72.07
CA ARG P 452 -41.64 14.91 71.55
C ARG P 452 -42.64 15.34 70.48
N ASP P 453 -43.40 16.39 70.75
CA ASP P 453 -44.38 16.86 69.80
C ASP P 453 -43.87 18.08 69.05
N VAL P 454 -44.31 18.24 67.82
CA VAL P 454 -43.91 19.37 66.99
C VAL P 454 -45.02 19.66 66.00
N PRO P 455 -45.30 20.96 65.73
CA PRO P 455 -46.35 21.29 64.77
C PRO P 455 -46.07 20.75 63.39
N GLY P 456 -47.08 20.17 62.77
CA GLY P 456 -46.94 19.65 61.43
C GLY P 456 -46.07 18.43 61.21
N ARG P 457 -46.16 17.45 62.12
CA ARG P 457 -45.39 16.23 61.97
C ARG P 457 -45.87 15.13 62.90
N ARG P 458 -45.85 13.90 62.41
CA ARG P 458 -46.28 12.75 63.20
C ARG P 458 -45.46 12.66 64.47
N THR P 459 -46.15 12.41 65.58
CA THR P 459 -45.50 12.31 66.87
C THR P 459 -44.42 11.24 66.90
N ARG P 460 -43.28 11.57 67.50
CA ARG P 460 -42.17 10.64 67.62
C ARG P 460 -41.95 10.26 69.08
N ILE P 461 -41.58 9.01 69.32
CA ILE P 461 -41.36 8.54 70.67
C ILE P 461 -39.89 8.59 71.12
N ILE P 462 -39.71 8.61 72.44
CA ILE P 462 -38.41 8.71 73.08
C ILE P 462 -38.26 7.58 74.10
N PHE P 463 -37.20 6.77 73.95
CA PHE P 463 -36.95 5.66 74.88
C PHE P 463 -36.85 6.21 76.27
N ILE P 464 -36.58 5.34 77.22
CA ILE P 464 -36.42 5.75 78.60
C ILE P 464 -35.54 4.66 79.21
N LEU P 465 -34.29 4.63 78.75
CA LEU P 465 -33.32 3.65 79.22
C LEU P 465 -32.81 4.07 80.60
N PRO P 466 -32.36 3.11 81.42
CA PRO P 466 -31.84 3.39 82.76
C PRO P 466 -30.51 4.14 82.66
N TYR P 467 -29.89 4.41 83.81
CA TYR P 467 -28.62 5.14 83.84
C TYR P 467 -27.38 4.34 83.39
N GLU P 468 -27.44 3.02 83.43
CA GLU P 468 -26.28 2.24 83.02
C GLU P 468 -25.97 2.60 81.58
N TYR P 469 -27.00 2.92 80.80
CA TYR P 469 -26.86 3.28 79.39
C TYR P 469 -26.13 4.62 79.09
N PHE P 470 -26.44 5.65 79.90
CA PHE P 470 -25.80 6.96 79.73
C PHE P 470 -24.32 6.92 80.08
N ILE P 471 -24.04 6.19 81.15
CA ILE P 471 -22.70 6.00 81.66
C ILE P 471 -21.83 5.26 80.65
N ALA P 472 -22.41 4.25 80.02
CA ALA P 472 -21.67 3.47 79.04
C ALA P 472 -21.64 4.17 77.69
N GLN P 473 -22.15 5.40 77.65
CA GLN P 473 -22.17 6.13 76.39
C GLN P 473 -21.60 7.55 76.39
N HIS P 474 -21.40 8.14 77.56
CA HIS P 474 -20.89 9.51 77.62
C HIS P 474 -19.47 9.75 77.10
N ALA P 475 -18.52 8.93 77.52
CA ALA P 475 -17.15 9.12 77.09
C ALA P 475 -16.97 8.91 75.62
N VAL P 476 -17.52 7.83 75.09
CA VAL P 476 -17.36 7.52 73.67
C VAL P 476 -17.96 8.59 72.76
N VAL P 477 -19.15 9.06 73.12
CA VAL P 477 -19.85 10.07 72.34
C VAL P 477 -19.08 11.38 72.38
N GLU P 478 -18.62 11.71 73.59
CA GLU P 478 -17.88 12.94 73.82
C GLU P 478 -16.63 12.96 72.99
N LYS P 479 -15.97 11.81 72.88
CA LYS P 479 -14.78 11.69 72.06
C LYS P 479 -15.16 11.75 70.59
N MET P 480 -16.35 11.23 70.28
CA MET P 480 -16.84 11.23 68.89
C MET P 480 -17.06 12.66 68.45
N LEU P 481 -17.70 13.43 69.32
CA LEU P 481 -18.00 14.81 69.01
C LEU P 481 -16.78 15.67 68.70
N ILE P 482 -15.68 15.43 69.42
CA ILE P 482 -14.47 16.20 69.20
C ILE P 482 -14.03 16.05 67.76
N TYR P 483 -14.20 14.85 67.21
CA TYR P 483 -13.83 14.60 65.83
C TYR P 483 -14.77 15.38 64.94
N ALA P 484 -16.05 15.35 65.30
CA ALA P 484 -17.07 16.06 64.52
C ALA P 484 -16.76 17.54 64.57
N LYS P 485 -16.42 17.99 65.77
CA LYS P 485 -16.10 19.38 66.06
C LYS P 485 -15.16 20.01 65.04
N HIS P 486 -14.28 19.20 64.45
CA HIS P 486 -13.33 19.71 63.47
C HIS P 486 -13.51 19.14 62.06
N THR P 487 -14.69 18.57 61.81
CA THR P 487 -15.05 18.00 60.51
C THR P 487 -16.27 18.73 59.96
N ARG P 488 -16.07 19.47 58.87
CA ARG P 488 -17.13 20.28 58.29
C ARG P 488 -18.36 19.57 57.78
N GLU P 489 -18.22 18.29 57.44
CA GLU P 489 -19.36 17.49 56.95
C GLU P 489 -20.52 17.57 57.93
N TYR P 490 -20.22 17.59 59.22
CA TYR P 490 -21.23 17.69 60.27
C TYR P 490 -21.52 19.16 60.56
N ALA P 491 -22.30 19.79 59.69
CA ALA P 491 -22.63 21.21 59.82
C ALA P 491 -23.22 21.66 61.15
N GLU P 492 -23.48 20.72 62.04
CA GLU P 492 -24.06 21.09 63.32
C GLU P 492 -23.00 21.24 64.40
N PHE P 493 -21.94 20.47 64.29
CA PHE P 493 -20.88 20.50 65.28
C PHE P 493 -19.67 21.38 65.01
N TYR P 494 -19.17 21.35 63.79
CA TYR P 494 -17.98 22.09 63.37
C TYR P 494 -17.68 23.41 64.08
N SER P 495 -16.56 23.43 64.81
CA SER P 495 -16.12 24.62 65.53
C SER P 495 -17.26 25.33 66.24
N GLN P 496 -17.18 26.65 66.29
CA GLN P 496 -18.21 27.44 66.95
C GLN P 496 -19.22 27.91 65.92
N SER P 497 -19.10 27.35 64.71
CA SER P 497 -19.94 27.68 63.57
C SER P 497 -21.40 27.95 63.92
N ASN P 498 -21.93 29.04 63.34
CA ASN P 498 -23.32 29.42 63.51
C ASN P 498 -23.99 29.08 62.16
N GLN P 499 -25.32 29.09 62.13
CA GLN P 499 -26.07 28.76 60.91
C GLN P 499 -25.68 29.58 59.68
N LEU P 500 -25.08 30.75 59.90
CA LEU P 500 -24.66 31.63 58.81
C LEU P 500 -23.56 31.02 57.98
N LEU P 501 -22.65 30.33 58.65
CA LEU P 501 -21.55 29.69 57.97
C LEU P 501 -22.09 28.60 57.06
N SER P 502 -23.05 27.86 57.58
CA SER P 502 -23.69 26.77 56.86
C SER P 502 -24.39 27.34 55.64
N TYR P 503 -25.00 28.50 55.82
CA TYR P 503 -25.73 29.16 54.74
C TYR P 503 -24.79 29.58 53.61
N GLY P 504 -23.66 30.18 53.98
CA GLY P 504 -22.68 30.63 53.01
C GLY P 504 -22.02 29.52 52.22
N ASP P 505 -21.82 28.38 52.86
CA ASP P 505 -21.19 27.23 52.22
C ASP P 505 -21.99 26.73 51.02
N VAL P 506 -23.32 26.71 51.15
CA VAL P 506 -24.20 26.24 50.07
C VAL P 506 -24.22 27.16 48.82
N PHE P 509 -20.42 27.36 46.05
CA PHE P 509 -20.17 26.73 44.76
C PHE P 509 -21.31 26.79 43.74
N VAL P 516 -27.75 21.54 43.37
CA VAL P 516 -27.79 21.20 44.78
C VAL P 516 -28.86 20.16 45.04
N LEU P 517 -28.61 19.34 46.04
CA LEU P 517 -29.54 18.28 46.40
C LEU P 517 -29.76 18.19 47.91
N TYR P 518 -31.00 18.33 48.34
CA TYR P 518 -31.32 18.25 49.76
C TYR P 518 -32.29 17.12 50.05
N THR P 519 -32.30 16.63 51.28
CA THR P 519 -33.17 15.53 51.63
C THR P 519 -33.80 15.74 53.00
N ASP P 520 -34.74 14.85 53.32
CA ASP P 520 -35.48 14.89 54.58
C ASP P 520 -35.53 13.51 55.18
N VAL P 521 -34.36 12.94 55.47
CA VAL P 521 -34.29 11.59 56.04
C VAL P 521 -34.83 11.41 57.45
N SER P 522 -35.84 12.18 57.84
CA SER P 522 -36.41 12.05 59.18
C SER P 522 -37.05 10.67 59.43
N GLN P 523 -37.83 10.21 58.47
CA GLN P 523 -38.50 8.92 58.57
C GLN P 523 -37.51 7.77 58.52
N TRP P 524 -36.45 7.93 57.72
CA TRP P 524 -35.41 6.91 57.58
C TRP P 524 -34.70 6.61 58.90
N ASP P 525 -34.55 7.62 59.74
CA ASP P 525 -33.90 7.44 61.03
C ASP P 525 -34.71 6.56 61.97
N SER P 526 -35.95 6.26 61.61
CA SER P 526 -36.81 5.42 62.45
C SER P 526 -37.41 4.27 61.66
N SER P 527 -36.85 4.02 60.49
CA SER P 527 -37.32 2.96 59.62
C SER P 527 -36.75 1.63 60.13
N GLN P 528 -37.64 0.70 60.51
CA GLN P 528 -37.24 -0.60 61.03
C GLN P 528 -36.05 -1.18 60.27
N HIS P 529 -35.95 -0.81 59.01
CA HIS P 529 -34.87 -1.28 58.15
C HIS P 529 -33.53 -0.75 58.65
N ASN P 530 -33.54 0.50 59.07
CA ASN P 530 -32.34 1.19 59.54
C ASN P 530 -31.65 0.61 60.78
N THR P 531 -32.42 0.09 61.72
CA THR P 531 -31.85 -0.39 62.96
C THR P 531 -30.76 -1.45 62.83
N GLN P 532 -30.96 -2.45 61.99
CA GLN P 532 -29.93 -3.48 61.84
C GLN P 532 -28.61 -2.87 61.38
N PRO P 533 -28.61 -2.18 60.22
CA PRO P 533 -27.37 -1.58 59.73
C PRO P 533 -26.75 -0.66 60.76
N PHE P 534 -27.55 0.31 61.22
CA PHE P 534 -27.11 1.28 62.19
C PHE P 534 -26.40 0.61 63.36
N ARG P 535 -27.05 -0.37 63.98
CA ARG P 535 -26.45 -1.06 65.11
C ARG P 535 -25.24 -1.91 64.70
N LYS P 536 -25.34 -2.57 63.56
CA LYS P 536 -24.25 -3.41 63.12
C LYS P 536 -22.98 -2.58 62.93
N GLY P 537 -23.11 -1.43 62.30
CA GLY P 537 -21.95 -0.59 62.06
C GLY P 537 -21.28 -0.08 63.33
N ILE P 538 -22.08 0.34 64.31
CA ILE P 538 -21.53 0.86 65.55
C ILE P 538 -20.81 -0.24 66.31
N ILE P 539 -21.43 -1.41 66.36
CA ILE P 539 -20.84 -2.55 67.04
C ILE P 539 -19.60 -3.04 66.33
N MET P 540 -19.64 -3.07 65.01
CA MET P 540 -18.51 -3.53 64.23
C MET P 540 -17.31 -2.65 64.51
N GLY P 541 -17.53 -1.34 64.52
CA GLY P 541 -16.43 -0.43 64.75
C GLY P 541 -15.84 -0.64 66.12
N LEU P 542 -16.71 -0.85 67.12
CA LEU P 542 -16.22 -1.05 68.47
C LEU P 542 -15.32 -2.27 68.48
N LYS P 553 -9.29 -0.86 81.12
CA LYS P 553 -10.25 0.21 81.33
C LYS P 553 -10.93 0.55 80.01
N VAL P 554 -10.12 0.72 78.97
CA VAL P 554 -10.65 1.06 77.66
C VAL P 554 -11.44 -0.06 77.04
N LEU P 555 -10.90 -1.27 77.08
CA LEU P 555 -11.59 -2.41 76.52
C LEU P 555 -12.88 -2.60 77.28
N GLN P 556 -12.85 -2.36 78.58
CA GLN P 556 -14.06 -2.51 79.35
C GLN P 556 -15.12 -1.55 78.81
N THR P 557 -14.71 -0.31 78.54
CA THR P 557 -15.59 0.72 78.02
C THR P 557 -16.02 0.43 76.58
N LEU P 558 -15.08 -0.01 75.76
CA LEU P 558 -15.34 -0.33 74.37
C LEU P 558 -16.36 -1.47 74.28
N ASN P 559 -16.25 -2.44 75.18
CA ASN P 559 -17.18 -3.56 75.20
C ASN P 559 -18.57 -3.18 75.68
N LEU P 560 -18.65 -2.44 76.79
CA LEU P 560 -19.94 -2.08 77.38
C LEU P 560 -20.84 -1.29 76.42
N TYR P 561 -20.22 -0.42 75.64
CA TYR P 561 -20.92 0.39 74.66
C TYR P 561 -21.52 -0.54 73.60
N LYS P 562 -20.75 -1.57 73.24
CA LYS P 562 -21.16 -2.54 72.25
C LYS P 562 -22.43 -3.23 72.70
N GLN P 563 -22.46 -3.59 73.98
CA GLN P 563 -23.60 -4.28 74.54
C GLN P 563 -24.87 -3.45 74.46
N THR P 564 -24.75 -2.13 74.59
CA THR P 564 -25.93 -1.25 74.54
C THR P 564 -26.61 -1.48 73.22
N GLN P 565 -25.80 -1.64 72.18
CA GLN P 565 -26.37 -1.87 70.88
C GLN P 565 -27.05 -3.23 70.81
N ILE P 566 -26.40 -4.25 71.36
CA ILE P 566 -26.97 -5.59 71.33
C ILE P 566 -28.28 -5.70 72.10
N ASN P 567 -28.37 -5.08 73.27
CA ASN P 567 -29.62 -5.13 74.02
C ASN P 567 -30.70 -4.42 73.21
N LEU P 568 -30.32 -3.35 72.52
CA LEU P 568 -31.23 -2.58 71.69
C LEU P 568 -31.75 -3.32 70.46
N MET P 569 -30.86 -4.09 69.84
CA MET P 569 -31.21 -4.87 68.65
C MET P 569 -32.60 -5.46 68.77
N ASP P 570 -32.96 -5.88 69.98
CA ASP P 570 -34.27 -6.46 70.28
C ASP P 570 -34.80 -5.72 71.51
N SER P 571 -35.57 -4.66 71.29
CA SER P 571 -36.09 -3.85 72.39
C SER P 571 -37.61 -3.72 72.44
N TYR P 572 -38.20 -4.10 73.57
CA TYR P 572 -39.65 -4.00 73.70
C TYR P 572 -40.03 -2.68 74.33
N VAL P 573 -41.21 -2.19 73.98
CA VAL P 573 -41.67 -0.91 74.50
C VAL P 573 -42.88 -0.98 75.40
N GLN P 574 -42.76 -0.31 76.53
CA GLN P 574 -43.83 -0.26 77.49
C GLN P 574 -44.81 0.80 76.96
N ILE P 575 -45.53 0.48 75.87
CA ILE P 575 -46.47 1.46 75.32
C ILE P 575 -47.86 1.43 75.93
N PRO P 576 -48.30 2.57 76.49
CA PRO P 576 -49.63 2.62 77.09
C PRO P 576 -50.70 2.53 76.02
N ASP P 577 -51.91 2.23 76.45
CA ASP P 577 -53.04 2.10 75.55
C ASP P 577 -54.29 2.27 76.39
N GLY P 578 -54.44 3.46 76.96
CA GLY P 578 -55.58 3.76 77.80
C GLY P 578 -55.09 3.89 79.22
N ASN P 579 -55.94 3.55 80.18
CA ASN P 579 -55.54 3.62 81.58
C ASN P 579 -54.73 2.36 81.86
N VAL P 580 -54.46 1.60 80.81
CA VAL P 580 -53.69 0.35 80.86
C VAL P 580 -52.35 0.52 80.16
N ILE P 581 -51.35 -0.26 80.55
CA ILE P 581 -50.03 -0.16 79.92
C ILE P 581 -49.74 -1.41 79.09
N LYS P 582 -50.01 -1.35 77.80
CA LYS P 582 -49.77 -2.50 76.94
C LYS P 582 -48.28 -2.80 76.92
N LYS P 583 -47.85 -3.64 75.99
CA LYS P 583 -46.45 -3.99 75.88
C LYS P 583 -46.19 -4.67 74.56
N ILE P 584 -45.88 -3.88 73.54
CA ILE P 584 -45.61 -4.42 72.22
C ILE P 584 -44.11 -4.45 71.92
N GLN P 585 -43.75 -5.00 70.77
CA GLN P 585 -42.35 -5.08 70.37
C GLN P 585 -41.95 -3.75 69.74
N TYR P 586 -40.79 -3.71 69.09
CA TYR P 586 -40.32 -2.47 68.47
C TYR P 586 -39.01 -2.68 67.73
N GLY P 587 -39.08 -2.85 66.42
CA GLY P 587 -37.88 -3.06 65.63
C GLY P 587 -37.28 -1.82 64.99
N ALA P 588 -37.65 -0.65 65.53
CA ALA P 588 -37.14 0.60 65.00
C ALA P 588 -36.22 1.25 66.03
N VAL P 589 -35.44 2.24 65.58
CA VAL P 589 -34.54 2.95 66.49
C VAL P 589 -35.20 4.24 66.92
N ALA P 590 -35.03 4.61 68.17
CA ALA P 590 -35.59 5.86 68.68
C ALA P 590 -34.51 6.68 69.41
N SER P 591 -34.88 7.84 69.92
CA SER P 591 -33.91 8.68 70.62
C SER P 591 -33.98 8.38 72.12
N GLY P 592 -32.93 8.74 72.84
CA GLY P 592 -32.89 8.51 74.28
C GLY P 592 -31.51 8.07 74.72
N GLU P 593 -30.64 7.84 73.75
CA GLU P 593 -29.29 7.42 74.05
C GLU P 593 -28.39 8.62 73.87
N LYS P 594 -27.24 8.58 74.52
CA LYS P 594 -26.29 9.68 74.40
C LYS P 594 -25.96 9.80 72.92
N GLN P 595 -25.60 8.67 72.32
CA GLN P 595 -25.19 8.62 70.93
C GLN P 595 -26.26 9.00 69.93
N THR P 596 -27.48 9.17 70.40
CA THR P 596 -28.59 9.54 69.52
C THR P 596 -28.21 10.63 68.52
N LYS P 597 -28.11 11.87 69.00
CA LYS P 597 -27.81 13.00 68.11
C LYS P 597 -26.49 12.83 67.37
N ALA P 598 -25.46 12.36 68.06
CA ALA P 598 -24.17 12.15 67.40
C ALA P 598 -24.17 10.98 66.42
N ALA P 599 -24.64 9.81 66.88
CA ALA P 599 -24.69 8.60 66.06
C ALA P 599 -25.67 8.73 64.89
N ASN P 600 -26.75 9.46 65.13
CA ASN P 600 -27.75 9.64 64.10
C ASN P 600 -27.08 10.30 62.91
N SER P 601 -26.27 11.32 63.18
CA SER P 601 -25.60 12.06 62.11
C SER P 601 -24.67 11.15 61.35
N ILE P 602 -23.96 10.30 62.08
CA ILE P 602 -23.01 9.40 61.46
C ILE P 602 -23.74 8.57 60.42
N ALA P 603 -24.93 8.09 60.78
CA ALA P 603 -25.74 7.28 59.90
C ALA P 603 -26.27 8.09 58.72
N ASN P 604 -26.79 9.28 59.00
CA ASN P 604 -27.34 10.12 57.94
C ASN P 604 -26.24 10.49 56.98
N LEU P 605 -25.04 10.76 57.49
CA LEU P 605 -23.94 11.11 56.61
C LEU P 605 -23.59 9.87 55.80
N ALA P 606 -23.59 8.73 56.48
CA ALA P 606 -23.26 7.45 55.84
C ALA P 606 -24.24 7.17 54.70
N LEU P 607 -25.50 7.52 54.93
CA LEU P 607 -26.55 7.28 53.93
C LEU P 607 -26.37 8.07 52.64
N ILE P 608 -26.11 9.36 52.77
CA ILE P 608 -25.96 10.20 51.59
C ILE P 608 -24.73 9.78 50.79
N LYS P 609 -23.67 9.40 51.51
CA LYS P 609 -22.44 8.98 50.85
C LYS P 609 -22.75 7.78 49.97
N THR P 610 -23.60 6.90 50.50
CA THR P 610 -23.97 5.69 49.80
C THR P 610 -24.81 5.97 48.56
N VAL P 611 -25.79 6.85 48.71
CA VAL P 611 -26.63 7.19 47.59
C VAL P 611 -25.86 7.97 46.55
N LEU P 612 -25.04 8.91 46.99
CA LEU P 612 -24.29 9.73 46.06
C LEU P 612 -23.32 8.92 45.21
N HIS P 619 -24.11 9.45 35.86
CA HIS P 619 -23.55 10.77 35.55
C HIS P 619 -22.29 11.09 36.34
N ALA P 622 -18.82 16.19 40.55
CA ALA P 622 -17.70 16.50 41.46
C ALA P 622 -18.33 16.93 42.76
N THR P 623 -18.09 16.17 43.83
CA THR P 623 -18.67 16.52 45.12
C THR P 623 -17.95 17.72 45.73
N LYS P 624 -18.57 18.90 45.62
CA LYS P 624 -17.98 20.10 46.16
C LYS P 624 -18.15 20.15 47.66
N ILE P 625 -19.36 19.88 48.14
CA ILE P 625 -19.60 19.87 49.60
C ILE P 625 -20.65 18.83 49.94
N ILE P 626 -20.51 18.23 51.11
CA ILE P 626 -21.45 17.23 51.62
C ILE P 626 -21.68 17.63 53.05
N ARG P 627 -22.91 17.56 53.52
CA ARG P 627 -23.23 17.95 54.88
C ARG P 627 -24.42 17.19 55.49
N VAL P 628 -24.45 17.17 56.82
CA VAL P 628 -25.52 16.53 57.56
C VAL P 628 -26.05 17.57 58.57
N ASP P 629 -27.27 17.36 59.04
CA ASP P 629 -27.87 18.26 60.02
C ASP P 629 -29.16 17.67 60.57
N GLY P 630 -29.03 16.70 61.46
CA GLY P 630 -30.20 16.10 62.03
C GLY P 630 -31.00 15.27 61.05
N ASP P 631 -32.16 15.79 60.67
CA ASP P 631 -33.04 15.10 59.74
C ASP P 631 -32.91 15.59 58.30
N ASP P 632 -31.75 16.12 57.94
CA ASP P 632 -31.52 16.60 56.59
C ASP P 632 -30.04 16.47 56.25
N ASN P 633 -29.77 16.09 55.00
CA ASN P 633 -28.39 15.94 54.52
C ASN P 633 -28.38 16.45 53.10
N TYR P 634 -27.36 17.22 52.74
CA TYR P 634 -27.29 17.78 51.41
C TYR P 634 -25.92 17.72 50.76
N ALA P 635 -25.83 18.16 49.50
CA ALA P 635 -24.56 18.15 48.78
C ALA P 635 -24.61 18.94 47.48
N VAL P 636 -23.58 19.72 47.20
CA VAL P 636 -23.52 20.48 45.96
C VAL P 636 -22.55 19.73 45.06
N LEU P 637 -23.03 19.25 43.92
CA LEU P 637 -22.19 18.49 43.00
C LEU P 637 -22.03 19.28 41.71
N ILE P 648 -31.42 17.70 35.67
CA ILE P 648 -31.90 17.73 37.04
C ILE P 648 -32.98 16.67 37.23
N GLN P 649 -33.83 16.52 36.21
CA GLN P 649 -34.89 15.53 36.28
C GLN P 649 -34.30 14.14 36.36
N ASP P 650 -33.25 13.88 35.60
CA ASP P 650 -32.62 12.56 35.61
C ASP P 650 -31.94 12.21 36.93
N VAL P 651 -31.16 13.16 37.44
CA VAL P 651 -30.45 12.93 38.69
C VAL P 651 -31.42 12.75 39.83
N SER P 652 -32.47 13.56 39.87
CA SER P 652 -33.42 13.46 40.96
C SER P 652 -34.06 12.06 40.96
N ASN P 653 -34.40 11.58 39.77
CA ASN P 653 -35.03 10.27 39.62
C ASN P 653 -34.08 9.19 40.09
N ASP P 654 -32.84 9.28 39.64
CA ASP P 654 -31.83 8.31 39.99
C ASP P 654 -31.60 8.33 41.48
N VAL P 655 -31.68 9.52 42.08
CA VAL P 655 -31.49 9.64 43.51
C VAL P 655 -32.65 9.02 44.29
N ARG P 656 -33.87 9.36 43.88
CA ARG P 656 -35.06 8.86 44.55
C ARG P 656 -35.21 7.35 44.45
N GLU P 657 -34.89 6.82 43.27
CA GLU P 657 -34.98 5.40 43.07
C GLU P 657 -33.96 4.74 43.97
N THR P 658 -32.77 5.34 44.07
CA THR P 658 -31.73 4.78 44.91
C THR P 658 -32.20 4.74 46.36
N TYR P 659 -32.81 5.83 46.82
CA TYR P 659 -33.31 5.90 48.18
C TYR P 659 -34.39 4.85 48.34
N ALA P 660 -35.14 4.65 47.25
CA ALA P 660 -36.21 3.67 47.23
C ALA P 660 -35.66 2.27 47.35
N ARG P 661 -34.58 1.97 46.63
CA ARG P 661 -34.04 0.63 46.67
C ARG P 661 -33.71 0.23 48.08
N MET P 662 -33.19 1.17 48.87
CA MET P 662 -32.84 0.88 50.25
C MET P 662 -34.08 0.91 51.13
N ASN P 663 -35.24 0.88 50.49
CA ASN P 663 -36.52 0.91 51.21
C ASN P 663 -36.47 1.91 52.34
N ALA P 664 -36.45 3.19 51.98
CA ALA P 664 -36.42 4.26 52.94
C ALA P 664 -37.31 5.42 52.48
N LYS P 665 -38.20 5.86 53.36
CA LYS P 665 -39.10 6.97 53.04
C LYS P 665 -38.32 8.28 53.18
N VAL P 666 -38.18 9.00 52.08
CA VAL P 666 -37.45 10.26 52.11
C VAL P 666 -37.93 11.27 51.08
N LYS P 667 -37.61 12.52 51.36
CA LYS P 667 -37.97 13.65 50.50
C LYS P 667 -36.73 14.11 49.75
N ALA P 668 -36.35 13.37 48.71
CA ALA P 668 -35.16 13.73 47.96
C ALA P 668 -35.49 14.70 46.86
N LEU P 669 -35.15 15.97 47.06
CA LEU P 669 -35.38 17.00 46.03
C LEU P 669 -34.03 17.42 45.45
N VAL P 670 -34.05 18.28 44.44
CA VAL P 670 -32.83 18.74 43.79
C VAL P 670 -33.03 20.09 43.15
N SER P 671 -32.11 21.02 43.36
CA SER P 671 -32.23 22.34 42.75
C SER P 671 -30.88 22.88 42.27
N VAL P 673 -30.32 26.54 43.01
CA VAL P 673 -30.16 27.80 43.69
C VAL P 673 -30.63 27.84 45.13
N GLY P 674 -31.49 26.90 45.50
CA GLY P 674 -31.97 26.92 46.87
C GLY P 674 -32.16 25.57 47.52
N ILE P 675 -32.24 25.58 48.85
CA ILE P 675 -32.46 24.37 49.62
C ILE P 675 -33.28 24.68 50.86
N GLU P 676 -34.04 23.68 51.29
CA GLU P 676 -34.88 23.78 52.47
C GLU P 676 -34.55 22.60 53.35
N ILE P 677 -34.60 22.81 54.65
CA ILE P 677 -34.37 21.75 55.58
C ILE P 677 -35.06 22.18 56.85
N ALA P 678 -35.09 21.30 57.82
CA ALA P 678 -35.78 21.57 59.07
C ALA P 678 -35.35 22.82 59.85
N LYS P 679 -34.07 23.16 59.78
CA LYS P 679 -33.58 24.31 60.52
C LYS P 679 -33.53 25.63 59.73
N ARG P 680 -33.26 25.56 58.44
CA ARG P 680 -33.15 26.79 57.66
C ARG P 680 -33.43 26.62 56.17
N TYR P 681 -34.08 27.58 55.55
CA TYR P 681 -34.30 27.45 54.12
C TYR P 681 -33.68 28.60 53.35
N ILE P 682 -32.95 28.28 52.30
CA ILE P 682 -32.28 29.30 51.50
C ILE P 682 -32.97 29.58 50.20
N ALA P 683 -33.96 30.46 50.23
CA ALA P 683 -34.68 30.80 49.02
C ALA P 683 -34.20 32.12 48.42
N GLY P 684 -33.76 32.07 47.17
CA GLY P 684 -33.31 33.27 46.52
C GLY P 684 -31.91 33.71 46.87
N GLY P 685 -31.10 32.78 47.35
CA GLY P 685 -29.73 33.13 47.71
C GLY P 685 -29.69 33.82 49.06
N LYS P 686 -30.86 34.05 49.64
CA LYS P 686 -30.96 34.68 50.95
C LYS P 686 -31.31 33.63 52.00
N ILE P 687 -30.76 33.78 53.21
CA ILE P 687 -31.02 32.81 54.28
C ILE P 687 -32.29 33.12 55.04
N PHE P 688 -33.14 32.12 55.18
CA PHE P 688 -34.41 32.27 55.91
C PHE P 688 -34.54 31.26 57.06
N PHE P 689 -35.29 31.63 58.10
CA PHE P 689 -35.49 30.76 59.25
C PHE P 689 -36.98 30.73 59.55
N ARG P 690 -37.53 29.57 59.95
CA ARG P 690 -38.95 29.55 60.21
C ARG P 690 -39.20 30.32 61.49
N ALA P 691 -40.40 30.86 61.63
CA ALA P 691 -40.75 31.66 62.79
C ALA P 691 -42.02 31.24 63.51
N GLY P 692 -42.23 29.92 63.60
CA GLY P 692 -43.45 29.46 64.24
C GLY P 692 -43.37 28.81 65.60
N ILE P 693 -43.08 29.59 66.64
CA ILE P 693 -43.03 29.05 67.99
C ILE P 693 -44.32 29.40 68.71
N ASN P 694 -45.19 28.41 68.86
CA ASN P 694 -46.45 28.61 69.54
C ASN P 694 -46.21 29.34 70.84
N LEU P 695 -46.94 30.43 71.04
CA LEU P 695 -46.78 31.26 72.22
C LEU P 695 -47.79 31.00 73.34
N LEU P 696 -49.03 30.69 72.96
CA LEU P 696 -50.10 30.46 73.91
C LEU P 696 -50.50 29.01 74.09
N ASN P 697 -49.64 28.08 73.67
CA ASN P 697 -49.87 26.65 73.79
C ASN P 697 -48.51 25.97 73.87
N ASN P 698 -48.09 25.54 75.05
CA ASN P 698 -46.78 24.87 75.17
C ASN P 698 -46.84 23.40 74.82
N GLU P 699 -45.70 22.81 74.49
CA GLU P 699 -45.62 21.40 74.13
C GLU P 699 -45.90 20.46 75.31
N LYS P 700 -45.13 20.62 76.38
CA LYS P 700 -45.33 19.79 77.55
C LYS P 700 -45.26 20.62 78.83
N ARG P 701 -45.86 20.10 79.89
CA ARG P 701 -45.89 20.78 81.17
C ARG P 701 -44.62 20.48 81.94
N GLY P 702 -43.63 21.36 81.84
CA GLY P 702 -42.38 21.17 82.55
C GLY P 702 -42.50 21.49 84.02
N GLN P 703 -41.44 22.05 84.60
CA GLN P 703 -41.41 22.40 86.01
C GLN P 703 -41.17 23.90 86.24
N SER P 704 -41.30 24.69 85.18
CA SER P 704 -41.11 26.13 85.25
C SER P 704 -42.22 26.74 86.09
N THR P 705 -42.07 28.01 86.45
CA THR P 705 -43.10 28.66 87.26
C THR P 705 -43.85 29.66 86.41
N GLN P 706 -44.87 30.28 86.99
CA GLN P 706 -45.66 31.23 86.24
C GLN P 706 -44.77 32.40 85.81
N TRP P 707 -43.88 32.85 86.70
CA TRP P 707 -43.00 33.98 86.37
C TRP P 707 -42.04 33.64 85.27
N ASP P 708 -41.41 32.49 85.41
CA ASP P 708 -40.46 32.01 84.45
C ASP P 708 -41.19 31.71 83.14
N GLN P 709 -42.45 31.31 83.27
CA GLN P 709 -43.27 31.01 82.10
C GLN P 709 -43.39 32.27 81.26
N ALA P 710 -43.53 33.41 81.94
CA ALA P 710 -43.65 34.67 81.24
C ALA P 710 -42.35 35.10 80.59
N ALA P 711 -41.25 35.00 81.32
CA ALA P 711 -39.94 35.39 80.80
C ALA P 711 -39.63 34.51 79.59
N ILE P 712 -40.11 33.27 79.65
CA ILE P 712 -39.96 32.32 78.55
C ILE P 712 -40.82 32.76 77.39
N LEU P 713 -42.03 33.23 77.69
CA LEU P 713 -42.96 33.68 76.64
C LEU P 713 -42.39 34.88 75.92
N TYR P 714 -41.83 35.83 76.68
CA TYR P 714 -41.21 37.00 76.09
C TYR P 714 -40.00 36.55 75.26
N SER P 715 -39.28 35.54 75.72
CA SER P 715 -38.14 35.10 74.94
C SER P 715 -38.65 34.62 73.61
N ASN P 716 -39.71 33.82 73.65
CA ASN P 716 -40.27 33.25 72.43
C ASN P 716 -40.75 34.29 71.46
N TYR P 717 -41.35 35.34 72.01
CA TYR P 717 -41.85 36.45 71.21
C TYR P 717 -40.73 37.13 70.44
N ILE P 718 -39.62 37.41 71.12
CA ILE P 718 -38.48 38.07 70.47
C ILE P 718 -37.89 37.19 69.38
N VAL P 719 -37.80 35.89 69.62
CA VAL P 719 -37.22 35.06 68.59
C VAL P 719 -38.07 35.12 67.34
N ASN P 720 -39.38 35.12 67.54
CA ASN P 720 -40.30 35.16 66.42
C ASN P 720 -40.22 36.45 65.68
N ARG P 721 -40.17 37.54 66.42
CA ARG P 721 -40.11 38.82 65.77
C ARG P 721 -38.87 38.83 64.91
N LEU P 722 -37.76 38.38 65.48
CA LEU P 722 -36.51 38.38 64.74
C LEU P 722 -36.60 37.50 63.51
N ARG P 723 -37.27 36.36 63.60
CA ARG P 723 -37.37 35.44 62.45
C ARG P 723 -38.41 35.82 61.41
N GLY P 724 -39.51 36.44 61.84
CA GLY P 724 -40.55 36.84 60.90
C GLY P 724 -41.87 37.13 61.59
N PHE P 725 -42.54 36.09 62.08
CA PHE P 725 -43.81 36.20 62.78
C PHE P 725 -43.67 37.24 63.86
N GLU P 726 -44.69 38.07 64.08
CA GLU P 726 -44.65 39.11 65.12
C GLU P 726 -45.95 39.31 65.88
N THR P 727 -46.03 38.80 67.10
CA THR P 727 -47.24 38.98 67.89
C THR P 727 -47.15 40.40 68.48
N ASP P 728 -48.22 41.17 68.35
CA ASP P 728 -48.27 42.54 68.84
C ASP P 728 -47.72 42.65 70.26
N ARG P 729 -46.71 43.50 70.45
CA ARG P 729 -46.03 43.68 71.75
C ARG P 729 -46.95 44.09 72.88
N GLU P 730 -48.01 44.81 72.56
CA GLU P 730 -48.95 45.21 73.59
C GLU P 730 -49.60 43.99 74.19
N PHE P 731 -49.87 42.98 73.35
CA PHE P 731 -50.51 41.75 73.82
C PHE P 731 -49.58 41.03 74.77
N ILE P 732 -48.30 40.99 74.40
CA ILE P 732 -47.30 40.34 75.24
C ILE P 732 -47.18 41.07 76.57
N LEU P 733 -47.27 42.38 76.54
CA LEU P 733 -47.17 43.12 77.78
C LEU P 733 -48.33 42.70 78.66
N THR P 734 -49.48 42.51 78.05
CA THR P 734 -50.68 42.14 78.78
C THR P 734 -50.51 40.79 79.45
N LYS P 735 -49.91 39.85 78.74
CA LYS P 735 -49.71 38.51 79.28
C LYS P 735 -48.78 38.53 80.49
N ILE P 736 -47.73 39.32 80.37
CA ILE P 736 -46.75 39.48 81.43
C ILE P 736 -47.43 40.10 82.64
N MET P 737 -48.37 40.99 82.39
CA MET P 737 -49.13 41.63 83.45
C MET P 737 -49.96 40.57 84.16
N GLN P 738 -50.57 39.68 83.39
CA GLN P 738 -51.39 38.62 83.98
C GLN P 738 -50.54 37.55 84.66
N MET P 739 -49.50 37.11 83.97
CA MET P 739 -48.61 36.07 84.46
C MET P 739 -47.70 36.38 85.68
N THR P 740 -47.29 37.64 85.83
CA THR P 740 -46.43 38.06 86.94
C THR P 740 -47.20 38.39 88.21
N SER P 741 -48.33 39.03 88.08
CA SER P 741 -49.11 39.38 89.26
C SER P 741 -49.31 38.23 90.23
N VAL P 742 -49.37 38.56 91.52
CA VAL P 742 -49.55 37.57 92.58
C VAL P 742 -50.50 38.12 93.62
N ALA P 743 -51.40 37.28 94.12
CA ALA P 743 -52.39 37.68 95.12
C ALA P 743 -51.94 37.42 96.55
N ILE P 744 -52.16 38.41 97.42
CA ILE P 744 -51.80 38.26 98.82
C ILE P 744 -53.06 37.88 99.61
N THR P 745 -54.22 38.28 99.08
CA THR P 745 -55.52 37.94 99.68
C THR P 745 -56.43 37.42 98.59
N GLY P 746 -57.67 37.13 98.93
CA GLY P 746 -58.59 36.62 97.94
C GLY P 746 -59.17 37.72 97.07
N SER P 747 -58.94 38.96 97.48
CA SER P 747 -59.47 40.10 96.74
C SER P 747 -58.41 41.18 96.57
N LEU P 748 -57.16 40.77 96.53
CA LEU P 748 -56.05 41.71 96.38
C LEU P 748 -54.86 41.09 95.66
N ARG P 749 -54.67 41.52 94.42
CA ARG P 749 -53.55 41.07 93.62
C ARG P 749 -52.48 42.17 93.63
N LEU P 750 -51.22 41.77 93.44
CA LEU P 750 -50.10 42.71 93.44
C LEU P 750 -49.34 42.67 92.11
N PHE P 751 -49.62 43.61 91.23
CA PHE P 751 -48.96 43.63 89.93
C PHE P 751 -47.61 44.32 90.01
N PRO P 752 -46.52 43.58 89.80
CA PRO P 752 -45.17 44.12 89.84
C PRO P 752 -44.98 45.19 88.78
N SER P 753 -44.16 46.19 89.09
CA SER P 753 -43.90 47.30 88.18
C SER P 753 -42.92 46.97 87.07
N GLU P 754 -42.77 47.91 86.14
CA GLU P 754 -41.86 47.75 85.01
C GLU P 754 -40.41 47.73 85.49
N ARG P 755 -40.08 48.56 86.48
CA ARG P 755 -38.74 48.57 87.01
C ARG P 755 -38.44 47.23 87.66
N VAL P 756 -39.39 46.68 88.39
CA VAL P 756 -39.15 45.39 89.03
C VAL P 756 -38.96 44.33 87.95
N LEU P 757 -39.82 44.38 86.94
CA LEU P 757 -39.79 43.40 85.86
C LEU P 757 -38.64 43.40 84.84
N THR P 758 -38.15 44.59 84.49
CA THR P 758 -37.07 44.67 83.51
C THR P 758 -35.67 44.89 84.06
N THR P 759 -35.55 45.30 85.32
CA THR P 759 -34.24 45.52 85.89
C THR P 759 -33.48 44.21 85.87
N ASN P 760 -32.26 44.25 85.34
CA ASN P 760 -31.43 43.06 85.25
C ASN P 760 -31.23 42.33 86.58
N SER P 761 -31.98 41.24 86.77
CA SER P 761 -31.89 40.43 87.98
C SER P 761 -32.34 38.99 87.73
N THR P 762 -32.50 38.22 88.81
CA THR P 762 -32.92 36.83 88.72
C THR P 762 -34.40 36.68 88.53
N PHE P 763 -35.08 37.82 88.43
CA PHE P 763 -36.51 37.86 88.22
C PHE P 763 -36.85 38.66 86.97
N LYS P 764 -35.81 39.09 86.24
CA LYS P 764 -36.03 39.89 85.04
C LYS P 764 -36.78 39.10 84.00
N VAL P 765 -37.92 39.64 83.57
CA VAL P 765 -38.75 38.97 82.57
C VAL P 765 -38.55 39.45 81.12
N PHE P 766 -38.40 40.76 80.91
CA PHE P 766 -38.21 41.29 79.56
C PHE P 766 -37.37 42.55 79.55
N ASP P 767 -37.49 43.35 78.48
CA ASP P 767 -36.75 44.61 78.32
C ASP P 767 -37.75 45.71 78.03
N SER P 768 -37.41 46.94 78.38
CA SER P 768 -38.35 48.04 78.15
C SER P 768 -38.30 48.52 76.70
N GLU P 769 -37.45 47.85 75.91
CA GLU P 769 -37.28 48.13 74.50
C GLU P 769 -36.65 46.90 73.88
N ASP P 770 -37.46 46.08 73.23
CA ASP P 770 -36.97 44.85 72.60
C ASP P 770 -35.62 45.04 71.93
N PHE P 771 -34.78 44.02 72.07
CA PHE P 771 -33.45 43.99 71.48
C PHE P 771 -32.41 44.84 72.19
N ILE P 772 -32.84 45.55 73.22
CA ILE P 772 -31.94 46.41 73.98
C ILE P 772 -31.94 46.07 75.46
N ILE P 773 -30.76 45.78 76.01
CA ILE P 773 -30.64 45.46 77.42
C ILE P 773 -30.09 46.64 78.23
N GLU P 774 -30.79 47.06 79.29
CA GLU P 774 -30.31 48.17 80.12
C GLU P 774 -29.61 47.66 81.36
N TYR P 775 -28.95 48.60 82.04
CA TYR P 775 -28.21 48.32 83.26
C TYR P 775 -28.34 49.51 84.21
N GLY P 776 -28.54 49.21 85.49
CA GLY P 776 -28.70 50.26 86.49
C GLY P 776 -27.78 51.43 86.29
N THR P 777 -28.36 52.58 85.95
CA THR P 777 -27.55 53.77 85.78
C THR P 777 -27.93 54.76 86.86
N THR P 778 -29.19 54.72 87.27
CA THR P 778 -29.66 55.62 88.31
C THR P 778 -29.42 54.96 89.67
N VAL P 779 -29.46 55.78 90.72
CA VAL P 779 -29.26 55.31 92.08
C VAL P 779 -30.37 54.33 92.46
N ASP P 780 -31.59 54.64 92.04
CA ASP P 780 -32.73 53.78 92.35
C ASP P 780 -32.55 52.39 91.76
N GLU P 781 -32.12 52.31 90.51
CA GLU P 781 -31.97 51.01 89.87
C GLU P 781 -30.96 50.18 90.63
N VAL P 782 -29.84 50.78 90.99
CA VAL P 782 -28.82 50.07 91.74
C VAL P 782 -29.32 49.77 93.15
N TYR P 783 -30.02 50.73 93.74
CA TYR P 783 -30.52 50.56 95.10
C TYR P 783 -31.40 49.32 95.11
N ILE P 784 -32.30 49.24 94.14
CA ILE P 784 -33.19 48.10 93.99
C ILE P 784 -32.43 46.88 93.52
N GLN P 785 -31.42 47.10 92.68
CA GLN P 785 -30.64 46.02 92.12
C GLN P 785 -29.93 45.20 93.21
N ARG P 786 -29.30 45.89 94.16
CA ARG P 786 -28.60 45.22 95.27
C ARG P 786 -29.62 44.55 96.17
N ALA P 787 -30.77 45.21 96.32
CA ALA P 787 -31.84 44.69 97.15
C ALA P 787 -32.45 43.38 96.63
N PHE P 788 -32.61 43.26 95.32
CA PHE P 788 -33.18 42.04 94.76
C PHE P 788 -32.29 40.82 94.92
N MET P 789 -30.98 40.99 94.78
CA MET P 789 -30.06 39.87 94.87
C MET P 789 -30.26 39.17 96.20
N SER P 790 -30.53 39.96 97.25
CA SER P 790 -30.75 39.41 98.58
C SER P 790 -31.59 38.13 98.57
N LEU P 791 -32.90 38.29 98.37
CA LEU P 791 -33.78 37.13 98.33
C LEU P 791 -33.75 36.39 97.00
N SER P 792 -32.55 36.18 96.46
CA SER P 792 -32.39 35.49 95.18
C SER P 792 -32.37 33.98 95.36
N SER P 793 -31.56 33.51 96.30
CA SER P 793 -31.47 32.08 96.57
C SER P 793 -31.91 31.78 98.00
N GLN P 794 -33.12 31.25 98.12
CA GLN P 794 -33.68 30.90 99.42
C GLN P 794 -33.65 29.41 99.64
N LYS P 795 -32.91 29.00 100.66
CA LYS P 795 -32.75 27.58 101.00
C LYS P 795 -34.03 26.75 100.87
N SER P 796 -33.86 25.46 100.64
CA SER P 796 -34.99 24.54 100.52
C SER P 796 -34.92 23.53 101.67
N GLY P 797 -35.97 23.47 102.48
CA GLY P 797 -36.00 22.56 103.60
C GLY P 797 -36.08 21.11 103.16
N ILE P 798 -35.36 20.80 102.08
CA ILE P 798 -35.32 19.45 101.53
C ILE P 798 -33.97 19.25 100.86
N ALA P 799 -33.53 20.26 100.12
CA ALA P 799 -32.25 20.23 99.39
C ALA P 799 -31.03 20.19 100.30
N ASP P 800 -31.25 20.43 101.60
CA ASP P 800 -30.15 20.41 102.56
C ASP P 800 -30.11 19.08 103.30
N GLU P 801 -31.28 18.62 103.74
CA GLU P 801 -31.41 17.35 104.45
C GLU P 801 -30.94 16.20 103.58
N ILE P 802 -31.15 16.35 102.27
CA ILE P 802 -30.76 15.33 101.31
C ILE P 802 -29.24 15.14 101.28
N ALA P 803 -28.53 16.23 101.57
CA ALA P 803 -27.07 16.20 101.59
C ALA P 803 -26.64 15.79 102.99
N ALA P 804 -27.62 15.58 103.87
CA ALA P 804 -27.37 15.20 105.26
C ALA P 804 -27.35 13.68 105.46
N SER P 805 -27.94 12.95 104.53
CA SER P 805 -27.97 11.49 104.61
C SER P 805 -26.64 10.90 104.16
N SER P 806 -26.38 9.67 104.62
CA SER P 806 -25.14 8.98 104.27
C SER P 806 -25.03 8.80 102.77
N THR P 807 -26.19 8.74 102.10
CA THR P 807 -26.26 8.55 100.67
C THR P 807 -25.53 9.64 99.91
N PHE P 808 -25.91 10.88 100.17
CA PHE P 808 -25.29 12.03 99.51
C PHE P 808 -23.80 12.10 99.85
N LYS P 809 -23.47 11.95 101.12
CA LYS P 809 -22.08 12.01 101.56
C LYS P 809 -21.23 10.90 100.92
N ASN P 810 -21.78 9.69 100.85
CA ASN P 810 -21.08 8.55 100.25
C ASN P 810 -20.89 8.73 98.75
N TYR P 811 -21.92 9.25 98.10
CA TYR P 811 -21.91 9.46 96.66
C TYR P 811 -20.86 10.51 96.27
N VAL P 812 -20.82 11.61 97.02
CA VAL P 812 -19.88 12.70 96.76
C VAL P 812 -18.46 12.23 97.03
N THR P 813 -18.28 11.58 98.18
CA THR P 813 -16.98 11.10 98.58
C THR P 813 -16.54 10.00 97.64
N ARG P 814 -17.47 9.14 97.27
CA ARG P 814 -17.14 8.03 96.39
C ARG P 814 -16.66 8.58 95.05
N LEU P 815 -17.33 9.60 94.55
CA LEU P 815 -16.92 10.19 93.28
C LEU P 815 -15.57 10.88 93.42
N SER P 816 -15.41 11.61 94.52
CA SER P 816 -14.17 12.33 94.76
C SER P 816 -12.96 11.43 95.02
N GLU P 817 -13.13 10.41 95.85
CA GLU P 817 -12.04 9.49 96.17
C GLU P 817 -11.28 8.99 94.96
N GLN P 818 -11.94 9.00 93.79
CA GLN P 818 -11.30 8.57 92.55
C GLN P 818 -11.06 9.77 91.64
N LEU P 819 -11.09 10.95 92.24
CA LEU P 819 -10.89 12.20 91.50
C LEU P 819 -9.87 13.11 92.20
N LEU P 820 -9.68 12.92 93.50
CA LEU P 820 -8.77 13.77 94.26
C LEU P 820 -7.57 13.06 94.91
N PHE P 821 -6.60 13.87 95.34
CA PHE P 821 -5.39 13.38 96.00
C PHE P 821 -5.06 14.29 97.20
N SER P 822 -4.93 15.58 96.93
CA SER P 822 -4.62 16.57 97.97
C SER P 822 -5.91 17.07 98.61
N LYS P 823 -5.96 18.36 98.96
CA LYS P 823 -7.16 18.93 99.58
C LYS P 823 -8.00 19.71 98.57
N ASN P 824 -8.73 18.92 97.77
CA ASN P 824 -9.64 19.32 96.70
C ASN P 824 -10.88 20.17 96.96
N ASN P 825 -11.25 20.36 98.22
CA ASN P 825 -12.50 21.03 98.59
C ASN P 825 -13.00 22.17 97.70
N ILE P 826 -12.12 22.90 97.03
CA ILE P 826 -12.65 23.94 96.13
C ILE P 826 -13.49 23.18 95.11
N VAL P 827 -12.97 22.05 94.64
CA VAL P 827 -13.64 21.17 93.69
C VAL P 827 -14.80 20.46 94.39
N SER P 828 -14.55 20.05 95.62
CA SER P 828 -15.54 19.33 96.41
C SER P 828 -16.77 20.17 96.74
N ARG P 829 -16.58 21.43 97.08
CA ARG P 829 -17.71 22.31 97.41
C ARG P 829 -18.64 22.49 96.23
N GLY P 830 -18.04 22.59 95.03
CA GLY P 830 -18.82 22.77 93.81
C GLY P 830 -19.67 21.60 93.39
N ILE P 831 -19.15 20.40 93.58
CA ILE P 831 -19.88 19.19 93.20
C ILE P 831 -21.18 19.07 93.98
N ALA P 832 -21.14 19.41 95.26
CA ALA P 832 -22.32 19.32 96.11
C ALA P 832 -23.42 20.25 95.63
N LEU P 833 -23.04 21.48 95.34
CA LEU P 833 -24.00 22.48 94.87
C LEU P 833 -24.45 22.12 93.46
N THR P 834 -23.61 21.39 92.74
CA THR P 834 -23.94 20.97 91.38
C THR P 834 -25.23 20.16 91.43
N GLU P 835 -25.41 19.44 92.53
CA GLU P 835 -26.59 18.60 92.71
C GLU P 835 -27.68 19.42 93.40
N LYS P 836 -27.28 20.24 94.36
CA LYS P 836 -28.22 21.08 95.11
C LYS P 836 -28.83 22.15 94.23
N ALA P 837 -28.39 22.21 92.97
CA ALA P 837 -28.89 23.19 92.02
C ALA P 837 -29.95 22.59 91.11
N LYS P 838 -29.93 21.27 90.98
CA LYS P 838 -30.90 20.56 90.14
C LYS P 838 -31.94 19.87 91.02
N LEU P 839 -31.53 19.47 92.21
CA LEU P 839 -32.39 18.79 93.17
C LEU P 839 -33.78 19.42 93.32
N ASN P 840 -33.83 20.75 93.23
CA ASN P 840 -35.10 21.49 93.35
C ASN P 840 -36.15 20.95 92.37
N SER P 841 -35.68 20.45 91.24
CA SER P 841 -36.57 19.89 90.22
C SER P 841 -37.68 19.10 90.89
N TYR P 842 -37.28 18.16 91.75
CA TYR P 842 -38.22 17.32 92.48
C TYR P 842 -39.32 18.22 93.04
N ALA P 843 -40.54 18.04 92.54
CA ALA P 843 -41.72 18.81 92.92
C ALA P 843 -41.72 19.34 94.36
N PRO P 844 -41.61 18.45 95.36
CA PRO P 844 -41.60 18.89 96.76
C PRO P 844 -40.56 19.97 97.07
N ILE P 845 -39.56 20.12 96.20
CA ILE P 845 -38.51 21.11 96.39
C ILE P 845 -38.74 22.36 95.52
N SER P 846 -39.12 22.15 94.25
CA SER P 846 -39.38 23.27 93.34
C SER P 846 -40.63 24.01 93.81
N LEU P 847 -41.63 23.23 94.22
CA LEU P 847 -42.90 23.75 94.75
C LEU P 847 -42.75 24.42 96.10
N GLU P 848 -41.91 23.81 96.96
CA GLU P 848 -41.63 24.35 98.30
C GLU P 848 -40.87 25.68 98.15
N LYS P 849 -39.90 25.70 97.26
CA LYS P 849 -39.10 26.90 97.02
C LYS P 849 -39.94 27.99 96.33
N ARG P 850 -40.76 27.57 95.36
CA ARG P 850 -41.61 28.50 94.61
C ARG P 850 -42.70 29.13 95.48
N ARG P 851 -43.35 28.33 96.32
CA ARG P 851 -44.41 28.83 97.22
C ARG P 851 -43.86 29.73 98.32
N ALA P 852 -42.70 29.34 98.87
CA ALA P 852 -42.02 30.09 99.92
C ALA P 852 -41.49 31.43 99.38
N GLN P 853 -41.04 31.42 98.13
CA GLN P 853 -40.51 32.60 97.46
C GLN P 853 -41.54 33.73 97.37
N ILE P 854 -42.81 33.35 97.24
CA ILE P 854 -43.91 34.31 97.16
C ILE P 854 -44.02 35.13 98.45
N SER P 855 -43.89 34.46 99.61
CA SER P 855 -43.99 35.15 100.90
C SER P 855 -42.86 36.16 101.05
N ALA P 856 -41.67 35.74 100.64
CA ALA P 856 -40.50 36.59 100.70
C ALA P 856 -40.61 37.73 99.69
N LEU P 857 -41.06 37.38 98.48
CA LEU P 857 -41.20 38.35 97.41
C LEU P 857 -42.24 39.43 97.71
N LEU P 858 -43.39 39.03 98.25
CA LEU P 858 -44.46 39.98 98.57
C LEU P 858 -43.98 40.94 99.65
N THR P 859 -43.34 40.39 100.67
CA THR P 859 -42.81 41.17 101.77
C THR P 859 -41.67 42.06 101.27
N MET P 860 -40.91 41.56 100.30
CA MET P 860 -39.77 42.29 99.77
C MET P 860 -40.19 43.63 99.19
N LEU P 861 -41.29 43.65 98.44
CA LEU P 861 -41.76 44.91 97.87
C LEU P 861 -42.12 45.88 99.01
N GLN P 862 -42.70 45.34 100.08
CA GLN P 862 -43.11 46.16 101.21
C GLN P 862 -42.01 47.10 101.71
N LYS P 863 -41.09 46.58 102.53
CA LYS P 863 -40.02 47.43 103.08
C LYS P 863 -38.65 46.77 103.18
N PRO P 864 -37.64 47.39 102.53
CA PRO P 864 -36.24 46.92 102.51
C PRO P 864 -35.38 47.77 103.45
N VAL P 865 -34.68 48.73 102.85
CA VAL P 865 -33.79 49.68 103.54
C VAL P 865 -32.73 49.09 104.48
N THR P 866 -32.68 47.77 104.61
CA THR P 866 -31.69 47.13 105.48
C THR P 866 -30.91 45.99 104.81
N PHE P 867 -29.93 46.34 103.99
CA PHE P 867 -29.12 45.34 103.29
C PHE P 867 -27.62 45.62 103.38
N LYS P 868 -26.86 44.58 103.74
CA LYS P 868 -25.41 44.71 103.88
C LYS P 868 -24.72 44.36 102.56
N SER P 869 -24.96 45.19 101.55
CA SER P 869 -24.36 44.99 100.24
C SER P 869 -22.84 45.02 100.32
N SER P 870 -22.19 44.26 99.44
CA SER P 870 -20.74 44.22 99.40
C SER P 870 -20.30 43.51 98.14
N LYS P 871 -21.23 42.77 97.54
CA LYS P 871 -20.96 42.03 96.31
C LYS P 871 -21.16 42.94 95.10
N ILE P 872 -20.27 42.83 94.13
CA ILE P 872 -20.37 43.65 92.94
C ILE P 872 -20.68 42.85 91.68
N THR P 873 -21.42 43.48 90.79
CA THR P 873 -21.83 42.87 89.54
C THR P 873 -21.54 43.76 88.34
N ILE P 874 -21.93 43.30 87.16
CA ILE P 874 -21.73 44.01 85.91
C ILE P 874 -22.38 45.39 86.05
N ASN P 875 -23.50 45.44 86.75
CA ASN P 875 -24.21 46.69 86.94
C ASN P 875 -23.33 47.70 87.65
N ASP P 876 -22.64 47.25 88.69
CA ASP P 876 -21.78 48.13 89.43
C ASP P 876 -20.55 48.52 88.63
N ILE P 877 -19.98 47.59 87.89
CA ILE P 877 -18.80 47.88 87.09
C ILE P 877 -19.10 48.85 85.94
N LEU P 878 -20.18 48.58 85.22
CA LEU P 878 -20.54 49.41 84.09
C LEU P 878 -20.91 50.80 84.53
N ARG P 879 -21.60 50.91 85.65
CA ARG P 879 -22.03 52.20 86.16
C ARG P 879 -20.79 53.06 86.40
N ASP P 880 -19.69 52.44 86.80
CA ASP P 880 -18.47 53.18 87.06
C ASP P 880 -17.87 53.79 85.79
N ILE P 881 -17.82 53.00 84.72
CA ILE P 881 -17.23 53.46 83.46
C ILE P 881 -18.01 54.54 82.72
N LYS P 882 -19.33 54.55 82.90
CA LYS P 882 -20.17 55.49 82.19
C LYS P 882 -19.67 56.93 82.13
N PRO P 883 -19.42 57.54 83.30
CA PRO P 883 -18.94 58.94 83.40
C PRO P 883 -17.68 59.29 82.62
N PHE P 884 -16.88 58.29 82.27
CA PHE P 884 -15.62 58.52 81.56
C PHE P 884 -15.72 58.44 80.06
N PHE P 885 -16.93 58.23 79.55
CA PHE P 885 -17.13 58.13 78.10
C PHE P 885 -17.78 59.40 77.56
N THR P 886 -17.17 59.96 76.52
CA THR P 886 -17.69 61.17 75.92
C THR P 886 -18.32 60.89 74.56
N VAL P 887 -19.65 60.95 74.51
CA VAL P 887 -20.37 60.68 73.27
C VAL P 887 -20.57 61.86 72.33
N SER P 888 -20.43 61.60 71.03
CA SER P 888 -20.61 62.63 70.01
C SER P 888 -21.13 62.02 68.73
N ASP P 889 -22.10 62.69 68.10
CA ASP P 889 -22.68 62.21 66.87
C ASP P 889 -21.64 61.79 65.86
N ALA P 890 -21.83 60.61 65.30
CA ALA P 890 -20.96 60.04 64.28
C ALA P 890 -21.87 59.48 63.19
N HIS P 891 -21.30 59.13 62.05
CA HIS P 891 -22.11 58.61 60.96
C HIS P 891 -21.55 57.34 60.35
N LEU P 892 -22.44 56.42 60.05
CA LEU P 892 -22.09 55.14 59.45
C LEU P 892 -22.99 54.82 58.25
N PRO P 893 -22.39 54.59 57.09
CA PRO P 893 -23.09 54.28 55.86
C PRO P 893 -23.43 52.81 55.74
N ILE P 894 -24.52 52.53 55.03
CA ILE P 894 -24.97 51.15 54.83
C ILE P 894 -24.22 50.57 53.64
N GLN P 895 -23.42 49.54 53.86
CA GLN P 895 -22.66 48.94 52.77
C GLN P 895 -22.91 47.46 52.53
N TYR P 896 -23.20 46.72 53.58
CA TYR P 896 -23.46 45.29 53.47
C TYR P 896 -24.91 45.05 53.09
N GLN P 897 -25.12 44.20 52.08
CA GLN P 897 -26.46 43.89 51.61
C GLN P 897 -27.24 43.05 52.60
N LYS P 898 -28.46 42.69 52.23
CA LYS P 898 -29.30 41.89 53.10
C LYS P 898 -29.31 40.42 52.71
N PHE P 899 -29.39 39.56 53.71
CA PHE P 899 -29.41 38.11 53.50
C PHE P 899 -30.38 37.41 54.45
N MET P 900 -30.91 38.16 55.42
CA MET P 900 -31.88 37.63 56.37
C MET P 900 -33.02 38.63 56.37
N PRO P 901 -33.67 38.81 55.22
CA PRO P 901 -34.78 39.72 54.97
C PRO P 901 -35.84 39.86 56.03
N THR P 902 -35.96 38.92 56.96
CA THR P 902 -37.00 39.02 57.97
C THR P 902 -36.66 39.91 59.16
N LEU P 903 -35.37 40.06 59.43
CA LEU P 903 -34.94 40.88 60.55
C LEU P 903 -35.62 42.24 60.57
N PRO P 904 -36.15 42.62 61.74
CA PRO P 904 -36.81 43.91 61.91
C PRO P 904 -35.84 45.00 61.45
N ASP P 905 -36.38 46.03 60.82
CA ASP P 905 -35.56 47.10 60.29
C ASP P 905 -34.50 47.62 61.26
N ASN P 906 -34.86 47.90 62.51
CA ASN P 906 -33.83 48.41 63.39
C ASN P 906 -32.70 47.38 63.57
N VAL P 907 -33.01 46.10 63.64
CA VAL P 907 -31.97 45.08 63.78
C VAL P 907 -31.15 44.93 62.48
N GLN P 908 -31.87 44.92 61.37
CA GLN P 908 -31.25 44.76 60.06
C GLN P 908 -30.29 45.89 59.75
N TYR P 909 -30.62 47.08 60.24
CA TYR P 909 -29.79 48.26 60.01
C TYR P 909 -28.37 48.10 60.55
N ILE P 910 -28.22 47.46 61.70
CA ILE P 910 -26.90 47.26 62.31
C ILE P 910 -26.04 46.37 61.43
N ILE P 911 -26.63 45.30 60.92
CA ILE P 911 -25.91 44.38 60.05
C ILE P 911 -25.53 45.08 58.74
N GLN P 912 -26.41 45.94 58.24
CA GLN P 912 -26.19 46.69 57.00
C GLN P 912 -24.97 47.61 57.13
N CYS P 913 -24.74 48.11 58.33
CA CYS P 913 -23.61 48.99 58.58
C CYS P 913 -22.35 48.32 59.11
N ILE P 914 -22.46 47.43 60.09
CA ILE P 914 -21.27 46.79 60.61
C ILE P 914 -21.09 45.32 60.23
N GLY P 915 -22.10 44.72 59.64
CA GLY P 915 -21.95 43.32 59.23
C GLY P 915 -22.37 42.32 60.29
N SER P 916 -22.14 41.04 60.00
CA SER P 916 -22.49 39.98 60.94
C SER P 916 -21.45 38.89 60.99
N ARG P 917 -21.46 38.11 62.06
CA ARG P 917 -20.48 37.03 62.18
C ARG P 917 -21.03 35.63 61.94
N THR P 918 -20.16 34.72 61.51
CA THR P 918 -20.61 33.36 61.30
C THR P 918 -19.93 32.49 62.35
N TYR P 919 -19.74 33.06 63.54
CA TYR P 919 -19.11 32.34 64.64
C TYR P 919 -19.66 32.74 66.00
N GLN P 920 -19.42 31.87 66.98
CA GLN P 920 -19.85 32.07 68.37
C GLN P 920 -18.67 32.60 69.16
N ILE P 921 -18.93 33.48 70.11
CA ILE P 921 -17.85 34.04 70.91
C ILE P 921 -17.57 33.22 72.17
N GLU P 922 -16.41 32.56 72.19
CA GLU P 922 -15.98 31.75 73.32
C GLU P 922 -16.47 32.33 74.65
N ASP P 923 -17.44 31.67 75.27
CA ASP P 923 -18.00 32.17 76.52
C ASP P 923 -17.96 31.14 77.65
N ASP P 924 -16.96 30.27 77.64
CA ASP P 924 -16.84 29.24 78.66
C ASP P 924 -15.39 28.98 79.08
N GLY P 925 -14.45 29.68 78.43
CA GLY P 925 -13.04 29.50 78.75
C GLY P 925 -12.46 28.21 78.21
N SER P 926 -13.27 27.48 77.45
CA SER P 926 -12.87 26.22 76.87
C SER P 926 -11.57 26.32 76.06
N LYS P 927 -11.30 27.49 75.52
CA LYS P 927 -10.10 27.68 74.71
C LYS P 927 -8.92 28.33 75.44
N SER P 928 -8.70 27.93 76.70
CA SER P 928 -7.61 28.45 77.50
C SER P 928 -6.63 27.31 77.80
N ALA P 929 -5.36 27.67 77.99
CA ALA P 929 -4.32 26.68 78.25
C ALA P 929 -4.53 25.89 79.53
N ILE P 930 -4.98 26.57 80.59
CA ILE P 930 -5.21 25.89 81.86
C ILE P 930 -6.30 24.84 81.70
N SER P 931 -7.36 25.21 81.00
CA SER P 931 -8.46 24.29 80.81
C SER P 931 -7.96 23.07 80.06
N ARG P 932 -7.19 23.29 79.00
CA ARG P 932 -6.69 22.20 78.19
C ARG P 932 -5.85 21.28 79.05
N LEU P 933 -5.07 21.87 79.95
CA LEU P 933 -4.22 21.07 80.81
C LEU P 933 -5.08 20.24 81.76
N ILE P 934 -6.10 20.84 82.34
CA ILE P 934 -6.96 20.14 83.27
C ILE P 934 -7.62 18.97 82.54
N SER P 935 -7.96 19.20 81.26
CA SER P 935 -8.58 18.17 80.42
C SER P 935 -7.63 17.09 79.94
N SER P 938 -6.82 15.16 83.66
CA SER P 938 -8.00 14.82 84.45
C SER P 938 -9.26 14.83 83.56
N VAL P 939 -10.29 14.13 84.02
CA VAL P 939 -11.56 14.03 83.30
C VAL P 939 -12.53 15.08 83.81
N TYR P 940 -12.20 15.67 84.96
CA TYR P 940 -13.02 16.70 85.56
C TYR P 940 -13.19 17.87 84.60
N LYS P 941 -14.28 18.61 84.76
CA LYS P 941 -14.55 19.75 83.91
C LYS P 941 -15.11 20.90 84.75
N PRO P 942 -14.23 21.87 85.08
CA PRO P 942 -14.63 23.05 85.88
C PRO P 942 -15.29 24.09 84.98
N SER P 943 -16.40 24.66 85.44
CA SER P 943 -17.13 25.66 84.67
C SER P 943 -16.31 26.93 84.49
N ILE P 944 -16.87 27.89 83.78
CA ILE P 944 -16.19 29.16 83.55
C ILE P 944 -16.03 29.82 84.90
N GLU P 945 -17.04 29.70 85.76
CA GLU P 945 -17.01 30.30 87.08
C GLU P 945 -15.83 29.77 87.89
N GLU P 946 -15.64 28.46 87.84
CA GLU P 946 -14.55 27.85 88.59
C GLU P 946 -13.21 28.29 88.04
N LEU P 947 -13.08 28.31 86.71
CA LEU P 947 -11.84 28.73 86.08
C LEU P 947 -11.59 30.17 86.46
N TYR P 948 -12.66 30.96 86.53
CA TYR P 948 -12.57 32.37 86.89
C TYR P 948 -12.07 32.54 88.33
N LYS P 949 -12.63 31.77 89.25
CA LYS P 949 -12.22 31.86 90.65
C LYS P 949 -10.80 31.33 90.81
N VAL P 950 -10.51 30.22 90.15
CA VAL P 950 -9.20 29.59 90.21
C VAL P 950 -8.09 30.48 89.64
N ILE P 951 -8.37 31.10 88.50
CA ILE P 951 -7.42 31.98 87.83
C ILE P 951 -7.10 33.18 88.73
N SER P 952 -8.10 33.65 89.46
CA SER P 952 -7.92 34.77 90.36
C SER P 952 -7.11 34.41 91.59
N LEU P 953 -6.53 33.21 91.61
CA LEU P 953 -5.74 32.77 92.77
C LEU P 953 -4.25 33.03 92.65
N HIS P 954 -3.54 32.78 93.76
CA HIS P 954 -2.10 32.96 93.81
C HIS P 954 -1.40 31.76 93.17
N GLU P 955 -0.27 32.03 92.52
CA GLU P 955 0.50 30.99 91.84
C GLU P 955 0.67 29.71 92.66
N ASN P 956 0.89 29.87 93.96
CA ASN P 956 1.08 28.73 94.85
C ASN P 956 -0.17 27.86 94.97
N GLU P 957 -1.32 28.51 95.11
CA GLU P 957 -2.60 27.80 95.23
C GLU P 957 -3.00 27.08 93.94
N ILE P 958 -2.84 27.76 92.82
CA ILE P 958 -3.20 27.25 91.51
C ILE P 958 -2.42 25.98 91.17
N TYR P 961 -3.98 22.92 92.79
CA TYR P 961 -5.26 22.62 92.17
C TYR P 961 -5.02 21.63 91.03
N LEU P 962 -4.02 21.91 90.18
CA LEU P 962 -3.69 21.04 89.05
C LEU P 962 -3.24 19.67 89.54
N SER P 964 -3.94 18.33 92.43
CA SER P 964 -5.11 17.70 93.06
C SER P 964 -5.97 16.94 92.06
N LEU P 965 -5.93 17.35 90.80
CA LEU P 965 -6.71 16.72 89.74
C LEU P 965 -5.92 15.65 89.01
N GLY P 966 -4.60 15.79 88.99
CA GLY P 966 -3.79 14.79 88.33
C GLY P 966 -2.73 15.29 87.37
N ILE P 967 -2.71 16.58 87.08
CA ILE P 967 -1.71 17.10 86.17
C ILE P 967 -0.33 16.77 86.77
N TYR P 981 0.36 31.41 81.17
CA TYR P 981 -0.56 31.48 82.31
C TYR P 981 -1.10 32.90 82.51
N SER P 982 -0.24 33.89 82.33
CA SER P 982 -0.65 35.28 82.51
C SER P 982 -1.74 35.65 81.51
N ASP P 984 -3.60 33.55 79.99
CA ASP P 984 -4.74 32.71 80.32
C ASP P 984 -5.58 33.40 81.38
N LYS P 985 -4.96 34.28 82.16
CA LYS P 985 -5.71 35.00 83.18
C LYS P 985 -6.63 35.99 82.48
N TYR P 986 -6.18 36.53 81.36
CA TYR P 986 -6.98 37.47 80.57
C TYR P 986 -8.14 36.78 79.87
N ARG P 987 -7.86 35.62 79.28
CA ARG P 987 -8.88 34.88 78.56
C ARG P 987 -10.03 34.34 79.42
N ILE P 988 -9.72 33.89 80.62
CA ILE P 988 -10.75 33.37 81.50
C ILE P 988 -11.72 34.49 81.81
N LEU P 989 -11.20 35.69 82.05
CA LEU P 989 -12.06 36.84 82.35
C LEU P 989 -12.90 37.22 81.17
N GLU P 990 -12.31 37.15 79.99
CA GLU P 990 -13.04 37.52 78.80
C GLU P 990 -14.27 36.61 78.66
N SER P 991 -14.05 35.30 78.78
CA SER P 991 -15.16 34.37 78.62
C SER P 991 -16.22 34.61 79.69
N TYR P 992 -15.80 34.89 80.91
CA TYR P 992 -16.74 35.15 81.98
C TYR P 992 -17.57 36.41 81.71
N VAL P 993 -16.93 37.46 81.21
CA VAL P 993 -17.62 38.71 80.92
C VAL P 993 -18.60 38.58 79.80
N TYR P 994 -18.19 37.93 78.72
CA TYR P 994 -19.05 37.74 77.56
C TYR P 994 -20.26 36.91 77.97
N ASN P 995 -20.04 35.95 78.87
CA ASN P 995 -21.15 35.14 79.31
C ASN P 995 -22.18 36.01 80.00
N LEU P 996 -21.70 36.93 80.85
CA LEU P 996 -22.60 37.82 81.59
C LEU P 996 -23.29 38.85 80.74
N LEU P 997 -22.88 38.97 79.48
CA LEU P 997 -23.48 39.95 78.61
C LEU P 997 -24.32 39.26 77.54
N SER P 998 -24.43 37.95 77.68
CA SER P 998 -25.21 37.14 76.76
C SER P 998 -24.85 37.53 75.35
N ILE P 999 -23.61 37.89 75.14
CA ILE P 999 -23.16 38.32 73.83
C ILE P 999 -23.38 37.23 72.78
N ASN P 1000 -23.62 36.00 73.23
CA ASN P 1000 -23.83 34.89 72.30
C ASN P 1000 -25.30 34.53 72.07
N TYR P 1001 -26.19 35.00 72.94
CA TYR P 1001 -27.60 34.73 72.81
C TYR P 1001 -28.27 35.90 72.13
N GLY P 1002 -29.52 36.18 72.49
CA GLY P 1002 -30.24 37.30 71.90
C GLY P 1002 -29.95 37.72 70.47
N CYS P 1003 -30.16 39.01 70.18
CA CYS P 1003 -29.91 39.53 68.84
C CYS P 1003 -28.43 39.85 68.64
N TYR P 1004 -27.68 40.04 69.73
CA TYR P 1004 -26.26 40.32 69.62
C TYR P 1004 -25.49 39.22 68.90
N GLN P 1005 -25.98 37.99 68.97
CA GLN P 1005 -25.25 36.92 68.33
C GLN P 1005 -25.20 37.09 66.83
N LEU P 1006 -25.97 38.04 66.31
CA LEU P 1006 -26.01 38.30 64.87
C LEU P 1006 -25.16 39.48 64.46
N PHE P 1007 -24.53 40.13 65.43
CA PHE P 1007 -23.70 41.31 65.21
C PHE P 1007 -22.21 41.04 65.22
N ASP P 1008 -21.51 41.58 64.25
CA ASP P 1008 -20.07 41.39 64.17
C ASP P 1008 -19.49 42.43 65.11
N PHE P 1009 -19.21 42.03 66.36
CA PHE P 1009 -18.68 42.93 67.38
C PHE P 1009 -17.24 43.29 67.19
N ASN P 1010 -16.66 42.84 66.09
CA ASN P 1010 -15.28 43.17 65.81
C ASN P 1010 -15.24 43.79 64.44
N SER P 1011 -16.41 44.32 64.05
CA SER P 1011 -16.57 44.98 62.78
C SER P 1011 -15.64 46.16 62.69
N PRO P 1012 -14.96 46.31 61.54
CA PRO P 1012 -14.04 47.42 61.35
C PRO P 1012 -14.85 48.69 61.42
N ASP P 1013 -16.07 48.62 60.93
CA ASP P 1013 -16.96 49.74 60.93
C ASP P 1013 -17.37 50.18 62.33
N LEU P 1014 -17.61 49.22 63.23
CA LEU P 1014 -17.95 49.51 64.62
C LEU P 1014 -16.74 50.00 65.42
N LYS P 1016 -14.13 51.73 64.47
CA LYS P 1016 -13.78 53.13 64.21
C LYS P 1016 -14.61 54.06 65.09
N LEU P 1017 -15.87 53.73 65.30
CA LEU P 1017 -16.73 54.57 66.14
C LEU P 1017 -16.28 54.63 67.59
N ILE P 1018 -15.30 53.81 67.97
CA ILE P 1018 -14.82 53.82 69.35
C ILE P 1018 -13.42 54.38 69.43
N ARG P 1019 -13.18 55.24 70.42
CA ARG P 1019 -11.88 55.85 70.59
C ARG P 1019 -11.37 55.60 72.00
N PHE P 1031 -10.05 46.09 77.85
CA PHE P 1031 -11.08 45.23 77.28
C PHE P 1031 -12.52 45.65 77.58
N ILE P 1032 -12.82 45.89 78.85
CA ILE P 1032 -14.18 46.26 79.23
C ILE P 1032 -14.61 47.63 78.70
N LEU P 1033 -13.68 48.58 78.70
CA LEU P 1033 -13.99 49.92 78.25
C LEU P 1033 -14.44 49.81 76.81
N HIS P 1034 -13.74 48.96 76.05
CA HIS P 1034 -14.02 48.75 74.64
C HIS P 1034 -15.37 48.08 74.40
N LEU P 1035 -15.62 46.99 75.12
CA LEU P 1035 -16.87 46.24 74.98
C LEU P 1035 -18.00 47.11 75.44
N TYR P 1036 -17.77 47.86 76.50
CA TYR P 1036 -18.80 48.75 77.00
C TYR P 1036 -19.01 49.79 75.91
N ALA P 1037 -17.93 50.19 75.26
CA ALA P 1037 -18.03 51.17 74.20
C ALA P 1037 -18.85 50.61 73.04
N LYS P 1038 -18.56 49.37 72.65
CA LYS P 1038 -19.28 48.75 71.55
C LYS P 1038 -20.76 48.54 71.83
N LEU P 1039 -21.10 48.05 73.02
CA LEU P 1039 -22.50 47.80 73.33
C LEU P 1039 -23.30 49.09 73.31
N GLU P 1040 -22.72 50.15 73.87
CA GLU P 1040 -23.38 51.44 73.93
C GLU P 1040 -23.69 51.95 72.54
N VAL P 1041 -22.73 51.85 71.64
CA VAL P 1041 -22.94 52.32 70.30
C VAL P 1041 -23.99 51.50 69.57
N ILE P 1042 -23.95 50.18 69.76
CA ILE P 1042 -24.92 49.32 69.10
C ILE P 1042 -26.34 49.59 69.56
N ASN P 1043 -26.51 49.68 70.86
CA ASN P 1043 -27.81 49.92 71.45
C ASN P 1043 -28.41 51.23 71.02
N TYR P 1044 -27.55 52.23 70.86
CA TYR P 1044 -28.02 53.55 70.43
C TYR P 1044 -28.53 53.37 69.00
N ALA P 1045 -27.80 52.57 68.22
CA ALA P 1045 -28.13 52.36 66.83
C ALA P 1045 -29.52 51.76 66.71
N ILE P 1046 -29.79 50.77 67.55
CA ILE P 1046 -31.08 50.09 67.56
C ILE P 1046 -32.22 51.01 67.99
N LYS P 1047 -31.95 51.88 68.94
CA LYS P 1047 -32.96 52.78 69.45
C LYS P 1047 -32.92 54.19 68.84
N ASN P 1048 -32.30 54.34 67.67
CA ASN P 1048 -32.22 55.65 67.04
C ASN P 1048 -31.93 55.68 65.56
N GLY P 1049 -31.41 54.59 65.01
CA GLY P 1049 -31.16 54.57 63.59
C GLY P 1049 -29.94 55.37 63.19
N SER P 1050 -29.37 56.08 64.15
CA SER P 1050 -28.17 56.87 63.89
C SER P 1050 -27.06 56.40 64.82
N TRP P 1051 -25.83 56.68 64.46
CA TRP P 1051 -24.71 56.24 65.28
C TRP P 1051 -24.11 57.37 66.10
N ILE P 1052 -23.32 56.98 67.09
CA ILE P 1052 -22.65 57.91 67.99
C ILE P 1052 -21.23 57.40 68.18
N SER P 1053 -20.29 58.32 68.36
CA SER P 1053 -18.91 57.94 68.57
C SER P 1053 -18.53 58.23 70.02
N LEU P 1054 -17.87 57.28 70.66
CA LEU P 1054 -17.47 57.44 72.05
C LEU P 1054 -15.97 57.61 72.27
N PHE P 1055 -15.64 58.54 73.16
CA PHE P 1055 -14.25 58.83 73.48
C PHE P 1055 -14.04 58.45 74.94
N CYS P 1056 -12.85 57.94 75.26
CA CYS P 1056 -12.55 57.56 76.64
C CYS P 1056 -11.21 58.06 77.17
N ASN P 1057 -11.29 58.84 78.25
CA ASN P 1057 -10.11 59.41 78.90
C ASN P 1057 -10.03 58.89 80.34
N TYR P 1058 -10.20 57.58 80.50
CA TYR P 1058 -10.14 56.95 81.82
C TYR P 1058 -8.78 57.16 82.46
N PRO P 1059 -8.74 57.86 83.61
CA PRO P 1059 -7.50 58.13 84.33
C PRO P 1059 -6.78 56.84 84.70
N LYS P 1060 -5.45 56.93 84.85
CA LYS P 1060 -4.63 55.78 85.20
C LYS P 1060 -4.95 55.29 86.61
N SER P 1061 -5.31 56.23 87.47
CA SER P 1061 -5.63 55.93 88.86
C SER P 1061 -6.91 55.12 88.99
N GLU P 1062 -7.92 55.52 88.21
CA GLU P 1062 -9.22 54.85 88.21
C GLU P 1062 -9.15 53.39 87.74
N MET P 1063 -8.23 53.11 86.82
CA MET P 1063 -8.06 51.78 86.27
C MET P 1063 -7.74 50.72 87.32
N ILE P 1064 -6.93 51.07 88.31
CA ILE P 1064 -6.59 50.11 89.37
C ILE P 1064 -7.79 49.79 90.24
N LYS P 1065 -8.63 50.77 90.53
CA LYS P 1065 -9.80 50.53 91.36
C LYS P 1065 -10.72 49.60 90.59
N LEU P 1066 -10.90 49.89 89.30
CA LEU P 1066 -11.74 49.10 88.41
C LEU P 1066 -11.24 47.68 88.24
N TRP P 1067 -9.91 47.54 88.21
CA TRP P 1067 -9.26 46.25 88.05
C TRP P 1067 -9.63 45.32 89.20
N LYS P 1068 -9.75 45.87 90.40
CA LYS P 1068 -10.12 45.04 91.55
C LYS P 1068 -11.54 44.54 91.38
N LYS P 1069 -12.42 45.43 90.94
CA LYS P 1069 -13.81 45.08 90.76
C LYS P 1069 -14.01 43.93 89.79
N MET P 1070 -13.20 43.88 88.74
CA MET P 1070 -13.32 42.85 87.72
C MET P 1070 -13.30 41.43 88.26
N TRP P 1071 -12.53 41.16 89.31
CA TRP P 1071 -12.47 39.81 89.85
C TRP P 1071 -13.35 39.60 91.09
N ASN P 1072 -14.56 40.15 91.05
CA ASN P 1072 -15.50 40.01 92.15
C ASN P 1072 -16.94 40.16 91.67
N ILE P 1073 -17.19 39.84 90.40
CA ILE P 1073 -18.52 39.96 89.82
C ILE P 1073 -19.33 38.70 90.03
N THR P 1074 -20.52 38.83 90.57
CA THR P 1074 -21.40 37.70 90.79
C THR P 1074 -22.40 37.60 89.65
N SER P 1075 -23.21 36.55 89.65
CA SER P 1075 -24.18 36.36 88.58
C SER P 1075 -25.66 36.59 88.94
N LEU P 1076 -26.52 36.25 87.98
CA LEU P 1076 -27.97 36.38 88.08
C LEU P 1076 -28.57 35.33 87.15
N ARG P 1077 -28.87 34.17 87.73
CA ARG P 1077 -29.38 32.96 87.08
C ARG P 1077 -30.44 32.93 85.93
N SER P 1078 -31.56 33.62 86.09
CA SER P 1078 -32.66 33.62 85.11
C SER P 1078 -32.31 33.07 83.71
N PRO P 1079 -32.69 31.80 83.44
CA PRO P 1079 -32.48 31.03 82.20
C PRO P 1079 -33.49 31.30 81.08
N TYR P 1080 -34.61 31.90 81.45
CA TYR P 1080 -35.70 32.20 80.53
C TYR P 1080 -35.29 33.12 79.40
N THR P 1081 -34.44 34.06 79.75
CA THR P 1081 -33.87 35.09 78.88
C THR P 1081 -33.23 34.49 77.59
N ASN P 1082 -33.16 33.16 77.57
CA ASN P 1082 -32.58 32.25 76.57
C ASN P 1082 -32.51 32.44 75.03
N ALA P 1083 -33.01 33.55 74.50
CA ALA P 1083 -33.11 33.90 73.05
C ALA P 1083 -32.16 33.30 71.95
N ASN P 1084 -31.15 32.56 72.34
CA ASN P 1084 -30.13 31.87 71.51
C ASN P 1084 -30.44 31.22 70.14
N PHE P 1085 -31.62 31.39 69.56
CA PHE P 1085 -32.07 30.63 68.37
C PHE P 1085 -31.13 30.08 67.27
N PHE P 1086 -30.25 30.82 66.58
CA PHE P 1086 -29.39 30.03 65.68
C PHE P 1086 -28.19 29.37 66.36
#